data_6GY6
#
_entry.id   6GY6
#
_cell.length_a   1
_cell.length_b   1
_cell.length_c   1
_cell.angle_alpha   90
_cell.angle_beta   90
_cell.angle_gamma   90
#
_symmetry.space_group_name_H-M   'P 1'
#
loop_
_entity.id
_entity.type
_entity.pdbx_description
1 polymer XaxA
2 polymer XaxB
#
loop_
_entity_poly.entity_id
_entity_poly.type
_entity_poly.pdbx_seq_one_letter_code
_entity_poly.pdbx_strand_id
1 'polypeptide(L)'
;MENDMSSNQTLAEKKIPVSEVPSATLKMLTSQAEGVARPGGIFTKGDLINIKLYVKHSLELPFTLEGVKEYIGYNDIDID
GLKPAKMATLFKEIHDHALSWSGVESKVQQQSIDLENAGKQITLTGDEIISVIDQMPIIERVKNKLGDLTDKQLAEITYT
NDDKEIAVELGNILESMKKDIKRQQENTQKVKTAVSDFKLKLIGGELSDGTIAQGLQPQISSKKKLMDDNNLSTTIKDLQ
SKIDEKNKEIDQFQKDYNKYVGLAFSGMVGGIISWAITGGIFGDKAEKARKQKNKLIDEVKDLQSQVKDKSALQTSVQNL
SLSFAGIHTSMVDAEEALNHLDFMWNTMLTQITTSRDKFDDINDALKLTSFVIAFKQVIEPWRDVQGSAAQLIQTFDEAL
AEYKKLYHGTLEVLFQGPHHHHHH
;
A,C,D,E,F,I,J,M,P,Q,R,S,T
2 'polypeptide(L)'
;YPEINIKAMNQAVNTIWLLAQRQTSGIEIINDKVKRISAYSREFDEMMRDSLAQLAPVLKQLTSDAAFQTIAQIDEALAD
PSLSKDDREALTLERNNLIQNLSKHIDNVIVSFTGRTSKLTNKISDISDMVIAERLQDLVTQTESQKTELQSDIDPKTEK
RNKLDADREKIIESQDVIRQNNIADMFKDFIPSAKDIDGLDFTQPKKEAIKQAIKQGAEIARKILGKVSEGLKYIDLADA
RMKLSDQIDQLITETDELKAKIREVELRLSGLKDVMQIDTERTTLLTEAVKIEQVWISFAEQLHKLSNDEINQQDLSNLI
NGQLDFLNNLTLQYNKLK
;
B,G,H,K,L,N,O,U,V,W,X,Y,Z
#
# COMPACT_ATOMS: atom_id res chain seq x y z
N GLY A 41 -70.68 -60.29 -10.51
CA GLY A 41 -71.30 -59.54 -11.58
C GLY A 41 -70.61 -58.23 -11.85
N ILE A 42 -71.01 -57.55 -12.93
CA ILE A 42 -70.45 -56.25 -13.28
C ILE A 42 -71.18 -55.13 -12.57
N PHE A 43 -72.50 -55.14 -12.67
CA PHE A 43 -73.35 -54.16 -12.02
C PHE A 43 -73.47 -54.53 -10.55
N THR A 44 -72.64 -53.93 -9.71
CA THR A 44 -72.55 -54.32 -8.31
C THR A 44 -73.72 -53.72 -7.52
N LYS A 45 -73.79 -54.12 -6.24
CA LYS A 45 -74.82 -53.56 -5.37
C LYS A 45 -74.54 -52.11 -5.05
N GLY A 46 -73.28 -51.70 -5.04
CA GLY A 46 -72.95 -50.30 -4.84
C GLY A 46 -73.31 -49.44 -6.02
N ASP A 47 -73.36 -50.02 -7.22
CA ASP A 47 -73.79 -49.28 -8.40
C ASP A 47 -75.25 -48.89 -8.27
N LEU A 48 -76.09 -49.85 -7.89
CA LEU A 48 -77.53 -49.63 -7.82
C LEU A 48 -77.89 -48.67 -6.71
N ILE A 49 -77.07 -48.60 -5.67
CA ILE A 49 -77.28 -47.61 -4.61
C ILE A 49 -76.98 -46.22 -5.14
N ASN A 50 -75.87 -46.07 -5.87
CA ASN A 50 -75.44 -44.78 -6.38
C ASN A 50 -76.46 -44.16 -7.32
N ILE A 51 -77.20 -45.00 -8.05
CA ILE A 51 -78.32 -44.51 -8.82
C ILE A 51 -79.43 -44.06 -7.90
N LYS A 52 -79.82 -44.91 -6.95
CA LYS A 52 -80.92 -44.58 -6.06
C LYS A 52 -80.59 -43.47 -5.10
N LEU A 53 -79.30 -43.26 -4.82
CA LEU A 53 -78.89 -42.01 -4.16
C LEU A 53 -79.16 -40.82 -5.06
N TYR A 54 -78.81 -40.94 -6.34
CA TYR A 54 -79.05 -39.85 -7.29
C TYR A 54 -80.53 -39.61 -7.49
N VAL A 55 -81.34 -40.67 -7.47
CA VAL A 55 -82.79 -40.50 -7.59
C VAL A 55 -83.35 -39.82 -6.35
N LYS A 56 -82.80 -40.17 -5.17
CA LYS A 56 -83.32 -39.61 -3.92
C LYS A 56 -83.03 -38.12 -3.82
N HIS A 57 -81.79 -37.72 -4.09
CA HIS A 57 -81.44 -36.32 -3.95
C HIS A 57 -82.00 -35.45 -5.07
N SER A 58 -82.34 -36.04 -6.22
CA SER A 58 -82.89 -35.24 -7.30
C SER A 58 -84.33 -34.87 -7.03
N LEU A 59 -85.10 -35.76 -6.40
CA LEU A 59 -86.48 -35.46 -6.06
C LEU A 59 -86.59 -34.39 -4.99
N GLU A 60 -85.53 -34.19 -4.21
CA GLU A 60 -85.47 -33.08 -3.27
C GLU A 60 -85.44 -31.74 -3.99
N LEU A 61 -84.94 -31.71 -5.21
CA LEU A 61 -84.80 -30.45 -5.93
C LEU A 61 -86.17 -29.96 -6.40
N PRO A 62 -86.43 -28.67 -6.31
CA PRO A 62 -87.72 -28.14 -6.78
C PRO A 62 -87.76 -28.09 -8.30
N PHE A 63 -88.98 -27.97 -8.81
CA PHE A 63 -89.17 -27.90 -10.26
C PHE A 63 -90.13 -26.81 -10.70
N THR A 64 -90.79 -26.10 -9.79
CA THR A 64 -91.56 -24.95 -10.19
C THR A 64 -90.64 -23.78 -10.47
N LEU A 65 -91.19 -22.75 -11.13
CA LEU A 65 -90.41 -21.53 -11.32
C LEU A 65 -90.19 -20.81 -10.01
N GLU A 66 -91.17 -20.84 -9.11
CA GLU A 66 -91.01 -20.18 -7.83
C GLU A 66 -90.09 -20.96 -6.90
N GLY A 67 -90.25 -22.28 -6.83
CA GLY A 67 -89.49 -23.07 -5.88
C GLY A 67 -88.02 -23.17 -6.24
N VAL A 68 -87.69 -23.19 -7.53
CA VAL A 68 -86.30 -23.07 -7.94
C VAL A 68 -85.76 -21.70 -7.59
N LYS A 69 -86.58 -20.66 -7.78
CA LYS A 69 -86.17 -19.28 -7.51
C LYS A 69 -85.90 -19.07 -6.01
N GLU A 70 -86.61 -19.80 -5.16
CA GLU A 70 -86.32 -19.80 -3.74
C GLU A 70 -85.06 -20.60 -3.43
N TYR A 71 -84.89 -21.74 -4.11
CA TYR A 71 -83.77 -22.63 -3.85
C TYR A 71 -82.44 -22.01 -4.24
N ILE A 72 -82.44 -21.16 -5.27
CA ILE A 72 -81.21 -20.50 -5.68
C ILE A 72 -80.97 -19.22 -4.89
N GLY A 73 -82.02 -18.67 -4.30
CA GLY A 73 -81.89 -17.55 -3.39
C GLY A 73 -81.42 -16.24 -4.00
N TYR A 74 -81.90 -15.89 -5.19
CA TYR A 74 -81.57 -14.61 -5.78
C TYR A 74 -82.67 -14.16 -6.72
N ASN A 75 -82.38 -13.07 -7.43
CA ASN A 75 -83.21 -12.55 -8.52
C ASN A 75 -82.29 -11.99 -9.59
N ASP A 76 -82.26 -12.64 -10.76
CA ASP A 76 -81.79 -12.07 -12.02
C ASP A 76 -80.30 -11.67 -11.96
N ILE A 77 -79.45 -12.71 -12.01
CA ILE A 77 -78.01 -12.53 -12.23
C ILE A 77 -77.78 -11.65 -13.46
N ASP A 78 -76.76 -10.79 -13.38
CA ASP A 78 -76.36 -9.99 -14.52
C ASP A 78 -75.89 -10.85 -15.69
N ILE A 79 -75.29 -12.01 -15.42
CA ILE A 79 -74.82 -12.86 -16.50
C ILE A 79 -75.98 -13.76 -16.93
N ASP A 80 -75.85 -14.31 -18.13
CA ASP A 80 -76.99 -14.92 -18.79
C ASP A 80 -77.24 -16.33 -18.30
N GLY A 81 -76.19 -17.12 -18.15
CA GLY A 81 -76.33 -18.54 -17.93
C GLY A 81 -76.90 -18.93 -16.58
N LEU A 82 -76.96 -18.00 -15.63
CA LEU A 82 -77.49 -18.29 -14.31
C LEU A 82 -78.84 -17.64 -14.05
N LYS A 83 -79.49 -17.17 -15.11
CA LYS A 83 -80.82 -16.60 -14.98
C LYS A 83 -81.83 -17.70 -14.66
N PRO A 84 -82.81 -17.45 -13.79
CA PRO A 84 -83.63 -18.55 -13.24
C PRO A 84 -84.55 -19.19 -14.25
N ALA A 85 -84.86 -18.53 -15.37
CA ALA A 85 -85.65 -19.17 -16.41
C ALA A 85 -84.87 -20.31 -17.05
N LYS A 86 -83.56 -20.15 -17.19
CA LYS A 86 -82.72 -21.27 -17.62
C LYS A 86 -82.64 -22.32 -16.53
N MET A 87 -82.60 -21.88 -15.26
CA MET A 87 -82.38 -22.80 -14.15
C MET A 87 -83.60 -23.67 -13.92
N ALA A 88 -84.79 -23.07 -13.93
CA ALA A 88 -86.02 -23.81 -13.73
C ALA A 88 -86.30 -24.75 -14.89
N THR A 89 -85.77 -24.43 -16.07
CA THR A 89 -85.78 -25.40 -17.15
C THR A 89 -84.87 -26.58 -16.83
N LEU A 90 -83.73 -26.29 -16.19
CA LEU A 90 -82.73 -27.32 -15.98
C LEU A 90 -83.16 -28.30 -14.90
N PHE A 91 -83.73 -27.80 -13.79
CA PHE A 91 -84.19 -28.69 -12.74
C PHE A 91 -85.40 -29.50 -13.17
N LYS A 92 -86.25 -28.91 -14.01
CA LYS A 92 -87.41 -29.64 -14.52
C LYS A 92 -86.97 -30.80 -15.41
N GLU A 93 -85.84 -30.65 -16.09
CA GLU A 93 -85.27 -31.79 -16.80
C GLU A 93 -84.78 -32.84 -15.81
N ILE A 94 -84.21 -32.41 -14.69
CA ILE A 94 -83.71 -33.36 -13.71
C ILE A 94 -84.85 -34.02 -12.97
N HIS A 95 -85.87 -33.24 -12.59
CA HIS A 95 -87.03 -33.77 -11.88
C HIS A 95 -87.82 -34.73 -12.73
N ASP A 96 -87.82 -34.54 -14.06
CA ASP A 96 -88.41 -35.53 -14.94
C ASP A 96 -87.48 -36.71 -15.15
N HIS A 97 -86.17 -36.46 -15.06
CA HIS A 97 -85.21 -37.56 -15.20
C HIS A 97 -85.26 -38.47 -13.99
N ALA A 98 -85.56 -37.93 -12.81
CA ALA A 98 -85.60 -38.76 -11.61
C ALA A 98 -86.85 -39.63 -11.58
N LEU A 99 -87.99 -39.07 -11.98
CA LEU A 99 -89.25 -39.82 -11.93
C LEU A 99 -89.29 -40.98 -12.91
N SER A 100 -88.42 -40.97 -13.92
CA SER A 100 -88.40 -42.07 -14.87
C SER A 100 -87.85 -43.35 -14.25
N TRP A 101 -86.99 -43.22 -13.23
CA TRP A 101 -86.25 -44.37 -12.71
C TRP A 101 -87.16 -45.38 -12.02
N SER A 102 -88.26 -44.92 -11.41
CA SER A 102 -89.22 -45.83 -10.80
C SER A 102 -89.83 -46.76 -11.85
N GLY A 103 -90.07 -46.23 -13.05
CA GLY A 103 -90.46 -47.10 -14.14
C GLY A 103 -89.33 -47.96 -14.63
N VAL A 104 -88.10 -47.40 -14.65
CA VAL A 104 -86.96 -48.11 -15.22
C VAL A 104 -86.57 -49.30 -14.36
N GLU A 105 -86.39 -49.05 -13.05
CA GLU A 105 -85.92 -50.09 -12.14
C GLU A 105 -86.93 -51.22 -12.01
N SER A 106 -88.22 -50.88 -12.06
CA SER A 106 -89.25 -51.90 -12.08
C SER A 106 -89.21 -52.71 -13.37
N LYS A 107 -88.86 -52.07 -14.49
CA LYS A 107 -88.69 -52.82 -15.73
C LYS A 107 -87.44 -53.67 -15.69
N VAL A 108 -86.38 -53.21 -15.00
CA VAL A 108 -85.16 -54.01 -14.90
C VAL A 108 -85.40 -55.23 -14.03
N GLN A 109 -86.10 -55.05 -12.92
CA GLN A 109 -86.31 -56.13 -11.97
C GLN A 109 -87.22 -57.21 -12.53
N GLN A 110 -88.39 -56.81 -13.05
CA GLN A 110 -89.39 -57.77 -13.47
C GLN A 110 -88.94 -58.54 -14.70
N GLN A 111 -88.14 -57.91 -15.56
CA GLN A 111 -87.62 -58.62 -16.72
C GLN A 111 -86.56 -59.64 -16.32
N SER A 112 -85.66 -59.26 -15.40
CA SER A 112 -84.56 -60.14 -15.05
C SER A 112 -85.01 -61.37 -14.29
N ILE A 113 -86.14 -61.28 -13.59
CA ILE A 113 -86.78 -62.47 -13.03
C ILE A 113 -87.21 -63.40 -14.16
N ASP A 114 -87.81 -62.83 -15.20
CA ASP A 114 -88.26 -63.63 -16.33
C ASP A 114 -87.07 -64.18 -17.12
N LEU A 115 -85.96 -63.45 -17.14
CA LEU A 115 -84.76 -63.96 -17.79
C LEU A 115 -84.16 -65.13 -17.03
N GLU A 116 -84.41 -65.23 -15.73
CA GLU A 116 -83.98 -66.41 -14.99
C GLU A 116 -84.92 -67.59 -15.22
N ASN A 117 -86.23 -67.32 -15.17
CA ASN A 117 -87.22 -68.39 -15.32
C ASN A 117 -87.19 -68.98 -16.72
N ALA A 118 -87.09 -68.14 -17.74
CA ALA A 118 -86.83 -68.67 -19.07
C ALA A 118 -85.41 -69.19 -19.19
N GLY A 119 -84.48 -68.64 -18.40
CA GLY A 119 -83.10 -69.08 -18.46
C GLY A 119 -82.87 -70.47 -17.91
N LYS A 120 -83.82 -71.00 -17.14
CA LYS A 120 -83.71 -72.35 -16.59
C LYS A 120 -84.57 -73.35 -17.35
N GLN A 121 -85.82 -72.98 -17.63
CA GLN A 121 -86.77 -73.90 -18.26
C GLN A 121 -86.35 -74.25 -19.68
N ILE A 122 -85.74 -73.30 -20.38
CA ILE A 122 -85.11 -73.62 -21.66
C ILE A 122 -83.89 -74.49 -21.44
N THR A 123 -83.08 -74.15 -20.44
CA THR A 123 -81.83 -74.87 -20.19
C THR A 123 -82.10 -76.27 -19.65
N LEU A 124 -83.18 -76.45 -18.88
CA LEU A 124 -83.60 -77.79 -18.49
C LEU A 124 -84.04 -78.61 -19.69
N THR A 125 -84.83 -78.01 -20.58
CA THR A 125 -85.30 -78.73 -21.76
C THR A 125 -84.16 -78.99 -22.73
N GLY A 126 -83.30 -77.99 -22.94
CA GLY A 126 -82.28 -78.10 -23.97
C GLY A 126 -81.17 -79.06 -23.61
N ASP A 127 -80.79 -79.11 -22.34
CA ASP A 127 -79.73 -80.03 -21.93
C ASP A 127 -80.21 -81.48 -21.96
N GLU A 128 -81.50 -81.71 -21.70
CA GLU A 128 -82.04 -83.05 -21.83
C GLU A 128 -82.08 -83.52 -23.28
N ILE A 129 -82.31 -82.61 -24.22
CA ILE A 129 -82.43 -82.99 -25.62
C ILE A 129 -81.07 -83.38 -26.18
N ILE A 130 -80.02 -82.60 -25.86
CA ILE A 130 -78.68 -82.90 -26.35
C ILE A 130 -78.15 -84.19 -25.72
N SER A 131 -78.61 -84.51 -24.51
CA SER A 131 -78.20 -85.74 -23.85
C SER A 131 -78.83 -86.96 -24.51
N VAL A 132 -80.15 -86.92 -24.77
CA VAL A 132 -80.85 -88.11 -25.25
C VAL A 132 -80.57 -88.40 -26.71
N ILE A 133 -80.10 -87.43 -27.50
CA ILE A 133 -79.79 -87.73 -28.88
C ILE A 133 -78.45 -88.43 -28.98
N ASP A 134 -77.54 -88.15 -28.05
CA ASP A 134 -76.28 -88.90 -27.98
C ASP A 134 -76.47 -90.37 -27.59
N GLN A 135 -77.64 -90.74 -27.06
CA GLN A 135 -77.98 -92.15 -26.92
C GLN A 135 -78.11 -92.83 -28.28
N MET A 136 -78.59 -92.12 -29.29
CA MET A 136 -78.63 -92.68 -30.63
C MET A 136 -77.21 -92.80 -31.19
N PRO A 137 -76.92 -93.85 -31.94
CA PRO A 137 -75.59 -93.99 -32.54
C PRO A 137 -75.43 -93.08 -33.75
N ILE A 138 -74.16 -92.78 -34.04
CA ILE A 138 -73.82 -91.86 -35.11
C ILE A 138 -74.15 -92.43 -36.48
N ILE A 139 -74.17 -93.76 -36.62
CA ILE A 139 -74.53 -94.37 -37.89
C ILE A 139 -76.02 -94.20 -38.18
N GLU A 140 -76.86 -94.41 -37.18
CA GLU A 140 -78.30 -94.23 -37.34
C GLU A 140 -78.71 -92.77 -37.24
N ARG A 141 -77.80 -91.90 -36.80
CA ARG A 141 -78.12 -90.50 -36.59
C ARG A 141 -78.38 -89.80 -37.92
N VAL A 142 -77.57 -90.11 -38.93
CA VAL A 142 -77.65 -89.40 -40.20
C VAL A 142 -78.88 -89.84 -40.98
N LYS A 143 -79.25 -91.12 -40.87
CA LYS A 143 -80.43 -91.64 -41.55
C LYS A 143 -81.72 -91.04 -41.01
N ASN A 144 -81.71 -90.54 -39.77
CA ASN A 144 -82.85 -89.84 -39.22
C ASN A 144 -82.73 -88.35 -39.46
N LYS A 145 -83.87 -87.70 -39.56
CA LYS A 145 -83.97 -86.25 -39.69
C LYS A 145 -84.72 -85.69 -38.48
N LEU A 146 -84.90 -84.37 -38.48
CA LEU A 146 -85.62 -83.73 -37.38
C LEU A 146 -87.10 -84.08 -37.43
N GLY A 147 -87.69 -84.14 -38.62
CA GLY A 147 -89.11 -84.46 -38.76
C GLY A 147 -89.46 -85.88 -38.36
N ASP A 148 -88.47 -86.77 -38.27
CA ASP A 148 -88.71 -88.11 -37.76
C ASP A 148 -89.04 -88.13 -36.28
N LEU A 149 -88.66 -87.09 -35.53
CA LEU A 149 -88.80 -87.09 -34.08
C LEU A 149 -89.71 -85.97 -33.60
N THR A 150 -90.53 -85.39 -34.47
CA THR A 150 -91.51 -84.39 -34.08
C THR A 150 -92.86 -85.00 -33.73
N ASP A 151 -92.88 -86.25 -33.29
CA ASP A 151 -94.12 -87.00 -33.17
C ASP A 151 -94.50 -87.36 -31.75
N LYS A 152 -93.63 -87.13 -30.77
CA LYS A 152 -93.88 -87.63 -29.43
C LYS A 152 -93.10 -86.80 -28.43
N GLN A 153 -93.40 -87.02 -27.15
CA GLN A 153 -92.59 -86.51 -26.06
C GLN A 153 -91.32 -87.35 -25.99
N LEU A 154 -90.25 -86.86 -26.62
CA LEU A 154 -89.03 -87.62 -26.77
C LEU A 154 -88.33 -87.76 -25.43
N ALA A 155 -88.38 -88.97 -24.86
CA ALA A 155 -87.71 -89.35 -23.61
C ALA A 155 -88.14 -88.46 -22.44
N GLU A 156 -89.46 -88.36 -22.26
CA GLU A 156 -90.20 -87.56 -21.28
C GLU A 156 -89.65 -86.15 -21.05
N ILE A 157 -89.16 -85.53 -22.11
CA ILE A 157 -88.66 -84.15 -22.05
C ILE A 157 -89.83 -83.23 -22.32
N THR A 158 -90.07 -82.30 -21.41
CA THR A 158 -91.16 -81.36 -21.59
C THR A 158 -90.64 -79.93 -21.42
N TYR A 159 -91.55 -78.98 -21.52
CA TYR A 159 -91.20 -77.56 -21.44
C TYR A 159 -92.43 -76.78 -20.99
N THR A 160 -92.19 -75.74 -20.19
CA THR A 160 -93.25 -74.83 -19.76
C THR A 160 -92.97 -73.45 -20.34
N ASN A 161 -94.00 -72.85 -20.94
CA ASN A 161 -93.82 -71.59 -21.63
C ASN A 161 -93.81 -70.41 -20.66
N ASP A 162 -93.89 -69.20 -21.20
CA ASP A 162 -94.09 -68.01 -20.39
C ASP A 162 -95.51 -67.97 -19.83
N ASP A 163 -96.45 -68.59 -20.52
CA ASP A 163 -97.87 -68.54 -20.15
C ASP A 163 -98.25 -69.62 -19.14
N LYS A 164 -97.27 -70.23 -18.48
CA LYS A 164 -97.43 -71.28 -17.47
C LYS A 164 -98.15 -72.52 -18.00
N GLU A 165 -98.15 -72.74 -19.30
CA GLU A 165 -98.69 -73.95 -19.89
C GLU A 165 -97.55 -74.87 -20.30
N ILE A 166 -97.86 -76.15 -20.39
CA ILE A 166 -96.84 -77.16 -20.58
C ILE A 166 -96.87 -77.62 -22.03
N ALA A 167 -95.70 -78.07 -22.51
CA ALA A 167 -95.58 -78.63 -23.85
C ALA A 167 -94.64 -79.82 -23.76
N VAL A 168 -95.01 -80.91 -24.44
CA VAL A 168 -94.35 -82.20 -24.26
C VAL A 168 -93.66 -82.67 -25.54
N GLU A 169 -94.27 -82.49 -26.70
CA GLU A 169 -93.69 -83.06 -27.91
C GLU A 169 -92.63 -82.15 -28.50
N LEU A 170 -91.66 -82.79 -29.16
CA LEU A 170 -90.51 -82.07 -29.72
C LEU A 170 -90.96 -81.13 -30.85
N GLY A 171 -91.95 -81.54 -31.63
CA GLY A 171 -92.51 -80.66 -32.64
C GLY A 171 -93.34 -79.52 -32.07
N ASN A 172 -93.71 -79.59 -30.80
CA ASN A 172 -94.45 -78.51 -30.16
C ASN A 172 -93.61 -77.66 -29.23
N ILE A 173 -92.58 -78.25 -28.62
CA ILE A 173 -91.69 -77.49 -27.74
C ILE A 173 -90.85 -76.51 -28.54
N LEU A 174 -90.26 -76.98 -29.65
CA LEU A 174 -89.41 -76.14 -30.49
C LEU A 174 -90.20 -74.99 -31.11
N GLU A 175 -91.49 -75.19 -31.35
CA GLU A 175 -92.32 -74.11 -31.83
C GLU A 175 -92.77 -73.19 -30.70
N SER A 176 -92.97 -73.75 -29.50
CA SER A 176 -93.32 -72.91 -28.36
C SER A 176 -92.13 -72.10 -27.88
N MET A 177 -90.94 -72.71 -27.91
CA MET A 177 -89.72 -72.00 -27.53
C MET A 177 -89.38 -70.89 -28.53
N LYS A 178 -89.74 -71.10 -29.81
CA LYS A 178 -89.50 -70.09 -30.83
C LYS A 178 -90.35 -68.85 -30.58
N LYS A 179 -91.58 -69.04 -30.10
CA LYS A 179 -92.41 -67.91 -29.72
C LYS A 179 -91.87 -67.23 -28.48
N ASP A 180 -91.32 -68.01 -27.55
CA ASP A 180 -90.93 -67.46 -26.26
C ASP A 180 -89.63 -66.67 -26.36
N ILE A 181 -88.65 -67.18 -27.11
CA ILE A 181 -87.41 -66.44 -27.34
C ILE A 181 -87.69 -65.16 -28.11
N LYS A 182 -88.60 -65.23 -29.09
CA LYS A 182 -89.04 -64.03 -29.79
C LYS A 182 -89.74 -63.06 -28.86
N ARG A 183 -90.43 -63.59 -27.86
CA ARG A 183 -91.12 -62.76 -26.88
C ARG A 183 -90.17 -62.13 -25.85
N GLN A 184 -89.07 -62.80 -25.56
CA GLN A 184 -88.11 -62.28 -24.59
C GLN A 184 -87.19 -61.24 -25.19
N GLN A 185 -86.94 -61.31 -26.49
CA GLN A 185 -86.09 -60.29 -27.13
C GLN A 185 -86.80 -58.94 -27.18
N GLU A 186 -88.06 -58.95 -27.60
CA GLU A 186 -88.80 -57.70 -27.72
C GLU A 186 -89.16 -57.11 -26.36
N ASN A 187 -89.20 -57.93 -25.31
CA ASN A 187 -89.23 -57.37 -23.97
C ASN A 187 -87.89 -56.77 -23.60
N THR A 188 -86.80 -57.44 -23.99
CA THR A 188 -85.47 -56.98 -23.60
C THR A 188 -85.10 -55.70 -24.32
N GLN A 189 -85.53 -55.56 -25.58
CA GLN A 189 -85.28 -54.32 -26.31
C GLN A 189 -86.06 -53.16 -25.73
N LYS A 190 -87.25 -53.43 -25.19
CA LYS A 190 -87.96 -52.40 -24.43
C LYS A 190 -87.24 -52.03 -23.15
N VAL A 191 -86.49 -52.97 -22.57
CA VAL A 191 -85.73 -52.67 -21.37
C VAL A 191 -84.50 -51.85 -21.71
N LYS A 192 -83.71 -52.32 -22.68
CA LYS A 192 -82.45 -51.66 -23.03
C LYS A 192 -82.67 -50.27 -23.59
N THR A 193 -83.82 -50.06 -24.24
CA THR A 193 -84.20 -48.72 -24.66
C THR A 193 -84.37 -47.79 -23.47
N ALA A 194 -85.14 -48.23 -22.47
CA ALA A 194 -85.41 -47.37 -21.32
C ALA A 194 -84.18 -47.17 -20.44
N VAL A 195 -83.29 -48.15 -20.42
CA VAL A 195 -82.01 -47.97 -19.74
C VAL A 195 -81.18 -46.92 -20.47
N SER A 196 -80.99 -47.11 -21.78
CA SER A 196 -80.17 -46.20 -22.55
C SER A 196 -80.83 -44.83 -22.69
N ASP A 197 -82.15 -44.76 -22.66
CA ASP A 197 -82.82 -43.46 -22.59
C ASP A 197 -82.51 -42.79 -21.26
N PHE A 198 -82.42 -43.58 -20.19
CA PHE A 198 -82.12 -43.00 -18.90
C PHE A 198 -80.65 -42.60 -18.81
N LYS A 199 -79.77 -43.38 -19.43
CA LYS A 199 -78.36 -43.00 -19.42
C LYS A 199 -78.09 -41.80 -20.30
N LEU A 200 -78.55 -41.85 -21.54
CA LEU A 200 -78.20 -40.81 -22.49
C LEU A 200 -78.98 -39.53 -22.28
N LYS A 201 -79.98 -39.52 -21.42
CA LYS A 201 -80.51 -38.23 -20.98
C LYS A 201 -79.60 -37.62 -19.93
N LEU A 202 -78.88 -38.46 -19.18
CA LEU A 202 -77.95 -37.97 -18.19
C LEU A 202 -76.64 -37.51 -18.81
N ILE A 203 -75.99 -38.39 -19.58
CA ILE A 203 -74.69 -38.05 -20.12
C ILE A 203 -74.80 -37.28 -21.43
N GLY A 204 -75.83 -37.53 -22.22
CA GLY A 204 -76.00 -36.77 -23.43
C GLY A 204 -75.81 -37.61 -24.68
N GLY A 205 -76.35 -37.12 -25.77
CA GLY A 205 -76.26 -37.82 -27.04
C GLY A 205 -77.62 -38.06 -27.65
N GLU A 206 -77.70 -38.96 -28.61
CA GLU A 206 -78.97 -39.24 -29.26
C GLU A 206 -79.79 -40.18 -28.40
N LEU A 207 -81.06 -39.82 -28.16
CA LEU A 207 -81.96 -40.68 -27.43
C LEU A 207 -82.53 -41.75 -28.37
N SER A 208 -83.55 -42.46 -27.91
CA SER A 208 -84.16 -43.48 -28.75
C SER A 208 -85.03 -42.87 -29.83
N ASP A 209 -85.67 -41.74 -29.55
CA ASP A 209 -86.52 -41.10 -30.55
C ASP A 209 -85.70 -40.44 -31.65
N GLY A 210 -84.45 -40.09 -31.36
CA GLY A 210 -83.64 -39.30 -32.26
C GLY A 210 -83.33 -37.92 -31.74
N THR A 211 -83.91 -37.52 -30.62
CA THR A 211 -83.62 -36.23 -30.03
C THR A 211 -82.24 -36.25 -29.41
N ILE A 212 -81.37 -35.33 -29.85
CA ILE A 212 -80.15 -35.09 -29.10
C ILE A 212 -80.52 -34.40 -27.80
N ALA A 213 -80.19 -35.02 -26.69
CA ALA A 213 -80.39 -34.44 -25.37
C ALA A 213 -79.05 -33.94 -24.87
N GLN A 214 -79.01 -32.68 -24.45
CA GLN A 214 -77.85 -32.17 -23.77
C GLN A 214 -77.67 -32.92 -22.45
N GLY A 215 -76.43 -33.24 -22.13
CA GLY A 215 -76.18 -34.08 -20.98
C GLY A 215 -76.43 -33.34 -19.68
N LEU A 216 -77.00 -34.06 -18.71
CA LEU A 216 -77.26 -33.44 -17.42
C LEU A 216 -75.97 -33.21 -16.65
N GLN A 217 -75.01 -34.13 -16.78
CA GLN A 217 -73.71 -33.94 -16.15
C GLN A 217 -72.93 -32.72 -16.68
N PRO A 218 -72.83 -32.46 -17.99
CA PRO A 218 -72.20 -31.19 -18.39
C PRO A 218 -73.06 -29.98 -18.13
N GLN A 219 -74.39 -30.11 -18.15
CA GLN A 219 -75.24 -28.96 -17.83
C GLN A 219 -75.04 -28.51 -16.39
N ILE A 220 -74.72 -29.42 -15.48
CA ILE A 220 -74.31 -28.99 -14.16
C ILE A 220 -72.92 -28.37 -14.22
N SER A 221 -72.01 -29.02 -14.96
CA SER A 221 -70.65 -28.50 -15.07
C SER A 221 -70.58 -27.21 -15.87
N SER A 222 -71.57 -26.94 -16.71
CA SER A 222 -71.63 -25.64 -17.37
C SER A 222 -71.93 -24.54 -16.37
N LYS A 223 -72.94 -24.76 -15.52
CA LYS A 223 -73.32 -23.75 -14.55
C LYS A 223 -72.27 -23.60 -13.47
N LYS A 224 -71.66 -24.72 -13.06
CA LYS A 224 -70.64 -24.69 -12.03
C LYS A 224 -69.40 -23.97 -12.50
N LYS A 225 -69.10 -24.05 -13.80
CA LYS A 225 -68.03 -23.24 -14.36
C LYS A 225 -68.41 -21.77 -14.40
N LEU A 226 -69.70 -21.48 -14.60
CA LEU A 226 -70.13 -20.08 -14.60
C LEU A 226 -70.09 -19.47 -13.21
N MET A 227 -70.30 -20.28 -12.17
CA MET A 227 -70.30 -19.73 -10.83
C MET A 227 -68.89 -19.44 -10.33
N ASP A 228 -67.89 -20.04 -10.95
CA ASP A 228 -66.52 -19.70 -10.58
C ASP A 228 -66.04 -18.46 -11.34
N ASP A 229 -66.38 -18.36 -12.61
CA ASP A 229 -66.04 -17.17 -13.39
C ASP A 229 -67.11 -16.12 -13.12
N ASN A 230 -66.86 -15.27 -12.14
CA ASN A 230 -67.78 -14.19 -11.86
C ASN A 230 -67.02 -12.97 -11.37
N ASN A 231 -67.53 -11.80 -11.74
CA ASN A 231 -66.97 -10.51 -11.37
C ASN A 231 -67.41 -10.04 -10.00
N LEU A 232 -68.07 -10.90 -9.23
CA LEU A 232 -68.71 -10.46 -8.00
C LEU A 232 -67.68 -10.11 -6.93
N SER A 233 -66.52 -10.75 -6.96
CA SER A 233 -65.43 -10.33 -6.11
C SER A 233 -64.71 -9.10 -6.64
N THR A 234 -65.05 -8.64 -7.85
CA THR A 234 -64.42 -7.49 -8.45
C THR A 234 -65.32 -6.27 -8.48
N THR A 235 -66.59 -6.45 -8.91
CA THR A 235 -67.51 -5.33 -9.02
C THR A 235 -67.85 -4.73 -7.65
N ILE A 236 -67.91 -5.56 -6.62
CA ILE A 236 -68.11 -5.04 -5.27
C ILE A 236 -66.94 -4.17 -4.85
N LYS A 237 -65.72 -4.60 -5.20
CA LYS A 237 -64.57 -3.74 -5.00
C LYS A 237 -64.60 -2.53 -5.92
N ASP A 238 -65.19 -2.68 -7.11
CA ASP A 238 -65.32 -1.55 -8.02
C ASP A 238 -66.38 -0.56 -7.55
N LEU A 239 -67.50 -1.08 -7.04
CA LEU A 239 -68.53 -0.19 -6.54
C LEU A 239 -68.13 0.48 -5.23
N GLN A 240 -67.40 -0.23 -4.36
CA GLN A 240 -66.90 0.43 -3.17
C GLN A 240 -65.77 1.41 -3.46
N SER A 241 -65.16 1.32 -4.65
CA SER A 241 -64.29 2.40 -5.08
C SER A 241 -65.09 3.65 -5.40
N LYS A 242 -66.22 3.49 -6.09
CA LYS A 242 -67.00 4.66 -6.49
C LYS A 242 -67.75 5.28 -5.32
N ILE A 243 -68.18 4.47 -4.36
CA ILE A 243 -68.84 5.01 -3.18
C ILE A 243 -67.84 5.81 -2.34
N ASP A 244 -66.65 5.25 -2.14
CA ASP A 244 -65.60 6.00 -1.45
C ASP A 244 -65.08 7.15 -2.28
N GLU A 245 -65.27 7.10 -3.61
CA GLU A 245 -65.02 8.29 -4.42
C GLU A 245 -66.10 9.33 -4.18
N LYS A 246 -67.37 8.93 -4.24
CA LYS A 246 -68.45 9.88 -4.09
C LYS A 246 -68.64 10.34 -2.66
N ASN A 247 -68.16 9.58 -1.67
CA ASN A 247 -68.17 10.09 -0.31
C ASN A 247 -67.19 11.23 -0.14
N LYS A 248 -66.08 11.20 -0.88
CA LYS A 248 -65.11 12.29 -0.80
C LYS A 248 -65.68 13.58 -1.37
N GLU A 249 -66.59 13.49 -2.34
CA GLU A 249 -67.26 14.67 -2.85
C GLU A 249 -68.28 15.20 -1.85
N ILE A 250 -69.05 14.30 -1.23
CA ILE A 250 -70.05 14.69 -0.26
C ILE A 250 -69.39 15.30 0.97
N ASP A 251 -68.28 14.70 1.41
CA ASP A 251 -67.51 15.26 2.52
C ASP A 251 -66.84 16.57 2.14
N GLN A 252 -66.75 16.87 0.85
CA GLN A 252 -66.26 18.16 0.40
C GLN A 252 -67.38 19.18 0.23
N PHE A 253 -68.56 18.73 -0.19
CA PHE A 253 -69.66 19.68 -0.38
C PHE A 253 -70.23 20.16 0.94
N GLN A 254 -70.09 19.37 2.01
CA GLN A 254 -70.45 19.86 3.34
C GLN A 254 -69.56 21.02 3.75
N LYS A 255 -68.28 20.96 3.38
CA LYS A 255 -67.38 22.08 3.58
C LYS A 255 -67.80 23.29 2.74
N ASP A 256 -68.37 23.04 1.56
CA ASP A 256 -68.81 24.16 0.71
C ASP A 256 -70.04 24.83 1.30
N TYR A 257 -71.05 24.04 1.68
CA TYR A 257 -72.28 24.60 2.21
C TYR A 257 -72.03 25.26 3.56
N ASN A 258 -71.07 24.77 4.32
CA ASN A 258 -70.70 25.44 5.56
C ASN A 258 -69.82 26.65 5.32
N LYS A 259 -69.41 26.91 4.07
CA LYS A 259 -68.64 28.09 3.76
C LYS A 259 -69.46 29.16 3.06
N TYR A 260 -70.26 28.77 2.06
CA TYR A 260 -71.07 29.75 1.35
C TYR A 260 -72.13 30.39 2.25
N VAL A 261 -72.75 29.58 3.11
CA VAL A 261 -73.69 30.12 4.08
C VAL A 261 -72.98 31.04 5.06
N GLY A 262 -71.74 30.71 5.40
CA GLY A 262 -70.91 31.65 6.13
C GLY A 262 -70.65 32.91 5.35
N LEU A 263 -70.45 32.79 4.05
CA LEU A 263 -70.27 33.98 3.22
C LEU A 263 -71.59 34.71 3.00
N ALA A 264 -72.70 33.97 2.90
CA ALA A 264 -73.98 34.59 2.56
C ALA A 264 -74.54 35.45 3.69
N PHE A 265 -74.06 35.26 4.92
CA PHE A 265 -74.50 36.09 6.04
C PHE A 265 -73.60 37.29 6.25
N SER A 266 -72.99 37.80 5.18
CA SER A 266 -72.04 38.90 5.31
C SER A 266 -72.75 40.21 5.57
N GLY A 267 -73.88 40.45 4.90
CA GLY A 267 -74.39 41.78 4.62
C GLY A 267 -74.75 42.70 5.77
N MET A 268 -75.69 42.30 6.62
CA MET A 268 -76.40 43.23 7.50
C MET A 268 -75.59 43.75 8.66
N VAL A 269 -74.26 43.64 8.73
CA VAL A 269 -73.53 44.30 9.80
C VAL A 269 -73.60 45.82 9.64
N GLY A 270 -73.32 46.33 8.44
CA GLY A 270 -73.67 47.70 8.12
C GLY A 270 -74.37 47.79 6.78
N GLY A 271 -74.16 46.77 5.95
CA GLY A 271 -74.64 46.73 4.59
C GLY A 271 -75.95 46.02 4.38
N ILE A 272 -77.08 46.65 4.76
CA ILE A 272 -78.40 46.11 4.46
C ILE A 272 -78.61 45.99 2.95
N ILE A 273 -78.04 46.92 2.19
CA ILE A 273 -78.05 46.81 0.73
C ILE A 273 -77.18 45.64 0.29
N SER A 274 -76.04 45.45 0.95
CA SER A 274 -75.13 44.36 0.58
C SER A 274 -75.63 43.00 1.01
N TRP A 275 -76.65 42.96 1.88
CA TRP A 275 -77.26 41.68 2.27
C TRP A 275 -77.88 40.99 1.07
N ALA A 276 -78.56 41.73 0.21
CA ALA A 276 -79.07 41.16 -1.02
C ALA A 276 -77.97 40.93 -2.04
N ILE A 277 -76.83 41.59 -1.91
CA ILE A 277 -75.76 41.43 -2.89
C ILE A 277 -75.08 40.08 -2.72
N THR A 278 -74.46 39.86 -1.56
CA THR A 278 -73.74 38.61 -1.36
C THR A 278 -74.68 37.44 -1.15
N GLY A 279 -75.85 37.70 -0.58
CA GLY A 279 -76.88 36.67 -0.55
C GLY A 279 -77.38 36.30 -1.92
N GLY A 280 -77.38 37.26 -2.85
CA GLY A 280 -77.66 36.91 -4.23
C GLY A 280 -76.53 36.13 -4.87
N ILE A 281 -75.30 36.47 -4.51
CA ILE A 281 -74.15 35.78 -5.07
C ILE A 281 -73.98 34.40 -4.46
N PHE A 282 -73.82 34.36 -3.14
CA PHE A 282 -73.42 33.14 -2.47
C PHE A 282 -74.59 32.27 -2.05
N GLY A 283 -75.74 32.89 -1.76
CA GLY A 283 -76.89 32.12 -1.34
C GLY A 283 -77.47 31.26 -2.45
N ASP A 284 -77.24 31.64 -3.70
CA ASP A 284 -77.47 30.72 -4.81
C ASP A 284 -76.50 29.56 -4.74
N LYS A 285 -75.22 29.86 -4.58
CA LYS A 285 -74.21 28.81 -4.62
C LYS A 285 -74.24 27.95 -3.37
N ALA A 286 -74.71 28.51 -2.26
CA ALA A 286 -75.04 27.69 -1.10
C ALA A 286 -76.18 26.74 -1.43
N GLU A 287 -77.21 27.25 -2.10
CA GLU A 287 -78.36 26.43 -2.44
C GLU A 287 -78.00 25.39 -3.49
N LYS A 288 -77.15 25.75 -4.45
CA LYS A 288 -76.78 24.81 -5.51
C LYS A 288 -75.91 23.69 -4.98
N ALA A 289 -74.96 24.01 -4.10
CA ALA A 289 -74.13 22.98 -3.50
C ALA A 289 -74.94 22.09 -2.58
N ARG A 290 -75.96 22.64 -1.93
CA ARG A 290 -76.84 21.83 -1.10
C ARG A 290 -77.69 20.91 -1.96
N LYS A 291 -78.08 21.36 -3.16
CA LYS A 291 -78.80 20.48 -4.07
C LYS A 291 -77.89 19.38 -4.62
N GLN A 292 -76.60 19.67 -4.77
CA GLN A 292 -75.65 18.61 -5.05
C GLN A 292 -75.52 17.69 -3.85
N LYS A 293 -75.57 18.25 -2.65
CA LYS A 293 -75.57 17.46 -1.44
C LYS A 293 -76.86 16.66 -1.29
N ASN A 294 -77.98 17.18 -1.80
CA ASN A 294 -79.20 16.38 -1.84
C ASN A 294 -79.04 15.21 -2.81
N LYS A 295 -78.46 15.46 -3.97
CA LYS A 295 -78.46 14.48 -5.04
C LYS A 295 -77.47 13.35 -4.78
N LEU A 296 -76.28 13.68 -4.31
CA LEU A 296 -75.23 12.67 -4.22
C LEU A 296 -75.44 11.71 -3.06
N ILE A 297 -75.96 12.21 -1.93
CA ILE A 297 -76.28 11.35 -0.80
C ILE A 297 -77.36 10.34 -1.18
N ASP A 298 -78.33 10.79 -1.98
CA ASP A 298 -79.35 9.87 -2.47
C ASP A 298 -78.76 8.88 -3.47
N GLU A 299 -77.70 9.26 -4.19
CA GLU A 299 -77.07 8.32 -5.10
C GLU A 299 -76.22 7.31 -4.35
N VAL A 300 -75.46 7.77 -3.35
CA VAL A 300 -74.62 6.88 -2.54
C VAL A 300 -75.49 5.90 -1.77
N LYS A 301 -76.64 6.37 -1.27
CA LYS A 301 -77.63 5.48 -0.67
C LYS A 301 -78.15 4.45 -1.66
N ASP A 302 -78.27 4.84 -2.94
CA ASP A 302 -78.65 3.87 -3.96
C ASP A 302 -77.47 3.01 -4.38
N LEU A 303 -76.25 3.56 -4.39
CA LEU A 303 -75.09 2.75 -4.75
C LEU A 303 -74.73 1.78 -3.65
N GLN A 304 -74.94 2.15 -2.39
CA GLN A 304 -74.74 1.22 -1.29
C GLN A 304 -75.73 0.06 -1.36
N SER A 305 -76.95 0.34 -1.83
CA SER A 305 -77.97 -0.69 -1.94
C SER A 305 -77.63 -1.71 -3.01
N GLN A 306 -76.88 -1.31 -4.05
CA GLN A 306 -76.41 -2.29 -5.02
C GLN A 306 -75.35 -3.17 -4.41
N VAL A 307 -74.49 -2.61 -3.57
CA VAL A 307 -73.42 -3.39 -2.93
C VAL A 307 -74.01 -4.38 -1.95
N LYS A 308 -75.09 -3.98 -1.25
CA LYS A 308 -75.75 -4.86 -0.30
C LYS A 308 -76.35 -6.07 -1.00
N ASP A 309 -76.97 -5.86 -2.15
CA ASP A 309 -77.56 -6.98 -2.87
C ASP A 309 -76.51 -7.85 -3.54
N LYS A 310 -75.45 -7.23 -4.06
CA LYS A 310 -74.41 -8.01 -4.71
C LYS A 310 -73.56 -8.76 -3.69
N SER A 311 -73.42 -8.24 -2.47
CA SER A 311 -72.78 -9.02 -1.42
C SER A 311 -73.65 -10.20 -1.03
N ALA A 312 -74.96 -9.98 -0.96
CA ALA A 312 -75.88 -11.10 -0.77
C ALA A 312 -75.95 -11.98 -2.01
N LEU A 313 -75.63 -11.43 -3.18
CA LEU A 313 -75.61 -12.25 -4.38
C LEU A 313 -74.41 -13.18 -4.39
N GLN A 314 -73.24 -12.65 -4.03
CA GLN A 314 -72.01 -13.45 -4.05
C GLN A 314 -72.06 -14.56 -3.01
N THR A 315 -72.73 -14.32 -1.89
CA THR A 315 -72.99 -15.38 -0.94
C THR A 315 -73.96 -16.40 -1.53
N SER A 316 -74.96 -15.92 -2.27
CA SER A 316 -75.98 -16.80 -2.82
C SER A 316 -75.43 -17.71 -3.89
N VAL A 317 -74.51 -17.21 -4.70
CA VAL A 317 -73.93 -18.01 -5.78
C VAL A 317 -72.98 -19.05 -5.21
N GLN A 318 -72.11 -18.61 -4.30
CA GLN A 318 -71.08 -19.48 -3.75
C GLN A 318 -71.68 -20.59 -2.91
N ASN A 319 -72.81 -20.34 -2.26
CA ASN A 319 -73.55 -21.42 -1.64
C ASN A 319 -74.17 -22.34 -2.67
N LEU A 320 -74.65 -21.78 -3.78
CA LEU A 320 -75.31 -22.58 -4.80
C LEU A 320 -74.32 -23.45 -5.55
N SER A 321 -73.06 -23.00 -5.62
CA SER A 321 -72.01 -23.81 -6.24
C SER A 321 -71.81 -25.12 -5.50
N LEU A 322 -71.93 -25.08 -4.18
CA LEU A 322 -71.82 -26.31 -3.39
C LEU A 322 -73.02 -27.20 -3.58
N SER A 323 -74.18 -26.60 -3.86
CA SER A 323 -75.38 -27.40 -4.11
C SER A 323 -75.24 -28.22 -5.38
N PHE A 324 -74.76 -27.58 -6.45
CA PHE A 324 -74.49 -28.30 -7.68
C PHE A 324 -73.31 -29.24 -7.56
N ALA A 325 -72.39 -28.97 -6.64
CA ALA A 325 -71.20 -29.79 -6.50
C ALA A 325 -71.54 -31.21 -6.07
N GLY A 326 -72.47 -31.35 -5.12
CA GLY A 326 -72.95 -32.67 -4.78
C GLY A 326 -73.77 -33.28 -5.90
N ILE A 327 -74.61 -32.46 -6.56
CA ILE A 327 -75.40 -32.92 -7.69
C ILE A 327 -74.50 -33.41 -8.81
N HIS A 328 -73.41 -32.69 -9.06
CA HIS A 328 -72.41 -33.17 -10.00
C HIS A 328 -71.73 -34.43 -9.50
N THR A 329 -71.49 -34.52 -8.19
CA THR A 329 -70.86 -35.70 -7.64
C THR A 329 -71.81 -36.89 -7.68
N SER A 330 -73.10 -36.65 -7.53
CA SER A 330 -74.08 -37.72 -7.64
C SER A 330 -74.18 -38.22 -9.08
N MET A 331 -74.01 -37.34 -10.06
CA MET A 331 -74.13 -37.75 -11.45
C MET A 331 -72.91 -38.52 -11.94
N VAL A 332 -71.72 -38.20 -11.40
CA VAL A 332 -70.52 -38.94 -11.77
C VAL A 332 -70.62 -40.39 -11.31
N ASP A 333 -71.15 -40.61 -10.11
CA ASP A 333 -71.39 -41.97 -9.68
C ASP A 333 -72.53 -42.60 -10.43
N ALA A 334 -73.54 -41.81 -10.81
CA ALA A 334 -74.59 -42.32 -11.68
C ALA A 334 -74.10 -42.51 -13.11
N GLU A 335 -73.03 -41.81 -13.50
CA GLU A 335 -72.43 -42.02 -14.80
C GLU A 335 -71.85 -43.41 -14.93
N GLU A 336 -70.97 -43.76 -13.99
CA GLU A 336 -70.28 -45.04 -14.04
C GLU A 336 -71.23 -46.21 -13.85
N ALA A 337 -72.26 -46.01 -13.02
CA ALA A 337 -73.17 -47.11 -12.69
C ALA A 337 -74.01 -47.53 -13.88
N LEU A 338 -74.52 -46.56 -14.64
CA LEU A 338 -75.35 -46.89 -15.78
C LEU A 338 -74.55 -47.52 -16.91
N ASN A 339 -73.28 -47.15 -17.03
CA ASN A 339 -72.44 -47.73 -18.07
C ASN A 339 -72.23 -49.21 -17.85
N HIS A 340 -72.08 -49.63 -16.60
CA HIS A 340 -72.02 -51.06 -16.33
C HIS A 340 -73.39 -51.69 -16.46
N LEU A 341 -74.44 -50.92 -16.20
CA LEU A 341 -75.79 -51.45 -16.36
C LEU A 341 -76.13 -51.65 -17.82
N ASP A 342 -75.78 -50.68 -18.66
CA ASP A 342 -76.07 -50.77 -20.08
C ASP A 342 -75.31 -51.91 -20.73
N PHE A 343 -74.07 -52.13 -20.30
CA PHE A 343 -73.23 -53.13 -20.94
C PHE A 343 -73.69 -54.54 -20.60
N MET A 344 -74.33 -54.74 -19.46
CA MET A 344 -74.87 -56.07 -19.17
C MET A 344 -76.14 -56.33 -19.95
N TRP A 345 -77.02 -55.34 -20.07
CA TRP A 345 -78.21 -55.52 -20.90
C TRP A 345 -77.84 -55.64 -22.36
N ASN A 346 -76.83 -54.91 -22.80
CA ASN A 346 -76.37 -55.03 -24.18
C ASN A 346 -75.77 -56.40 -24.43
N THR A 347 -75.13 -56.98 -23.41
CA THR A 347 -74.66 -58.35 -23.51
C THR A 347 -75.84 -59.31 -23.58
N MET A 348 -76.87 -59.07 -22.77
CA MET A 348 -78.01 -59.97 -22.76
C MET A 348 -78.86 -59.81 -24.01
N LEU A 349 -79.08 -58.58 -24.47
CA LEU A 349 -79.87 -58.36 -25.67
C LEU A 349 -79.17 -58.91 -26.90
N THR A 350 -77.84 -58.93 -26.89
CA THR A 350 -77.11 -59.62 -27.96
C THR A 350 -77.38 -61.12 -27.92
N GLN A 351 -77.23 -61.72 -26.73
CA GLN A 351 -77.25 -63.17 -26.63
C GLN A 351 -78.65 -63.73 -26.83
N ILE A 352 -79.69 -62.96 -26.53
CA ILE A 352 -81.04 -63.38 -26.88
C ILE A 352 -81.23 -63.29 -28.39
N THR A 353 -80.70 -62.23 -28.99
CA THR A 353 -80.89 -62.01 -30.43
C THR A 353 -80.15 -63.06 -31.25
N THR A 354 -78.90 -63.34 -30.91
CA THR A 354 -78.16 -64.36 -31.65
C THR A 354 -78.65 -65.75 -31.33
N SER A 355 -79.39 -65.92 -30.24
CA SER A 355 -80.05 -67.20 -30.01
C SER A 355 -81.24 -67.36 -30.95
N ARG A 356 -82.03 -66.30 -31.11
CA ARG A 356 -83.26 -66.40 -31.89
C ARG A 356 -82.97 -66.59 -33.37
N ASP A 357 -81.98 -65.85 -33.89
CA ASP A 357 -81.71 -65.88 -35.32
C ASP A 357 -81.10 -67.20 -35.75
N LYS A 358 -80.28 -67.81 -34.91
CA LYS A 358 -79.78 -69.15 -35.21
C LYS A 358 -80.87 -70.20 -35.03
N PHE A 359 -81.85 -69.93 -34.17
CA PHE A 359 -82.93 -70.88 -33.96
C PHE A 359 -83.92 -70.89 -35.10
N ASP A 360 -83.88 -69.87 -35.96
CA ASP A 360 -84.74 -69.81 -37.13
C ASP A 360 -84.29 -70.76 -38.23
N ASP A 361 -83.10 -71.33 -38.11
CA ASP A 361 -82.64 -72.36 -39.03
C ASP A 361 -83.30 -73.71 -38.76
N ILE A 362 -83.98 -73.85 -37.62
CA ILE A 362 -84.54 -75.14 -37.22
C ILE A 362 -85.79 -75.42 -38.04
N ASN A 363 -85.74 -76.49 -38.83
CA ASN A 363 -86.88 -76.98 -39.57
C ASN A 363 -86.71 -78.47 -39.77
N ASP A 364 -87.80 -79.14 -40.17
CA ASP A 364 -87.85 -80.59 -40.23
C ASP A 364 -86.94 -81.19 -41.30
N ALA A 365 -86.49 -80.38 -42.26
CA ALA A 365 -85.56 -80.86 -43.27
C ALA A 365 -84.15 -81.07 -42.73
N LEU A 366 -83.86 -80.62 -41.52
CA LEU A 366 -82.54 -80.80 -40.95
C LEU A 366 -82.31 -82.26 -40.58
N LYS A 367 -81.21 -82.82 -41.08
CA LYS A 367 -80.81 -84.13 -40.61
C LYS A 367 -80.27 -84.03 -39.19
N LEU A 368 -80.25 -85.17 -38.50
CA LEU A 368 -80.31 -85.15 -37.05
C LEU A 368 -78.99 -84.76 -36.39
N THR A 369 -77.85 -85.00 -37.06
CA THR A 369 -76.59 -84.47 -36.52
C THR A 369 -76.53 -82.96 -36.67
N SER A 370 -76.91 -82.46 -37.84
CA SER A 370 -76.95 -81.02 -38.09
C SER A 370 -77.98 -80.31 -37.24
N PHE A 371 -79.00 -81.02 -36.74
CA PHE A 371 -79.94 -80.40 -35.81
C PHE A 371 -79.30 -80.12 -34.47
N VAL A 372 -78.43 -81.03 -34.01
CA VAL A 372 -77.90 -80.95 -32.64
C VAL A 372 -76.97 -79.75 -32.50
N ILE A 373 -75.97 -79.67 -33.38
CA ILE A 373 -74.99 -78.59 -33.36
C ILE A 373 -75.66 -77.24 -33.59
N ALA A 374 -76.72 -77.22 -34.41
CA ALA A 374 -77.55 -76.02 -34.51
C ALA A 374 -78.26 -75.73 -33.20
N PHE A 375 -78.88 -76.74 -32.59
CA PHE A 375 -79.65 -76.50 -31.37
C PHE A 375 -78.73 -76.30 -30.17
N LYS A 376 -77.56 -76.92 -30.17
CA LYS A 376 -76.58 -76.65 -29.12
C LYS A 376 -76.09 -75.21 -29.20
N GLN A 377 -75.97 -74.67 -30.42
CA GLN A 377 -75.59 -73.28 -30.59
C GLN A 377 -76.66 -72.34 -30.07
N VAL A 378 -77.92 -72.78 -30.04
CA VAL A 378 -79.00 -71.94 -29.54
C VAL A 378 -78.89 -71.76 -28.03
N ILE A 379 -78.63 -72.85 -27.31
CA ILE A 379 -78.76 -72.80 -25.86
C ILE A 379 -77.51 -72.25 -25.17
N GLU A 380 -76.36 -72.23 -25.84
CA GLU A 380 -75.15 -71.70 -25.21
C GLU A 380 -75.19 -70.22 -24.83
N PRO A 381 -75.88 -69.32 -25.55
CA PRO A 381 -76.13 -68.01 -24.94
C PRO A 381 -77.05 -68.05 -23.74
N TRP A 382 -77.95 -69.03 -23.66
CA TRP A 382 -78.86 -69.08 -22.53
C TRP A 382 -78.20 -69.54 -21.24
N ARG A 383 -76.99 -70.09 -21.32
CA ARG A 383 -76.23 -70.34 -20.09
C ARG A 383 -75.81 -69.02 -19.45
N ASP A 384 -75.39 -68.05 -20.26
CA ASP A 384 -74.88 -66.82 -19.71
C ASP A 384 -75.97 -65.86 -19.30
N VAL A 385 -77.10 -65.84 -20.03
CA VAL A 385 -78.23 -65.00 -19.65
C VAL A 385 -78.82 -65.50 -18.34
N GLN A 386 -78.86 -66.82 -18.16
CA GLN A 386 -79.15 -67.38 -16.85
C GLN A 386 -78.12 -66.93 -15.81
N GLY A 387 -76.84 -66.90 -16.21
CA GLY A 387 -75.81 -66.47 -15.29
C GLY A 387 -75.82 -64.97 -15.05
N SER A 388 -76.21 -64.19 -16.05
CA SER A 388 -76.19 -62.74 -15.88
C SER A 388 -77.34 -62.27 -15.01
N ALA A 389 -78.52 -62.86 -15.17
CA ALA A 389 -79.63 -62.52 -14.29
C ALA A 389 -79.37 -62.99 -12.87
N ALA A 390 -78.72 -64.14 -12.72
CA ALA A 390 -78.30 -64.60 -11.40
C ALA A 390 -77.28 -63.64 -10.79
N GLN A 391 -76.34 -63.15 -11.60
CA GLN A 391 -75.47 -62.09 -11.12
C GLN A 391 -76.21 -60.77 -10.94
N LEU A 392 -77.37 -60.61 -11.55
CA LEU A 392 -78.07 -59.35 -11.39
C LEU A 392 -79.00 -59.37 -10.19
N ILE A 393 -79.84 -60.39 -10.08
CA ILE A 393 -80.86 -60.43 -9.03
C ILE A 393 -80.24 -60.54 -7.65
N GLN A 394 -79.16 -61.32 -7.54
CA GLN A 394 -78.38 -61.37 -6.31
C GLN A 394 -77.80 -60.02 -5.95
N THR A 395 -77.32 -59.28 -6.95
CA THR A 395 -76.82 -57.93 -6.75
C THR A 395 -77.90 -56.87 -6.92
N PHE A 396 -79.17 -57.24 -6.80
CA PHE A 396 -80.26 -56.29 -6.91
C PHE A 396 -81.00 -56.17 -5.59
N ASP A 397 -81.48 -57.28 -5.04
CA ASP A 397 -82.26 -57.24 -3.82
C ASP A 397 -81.40 -56.94 -2.61
N GLU A 398 -80.12 -57.32 -2.67
CA GLU A 398 -79.20 -57.01 -1.58
C GLU A 398 -78.93 -55.52 -1.49
N ALA A 399 -79.04 -54.80 -2.61
CA ALA A 399 -78.93 -53.35 -2.55
C ALA A 399 -80.24 -52.69 -2.17
N LEU A 400 -81.36 -53.40 -2.24
CA LEU A 400 -82.64 -52.79 -1.89
C LEU A 400 -82.78 -52.63 -0.38
N ALA A 401 -82.58 -53.72 0.36
CA ALA A 401 -82.66 -53.65 1.81
C ALA A 401 -81.54 -52.81 2.40
N GLU A 402 -80.38 -52.82 1.76
CA GLU A 402 -79.28 -51.96 2.18
C GLU A 402 -79.61 -50.49 1.94
N TYR A 403 -80.43 -50.19 0.93
CA TYR A 403 -80.85 -48.80 0.70
C TYR A 403 -81.73 -48.26 1.82
N LYS A 404 -82.37 -49.14 2.60
CA LYS A 404 -83.11 -48.73 3.77
C LYS A 404 -82.20 -48.40 4.96
N LYS A 405 -80.90 -48.34 4.76
CA LYS A 405 -79.95 -48.10 5.83
C LYS A 405 -79.08 -46.90 5.51
N TYR B 1 -52.00 -56.12 -32.00
CA TYR B 1 -52.88 -55.83 -30.87
C TYR B 1 -52.20 -55.10 -29.69
N PRO B 2 -51.38 -54.07 -29.97
CA PRO B 2 -50.35 -53.68 -28.98
C PRO B 2 -50.82 -53.03 -27.69
N GLU B 3 -51.60 -51.95 -27.76
CA GLU B 3 -51.91 -51.14 -26.57
C GLU B 3 -53.06 -50.20 -26.85
N ILE B 4 -54.13 -50.31 -26.06
CA ILE B 4 -55.31 -49.45 -26.22
C ILE B 4 -55.74 -49.01 -24.83
N ASN B 5 -55.58 -47.72 -24.52
CA ASN B 5 -55.87 -47.16 -23.22
C ASN B 5 -57.18 -46.38 -23.32
N ILE B 6 -58.31 -47.07 -23.15
CA ILE B 6 -59.60 -46.39 -23.29
C ILE B 6 -59.92 -45.51 -22.10
N LYS B 7 -59.16 -45.64 -21.00
CA LYS B 7 -59.24 -44.67 -19.93
C LYS B 7 -58.84 -43.29 -20.41
N ALA B 8 -57.85 -43.22 -21.30
CA ALA B 8 -57.49 -41.96 -21.93
C ALA B 8 -58.49 -41.56 -23.01
N MET B 9 -59.31 -42.50 -23.48
CA MET B 9 -60.22 -42.29 -24.59
C MET B 9 -61.62 -41.94 -24.14
N ASN B 10 -62.19 -42.75 -23.25
CA ASN B 10 -63.54 -42.49 -22.77
C ASN B 10 -63.60 -41.25 -21.89
N GLN B 11 -62.47 -40.83 -21.33
CA GLN B 11 -62.36 -39.48 -20.80
C GLN B 11 -62.40 -38.47 -21.94
N ALA B 12 -61.62 -38.71 -22.99
CA ALA B 12 -61.50 -37.76 -24.09
C ALA B 12 -62.80 -37.65 -24.89
N VAL B 13 -63.56 -38.74 -24.98
CA VAL B 13 -64.91 -38.64 -25.54
C VAL B 13 -65.77 -37.77 -24.66
N ASN B 14 -65.69 -37.97 -23.35
CA ASN B 14 -66.57 -37.28 -22.43
C ASN B 14 -66.22 -35.80 -22.34
N THR B 15 -64.94 -35.47 -22.42
CA THR B 15 -64.55 -34.07 -22.35
C THR B 15 -64.93 -33.31 -23.61
N ILE B 16 -64.94 -33.97 -24.76
CA ILE B 16 -65.42 -33.34 -25.98
C ILE B 16 -66.90 -33.01 -25.87
N TRP B 17 -67.68 -33.93 -25.29
CA TRP B 17 -69.07 -33.58 -24.97
C TRP B 17 -69.12 -32.53 -23.87
N LEU B 18 -68.17 -32.57 -22.93
CA LEU B 18 -68.14 -31.57 -21.88
C LEU B 18 -67.78 -30.20 -22.43
N LEU B 19 -66.78 -30.14 -23.31
CA LEU B 19 -66.40 -28.86 -23.87
C LEU B 19 -67.37 -28.38 -24.94
N ALA B 20 -68.28 -29.24 -25.41
CA ALA B 20 -69.26 -28.82 -26.40
C ALA B 20 -70.27 -27.86 -25.79
N GLN B 21 -70.84 -28.23 -24.65
CA GLN B 21 -71.78 -27.36 -23.99
C GLN B 21 -71.09 -26.20 -23.30
N ARG B 22 -69.82 -26.36 -22.95
CA ARG B 22 -69.11 -25.37 -22.13
C ARG B 22 -68.70 -24.15 -22.94
N GLN B 23 -68.46 -24.31 -24.24
CA GLN B 23 -67.78 -23.28 -25.03
C GLN B 23 -68.64 -22.02 -25.16
N THR B 24 -67.96 -20.87 -25.09
CA THR B 24 -68.60 -19.57 -25.04
C THR B 24 -68.05 -18.67 -26.14
N SER B 25 -68.01 -19.21 -27.36
CA SER B 25 -67.49 -18.44 -28.48
C SER B 25 -68.38 -17.28 -28.85
N GLY B 26 -69.70 -17.44 -28.69
CA GLY B 26 -70.61 -16.39 -29.09
C GLY B 26 -70.72 -16.22 -30.58
N ILE B 27 -70.53 -17.28 -31.35
CA ILE B 27 -70.63 -17.25 -32.79
C ILE B 27 -71.48 -18.44 -33.20
N GLU B 28 -72.03 -18.36 -34.41
CA GLU B 28 -73.12 -19.24 -34.81
C GLU B 28 -72.66 -20.41 -35.67
N ILE B 29 -71.39 -20.48 -36.03
CA ILE B 29 -70.90 -21.50 -36.96
C ILE B 29 -69.97 -22.48 -36.27
N ILE B 30 -69.16 -22.02 -35.32
CA ILE B 30 -68.53 -22.93 -34.38
C ILE B 30 -69.58 -23.66 -33.55
N ASN B 31 -70.71 -22.98 -33.29
CA ASN B 31 -71.80 -23.57 -32.53
C ASN B 31 -72.43 -24.77 -33.24
N ASP B 32 -72.32 -24.83 -34.57
CA ASP B 32 -72.67 -26.05 -35.29
C ASP B 32 -71.45 -26.69 -35.93
N LYS B 33 -70.25 -26.22 -35.59
CA LYS B 33 -69.09 -27.06 -35.82
C LYS B 33 -68.96 -28.09 -34.72
N VAL B 34 -69.03 -27.64 -33.47
CA VAL B 34 -68.74 -28.51 -32.34
C VAL B 34 -69.88 -29.49 -32.12
N LYS B 35 -71.12 -29.04 -32.37
CA LYS B 35 -72.29 -29.88 -32.21
C LYS B 35 -72.26 -31.06 -33.15
N ARG B 36 -71.73 -30.88 -34.35
CA ARG B 36 -71.57 -31.99 -35.28
C ARG B 36 -70.40 -32.88 -34.89
N ILE B 37 -69.35 -32.29 -34.33
CA ILE B 37 -68.21 -33.10 -33.87
C ILE B 37 -68.61 -33.92 -32.66
N SER B 38 -69.27 -33.27 -31.70
CA SER B 38 -69.49 -33.91 -30.41
C SER B 38 -70.57 -34.99 -30.50
N ALA B 39 -71.60 -34.77 -31.32
CA ALA B 39 -72.61 -35.79 -31.52
C ALA B 39 -72.08 -36.99 -32.26
N TYR B 40 -71.01 -36.84 -33.03
CA TYR B 40 -70.31 -38.00 -33.55
C TYR B 40 -69.60 -38.75 -32.44
N SER B 41 -68.85 -38.04 -31.61
CA SER B 41 -67.95 -38.68 -30.65
C SER B 41 -68.71 -39.42 -29.57
N ARG B 42 -69.85 -38.86 -29.14
CA ARG B 42 -70.72 -39.58 -28.22
C ARG B 42 -71.26 -40.84 -28.87
N GLU B 43 -71.76 -40.73 -30.10
CA GLU B 43 -72.20 -41.91 -30.84
C GLU B 43 -71.04 -42.82 -31.20
N PHE B 44 -69.83 -42.28 -31.26
CA PHE B 44 -68.67 -43.14 -31.50
C PHE B 44 -68.38 -44.03 -30.31
N ASP B 45 -68.53 -43.49 -29.10
CA ASP B 45 -68.30 -44.29 -27.90
C ASP B 45 -69.38 -45.34 -27.74
N GLU B 46 -70.63 -44.97 -28.03
CA GLU B 46 -71.74 -45.90 -27.94
C GLU B 46 -71.58 -47.03 -28.94
N MET B 47 -71.26 -46.69 -30.19
CA MET B 47 -71.18 -47.69 -31.23
C MET B 47 -69.95 -48.56 -31.06
N MET B 48 -68.93 -48.08 -30.37
CA MET B 48 -67.81 -48.96 -30.08
C MET B 48 -68.18 -49.97 -29.00
N ARG B 49 -68.83 -49.50 -27.93
CA ARG B 49 -69.29 -50.40 -26.87
C ARG B 49 -70.31 -51.40 -27.39
N ASP B 50 -71.20 -50.96 -28.27
CA ASP B 50 -72.19 -51.85 -28.83
C ASP B 50 -71.54 -52.87 -29.76
N SER B 51 -70.53 -52.44 -30.51
CA SER B 51 -69.75 -53.41 -31.27
C SER B 51 -68.91 -54.27 -30.35
N LEU B 52 -68.50 -53.72 -29.21
CA LEU B 52 -67.77 -54.53 -28.24
C LEU B 52 -68.68 -55.55 -27.58
N ALA B 53 -69.95 -55.20 -27.39
CA ALA B 53 -70.88 -56.13 -26.76
C ALA B 53 -71.46 -57.12 -27.75
N GLN B 54 -71.62 -56.74 -29.02
CA GLN B 54 -72.22 -57.65 -29.98
C GLN B 54 -71.22 -58.53 -30.68
N LEU B 55 -69.94 -58.49 -30.30
CA LEU B 55 -68.94 -59.36 -30.90
C LEU B 55 -68.30 -60.33 -29.93
N ALA B 56 -68.39 -60.08 -28.62
CA ALA B 56 -67.93 -61.08 -27.66
C ALA B 56 -68.70 -62.39 -27.70
N PRO B 57 -70.04 -62.45 -27.74
CA PRO B 57 -70.68 -63.78 -27.75
C PRO B 57 -70.55 -64.49 -29.08
N VAL B 58 -70.44 -63.76 -30.19
CA VAL B 58 -70.41 -64.43 -31.48
C VAL B 58 -69.06 -65.09 -31.74
N LEU B 59 -68.00 -64.67 -31.06
CA LEU B 59 -66.72 -65.36 -31.18
C LEU B 59 -66.74 -66.70 -30.46
N LYS B 60 -67.36 -66.75 -29.27
CA LYS B 60 -67.43 -67.99 -28.53
C LYS B 60 -68.35 -69.01 -29.18
N GLN B 61 -69.24 -68.57 -30.06
CA GLN B 61 -69.98 -69.50 -30.90
C GLN B 61 -69.08 -70.24 -31.88
N LEU B 62 -67.92 -69.66 -32.21
CA LEU B 62 -66.99 -70.30 -33.13
C LEU B 62 -65.97 -71.16 -32.41
N THR B 63 -65.61 -70.81 -31.16
CA THR B 63 -64.59 -71.56 -30.45
C THR B 63 -65.10 -72.92 -30.01
N SER B 64 -66.13 -72.93 -29.17
CA SER B 64 -66.64 -74.16 -28.58
C SER B 64 -67.80 -74.74 -29.37
N ASP B 65 -67.78 -74.57 -30.69
CA ASP B 65 -68.81 -75.18 -31.53
C ASP B 65 -68.72 -76.69 -31.49
N ALA B 66 -67.49 -77.24 -31.51
CA ALA B 66 -67.16 -78.65 -31.31
C ALA B 66 -67.84 -79.58 -32.31
N ALA B 67 -68.22 -79.05 -33.47
CA ALA B 67 -68.83 -79.88 -34.49
C ALA B 67 -67.80 -80.69 -35.25
N PHE B 68 -66.54 -80.26 -35.24
CA PHE B 68 -65.47 -81.09 -35.78
C PHE B 68 -65.25 -82.33 -34.93
N GLN B 69 -65.54 -82.25 -33.63
CA GLN B 69 -65.52 -83.44 -32.79
C GLN B 69 -66.63 -84.41 -33.16
N THR B 70 -67.78 -83.89 -33.61
CA THR B 70 -68.81 -84.78 -34.11
C THR B 70 -68.43 -85.36 -35.46
N ILE B 71 -67.61 -84.65 -36.23
CA ILE B 71 -67.03 -85.24 -37.43
C ILE B 71 -66.06 -86.35 -37.05
N ALA B 72 -65.35 -86.18 -35.94
CA ALA B 72 -64.45 -87.23 -35.45
C ALA B 72 -65.22 -88.46 -34.98
N GLN B 73 -66.47 -88.29 -34.56
CA GLN B 73 -67.33 -89.44 -34.32
C GLN B 73 -67.71 -90.14 -35.62
N ILE B 74 -67.84 -89.38 -36.71
CA ILE B 74 -68.09 -89.98 -38.01
C ILE B 74 -66.80 -90.59 -38.54
N ASP B 75 -65.65 -90.04 -38.15
CA ASP B 75 -64.36 -90.56 -38.62
C ASP B 75 -64.06 -91.94 -38.07
N GLU B 76 -64.55 -92.26 -36.87
CA GLU B 76 -64.50 -93.63 -36.40
C GLU B 76 -65.59 -94.50 -36.99
N ALA B 77 -66.61 -93.89 -37.61
CA ALA B 77 -67.70 -94.64 -38.22
C ALA B 77 -67.53 -94.82 -39.72
N LEU B 78 -66.58 -94.12 -40.34
CA LEU B 78 -66.37 -94.25 -41.78
C LEU B 78 -65.30 -95.28 -42.13
N ALA B 79 -64.07 -95.03 -41.72
CA ALA B 79 -62.97 -95.88 -42.18
C ALA B 79 -62.83 -97.13 -41.32
N ASP B 80 -62.99 -96.98 -40.00
CA ASP B 80 -62.69 -98.03 -39.04
C ASP B 80 -63.60 -99.27 -39.12
N PRO B 81 -64.89 -99.18 -39.47
CA PRO B 81 -65.57 -100.42 -39.86
C PRO B 81 -65.55 -100.65 -41.36
N SER B 82 -65.64 -101.93 -41.73
CA SER B 82 -65.95 -102.31 -43.10
C SER B 82 -67.45 -102.10 -43.27
N LEU B 83 -67.80 -100.86 -43.59
CA LEU B 83 -69.12 -100.33 -43.35
C LEU B 83 -69.94 -100.32 -44.64
N SER B 84 -71.26 -100.29 -44.49
CA SER B 84 -72.17 -100.30 -45.62
C SER B 84 -72.04 -99.02 -46.44
N LYS B 85 -71.86 -99.18 -47.76
CA LYS B 85 -71.74 -98.05 -48.66
C LYS B 85 -73.01 -97.23 -48.76
N ASP B 86 -74.16 -97.81 -48.43
CA ASP B 86 -75.38 -97.03 -48.27
C ASP B 86 -75.22 -95.98 -47.18
N ASP B 87 -74.52 -96.33 -46.10
CA ASP B 87 -74.28 -95.38 -45.02
C ASP B 87 -72.93 -94.69 -45.11
N ARG B 88 -71.94 -95.30 -45.76
CA ARG B 88 -70.67 -94.61 -45.99
C ARG B 88 -70.87 -93.37 -46.86
N GLU B 89 -71.74 -93.49 -47.86
CA GLU B 89 -72.13 -92.31 -48.63
C GLU B 89 -72.97 -91.38 -47.78
N ALA B 90 -73.82 -91.93 -46.92
CA ALA B 90 -74.73 -91.11 -46.12
C ALA B 90 -73.97 -90.37 -45.01
N LEU B 91 -73.01 -91.04 -44.36
CA LEU B 91 -72.22 -90.37 -43.32
C LEU B 91 -71.37 -89.26 -43.91
N THR B 92 -70.80 -89.47 -45.10
CA THR B 92 -70.08 -88.39 -45.76
C THR B 92 -71.03 -87.33 -46.32
N LEU B 93 -72.31 -87.64 -46.48
CA LEU B 93 -73.24 -86.66 -47.04
C LEU B 93 -73.50 -85.54 -46.05
N GLU B 94 -73.90 -85.88 -44.82
CA GLU B 94 -74.16 -84.84 -43.83
C GLU B 94 -72.86 -84.22 -43.32
N ARG B 95 -71.76 -84.97 -43.38
CA ARG B 95 -70.44 -84.40 -43.14
C ARG B 95 -70.12 -83.28 -44.13
N ASN B 96 -70.46 -83.49 -45.40
CA ASN B 96 -70.28 -82.44 -46.38
C ASN B 96 -71.23 -81.27 -46.16
N ASN B 97 -72.41 -81.54 -45.61
CA ASN B 97 -73.28 -80.46 -45.18
C ASN B 97 -72.68 -79.72 -44.00
N LEU B 98 -72.14 -80.45 -43.03
CA LEU B 98 -71.78 -79.86 -41.74
C LEU B 98 -70.49 -79.05 -41.84
N ILE B 99 -69.57 -79.45 -42.72
CA ILE B 99 -68.40 -78.61 -42.99
C ILE B 99 -68.83 -77.34 -43.70
N GLN B 100 -69.74 -77.46 -44.67
CA GLN B 100 -70.32 -76.28 -45.30
C GLN B 100 -71.18 -75.49 -44.33
N ASN B 101 -71.84 -76.18 -43.39
CA ASN B 101 -72.52 -75.46 -42.32
C ASN B 101 -71.52 -74.77 -41.39
N LEU B 102 -70.33 -75.34 -41.23
CA LEU B 102 -69.28 -74.67 -40.48
C LEU B 102 -68.74 -73.48 -41.26
N SER B 103 -68.65 -73.60 -42.59
CA SER B 103 -68.24 -72.47 -43.40
C SER B 103 -69.30 -71.38 -43.37
N LYS B 104 -70.57 -71.76 -43.48
CA LYS B 104 -71.65 -70.80 -43.34
C LYS B 104 -71.78 -70.29 -41.92
N HIS B 105 -71.29 -71.04 -40.92
CA HIS B 105 -71.17 -70.49 -39.57
C HIS B 105 -70.10 -69.42 -39.52
N ILE B 106 -68.89 -69.74 -39.99
CA ILE B 106 -67.78 -68.83 -39.84
C ILE B 106 -67.90 -67.64 -40.79
N ASP B 107 -68.63 -67.78 -41.89
CA ASP B 107 -68.86 -66.62 -42.75
C ASP B 107 -69.95 -65.73 -42.21
N ASN B 108 -70.95 -66.29 -41.52
CA ASN B 108 -71.97 -65.47 -40.91
C ASN B 108 -71.44 -64.74 -39.68
N VAL B 109 -70.31 -65.18 -39.14
CA VAL B 109 -69.57 -64.34 -38.20
C VAL B 109 -69.10 -63.07 -38.89
N ILE B 110 -68.45 -63.22 -40.04
CA ILE B 110 -67.75 -62.12 -40.72
C ILE B 110 -68.74 -61.06 -41.17
N VAL B 111 -69.93 -61.49 -41.61
CA VAL B 111 -70.99 -60.54 -41.96
C VAL B 111 -71.42 -59.75 -40.74
N SER B 112 -71.59 -60.43 -39.60
CA SER B 112 -71.84 -59.72 -38.36
C SER B 112 -70.60 -59.03 -37.84
N PHE B 113 -69.42 -59.50 -38.22
CA PHE B 113 -68.19 -58.88 -37.74
C PHE B 113 -67.87 -57.63 -38.56
N THR B 114 -67.62 -57.80 -39.85
CA THR B 114 -67.28 -56.69 -40.73
C THR B 114 -68.46 -55.76 -40.98
N GLY B 115 -69.68 -56.19 -40.68
CA GLY B 115 -70.79 -55.26 -40.63
C GLY B 115 -70.72 -54.25 -39.52
N ARG B 116 -69.81 -54.42 -38.56
CA ARG B 116 -69.55 -53.44 -37.52
C ARG B 116 -68.21 -52.75 -37.66
N THR B 117 -67.20 -53.45 -38.17
CA THR B 117 -65.88 -52.85 -38.31
C THR B 117 -65.87 -51.79 -39.39
N SER B 118 -66.41 -52.12 -40.57
CA SER B 118 -66.58 -51.15 -41.63
C SER B 118 -67.59 -50.08 -41.24
N LYS B 119 -68.53 -50.42 -40.37
CA LYS B 119 -69.45 -49.44 -39.82
C LYS B 119 -68.74 -48.50 -38.85
N LEU B 120 -67.59 -48.92 -38.32
CA LEU B 120 -66.79 -48.04 -37.47
C LEU B 120 -65.85 -47.19 -38.29
N THR B 121 -65.32 -47.73 -39.40
CA THR B 121 -64.37 -46.98 -40.22
C THR B 121 -65.04 -45.80 -40.91
N ASN B 122 -66.34 -45.89 -41.17
CA ASN B 122 -67.09 -44.74 -41.62
C ASN B 122 -67.12 -43.66 -40.55
N LYS B 123 -67.19 -44.05 -39.29
CA LYS B 123 -67.39 -43.08 -38.23
C LYS B 123 -66.09 -42.34 -37.87
N ILE B 124 -64.95 -43.01 -38.01
CA ILE B 124 -63.69 -42.32 -37.76
C ILE B 124 -63.41 -41.28 -38.84
N SER B 125 -63.66 -41.64 -40.10
CA SER B 125 -63.44 -40.68 -41.19
C SER B 125 -64.44 -39.53 -41.15
N ASP B 126 -65.61 -39.74 -40.55
CA ASP B 126 -66.52 -38.63 -40.30
C ASP B 126 -66.07 -37.74 -39.16
N ILE B 127 -65.10 -38.18 -38.37
CA ILE B 127 -64.53 -37.34 -37.33
C ILE B 127 -63.18 -36.78 -37.74
N SER B 128 -62.36 -37.59 -38.40
CA SER B 128 -60.98 -37.22 -38.68
C SER B 128 -60.83 -36.17 -39.76
N ASP B 129 -61.91 -35.69 -40.37
CA ASP B 129 -61.82 -34.73 -41.46
C ASP B 129 -62.07 -33.29 -41.05
N MET B 130 -62.86 -33.07 -40.01
CA MET B 130 -63.32 -31.72 -39.68
C MET B 130 -62.22 -30.98 -38.96
N VAL B 131 -61.43 -30.23 -39.72
CA VAL B 131 -60.41 -29.37 -39.13
C VAL B 131 -61.07 -28.17 -38.48
N ILE B 132 -60.75 -27.92 -37.22
CA ILE B 132 -61.35 -26.82 -36.49
C ILE B 132 -60.29 -25.95 -35.84
N ALA B 133 -59.07 -26.44 -35.75
CA ALA B 133 -58.01 -25.62 -35.18
C ALA B 133 -57.42 -24.66 -36.19
N GLU B 134 -57.08 -25.16 -37.38
CA GLU B 134 -56.47 -24.33 -38.40
C GLU B 134 -57.45 -23.36 -39.05
N ARG B 135 -58.75 -23.52 -38.79
CA ARG B 135 -59.77 -22.61 -39.28
C ARG B 135 -60.02 -21.47 -38.32
N LEU B 136 -59.37 -21.48 -37.16
CA LEU B 136 -59.63 -20.47 -36.14
C LEU B 136 -58.39 -19.74 -35.68
N GLN B 137 -57.19 -20.10 -36.18
CA GLN B 137 -55.97 -19.48 -35.70
C GLN B 137 -55.90 -18.02 -36.12
N ASP B 138 -56.51 -17.67 -37.26
CA ASP B 138 -56.80 -16.27 -37.55
C ASP B 138 -57.74 -15.70 -36.50
N LEU B 139 -58.82 -16.43 -36.21
CA LEU B 139 -59.89 -15.89 -35.38
C LEU B 139 -59.49 -15.82 -33.92
N VAL B 140 -58.51 -16.63 -33.49
CA VAL B 140 -58.01 -16.49 -32.13
C VAL B 140 -57.15 -15.25 -32.01
N THR B 141 -56.13 -15.13 -32.85
CA THR B 141 -55.13 -14.08 -32.70
C THR B 141 -55.66 -12.69 -32.98
N GLN B 142 -56.73 -12.58 -33.76
CA GLN B 142 -57.39 -11.28 -33.91
C GLN B 142 -58.03 -10.85 -32.60
N THR B 143 -58.81 -11.75 -31.97
CA THR B 143 -59.40 -11.45 -30.67
C THR B 143 -58.34 -11.35 -29.59
N GLU B 144 -57.28 -12.15 -29.69
CA GLU B 144 -56.19 -12.07 -28.72
C GLU B 144 -55.46 -10.74 -28.81
N SER B 145 -55.37 -10.18 -30.02
CA SER B 145 -54.84 -8.83 -30.16
C SER B 145 -55.78 -7.81 -29.53
N GLN B 146 -57.10 -8.03 -29.68
CA GLN B 146 -58.10 -7.11 -29.13
C GLN B 146 -58.03 -7.03 -27.61
N LYS B 147 -57.66 -8.13 -26.97
CA LYS B 147 -57.43 -8.12 -25.53
C LYS B 147 -56.27 -7.21 -25.18
N THR B 148 -55.18 -7.28 -25.95
CA THR B 148 -54.04 -6.41 -25.74
C THR B 148 -54.29 -4.98 -26.21
N GLU B 149 -55.28 -4.78 -27.07
CA GLU B 149 -55.65 -3.43 -27.49
C GLU B 149 -56.17 -2.61 -26.32
N LEU B 150 -56.99 -3.22 -25.48
CA LEU B 150 -57.77 -2.46 -24.52
C LEU B 150 -57.08 -2.35 -23.18
N GLN B 151 -56.27 -3.33 -22.78
CA GLN B 151 -55.45 -3.16 -21.60
C GLN B 151 -54.35 -2.14 -21.81
N SER B 152 -53.95 -1.92 -23.07
CA SER B 152 -53.12 -0.78 -23.41
C SER B 152 -53.89 0.53 -23.43
N ASP B 153 -55.21 0.50 -23.29
CA ASP B 153 -56.00 1.70 -23.06
C ASP B 153 -56.40 1.87 -21.61
N ILE B 154 -56.31 0.81 -20.82
CA ILE B 154 -56.46 0.92 -19.37
C ILE B 154 -55.34 1.76 -18.78
N ASP B 155 -54.11 1.56 -19.27
CA ASP B 155 -52.95 2.24 -18.71
C ASP B 155 -52.97 3.77 -18.85
N PRO B 156 -53.44 4.39 -19.95
CA PRO B 156 -53.64 5.85 -19.87
C PRO B 156 -54.72 6.25 -18.89
N LYS B 157 -55.83 5.52 -18.84
CA LYS B 157 -56.96 5.93 -18.02
C LYS B 157 -56.69 5.69 -16.54
N THR B 158 -55.86 4.71 -16.20
CA THR B 158 -55.46 4.57 -14.81
C THR B 158 -54.45 5.63 -14.41
N GLU B 159 -53.66 6.13 -15.36
CA GLU B 159 -52.73 7.20 -15.05
C GLU B 159 -53.41 8.56 -15.06
N LYS B 160 -54.27 8.81 -16.05
CA LYS B 160 -54.97 10.10 -16.15
C LYS B 160 -55.89 10.31 -14.95
N ARG B 161 -56.51 9.24 -14.46
CA ARG B 161 -57.24 9.32 -13.21
C ARG B 161 -56.30 9.61 -12.05
N ASN B 162 -55.13 8.98 -12.05
CA ASN B 162 -54.18 9.18 -10.97
C ASN B 162 -53.48 10.54 -11.07
N LYS B 163 -53.44 11.13 -12.26
CA LYS B 163 -52.94 12.50 -12.37
C LYS B 163 -53.91 13.48 -11.72
N LEU B 164 -55.19 13.33 -11.99
CA LEU B 164 -56.20 14.26 -11.49
C LEU B 164 -56.49 14.08 -10.01
N ASP B 165 -56.01 13.00 -9.40
CA ASP B 165 -56.19 12.82 -7.96
C ASP B 165 -55.39 13.86 -7.19
N ALA B 166 -54.16 14.14 -7.63
CA ALA B 166 -53.37 15.15 -6.96
C ALA B 166 -53.88 16.55 -7.30
N ASP B 167 -54.28 16.76 -8.55
CA ASP B 167 -54.78 18.07 -8.96
C ASP B 167 -56.13 18.40 -8.37
N ARG B 168 -56.91 17.39 -7.99
CA ARG B 168 -58.04 17.65 -7.12
C ARG B 168 -57.59 18.12 -5.75
N GLU B 169 -56.66 17.40 -5.13
CA GLU B 169 -56.30 17.67 -3.75
C GLU B 169 -55.49 18.94 -3.59
N LYS B 170 -54.80 19.39 -4.64
CA LYS B 170 -54.16 20.70 -4.58
C LYS B 170 -55.18 21.82 -4.46
N ILE B 171 -56.34 21.65 -5.11
CA ILE B 171 -57.43 22.60 -4.91
C ILE B 171 -57.98 22.51 -3.50
N ILE B 172 -58.06 21.29 -2.96
CA ILE B 172 -58.58 21.07 -1.62
C ILE B 172 -57.68 21.71 -0.58
N GLU B 173 -56.36 21.61 -0.77
CA GLU B 173 -55.41 22.27 0.13
C GLU B 173 -55.54 23.79 0.06
N SER B 174 -55.79 24.32 -1.14
CA SER B 174 -56.03 25.74 -1.26
C SER B 174 -57.42 26.15 -0.81
N GLN B 175 -58.38 25.22 -0.82
CA GLN B 175 -59.67 25.54 -0.20
C GLN B 175 -59.60 25.51 1.31
N ASP B 176 -58.63 24.80 1.89
CA ASP B 176 -58.54 24.72 3.34
C ASP B 176 -58.05 26.02 3.95
N VAL B 177 -57.32 26.84 3.20
CA VAL B 177 -56.93 28.15 3.68
C VAL B 177 -58.15 29.05 3.84
N ILE B 178 -59.05 29.00 2.87
CA ILE B 178 -60.27 29.80 2.94
C ILE B 178 -61.23 29.17 3.93
N ARG B 179 -61.15 27.85 4.12
CA ARG B 179 -61.96 27.15 5.11
C ARG B 179 -61.61 27.58 6.54
N GLN B 180 -60.38 28.04 6.75
CA GLN B 180 -59.76 28.07 8.07
C GLN B 180 -60.46 29.03 9.02
N ASN B 181 -61.08 30.08 8.50
CA ASN B 181 -61.90 30.93 9.35
C ASN B 181 -63.38 30.59 9.19
N ASN B 182 -64.12 30.72 10.29
CA ASN B 182 -65.45 30.16 10.41
C ASN B 182 -66.50 31.18 10.02
N ILE B 183 -67.75 30.87 10.37
CA ILE B 183 -68.84 31.82 10.22
C ILE B 183 -68.65 33.00 11.15
N ALA B 184 -68.39 32.73 12.42
CA ALA B 184 -68.34 33.80 13.40
C ALA B 184 -66.95 34.39 13.59
N ASP B 185 -65.89 33.74 13.09
CA ASP B 185 -64.61 34.43 12.93
C ASP B 185 -64.78 35.62 12.00
N MET B 186 -65.53 35.42 10.93
CA MET B 186 -65.90 36.50 10.03
C MET B 186 -66.72 37.56 10.75
N PHE B 187 -67.71 37.13 11.54
CA PHE B 187 -68.47 38.08 12.35
C PHE B 187 -67.63 38.72 13.44
N LYS B 188 -66.60 38.03 13.92
CA LYS B 188 -65.68 38.65 14.86
C LYS B 188 -64.88 39.75 14.19
N ASP B 189 -64.61 39.60 12.89
CA ASP B 189 -63.86 40.62 12.18
C ASP B 189 -64.71 41.85 11.89
N PHE B 190 -66.02 41.69 11.72
CA PHE B 190 -66.85 42.85 11.37
C PHE B 190 -66.97 43.83 12.52
N ILE B 191 -66.95 43.35 13.75
CA ILE B 191 -66.78 44.28 14.86
C ILE B 191 -65.34 44.78 14.84
N PRO B 192 -65.11 46.08 14.91
CA PRO B 192 -63.73 46.60 14.86
C PRO B 192 -63.02 46.54 16.20
N SER B 193 -63.51 45.69 17.11
CA SER B 193 -62.90 45.42 18.41
C SER B 193 -61.41 45.09 18.30
N ALA B 194 -60.68 45.44 19.37
CA ALA B 194 -59.24 45.67 19.53
C ALA B 194 -58.80 46.97 18.83
N LYS B 195 -59.73 47.62 18.12
CA LYS B 195 -59.57 48.98 17.64
C LYS B 195 -60.85 49.77 17.79
N ASP B 196 -61.91 49.20 18.37
CA ASP B 196 -63.20 49.88 18.42
C ASP B 196 -63.23 50.88 19.56
N ILE B 197 -62.60 50.53 20.68
CA ILE B 197 -62.29 51.54 21.70
C ILE B 197 -61.37 52.59 21.09
N ASP B 198 -60.37 52.14 20.32
CA ASP B 198 -59.52 53.06 19.57
C ASP B 198 -60.30 53.77 18.47
N GLY B 199 -61.37 53.15 17.97
CA GLY B 199 -62.29 53.86 17.10
C GLY B 199 -63.03 54.99 17.79
N LEU B 200 -63.17 54.93 19.11
CA LEU B 200 -63.68 56.05 19.89
C LEU B 200 -62.63 56.72 20.75
N ASP B 201 -61.39 56.20 20.77
CA ASP B 201 -60.32 56.94 21.44
C ASP B 201 -59.81 58.08 20.56
N PHE B 202 -59.48 57.78 19.30
CA PHE B 202 -58.97 58.79 18.39
C PHE B 202 -60.06 59.74 17.90
N THR B 203 -61.33 59.41 18.09
CA THR B 203 -62.45 60.20 17.62
C THR B 203 -63.28 60.73 18.79
N GLN B 204 -62.60 61.22 19.83
CA GLN B 204 -63.32 61.85 20.94
C GLN B 204 -63.87 63.23 20.62
N PRO B 205 -63.14 64.18 19.99
CA PRO B 205 -63.79 65.46 19.65
C PRO B 205 -64.76 65.39 18.48
N LYS B 206 -64.84 64.27 17.77
CA LYS B 206 -65.72 64.13 16.62
C LYS B 206 -67.13 63.70 17.01
N LYS B 207 -67.50 63.79 18.29
CA LYS B 207 -68.86 63.46 18.70
C LYS B 207 -69.86 64.49 18.20
N GLU B 208 -69.41 65.72 17.96
CA GLU B 208 -70.22 66.70 17.24
C GLU B 208 -70.21 66.44 15.74
N ALA B 209 -69.23 65.69 15.25
CA ALA B 209 -69.12 65.43 13.81
C ALA B 209 -69.96 64.22 13.43
N ILE B 210 -70.73 64.36 12.35
CA ILE B 210 -71.44 63.22 11.78
C ILE B 210 -70.44 62.24 11.17
N LYS B 211 -69.32 62.77 10.66
CA LYS B 211 -68.30 62.00 9.95
C LYS B 211 -67.51 61.05 10.83
N GLN B 212 -67.70 61.07 12.15
CA GLN B 212 -67.15 60.03 13.01
C GLN B 212 -67.73 58.67 12.66
N ALA B 213 -69.03 58.63 12.33
CA ALA B 213 -69.65 57.38 11.90
C ALA B 213 -69.18 56.95 10.53
N ILE B 214 -68.73 57.90 9.71
CA ILE B 214 -68.10 57.53 8.43
C ILE B 214 -66.75 56.89 8.67
N LYS B 215 -66.00 57.42 9.65
CA LYS B 215 -64.77 56.78 10.11
C LYS B 215 -65.07 55.39 10.67
N GLN B 216 -66.16 55.27 11.42
CA GLN B 216 -66.69 53.96 11.78
C GLN B 216 -67.11 53.17 10.54
N GLY B 217 -67.81 53.83 9.63
CA GLY B 217 -68.28 53.17 8.42
C GLY B 217 -67.22 52.85 7.40
N ALA B 218 -66.00 53.36 7.59
CA ALA B 218 -64.94 53.17 6.61
C ALA B 218 -64.42 51.74 6.60
N GLU B 219 -63.93 51.27 7.75
CA GLU B 219 -63.25 49.99 7.79
C GLU B 219 -64.22 48.82 7.65
N ILE B 220 -65.46 49.00 8.10
CA ILE B 220 -66.45 47.96 7.89
C ILE B 220 -66.80 47.84 6.41
N ALA B 221 -66.79 48.97 5.68
CA ALA B 221 -67.00 48.90 4.25
C ALA B 221 -65.80 48.31 3.53
N ARG B 222 -64.61 48.38 4.13
CA ARG B 222 -63.47 47.67 3.57
C ARG B 222 -63.62 46.18 3.76
N LYS B 223 -63.75 45.75 5.01
CA LYS B 223 -63.60 44.35 5.36
C LYS B 223 -64.77 43.51 4.89
N ILE B 224 -65.91 44.15 4.59
CA ILE B 224 -67.00 43.42 3.95
C ILE B 224 -66.61 43.02 2.53
N LEU B 225 -65.77 43.82 1.87
CA LEU B 225 -65.37 43.49 0.51
C LEU B 225 -64.24 42.48 0.47
N GLY B 226 -63.31 42.56 1.43
CA GLY B 226 -62.18 41.64 1.47
C GLY B 226 -62.60 40.21 1.71
N LYS B 227 -63.69 40.02 2.44
CA LYS B 227 -64.18 38.66 2.65
C LYS B 227 -64.98 38.17 1.44
N VAL B 228 -65.53 39.10 0.64
CA VAL B 228 -66.19 38.70 -0.60
C VAL B 228 -65.18 38.12 -1.58
N SER B 229 -64.08 38.84 -1.80
CA SER B 229 -63.09 38.42 -2.78
C SER B 229 -62.38 37.15 -2.38
N GLU B 230 -62.16 36.97 -1.07
CA GLU B 230 -61.61 35.71 -0.58
C GLU B 230 -62.54 34.56 -0.90
N GLY B 231 -63.84 34.76 -0.68
CA GLY B 231 -64.81 33.78 -1.13
C GLY B 231 -65.01 33.77 -2.62
N LEU B 232 -64.72 34.87 -3.30
CA LEU B 232 -64.86 34.86 -4.74
C LEU B 232 -63.71 34.12 -5.39
N LYS B 233 -62.54 34.11 -4.74
CA LYS B 233 -61.50 33.17 -5.10
C LYS B 233 -61.98 31.74 -4.93
N TYR B 234 -62.66 31.49 -3.81
CA TYR B 234 -63.21 30.17 -3.48
C TYR B 234 -64.28 29.73 -4.46
N ILE B 235 -64.94 30.67 -5.14
CA ILE B 235 -65.87 30.31 -6.20
C ILE B 235 -65.13 29.72 -7.39
N ASP B 236 -64.15 30.46 -7.91
CA ASP B 236 -63.39 29.96 -9.07
C ASP B 236 -62.51 28.78 -8.69
N LEU B 237 -62.15 28.67 -7.42
CA LEU B 237 -61.38 27.52 -6.97
C LEU B 237 -62.24 26.27 -6.95
N ALA B 238 -63.50 26.39 -6.53
CA ALA B 238 -64.38 25.24 -6.47
C ALA B 238 -64.84 24.83 -7.85
N ASP B 239 -65.13 25.79 -8.72
CA ASP B 239 -65.66 25.48 -10.05
C ASP B 239 -64.63 24.80 -10.92
N ALA B 240 -63.34 25.04 -10.67
CA ALA B 240 -62.32 24.21 -11.27
C ALA B 240 -62.44 22.79 -10.76
N ARG B 241 -62.53 22.61 -9.44
CA ARG B 241 -62.62 21.29 -8.83
C ARG B 241 -63.91 20.60 -9.18
N MET B 242 -65.00 21.38 -9.26
CA MET B 242 -66.27 20.85 -9.73
C MET B 242 -66.15 20.31 -11.14
N LYS B 243 -65.40 21.02 -11.99
CA LYS B 243 -65.09 20.48 -13.31
C LYS B 243 -64.08 19.36 -13.22
N LEU B 244 -63.13 19.46 -12.29
CA LEU B 244 -62.06 18.47 -12.22
C LEU B 244 -62.57 17.15 -11.67
N SER B 245 -63.58 17.20 -10.81
CA SER B 245 -64.21 15.97 -10.35
C SER B 245 -64.98 15.30 -11.47
N ASP B 246 -65.60 16.09 -12.36
CA ASP B 246 -66.38 15.54 -13.45
C ASP B 246 -65.50 14.86 -14.48
N GLN B 247 -64.24 15.27 -14.58
CA GLN B 247 -63.28 14.57 -15.42
C GLN B 247 -63.07 13.14 -14.93
N ILE B 248 -62.91 12.97 -13.62
CA ILE B 248 -62.71 11.64 -13.06
C ILE B 248 -64.00 10.84 -13.15
N ASP B 249 -65.15 11.51 -13.09
CA ASP B 249 -66.44 10.83 -13.22
C ASP B 249 -66.61 10.22 -14.61
N GLN B 250 -66.13 10.93 -15.64
CA GLN B 250 -66.10 10.34 -16.97
C GLN B 250 -65.07 9.22 -17.03
N LEU B 251 -63.90 9.43 -16.43
CA LEU B 251 -62.79 8.48 -16.52
C LEU B 251 -63.14 7.15 -15.85
N ILE B 252 -63.80 7.18 -14.70
CA ILE B 252 -64.25 5.94 -14.07
C ILE B 252 -65.33 5.28 -14.90
N THR B 253 -66.18 6.09 -15.53
CA THR B 253 -67.20 5.55 -16.43
C THR B 253 -66.57 4.97 -17.69
N GLU B 254 -65.58 5.64 -18.25
CA GLU B 254 -64.94 5.16 -19.46
C GLU B 254 -64.07 3.93 -19.22
N THR B 255 -63.55 3.75 -18.00
CA THR B 255 -62.79 2.54 -17.72
C THR B 255 -63.68 1.31 -17.69
N ASP B 256 -64.75 1.35 -16.89
CA ASP B 256 -65.55 0.15 -16.67
C ASP B 256 -66.36 -0.21 -17.90
N GLU B 257 -66.71 0.78 -18.72
CA GLU B 257 -67.25 0.49 -20.03
C GLU B 257 -66.23 -0.24 -20.89
N LEU B 258 -64.98 0.22 -20.83
CA LEU B 258 -63.92 -0.48 -21.53
C LEU B 258 -63.51 -1.76 -20.81
N LYS B 259 -63.65 -1.80 -19.48
CA LYS B 259 -63.37 -3.03 -18.76
C LYS B 259 -64.49 -4.03 -18.97
N ALA B 260 -65.67 -3.58 -19.37
CA ALA B 260 -66.68 -4.51 -19.85
C ALA B 260 -66.31 -5.10 -21.20
N LYS B 261 -65.48 -4.41 -21.99
CA LYS B 261 -65.11 -4.94 -23.29
C LYS B 261 -64.14 -6.10 -23.18
N ILE B 262 -63.15 -6.00 -22.28
CA ILE B 262 -62.22 -7.10 -22.10
C ILE B 262 -62.88 -8.30 -21.46
N ARG B 263 -64.01 -8.10 -20.79
CA ARG B 263 -64.81 -9.23 -20.33
C ARG B 263 -65.30 -10.07 -21.50
N GLU B 264 -65.87 -9.42 -22.51
CA GLU B 264 -66.42 -10.14 -23.66
C GLU B 264 -65.33 -10.78 -24.50
N VAL B 265 -64.17 -10.14 -24.58
CA VAL B 265 -63.04 -10.71 -25.30
C VAL B 265 -62.54 -11.96 -24.58
N GLU B 266 -62.34 -11.85 -23.27
CA GLU B 266 -61.91 -12.99 -22.48
C GLU B 266 -62.97 -14.08 -22.44
N LEU B 267 -64.25 -13.70 -22.44
CA LEU B 267 -65.31 -14.68 -22.57
C LEU B 267 -65.27 -15.35 -23.92
N ARG B 268 -64.85 -14.63 -24.96
CA ARG B 268 -64.72 -15.24 -26.26
C ARG B 268 -63.47 -16.08 -26.34
N LEU B 269 -62.33 -15.52 -25.93
CA LEU B 269 -61.04 -16.19 -26.07
C LEU B 269 -60.96 -17.47 -25.27
N SER B 270 -61.54 -17.47 -24.06
CA SER B 270 -61.63 -18.70 -23.29
C SER B 270 -62.55 -19.71 -23.97
N GLY B 271 -63.61 -19.24 -24.63
CA GLY B 271 -64.45 -20.13 -25.41
C GLY B 271 -63.72 -20.68 -26.63
N LEU B 272 -62.83 -19.88 -27.21
CA LEU B 272 -62.10 -20.33 -28.39
C LEU B 272 -60.99 -21.30 -28.03
N LYS B 273 -60.32 -21.07 -26.89
CA LYS B 273 -59.30 -22.01 -26.44
C LYS B 273 -59.92 -23.34 -26.03
N ASP B 274 -61.18 -23.32 -25.63
CA ASP B 274 -61.91 -24.56 -25.41
C ASP B 274 -62.06 -25.34 -26.70
N VAL B 275 -62.30 -24.63 -27.81
CA VAL B 275 -62.39 -25.30 -29.10
C VAL B 275 -61.00 -25.78 -29.54
N MET B 276 -59.95 -25.04 -29.18
CA MET B 276 -58.60 -25.44 -29.54
C MET B 276 -58.16 -26.70 -28.79
N GLN B 277 -58.71 -26.94 -27.61
CA GLN B 277 -58.39 -28.17 -26.90
C GLN B 277 -59.12 -29.38 -27.48
N ILE B 278 -60.20 -29.16 -28.22
CA ILE B 278 -60.96 -30.26 -28.80
C ILE B 278 -60.11 -31.02 -29.81
N ASP B 279 -59.36 -30.28 -30.63
CA ASP B 279 -58.52 -30.93 -31.63
C ASP B 279 -57.38 -31.69 -30.98
N THR B 280 -56.91 -31.25 -29.82
CA THR B 280 -55.85 -31.97 -29.12
C THR B 280 -56.36 -33.31 -28.61
N GLU B 281 -57.57 -33.34 -28.06
CA GLU B 281 -58.14 -34.60 -27.64
C GLU B 281 -58.81 -35.36 -28.77
N ARG B 282 -59.06 -34.71 -29.91
CA ARG B 282 -59.51 -35.46 -31.08
C ARG B 282 -58.39 -36.34 -31.61
N THR B 283 -57.14 -35.88 -31.49
CA THR B 283 -56.02 -36.71 -31.88
C THR B 283 -55.84 -37.91 -30.96
N THR B 284 -55.95 -37.68 -29.65
CA THR B 284 -55.82 -38.80 -28.70
C THR B 284 -56.98 -39.77 -28.82
N LEU B 285 -58.15 -39.28 -29.23
CA LEU B 285 -59.26 -40.16 -29.54
C LEU B 285 -58.97 -40.99 -30.79
N LEU B 286 -58.52 -40.34 -31.85
CA LEU B 286 -58.48 -41.04 -33.13
C LEU B 286 -57.24 -41.93 -33.25
N THR B 287 -56.07 -41.44 -32.84
CA THR B 287 -54.85 -42.23 -32.94
C THR B 287 -54.91 -43.48 -32.09
N GLU B 288 -55.69 -43.45 -31.02
CA GLU B 288 -56.02 -44.69 -30.34
C GLU B 288 -57.00 -45.52 -31.15
N ALA B 289 -58.04 -44.90 -31.71
CA ALA B 289 -59.04 -45.65 -32.46
C ALA B 289 -58.55 -46.09 -33.83
N VAL B 290 -57.52 -45.44 -34.38
CA VAL B 290 -56.88 -45.95 -35.60
C VAL B 290 -56.20 -47.28 -35.32
N LYS B 291 -55.61 -47.43 -34.12
CA LYS B 291 -55.00 -48.69 -33.72
C LYS B 291 -56.01 -49.82 -33.58
N ILE B 292 -57.29 -49.48 -33.45
CA ILE B 292 -58.32 -50.48 -33.26
C ILE B 292 -58.91 -50.95 -34.58
N GLU B 293 -59.02 -50.05 -35.57
CA GLU B 293 -59.44 -50.43 -36.92
C GLU B 293 -58.55 -51.49 -37.53
N GLN B 294 -57.25 -51.42 -37.25
CA GLN B 294 -56.30 -52.40 -37.78
C GLN B 294 -56.64 -53.80 -37.27
N VAL B 295 -56.72 -53.96 -35.96
CA VAL B 295 -56.98 -55.28 -35.39
C VAL B 295 -58.42 -55.73 -35.55
N TRP B 296 -59.31 -54.86 -36.03
CA TRP B 296 -60.56 -55.40 -36.55
C TRP B 296 -60.34 -56.00 -37.93
N ILE B 297 -59.67 -55.26 -38.81
CA ILE B 297 -59.54 -55.68 -40.21
C ILE B 297 -58.51 -56.78 -40.36
N SER B 298 -57.35 -56.63 -39.72
CA SER B 298 -56.28 -57.61 -39.84
C SER B 298 -56.68 -58.96 -39.25
N PHE B 299 -57.57 -58.96 -38.28
CA PHE B 299 -58.24 -60.20 -37.88
C PHE B 299 -59.13 -60.71 -39.00
N ALA B 300 -60.06 -59.86 -39.46
CA ALA B 300 -61.10 -60.30 -40.40
C ALA B 300 -60.52 -60.69 -41.75
N GLU B 301 -59.42 -60.06 -42.16
CA GLU B 301 -58.70 -60.51 -43.35
C GLU B 301 -58.09 -61.87 -43.11
N GLN B 302 -57.44 -62.06 -41.96
CA GLN B 302 -56.86 -63.35 -41.63
C GLN B 302 -57.95 -64.39 -41.36
N LEU B 303 -59.10 -63.96 -40.86
CA LEU B 303 -60.17 -64.90 -40.61
C LEU B 303 -60.84 -65.32 -41.92
N HIS B 304 -61.00 -64.39 -42.86
CA HIS B 304 -61.51 -64.78 -44.16
C HIS B 304 -60.48 -65.53 -44.99
N LYS B 305 -59.20 -65.40 -44.64
CA LYS B 305 -58.17 -66.24 -45.24
C LYS B 305 -58.39 -67.71 -44.87
N LEU B 306 -58.85 -67.97 -43.65
CA LEU B 306 -59.09 -69.35 -43.26
C LEU B 306 -60.40 -69.87 -43.85
N SER B 307 -61.36 -68.98 -44.13
CA SER B 307 -62.60 -69.38 -44.77
C SER B 307 -62.43 -69.74 -46.23
N ASN B 308 -61.26 -69.46 -46.81
CA ASN B 308 -60.95 -69.98 -48.14
C ASN B 308 -60.73 -71.49 -48.08
N ASP B 309 -59.85 -71.95 -47.20
CA ASP B 309 -59.47 -73.35 -47.16
C ASP B 309 -60.51 -74.21 -46.44
N GLU B 310 -61.19 -73.65 -45.44
CA GLU B 310 -62.26 -74.30 -44.68
C GLU B 310 -61.79 -75.57 -43.99
N ILE B 311 -60.57 -75.55 -43.50
CA ILE B 311 -59.99 -76.69 -42.81
C ILE B 311 -60.41 -76.61 -41.36
N ASN B 312 -60.57 -77.77 -40.72
CA ASN B 312 -61.01 -77.89 -39.34
C ASN B 312 -59.86 -77.82 -38.34
N GLN B 313 -58.80 -77.08 -38.68
CA GLN B 313 -57.65 -76.90 -37.80
C GLN B 313 -58.05 -76.24 -36.49
N GLN B 314 -57.22 -76.45 -35.48
CA GLN B 314 -57.41 -75.80 -34.21
C GLN B 314 -56.41 -74.67 -34.01
N ASP B 315 -55.61 -74.39 -35.04
CA ASP B 315 -54.96 -73.09 -35.14
C ASP B 315 -55.98 -72.00 -35.42
N LEU B 316 -57.09 -72.37 -36.06
CA LEU B 316 -58.28 -71.52 -36.15
C LEU B 316 -58.71 -71.04 -34.77
N SER B 317 -59.05 -71.98 -33.87
CA SER B 317 -59.46 -71.62 -32.53
C SER B 317 -58.32 -71.05 -31.72
N ASN B 318 -57.06 -71.34 -32.08
CA ASN B 318 -55.94 -70.61 -31.51
C ASN B 318 -55.92 -69.18 -32.01
N LEU B 319 -56.28 -68.95 -33.28
CA LEU B 319 -56.28 -67.59 -33.80
C LEU B 319 -57.45 -66.80 -33.26
N ILE B 320 -58.57 -67.45 -32.96
CA ILE B 320 -59.67 -66.75 -32.31
C ILE B 320 -59.28 -66.38 -30.89
N ASN B 321 -58.52 -67.26 -30.23
CA ASN B 321 -58.23 -67.13 -28.80
C ASN B 321 -57.40 -65.90 -28.51
N GLY B 322 -56.44 -65.58 -29.39
CA GLY B 322 -55.69 -64.35 -29.23
C GLY B 322 -56.55 -63.12 -29.46
N GLN B 323 -57.47 -63.21 -30.43
CA GLN B 323 -58.42 -62.13 -30.66
C GLN B 323 -59.44 -62.05 -29.55
N LEU B 324 -59.97 -63.20 -29.11
CA LEU B 324 -61.02 -63.21 -28.11
C LEU B 324 -60.49 -62.74 -26.76
N ASP B 325 -59.23 -63.04 -26.46
CA ASP B 325 -58.62 -62.50 -25.24
C ASP B 325 -58.41 -61.00 -25.36
N PHE B 326 -57.92 -60.55 -26.53
CA PHE B 326 -57.76 -59.13 -26.80
C PHE B 326 -59.08 -58.39 -26.70
N LEU B 327 -60.15 -58.97 -27.25
CA LEU B 327 -61.46 -58.37 -27.12
C LEU B 327 -61.90 -58.40 -25.67
N ASN B 328 -61.65 -59.50 -24.96
CA ASN B 328 -61.98 -59.57 -23.54
C ASN B 328 -61.09 -58.64 -22.72
N ASN B 329 -59.84 -58.45 -23.16
CA ASN B 329 -59.00 -57.40 -22.58
C ASN B 329 -59.65 -56.04 -22.78
N LEU B 330 -60.21 -55.81 -23.96
CA LEU B 330 -60.75 -54.51 -24.27
C LEU B 330 -62.10 -54.28 -23.61
N THR B 331 -62.84 -55.37 -23.31
CA THR B 331 -64.03 -55.22 -22.48
C THR B 331 -63.69 -54.83 -21.06
N LEU B 332 -62.49 -55.21 -20.61
CA LEU B 332 -62.17 -55.12 -19.19
C LEU B 332 -61.94 -53.69 -18.74
N GLN B 333 -61.27 -52.88 -19.58
CA GLN B 333 -61.00 -51.51 -19.15
C GLN B 333 -62.27 -50.68 -19.13
N TYR B 334 -63.26 -51.03 -19.96
CA TYR B 334 -64.57 -50.40 -19.79
C TYR B 334 -65.24 -50.85 -18.50
N ASN B 335 -64.99 -52.08 -18.08
CA ASN B 335 -65.55 -52.54 -16.83
C ASN B 335 -64.72 -52.12 -15.64
N LYS B 336 -63.43 -51.88 -15.83
CA LYS B 336 -62.57 -51.35 -14.79
C LYS B 336 -62.37 -49.84 -14.97
N LEU B 337 -63.29 -49.18 -15.68
CA LEU B 337 -63.18 -47.74 -15.87
C LEU B 337 -63.44 -47.00 -14.57
N LYS B 338 -64.41 -47.49 -13.80
CA LYS B 338 -64.51 -47.26 -12.35
C LYS B 338 -64.69 -45.81 -11.94
N TYR C 1 -1.58 -62.54 54.44
CA TYR C 1 -1.22 -61.55 55.46
C TYR C 1 -0.67 -60.22 54.92
N PRO C 2 -1.28 -59.65 53.86
CA PRO C 2 -0.54 -58.71 53.00
C PRO C 2 -0.19 -57.34 53.60
N GLU C 3 -1.17 -56.59 54.10
CA GLU C 3 -0.94 -55.19 54.48
C GLU C 3 -2.08 -54.68 55.34
N ILE C 4 -1.78 -54.22 56.55
CA ILE C 4 -2.79 -53.69 57.46
C ILE C 4 -2.22 -52.41 58.07
N ASN C 5 -2.79 -51.27 57.73
CA ASN C 5 -2.32 -49.96 58.17
C ASN C 5 -3.28 -49.45 59.24
N ILE C 6 -3.05 -49.84 60.49
CA ILE C 6 -3.98 -49.42 61.54
C ILE C 6 -3.79 -47.96 61.93
N LYS C 7 -2.72 -47.32 61.46
CA LYS C 7 -2.61 -45.88 61.57
C LYS C 7 -3.72 -45.19 60.80
N ALA C 8 -4.10 -45.75 59.65
CA ALA C 8 -5.26 -45.26 58.92
C ALA C 8 -6.57 -45.69 59.56
N MET C 9 -6.53 -46.69 60.43
CA MET C 9 -7.71 -47.28 61.03
C MET C 9 -8.04 -46.70 62.39
N ASN C 10 -7.06 -46.69 63.29
CA ASN C 10 -7.29 -46.17 64.63
C ASN C 10 -7.48 -44.66 64.61
N GLN C 11 -7.02 -43.98 63.57
CA GLN C 11 -7.50 -42.63 63.30
C GLN C 11 -8.96 -42.66 62.90
N ALA C 12 -9.31 -43.56 61.98
CA ALA C 12 -10.67 -43.60 61.43
C ALA C 12 -11.68 -44.05 62.47
N VAL C 13 -11.28 -44.92 63.41
CA VAL C 13 -12.13 -45.21 64.55
C VAL C 13 -12.33 -43.96 65.39
N ASN C 14 -11.25 -43.23 65.62
CA ASN C 14 -11.31 -42.09 66.53
C ASN C 14 -12.09 -40.94 65.91
N THR C 15 -11.98 -40.76 64.59
CA THR C 15 -12.73 -39.69 63.94
C THR C 15 -14.22 -39.98 63.90
N ILE C 16 -14.60 -41.24 63.79
CA ILE C 16 -16.01 -41.61 63.86
C ILE C 16 -16.58 -41.28 65.24
N TRP C 17 -15.81 -41.55 66.30
CA TRP C 17 -16.22 -41.06 67.61
C TRP C 17 -16.15 -39.55 67.68
N LEU C 18 -15.18 -38.95 66.98
CA LEU C 18 -15.08 -37.50 66.97
C LEU C 18 -16.23 -36.87 66.23
N LEU C 19 -16.60 -37.43 65.07
CA LEU C 19 -17.72 -36.88 64.33
C LEU C 19 -19.07 -37.24 64.93
N ALA C 20 -19.11 -38.19 65.88
CA ALA C 20 -20.36 -38.54 66.52
C ALA C 20 -20.85 -37.41 67.41
N GLN C 21 -19.98 -36.91 68.28
CA GLN C 21 -20.35 -35.81 69.14
C GLN C 21 -20.41 -34.49 68.39
N ARG C 22 -19.69 -34.38 67.27
CA ARG C 22 -19.54 -33.11 66.58
C ARG C 22 -20.78 -32.76 65.76
N GLN C 23 -21.52 -33.77 65.29
CA GLN C 23 -22.55 -33.55 64.26
C GLN C 23 -23.70 -32.70 64.79
N THR C 24 -24.20 -31.82 63.93
CA THR C 24 -25.19 -30.82 64.27
C THR C 24 -26.37 -30.91 63.33
N SER C 25 -26.88 -32.13 63.14
CA SER C 25 -28.01 -32.34 62.25
C SER C 25 -29.28 -31.72 62.79
N GLY C 26 -29.46 -31.74 64.11
CA GLY C 26 -30.68 -31.22 64.69
C GLY C 26 -31.88 -32.10 64.43
N ILE C 27 -31.67 -33.40 64.32
CA ILE C 27 -32.74 -34.35 64.09
C ILE C 27 -32.52 -35.51 65.07
N GLU C 28 -33.57 -36.26 65.33
CA GLU C 28 -33.61 -37.18 66.45
C GLU C 28 -33.32 -38.62 66.08
N ILE C 29 -33.15 -38.93 64.80
CA ILE C 29 -33.01 -40.30 64.34
C ILE C 29 -31.62 -40.57 63.80
N ILE C 30 -31.01 -39.58 63.14
CA ILE C 30 -29.56 -39.62 62.91
C ILE C 30 -28.83 -39.59 64.24
N ASN C 31 -29.41 -38.92 65.24
CA ASN C 31 -28.82 -38.81 66.57
C ASN C 31 -28.74 -40.17 67.26
N ASP C 32 -29.60 -41.13 66.89
CA ASP C 32 -29.41 -42.50 67.33
C ASP C 32 -29.09 -43.41 66.15
N LYS C 33 -28.81 -42.85 64.98
CA LYS C 33 -28.08 -43.64 64.00
C LYS C 33 -26.60 -43.65 64.32
N VAL C 34 -26.03 -42.47 64.55
CA VAL C 34 -24.59 -42.34 64.70
C VAL C 34 -24.15 -42.91 66.04
N LYS C 35 -24.97 -42.73 67.07
CA LYS C 35 -24.67 -43.23 68.41
C LYS C 35 -24.54 -44.75 68.42
N ARG C 36 -25.35 -45.42 67.61
CA ARG C 36 -25.25 -46.87 67.50
C ARG C 36 -24.05 -47.27 66.63
N ILE C 37 -23.72 -46.46 65.64
CA ILE C 37 -22.55 -46.75 64.82
C ILE C 37 -21.28 -46.53 65.62
N SER C 38 -21.22 -45.42 66.32
CA SER C 38 -19.97 -45.00 66.94
C SER C 38 -19.64 -45.85 68.16
N ALA C 39 -20.67 -46.24 68.93
CA ALA C 39 -20.44 -47.10 70.07
C ALA C 39 -20.03 -48.51 69.65
N TYR C 40 -20.36 -48.92 68.43
CA TYR C 40 -19.77 -50.13 67.89
C TYR C 40 -18.29 -49.93 67.61
N SER C 41 -17.95 -48.85 66.91
CA SER C 41 -16.61 -48.68 66.38
C SER C 41 -15.58 -48.48 67.50
N ARG C 42 -15.98 -47.77 68.56
CA ARG C 42 -15.12 -47.67 69.73
C ARG C 42 -14.92 -49.03 70.38
N GLU C 43 -16.01 -49.78 70.57
CA GLU C 43 -15.89 -51.14 71.07
C GLU C 43 -15.22 -52.07 70.08
N PHE C 44 -15.25 -51.73 68.79
CA PHE C 44 -14.53 -52.53 67.82
C PHE C 44 -13.03 -52.37 67.97
N ASP C 45 -12.57 -51.15 68.26
CA ASP C 45 -11.14 -50.94 68.45
C ASP C 45 -10.67 -51.59 69.74
N GLU C 46 -11.48 -51.50 70.79
CA GLU C 46 -11.15 -52.12 72.08
C GLU C 46 -11.07 -53.63 71.94
N MET C 47 -12.07 -54.22 71.30
CA MET C 47 -12.14 -55.67 71.21
C MET C 47 -11.10 -56.22 70.24
N MET C 48 -10.61 -55.39 69.31
CA MET C 48 -9.50 -55.85 68.49
C MET C 48 -8.21 -55.85 69.28
N ARG C 49 -7.95 -54.79 70.03
CA ARG C 49 -6.76 -54.72 70.87
C ARG C 49 -6.78 -55.80 71.95
N ASP C 50 -7.95 -56.06 72.52
CA ASP C 50 -8.06 -57.10 73.53
C ASP C 50 -7.85 -58.47 72.93
N SER C 51 -8.37 -58.69 71.72
CA SER C 51 -8.04 -59.92 71.00
C SER C 51 -6.59 -59.93 70.57
N LEU C 52 -6.02 -58.76 70.31
CA LEU C 52 -4.61 -58.69 69.98
C LEU C 52 -3.75 -58.99 71.20
N ALA C 53 -4.21 -58.59 72.39
CA ALA C 53 -3.44 -58.84 73.60
C ALA C 53 -3.67 -60.24 74.14
N GLN C 54 -4.86 -60.82 73.95
CA GLN C 54 -5.13 -62.14 74.51
C GLN C 54 -4.75 -63.27 73.58
N LEU C 55 -4.14 -62.99 72.44
CA LEU C 55 -3.70 -64.03 71.53
C LEU C 55 -2.21 -64.11 71.33
N ALA C 56 -1.47 -63.04 71.63
CA ALA C 56 0.00 -63.11 71.60
C ALA C 56 0.58 -64.10 72.60
N PRO C 57 0.19 -64.16 73.89
CA PRO C 57 0.86 -65.14 74.76
C PRO C 57 0.42 -66.56 74.51
N VAL C 58 -0.79 -66.79 74.00
CA VAL C 58 -1.26 -68.15 73.85
C VAL C 58 -0.62 -68.83 72.64
N LEU C 59 -0.10 -68.05 71.68
CA LEU C 59 0.63 -68.66 70.59
C LEU C 59 2.00 -69.15 71.03
N LYS C 60 2.68 -68.38 71.87
CA LYS C 60 4.00 -68.78 72.36
C LYS C 60 3.92 -69.98 73.30
N GLN C 61 2.75 -70.24 73.88
CA GLN C 61 2.54 -71.49 74.60
C GLN C 61 2.60 -72.70 73.69
N LEU C 62 2.34 -72.50 72.39
CA LEU C 62 2.38 -73.60 71.44
C LEU C 62 3.74 -73.75 70.79
N THR C 63 4.50 -72.66 70.64
CA THR C 63 5.78 -72.73 69.97
C THR C 63 6.82 -73.43 70.83
N SER C 64 7.12 -72.86 72.00
CA SER C 64 8.17 -73.36 72.86
C SER C 64 7.66 -74.32 73.92
N ASP C 65 6.62 -75.09 73.60
CA ASP C 65 6.11 -76.10 74.52
C ASP C 65 7.16 -77.18 74.75
N ALA C 66 7.85 -77.60 73.69
CA ALA C 66 9.01 -78.50 73.70
C ALA C 66 8.70 -79.86 74.33
N ALA C 67 7.43 -80.26 74.35
CA ALA C 67 7.06 -81.56 74.88
C ALA C 67 7.36 -82.69 73.90
N PHE C 68 7.46 -82.37 72.61
CA PHE C 68 7.93 -83.35 71.64
C PHE C 68 9.40 -83.69 71.86
N GLN C 69 10.17 -82.74 72.41
CA GLN C 69 11.54 -83.05 72.80
C GLN C 69 11.58 -84.00 73.98
N THR C 70 10.60 -83.92 74.87
CA THR C 70 10.51 -84.90 75.95
C THR C 70 10.05 -86.24 75.43
N ILE C 71 9.29 -86.26 74.32
CA ILE C 71 9.00 -87.50 73.63
C ILE C 71 10.26 -88.07 73.01
N ALA C 72 11.15 -87.20 72.53
CA ALA C 72 12.43 -87.64 72.00
C ALA C 72 13.34 -88.22 73.08
N GLN C 73 13.14 -87.80 74.33
CA GLN C 73 13.80 -88.48 75.45
C GLN C 73 13.23 -89.87 75.66
N ILE C 74 11.94 -90.04 75.41
CA ILE C 74 11.34 -91.37 75.49
C ILE C 74 11.74 -92.20 74.27
N ASP C 75 12.00 -91.54 73.14
CA ASP C 75 12.38 -92.25 71.92
C ASP C 75 13.75 -92.89 72.04
N GLU C 76 14.65 -92.30 72.81
CA GLU C 76 15.89 -92.99 73.15
C GLU C 76 15.71 -94.03 74.25
N ALA C 77 14.58 -93.99 74.97
CA ALA C 77 14.32 -94.95 76.03
C ALA C 77 13.42 -96.09 75.59
N LEU C 78 12.81 -96.01 74.40
CA LEU C 78 11.94 -97.08 73.94
C LEU C 78 12.67 -98.09 73.05
N ALA C 79 13.18 -97.64 71.90
CA ALA C 79 13.73 -98.58 70.93
C ALA C 79 15.18 -98.91 71.24
N ASP C 80 15.95 -97.91 71.63
CA ASP C 80 17.40 -98.03 71.77
C ASP C 80 17.88 -98.98 72.87
N PRO C 81 17.19 -99.15 74.01
CA PRO C 81 17.52 -100.32 74.84
C PRO C 81 16.63 -101.51 74.55
N SER C 82 17.16 -102.69 74.82
CA SER C 82 16.35 -103.91 74.91
C SER C 82 15.65 -103.85 76.26
N LEU C 83 14.52 -103.16 76.27
CA LEU C 83 13.95 -102.59 77.47
C LEU C 83 12.81 -103.47 77.98
N SER C 84 12.51 -103.32 79.26
CA SER C 84 11.44 -104.08 79.90
C SER C 84 10.08 -103.70 79.34
N LYS C 85 9.31 -104.72 78.92
CA LYS C 85 7.97 -104.51 78.38
C LYS C 85 7.00 -103.95 79.41
N ASP C 86 7.28 -104.14 80.70
CA ASP C 86 6.52 -103.46 81.74
C ASP C 86 6.66 -101.95 81.60
N ASP C 87 7.85 -101.48 81.23
CA ASP C 87 8.06 -100.06 81.04
C ASP C 87 7.95 -99.61 79.59
N ARG C 88 8.18 -100.51 78.62
CA ARG C 88 7.94 -100.16 77.22
C ARG C 88 6.48 -99.85 76.97
N GLU C 89 5.58 -100.60 77.61
CA GLU C 89 4.17 -100.25 77.58
C GLU C 89 3.91 -98.98 78.37
N ALA C 90 4.64 -98.80 79.49
CA ALA C 90 4.40 -97.64 80.35
C ALA C 90 4.93 -96.37 79.72
N LEU C 91 6.10 -96.42 79.08
CA LEU C 91 6.63 -95.24 78.39
C LEU C 91 5.75 -94.81 77.23
N THR C 92 5.21 -95.78 76.48
CA THR C 92 4.26 -95.44 75.43
C THR C 92 2.91 -95.04 75.99
N LEU C 93 2.62 -95.36 77.25
CA LEU C 93 1.32 -95.02 77.82
C LEU C 93 1.21 -93.51 78.05
N GLU C 94 2.19 -92.93 78.76
CA GLU C 94 2.13 -91.49 79.01
C GLU C 94 2.47 -90.71 77.75
N ARG C 95 3.23 -91.31 76.83
CA ARG C 95 3.43 -90.72 75.51
C ARG C 95 2.10 -90.58 74.78
N ASN C 96 1.24 -91.60 74.86
CA ASN C 96 -0.08 -91.50 74.26
C ASN C 96 -0.95 -90.48 74.98
N ASN C 97 -0.74 -90.29 76.28
CA ASN C 97 -1.40 -89.19 76.98
C ASN C 97 -0.87 -87.85 76.50
N LEU C 98 0.45 -87.75 76.35
CA LEU C 98 1.07 -86.45 76.15
C LEU C 98 0.87 -85.92 74.74
N ILE C 99 0.77 -86.81 73.75
CA ILE C 99 0.39 -86.38 72.40
C ILE C 99 -1.06 -85.94 72.40
N GLN C 100 -1.93 -86.69 73.10
CA GLN C 100 -3.31 -86.23 73.27
C GLN C 100 -3.39 -84.99 74.13
N ASN C 101 -2.48 -84.84 75.10
CA ASN C 101 -2.38 -83.59 75.83
C ASN C 101 -1.89 -82.47 74.94
N LEU C 102 -1.05 -82.79 73.95
CA LEU C 102 -0.65 -81.78 72.97
C LEU C 102 -1.80 -81.44 72.04
N SER C 103 -2.63 -82.43 71.70
CA SER C 103 -3.82 -82.15 70.91
C SER C 103 -4.82 -81.32 71.70
N LYS C 104 -5.02 -81.67 72.97
CA LYS C 104 -5.86 -80.86 73.84
C LYS C 104 -5.23 -79.52 74.15
N HIS C 105 -3.90 -79.40 74.05
CA HIS C 105 -3.28 -78.09 74.11
C HIS C 105 -3.61 -77.27 72.88
N ILE C 106 -3.37 -77.83 71.69
CA ILE C 106 -3.53 -77.07 70.46
C ILE C 106 -5.00 -76.84 70.14
N ASP C 107 -5.91 -77.68 70.64
CA ASP C 107 -7.32 -77.41 70.43
C ASP C 107 -7.85 -76.37 71.41
N ASN C 108 -7.28 -76.32 72.62
CA ASN C 108 -7.69 -75.29 73.56
C ASN C 108 -7.13 -73.93 73.17
N VAL C 109 -6.14 -73.90 72.28
CA VAL C 109 -5.81 -72.65 71.61
C VAL C 109 -6.97 -72.19 70.75
N ILE C 110 -7.50 -73.09 69.91
CA ILE C 110 -8.48 -72.74 68.89
C ILE C 110 -9.77 -72.26 69.50
N VAL C 111 -10.15 -72.85 70.64
CA VAL C 111 -11.32 -72.40 71.38
C VAL C 111 -11.10 -70.98 71.89
N SER C 112 -9.92 -70.71 72.44
CA SER C 112 -9.58 -69.34 72.80
C SER C 112 -9.29 -68.49 71.58
N PHE C 113 -8.91 -69.10 70.46
CA PHE C 113 -8.61 -68.33 69.27
C PHE C 113 -9.89 -67.97 68.53
N THR C 114 -10.62 -68.98 68.04
CA THR C 114 -11.86 -68.75 67.31
C THR C 114 -12.98 -68.23 68.19
N GLY C 115 -12.86 -68.33 69.51
CA GLY C 115 -13.74 -67.61 70.39
C GLY C 115 -13.60 -66.11 70.35
N ARG C 116 -12.53 -65.60 69.72
CA ARG C 116 -12.36 -64.18 69.49
C ARG C 116 -12.51 -63.77 68.05
N THR C 117 -12.12 -64.64 67.11
CA THR C 117 -12.22 -64.31 65.69
C THR C 117 -13.66 -64.25 65.25
N SER C 118 -14.44 -65.29 65.58
CA SER C 118 -15.87 -65.29 65.32
C SER C 118 -16.58 -64.23 66.14
N LYS C 119 -16.02 -63.89 67.30
CA LYS C 119 -16.54 -62.79 68.09
C LYS C 119 -16.26 -61.46 67.42
N LEU C 120 -15.27 -61.40 66.53
CA LEU C 120 -15.00 -60.19 65.76
C LEU C 120 -15.85 -60.13 64.50
N THR C 121 -16.13 -61.28 63.88
CA THR C 121 -16.92 -61.29 62.66
C THR C 121 -18.36 -60.89 62.91
N ASN C 122 -18.86 -61.11 64.11
CA ASN C 122 -20.15 -60.57 64.49
C ASN C 122 -20.11 -59.05 64.53
N LYS C 123 -18.98 -58.48 64.94
CA LYS C 123 -18.93 -57.05 65.15
C LYS C 123 -18.76 -56.29 63.84
N ILE C 124 -18.10 -56.87 62.85
CA ILE C 124 -17.99 -56.21 61.56
C ILE C 124 -19.34 -56.17 60.86
N SER C 125 -20.08 -57.29 60.89
CA SER C 125 -21.39 -57.33 60.26
C SER C 125 -22.39 -56.44 60.99
N ASP C 126 -22.19 -56.18 62.27
CA ASP C 126 -23.00 -55.21 62.97
C ASP C 126 -22.65 -53.78 62.60
N ILE C 127 -21.52 -53.56 61.92
CA ILE C 127 -21.15 -52.24 61.43
C ILE C 127 -21.41 -52.12 59.94
N SER C 128 -21.12 -53.18 59.19
CA SER C 128 -21.14 -53.11 57.73
C SER C 128 -22.53 -53.06 57.14
N ASP C 129 -23.59 -53.11 57.95
CA ASP C 129 -24.96 -53.15 57.43
C ASP C 129 -25.66 -51.81 57.46
N MET C 130 -25.31 -50.93 58.39
CA MET C 130 -26.09 -49.72 58.63
C MET C 130 -25.73 -48.69 57.57
N VAL C 131 -26.52 -48.66 56.49
CA VAL C 131 -26.35 -47.65 55.47
C VAL C 131 -26.87 -46.32 56.01
N ILE C 132 -26.04 -45.27 55.91
CA ILE C 132 -26.42 -43.97 56.42
C ILE C 132 -26.22 -42.89 55.36
N ALA C 133 -25.47 -43.21 54.31
CA ALA C 133 -25.29 -42.22 53.25
C ALA C 133 -26.46 -42.22 52.28
N GLU C 134 -26.86 -43.39 51.81
CA GLU C 134 -27.95 -43.47 50.83
C GLU C 134 -29.31 -43.19 51.44
N ARG C 135 -29.41 -43.14 52.76
CA ARG C 135 -30.65 -42.79 53.44
C ARG C 135 -30.78 -41.29 53.66
N LEU C 136 -29.77 -40.51 53.28
CA LEU C 136 -29.77 -39.08 53.53
C LEU C 136 -29.56 -38.24 52.30
N GLN C 137 -29.32 -38.85 51.13
CA GLN C 137 -29.03 -38.08 49.93
C GLN C 137 -30.25 -37.29 49.47
N ASP C 138 -31.44 -37.81 49.75
CA ASP C 138 -32.64 -36.97 49.67
C ASP C 138 -32.56 -35.84 50.68
N LEU C 139 -32.20 -36.17 51.92
CA LEU C 139 -32.28 -35.20 53.01
C LEU C 139 -31.17 -34.17 52.92
N VAL C 140 -30.07 -34.47 52.24
CA VAL C 140 -29.04 -33.46 52.02
C VAL C 140 -29.51 -32.45 50.98
N THR C 141 -29.88 -32.95 49.80
CA THR C 141 -30.15 -32.08 48.66
C THR C 141 -31.40 -31.24 48.82
N GLN C 142 -32.34 -31.68 49.66
CA GLN C 142 -33.48 -30.83 49.99
C GLN C 142 -33.02 -29.62 50.80
N THR C 143 -32.23 -29.86 51.84
CA THR C 143 -31.68 -28.75 52.62
C THR C 143 -30.67 -27.94 51.82
N GLU C 144 -29.92 -28.61 50.95
CA GLU C 144 -28.97 -27.91 50.10
C GLU C 144 -29.68 -26.99 49.11
N SER C 145 -30.86 -27.40 48.65
CA SER C 145 -31.68 -26.51 47.85
C SER C 145 -32.17 -25.32 48.67
N GLN C 146 -32.52 -25.57 49.94
CA GLN C 146 -33.02 -24.51 50.82
C GLN C 146 -31.99 -23.44 51.07
N LYS C 147 -30.70 -23.81 51.07
CA LYS C 147 -29.64 -22.82 51.14
C LYS C 147 -29.64 -21.92 49.92
N THR C 148 -29.83 -22.51 48.74
CA THR C 148 -29.89 -21.73 47.51
C THR C 148 -31.21 -21.00 47.36
N GLU C 149 -32.25 -21.44 48.09
CA GLU C 149 -33.52 -20.72 48.07
C GLU C 149 -33.38 -19.32 48.64
N LEU C 150 -32.64 -19.19 49.74
CA LEU C 150 -32.69 -17.98 50.53
C LEU C 150 -31.61 -16.98 50.12
N GLN C 151 -30.45 -17.45 49.65
CA GLN C 151 -29.49 -16.53 49.07
C GLN C 151 -29.99 -15.93 47.77
N SER C 152 -30.89 -16.62 47.09
CA SER C 152 -31.62 -16.03 45.98
C SER C 152 -32.71 -15.08 46.43
N ASP C 153 -32.98 -14.99 47.74
CA ASP C 153 -33.83 -13.94 48.28
C ASP C 153 -33.04 -12.83 48.95
N ILE C 154 -31.76 -13.08 49.24
CA ILE C 154 -30.86 -12.01 49.67
C ILE C 154 -30.65 -11.00 48.56
N ASP C 155 -30.52 -11.49 47.33
CA ASP C 155 -30.21 -10.62 46.19
C ASP C 155 -31.30 -9.59 45.86
N PRO C 156 -32.61 -9.87 45.95
CA PRO C 156 -33.56 -8.75 45.86
C PRO C 156 -33.45 -7.78 47.02
N LYS C 157 -33.28 -8.28 48.24
CA LYS C 157 -33.30 -7.41 49.40
C LYS C 157 -32.02 -6.58 49.51
N THR C 158 -30.90 -7.08 48.99
CA THR C 158 -29.72 -6.25 48.93
C THR C 158 -29.82 -5.20 47.83
N GLU C 159 -30.58 -5.49 46.78
CA GLU C 159 -30.79 -4.50 45.73
C GLU C 159 -31.87 -3.49 46.10
N LYS C 160 -32.98 -3.98 46.66
CA LYS C 160 -34.08 -3.09 47.04
C LYS C 160 -33.64 -2.12 48.14
N ARG C 161 -32.79 -2.57 49.06
CA ARG C 161 -32.18 -1.65 50.00
C ARG C 161 -31.28 -0.66 49.28
N ASN C 162 -30.52 -1.13 48.29
CA ASN C 162 -29.61 -0.26 47.57
C ASN C 162 -30.35 0.66 46.61
N LYS C 163 -31.56 0.29 46.20
CA LYS C 163 -32.38 1.23 45.42
C LYS C 163 -32.84 2.39 46.27
N LEU C 164 -33.31 2.10 47.48
CA LEU C 164 -33.86 3.13 48.35
C LEU C 164 -32.78 4.02 48.98
N ASP C 165 -31.52 3.62 48.88
CA ASP C 165 -30.44 4.46 49.39
C ASP C 165 -30.33 5.74 48.57
N ALA C 166 -30.46 5.64 47.25
CA ALA C 166 -30.41 6.85 46.43
C ALA C 166 -31.69 7.65 46.55
N ASP C 167 -32.84 6.95 46.63
CA ASP C 167 -34.12 7.64 46.74
C ASP C 167 -34.31 8.30 48.10
N ARG C 168 -33.62 7.82 49.13
CA ARG C 168 -33.50 8.60 50.35
C ARG C 168 -32.72 9.88 50.10
N GLU C 169 -31.55 9.75 49.49
CA GLU C 169 -30.64 10.89 49.39
C GLU C 169 -31.11 11.92 48.38
N LYS C 170 -31.94 11.54 47.41
CA LYS C 170 -32.55 12.54 46.54
C LYS C 170 -33.50 13.45 47.33
N ILE C 171 -34.17 12.90 48.32
CA ILE C 171 -34.98 13.73 49.21
C ILE C 171 -34.08 14.62 50.05
N ILE C 172 -32.94 14.09 50.49
CA ILE C 172 -32.01 14.85 51.32
C ILE C 172 -31.43 16.03 50.55
N GLU C 173 -31.11 15.80 49.27
CA GLU C 173 -30.62 16.90 48.42
C GLU C 173 -31.69 17.96 48.22
N SER C 174 -32.94 17.54 48.10
CA SER C 174 -34.02 18.51 47.99
C SER C 174 -34.38 19.12 49.34
N GLN C 175 -34.08 18.45 50.45
CA GLN C 175 -34.22 19.11 51.74
C GLN C 175 -33.12 20.12 52.00
N ASP C 176 -31.96 19.97 51.35
CA ASP C 176 -30.87 20.89 51.58
C ASP C 176 -31.14 22.27 50.99
N VAL C 177 -31.97 22.34 49.95
CA VAL C 177 -32.37 23.63 49.40
C VAL C 177 -33.20 24.40 50.43
N ILE C 178 -34.12 23.72 51.09
CA ILE C 178 -34.93 24.37 52.10
C ILE C 178 -34.12 24.60 53.38
N ARG C 179 -33.11 23.75 53.61
CA ARG C 179 -32.20 23.92 54.72
C ARG C 179 -31.38 25.19 54.61
N GLN C 180 -31.15 25.66 53.38
CA GLN C 180 -30.06 26.57 53.06
C GLN C 180 -30.22 27.93 53.73
N ASN C 181 -31.44 28.36 54.01
CA ASN C 181 -31.65 29.56 54.80
C ASN C 181 -31.98 29.22 56.24
N ASN C 182 -31.50 30.06 57.14
CA ASN C 182 -31.44 29.74 58.56
C ASN C 182 -32.69 30.24 59.28
N ILE C 183 -32.61 30.25 60.61
CA ILE C 183 -33.65 30.85 61.43
C ILE C 183 -33.70 32.35 61.19
N ALA C 184 -32.56 33.01 61.27
CA ALA C 184 -32.54 34.47 61.21
C ALA C 184 -32.37 35.02 59.80
N ASP C 185 -32.00 34.18 58.82
CA ASP C 185 -32.19 34.58 57.43
C ASP C 185 -33.65 34.82 57.14
N MET C 186 -34.50 33.96 57.68
CA MET C 186 -35.94 34.14 57.62
C MET C 186 -36.36 35.42 58.34
N PHE C 187 -35.82 35.65 59.54
CA PHE C 187 -36.08 36.90 60.25
C PHE C 187 -35.49 38.10 59.53
N LYS C 188 -34.39 37.92 58.80
CA LYS C 188 -33.86 39.01 57.98
C LYS C 188 -34.81 39.35 56.85
N ASP C 189 -35.54 38.36 56.35
CA ASP C 189 -36.48 38.62 55.28
C ASP C 189 -37.73 39.34 55.77
N PHE C 190 -38.14 39.11 57.03
CA PHE C 190 -39.38 39.72 57.51
C PHE C 190 -39.25 41.23 57.66
N ILE C 191 -38.06 41.71 58.01
CA ILE C 191 -37.83 43.14 57.88
C ILE C 191 -37.74 43.49 56.40
N PRO C 192 -38.47 44.50 55.93
CA PRO C 192 -38.43 44.83 54.50
C PRO C 192 -37.24 45.68 54.11
N SER C 193 -36.19 45.68 54.94
CA SER C 193 -34.92 46.37 54.69
C SER C 193 -34.35 46.02 53.32
N ALA C 194 -33.60 47.01 52.78
CA ALA C 194 -33.22 47.28 51.38
C ALA C 194 -34.41 47.75 50.54
N LYS C 195 -35.60 47.75 51.15
CA LYS C 195 -36.78 48.42 50.62
C LYS C 195 -37.57 49.12 51.71
N ASP C 196 -37.11 49.09 52.96
CA ASP C 196 -37.89 49.64 54.07
C ASP C 196 -37.73 51.15 54.14
N ILE C 197 -36.54 51.67 53.84
CA ILE C 197 -36.39 53.08 53.55
C ILE C 197 -37.22 53.44 52.32
N ASP C 198 -37.17 52.58 51.30
CA ASP C 198 -38.04 52.73 50.14
C ASP C 198 -39.50 52.53 50.51
N GLY C 199 -39.78 51.74 51.55
CA GLY C 199 -41.12 51.68 52.10
C GLY C 199 -41.59 52.97 52.72
N LEU C 200 -40.65 53.82 53.14
CA LEU C 200 -40.98 55.17 53.57
C LEU C 200 -40.50 56.25 52.61
N ASP C 201 -39.78 55.88 51.54
CA ASP C 201 -39.47 56.87 50.49
C ASP C 201 -40.67 57.10 49.59
N PHE C 202 -41.27 56.03 49.07
CA PHE C 202 -42.42 56.15 48.19
C PHE C 202 -43.70 56.52 48.93
N THR C 203 -43.72 56.41 50.25
CA THR C 203 -44.90 56.70 51.06
C THR C 203 -44.67 57.88 52.00
N GLN C 204 -44.04 58.95 51.46
CA GLN C 204 -43.87 60.16 52.26
C GLN C 204 -45.17 60.96 52.43
N PRO C 205 -46.00 61.22 51.41
CA PRO C 205 -47.26 61.94 51.69
C PRO C 205 -48.32 61.10 52.38
N LYS C 206 -48.12 59.79 52.54
CA LYS C 206 -49.10 58.93 53.18
C LYS C 206 -48.98 58.88 54.69
N LYS C 207 -48.24 59.82 55.29
CA LYS C 207 -48.14 59.86 56.75
C LYS C 207 -49.45 60.29 57.38
N GLU C 208 -50.28 61.04 56.65
CA GLU C 208 -51.66 61.26 57.06
C GLU C 208 -52.53 60.05 56.80
N ALA C 209 -52.12 59.16 55.90
CA ALA C 209 -52.92 58.00 55.55
C ALA C 209 -52.66 56.85 56.52
N ILE C 210 -53.73 56.23 56.99
CA ILE C 210 -53.60 55.01 57.79
C ILE C 210 -53.11 53.88 56.91
N LYS C 211 -53.48 53.90 55.62
CA LYS C 211 -53.19 52.85 54.66
C LYS C 211 -51.71 52.74 54.28
N GLN C 212 -50.86 53.66 54.74
CA GLN C 212 -49.42 53.47 54.61
C GLN C 212 -48.96 52.24 55.37
N ALA C 213 -49.54 51.99 56.55
CA ALA C 213 -49.21 50.80 57.31
C ALA C 213 -49.77 49.55 56.65
N ILE C 214 -50.83 49.67 55.85
CA ILE C 214 -51.31 48.55 55.07
C ILE C 214 -50.32 48.23 53.95
N LYS C 215 -49.75 49.26 53.33
CA LYS C 215 -48.65 49.09 52.39
C LYS C 215 -47.45 48.46 53.07
N GLN C 216 -47.18 48.88 54.31
CA GLN C 216 -46.22 48.17 55.15
C GLN C 216 -46.71 46.76 55.46
N GLY C 217 -47.99 46.62 55.80
CA GLY C 217 -48.55 45.32 56.13
C GLY C 217 -48.75 44.40 54.96
N ALA C 218 -48.57 44.89 53.73
CA ALA C 218 -48.85 44.07 52.55
C ALA C 218 -47.77 43.02 52.35
N GLU C 219 -46.52 43.45 52.21
CA GLU C 219 -45.46 42.52 51.84
C GLU C 219 -45.09 41.59 52.97
N ILE C 220 -45.25 42.02 54.22
CA ILE C 220 -45.01 41.12 55.34
C ILE C 220 -46.09 40.04 55.38
N ALA C 221 -47.31 40.37 54.99
CA ALA C 221 -48.36 39.36 54.90
C ALA C 221 -48.13 38.43 53.72
N ARG C 222 -47.39 38.86 52.70
CA ARG C 222 -46.99 37.96 51.63
C ARG C 222 -45.94 36.99 52.12
N LYS C 223 -44.82 37.53 52.60
CA LYS C 223 -43.62 36.73 52.82
C LYS C 223 -43.76 35.80 54.01
N ILE C 224 -44.72 36.07 54.91
CA ILE C 224 -45.01 35.11 55.96
C ILE C 224 -45.64 33.86 55.37
N LEU C 225 -46.38 33.99 54.27
CA LEU C 225 -47.01 32.82 53.65
C LEU C 225 -46.03 32.05 52.77
N GLY C 226 -45.15 32.76 52.07
CA GLY C 226 -44.21 32.09 51.20
C GLY C 226 -43.22 31.21 51.94
N LYS C 227 -42.90 31.57 53.18
CA LYS C 227 -42.03 30.72 53.97
C LYS C 227 -42.79 29.54 54.57
N VAL C 228 -44.12 29.68 54.75
CA VAL C 228 -44.94 28.56 55.19
C VAL C 228 -44.94 27.47 54.14
N SER C 229 -45.24 27.83 52.89
CA SER C 229 -45.37 26.85 51.83
C SER C 229 -44.06 26.18 51.49
N GLU C 230 -42.96 26.93 51.59
CA GLU C 230 -41.64 26.33 51.42
C GLU C 230 -41.39 25.28 52.49
N GLY C 231 -41.74 25.59 53.74
CA GLY C 231 -41.71 24.58 54.77
C GLY C 231 -42.82 23.56 54.64
N LEU C 232 -43.92 23.91 53.99
CA LEU C 232 -44.97 22.92 53.83
C LEU C 232 -44.61 21.92 52.75
N LYS C 233 -43.81 22.36 51.76
CA LYS C 233 -43.13 21.40 50.89
C LYS C 233 -42.23 20.48 51.69
N TYR C 234 -41.49 21.06 52.62
CA TYR C 234 -40.57 20.32 53.48
C TYR C 234 -41.28 19.33 54.39
N ILE C 235 -42.58 19.57 54.67
CA ILE C 235 -43.36 18.60 55.42
C ILE C 235 -43.59 17.35 54.58
N ASP C 236 -44.15 17.52 53.38
CA ASP C 236 -44.41 16.38 52.51
C ASP C 236 -43.13 15.75 52.00
N LEU C 237 -42.06 16.53 51.95
CA LEU C 237 -40.77 15.99 51.54
C LEU C 237 -40.20 15.08 52.62
N ALA C 238 -40.37 15.48 53.89
CA ALA C 238 -39.83 14.67 54.97
C ALA C 238 -40.67 13.43 55.21
N ASP C 239 -41.99 13.55 55.11
CA ASP C 239 -42.89 12.43 55.39
C ASP C 239 -42.76 11.33 54.36
N ALA C 240 -42.35 11.68 53.14
CA ALA C 240 -41.93 10.65 52.21
C ALA C 240 -40.69 9.94 52.71
N ARG C 241 -39.67 10.71 53.12
CA ARG C 241 -38.42 10.15 53.60
C ARG C 241 -38.61 9.42 54.91
N MET C 242 -39.48 9.94 55.78
CA MET C 242 -39.84 9.25 57.01
C MET C 242 -40.45 7.89 56.69
N LYS C 243 -41.29 7.83 55.66
CA LYS C 243 -41.78 6.55 55.19
C LYS C 243 -40.69 5.77 54.48
N LEU C 244 -39.82 6.47 53.73
CA LEU C 244 -38.82 5.78 52.93
C LEU C 244 -37.73 5.19 53.81
N SER C 245 -37.45 5.81 54.95
CA SER C 245 -36.53 5.22 55.90
C SER C 245 -37.11 3.98 56.54
N ASP C 246 -38.42 3.96 56.78
CA ASP C 246 -39.06 2.82 57.40
C ASP C 246 -39.09 1.61 56.48
N GLN C 247 -39.05 1.84 55.17
CA GLN C 247 -38.91 0.75 54.23
C GLN C 247 -37.58 0.03 54.42
N ILE C 248 -36.50 0.80 54.57
CA ILE C 248 -35.19 0.19 54.78
C ILE C 248 -35.11 -0.45 56.15
N ASP C 249 -35.84 0.10 57.13
CA ASP C 249 -35.88 -0.48 58.47
C ASP C 249 -36.51 -1.86 58.46
N GLN C 250 -37.55 -2.05 57.65
CA GLN C 250 -38.09 -3.38 57.45
C GLN C 250 -37.11 -4.26 56.70
N LEU C 251 -36.48 -3.70 55.66
CA LEU C 251 -35.60 -4.47 54.78
C LEU C 251 -34.38 -5.00 55.53
N ILE C 252 -33.78 -4.19 56.39
CA ILE C 252 -32.67 -4.66 57.20
C ILE C 252 -33.16 -5.71 58.19
N THR C 253 -34.37 -5.54 58.72
CA THR C 253 -34.95 -6.53 59.61
C THR C 253 -35.27 -7.82 58.86
N GLU C 254 -35.81 -7.71 57.65
CA GLU C 254 -36.16 -8.90 56.88
C GLU C 254 -34.94 -9.63 56.35
N THR C 255 -33.82 -8.95 56.16
CA THR C 255 -32.60 -9.65 55.74
C THR C 255 -32.06 -10.53 56.85
N ASP C 256 -31.84 -9.95 58.02
CA ASP C 256 -31.14 -10.67 59.09
C ASP C 256 -32.01 -11.77 59.68
N GLU C 257 -33.33 -11.60 59.64
CA GLU C 257 -34.23 -12.69 59.94
C GLU C 257 -34.06 -13.82 58.92
N LEU C 258 -33.94 -13.45 57.65
CA LEU C 258 -33.67 -14.45 56.62
C LEU C 258 -32.22 -14.90 56.66
N LYS C 259 -31.30 -14.03 57.07
CA LYS C 259 -29.91 -14.44 57.21
C LYS C 259 -29.74 -15.32 58.45
N ALA C 260 -30.67 -15.25 59.39
CA ALA C 260 -30.70 -16.25 60.44
C ALA C 260 -31.16 -17.60 59.93
N LYS C 261 -31.91 -17.64 58.83
CA LYS C 261 -32.38 -18.91 58.31
C LYS C 261 -31.27 -19.69 57.64
N ILE C 262 -30.41 -19.01 56.88
CA ILE C 262 -29.29 -19.71 56.24
C ILE C 262 -28.26 -20.16 57.25
N ARG C 263 -28.26 -19.55 58.44
CA ARG C 263 -27.44 -20.06 59.53
C ARG C 263 -27.86 -21.46 59.92
N GLU C 264 -29.17 -21.67 60.12
CA GLU C 264 -29.67 -22.97 60.55
C GLU C 264 -29.53 -24.02 59.47
N VAL C 265 -29.65 -23.61 58.20
CA VAL C 265 -29.46 -24.53 57.09
C VAL C 265 -28.00 -24.96 57.01
N GLU C 266 -27.08 -23.99 57.09
CA GLU C 266 -25.66 -24.31 57.08
C GLU C 266 -25.25 -25.07 58.33
N LEU C 267 -25.87 -24.77 59.47
CA LEU C 267 -25.64 -25.57 60.66
C LEU C 267 -26.15 -27.00 60.47
N ARG C 268 -27.22 -27.16 59.70
CA ARG C 268 -27.71 -28.50 59.42
C ARG C 268 -26.84 -29.19 58.38
N LEU C 269 -26.58 -28.49 57.26
CA LEU C 269 -25.87 -29.09 56.13
C LEU C 269 -24.45 -29.49 56.50
N SER C 270 -23.77 -28.67 57.31
CA SER C 270 -22.47 -29.06 57.81
C SER C 270 -22.56 -30.25 58.75
N GLY C 271 -23.64 -30.34 59.53
CA GLY C 271 -23.85 -31.53 60.34
C GLY C 271 -24.15 -32.75 59.50
N LEU C 272 -24.82 -32.57 58.37
CA LEU C 272 -25.14 -33.70 57.52
C LEU C 272 -23.93 -34.17 56.73
N LYS C 273 -23.08 -33.24 56.28
CA LYS C 273 -21.86 -33.64 55.60
C LYS C 273 -20.89 -34.33 56.54
N ASP C 274 -20.99 -34.03 57.84
CA ASP C 274 -20.25 -34.79 58.83
C ASP C 274 -20.70 -36.25 58.87
N VAL C 275 -22.01 -36.47 58.71
CA VAL C 275 -22.51 -37.84 58.65
C VAL C 275 -22.10 -38.50 57.34
N MET C 276 -22.02 -37.71 56.26
CA MET C 276 -21.61 -38.26 54.98
C MET C 276 -20.15 -38.69 54.97
N GLN C 277 -19.32 -38.06 55.79
CA GLN C 277 -17.94 -38.49 55.89
C GLN C 277 -17.77 -39.76 56.71
N ILE C 278 -18.76 -40.10 57.54
CA ILE C 278 -18.67 -41.29 58.37
C ILE C 278 -18.65 -42.54 57.51
N ASP C 279 -19.48 -42.56 56.46
CA ASP C 279 -19.51 -43.71 55.57
C ASP C 279 -18.22 -43.84 54.77
N THR C 280 -17.56 -42.73 54.48
CA THR C 280 -16.28 -42.80 53.78
C THR C 280 -15.21 -43.43 54.65
N GLU C 281 -15.16 -43.07 55.92
CA GLU C 281 -14.22 -43.72 56.82
C GLU C 281 -14.73 -45.03 57.37
N ARG C 282 -16.02 -45.32 57.24
CA ARG C 282 -16.48 -46.66 57.57
C ARG C 282 -15.96 -47.67 56.57
N THR C 283 -15.81 -47.27 55.31
CA THR C 283 -15.22 -48.17 54.32
C THR C 283 -13.74 -48.41 54.59
N THR C 284 -12.99 -47.35 54.93
CA THR C 284 -11.57 -47.54 55.23
C THR C 284 -11.37 -48.32 56.52
N LEU C 285 -12.32 -48.23 57.45
CA LEU C 285 -12.30 -49.09 58.62
C LEU C 285 -12.56 -50.54 58.25
N LEU C 286 -13.59 -50.79 57.48
CA LEU C 286 -14.02 -52.17 57.29
C LEU C 286 -13.17 -52.91 56.28
N THR C 287 -12.85 -52.28 55.14
CA THR C 287 -12.05 -52.95 54.11
C THR C 287 -10.66 -53.28 54.60
N GLU C 288 -10.15 -52.53 55.58
CA GLU C 288 -8.98 -52.98 56.29
C GLU C 288 -9.30 -54.13 57.23
N ALA C 289 -10.41 -54.04 57.96
CA ALA C 289 -10.74 -55.10 58.92
C ALA C 289 -11.27 -56.35 58.26
N VAL C 290 -11.77 -56.26 57.02
CA VAL C 290 -12.11 -57.46 56.26
C VAL C 290 -10.86 -58.25 55.93
N LYS C 291 -9.75 -57.56 55.66
CA LYS C 291 -8.47 -58.21 55.43
C LYS C 291 -7.94 -58.94 56.65
N ILE C 292 -8.44 -58.59 57.82
CA ILE C 292 -7.96 -59.20 59.06
C ILE C 292 -8.77 -60.43 59.43
N GLU C 293 -10.08 -60.44 59.15
CA GLU C 293 -10.91 -61.63 59.35
C GLU C 293 -10.39 -62.83 58.58
N GLN C 294 -9.85 -62.61 57.38
CA GLN C 294 -9.31 -63.68 56.57
C GLN C 294 -8.16 -64.37 57.28
N VAL C 295 -7.14 -63.60 57.68
CA VAL C 295 -5.97 -64.18 58.30
C VAL C 295 -6.21 -64.59 59.75
N TRP C 296 -7.38 -64.28 60.31
CA TRP C 296 -7.76 -65.02 61.51
C TRP C 296 -8.29 -66.40 61.14
N ILE C 297 -9.18 -66.46 60.15
CA ILE C 297 -9.86 -67.71 59.82
C ILE C 297 -8.94 -68.63 59.04
N SER C 298 -8.26 -68.09 58.03
CA SER C 298 -7.39 -68.91 57.18
C SER C 298 -6.23 -69.50 57.96
N PHE C 299 -5.80 -68.83 59.02
CA PHE C 299 -4.92 -69.47 59.99
C PHE C 299 -5.63 -70.59 60.72
N ALA C 300 -6.78 -70.28 61.33
CA ALA C 300 -7.46 -71.23 62.21
C ALA C 300 -8.00 -72.43 61.45
N GLU C 301 -8.37 -72.25 60.18
CA GLU C 301 -8.70 -73.40 59.35
C GLU C 301 -7.47 -74.25 59.09
N GLN C 302 -6.35 -73.61 58.75
CA GLN C 302 -5.12 -74.34 58.53
C GLN C 302 -4.58 -74.91 59.84
N LEU C 303 -4.84 -74.25 60.96
CA LEU C 303 -4.37 -74.77 62.23
C LEU C 303 -5.22 -75.95 62.68
N HIS C 304 -6.53 -75.91 62.43
CA HIS C 304 -7.35 -77.07 62.74
C HIS C 304 -7.13 -78.19 61.73
N LYS C 305 -6.59 -77.87 60.56
CA LYS C 305 -6.17 -78.90 59.62
C LYS C 305 -5.03 -79.72 60.20
N LEU C 306 -4.14 -79.09 60.96
CA LEU C 306 -3.04 -79.84 61.56
C LEU C 306 -3.51 -80.61 62.79
N SER C 307 -4.56 -80.13 63.46
CA SER C 307 -5.11 -80.85 64.59
C SER C 307 -5.86 -82.12 64.19
N ASN C 308 -6.10 -82.32 62.90
CA ASN C 308 -6.61 -83.59 62.42
C ASN C 308 -5.54 -84.67 62.54
N ASP C 309 -4.35 -84.41 61.98
CA ASP C 309 -3.31 -85.42 61.91
C ASP C 309 -2.55 -85.56 63.22
N GLU C 310 -2.42 -84.46 63.98
CA GLU C 310 -1.78 -84.41 65.30
C GLU C 310 -0.33 -84.88 65.25
N ILE C 311 0.35 -84.55 64.19
CA ILE C 311 1.75 -84.93 64.01
C ILE C 311 2.60 -83.87 64.71
N ASN C 312 3.76 -84.30 65.22
CA ASN C 312 4.67 -83.45 65.97
C ASN C 312 5.66 -82.73 65.06
N GLN C 313 5.27 -82.43 63.83
CA GLN C 313 6.10 -81.70 62.88
C GLN C 313 6.48 -80.32 63.40
N GLN C 314 7.58 -79.80 62.87
CA GLN C 314 8.00 -78.45 63.19
C GLN C 314 7.71 -77.50 62.04
N ASP C 315 7.03 -77.99 60.99
CA ASP C 315 6.32 -77.11 60.09
C ASP C 315 5.11 -76.50 60.78
N LEU C 316 4.56 -77.20 61.79
CA LEU C 316 3.61 -76.62 62.74
C LEU C 316 4.14 -75.32 63.34
N SER C 317 5.28 -75.41 64.03
CA SER C 317 5.87 -74.23 64.64
C SER C 317 6.41 -73.26 63.60
N ASN C 318 6.71 -73.74 62.40
CA ASN C 318 6.97 -72.83 61.29
C ASN C 318 5.70 -72.11 60.86
N LEU C 319 4.56 -72.80 60.89
CA LEU C 319 3.31 -72.16 60.51
C LEU C 319 2.83 -71.19 61.57
N ILE C 320 3.14 -71.47 62.85
CA ILE C 320 2.82 -70.50 63.89
C ILE C 320 3.69 -69.27 63.75
N ASN C 321 4.96 -69.47 63.35
CA ASN C 321 5.96 -68.41 63.34
C ASN C 321 5.61 -67.32 62.35
N GLY C 322 5.08 -67.68 61.19
CA GLY C 322 4.61 -66.67 60.25
C GLY C 322 3.39 -65.93 60.77
N GLN C 323 2.50 -66.65 61.46
CA GLN C 323 1.36 -65.99 62.09
C GLN C 323 1.79 -65.17 63.29
N LEU C 324 2.68 -65.72 64.12
CA LEU C 324 3.10 -65.04 65.35
C LEU C 324 3.89 -63.79 65.03
N ASP C 325 4.67 -63.80 63.94
CA ASP C 325 5.36 -62.59 63.51
C ASP C 325 4.36 -61.57 62.97
N PHE C 326 3.40 -62.04 62.17
CA PHE C 326 2.33 -61.18 61.66
C PHE C 326 1.53 -60.56 62.80
N LEU C 327 1.21 -61.36 63.82
CA LEU C 327 0.53 -60.81 64.98
C LEU C 327 1.44 -59.84 65.71
N ASN C 328 2.72 -60.17 65.84
CA ASN C 328 3.66 -59.26 66.47
C ASN C 328 3.90 -58.03 65.61
N ASN C 329 3.84 -58.19 64.28
CA ASN C 329 3.81 -57.03 63.39
C ASN C 329 2.60 -56.17 63.69
N LEU C 330 1.46 -56.79 63.93
CA LEU C 330 0.24 -56.04 64.10
C LEU C 330 0.17 -55.42 65.50
N THR C 331 0.86 -56.01 66.49
CA THR C 331 1.00 -55.33 67.78
C THR C 331 1.85 -54.08 67.66
N LEU C 332 2.77 -54.06 66.70
CA LEU C 332 3.80 -53.04 66.67
C LEU C 332 3.25 -51.69 66.25
N GLN C 333 2.35 -51.66 65.27
CA GLN C 333 1.84 -50.37 64.82
C GLN C 333 0.93 -49.73 65.87
N TYR C 334 0.30 -50.54 66.71
CA TYR C 334 -0.38 -49.96 67.87
C TYR C 334 0.61 -49.41 68.87
N ASN C 335 1.78 -50.03 68.98
CA ASN C 335 2.80 -49.52 69.88
C ASN C 335 3.60 -48.39 69.25
N LYS C 336 3.69 -48.37 67.92
CA LYS C 336 4.33 -47.28 67.22
C LYS C 336 3.30 -46.30 66.67
N LEU C 337 2.09 -46.28 67.27
CA LEU C 337 1.07 -45.35 66.81
C LEU C 337 1.43 -43.93 67.19
N LYS C 338 2.00 -43.76 68.39
CA LYS C 338 2.85 -42.61 68.75
C LYS C 338 2.15 -41.25 68.70
N TYR D 1 -40.26 -38.57 -61.39
CA TYR D 1 -41.48 -38.32 -60.63
C TYR D 1 -41.28 -37.95 -59.14
N PRO D 2 -40.30 -37.06 -58.85
CA PRO D 2 -39.73 -37.06 -57.49
C PRO D 2 -40.62 -36.56 -56.35
N GLU D 3 -41.18 -35.36 -56.43
CA GLU D 3 -41.85 -34.74 -55.30
C GLU D 3 -42.68 -33.56 -55.75
N ILE D 4 -43.98 -33.58 -55.47
CA ILE D 4 -44.90 -32.51 -55.85
C ILE D 4 -45.81 -32.25 -54.65
N ASN D 5 -45.64 -31.09 -54.02
CA ASN D 5 -46.38 -30.72 -52.82
C ASN D 5 -47.44 -29.70 -53.21
N ILE D 6 -48.61 -30.18 -53.64
CA ILE D 6 -49.64 -29.24 -54.09
C ILE D 6 -50.33 -28.55 -52.93
N LYS D 7 -50.11 -29.01 -51.70
CA LYS D 7 -50.51 -28.24 -50.53
C LYS D 7 -49.79 -26.90 -50.49
N ALA D 8 -48.53 -26.87 -50.90
CA ALA D 8 -47.82 -25.62 -51.04
C ALA D 8 -48.24 -24.85 -52.28
N MET D 9 -48.89 -25.52 -53.22
CA MET D 9 -49.25 -24.95 -54.51
C MET D 9 -50.67 -24.41 -54.54
N ASN D 10 -51.64 -25.23 -54.15
CA ASN D 10 -53.02 -24.82 -54.16
C ASN D 10 -53.30 -23.75 -53.10
N GLN D 11 -52.46 -23.68 -52.07
CA GLN D 11 -52.43 -22.49 -51.25
C GLN D 11 -51.90 -21.30 -52.05
N ALA D 12 -50.79 -21.50 -52.75
CA ALA D 12 -50.15 -20.41 -53.47
C ALA D 12 -50.98 -19.91 -54.63
N VAL D 13 -51.75 -20.79 -55.27
CA VAL D 13 -52.73 -20.35 -56.25
C VAL D 13 -53.78 -19.49 -55.57
N ASN D 14 -54.25 -19.93 -54.41
CA ASN D 14 -55.36 -19.26 -53.76
C ASN D 14 -54.92 -17.92 -53.19
N THR D 15 -53.68 -17.83 -52.70
CA THR D 15 -53.20 -16.56 -52.16
C THR D 15 -52.97 -15.53 -53.26
N ILE D 16 -52.58 -15.97 -54.45
CA ILE D 16 -52.46 -15.06 -55.58
C ILE D 16 -53.81 -14.48 -55.94
N TRP D 17 -54.86 -15.31 -55.94
CA TRP D 17 -56.19 -14.76 -56.08
C TRP D 17 -56.58 -13.93 -54.87
N LEU D 18 -56.10 -14.32 -53.68
CA LEU D 18 -56.40 -13.54 -52.48
C LEU D 18 -55.70 -12.20 -52.51
N LEU D 19 -54.42 -12.17 -52.92
CA LEU D 19 -53.71 -10.91 -52.98
C LEU D 19 -54.12 -10.07 -54.19
N ALA D 20 -54.83 -10.65 -55.15
CA ALA D 20 -55.28 -9.88 -56.30
C ALA D 20 -56.34 -8.87 -55.90
N GLN D 21 -57.37 -9.32 -55.18
CA GLN D 21 -58.40 -8.41 -54.73
C GLN D 21 -57.93 -7.54 -53.58
N ARG D 22 -56.93 -8.00 -52.83
CA ARG D 22 -56.51 -7.33 -51.61
C ARG D 22 -55.68 -6.09 -51.88
N GLN D 23 -54.95 -6.06 -53.00
CA GLN D 23 -53.91 -5.05 -53.21
C GLN D 23 -54.49 -3.65 -53.34
N THR D 24 -53.79 -2.69 -52.76
CA THR D 24 -54.25 -1.31 -52.64
C THR D 24 -53.21 -0.36 -53.20
N SER D 25 -52.73 -0.67 -54.41
CA SER D 25 -51.72 0.17 -55.04
C SER D 25 -52.27 1.52 -55.43
N GLY D 26 -53.54 1.60 -55.83
CA GLY D 26 -54.10 2.85 -56.26
C GLY D 26 -53.56 3.31 -57.60
N ILE D 27 -53.21 2.37 -58.47
CA ILE D 27 -52.71 2.68 -59.79
C ILE D 27 -53.44 1.77 -60.77
N GLU D 28 -53.44 2.16 -62.04
CA GLU D 28 -54.35 1.58 -63.01
C GLU D 28 -53.72 0.52 -63.89
N ILE D 29 -52.42 0.27 -63.76
CA ILE D 29 -51.72 -0.63 -64.65
C ILE D 29 -51.26 -1.89 -63.91
N ILE D 30 -50.85 -1.76 -62.65
CA ILE D 30 -50.76 -2.93 -61.78
C ILE D 30 -52.13 -3.58 -61.61
N ASN D 31 -53.18 -2.75 -61.64
CA ASN D 31 -54.54 -3.24 -61.50
C ASN D 31 -54.95 -4.15 -62.66
N ASP D 32 -54.33 -4.00 -63.83
CA ASP D 32 -54.49 -4.98 -64.89
C ASP D 32 -53.17 -5.73 -65.15
N LYS D 33 -52.18 -5.56 -64.30
CA LYS D 33 -51.13 -6.56 -64.27
C LYS D 33 -51.57 -7.77 -63.49
N VAL D 34 -52.09 -7.54 -62.28
CA VAL D 34 -52.37 -8.63 -61.37
C VAL D 34 -53.60 -9.40 -61.83
N LYS D 35 -54.58 -8.68 -62.39
CA LYS D 35 -55.80 -9.29 -62.90
C LYS D 35 -55.52 -10.28 -64.01
N ARG D 36 -54.52 -9.99 -64.84
CA ARG D 36 -54.13 -10.93 -65.88
C ARG D 36 -53.31 -12.08 -65.31
N ILE D 37 -52.53 -11.82 -64.28
CA ILE D 37 -51.77 -12.89 -63.64
C ILE D 37 -52.70 -13.82 -62.89
N SER D 38 -53.63 -13.25 -62.13
CA SER D 38 -54.42 -14.04 -61.21
C SER D 38 -55.47 -14.86 -61.94
N ALA D 39 -56.05 -14.30 -63.01
CA ALA D 39 -57.00 -15.07 -63.80
C ALA D 39 -56.35 -16.20 -64.56
N TYR D 40 -55.05 -16.11 -64.81
CA TYR D 40 -54.32 -17.29 -65.30
C TYR D 40 -54.21 -18.34 -64.21
N SER D 41 -53.78 -17.94 -63.02
CA SER D 41 -53.42 -18.90 -61.97
C SER D 41 -54.63 -19.66 -61.46
N ARG D 42 -55.78 -18.98 -61.37
CA ARG D 42 -57.02 -19.67 -61.03
C ARG D 42 -57.38 -20.66 -62.12
N GLU D 43 -57.33 -20.25 -63.39
CA GLU D 43 -57.55 -21.17 -64.49
C GLU D 43 -56.45 -22.21 -64.60
N PHE D 44 -55.27 -21.91 -64.08
CA PHE D 44 -54.21 -22.92 -64.07
C PHE D 44 -54.52 -24.04 -63.09
N ASP D 45 -55.10 -23.70 -61.94
CA ASP D 45 -55.45 -24.73 -60.97
C ASP D 45 -56.62 -25.57 -61.48
N GLU D 46 -57.59 -24.91 -62.12
CA GLU D 46 -58.74 -25.62 -62.67
C GLU D 46 -58.32 -26.57 -63.78
N MET D 47 -57.48 -26.08 -64.69
CA MET D 47 -57.09 -26.88 -65.84
C MET D 47 -56.13 -27.98 -65.44
N MET D 48 -55.43 -27.84 -64.31
CA MET D 48 -54.64 -28.96 -63.85
C MET D 48 -55.51 -30.05 -63.26
N ARG D 49 -56.49 -29.66 -62.43
CA ARG D 49 -57.42 -30.63 -61.87
C ARG D 49 -58.25 -31.30 -62.95
N ASP D 50 -58.65 -30.55 -63.97
CA ASP D 50 -59.42 -31.13 -65.05
C ASP D 50 -58.57 -32.08 -65.88
N SER D 51 -57.30 -31.73 -66.09
CA SER D 51 -56.38 -32.68 -66.70
C SER D 51 -56.08 -33.83 -65.76
N LEU D 52 -56.13 -33.57 -64.46
CA LEU D 52 -55.93 -34.66 -63.51
C LEU D 52 -57.14 -35.59 -63.50
N ALA D 53 -58.33 -35.05 -63.71
CA ALA D 53 -59.53 -35.87 -63.72
C ALA D 53 -59.76 -36.54 -65.06
N GLN D 54 -59.35 -35.92 -66.16
CA GLN D 54 -59.60 -36.51 -67.47
C GLN D 54 -58.49 -37.44 -67.94
N LEU D 55 -57.49 -37.71 -67.11
CA LEU D 55 -56.43 -38.63 -67.48
C LEU D 55 -56.35 -39.86 -66.61
N ALA D 56 -56.93 -39.85 -65.41
CA ALA D 56 -57.01 -41.06 -64.61
C ALA D 56 -57.84 -42.17 -65.24
N PRO D 57 -59.05 -41.96 -65.79
CA PRO D 57 -59.76 -43.11 -66.35
C PRO D 57 -59.19 -43.60 -67.66
N VAL D 58 -58.54 -42.73 -68.44
CA VAL D 58 -58.07 -43.15 -69.75
C VAL D 58 -56.81 -44.01 -69.64
N LEU D 59 -56.08 -43.91 -68.52
CA LEU D 59 -54.94 -44.80 -68.33
C LEU D 59 -55.40 -46.21 -68.01
N LYS D 60 -56.44 -46.36 -67.18
CA LYS D 60 -56.95 -47.68 -66.84
C LYS D 60 -57.62 -48.38 -68.01
N GLN D 61 -58.03 -47.61 -69.02
CA GLN D 61 -58.46 -48.22 -70.28
C GLN D 61 -57.32 -48.94 -70.99
N LEU D 62 -56.07 -48.54 -70.72
CA LEU D 62 -54.92 -49.17 -71.34
C LEU D 62 -54.38 -50.33 -70.52
N THR D 63 -54.53 -50.28 -69.20
CA THR D 63 -53.96 -51.32 -68.35
C THR D 63 -54.75 -52.62 -68.47
N SER D 64 -56.03 -52.58 -68.10
CA SER D 64 -56.87 -53.77 -68.05
C SER D 64 -57.66 -53.97 -69.34
N ASP D 65 -57.09 -53.58 -70.48
CA ASP D 65 -57.75 -53.82 -71.76
C ASP D 65 -57.84 -55.31 -72.05
N ALA D 66 -56.78 -56.06 -71.74
CA ALA D 66 -56.71 -57.53 -71.76
C ALA D 66 -57.03 -58.12 -73.14
N ALA D 67 -56.85 -57.33 -74.20
CA ALA D 67 -57.07 -57.83 -75.53
C ALA D 67 -55.92 -58.69 -76.03
N PHE D 68 -54.73 -58.51 -75.45
CA PHE D 68 -53.62 -59.42 -75.73
C PHE D 68 -53.90 -60.82 -75.18
N GLN D 69 -54.69 -60.91 -74.11
CA GLN D 69 -55.13 -62.21 -73.62
C GLN D 69 -56.09 -62.87 -74.59
N THR D 70 -56.89 -62.07 -75.30
CA THR D 70 -57.73 -62.63 -76.34
C THR D 70 -56.91 -63.05 -77.56
N ILE D 71 -55.76 -62.38 -77.77
CA ILE D 71 -54.82 -62.84 -78.77
C ILE D 71 -54.20 -64.17 -78.34
N ALA D 72 -53.99 -64.34 -77.03
CA ALA D 72 -53.49 -65.60 -76.50
C ALA D 72 -54.51 -66.73 -76.67
N GLN D 73 -55.79 -66.39 -76.72
CA GLN D 73 -56.80 -67.38 -77.10
C GLN D 73 -56.68 -67.75 -78.57
N ILE D 74 -56.29 -66.80 -79.41
CA ILE D 74 -56.05 -67.11 -80.81
C ILE D 74 -54.73 -67.86 -80.96
N ASP D 75 -53.77 -67.62 -80.05
CA ASP D 75 -52.47 -68.28 -80.12
C ASP D 75 -52.58 -69.77 -79.84
N GLU D 76 -53.54 -70.19 -79.02
CA GLU D 76 -53.83 -71.61 -78.90
C GLU D 76 -54.68 -72.13 -80.05
N ALA D 77 -55.28 -71.24 -80.83
CA ALA D 77 -56.10 -71.65 -81.97
C ALA D 77 -55.36 -71.58 -83.29
N LEU D 78 -54.17 -70.99 -83.33
CA LEU D 78 -53.42 -70.89 -84.58
C LEU D 78 -52.42 -72.03 -84.74
N ALA D 79 -51.43 -72.11 -83.85
CA ALA D 79 -50.34 -73.06 -84.05
C ALA D 79 -50.69 -74.43 -83.52
N ASP D 80 -51.35 -74.49 -82.38
CA ASP D 80 -51.59 -75.74 -81.64
C ASP D 80 -52.51 -76.74 -82.34
N PRO D 81 -53.53 -76.35 -83.12
CA PRO D 81 -54.13 -77.34 -84.02
C PRO D 81 -53.52 -77.31 -85.41
N SER D 82 -53.59 -78.46 -86.08
CA SER D 82 -53.36 -78.54 -87.52
C SER D 82 -54.63 -78.00 -88.18
N LEU D 83 -54.68 -76.69 -88.30
CA LEU D 83 -55.93 -75.96 -88.45
C LEU D 83 -56.15 -75.58 -89.91
N SER D 84 -57.40 -75.31 -90.26
CA SER D 84 -57.77 -74.94 -91.61
C SER D 84 -57.18 -73.60 -91.99
N LYS D 85 -56.50 -73.56 -93.15
CA LYS D 85 -55.90 -72.32 -93.65
C LYS D 85 -56.93 -71.26 -94.02
N ASP D 86 -58.18 -71.67 -94.28
CA ASP D 86 -59.27 -70.71 -94.42
C ASP D 86 -59.45 -69.92 -93.12
N ASP D 87 -59.28 -70.58 -91.98
CA ASP D 87 -59.40 -69.90 -90.70
C ASP D 87 -58.07 -69.47 -90.11
N ARG D 88 -56.96 -70.14 -90.47
CA ARG D 88 -55.65 -69.67 -90.04
C ARG D 88 -55.34 -68.30 -90.60
N GLU D 89 -55.74 -68.06 -91.85
CA GLU D 89 -55.66 -66.71 -92.40
C GLU D 89 -56.67 -65.79 -91.72
N ALA D 90 -57.85 -66.32 -91.40
CA ALA D 90 -58.90 -65.50 -90.82
C ALA D 90 -58.60 -65.13 -89.38
N LEU D 91 -58.06 -66.07 -88.59
CA LEU D 91 -57.68 -65.76 -87.22
C LEU D 91 -56.56 -64.74 -87.16
N THR D 92 -55.58 -64.84 -88.06
CA THR D 92 -54.55 -63.82 -88.13
C THR D 92 -55.06 -62.53 -88.73
N LEU D 93 -56.19 -62.55 -89.43
CA LEU D 93 -56.71 -61.33 -90.04
C LEU D 93 -57.23 -60.37 -88.98
N GLU D 94 -58.12 -60.84 -88.11
CA GLU D 94 -58.65 -59.95 -87.08
C GLU D 94 -57.61 -59.70 -85.99
N ARG D 95 -56.66 -60.62 -85.81
CA ARG D 95 -55.51 -60.36 -84.96
C ARG D 95 -54.70 -59.17 -85.47
N ASN D 96 -54.51 -59.09 -86.79
CA ASN D 96 -53.83 -57.94 -87.36
C ASN D 96 -54.66 -56.67 -87.22
N ASN D 97 -55.99 -56.80 -87.24
CA ASN D 97 -56.84 -55.65 -86.92
C ASN D 97 -56.69 -55.26 -85.46
N LEU D 98 -56.67 -56.25 -84.57
CA LEU D 98 -56.80 -55.97 -83.14
C LEU D 98 -55.51 -55.43 -82.55
N ILE D 99 -54.36 -55.83 -83.09
CA ILE D 99 -53.10 -55.20 -82.69
C ILE D 99 -53.06 -53.76 -83.20
N GLN D 100 -53.51 -53.55 -84.43
CA GLN D 100 -53.65 -52.17 -84.93
C GLN D 100 -54.74 -51.42 -84.19
N ASN D 101 -55.80 -52.11 -83.76
CA ASN D 101 -56.77 -51.49 -82.87
C ASN D 101 -56.17 -51.17 -81.52
N LEU D 102 -55.21 -51.99 -81.06
CA LEU D 102 -54.49 -51.66 -79.83
C LEU D 102 -53.57 -50.49 -80.05
N SER D 103 -52.96 -50.39 -81.24
CA SER D 103 -52.14 -49.22 -81.55
C SER D 103 -52.99 -47.97 -81.66
N LYS D 104 -54.14 -48.08 -82.32
CA LYS D 104 -55.08 -46.97 -82.36
C LYS D 104 -55.72 -46.70 -81.01
N HIS D 105 -55.75 -47.70 -80.12
CA HIS D 105 -56.13 -47.43 -78.74
C HIS D 105 -55.07 -46.60 -78.04
N ILE D 106 -53.81 -47.07 -78.08
CA ILE D 106 -52.76 -46.43 -77.31
C ILE D 106 -52.36 -45.09 -77.93
N ASP D 107 -52.60 -44.88 -79.22
CA ASP D 107 -52.34 -43.57 -79.80
C ASP D 107 -53.45 -42.59 -79.51
N ASN D 108 -54.69 -43.08 -79.41
CA ASN D 108 -55.79 -42.19 -79.04
C ASN D 108 -55.72 -41.81 -77.57
N VAL D 109 -54.95 -42.54 -76.76
CA VAL D 109 -54.58 -42.04 -75.44
C VAL D 109 -53.74 -40.79 -75.58
N ILE D 110 -52.69 -40.84 -76.42
CA ILE D 110 -51.67 -39.80 -76.50
C ILE D 110 -52.27 -38.50 -77.03
N VAL D 111 -53.22 -38.61 -77.96
CA VAL D 111 -53.93 -37.44 -78.45
C VAL D 111 -54.73 -36.81 -77.32
N SER D 112 -55.43 -37.62 -76.54
CA SER D 112 -56.09 -37.11 -75.34
C SER D 112 -55.10 -36.77 -74.25
N PHE D 113 -53.91 -37.38 -74.26
CA PHE D 113 -52.93 -37.10 -73.22
C PHE D 113 -52.18 -35.82 -73.54
N THR D 114 -51.43 -35.81 -74.65
CA THR D 114 -50.65 -34.64 -75.04
C THR D 114 -51.52 -33.47 -75.48
N GLY D 115 -52.80 -33.71 -75.77
CA GLY D 115 -53.73 -32.61 -75.93
C GLY D 115 -54.00 -31.83 -74.66
N ARG D 116 -53.59 -32.36 -73.50
CA ARG D 116 -53.68 -31.63 -72.24
C ARG D 116 -52.32 -31.20 -71.70
N THR D 117 -51.27 -31.99 -71.94
CA THR D 117 -49.95 -31.64 -71.44
C THR D 117 -49.40 -30.42 -72.16
N SER D 118 -49.45 -30.43 -73.49
CA SER D 118 -49.06 -29.27 -74.28
C SER D 118 -50.03 -28.11 -74.04
N LYS D 119 -51.27 -28.42 -73.70
CA LYS D 119 -52.22 -27.38 -73.31
C LYS D 119 -51.87 -26.78 -71.96
N LEU D 120 -51.09 -27.50 -71.15
CA LEU D 120 -50.62 -26.96 -69.89
C LEU D 120 -49.33 -26.17 -70.06
N THR D 121 -48.47 -26.60 -70.99
CA THR D 121 -47.19 -25.91 -71.20
C THR D 121 -47.39 -24.52 -71.78
N ASN D 122 -48.48 -24.32 -72.52
CA ASN D 122 -48.84 -22.98 -72.93
C ASN D 122 -49.19 -22.12 -71.74
N LYS D 123 -49.82 -22.71 -70.72
CA LYS D 123 -50.31 -21.92 -69.61
C LYS D 123 -49.21 -21.53 -68.63
N ILE D 124 -48.18 -22.36 -68.48
CA ILE D 124 -47.06 -21.98 -67.63
C ILE D 124 -46.27 -20.84 -68.25
N SER D 125 -46.01 -20.92 -69.55
CA SER D 125 -45.28 -19.85 -70.23
C SER D 125 -46.08 -18.56 -70.28
N ASP D 126 -47.41 -18.64 -70.23
CA ASP D 126 -48.21 -17.43 -70.09
C ASP D 126 -48.17 -16.86 -68.69
N ILE D 127 -47.65 -17.60 -67.71
CA ILE D 127 -47.47 -17.09 -66.37
C ILE D 127 -46.02 -16.74 -66.10
N SER D 128 -45.09 -17.56 -66.59
CA SER D 128 -43.70 -17.42 -66.23
C SER D 128 -43.00 -16.24 -66.90
N ASP D 129 -43.68 -15.46 -67.73
CA ASP D 129 -43.06 -14.37 -68.45
C ASP D 129 -43.30 -12.99 -67.84
N MET D 130 -44.42 -12.80 -67.14
CA MET D 130 -44.82 -11.48 -66.70
C MET D 130 -44.03 -11.10 -65.46
N VAL D 131 -42.92 -10.40 -65.67
CA VAL D 131 -42.15 -9.87 -64.56
C VAL D 131 -42.89 -8.70 -63.94
N ILE D 132 -43.08 -8.74 -62.62
CA ILE D 132 -43.81 -7.69 -61.93
C ILE D 132 -43.02 -7.17 -60.75
N ALA D 133 -41.98 -7.90 -60.33
CA ALA D 133 -41.17 -7.41 -59.22
C ALA D 133 -40.13 -6.41 -59.69
N GLU D 134 -39.38 -6.76 -60.75
CA GLU D 134 -38.33 -5.89 -61.25
C GLU D 134 -38.86 -4.65 -61.95
N ARG D 135 -40.16 -4.60 -62.25
CA ARG D 135 -40.78 -3.44 -62.85
C ARG D 135 -41.29 -2.46 -61.81
N LEU D 136 -41.16 -2.80 -60.53
CA LEU D 136 -41.69 -1.96 -59.47
C LEU D 136 -40.69 -1.56 -58.42
N GLN D 137 -39.45 -2.05 -58.51
CA GLN D 137 -38.46 -1.77 -57.48
C GLN D 137 -38.06 -0.30 -57.48
N ASP D 138 -38.12 0.34 -58.64
CA ASP D 138 -38.11 1.80 -58.68
C ASP D 138 -39.33 2.36 -57.97
N LEU D 139 -40.51 1.80 -58.28
CA LEU D 139 -41.75 2.39 -57.81
C LEU D 139 -41.98 2.11 -56.32
N VAL D 140 -41.35 1.07 -55.77
CA VAL D 140 -41.43 0.87 -54.33
C VAL D 140 -40.58 1.89 -53.60
N THR D 141 -39.30 1.96 -53.95
CA THR D 141 -38.32 2.74 -53.19
C THR D 141 -38.56 4.24 -53.30
N GLN D 142 -39.20 4.70 -54.38
CA GLN D 142 -39.60 6.09 -54.45
C GLN D 142 -40.67 6.40 -53.42
N THR D 143 -41.71 5.58 -53.35
CA THR D 143 -42.75 5.75 -52.34
C THR D 143 -42.22 5.45 -50.95
N GLU D 144 -41.29 4.50 -50.84
CA GLU D 144 -40.69 4.19 -49.54
C GLU D 144 -39.85 5.35 -49.04
N SER D 145 -39.22 6.08 -49.95
CA SER D 145 -38.54 7.31 -49.56
C SER D 145 -39.54 8.36 -49.11
N GLN D 146 -40.70 8.44 -49.77
CA GLN D 146 -41.73 9.42 -49.44
C GLN D 146 -42.28 9.21 -48.03
N LYS D 147 -42.31 7.96 -47.57
CA LYS D 147 -42.69 7.68 -46.19
C LYS D 147 -41.67 8.28 -45.23
N THR D 148 -40.39 8.13 -45.55
CA THR D 148 -39.35 8.72 -44.71
C THR D 148 -39.23 10.22 -44.89
N GLU D 149 -39.76 10.77 -45.99
CA GLU D 149 -39.78 12.21 -46.19
C GLU D 149 -40.63 12.89 -45.13
N LEU D 150 -41.78 12.32 -44.83
CA LEU D 150 -42.80 13.03 -44.08
C LEU D 150 -42.70 12.78 -42.58
N GLN D 151 -42.24 11.60 -42.17
CA GLN D 151 -41.96 11.40 -40.75
C GLN D 151 -40.76 12.22 -40.30
N SER D 152 -39.88 12.57 -41.22
CA SER D 152 -38.85 13.56 -40.96
C SER D 152 -39.40 14.99 -40.94
N ASP D 153 -40.66 15.19 -41.31
CA ASP D 153 -41.34 16.45 -41.12
C ASP D 153 -42.27 16.44 -39.92
N ILE D 154 -42.63 15.26 -39.43
CA ILE D 154 -43.34 15.14 -38.17
C ILE D 154 -42.47 15.63 -37.01
N ASP D 155 -41.19 15.29 -37.05
CA ASP D 155 -40.29 15.62 -35.95
C ASP D 155 -40.07 17.13 -35.72
N PRO D 156 -39.99 18.00 -36.73
CA PRO D 156 -40.04 19.44 -36.39
C PRO D 156 -41.39 19.87 -35.82
N LYS D 157 -42.49 19.36 -36.37
CA LYS D 157 -43.80 19.84 -35.95
C LYS D 157 -44.18 19.30 -34.58
N THR D 158 -43.67 18.12 -34.20
CA THR D 158 -43.89 17.67 -32.84
C THR D 158 -43.02 18.43 -31.84
N GLU D 159 -41.87 18.93 -32.29
CA GLU D 159 -41.03 19.72 -31.41
C GLU D 159 -41.50 21.17 -31.35
N LYS D 160 -41.84 21.75 -32.49
CA LYS D 160 -42.31 23.13 -32.53
C LYS D 160 -43.61 23.31 -31.76
N ARG D 161 -44.49 22.31 -31.81
CA ARG D 161 -45.66 22.31 -30.93
C ARG D 161 -45.23 22.21 -29.47
N ASN D 162 -44.23 21.37 -29.19
CA ASN D 162 -43.79 21.20 -27.82
C ASN D 162 -42.97 22.38 -27.32
N LYS D 163 -42.39 23.16 -28.23
CA LYS D 163 -41.75 24.41 -27.83
C LYS D 163 -42.78 25.43 -27.37
N LEU D 164 -43.86 25.58 -28.13
CA LEU D 164 -44.87 26.58 -27.83
C LEU D 164 -45.75 26.21 -26.65
N ASP D 165 -45.69 24.96 -26.19
CA ASP D 165 -46.45 24.57 -25.00
C ASP D 165 -45.92 25.27 -23.76
N ALA D 166 -44.61 25.39 -23.64
CA ALA D 166 -44.05 26.10 -22.50
C ALA D 166 -44.22 27.61 -22.66
N ASP D 167 -44.06 28.11 -23.88
CA ASP D 167 -44.19 29.54 -24.12
C ASP D 167 -45.63 30.01 -24.00
N ARG D 168 -46.60 29.12 -24.21
CA ARG D 168 -47.96 29.44 -23.79
C ARG D 168 -48.05 29.57 -22.28
N GLU D 169 -47.53 28.58 -21.55
CA GLU D 169 -47.73 28.52 -20.11
C GLU D 169 -46.92 29.57 -19.36
N LYS D 170 -45.83 30.07 -19.94
CA LYS D 170 -45.14 31.19 -19.33
C LYS D 170 -45.99 32.45 -19.35
N ILE D 171 -46.80 32.62 -20.39
CA ILE D 171 -47.76 33.71 -20.41
C ILE D 171 -48.85 33.48 -19.36
N ILE D 172 -49.27 32.22 -19.21
CA ILE D 172 -50.30 31.87 -18.24
C ILE D 172 -49.84 32.14 -16.82
N GLU D 173 -48.58 31.83 -16.52
CA GLU D 173 -48.01 32.12 -15.21
C GLU D 173 -47.93 33.62 -14.96
N SER D 174 -47.63 34.39 -16.00
CA SER D 174 -47.63 35.84 -15.85
C SER D 174 -49.04 36.41 -15.88
N GLN D 175 -50.01 35.71 -16.46
CA GLN D 175 -51.39 36.16 -16.31
C GLN D 175 -51.94 35.85 -14.93
N ASP D 176 -51.39 34.87 -14.23
CA ASP D 176 -51.89 34.52 -12.91
C ASP D 176 -51.56 35.58 -11.87
N VAL D 177 -50.50 36.36 -12.08
CA VAL D 177 -50.19 37.47 -11.19
C VAL D 177 -51.28 38.53 -11.29
N ILE D 178 -51.71 38.83 -12.52
CA ILE D 178 -52.75 39.83 -12.71
C ILE D 178 -54.10 39.23 -12.32
N ARG D 179 -54.25 37.91 -12.44
CA ARG D 179 -55.45 37.21 -12.01
C ARG D 179 -55.67 37.31 -10.51
N GLN D 180 -54.58 37.48 -9.74
CA GLN D 180 -54.56 37.15 -8.32
C GLN D 180 -55.47 38.05 -7.50
N ASN D 181 -55.72 39.27 -7.95
CA ASN D 181 -56.71 40.11 -7.29
C ASN D 181 -58.03 40.09 -8.07
N ASN D 182 -59.12 40.16 -7.33
CA ASN D 182 -60.44 39.86 -7.85
C ASN D 182 -61.14 41.11 -8.35
N ILE D 183 -62.44 40.98 -8.57
CA ILE D 183 -63.27 42.14 -8.89
C ILE D 183 -63.34 43.08 -7.70
N ALA D 184 -63.66 42.55 -6.53
CA ALA D 184 -63.90 43.40 -5.38
C ALA D 184 -62.64 43.66 -4.54
N ASP D 185 -61.55 42.92 -4.76
CA ASP D 185 -60.25 43.37 -4.26
C ASP D 185 -59.90 44.72 -4.87
N MET D 186 -60.17 44.86 -6.16
CA MET D 186 -60.03 46.13 -6.85
C MET D 186 -60.95 47.18 -6.26
N PHE D 187 -62.22 46.82 -6.02
CA PHE D 187 -63.14 47.74 -5.35
C PHE D 187 -62.75 48.00 -3.91
N LYS D 188 -62.08 47.05 -3.25
CA LYS D 188 -61.55 47.31 -1.92
C LYS D 188 -60.44 48.34 -1.97
N ASP D 189 -59.69 48.37 -3.06
CA ASP D 189 -58.61 49.34 -3.19
C ASP D 189 -59.13 50.74 -3.46
N PHE D 190 -60.27 50.87 -4.14
CA PHE D 190 -60.76 52.21 -4.50
C PHE D 190 -61.22 52.97 -3.27
N ILE D 191 -61.76 52.29 -2.29
CA ILE D 191 -61.96 52.96 -1.00
C ILE D 191 -60.59 53.17 -0.37
N PRO D 192 -60.26 54.37 0.10
CA PRO D 192 -58.94 54.61 0.69
C PRO D 192 -58.84 54.18 2.14
N SER D 193 -59.75 53.30 2.58
CA SER D 193 -59.75 52.69 3.91
C SER D 193 -58.39 52.10 4.27
N ALA D 194 -58.13 52.11 5.60
CA ALA D 194 -56.85 52.03 6.33
C ALA D 194 -56.03 53.32 6.17
N LYS D 195 -56.52 54.25 5.35
CA LYS D 195 -56.03 55.62 5.30
C LYS D 195 -57.17 56.62 5.14
N ASP D 196 -58.43 56.15 5.13
CA ASP D 196 -59.54 57.05 4.86
C ASP D 196 -59.94 57.82 6.11
N ILE D 197 -59.85 57.17 7.28
CA ILE D 197 -59.88 57.90 8.53
C ILE D 197 -58.68 58.84 8.58
N ASP D 198 -57.51 58.36 8.16
CA ASP D 198 -56.34 59.21 8.02
C ASP D 198 -56.52 60.24 6.91
N GLY D 199 -57.35 59.94 5.91
CA GLY D 199 -57.77 60.95 4.96
C GLY D 199 -58.59 62.07 5.57
N LEU D 200 -59.25 61.80 6.69
CA LEU D 200 -59.92 62.84 7.46
C LEU D 200 -59.23 63.14 8.78
N ASP D 201 -58.18 62.41 9.16
CA ASP D 201 -57.39 62.79 10.31
C ASP D 201 -56.46 63.94 10.00
N PHE D 202 -55.69 63.81 8.92
CA PHE D 202 -54.74 64.85 8.53
C PHE D 202 -55.43 66.06 7.91
N THR D 203 -56.70 65.95 7.53
CA THR D 203 -57.44 67.02 6.88
C THR D 203 -58.61 67.48 7.74
N GLN D 204 -58.37 67.64 9.05
CA GLN D 204 -59.40 68.18 9.93
C GLN D 204 -59.62 69.69 9.76
N PRO D 205 -58.60 70.57 9.69
CA PRO D 205 -58.92 71.98 9.45
C PRO D 205 -59.33 72.32 8.02
N LYS D 206 -59.24 71.37 7.09
CA LYS D 206 -59.59 71.61 5.70
C LYS D 206 -61.08 71.41 5.42
N LYS D 207 -61.92 71.33 6.45
CA LYS D 207 -63.35 71.20 6.23
C LYS D 207 -63.94 72.48 5.65
N GLU D 208 -63.30 73.62 5.90
CA GLU D 208 -63.64 74.85 5.18
C GLU D 208 -63.06 74.86 3.78
N ALA D 209 -62.04 74.04 3.52
CA ALA D 209 -61.40 74.01 2.22
C ALA D 209 -62.13 73.07 1.28
N ILE D 210 -62.37 73.54 0.05
CA ILE D 210 -62.91 72.68 -0.99
C ILE D 210 -61.86 71.65 -1.41
N LYS D 211 -60.59 72.03 -1.31
CA LYS D 211 -59.45 71.23 -1.76
C LYS D 211 -59.19 70.00 -0.90
N GLN D 212 -59.90 69.82 0.22
CA GLN D 212 -59.86 68.56 0.95
C GLN D 212 -60.40 67.42 0.09
N ALA D 213 -61.44 67.69 -0.69
CA ALA D 213 -61.97 66.68 -1.60
C ALA D 213 -61.02 66.41 -2.76
N ILE D 214 -60.17 67.39 -3.10
CA ILE D 214 -59.14 67.14 -4.11
C ILE D 214 -58.07 66.22 -3.53
N LYS D 215 -57.73 66.41 -2.26
CA LYS D 215 -56.87 65.47 -1.55
C LYS D 215 -57.51 64.10 -1.47
N GLN D 216 -58.82 64.06 -1.25
CA GLN D 216 -59.59 62.83 -1.42
C GLN D 216 -59.55 62.36 -2.87
N GLY D 217 -59.75 63.30 -3.82
CA GLY D 217 -59.77 62.96 -5.22
C GLY D 217 -58.41 62.64 -5.81
N ALA D 218 -57.33 62.85 -5.07
CA ALA D 218 -55.99 62.65 -5.60
C ALA D 218 -55.67 61.16 -5.75
N GLU D 219 -55.73 60.42 -4.65
CA GLU D 219 -55.27 59.04 -4.67
C GLU D 219 -56.22 58.13 -5.43
N ILE D 220 -57.52 58.46 -5.45
CA ILE D 220 -58.44 57.68 -6.25
C ILE D 220 -58.17 57.89 -7.74
N ALA D 221 -57.75 59.10 -8.12
CA ALA D 221 -57.36 59.34 -9.50
C ALA D 221 -56.04 58.66 -9.84
N ARG D 222 -55.20 58.39 -8.84
CA ARG D 222 -54.01 57.59 -9.09
C ARG D 222 -54.38 56.14 -9.33
N LYS D 223 -55.05 55.53 -8.36
CA LYS D 223 -55.21 54.09 -8.31
C LYS D 223 -56.17 53.58 -9.38
N ILE D 224 -57.02 54.46 -9.92
CA ILE D 224 -57.83 54.09 -11.07
C ILE D 224 -56.94 53.88 -12.30
N LEU D 225 -55.82 54.60 -12.39
CA LEU D 225 -54.94 54.45 -13.54
C LEU D 225 -54.01 53.26 -13.39
N GLY D 226 -53.54 53.00 -12.16
CA GLY D 226 -52.63 51.89 -11.93
C GLY D 226 -53.27 50.54 -12.20
N LYS D 227 -54.57 50.43 -12.00
CA LYS D 227 -55.25 49.18 -12.32
C LYS D 227 -55.53 49.08 -13.81
N VAL D 228 -55.61 50.22 -14.51
CA VAL D 228 -55.75 50.18 -15.98
C VAL D 228 -54.50 49.59 -16.61
N SER D 229 -53.33 50.12 -16.23
CA SER D 229 -52.08 49.70 -16.84
C SER D 229 -51.73 48.27 -16.51
N GLU D 230 -52.08 47.82 -15.30
CA GLU D 230 -51.90 46.41 -14.96
C GLU D 230 -52.75 45.54 -15.87
N GLY D 231 -54.00 45.93 -16.10
CA GLY D 231 -54.80 45.26 -17.10
C GLY D 231 -54.39 45.56 -18.52
N LEU D 232 -53.72 46.68 -18.75
CA LEU D 232 -53.28 46.95 -20.10
C LEU D 232 -52.04 46.12 -20.44
N LYS D 233 -51.24 45.79 -19.42
CA LYS D 233 -50.24 44.72 -19.58
C LYS D 233 -50.92 43.41 -19.94
N TYR D 234 -52.02 43.10 -19.24
CA TYR D 234 -52.78 41.88 -19.47
C TYR D 234 -53.40 41.84 -20.86
N ILE D 235 -53.63 42.99 -21.49
CA ILE D 235 -54.08 43.01 -22.87
C ILE D 235 -52.99 42.50 -23.79
N ASP D 236 -51.81 43.11 -23.74
CA ASP D 236 -50.71 42.70 -24.59
C ASP D 236 -50.19 41.32 -24.22
N LEU D 237 -50.39 40.92 -22.97
CA LEU D 237 -49.99 39.59 -22.55
C LEU D 237 -50.92 38.54 -23.15
N ALA D 238 -52.21 38.83 -23.22
CA ALA D 238 -53.15 37.87 -23.77
C ALA D 238 -53.07 37.79 -25.28
N ASP D 239 -52.87 38.94 -25.94
CA ASP D 239 -52.85 38.99 -27.39
C ASP D 239 -51.63 38.29 -27.96
N ALA D 240 -50.54 38.22 -27.19
CA ALA D 240 -49.46 37.32 -27.54
C ALA D 240 -49.92 35.87 -27.48
N ARG D 241 -50.56 35.50 -26.36
CA ARG D 241 -51.03 34.13 -26.15
C ARG D 241 -52.14 33.78 -27.12
N MET D 242 -53.01 34.75 -27.42
CA MET D 242 -54.03 34.57 -28.43
C MET D 242 -53.40 34.27 -29.78
N LYS D 243 -52.30 34.96 -30.10
CA LYS D 243 -51.55 34.62 -31.29
C LYS D 243 -50.79 33.32 -31.11
N LEU D 244 -50.28 33.07 -29.89
CA LEU D 244 -49.44 31.91 -29.66
C LEU D 244 -50.27 30.63 -29.68
N SER D 245 -51.54 30.72 -29.26
CA SER D 245 -52.43 29.58 -29.38
C SER D 245 -52.74 29.27 -30.84
N ASP D 246 -52.86 30.31 -31.67
CA ASP D 246 -53.19 30.12 -33.08
C ASP D 246 -52.04 29.47 -33.84
N GLN D 247 -50.81 29.65 -33.36
CA GLN D 247 -49.67 28.93 -33.92
C GLN D 247 -49.84 27.43 -33.74
N ILE D 248 -50.23 27.00 -32.54
CA ILE D 248 -50.43 25.58 -32.28
C ILE D 248 -51.65 25.07 -33.03
N ASP D 249 -52.64 25.93 -33.25
CA ASP D 249 -53.83 25.54 -34.01
C ASP D 249 -53.48 25.24 -35.46
N GLN D 250 -52.57 26.00 -36.04
CA GLN D 250 -52.06 25.66 -37.36
C GLN D 250 -51.22 24.39 -37.30
N LEU D 251 -50.38 24.28 -36.28
CA LEU D 251 -49.44 23.15 -36.17
C LEU D 251 -50.16 21.82 -36.02
N ILE D 252 -51.23 21.78 -35.22
CA ILE D 252 -52.02 20.55 -35.12
C ILE D 252 -52.73 20.27 -36.43
N THR D 253 -53.17 21.32 -37.12
CA THR D 253 -53.79 21.15 -38.43
C THR D 253 -52.77 20.69 -39.47
N GLU D 254 -51.56 21.26 -39.43
CA GLU D 254 -50.54 20.87 -40.40
C GLU D 254 -49.98 19.48 -40.15
N THR D 255 -50.03 18.99 -38.91
CA THR D 255 -49.58 17.62 -38.66
C THR D 255 -50.55 16.61 -39.25
N ASP D 256 -51.83 16.71 -38.92
CA ASP D 256 -52.77 15.67 -39.30
C ASP D 256 -53.05 15.69 -40.80
N GLU D 257 -52.93 16.86 -41.43
CA GLU D 257 -52.92 16.91 -42.88
C GLU D 257 -51.72 16.17 -43.44
N LEU D 258 -50.56 16.35 -42.82
CA LEU D 258 -49.38 15.60 -43.21
C LEU D 258 -49.44 14.16 -42.71
N LYS D 259 -50.11 13.91 -41.59
CA LYS D 259 -50.28 12.55 -41.13
C LYS D 259 -51.32 11.82 -41.96
N ALA D 260 -52.18 12.56 -42.66
CA ALA D 260 -53.00 11.94 -43.70
C ALA D 260 -52.18 11.54 -44.91
N LYS D 261 -51.04 12.19 -45.13
CA LYS D 261 -50.23 11.83 -46.30
C LYS D 261 -49.51 10.51 -46.10
N ILE D 262 -48.98 10.25 -44.91
CA ILE D 262 -48.32 8.98 -44.66
C ILE D 262 -49.30 7.83 -44.62
N ARG D 263 -50.58 8.13 -44.41
CA ARG D 263 -51.62 7.12 -44.55
C ARG D 263 -51.67 6.60 -45.98
N GLU D 264 -51.72 7.51 -46.94
CA GLU D 264 -51.82 7.13 -48.35
C GLU D 264 -50.56 6.45 -48.85
N VAL D 265 -49.41 6.87 -48.33
CA VAL D 265 -48.16 6.21 -48.70
C VAL D 265 -48.12 4.80 -48.16
N GLU D 266 -48.46 4.62 -46.89
CA GLU D 266 -48.51 3.29 -46.29
C GLU D 266 -49.61 2.45 -46.91
N LEU D 267 -50.73 3.06 -47.29
CA LEU D 267 -51.75 2.34 -48.03
C LEU D 267 -51.23 1.92 -49.40
N ARG D 268 -50.35 2.72 -50.00
CA ARG D 268 -49.77 2.34 -51.27
C ARG D 268 -48.69 1.29 -51.07
N LEU D 269 -47.77 1.54 -50.14
CA LEU D 269 -46.60 0.68 -49.94
C LEU D 269 -47.01 -0.71 -49.50
N SER D 270 -48.01 -0.82 -48.64
CA SER D 270 -48.53 -2.13 -48.27
C SER D 270 -49.21 -2.81 -49.46
N GLY D 271 -49.85 -2.02 -50.33
CA GLY D 271 -50.38 -2.59 -51.55
C GLY D 271 -49.30 -3.05 -52.51
N LEU D 272 -48.17 -2.34 -52.51
CA LEU D 272 -47.08 -2.71 -53.40
C LEU D 272 -46.32 -3.92 -52.89
N LYS D 273 -46.14 -4.03 -51.57
CA LYS D 273 -45.51 -5.21 -51.01
C LYS D 273 -46.37 -6.45 -51.19
N ASP D 274 -47.69 -6.26 -51.29
CA ASP D 274 -48.56 -7.36 -51.67
C ASP D 274 -48.26 -7.85 -53.08
N VAL D 275 -47.95 -6.93 -53.99
CA VAL D 275 -47.57 -7.33 -55.33
C VAL D 275 -46.20 -7.97 -55.32
N MET D 276 -45.31 -7.53 -54.43
CA MET D 276 -43.98 -8.11 -54.35
C MET D 276 -44.01 -9.53 -53.82
N GLN D 277 -45.02 -9.87 -53.01
CA GLN D 277 -45.14 -11.25 -52.55
C GLN D 277 -45.70 -12.17 -53.63
N ILE D 278 -46.36 -11.62 -54.65
CA ILE D 278 -46.93 -12.44 -55.70
C ILE D 278 -45.84 -13.15 -56.48
N ASP D 279 -44.74 -12.44 -56.76
CA ASP D 279 -43.63 -13.06 -57.50
C ASP D 279 -42.94 -14.13 -56.67
N THR D 280 -42.94 -13.99 -55.35
CA THR D 280 -42.35 -15.02 -54.50
C THR D 280 -43.16 -16.31 -54.55
N GLU D 281 -44.47 -16.20 -54.51
CA GLU D 281 -45.31 -17.38 -54.64
C GLU D 281 -45.53 -17.78 -56.10
N ARG D 282 -45.23 -16.90 -57.06
CA ARG D 282 -45.25 -17.33 -58.44
C ARG D 282 -44.11 -18.31 -58.71
N THR D 283 -42.98 -18.13 -58.03
CA THR D 283 -41.88 -19.08 -58.17
C THR D 283 -42.22 -20.43 -57.56
N THR D 284 -42.83 -20.42 -56.36
CA THR D 284 -43.21 -21.68 -55.74
C THR D 284 -44.32 -22.38 -56.51
N LEU D 285 -45.17 -21.61 -57.19
CA LEU D 285 -46.14 -22.20 -58.10
C LEU D 285 -45.46 -22.84 -59.30
N LEU D 286 -44.56 -22.11 -59.94
CA LEU D 286 -44.07 -22.56 -61.23
C LEU D 286 -43.00 -23.64 -61.09
N THR D 287 -42.05 -23.46 -60.17
CA THR D 287 -40.98 -24.44 -59.99
C THR D 287 -41.51 -25.79 -59.55
N GLU D 288 -42.66 -25.80 -58.87
CA GLU D 288 -43.37 -27.05 -58.68
C GLU D 288 -44.01 -27.52 -59.97
N ALA D 289 -44.65 -26.62 -60.71
CA ALA D 289 -45.34 -27.02 -61.93
C ALA D 289 -44.39 -27.30 -63.09
N VAL D 290 -43.17 -26.78 -63.05
CA VAL D 290 -42.15 -27.18 -64.01
C VAL D 290 -41.79 -28.64 -63.82
N LYS D 291 -41.75 -29.10 -62.57
CA LYS D 291 -41.50 -30.51 -62.27
C LYS D 291 -42.59 -31.42 -62.80
N ILE D 292 -43.77 -30.88 -63.08
CA ILE D 292 -44.88 -31.69 -63.53
C ILE D 292 -44.94 -31.79 -65.05
N GLU D 293 -44.54 -30.73 -65.76
CA GLU D 293 -44.42 -30.78 -67.23
C GLU D 293 -43.46 -31.86 -67.69
N GLN D 294 -42.39 -32.10 -66.93
CA GLN D 294 -41.43 -33.13 -67.30
C GLN D 294 -42.08 -34.50 -67.30
N VAL D 295 -42.71 -34.88 -66.18
CA VAL D 295 -43.31 -36.20 -66.08
C VAL D 295 -44.62 -36.33 -66.86
N TRP D 296 -45.13 -35.24 -67.42
CA TRP D 296 -46.11 -35.43 -68.48
C TRP D 296 -45.42 -35.80 -69.79
N ILE D 297 -44.37 -35.07 -70.15
CA ILE D 297 -43.74 -35.25 -71.45
C ILE D 297 -42.86 -36.48 -71.47
N SER D 298 -42.04 -36.67 -70.43
CA SER D 298 -41.13 -37.81 -70.36
C SER D 298 -41.88 -39.13 -70.32
N PHE D 299 -43.08 -39.14 -69.77
CA PHE D 299 -43.97 -40.27 -69.96
C PHE D 299 -44.39 -40.40 -71.41
N ALA D 300 -44.95 -39.32 -71.98
CA ALA D 300 -45.56 -39.37 -73.29
C ALA D 300 -44.53 -39.62 -74.39
N GLU D 301 -43.29 -39.15 -74.19
CA GLU D 301 -42.22 -39.52 -75.10
C GLU D 301 -41.90 -41.00 -74.99
N GLN D 302 -41.80 -41.50 -73.76
CA GLN D 302 -41.55 -42.92 -73.55
C GLN D 302 -42.75 -43.76 -73.96
N LEU D 303 -43.95 -43.21 -73.85
CA LEU D 303 -45.13 -43.96 -74.25
C LEU D 303 -45.25 -44.00 -75.77
N HIS D 304 -44.90 -42.91 -76.44
CA HIS D 304 -44.90 -42.95 -77.90
C HIS D 304 -43.70 -43.74 -78.43
N LYS D 305 -42.67 -43.91 -77.61
CA LYS D 305 -41.58 -44.83 -77.96
C LYS D 305 -42.08 -46.26 -78.06
N LEU D 306 -43.03 -46.64 -77.20
CA LEU D 306 -43.56 -48.00 -77.27
C LEU D 306 -44.56 -48.14 -78.41
N SER D 307 -45.22 -47.05 -78.80
CA SER D 307 -46.13 -47.09 -79.94
C SER D 307 -45.41 -47.22 -81.27
N ASN D 308 -44.09 -47.07 -81.30
CA ASN D 308 -43.33 -47.39 -82.48
C ASN D 308 -43.31 -48.89 -82.72
N ASP D 309 -42.91 -49.66 -81.71
CA ASP D 309 -42.75 -51.10 -81.87
C ASP D 309 -44.05 -51.86 -81.81
N GLU D 310 -45.03 -51.36 -81.03
CA GLU D 310 -46.38 -51.91 -80.90
C GLU D 310 -46.38 -53.35 -80.41
N ILE D 311 -45.45 -53.65 -79.51
CA ILE D 311 -45.32 -54.99 -78.96
C ILE D 311 -46.30 -55.09 -77.78
N ASN D 312 -46.81 -56.30 -77.54
CA ASN D 312 -47.79 -56.56 -76.51
C ASN D 312 -47.14 -56.89 -75.16
N GLN D 313 -45.96 -56.32 -74.89
CA GLN D 313 -45.26 -56.52 -73.64
C GLN D 313 -46.08 -56.04 -72.45
N GLN D 314 -45.77 -56.58 -71.29
CA GLN D 314 -46.38 -56.14 -70.06
C GLN D 314 -45.43 -55.28 -69.24
N ASP D 315 -44.25 -54.98 -69.79
CA ASP D 315 -43.49 -53.83 -69.33
C ASP D 315 -44.19 -52.53 -69.71
N LEU D 316 -44.98 -52.56 -70.80
CA LEU D 316 -45.93 -51.50 -71.10
C LEU D 316 -46.83 -51.19 -69.91
N SER D 317 -47.59 -52.19 -69.46
CA SER D 317 -48.47 -52.01 -68.32
C SER D 317 -47.70 -51.81 -67.03
N ASN D 318 -46.45 -52.27 -66.96
CA ASN D 318 -45.58 -51.89 -65.86
C ASN D 318 -45.22 -50.41 -65.96
N LEU D 319 -45.00 -49.91 -67.17
CA LEU D 319 -44.64 -48.51 -67.32
C LEU D 319 -45.84 -47.60 -67.09
N ILE D 320 -47.04 -48.07 -67.39
CA ILE D 320 -48.23 -47.30 -67.05
C ILE D 320 -48.42 -47.27 -65.55
N ASN D 321 -48.09 -48.38 -64.88
CA ASN D 321 -48.39 -48.56 -63.46
C ASN D 321 -47.62 -47.58 -62.59
N GLY D 322 -46.36 -47.31 -62.94
CA GLY D 322 -45.62 -46.28 -62.22
C GLY D 322 -46.17 -44.90 -62.47
N GLN D 323 -46.62 -44.63 -63.70
CA GLN D 323 -47.27 -43.37 -64.00
C GLN D 323 -48.65 -43.29 -63.37
N LEU D 324 -49.42 -44.38 -63.45
CA LEU D 324 -50.79 -44.37 -62.93
C LEU D 324 -50.79 -44.25 -61.42
N ASP D 325 -49.80 -44.83 -60.75
CA ASP D 325 -49.69 -44.65 -59.31
C ASP D 325 -49.29 -43.21 -58.98
N PHE D 326 -48.32 -42.67 -59.73
CA PHE D 326 -47.91 -41.28 -59.59
C PHE D 326 -49.08 -40.33 -59.81
N LEU D 327 -49.89 -40.59 -60.84
CA LEU D 327 -51.06 -39.78 -61.06
C LEU D 327 -52.07 -39.97 -59.93
N ASN D 328 -52.23 -41.22 -59.47
CA ASN D 328 -53.12 -41.47 -58.33
C ASN D 328 -52.54 -40.89 -57.05
N ASN D 329 -51.21 -40.86 -56.93
CA ASN D 329 -50.57 -40.11 -55.86
C ASN D 329 -50.93 -38.64 -55.95
N LEU D 330 -50.94 -38.11 -57.16
CA LEU D 330 -51.16 -36.69 -57.33
C LEU D 330 -52.64 -36.33 -57.18
N THR D 331 -53.54 -37.27 -57.45
CA THR D 331 -54.95 -37.06 -57.12
C THR D 331 -55.16 -37.00 -55.62
N LEU D 332 -54.31 -37.68 -54.86
CA LEU D 332 -54.58 -37.91 -53.44
C LEU D 332 -54.40 -36.64 -52.62
N GLN D 333 -53.36 -35.84 -52.93
CA GLN D 333 -53.16 -34.65 -52.12
C GLN D 333 -54.21 -33.60 -52.38
N TYR D 334 -54.82 -33.61 -53.57
CA TYR D 334 -56.01 -32.78 -53.76
C TYR D 334 -57.19 -33.31 -52.96
N ASN D 335 -57.27 -34.62 -52.78
CA ASN D 335 -58.33 -35.18 -51.98
C ASN D 335 -58.02 -35.13 -50.49
N LYS D 336 -56.74 -35.12 -50.14
CA LYS D 336 -56.33 -34.95 -48.75
C LYS D 336 -55.91 -33.51 -48.48
N LEU D 337 -56.38 -32.56 -49.31
CA LEU D 337 -56.04 -31.16 -49.09
C LEU D 337 -56.73 -30.63 -47.85
N LYS D 338 -57.98 -31.06 -47.63
CA LYS D 338 -58.63 -31.07 -46.31
C LYS D 338 -58.81 -29.71 -45.66
N TYR E 1 78.26 -9.06 25.87
CA TYR E 1 78.45 -7.64 25.54
C TYR E 1 77.37 -7.03 24.62
N PRO E 2 76.08 -7.32 24.88
CA PRO E 2 75.09 -7.22 23.78
C PRO E 2 74.74 -5.81 23.29
N GLU E 3 74.31 -4.91 24.18
CA GLU E 3 73.75 -3.63 23.75
C GLU E 3 73.67 -2.67 24.93
N ILE E 4 74.31 -1.51 24.79
CA ILE E 4 74.31 -0.49 25.85
C ILE E 4 74.10 0.85 25.17
N ASN E 5 72.94 1.46 25.41
CA ASN E 5 72.55 2.72 24.78
C ASN E 5 72.68 3.83 25.82
N ILE E 6 73.89 4.39 25.94
CA ILE E 6 74.09 5.42 26.96
C ILE E 6 73.47 6.75 26.58
N LYS E 7 73.05 6.90 25.32
CA LYS E 7 72.22 8.04 24.94
C LYS E 7 70.90 8.02 25.71
N ALA E 8 70.34 6.83 25.93
CA ALA E 8 69.17 6.71 26.79
C ALA E 8 69.52 6.83 28.26
N MET E 9 70.79 6.70 28.60
CA MET E 9 71.23 6.67 29.99
C MET E 9 71.73 8.03 30.48
N ASN E 10 72.64 8.64 29.72
CA ASN E 10 73.18 9.94 30.12
C ASN E 10 72.14 11.03 30.00
N GLN E 11 71.10 10.81 29.19
CA GLN E 11 69.90 11.62 29.31
C GLN E 11 69.20 11.34 30.63
N ALA E 12 69.03 10.06 30.96
CA ALA E 12 68.28 9.68 32.15
C ALA E 12 69.00 10.06 33.43
N VAL E 13 70.34 10.06 33.41
CA VAL E 13 71.08 10.61 34.53
C VAL E 13 70.81 12.11 34.65
N ASN E 14 70.81 12.80 33.52
CA ASN E 14 70.70 14.24 33.52
C ASN E 14 69.28 14.68 33.90
N THR E 15 68.28 13.92 33.49
CA THR E 15 66.91 14.28 33.85
C THR E 15 66.63 14.04 35.32
N ILE E 16 67.26 13.03 35.92
CA ILE E 16 67.13 12.84 37.37
C ILE E 16 67.71 14.02 38.12
N TRP E 17 68.86 14.52 37.68
CA TRP E 17 69.35 15.77 38.24
C TRP E 17 68.44 16.93 37.87
N LEU E 18 67.85 16.89 36.68
CA LEU E 18 66.94 17.95 36.28
C LEU E 18 65.66 17.91 37.10
N LEU E 19 65.10 16.73 37.32
CA LEU E 19 63.90 16.64 38.12
C LEU E 19 64.16 16.79 39.60
N ALA E 20 65.42 16.73 40.03
CA ALA E 20 65.73 16.93 41.44
C ALA E 20 65.49 18.35 41.87
N GLN E 21 66.03 19.30 41.12
CA GLN E 21 65.82 20.71 41.43
C GLN E 21 64.41 21.15 41.07
N ARG E 22 63.78 20.48 40.11
CA ARG E 22 62.50 20.94 39.57
C ARG E 22 61.33 20.64 40.50
N GLN E 23 61.44 19.60 41.32
CA GLN E 23 60.28 19.07 42.03
C GLN E 23 59.76 20.06 43.07
N THR E 24 58.44 20.13 43.18
CA THR E 24 57.75 21.11 44.01
C THR E 24 56.78 20.41 44.96
N SER E 25 57.29 19.39 45.65
CA SER E 25 56.46 18.64 46.58
C SER E 25 56.07 19.48 47.79
N GLY E 26 56.96 20.36 48.24
CA GLY E 26 56.66 21.14 49.42
C GLY E 26 56.71 20.34 50.69
N ILE E 27 57.54 19.29 50.73
CA ILE E 27 57.68 18.45 51.91
C ILE E 27 59.17 18.26 52.13
N GLU E 28 59.53 17.89 53.36
CA GLU E 28 60.90 17.97 53.81
C GLU E 28 61.66 16.66 53.76
N ILE E 29 61.00 15.57 53.39
CA ILE E 29 61.62 14.25 53.43
C ILE E 29 61.81 13.67 52.04
N ILE E 30 60.89 13.94 51.11
CA ILE E 30 61.18 13.76 49.70
C ILE E 30 62.32 14.67 49.27
N ASN E 31 62.41 15.85 49.91
CA ASN E 31 63.45 16.81 49.59
C ASN E 31 64.84 16.29 49.94
N ASP E 32 64.94 15.35 50.89
CA ASP E 32 66.20 14.63 51.08
C ASP E 32 66.04 13.16 50.71
N LYS E 33 64.94 12.77 50.08
CA LYS E 33 64.98 11.53 49.33
C LYS E 33 65.65 11.72 47.99
N VAL E 34 65.22 12.75 47.26
CA VAL E 34 65.67 12.92 45.89
C VAL E 34 67.10 13.41 45.86
N LYS E 35 67.47 14.25 46.82
CA LYS E 35 68.82 14.78 46.92
C LYS E 35 69.85 13.68 47.12
N ARG E 36 69.48 12.63 47.86
CA ARG E 36 70.37 11.50 48.03
C ARG E 36 70.37 10.61 46.80
N ILE E 37 69.24 10.52 46.09
CA ILE E 37 69.20 9.74 44.86
C ILE E 37 70.00 10.44 43.78
N SER E 38 69.78 11.74 43.63
CA SER E 38 70.32 12.45 42.48
C SER E 38 71.82 12.66 42.61
N ALA E 39 72.31 12.90 43.84
CA ALA E 39 73.74 13.04 44.04
C ALA E 39 74.47 11.72 43.84
N TYR E 40 73.78 10.59 43.98
CA TYR E 40 74.36 9.33 43.55
C TYR E 40 74.47 9.27 42.04
N SER E 41 73.38 9.59 41.34
CA SER E 41 73.30 9.34 39.90
C SER E 41 74.25 10.24 39.12
N ARG E 42 74.42 11.48 39.58
CA ARG E 42 75.44 12.34 39.00
C ARG E 42 76.83 11.77 39.22
N GLU E 43 77.12 11.36 40.45
CA GLU E 43 78.39 10.71 40.73
C GLU E 43 78.49 9.34 40.06
N PHE E 44 77.36 8.73 39.75
CA PHE E 44 77.40 7.47 39.02
C PHE E 44 77.85 7.68 37.58
N ASP E 45 77.41 8.76 36.96
CA ASP E 45 77.82 9.04 35.59
C ASP E 45 79.29 9.44 35.54
N GLU E 46 79.73 10.22 36.53
CA GLU E 46 81.13 10.63 36.60
C GLU E 46 82.04 9.43 36.81
N MET E 47 81.67 8.56 37.75
CA MET E 47 82.53 7.44 38.09
C MET E 47 82.50 6.38 37.01
N MET E 48 81.45 6.35 36.17
CA MET E 48 81.50 5.44 35.05
C MET E 48 82.44 5.96 33.97
N ARG E 49 82.36 7.27 33.67
CA ARG E 49 83.26 7.87 32.68
C ARG E 49 84.71 7.81 33.15
N ASP E 50 84.93 8.01 34.45
CA ASP E 50 86.29 7.94 34.97
C ASP E 50 86.81 6.51 34.93
N SER E 51 85.94 5.54 35.22
CA SER E 51 86.33 4.15 35.01
C SER E 51 86.46 3.83 33.53
N LEU E 52 85.68 4.52 32.69
CA LEU E 52 85.84 4.33 31.25
C LEU E 52 87.13 4.93 30.76
N ALA E 53 87.57 6.03 31.36
CA ALA E 53 88.81 6.67 30.94
C ALA E 53 90.04 6.01 31.56
N GLN E 54 89.93 5.46 32.77
CA GLN E 54 91.09 4.87 33.42
C GLN E 54 91.28 3.41 33.10
N LEU E 55 90.47 2.84 32.21
CA LEU E 55 90.63 1.45 31.82
C LEU E 55 90.98 1.25 30.36
N ALA E 56 90.73 2.23 29.51
CA ALA E 56 91.19 2.15 28.12
C ALA E 56 92.70 2.08 27.96
N PRO E 57 93.53 2.92 28.62
CA PRO E 57 94.97 2.79 28.37
C PRO E 57 95.59 1.57 29.03
N VAL E 58 95.02 1.09 30.12
CA VAL E 58 95.65 -0.03 30.82
C VAL E 58 95.43 -1.34 30.10
N LEU E 59 94.40 -1.43 29.23
CA LEU E 59 94.24 -2.62 28.42
C LEU E 59 95.27 -2.70 27.31
N LYS E 60 95.57 -1.57 26.68
CA LYS E 60 96.56 -1.55 25.61
C LYS E 60 97.97 -1.78 26.12
N GLN E 61 98.21 -1.57 27.42
CA GLN E 61 99.46 -2.00 28.02
C GLN E 61 99.61 -3.51 28.03
N LEU E 62 98.49 -4.24 27.97
CA LEU E 62 98.54 -5.69 27.95
C LEU E 62 98.59 -6.26 26.54
N THR E 63 98.00 -5.56 25.57
CA THR E 63 97.95 -6.08 24.20
C THR E 63 99.32 -6.02 23.53
N SER E 64 99.86 -4.81 23.39
CA SER E 64 101.11 -4.60 22.66
C SER E 64 102.32 -4.58 23.57
N ASP E 65 102.28 -5.37 24.66
CA ASP E 65 103.43 -5.48 25.55
C ASP E 65 104.60 -6.11 24.81
N ALA E 66 104.33 -7.16 24.02
CA ALA E 66 105.26 -7.82 23.10
C ALA E 66 106.49 -8.38 23.80
N ALA E 67 106.39 -8.66 25.10
CA ALA E 67 107.49 -9.25 25.83
C ALA E 67 107.62 -10.74 25.58
N PHE E 68 106.53 -11.39 25.15
CA PHE E 68 106.62 -12.77 24.69
C PHE E 68 107.43 -12.87 23.41
N GLN E 69 107.43 -11.83 22.58
CA GLN E 69 108.31 -11.79 21.42
C GLN E 69 109.77 -11.69 21.83
N THR E 70 110.05 -11.02 22.94
CA THR E 70 111.41 -11.01 23.45
C THR E 70 111.78 -12.35 24.06
N ILE E 71 110.79 -13.10 24.55
CA ILE E 71 111.02 -14.48 24.94
C ILE E 71 111.33 -15.33 23.72
N ALA E 72 110.68 -15.02 22.59
CA ALA E 72 110.98 -15.72 21.34
C ALA E 72 112.38 -15.42 20.83
N GLN E 73 112.94 -14.26 21.19
CA GLN E 73 114.35 -14.01 20.93
C GLN E 73 115.23 -14.88 21.81
N ILE E 74 114.79 -15.17 23.03
CA ILE E 74 115.52 -16.08 23.89
C ILE E 74 115.32 -17.52 23.42
N ASP E 75 114.17 -17.80 22.80
CA ASP E 75 113.88 -19.16 22.32
C ASP E 75 114.78 -19.56 21.17
N GLU E 76 115.22 -18.61 20.35
CA GLU E 76 116.26 -18.90 19.38
C GLU E 76 117.65 -18.90 20.00
N ALA E 77 117.80 -18.39 21.21
CA ALA E 77 119.09 -18.37 21.89
C ALA E 77 119.25 -19.50 22.88
N LEU E 78 118.19 -20.24 23.20
CA LEU E 78 118.29 -21.34 24.16
C LEU E 78 118.54 -22.68 23.48
N ALA E 79 117.58 -23.13 22.67
CA ALA E 79 117.68 -24.49 22.12
C ALA E 79 118.53 -24.54 20.87
N ASP E 80 118.39 -23.54 20.01
CA ASP E 80 118.99 -23.54 18.67
C ASP E 80 120.52 -23.51 18.65
N PRO E 81 121.23 -22.85 19.57
CA PRO E 81 122.66 -23.15 19.68
C PRO E 81 122.96 -24.22 20.71
N SER E 82 124.08 -24.91 20.51
CA SER E 82 124.69 -25.73 21.55
C SER E 82 125.40 -24.77 22.49
N LEU E 83 124.62 -24.25 23.43
CA LEU E 83 124.94 -23.00 24.11
C LEU E 83 125.52 -23.30 25.49
N SER E 84 126.24 -22.32 26.02
CA SER E 84 126.87 -22.44 27.34
C SER E 84 125.83 -22.53 28.44
N LYS E 85 125.96 -23.56 29.29
CA LYS E 85 125.05 -23.76 30.41
C LYS E 85 125.14 -22.65 31.45
N ASP E 86 126.25 -21.91 31.49
CA ASP E 86 126.32 -20.69 32.30
C ASP E 86 125.27 -19.68 31.82
N ASP E 87 125.06 -19.60 30.52
CA ASP E 87 124.07 -18.69 29.97
C ASP E 87 122.74 -19.34 29.68
N ARG E 88 122.70 -20.66 29.44
CA ARG E 88 121.41 -21.35 29.30
C ARG E 88 120.61 -21.27 30.58
N GLU E 89 121.29 -21.39 31.72
CA GLU E 89 120.63 -21.14 33.00
C GLU E 89 120.29 -19.66 33.15
N ALA E 90 121.16 -18.78 32.67
CA ALA E 90 120.96 -17.35 32.83
C ALA E 90 119.84 -16.84 31.93
N LEU E 91 119.76 -17.32 30.69
CA LEU E 91 118.67 -16.92 29.80
C LEU E 91 117.33 -17.39 30.31
N THR E 92 117.26 -18.61 30.86
CA THR E 92 116.03 -19.06 31.48
C THR E 92 115.76 -18.37 32.80
N LEU E 93 116.78 -17.76 33.41
CA LEU E 93 116.56 -17.11 34.70
C LEU E 93 115.73 -15.84 34.55
N GLU E 94 116.14 -14.94 33.65
CA GLU E 94 115.37 -13.72 33.46
C GLU E 94 114.06 -14.00 32.71
N ARG E 95 114.04 -15.07 31.91
CA ARG E 95 112.78 -15.54 31.33
C ARG E 95 111.78 -15.92 32.40
N ASN E 96 112.26 -16.60 33.45
CA ASN E 96 111.38 -16.92 34.57
C ASN E 96 110.96 -15.68 35.34
N ASN E 97 111.83 -14.66 35.38
CA ASN E 97 111.41 -13.37 35.93
C ASN E 97 110.37 -12.71 35.05
N LEU E 98 110.57 -12.76 33.73
CA LEU E 98 109.78 -11.93 32.82
C LEU E 98 108.39 -12.51 32.62
N ILE E 99 108.24 -13.83 32.68
CA ILE E 99 106.91 -14.42 32.67
C ILE E 99 106.18 -14.09 33.97
N GLN E 100 106.90 -14.16 35.10
CA GLN E 100 106.32 -13.70 36.35
C GLN E 100 106.10 -12.20 36.36
N ASN E 101 106.96 -11.44 35.67
CA ASN E 101 106.68 -10.02 35.48
C ASN E 101 105.48 -9.81 34.59
N LEU E 102 105.24 -10.72 33.63
CA LEU E 102 104.02 -10.65 32.85
C LEU E 102 102.80 -11.01 33.69
N SER E 103 102.96 -11.97 34.61
CA SER E 103 101.87 -12.30 35.51
C SER E 103 101.60 -11.14 36.47
N LYS E 104 102.66 -10.53 36.99
CA LYS E 104 102.50 -9.34 37.81
C LYS E 104 102.04 -8.15 37.00
N HIS E 105 102.29 -8.15 35.69
CA HIS E 105 101.67 -7.14 34.84
C HIS E 105 100.17 -7.37 34.72
N ILE E 106 99.76 -8.60 34.36
CA ILE E 106 98.36 -8.86 34.10
C ILE E 106 97.55 -8.90 35.39
N ASP E 107 98.17 -9.18 36.54
CA ASP E 107 97.44 -9.11 37.79
C ASP E 107 97.31 -7.68 38.28
N ASN E 108 98.29 -6.83 37.99
CA ASN E 108 98.17 -5.42 38.37
C ASN E 108 97.18 -4.69 37.47
N VAL E 109 96.82 -5.28 36.34
CA VAL E 109 95.64 -4.82 35.60
C VAL E 109 94.39 -5.04 36.45
N ILE E 110 94.23 -6.27 36.96
CA ILE E 110 92.99 -6.71 37.60
C ILE E 110 92.74 -5.92 38.88
N VAL E 111 93.81 -5.59 39.60
CA VAL E 111 93.70 -4.74 40.78
C VAL E 111 93.21 -3.36 40.39
N SER E 112 93.76 -2.80 39.32
CA SER E 112 93.23 -1.55 38.79
C SER E 112 91.91 -1.75 38.08
N PHE E 113 91.63 -2.96 37.60
CA PHE E 113 90.37 -3.21 36.91
C PHE E 113 89.25 -3.44 37.91
N THR E 114 89.34 -4.50 38.71
CA THR E 114 88.32 -4.82 39.69
C THR E 114 88.26 -3.83 40.84
N GLY E 115 89.30 -3.02 41.02
CA GLY E 115 89.19 -1.88 41.91
C GLY E 115 88.24 -0.80 41.44
N ARG E 116 87.78 -0.86 40.20
CA ARG E 116 86.74 0.03 39.69
C ARG E 116 85.42 -0.66 39.44
N THR E 117 85.44 -1.94 39.05
CA THR E 117 84.19 -2.64 38.78
C THR E 117 83.42 -2.90 40.06
N SER E 118 84.10 -3.43 41.07
CA SER E 118 83.49 -3.60 42.39
C SER E 118 83.19 -2.25 43.02
N LYS E 119 83.95 -1.22 42.66
CA LYS E 119 83.63 0.13 43.11
C LYS E 119 82.38 0.66 42.42
N LEU E 120 82.01 0.08 41.27
CA LEU E 120 80.77 0.45 40.61
C LEU E 120 79.59 -0.35 41.14
N THR E 121 79.81 -1.61 41.51
CA THR E 121 78.72 -2.46 42.01
C THR E 121 78.21 -1.98 43.36
N ASN E 122 79.06 -1.32 44.14
CA ASN E 122 78.61 -0.65 45.34
C ASN E 122 77.66 0.48 45.00
N LYS E 123 77.91 1.17 43.89
CA LYS E 123 77.15 2.37 43.58
C LYS E 123 75.78 2.05 42.99
N ILE E 124 75.66 0.93 42.27
CA ILE E 124 74.35 0.55 41.76
C ILE E 124 73.44 0.11 42.89
N SER E 125 73.97 -0.69 43.83
CA SER E 125 73.17 -1.13 44.96
C SER E 125 72.81 0.02 45.90
N ASP E 126 73.61 1.08 45.91
CA ASP E 126 73.21 2.28 46.64
C ASP E 126 72.14 3.07 45.92
N ILE E 127 71.86 2.76 44.66
CA ILE E 127 70.77 3.40 43.93
C ILE E 127 69.56 2.48 43.84
N SER E 128 69.80 1.20 43.61
CA SER E 128 68.73 0.26 43.32
C SER E 128 67.88 -0.10 44.52
N ASP E 129 68.17 0.42 45.71
CA ASP E 129 67.43 0.05 46.91
C ASP E 129 66.37 1.07 47.32
N MET E 130 66.56 2.34 47.01
CA MET E 130 65.71 3.40 47.54
C MET E 130 64.41 3.43 46.76
N VAL E 131 63.40 2.73 47.29
CA VAL E 131 62.07 2.79 46.70
C VAL E 131 61.44 4.12 47.04
N ILE E 132 60.94 4.82 46.01
CA ILE E 132 60.33 6.13 46.22
C ILE E 132 58.96 6.21 45.57
N ALA E 133 58.65 5.25 44.71
CA ALA E 133 57.32 5.26 44.10
C ALA E 133 56.28 4.61 45.01
N GLU E 134 56.59 3.42 45.55
CA GLU E 134 55.64 2.71 46.39
C GLU E 134 55.49 3.35 47.77
N ARG E 135 56.35 4.29 48.13
CA ARG E 135 56.24 5.02 49.38
C ARG E 135 55.38 6.26 49.24
N LEU E 136 54.92 6.58 48.03
CA LEU E 136 54.17 7.79 47.80
C LEU E 136 52.81 7.58 47.16
N GLN E 137 52.46 6.34 46.82
CA GLN E 137 51.21 6.09 46.13
C GLN E 137 50.01 6.36 47.03
N ASP E 138 50.18 6.17 48.34
CA ASP E 138 49.24 6.74 49.30
C ASP E 138 49.24 8.27 49.20
N LEU E 139 50.43 8.87 49.19
CA LEU E 139 50.55 10.30 49.28
C LEU E 139 50.15 11.00 48.00
N VAL E 140 50.19 10.32 46.86
CA VAL E 140 49.68 10.90 45.63
C VAL E 140 48.16 10.93 45.66
N THR E 141 47.54 9.77 45.86
CA THR E 141 46.09 9.63 45.70
C THR E 141 45.31 10.37 46.76
N GLN E 142 45.90 10.62 47.93
CA GLN E 142 45.25 11.48 48.90
C GLN E 142 45.17 12.91 48.40
N THR E 143 46.29 13.45 47.91
CA THR E 143 46.28 14.78 47.32
C THR E 143 45.50 14.83 46.02
N GLU E 144 45.54 13.74 45.24
CA GLU E 144 44.77 13.68 44.01
C GLU E 144 43.27 13.68 44.30
N SER E 145 42.86 13.07 45.41
CA SER E 145 41.47 13.20 45.84
C SER E 145 41.14 14.63 46.24
N GLN E 146 42.09 15.31 46.90
CA GLN E 146 41.88 16.69 47.35
C GLN E 146 41.66 17.63 46.18
N LYS E 147 42.29 17.35 45.04
CA LYS E 147 42.02 18.13 43.83
C LYS E 147 40.57 17.95 43.39
N THR E 148 40.07 16.72 43.44
CA THR E 148 38.68 16.47 43.09
C THR E 148 37.71 16.91 44.18
N GLU E 149 38.20 17.09 45.40
CA GLU E 149 37.36 17.62 46.47
C GLU E 149 36.89 19.03 46.16
N LEU E 150 37.80 19.85 45.67
CA LEU E 150 37.55 21.29 45.62
C LEU E 150 36.95 21.74 44.31
N GLN E 151 37.25 21.06 43.20
CA GLN E 151 36.54 21.35 41.96
C GLN E 151 35.08 20.90 42.04
N SER E 152 34.79 19.94 42.89
CA SER E 152 33.41 19.63 43.25
C SER E 152 32.79 20.65 44.18
N ASP E 153 33.57 21.60 44.70
CA ASP E 153 33.03 22.75 45.42
C ASP E 153 33.02 24.01 44.57
N ILE E 154 33.76 24.02 43.46
CA ILE E 154 33.64 25.09 42.47
C ILE E 154 32.26 25.06 41.84
N ASP E 155 31.75 23.88 41.54
CA ASP E 155 30.47 23.73 40.83
C ASP E 155 29.26 24.28 41.59
N PRO E 156 29.12 24.14 42.93
CA PRO E 156 28.05 24.92 43.58
C PRO E 156 28.27 26.42 43.53
N LYS E 157 29.50 26.87 43.72
CA LYS E 157 29.75 28.30 43.80
C LYS E 157 29.67 28.97 42.43
N THR E 158 29.96 28.24 41.36
CA THR E 158 29.73 28.81 40.04
C THR E 158 28.24 28.83 39.70
N GLU E 159 27.46 27.92 40.26
CA GLU E 159 26.03 27.94 40.03
C GLU E 159 25.32 28.93 40.93
N LYS E 160 25.69 28.96 42.21
CA LYS E 160 25.08 29.89 43.16
C LYS E 160 25.35 31.34 42.79
N ARG E 161 26.54 31.62 42.25
CA ARG E 161 26.79 32.93 41.68
C ARG E 161 25.90 33.17 40.46
N ASN E 162 25.73 32.14 39.63
CA ASN E 162 24.94 32.30 38.43
C ASN E 162 23.44 32.32 38.74
N LYS E 163 23.03 31.77 39.89
CA LYS E 163 21.65 31.94 40.32
C LYS E 163 21.36 33.38 40.69
N LEU E 164 22.25 34.00 41.46
CA LEU E 164 22.04 35.35 41.95
C LEU E 164 22.23 36.41 40.89
N ASP E 165 22.79 36.04 39.72
CA ASP E 165 22.91 36.99 38.64
C ASP E 165 21.54 37.39 38.08
N ALA E 166 20.64 36.42 37.95
CA ALA E 166 19.30 36.74 37.49
C ALA E 166 18.49 37.42 38.59
N ASP E 167 18.66 36.98 39.83
CA ASP E 167 17.92 37.56 40.94
C ASP E 167 18.38 38.97 41.27
N ARG E 168 19.63 39.31 40.93
CA ARG E 168 20.01 40.72 40.92
C ARG E 168 19.25 41.49 39.85
N GLU E 169 19.24 40.96 38.63
CA GLU E 169 18.71 41.72 37.50
C GLU E 169 17.19 41.80 37.52
N LYS E 170 16.51 40.87 38.20
CA LYS E 170 15.07 41.03 38.40
C LYS E 170 14.75 42.23 39.27
N ILE E 171 15.61 42.51 40.25
CA ILE E 171 15.47 43.72 41.04
C ILE E 171 15.74 44.95 40.17
N ILE E 172 16.74 44.85 39.29
CA ILE E 172 17.10 45.95 38.41
C ILE E 172 15.97 46.29 37.45
N GLU E 173 15.31 45.26 36.92
CA GLU E 173 14.15 45.49 36.06
C GLU E 173 13.00 46.13 36.81
N SER E 174 12.81 45.76 38.08
CA SER E 174 11.80 46.41 38.88
C SER E 174 12.25 47.77 39.38
N GLN E 175 13.56 48.03 39.47
CA GLN E 175 14.00 49.38 39.75
C GLN E 175 13.85 50.30 38.54
N ASP E 176 13.84 49.74 37.32
CA ASP E 176 13.72 50.57 36.13
C ASP E 176 12.33 51.17 35.99
N VAL E 177 11.31 50.54 36.56
CA VAL E 177 9.97 51.12 36.55
C VAL E 177 9.95 52.38 37.39
N ILE E 178 10.59 52.34 38.57
CA ILE E 178 10.64 53.51 39.42
C ILE E 178 11.62 54.53 38.86
N ARG E 179 12.63 54.05 38.12
CA ARG E 179 13.59 54.93 37.45
C ARG E 179 12.92 55.78 36.38
N GLN E 180 11.81 55.29 35.81
CA GLN E 180 11.33 55.74 34.52
C GLN E 180 10.87 57.19 34.52
N ASN E 181 10.44 57.71 35.67
CA ASN E 181 10.15 59.13 35.78
C ASN E 181 11.29 59.85 36.47
N ASN E 182 11.53 61.08 36.04
CA ASN E 182 12.75 61.81 36.35
C ASN E 182 12.56 62.67 37.58
N ILE E 183 13.52 63.58 37.79
CA ILE E 183 13.39 64.58 38.84
C ILE E 183 12.24 65.53 38.52
N ALA E 184 12.21 66.06 37.31
CA ALA E 184 11.23 67.08 36.99
C ALA E 184 9.94 66.53 36.41
N ASP E 185 9.89 65.26 36.02
CA ASP E 185 8.60 64.60 35.82
C ASP E 185 7.80 64.60 37.11
N MET E 186 8.49 64.33 38.22
CA MET E 186 7.91 64.44 39.54
C MET E 186 7.47 65.86 39.83
N PHE E 187 8.32 66.85 39.53
CA PHE E 187 7.94 68.25 39.67
C PHE E 187 6.84 68.65 38.70
N LYS E 188 6.76 68.00 37.54
CA LYS E 188 5.64 68.24 36.63
C LYS E 188 4.35 67.74 37.24
N ASP E 189 4.41 66.68 38.03
CA ASP E 189 3.21 66.15 38.65
C ASP E 189 2.73 67.01 39.80
N PHE E 190 3.63 67.71 40.50
CA PHE E 190 3.22 68.49 41.66
C PHE E 190 2.39 69.70 41.26
N ILE E 191 2.67 70.28 40.10
CA ILE E 191 1.72 71.25 39.56
C ILE E 191 0.49 70.50 39.09
N PRO E 192 -0.71 70.92 39.48
CA PRO E 192 -1.92 70.19 39.07
C PRO E 192 -2.40 70.55 37.67
N SER E 193 -1.50 71.12 36.84
CA SER E 193 -1.74 71.43 35.44
C SER E 193 -2.32 70.25 34.67
N ALA E 194 -3.12 70.60 33.65
CA ALA E 194 -4.16 69.85 32.93
C ALA E 194 -5.41 69.64 33.79
N LYS E 195 -5.35 70.06 35.06
CA LYS E 195 -6.49 70.20 35.93
C LYS E 195 -6.41 71.45 36.77
N ASP E 196 -5.37 72.28 36.61
CA ASP E 196 -5.18 73.44 37.47
C ASP E 196 -6.06 74.60 37.03
N ILE E 197 -6.25 74.76 35.72
CA ILE E 197 -7.32 75.61 35.22
C ILE E 197 -8.65 75.05 35.68
N ASP E 198 -8.81 73.72 35.61
CA ASP E 198 -9.98 73.05 36.16
C ASP E 198 -10.02 73.15 37.67
N GLY E 199 -8.86 73.29 38.32
CA GLY E 199 -8.82 73.63 39.73
C GLY E 199 -9.37 75.01 40.04
N LEU E 200 -9.35 75.91 39.07
CA LEU E 200 -10.01 77.19 39.19
C LEU E 200 -11.25 77.32 38.31
N ASP E 201 -11.56 76.33 37.47
CA ASP E 201 -12.82 76.34 36.76
C ASP E 201 -13.97 75.92 37.66
N PHE E 202 -13.81 74.78 38.34
CA PHE E 202 -14.85 74.27 39.23
C PHE E 202 -14.95 75.06 40.53
N THR E 203 -13.95 75.88 40.85
CA THR E 203 -13.91 76.64 42.10
C THR E 203 -13.96 78.14 41.81
N GLN E 204 -14.83 78.56 40.89
CA GLN E 204 -15.00 79.99 40.65
C GLN E 204 -15.78 80.71 41.76
N PRO E 205 -16.93 80.21 42.29
CA PRO E 205 -17.55 80.94 43.41
C PRO E 205 -16.85 80.80 44.74
N LYS E 206 -15.83 79.95 44.85
CA LYS E 206 -15.11 79.74 46.10
C LYS E 206 -13.97 80.74 46.31
N LYS E 207 -13.94 81.83 45.53
CA LYS E 207 -12.91 82.85 45.74
C LYS E 207 -13.13 83.61 47.04
N GLU E 208 -14.36 83.66 47.52
CA GLU E 208 -14.63 84.12 48.88
C GLU E 208 -14.30 83.05 49.91
N ALA E 209 -14.22 81.79 49.51
CA ALA E 209 -13.95 80.71 50.44
C ALA E 209 -12.46 80.53 50.62
N ILE E 210 -12.04 80.40 51.88
CA ILE E 210 -10.66 80.04 52.18
C ILE E 210 -10.40 78.59 51.75
N LYS E 211 -11.43 77.74 51.82
CA LYS E 211 -11.34 76.31 51.57
C LYS E 211 -11.09 75.98 50.10
N GLN E 212 -11.11 76.95 49.19
CA GLN E 212 -10.66 76.72 47.82
C GLN E 212 -9.19 76.32 47.80
N ALA E 213 -8.38 76.94 48.66
CA ALA E 213 -6.98 76.58 48.75
C ALA E 213 -6.79 75.21 49.40
N ILE E 214 -7.75 74.77 50.21
CA ILE E 214 -7.71 73.41 50.74
C ILE E 214 -8.01 72.42 49.63
N LYS E 215 -8.95 72.76 48.74
CA LYS E 215 -9.17 71.98 47.52
C LYS E 215 -7.92 71.97 46.65
N GLN E 216 -7.25 73.12 46.56
CA GLN E 216 -5.92 73.16 45.97
C GLN E 216 -4.93 72.33 46.79
N GLY E 217 -4.98 72.47 48.11
CA GLY E 217 -4.07 71.75 48.98
C GLY E 217 -4.36 70.27 49.11
N ALA E 218 -5.49 69.80 48.60
CA ALA E 218 -5.88 68.40 48.77
C ALA E 218 -5.02 67.48 47.92
N GLU E 219 -5.02 67.70 46.60
CA GLU E 219 -4.37 66.75 45.70
C GLU E 219 -2.86 66.83 45.77
N ILE E 220 -2.32 68.01 46.11
CA ILE E 220 -0.87 68.10 46.29
C ILE E 220 -0.46 67.34 47.55
N ALA E 221 -1.31 67.33 48.58
CA ALA E 221 -1.03 66.52 49.76
C ALA E 221 -1.19 65.03 49.48
N ARG E 222 -1.98 64.67 48.48
CA ARG E 222 -2.02 63.27 48.06
C ARG E 222 -0.74 62.87 47.35
N LYS E 223 -0.42 63.59 46.27
CA LYS E 223 0.59 63.15 45.34
C LYS E 223 2.00 63.27 45.91
N ILE E 224 2.17 64.09 46.96
CA ILE E 224 3.45 64.10 47.66
C ILE E 224 3.65 62.78 48.39
N LEU E 225 2.57 62.13 48.84
CA LEU E 225 2.71 60.87 49.55
C LEU E 225 2.88 59.69 48.60
N GLY E 226 2.19 59.73 47.45
CA GLY E 226 2.28 58.64 46.50
C GLY E 226 3.67 58.49 45.90
N LYS E 227 4.40 59.59 45.78
CA LYS E 227 5.77 59.50 45.30
C LYS E 227 6.71 59.04 46.39
N VAL E 228 6.36 59.28 47.66
CA VAL E 228 7.16 58.76 48.77
C VAL E 228 7.13 57.24 48.79
N SER E 229 5.93 56.67 48.73
CA SER E 229 5.77 55.22 48.83
C SER E 229 6.34 54.49 47.63
N GLU E 230 6.26 55.10 46.45
CA GLU E 230 6.92 54.54 45.28
C GLU E 230 8.42 54.50 45.49
N GLY E 231 9.00 55.57 46.02
CA GLY E 231 10.39 55.52 46.42
C GLY E 231 10.64 54.70 47.66
N LEU E 232 9.63 54.52 48.50
CA LEU E 232 9.84 53.69 49.67
C LEU E 232 9.82 52.22 49.30
N LYS E 233 9.09 51.86 48.25
CA LYS E 233 9.29 50.56 47.61
C LYS E 233 10.71 50.43 47.10
N TYR E 234 11.22 51.48 46.47
CA TYR E 234 12.56 51.51 45.93
C TYR E 234 13.63 51.40 47.01
N ILE E 235 13.31 51.79 48.24
CA ILE E 235 14.22 51.58 49.36
C ILE E 235 14.38 50.09 49.66
N ASP E 236 13.25 49.41 49.90
CA ASP E 236 13.30 47.98 50.20
C ASP E 236 13.72 47.17 49.00
N LEU E 237 13.50 47.69 47.80
CA LEU E 237 13.94 47.00 46.60
C LEU E 237 15.45 47.07 46.47
N ALA E 238 16.04 48.22 46.81
CA ALA E 238 17.49 48.36 46.70
C ALA E 238 18.21 47.62 47.80
N ASP E 239 17.66 47.64 49.02
CA ASP E 239 18.33 47.03 50.16
C ASP E 239 18.35 45.51 50.05
N ALA E 240 17.38 44.94 49.33
CA ALA E 240 17.52 43.54 48.94
C ALA E 240 18.70 43.36 48.01
N ARG E 241 18.79 44.19 46.97
CA ARG E 241 19.86 44.10 45.98
C ARG E 241 21.20 44.45 46.59
N MET E 242 21.21 45.43 47.50
CA MET E 242 22.42 45.75 48.25
C MET E 242 22.89 44.55 49.04
N LYS E 243 21.96 43.81 49.63
CA LYS E 243 22.31 42.54 50.27
C LYS E 243 22.63 41.49 49.24
N LEU E 244 21.92 41.49 48.11
CA LEU E 244 22.09 40.43 47.12
C LEU E 244 23.41 40.58 46.39
N SER E 245 23.89 41.82 46.23
CA SER E 245 25.21 42.02 45.67
C SER E 245 26.30 41.54 46.62
N ASP E 246 26.09 41.70 47.93
CA ASP E 246 27.09 41.29 48.91
C ASP E 246 27.21 39.78 48.99
N GLN E 247 26.14 39.05 48.63
CA GLN E 247 26.23 37.61 48.51
C GLN E 247 27.22 37.21 47.43
N ILE E 248 27.15 37.87 46.28
CA ILE E 248 28.07 37.55 45.18
C ILE E 248 29.47 38.01 45.53
N ASP E 249 29.59 39.08 46.34
CA ASP E 249 30.90 39.56 46.77
C ASP E 249 31.61 38.54 47.66
N GLN E 250 30.84 37.87 48.51
CA GLN E 250 31.40 36.75 49.26
C GLN E 250 31.73 35.59 48.35
N LEU E 251 30.82 35.29 47.41
CA LEU E 251 30.96 34.12 46.54
C LEU E 251 32.18 34.23 45.64
N ILE E 252 32.45 35.41 45.09
CA ILE E 252 33.66 35.61 44.29
C ILE E 252 34.89 35.51 45.18
N THR E 253 34.79 36.00 46.42
CA THR E 253 35.89 35.88 47.36
C THR E 253 36.10 34.42 47.78
N GLU E 254 35.01 33.69 48.01
CA GLU E 254 35.14 32.30 48.43
C GLU E 254 35.60 31.39 47.30
N THR E 255 35.36 31.75 46.04
CA THR E 255 35.87 30.95 44.94
C THR E 255 37.38 31.05 44.84
N ASP E 256 37.90 32.27 44.74
CA ASP E 256 39.31 32.45 44.46
C ASP E 256 40.19 32.06 45.64
N GLU E 257 39.65 32.16 46.86
CA GLU E 257 40.31 31.57 48.01
C GLU E 257 40.37 30.06 47.86
N LEU E 258 39.28 29.46 47.40
CA LEU E 258 39.28 28.02 47.13
C LEU E 258 40.02 27.70 45.84
N LYS E 259 40.02 28.62 44.88
CA LYS E 259 40.80 28.40 43.66
C LYS E 259 42.28 28.59 43.94
N ALA E 260 42.63 29.29 45.01
CA ALA E 260 44.01 29.27 45.47
C ALA E 260 44.38 27.93 46.08
N LYS E 261 43.40 27.16 46.57
CA LYS E 261 43.72 25.88 47.18
C LYS E 261 44.09 24.84 46.13
N ILE E 262 43.36 24.81 45.01
CA ILE E 262 43.70 23.86 43.95
C ILE E 262 45.00 24.21 43.27
N ARG E 263 45.45 25.46 43.40
CA ARG E 263 46.79 25.82 42.95
C ARG E 263 47.84 25.06 43.72
N GLU E 264 47.74 25.06 45.05
CA GLU E 264 48.73 24.39 45.89
C GLU E 264 48.68 22.88 45.74
N VAL E 265 47.49 22.33 45.51
CA VAL E 265 47.37 20.90 45.27
C VAL E 265 48.01 20.52 43.95
N GLU E 266 47.71 21.28 42.89
CA GLU E 266 48.32 21.02 41.60
C GLU E 266 49.82 21.30 41.62
N LEU E 267 50.25 22.30 42.39
CA LEU E 267 51.67 22.52 42.59
C LEU E 267 52.30 21.35 43.33
N ARG E 268 51.56 20.72 44.23
CA ARG E 268 52.08 19.54 44.90
C ARG E 268 52.05 18.33 44.00
N LEU E 269 50.89 18.07 43.37
CA LEU E 269 50.70 16.86 42.58
C LEU E 269 51.62 16.81 41.37
N SER E 270 51.87 17.95 40.74
CA SER E 270 52.85 18.01 39.67
C SER E 270 54.26 17.77 40.20
N GLY E 271 54.55 18.23 41.42
CA GLY E 271 55.82 17.92 42.04
C GLY E 271 55.93 16.45 42.39
N LEU E 272 54.82 15.82 42.76
CA LEU E 272 54.86 14.41 43.12
C LEU E 272 54.97 13.52 41.88
N LYS E 273 54.30 13.89 40.79
CA LYS E 273 54.44 13.13 39.56
C LYS E 273 55.83 13.25 38.97
N ASP E 274 56.52 14.35 39.28
CA ASP E 274 57.94 14.46 38.95
C ASP E 274 58.75 13.41 39.68
N VAL E 275 58.41 13.15 40.94
CA VAL E 275 59.11 12.12 41.70
C VAL E 275 58.72 10.74 41.17
N MET E 276 57.48 10.59 40.69
CA MET E 276 57.06 9.30 40.14
C MET E 276 57.75 8.98 38.84
N GLN E 277 58.17 10.00 38.08
CA GLN E 277 58.93 9.73 36.87
C GLN E 277 60.37 9.36 37.15
N ILE E 278 60.89 9.68 38.33
CA ILE E 278 62.27 9.36 38.68
C ILE E 278 62.47 7.86 38.73
N ASP E 279 61.51 7.14 39.30
CA ASP E 279 61.62 5.69 39.38
C ASP E 279 61.53 5.04 38.01
N THR E 280 60.80 5.66 37.08
CA THR E 280 60.71 5.12 35.73
C THR E 280 62.06 5.23 35.02
N GLU E 281 62.73 6.37 35.17
CA GLU E 281 64.05 6.49 34.59
C GLU E 281 65.15 5.90 35.46
N ARG E 282 64.86 5.60 36.73
CA ARG E 282 65.82 4.86 37.52
C ARG E 282 65.92 3.43 37.02
N THR E 283 64.82 2.87 36.51
CA THR E 283 64.88 1.53 35.93
C THR E 283 65.66 1.53 34.63
N THR E 284 65.44 2.52 33.77
CA THR E 284 66.19 2.59 32.51
C THR E 284 67.66 2.88 32.75
N LEU E 285 67.97 3.59 33.83
CA LEU E 285 69.36 3.76 34.23
C LEU E 285 69.97 2.43 34.70
N LEU E 286 69.27 1.74 35.57
CA LEU E 286 69.91 0.60 36.23
C LEU E 286 69.92 -0.65 35.35
N THR E 287 68.81 -0.95 34.68
CA THR E 287 68.75 -2.14 33.84
C THR E 287 69.72 -2.07 32.68
N GLU E 288 70.08 -0.87 32.25
CA GLU E 288 71.21 -0.71 31.37
C GLU E 288 72.53 -0.93 32.10
N ALA E 289 72.66 -0.36 33.30
CA ALA E 289 73.91 -0.47 34.05
C ALA E 289 74.10 -1.85 34.67
N VAL E 290 73.02 -2.61 34.87
CA VAL E 290 73.16 -4.00 35.28
C VAL E 290 73.82 -4.82 34.17
N LYS E 291 73.50 -4.50 32.91
CA LYS E 291 74.14 -5.16 31.76
C LYS E 291 75.62 -4.86 31.68
N ILE E 292 76.08 -3.80 32.34
CA ILE E 292 77.48 -3.42 32.25
C ILE E 292 78.30 -4.06 33.35
N GLU E 293 77.72 -4.25 34.56
CA GLU E 293 78.38 -4.99 35.63
C GLU E 293 78.77 -6.40 35.22
N GLN E 294 77.94 -7.04 34.40
CA GLN E 294 78.23 -8.40 33.95
C GLN E 294 79.51 -8.43 33.13
N VAL E 295 79.58 -7.60 32.09
CA VAL E 295 80.76 -7.61 31.21
C VAL E 295 81.97 -6.93 31.84
N TRP E 296 81.82 -6.32 33.01
CA TRP E 296 83.03 -6.04 33.77
C TRP E 296 83.50 -7.31 34.49
N ILE E 297 82.58 -8.01 35.15
CA ILE E 297 82.97 -9.15 35.98
C ILE E 297 83.28 -10.37 35.12
N SER E 298 82.42 -10.66 34.14
CA SER E 298 82.60 -11.84 33.30
C SER E 298 83.88 -11.75 32.48
N PHE E 299 84.32 -10.54 32.16
CA PHE E 299 85.67 -10.36 31.65
C PHE E 299 86.70 -10.69 32.72
N ALA E 300 86.59 -10.04 33.89
CA ALA E 300 87.62 -10.13 34.92
C ALA E 300 87.71 -11.53 35.51
N GLU E 301 86.59 -12.25 35.57
CA GLU E 301 86.64 -13.66 35.94
C GLU E 301 87.37 -14.47 34.89
N GLN E 302 87.05 -14.23 33.60
CA GLN E 302 87.74 -14.93 32.53
C GLN E 302 89.18 -14.47 32.41
N LEU E 303 89.46 -13.22 32.76
CA LEU E 303 90.83 -12.74 32.69
C LEU E 303 91.66 -13.30 33.84
N HIS E 304 91.08 -13.43 35.03
CA HIS E 304 91.80 -14.07 36.11
C HIS E 304 91.88 -15.58 35.92
N LYS E 305 91.00 -16.14 35.10
CA LYS E 305 91.13 -17.54 34.70
C LYS E 305 92.41 -17.77 33.90
N LEU E 306 92.80 -16.79 33.08
CA LEU E 306 94.02 -16.94 32.32
C LEU E 306 95.25 -16.67 33.18
N SER E 307 95.11 -15.85 34.22
CA SER E 307 96.21 -15.61 35.15
C SER E 307 96.52 -16.81 36.03
N ASN E 308 95.66 -17.82 36.03
CA ASN E 308 96.00 -19.09 36.68
C ASN E 308 97.10 -19.81 35.90
N ASP E 309 96.88 -20.01 34.60
CA ASP E 309 97.80 -20.80 33.79
C ASP E 309 99.03 -20.02 33.38
N GLU E 310 98.90 -18.70 33.18
CA GLU E 310 99.99 -17.77 32.84
C GLU E 310 100.69 -18.16 31.54
N ILE E 311 99.91 -18.65 30.60
CA ILE E 311 100.45 -19.06 29.30
C ILE E 311 100.51 -17.82 28.42
N ASN E 312 101.49 -17.78 27.51
CA ASN E 312 101.73 -16.66 26.62
C ASN E 312 100.92 -16.75 25.34
N GLN E 313 99.74 -17.36 25.39
CA GLN E 313 98.85 -17.49 24.24
C GLN E 313 98.44 -16.12 23.70
N GLN E 314 98.06 -16.10 22.44
CA GLN E 314 97.53 -14.91 21.83
C GLN E 314 96.02 -14.98 21.67
N ASP E 315 95.40 -16.03 22.20
CA ASP E 315 93.98 -16.00 22.51
C ASP E 315 93.72 -15.06 23.69
N LEU E 316 94.73 -14.90 24.55
CA LEU E 316 94.73 -13.83 25.55
C LEU E 316 94.48 -12.47 24.90
N SER E 317 95.35 -12.07 23.99
CA SER E 317 95.20 -10.80 23.30
C SER E 317 93.99 -10.78 22.37
N ASN E 318 93.54 -11.96 21.93
CA ASN E 318 92.25 -12.05 21.25
C ASN E 318 91.12 -11.79 22.23
N LEU E 319 91.25 -12.27 23.47
CA LEU E 319 90.19 -12.05 24.44
C LEU E 319 90.18 -10.61 24.94
N ILE E 320 91.34 -9.96 24.97
CA ILE E 320 91.36 -8.54 25.29
C ILE E 320 90.72 -7.73 24.17
N ASN E 321 90.94 -8.17 22.94
CA ASN E 321 90.55 -7.40 21.75
C ASN E 321 89.04 -7.26 21.65
N GLY E 322 88.29 -8.31 21.99
CA GLY E 322 86.85 -8.20 22.03
C GLY E 322 86.38 -7.29 23.15
N GLN E 323 87.05 -7.35 24.30
CA GLN E 323 86.75 -6.43 25.39
C GLN E 323 87.19 -5.02 25.06
N LEU E 324 88.40 -4.87 24.50
CA LEU E 324 88.93 -3.54 24.22
C LEU E 324 88.13 -2.84 23.14
N ASP E 325 87.61 -3.59 22.17
CA ASP E 325 86.73 -2.99 21.17
C ASP E 325 85.40 -2.60 21.80
N PHE E 326 84.85 -3.48 22.64
CA PHE E 326 83.63 -3.19 23.38
C PHE E 326 83.78 -1.96 24.26
N LEU E 327 84.92 -1.85 24.94
CA LEU E 327 85.19 -0.66 25.73
C LEU E 327 85.35 0.55 24.82
N ASN E 328 86.03 0.38 23.68
CA ASN E 328 86.17 1.47 22.72
C ASN E 328 84.83 1.79 22.06
N ASN E 329 83.98 0.77 21.88
CA ASN E 329 82.60 1.02 21.48
C ASN E 329 81.90 1.86 22.52
N LEU E 330 82.13 1.57 23.79
CA LEU E 330 81.41 2.26 24.84
C LEU E 330 81.96 3.65 25.07
N THR E 331 83.24 3.89 24.75
CA THR E 331 83.75 5.27 24.74
C THR E 331 83.11 6.09 23.65
N LEU E 332 82.69 5.45 22.56
CA LEU E 332 82.33 6.17 21.36
C LEU E 332 80.99 6.88 21.52
N GLN E 333 80.01 6.25 22.17
CA GLN E 333 78.72 6.91 22.29
C GLN E 333 78.77 8.08 23.26
N TYR E 334 79.71 8.07 24.21
CA TYR E 334 79.94 9.28 24.98
C TYR E 334 80.59 10.37 24.13
N ASN E 335 81.41 9.98 23.16
CA ASN E 335 82.01 10.95 22.27
C ASN E 335 81.08 11.33 21.15
N LYS E 336 80.15 10.46 20.78
CA LYS E 336 79.14 10.77 19.78
C LYS E 336 77.82 11.14 20.47
N LEU E 337 77.87 11.56 21.74
CA LEU E 337 76.65 11.94 22.43
C LEU E 337 76.11 13.24 21.87
N LYS E 338 77.00 14.18 21.54
CA LYS E 338 76.77 15.25 20.58
C LYS E 338 75.65 16.23 20.96
N TYR F 1 47.08 10.27 -67.50
CA TYR F 1 45.98 11.10 -68.04
C TYR F 1 44.63 10.93 -67.33
N PRO F 2 44.61 10.89 -65.98
CA PRO F 2 43.48 10.24 -65.29
C PRO F 2 42.13 10.95 -65.34
N GLU F 3 42.04 12.22 -64.93
CA GLU F 3 40.75 12.87 -64.75
C GLU F 3 40.93 14.37 -64.63
N ILE F 4 40.28 15.14 -65.50
CA ILE F 4 40.37 16.59 -65.49
C ILE F 4 38.96 17.13 -65.71
N ASN F 5 38.39 17.75 -64.67
CA ASN F 5 37.03 18.26 -64.69
C ASN F 5 37.08 19.78 -64.82
N ILE F 6 37.17 20.26 -66.06
CA ILE F 6 37.28 21.71 -66.25
C ILE F 6 35.97 22.43 -66.01
N LYS F 7 34.85 21.70 -65.90
CA LYS F 7 33.62 22.28 -65.43
C LYS F 7 33.77 22.80 -64.01
N ALA F 8 34.53 22.07 -63.19
CA ALA F 8 34.87 22.56 -61.85
C ALA F 8 35.93 23.66 -61.90
N MET F 9 36.64 23.78 -63.00
CA MET F 9 37.77 24.69 -63.13
C MET F 9 37.37 26.01 -63.77
N ASN F 10 36.73 25.96 -64.93
CA ASN F 10 36.33 27.17 -65.63
C ASN F 10 35.23 27.91 -64.89
N GLN F 11 34.49 27.20 -64.02
CA GLN F 11 33.70 27.89 -63.02
C GLN F 11 34.60 28.58 -62.01
N ALA F 12 35.61 27.86 -61.51
CA ALA F 12 36.47 28.38 -60.46
C ALA F 12 37.34 29.53 -60.95
N VAL F 13 37.73 29.51 -62.23
CA VAL F 13 38.38 30.68 -62.82
C VAL F 13 37.42 31.85 -62.84
N ASN F 14 36.17 31.59 -63.23
CA ASN F 14 35.22 32.67 -63.41
C ASN F 14 34.78 33.25 -62.08
N THR F 15 34.68 32.42 -61.04
CA THR F 15 34.30 32.93 -59.73
C THR F 15 35.41 33.76 -59.10
N ILE F 16 36.67 33.41 -59.36
CA ILE F 16 37.77 34.25 -58.89
C ILE F 16 37.72 35.62 -59.53
N TRP F 17 37.42 35.69 -60.83
CA TRP F 17 37.16 36.99 -61.43
C TRP F 17 35.88 37.60 -60.88
N LEU F 18 34.88 36.77 -60.56
CA LEU F 18 33.66 37.28 -59.99
C LEU F 18 33.88 37.82 -58.59
N LEU F 19 34.63 37.10 -57.77
CA LEU F 19 34.89 37.58 -56.42
C LEU F 19 35.93 38.69 -56.38
N ALA F 20 36.64 38.94 -57.49
CA ALA F 20 37.61 40.03 -57.53
C ALA F 20 36.91 41.38 -57.49
N GLN F 21 35.92 41.56 -58.37
CA GLN F 21 35.17 42.81 -58.38
C GLN F 21 34.21 42.90 -57.22
N ARG F 22 33.79 41.76 -56.68
CA ARG F 22 32.73 41.75 -55.67
C ARG F 22 33.23 42.16 -54.29
N GLN F 23 34.52 41.94 -54.00
CA GLN F 23 35.01 42.05 -52.63
C GLN F 23 34.95 43.48 -52.11
N THR F 24 34.60 43.62 -50.85
CA THR F 24 34.34 44.90 -50.20
C THR F 24 35.17 45.03 -48.95
N SER F 25 36.47 44.75 -49.07
CA SER F 25 37.37 44.83 -47.93
C SER F 25 37.56 46.26 -47.46
N GLY F 26 37.57 47.21 -48.39
CA GLY F 26 37.81 48.59 -48.03
C GLY F 26 39.25 48.85 -47.63
N ILE F 27 40.19 48.11 -48.19
CA ILE F 27 41.60 48.28 -47.90
C ILE F 27 42.33 48.29 -49.24
N GLU F 28 43.53 48.84 -49.25
CA GLU F 28 44.21 49.21 -50.49
C GLU F 28 45.24 48.19 -50.94
N ILE F 29 45.49 47.14 -50.17
CA ILE F 29 46.55 46.19 -50.48
C ILE F 29 46.01 44.82 -50.85
N ILE F 30 44.91 44.41 -50.22
CA ILE F 30 44.12 43.31 -50.77
C ILE F 30 43.56 43.69 -52.13
N ASN F 31 43.27 44.98 -52.33
CA ASN F 31 42.74 45.48 -53.58
C ASN F 31 43.74 45.31 -54.73
N ASP F 32 45.04 45.26 -54.43
CA ASP F 32 46.01 44.85 -55.43
C ASP F 32 46.66 43.52 -55.07
N LYS F 33 46.13 42.82 -54.07
CA LYS F 33 46.42 41.39 -54.01
C LYS F 33 45.53 40.62 -54.98
N VAL F 34 44.24 40.88 -54.93
CA VAL F 34 43.29 40.08 -55.69
C VAL F 34 43.38 40.41 -57.16
N LYS F 35 43.64 41.69 -57.49
CA LYS F 35 43.75 42.13 -58.87
C LYS F 35 44.91 41.45 -59.57
N ARG F 36 46.00 41.19 -58.85
CA ARG F 36 47.11 40.46 -59.43
C ARG F 36 46.81 38.97 -59.51
N ILE F 37 46.05 38.44 -58.57
CA ILE F 37 45.67 37.02 -58.63
C ILE F 37 44.68 36.81 -59.76
N SER F 38 43.69 37.66 -59.86
CA SER F 38 42.58 37.41 -60.76
C SER F 38 42.98 37.63 -62.22
N ALA F 39 43.83 38.64 -62.47
CA ALA F 39 44.31 38.86 -63.83
C ALA F 39 45.23 37.75 -64.29
N TYR F 40 45.86 37.03 -63.37
CA TYR F 40 46.54 35.80 -63.75
C TYR F 40 45.55 34.73 -64.17
N SER F 41 44.52 34.51 -63.35
CA SER F 41 43.65 33.36 -63.52
C SER F 41 42.80 33.49 -64.78
N ARG F 42 42.37 34.70 -65.11
CA ARG F 42 41.70 34.93 -66.38
C ARG F 42 42.63 34.65 -67.55
N GLU F 43 43.86 35.18 -67.48
CA GLU F 43 44.86 34.89 -68.50
C GLU F 43 45.29 33.43 -68.46
N PHE F 44 45.13 32.77 -67.31
CA PHE F 44 45.44 31.34 -67.25
C PHE F 44 44.43 30.53 -68.03
N ASP F 45 43.15 30.90 -67.96
CA ASP F 45 42.14 30.18 -68.71
C ASP F 45 42.28 30.44 -70.20
N GLU F 46 42.61 31.68 -70.57
CA GLU F 46 42.81 32.01 -71.98
C GLU F 46 44.00 31.26 -72.55
N MET F 47 45.11 31.27 -71.82
CA MET F 47 46.33 30.66 -72.33
C MET F 47 46.23 29.15 -72.33
N MET F 48 45.36 28.57 -71.51
CA MET F 48 45.16 27.14 -71.60
C MET F 48 44.34 26.80 -72.84
N ARG F 49 43.26 27.54 -73.09
CA ARG F 49 42.46 27.32 -74.28
C ARG F 49 43.25 27.58 -75.55
N ASP F 50 44.10 28.60 -75.53
CA ASP F 50 44.92 28.90 -76.69
C ASP F 50 45.97 27.81 -76.91
N SER F 51 46.54 27.30 -75.83
CA SER F 51 47.40 26.13 -75.96
C SER F 51 46.60 24.90 -76.33
N LEU F 52 45.34 24.85 -75.91
CA LEU F 52 44.49 23.73 -76.32
C LEU F 52 44.14 23.82 -77.80
N ALA F 53 43.99 25.04 -78.31
CA ALA F 53 43.65 25.22 -79.71
C ALA F 53 44.88 25.14 -80.62
N GLN F 54 46.05 25.56 -80.14
CA GLN F 54 47.23 25.56 -80.99
C GLN F 54 48.00 24.25 -80.94
N LEU F 55 47.51 23.24 -80.24
CA LEU F 55 48.18 21.95 -80.20
C LEU F 55 47.36 20.82 -80.80
N ALA F 56 46.05 20.96 -80.94
CA ALA F 56 45.27 19.96 -81.65
C ALA F 56 45.65 19.80 -83.12
N PRO F 57 45.82 20.86 -83.95
CA PRO F 57 46.16 20.59 -85.35
C PRO F 57 47.59 20.12 -85.55
N VAL F 58 48.51 20.51 -84.67
CA VAL F 58 49.91 20.16 -84.90
C VAL F 58 50.17 18.70 -84.57
N LEU F 59 49.31 18.06 -83.75
CA LEU F 59 49.47 16.64 -83.53
C LEU F 59 49.04 15.82 -84.74
N LYS F 60 47.95 16.23 -85.39
CA LYS F 60 47.48 15.51 -86.56
C LYS F 60 48.40 15.68 -87.77
N GLN F 61 49.26 16.70 -87.75
CA GLN F 61 50.34 16.79 -88.73
C GLN F 61 51.35 15.68 -88.55
N LEU F 62 51.45 15.11 -87.36
CA LEU F 62 52.39 14.03 -87.11
C LEU F 62 51.77 12.65 -87.34
N THR F 63 50.46 12.52 -87.13
CA THR F 63 49.83 11.21 -87.27
C THR F 63 49.72 10.80 -88.73
N SER F 64 48.99 11.58 -89.53
CA SER F 64 48.72 11.24 -90.91
C SER F 64 49.71 11.86 -91.87
N ASP F 65 50.96 12.02 -91.44
CA ASP F 65 52.00 12.53 -92.34
C ASP F 65 52.25 11.55 -93.48
N ALA F 66 52.27 10.25 -93.18
CA ALA F 66 52.33 9.14 -94.13
C ALA F 66 53.56 9.18 -95.04
N ALA F 67 54.62 9.85 -94.60
CA ALA F 67 55.84 9.91 -95.38
C ALA F 67 56.66 8.64 -95.25
N PHE F 68 56.45 7.88 -94.18
CA PHE F 68 57.04 6.55 -94.07
C PHE F 68 56.44 5.60 -95.10
N GLN F 69 55.19 5.82 -95.49
CA GLN F 69 54.61 5.05 -96.59
C GLN F 69 55.26 5.39 -97.91
N THR F 70 55.70 6.64 -98.08
CA THR F 70 56.45 6.98 -99.27
C THR F 70 57.86 6.40 -99.23
N ILE F 71 58.40 6.19 -98.02
CA ILE F 71 59.63 5.43 -97.87
C ILE F 71 59.41 3.98 -98.26
N ALA F 72 58.22 3.45 -97.95
CA ALA F 72 57.87 2.09 -98.34
C ALA F 72 57.74 1.95 -99.85
N GLN F 73 57.41 3.05 -100.55
CA GLN F 73 57.49 3.05 -102.00
C GLN F 73 58.92 3.00 -102.48
N ILE F 74 59.84 3.61 -101.73
CA ILE F 74 61.26 3.52 -102.06
C ILE F 74 61.79 2.14 -101.68
N ASP F 75 61.19 1.51 -100.65
CA ASP F 75 61.64 0.21 -100.20
C ASP F 75 61.36 -0.89 -101.23
N GLU F 76 60.29 -0.74 -102.01
CA GLU F 76 60.11 -1.61 -103.16
C GLU F 76 60.95 -1.21 -104.35
N ALA F 77 61.53 -0.01 -104.34
CA ALA F 77 62.37 0.45 -105.43
C ALA F 77 63.86 0.29 -105.15
N LEU F 78 64.23 -0.03 -103.91
CA LEU F 78 65.65 -0.20 -103.58
C LEU F 78 66.11 -1.64 -103.67
N ALA F 79 65.55 -2.52 -102.86
CA ALA F 79 66.07 -3.88 -102.77
C ALA F 79 65.46 -4.78 -103.85
N ASP F 80 64.18 -4.62 -104.11
CA ASP F 80 63.41 -5.54 -104.97
C ASP F 80 63.82 -5.53 -106.44
N PRO F 81 64.26 -4.42 -107.06
CA PRO F 81 64.96 -4.58 -108.34
C PRO F 81 66.46 -4.67 -108.18
N SER F 82 67.09 -5.33 -109.15
CA SER F 82 68.53 -5.24 -109.34
C SER F 82 68.80 -3.90 -110.01
N LEU F 83 68.89 -2.87 -109.18
CA LEU F 83 68.66 -1.49 -109.59
C LEU F 83 69.99 -0.78 -109.79
N SER F 84 69.94 0.30 -110.57
CA SER F 84 71.14 1.08 -110.87
C SER F 84 71.67 1.77 -109.61
N LYS F 85 72.97 1.60 -109.35
CA LYS F 85 73.61 2.21 -108.19
C LYS F 85 73.66 3.73 -108.28
N ASP F 86 73.54 4.29 -109.48
CA ASP F 86 73.35 5.73 -109.63
C ASP F 86 72.06 6.17 -108.94
N ASP F 87 71.01 5.34 -109.04
CA ASP F 87 69.75 5.65 -108.40
C ASP F 87 69.57 4.98 -107.05
N ARG F 88 70.25 3.85 -106.79
CA ARG F 88 70.21 3.26 -105.46
C ARG F 88 70.83 4.19 -104.43
N GLU F 89 71.90 4.86 -104.80
CA GLU F 89 72.44 5.91 -103.95
C GLU F 89 71.50 7.10 -103.90
N ALA F 90 70.86 7.42 -105.02
CA ALA F 90 69.98 8.59 -105.08
C ALA F 90 68.69 8.37 -104.30
N LEU F 91 68.10 7.17 -104.40
CA LEU F 91 66.89 6.87 -103.64
C LEU F 91 67.16 6.88 -102.14
N THR F 92 68.31 6.35 -101.72
CA THR F 92 68.67 6.45 -100.32
C THR F 92 69.08 7.86 -99.91
N LEU F 93 69.41 8.71 -100.87
CA LEU F 93 69.84 10.07 -100.54
C LEU F 93 68.67 10.89 -100.03
N GLU F 94 67.58 10.95 -100.79
CA GLU F 94 66.43 11.72 -100.35
C GLU F 94 65.70 11.03 -99.21
N ARG F 95 65.81 9.69 -99.14
CA ARG F 95 65.33 8.96 -97.98
C ARG F 95 66.04 9.41 -96.71
N ASN F 96 67.36 9.62 -96.80
CA ASN F 96 68.09 10.14 -95.64
C ASN F 96 67.71 11.58 -95.35
N ASN F 97 67.34 12.36 -96.37
CA ASN F 97 66.78 13.68 -96.12
C ASN F 97 65.42 13.57 -95.44
N LEU F 98 64.57 12.65 -95.91
CA LEU F 98 63.18 12.66 -95.52
C LEU F 98 62.98 12.10 -94.11
N ILE F 99 63.84 11.17 -93.69
CA ILE F 99 63.82 10.73 -92.30
C ILE F 99 64.31 11.86 -91.39
N GLN F 100 65.35 12.57 -91.82
CA GLN F 100 65.78 13.76 -91.10
C GLN F 100 64.75 14.87 -91.20
N ASN F 101 64.04 14.96 -92.32
CA ASN F 101 62.90 15.88 -92.39
C ASN F 101 61.77 15.44 -91.47
N LEU F 102 61.63 14.13 -91.25
CA LEU F 102 60.65 13.65 -90.28
C LEU F 102 61.12 13.95 -88.86
N SER F 103 62.43 13.87 -88.61
CA SER F 103 62.96 14.26 -87.31
C SER F 103 62.81 15.75 -87.09
N LYS F 104 63.10 16.55 -88.12
CA LYS F 104 62.87 17.99 -88.03
C LYS F 104 61.39 18.32 -88.01
N HIS F 105 60.53 17.43 -88.52
CA HIS F 105 59.10 17.60 -88.32
C HIS F 105 58.73 17.36 -86.87
N ILE F 106 59.15 16.22 -86.31
CA ILE F 106 58.71 15.85 -84.97
C ILE F 106 59.40 16.70 -83.91
N ASP F 107 60.57 17.27 -84.21
CA ASP F 107 61.20 18.18 -83.25
C ASP F 107 60.58 19.56 -83.31
N ASN F 108 60.12 19.98 -84.49
CA ASN F 108 59.44 21.27 -84.58
C ASN F 108 58.06 21.21 -83.97
N VAL F 109 57.51 20.01 -83.75
CA VAL F 109 56.37 19.87 -82.88
C VAL F 109 56.73 20.28 -81.46
N ILE F 110 57.83 19.72 -80.94
CA ILE F 110 58.21 19.84 -79.53
C ILE F 110 58.52 21.28 -79.18
N VAL F 111 59.13 22.01 -80.12
CA VAL F 111 59.38 23.44 -79.93
C VAL F 111 58.07 24.19 -79.82
N SER F 112 57.11 23.88 -80.71
CA SER F 112 55.79 24.45 -80.57
C SER F 112 55.02 23.82 -79.41
N PHE F 113 55.39 22.61 -79.00
CA PHE F 113 54.68 21.97 -77.90
C PHE F 113 55.19 22.49 -76.57
N THR F 114 56.47 22.24 -76.27
CA THR F 114 57.06 22.67 -75.00
C THR F 114 57.22 24.17 -74.91
N GLY F 115 57.13 24.90 -76.03
CA GLY F 115 57.00 26.34 -75.98
C GLY F 115 55.69 26.83 -75.38
N ARG F 116 54.71 25.94 -75.20
CA ARG F 116 53.48 26.26 -74.51
C ARG F 116 53.35 25.60 -73.15
N THR F 117 53.91 24.40 -72.99
CA THR F 117 53.80 23.68 -71.72
C THR F 117 54.63 24.37 -70.65
N SER F 118 55.90 24.66 -70.98
CA SER F 118 56.75 25.44 -70.08
C SER F 118 56.24 26.85 -69.92
N LYS F 119 55.55 27.37 -70.94
CA LYS F 119 54.90 28.66 -70.82
C LYS F 119 53.70 28.59 -69.87
N LEU F 120 53.16 27.40 -69.65
CA LEU F 120 52.09 27.24 -68.69
C LEU F 120 52.63 27.01 -67.28
N THR F 121 53.76 26.32 -67.16
CA THR F 121 54.33 26.05 -65.84
C THR F 121 54.82 27.31 -65.16
N ASN F 122 55.21 28.32 -65.94
CA ASN F 122 55.49 29.63 -65.38
C ASN F 122 54.23 30.24 -64.78
N LYS F 123 53.08 30.00 -65.40
CA LYS F 123 51.87 30.68 -64.99
C LYS F 123 51.26 30.05 -63.74
N ILE F 124 51.43 28.74 -63.56
CA ILE F 124 50.93 28.12 -62.33
C ILE F 124 51.74 28.58 -61.13
N SER F 125 53.06 28.61 -61.27
CA SER F 125 53.92 29.06 -60.17
C SER F 125 53.73 30.54 -59.86
N ASP F 126 53.29 31.33 -60.84
CA ASP F 126 52.91 32.70 -60.57
C ASP F 126 51.57 32.81 -59.84
N ILE F 127 50.81 31.74 -59.79
CA ILE F 127 49.57 31.72 -59.03
C ILE F 127 49.74 30.99 -57.71
N SER F 128 50.47 29.88 -57.72
CA SER F 128 50.55 29.00 -56.57
C SER F 128 51.38 29.56 -55.42
N ASP F 129 51.96 30.74 -55.55
CA ASP F 129 52.83 31.28 -54.51
C ASP F 129 52.15 32.32 -53.62
N MET F 130 51.16 33.04 -54.14
CA MET F 130 50.61 34.19 -53.43
C MET F 130 49.65 33.70 -52.35
N VAL F 131 50.17 33.54 -51.14
CA VAL F 131 49.33 33.19 -50.00
C VAL F 131 48.52 34.41 -49.60
N ILE F 132 47.21 34.23 -49.49
CA ILE F 132 46.32 35.34 -49.14
C ILE F 132 45.41 34.97 -47.98
N ALA F 133 45.31 33.68 -47.66
CA ALA F 133 44.50 33.29 -46.53
C ALA F 133 45.25 33.44 -45.22
N GLU F 134 46.47 32.93 -45.15
CA GLU F 134 47.25 32.98 -43.92
C GLU F 134 47.76 34.37 -43.60
N ARG F 135 47.67 35.30 -44.54
CA ARG F 135 48.05 36.69 -44.31
C ARG F 135 46.90 37.52 -43.78
N LEU F 136 45.71 36.94 -43.66
CA LEU F 136 44.55 37.68 -43.25
C LEU F 136 43.83 37.10 -42.05
N GLN F 137 44.28 35.95 -41.52
CA GLN F 137 43.58 35.31 -40.42
C GLN F 137 43.68 36.13 -39.14
N ASP F 138 44.77 36.88 -38.99
CA ASP F 138 44.80 37.95 -38.01
C ASP F 138 43.75 39.00 -38.33
N LEU F 139 43.71 39.42 -39.60
CA LEU F 139 42.90 40.56 -39.99
C LEU F 139 41.42 40.20 -40.02
N VAL F 140 41.08 38.93 -40.17
CA VAL F 140 39.67 38.53 -40.06
C VAL F 140 39.22 38.58 -38.61
N THR F 141 39.93 37.86 -37.74
CA THR F 141 39.47 37.67 -36.36
C THR F 141 39.51 38.94 -35.54
N GLN F 142 40.35 39.90 -35.90
CA GLN F 142 40.29 41.20 -35.25
C GLN F 142 38.98 41.91 -35.57
N THR F 143 38.63 41.96 -36.86
CA THR F 143 37.35 42.55 -37.26
C THR F 143 36.18 41.72 -36.80
N GLU F 144 36.35 40.39 -36.77
CA GLU F 144 35.29 39.52 -36.28
C GLU F 144 35.05 39.72 -34.80
N SER F 145 36.09 40.03 -34.05
CA SER F 145 35.91 40.42 -32.65
C SER F 145 35.18 41.75 -32.55
N GLN F 146 35.47 42.68 -33.45
CA GLN F 146 34.85 44.00 -33.43
C GLN F 146 33.34 43.92 -33.67
N LYS F 147 32.91 42.94 -34.45
CA LYS F 147 31.48 42.69 -34.62
C LYS F 147 30.85 42.27 -33.30
N THR F 148 31.53 41.40 -32.55
CA THR F 148 31.03 40.98 -31.25
C THR F 148 31.22 42.05 -30.19
N GLU F 149 32.11 43.02 -30.41
CA GLU F 149 32.28 44.13 -29.49
C GLU F 149 31.02 44.97 -29.40
N LEU F 150 30.40 45.23 -30.55
CA LEU F 150 29.38 46.26 -30.62
C LEU F 150 27.98 45.71 -30.41
N GLN F 151 27.73 44.46 -30.80
CA GLN F 151 26.46 43.83 -30.44
C GLN F 151 26.37 43.57 -28.95
N SER F 152 27.51 43.44 -28.28
CA SER F 152 27.54 43.45 -26.83
C SER F 152 27.37 44.84 -26.24
N ASP F 153 27.35 45.89 -27.08
CA ASP F 153 26.95 47.22 -26.65
C ASP F 153 25.54 47.57 -27.07
N ILE F 154 24.98 46.83 -28.01
CA ILE F 154 23.56 46.94 -28.33
C ILE F 154 22.71 46.52 -27.14
N ASP F 155 23.11 45.43 -26.48
CA ASP F 155 22.33 44.87 -25.39
C ASP F 155 22.15 45.79 -24.17
N PRO F 156 23.14 46.59 -23.72
CA PRO F 156 22.78 47.61 -22.72
C PRO F 156 21.84 48.67 -23.25
N LYS F 157 22.05 49.13 -24.48
CA LYS F 157 21.26 50.24 -24.99
C LYS F 157 19.85 49.82 -25.35
N THR F 158 19.64 48.55 -25.70
CA THR F 158 18.28 48.07 -25.88
C THR F 158 17.58 47.87 -24.55
N GLU F 159 18.34 47.58 -23.49
CA GLU F 159 17.73 47.45 -22.17
C GLU F 159 17.52 48.80 -21.51
N LYS F 160 18.52 49.69 -21.60
CA LYS F 160 18.41 51.01 -20.99
C LYS F 160 17.29 51.82 -21.63
N ARG F 161 17.08 51.66 -22.94
CA ARG F 161 15.91 52.24 -23.57
C ARG F 161 14.63 51.60 -23.04
N ASN F 162 14.66 50.28 -22.84
CA ASN F 162 13.48 49.58 -22.36
C ASN F 162 13.24 49.82 -20.88
N LYS F 163 14.27 50.20 -20.12
CA LYS F 163 14.06 50.62 -18.74
C LYS F 163 13.31 51.93 -18.68
N LEU F 164 13.72 52.91 -19.50
CA LEU F 164 13.13 54.23 -19.47
C LEU F 164 11.75 54.29 -20.10
N ASP F 165 11.33 53.24 -20.80
CA ASP F 165 9.99 53.20 -21.35
C ASP F 165 8.94 53.13 -20.25
N ALA F 166 9.21 52.33 -19.21
CA ALA F 166 8.27 52.26 -18.09
C ALA F 166 8.37 53.51 -17.23
N ASP F 167 9.58 54.03 -17.03
CA ASP F 167 9.77 55.21 -16.21
C ASP F 167 9.23 56.47 -16.86
N ARG F 168 9.15 56.48 -18.20
CA ARG F 168 8.35 57.50 -18.85
C ARG F 168 6.87 57.35 -18.51
N GLU F 169 6.34 56.15 -18.66
CA GLU F 169 4.90 55.95 -18.55
C GLU F 169 4.42 56.03 -17.11
N LYS F 170 5.29 55.81 -16.12
CA LYS F 170 4.90 56.06 -14.74
C LYS F 170 4.65 57.53 -14.49
N ILE F 171 5.41 58.40 -15.17
CA ILE F 171 5.14 59.83 -15.11
C ILE F 171 3.83 60.15 -15.81
N ILE F 172 3.56 59.46 -16.92
CA ILE F 172 2.34 59.69 -17.69
C ILE F 172 1.11 59.29 -16.88
N GLU F 173 1.20 58.18 -16.15
CA GLU F 173 0.10 57.77 -15.28
C GLU F 173 -0.12 58.76 -14.15
N SER F 174 0.95 59.35 -13.62
CA SER F 174 0.81 60.38 -12.62
C SER F 174 0.41 61.71 -13.22
N GLN F 175 0.69 61.95 -14.50
CA GLN F 175 0.15 63.14 -15.14
C GLN F 175 -1.33 62.99 -15.45
N ASP F 176 -1.84 61.77 -15.57
CA ASP F 176 -3.25 61.57 -15.89
C ASP F 176 -4.15 61.93 -14.72
N VAL F 177 -3.64 61.85 -13.49
CA VAL F 177 -4.42 62.29 -12.34
C VAL F 177 -4.64 63.79 -12.39
N ILE F 178 -3.60 64.54 -12.74
CA ILE F 178 -3.73 65.98 -12.86
C ILE F 178 -4.48 66.34 -14.12
N ARG F 179 -4.41 65.49 -15.15
CA ARG F 179 -5.16 65.67 -16.38
C ARG F 179 -6.67 65.58 -16.15
N GLN F 180 -7.08 64.84 -15.11
CA GLN F 180 -8.43 64.29 -15.01
C GLN F 180 -9.49 65.39 -14.88
N ASN F 181 -9.14 66.53 -14.31
CA ASN F 181 -10.06 67.66 -14.31
C ASN F 181 -9.71 68.65 -15.40
N ASN F 182 -10.73 69.26 -15.98
CA ASN F 182 -10.62 70.00 -17.22
C ASN F 182 -10.36 71.47 -16.96
N ILE F 183 -10.52 72.28 -18.01
CA ILE F 183 -10.47 73.72 -17.88
C ILE F 183 -11.63 74.22 -17.03
N ALA F 184 -12.84 73.79 -17.38
CA ALA F 184 -14.02 74.33 -16.72
C ALA F 184 -14.45 73.55 -15.49
N ASP F 185 -13.92 72.34 -15.27
CA ASP F 185 -14.02 71.73 -13.95
C ASP F 185 -13.35 72.61 -12.92
N MET F 186 -12.19 73.15 -13.27
CA MET F 186 -11.50 74.12 -12.46
C MET F 186 -12.35 75.38 -12.26
N PHE F 187 -12.94 75.89 -13.35
CA PHE F 187 -13.85 77.03 -13.24
C PHE F 187 -15.12 76.67 -12.48
N LYS F 188 -15.55 75.41 -12.52
CA LYS F 188 -16.67 74.98 -11.70
C LYS F 188 -16.30 75.03 -10.22
N ASP F 189 -15.04 74.78 -9.90
CA ASP F 189 -14.62 74.81 -8.51
C ASP F 189 -14.52 76.24 -7.98
N PHE F 190 -14.19 77.21 -8.84
CA PHE F 190 -14.01 78.58 -8.36
C PHE F 190 -15.32 79.20 -7.90
N ILE F 191 -16.43 78.85 -8.53
CA ILE F 191 -17.71 79.19 -7.94
C ILE F 191 -17.93 78.34 -6.71
N PRO F 192 -18.28 78.92 -5.57
CA PRO F 192 -18.46 78.12 -4.35
C PRO F 192 -19.82 77.44 -4.27
N SER F 193 -20.49 77.29 -5.41
CA SER F 193 -21.76 76.57 -5.55
C SER F 193 -21.71 75.18 -4.92
N ALA F 194 -22.89 74.76 -4.44
CA ALA F 194 -23.22 73.72 -3.45
C ALA F 194 -22.85 74.16 -2.04
N LYS F 195 -22.20 75.32 -1.92
CA LYS F 195 -22.02 76.02 -0.66
C LYS F 195 -22.22 77.52 -0.82
N ASP F 196 -22.57 78.01 -2.01
CA ASP F 196 -22.64 79.45 -2.24
C ASP F 196 -23.95 80.02 -1.74
N ILE F 197 -25.04 79.24 -1.88
CA ILE F 197 -26.25 79.54 -1.13
C ILE F 197 -25.96 79.44 0.36
N ASP F 198 -25.21 78.42 0.76
CA ASP F 198 -24.74 78.31 2.14
C ASP F 198 -23.76 79.41 2.48
N GLY F 199 -23.04 79.94 1.48
CA GLY F 199 -22.25 81.14 1.68
C GLY F 199 -23.08 82.36 1.98
N LEU F 200 -24.35 82.37 1.57
CA LEU F 200 -25.28 83.41 1.97
C LEU F 200 -26.35 82.91 2.92
N ASP F 201 -26.38 81.61 3.24
CA ASP F 201 -27.28 81.15 4.31
C ASP F 201 -26.70 81.47 5.67
N PHE F 202 -25.45 81.07 5.91
CA PHE F 202 -24.81 81.32 7.20
C PHE F 202 -24.42 82.78 7.41
N THR F 203 -24.43 83.59 6.36
CA THR F 203 -24.04 84.99 6.43
C THR F 203 -25.21 85.91 6.10
N GLN F 204 -26.39 85.60 6.65
CA GLN F 204 -27.53 86.49 6.48
C GLN F 204 -27.44 87.78 7.31
N PRO F 205 -27.09 87.78 8.61
CA PRO F 205 -26.96 89.06 9.30
C PRO F 205 -25.72 89.86 8.94
N LYS F 206 -24.79 89.30 8.16
CA LYS F 206 -23.56 89.99 7.79
C LYS F 206 -23.72 90.86 6.55
N LYS F 207 -24.96 91.14 6.11
CA LYS F 207 -25.17 92.02 4.97
C LYS F 207 -24.80 93.46 5.31
N GLU F 208 -24.86 93.83 6.58
CA GLU F 208 -24.28 95.10 7.03
C GLU F 208 -22.77 95.00 7.15
N ALA F 209 -22.22 93.80 7.25
CA ALA F 209 -20.78 93.62 7.42
C ALA F 209 -20.09 93.60 6.07
N ILE F 210 -19.00 94.36 5.96
CA ILE F 210 -18.15 94.28 4.78
C ILE F 210 -17.44 92.94 4.74
N LYS F 211 -17.15 92.37 5.91
CA LYS F 211 -16.38 91.14 6.06
C LYS F 211 -17.12 89.89 5.59
N GLN F 212 -18.41 90.00 5.21
CA GLN F 212 -19.08 88.90 4.53
C GLN F 212 -18.41 88.58 3.21
N ALA F 213 -17.96 89.62 2.49
CA ALA F 213 -17.25 89.40 1.24
C ALA F 213 -15.86 88.83 1.48
N ILE F 214 -15.29 89.06 2.66
CA ILE F 214 -14.03 88.41 3.01
C ILE F 214 -14.25 86.93 3.26
N LYS F 215 -15.38 86.58 3.90
CA LYS F 215 -15.80 85.19 4.02
C LYS F 215 -16.04 84.59 2.64
N GLN F 216 -16.64 85.37 1.74
CA GLN F 216 -16.68 84.99 0.33
C GLN F 216 -15.28 84.94 -0.26
N GLY F 217 -14.45 85.93 0.04
CA GLY F 217 -13.11 85.98 -0.49
C GLY F 217 -12.15 84.98 0.11
N ALA F 218 -12.55 84.28 1.18
CA ALA F 218 -11.64 83.38 1.86
C ALA F 218 -11.39 82.12 1.06
N GLU F 219 -12.46 81.39 0.74
CA GLU F 219 -12.30 80.07 0.12
C GLU F 219 -11.84 80.18 -1.33
N ILE F 220 -12.20 81.26 -2.02
CA ILE F 220 -11.70 81.45 -3.37
C ILE F 220 -10.20 81.75 -3.35
N ALA F 221 -9.72 82.43 -2.31
CA ALA F 221 -8.29 82.63 -2.17
C ALA F 221 -7.58 81.35 -1.76
N ARG F 222 -8.28 80.40 -1.15
CA ARG F 222 -7.69 79.09 -0.91
C ARG F 222 -7.56 78.32 -2.21
N LYS F 223 -8.67 78.11 -2.89
CA LYS F 223 -8.75 77.15 -3.97
C LYS F 223 -8.01 77.62 -5.20
N ILE F 224 -7.75 78.92 -5.31
CA ILE F 224 -6.88 79.40 -6.39
C ILE F 224 -5.45 78.92 -6.16
N LEU F 225 -5.04 78.75 -4.90
CA LEU F 225 -3.69 78.30 -4.62
C LEU F 225 -3.55 76.79 -4.74
N GLY F 226 -4.59 76.05 -4.34
CA GLY F 226 -4.52 74.60 -4.41
C GLY F 226 -4.44 74.07 -5.82
N LYS F 227 -5.02 74.80 -6.78
CA LYS F 227 -4.90 74.40 -8.16
C LYS F 227 -3.54 74.80 -8.74
N VAL F 228 -2.91 75.83 -8.17
CA VAL F 228 -1.55 76.19 -8.61
C VAL F 228 -0.58 75.08 -8.25
N SER F 229 -0.60 74.63 -7.01
CA SER F 229 0.35 73.63 -6.54
C SER F 229 0.14 72.29 -7.19
N GLU F 230 -1.11 71.94 -7.49
CA GLU F 230 -1.37 70.73 -8.25
C GLU F 230 -0.75 70.82 -9.64
N GLY F 231 -0.89 71.98 -10.29
CA GLY F 231 -0.17 72.19 -11.52
C GLY F 231 1.30 72.43 -11.32
N LEU F 232 1.72 72.87 -10.13
CA LEU F 232 3.14 73.05 -9.93
C LEU F 232 3.82 71.71 -9.69
N LYS F 233 3.09 70.74 -9.14
CA LYS F 233 3.54 69.35 -9.20
C LYS F 233 3.69 68.90 -10.64
N TYR F 234 2.71 69.24 -11.47
CA TYR F 234 2.72 68.89 -12.89
C TYR F 234 3.86 69.54 -13.65
N ILE F 235 4.39 70.66 -13.15
CA ILE F 235 5.58 71.25 -13.74
C ILE F 235 6.79 70.36 -13.53
N ASP F 236 7.07 70.03 -12.26
CA ASP F 236 8.21 69.18 -11.94
C ASP F 236 8.02 67.76 -12.44
N LEU F 237 6.77 67.34 -12.59
CA LEU F 237 6.50 66.02 -13.13
C LEU F 237 6.81 65.98 -14.61
N ALA F 238 6.48 67.04 -15.34
CA ALA F 238 6.75 67.06 -16.78
C ALA F 238 8.22 67.26 -17.08
N ASP F 239 8.90 68.11 -16.30
CA ASP F 239 10.29 68.41 -16.56
C ASP F 239 11.20 67.23 -16.29
N ALA F 240 10.78 66.32 -15.42
CA ALA F 240 11.44 65.02 -15.33
C ALA F 240 11.25 64.26 -16.63
N ARG F 241 10.00 64.16 -17.10
CA ARG F 241 9.68 63.42 -18.31
C ARG F 241 10.28 64.08 -19.54
N MET F 242 10.30 65.41 -19.56
CA MET F 242 10.98 66.16 -20.61
C MET F 242 12.46 65.80 -20.65
N LYS F 243 13.07 65.66 -19.48
CA LYS F 243 14.44 65.16 -19.42
C LYS F 243 14.49 63.67 -19.74
N LEU F 244 13.48 62.93 -19.29
CA LEU F 244 13.51 61.48 -19.46
C LEU F 244 13.29 61.08 -20.91
N SER F 245 12.53 61.89 -21.64
CA SER F 245 12.39 61.65 -23.08
C SER F 245 13.70 61.92 -23.81
N ASP F 246 14.45 62.93 -23.36
CA ASP F 246 15.70 63.28 -24.01
C ASP F 246 16.77 62.23 -23.81
N GLN F 247 16.66 61.46 -22.72
CA GLN F 247 17.54 60.31 -22.53
C GLN F 247 17.33 59.27 -23.62
N ILE F 248 16.07 58.98 -23.94
CA ILE F 248 15.77 58.01 -24.99
C ILE F 248 16.15 58.57 -26.36
N ASP F 249 16.06 59.90 -26.51
CA ASP F 249 16.44 60.54 -27.77
C ASP F 249 17.92 60.38 -28.04
N GLN F 250 18.75 60.47 -26.99
CA GLN F 250 20.16 60.16 -27.14
C GLN F 250 20.36 58.67 -27.40
N LEU F 251 19.62 57.83 -26.68
CA LEU F 251 19.80 56.38 -26.76
C LEU F 251 19.46 55.84 -28.14
N ILE F 252 18.39 56.34 -28.75
CA ILE F 252 18.06 55.93 -30.11
C ILE F 252 19.11 56.45 -31.09
N THR F 253 19.64 57.65 -30.82
CA THR F 253 20.71 58.19 -31.64
C THR F 253 22.01 57.40 -31.47
N GLU F 254 22.32 57.03 -30.22
CA GLU F 254 23.54 56.28 -29.97
C GLU F 254 23.48 54.84 -30.46
N THR F 255 22.28 54.26 -30.58
CA THR F 255 22.18 52.92 -31.13
C THR F 255 22.48 52.92 -32.62
N ASP F 256 21.78 53.76 -33.39
CA ASP F 256 21.89 53.68 -34.84
C ASP F 256 23.24 54.18 -35.33
N GLU F 257 23.86 55.09 -34.58
CA GLU F 257 25.25 55.42 -34.84
C GLU F 257 26.14 54.21 -34.63
N LEU F 258 25.89 53.46 -33.56
CA LEU F 258 26.61 52.23 -33.32
C LEU F 258 26.13 51.11 -34.24
N LYS F 259 24.86 51.14 -34.63
CA LYS F 259 24.38 50.15 -35.59
C LYS F 259 24.88 50.47 -36.99
N ALA F 260 25.30 51.70 -37.23
CA ALA F 260 26.05 51.99 -38.45
C ALA F 260 27.44 51.42 -38.41
N LYS F 261 28.00 51.19 -37.21
CA LYS F 261 29.34 50.65 -37.12
C LYS F 261 29.38 49.17 -37.48
N ILE F 262 28.39 48.40 -37.02
CA ILE F 262 28.36 46.97 -37.37
C ILE F 262 28.04 46.77 -38.83
N ARG F 263 27.46 47.77 -39.49
CA ARG F 263 27.30 47.73 -40.93
C ARG F 263 28.65 47.68 -41.63
N GLU F 264 29.57 48.58 -41.24
CA GLU F 264 30.88 48.64 -41.87
C GLU F 264 31.73 47.43 -41.55
N VAL F 265 31.57 46.88 -40.34
CA VAL F 265 32.30 45.67 -39.98
C VAL F 265 31.79 44.49 -40.81
N GLU F 266 30.48 44.34 -40.90
CA GLU F 266 29.90 43.27 -41.71
C GLU F 266 30.18 43.48 -43.19
N LEU F 267 30.21 44.74 -43.64
CA LEU F 267 30.64 45.02 -45.00
C LEU F 267 32.09 44.65 -45.21
N ARG F 268 32.91 44.80 -44.17
CA ARG F 268 34.31 44.39 -44.29
C ARG F 268 34.44 42.88 -44.20
N LEU F 269 33.81 42.28 -43.18
CA LEU F 269 33.98 40.85 -42.92
C LEU F 269 33.44 39.99 -44.04
N SER F 270 32.32 40.41 -44.64
CA SER F 270 31.84 39.70 -45.82
C SER F 270 32.78 39.89 -47.01
N GLY F 271 33.42 41.05 -47.12
CA GLY F 271 34.44 41.22 -48.13
C GLY F 271 35.67 40.39 -47.87
N LEU F 272 36.00 40.18 -46.60
CA LEU F 272 37.17 39.38 -46.27
C LEU F 272 36.91 37.90 -46.45
N LYS F 273 35.71 37.43 -46.13
CA LYS F 273 35.37 36.03 -46.36
C LYS F 273 35.29 35.73 -47.85
N ASP F 274 35.01 36.74 -48.66
CA ASP F 274 35.12 36.58 -50.11
C ASP F 274 36.55 36.30 -50.52
N VAL F 275 37.50 36.97 -49.87
CA VAL F 275 38.91 36.70 -50.16
C VAL F 275 39.31 35.33 -49.63
N MET F 276 38.70 34.91 -48.52
CA MET F 276 39.02 33.60 -47.96
C MET F 276 38.51 32.47 -48.84
N GLN F 277 37.45 32.70 -49.61
CA GLN F 277 36.98 31.68 -50.54
C GLN F 277 37.86 31.59 -51.78
N ILE F 278 38.64 32.62 -52.08
CA ILE F 278 39.49 32.61 -53.26
C ILE F 278 40.56 31.54 -53.14
N ASP F 279 41.15 31.40 -51.95
CA ASP F 279 42.17 30.38 -51.73
C ASP F 279 41.59 28.99 -51.81
N THR F 280 40.32 28.82 -51.44
CA THR F 280 39.69 27.50 -51.54
C THR F 280 39.51 27.10 -52.99
N GLU F 281 39.09 28.02 -53.84
CA GLU F 281 38.99 27.72 -55.25
C GLU F 281 40.31 27.87 -55.98
N ARG F 282 41.30 28.51 -55.38
CA ARG F 282 42.64 28.48 -55.98
C ARG F 282 43.23 27.09 -55.90
N THR F 283 42.92 26.35 -54.83
CA THR F 283 43.37 24.96 -54.73
C THR F 283 42.69 24.07 -55.76
N THR F 284 41.38 24.23 -55.94
CA THR F 284 40.67 23.43 -56.94
C THR F 284 41.09 23.80 -58.35
N LEU F 285 41.50 25.04 -58.56
CA LEU F 285 42.08 25.42 -59.83
C LEU F 285 43.43 24.76 -60.04
N LEU F 286 44.31 24.85 -59.05
CA LEU F 286 45.68 24.45 -59.29
C LEU F 286 45.87 22.95 -59.22
N THR F 287 45.26 22.27 -58.25
CA THR F 287 45.42 20.82 -58.13
C THR F 287 44.84 20.08 -59.33
N GLU F 288 43.86 20.68 -59.99
CA GLU F 288 43.48 20.19 -61.30
C GLU F 288 44.53 20.52 -62.35
N ALA F 289 45.05 21.75 -62.35
CA ALA F 289 46.02 22.15 -63.36
C ALA F 289 47.40 21.56 -63.12
N VAL F 290 47.71 21.15 -61.89
CA VAL F 290 48.94 20.39 -61.65
C VAL F 290 48.88 19.04 -62.34
N LYS F 291 47.69 18.43 -62.38
CA LYS F 291 47.49 17.16 -63.09
C LYS F 291 47.68 17.31 -64.59
N ILE F 292 47.61 18.54 -65.10
CA ILE F 292 47.71 18.75 -66.54
C ILE F 292 49.15 19.02 -66.96
N GLU F 293 49.94 19.69 -66.11
CA GLU F 293 51.37 19.87 -66.36
C GLU F 293 52.10 18.55 -66.52
N GLN F 294 51.70 17.53 -65.78
CA GLN F 294 52.33 16.22 -65.87
C GLN F 294 52.16 15.64 -67.26
N VAL F 295 50.91 15.55 -67.73
CA VAL F 295 50.65 14.94 -69.03
C VAL F 295 51.02 15.85 -70.19
N TRP F 296 51.39 17.10 -69.94
CA TRP F 296 52.12 17.81 -70.98
C TRP F 296 53.57 17.36 -71.02
N ILE F 297 54.22 17.29 -69.85
CA ILE F 297 55.66 17.02 -69.80
C ILE F 297 55.94 15.55 -70.04
N SER F 298 55.17 14.66 -69.37
CA SER F 298 55.40 13.23 -69.48
C SER F 298 55.14 12.72 -70.89
N PHE F 299 54.26 13.39 -71.63
CA PHE F 299 54.19 13.17 -73.07
C PHE F 299 55.47 13.65 -73.75
N ALA F 300 55.82 14.92 -73.54
CA ALA F 300 56.92 15.54 -74.28
C ALA F 300 58.27 14.92 -73.94
N GLU F 301 58.44 14.43 -72.72
CA GLU F 301 59.62 13.64 -72.40
C GLU F 301 59.62 12.32 -73.16
N GLN F 302 58.47 11.64 -73.18
CA GLN F 302 58.36 10.40 -73.92
C GLN F 302 58.40 10.64 -75.41
N LEU F 303 57.94 11.79 -75.86
CA LEU F 303 57.98 12.09 -77.29
C LEU F 303 59.40 12.45 -77.72
N HIS F 304 60.15 13.16 -76.88
CA HIS F 304 61.54 13.42 -77.21
C HIS F 304 62.40 12.18 -77.01
N LYS F 305 61.92 11.21 -76.23
CA LYS F 305 62.58 9.91 -76.16
C LYS F 305 62.54 9.20 -77.50
N LEU F 306 61.45 9.36 -78.25
CA LEU F 306 61.38 8.73 -79.55
C LEU F 306 62.17 9.50 -80.59
N SER F 307 62.34 10.81 -80.40
CA SER F 307 63.16 11.61 -81.30
C SER F 307 64.65 11.32 -81.16
N ASN F 308 65.05 10.57 -80.14
CA ASN F 308 66.42 10.08 -80.07
C ASN F 308 66.65 9.01 -81.13
N ASP F 309 65.80 7.98 -81.16
CA ASP F 309 66.02 6.85 -82.05
C ASP F 309 65.60 7.14 -83.48
N GLU F 310 64.56 7.98 -83.66
CA GLU F 310 64.05 8.43 -84.96
C GLU F 310 63.58 7.26 -85.83
N ILE F 311 63.01 6.26 -85.20
CA ILE F 311 62.51 5.08 -85.90
C ILE F 311 61.11 5.40 -86.40
N ASN F 312 60.74 4.80 -87.54
CA ASN F 312 59.47 5.03 -88.19
C ASN F 312 58.37 4.09 -87.68
N GLN F 313 58.46 3.68 -86.41
CA GLN F 313 57.46 2.83 -85.78
C GLN F 313 56.08 3.47 -85.78
N GLN F 314 55.06 2.63 -85.69
CA GLN F 314 53.71 3.11 -85.56
C GLN F 314 53.20 2.96 -84.14
N ASP F 315 54.07 2.53 -83.22
CA ASP F 315 53.84 2.78 -81.81
C ASP F 315 53.98 4.27 -81.49
N LEU F 316 54.79 4.97 -82.30
CA LEU F 316 54.80 6.43 -82.31
C LEU F 316 53.40 7.00 -82.49
N SER F 317 52.76 6.67 -83.61
CA SER F 317 51.40 7.15 -83.86
C SER F 317 50.39 6.53 -82.92
N ASN F 318 50.69 5.37 -82.34
CA ASN F 318 49.89 4.87 -81.24
C ASN F 318 50.08 5.72 -80.00
N LEU F 319 51.30 6.20 -79.76
CA LEU F 319 51.54 7.03 -78.58
C LEU F 319 50.96 8.42 -78.76
N ILE F 320 50.90 8.92 -80.00
CA ILE F 320 50.22 10.18 -80.23
C ILE F 320 48.73 10.02 -80.02
N ASN F 321 48.19 8.86 -80.42
CA ASN F 321 46.75 8.63 -80.45
C ASN F 321 46.14 8.67 -79.06
N GLY F 322 46.83 8.13 -78.07
CA GLY F 322 46.37 8.25 -76.70
C GLY F 322 46.43 9.68 -76.19
N GLN F 323 47.47 10.42 -76.59
CA GLN F 323 47.56 11.83 -76.25
C GLN F 323 46.55 12.64 -77.03
N LEU F 324 46.42 12.37 -78.33
CA LEU F 324 45.52 13.16 -79.17
C LEU F 324 44.07 12.94 -78.79
N ASP F 325 43.72 11.74 -78.34
CA ASP F 325 42.37 11.51 -77.83
C ASP F 325 42.17 12.23 -76.51
N PHE F 326 43.17 12.16 -75.62
CA PHE F 326 43.14 12.88 -74.35
C PHE F 326 43.01 14.38 -74.57
N LEU F 327 43.75 14.91 -75.54
CA LEU F 327 43.62 16.32 -75.87
C LEU F 327 42.24 16.59 -76.46
N ASN F 328 41.76 15.70 -77.32
CA ASN F 328 40.42 15.86 -77.88
C ASN F 328 39.35 15.64 -76.81
N ASN F 329 39.62 14.78 -75.84
CA ASN F 329 38.78 14.70 -74.65
C ASN F 329 38.75 16.03 -73.93
N LEU F 330 39.91 16.68 -73.82
CA LEU F 330 39.98 17.89 -73.05
C LEU F 330 39.42 19.08 -73.81
N THR F 331 39.41 19.02 -75.16
CA THR F 331 38.69 20.03 -75.92
C THR F 331 37.19 19.91 -75.72
N LEU F 332 36.71 18.70 -75.42
CA LEU F 332 35.28 18.42 -75.47
C LEU F 332 34.54 19.06 -74.31
N GLN F 333 35.12 19.05 -73.10
CA GLN F 333 34.41 19.62 -71.97
C GLN F 333 34.34 21.14 -72.06
N TYR F 334 35.30 21.77 -72.75
CA TYR F 334 35.14 23.18 -73.06
C TYR F 334 34.03 23.39 -74.08
N ASN F 335 33.84 22.45 -74.99
CA ASN F 335 32.76 22.56 -75.95
C ASN F 335 31.44 22.08 -75.38
N LYS F 336 31.47 21.19 -74.41
CA LYS F 336 30.27 20.77 -73.71
C LYS F 336 30.12 21.50 -72.38
N LEU F 337 30.76 22.68 -72.24
CA LEU F 337 30.64 23.43 -71.01
C LEU F 337 29.25 24.01 -70.88
N LYS F 338 28.68 24.47 -71.98
CA LYS F 338 27.24 24.62 -72.18
C LYS F 338 26.55 25.60 -71.24
N TYR G 1 -48.36 -67.34 2.21
CA TYR G 1 -48.78 -66.89 3.52
C TYR G 1 -47.88 -65.83 4.19
N PRO G 2 -47.43 -64.81 3.43
CA PRO G 2 -46.21 -64.09 3.82
C PRO G 2 -46.28 -63.21 5.07
N GLU G 3 -47.21 -62.26 5.12
CA GLU G 3 -47.20 -61.25 6.18
C GLU G 3 -48.54 -60.52 6.23
N ILE G 4 -49.20 -60.55 7.38
CA ILE G 4 -50.48 -59.88 7.57
C ILE G 4 -50.44 -59.18 8.91
N ASN G 5 -50.44 -57.85 8.89
CA ASN G 5 -50.32 -57.01 10.08
C ASN G 5 -51.69 -56.43 10.39
N ILE G 6 -52.52 -57.19 11.12
CA ILE G 6 -53.88 -56.69 11.39
C ILE G 6 -53.89 -55.60 12.44
N LYS G 7 -52.78 -55.38 13.13
CA LYS G 7 -52.64 -54.19 13.97
C LYS G 7 -52.72 -52.93 13.12
N ALA G 8 -52.15 -52.97 11.91
CA ALA G 8 -52.31 -51.87 10.97
C ALA G 8 -53.69 -51.85 10.34
N MET G 9 -54.43 -52.95 10.42
CA MET G 9 -55.71 -53.11 9.76
C MET G 9 -56.89 -52.81 10.68
N ASN G 10 -56.92 -53.44 11.84
CA ASN G 10 -58.01 -53.22 12.77
C ASN G 10 -57.98 -51.83 13.36
N GLN G 11 -56.82 -51.17 13.34
CA GLN G 11 -56.79 -49.73 13.52
C GLN G 11 -57.44 -49.03 12.35
N ALA G 12 -57.08 -49.43 11.12
CA ALA G 12 -57.57 -48.75 9.93
C ALA G 12 -59.06 -48.97 9.72
N VAL G 13 -59.58 -50.13 10.13
CA VAL G 13 -61.03 -50.31 10.16
C VAL G 13 -61.66 -49.35 11.15
N ASN G 14 -61.04 -49.22 12.32
CA ASN G 14 -61.64 -48.44 13.39
C ASN G 14 -61.57 -46.95 13.08
N THR G 15 -60.50 -46.51 12.42
CA THR G 15 -60.38 -45.10 12.08
C THR G 15 -61.36 -44.71 10.97
N ILE G 16 -61.66 -45.63 10.04
CA ILE G 16 -62.67 -45.35 9.04
C ILE G 16 -64.04 -45.17 9.69
N TRP G 17 -64.36 -46.00 10.69
CA TRP G 17 -65.56 -45.73 11.47
C TRP G 17 -65.40 -44.46 12.29
N LEU G 18 -64.19 -44.17 12.75
CA LEU G 18 -63.96 -42.96 13.52
C LEU G 18 -64.10 -41.72 12.63
N LEU G 19 -63.52 -41.77 11.43
CA LEU G 19 -63.65 -40.63 10.53
C LEU G 19 -65.01 -40.52 9.89
N ALA G 20 -65.84 -41.56 9.99
CA ALA G 20 -67.19 -41.50 9.43
C ALA G 20 -68.06 -40.53 10.21
N GLN G 21 -68.08 -40.68 11.53
CA GLN G 21 -68.86 -39.79 12.36
C GLN G 21 -68.20 -38.42 12.49
N ARG G 22 -66.88 -38.36 12.32
CA ARG G 22 -66.13 -37.14 12.59
C ARG G 22 -66.28 -36.10 11.48
N GLN G 23 -66.52 -36.54 10.24
CA GLN G 23 -66.41 -35.67 9.08
C GLN G 23 -67.46 -34.57 9.09
N THR G 24 -67.05 -33.38 8.67
CA THR G 24 -67.86 -32.17 8.75
C THR G 24 -67.94 -31.51 7.39
N SER G 25 -68.25 -32.31 6.37
CA SER G 25 -68.34 -31.78 5.02
C SER G 25 -69.51 -30.84 4.84
N GLY G 26 -70.62 -31.11 5.54
CA GLY G 26 -71.80 -30.28 5.38
C GLY G 26 -72.48 -30.48 4.04
N ILE G 27 -72.40 -31.68 3.48
CA ILE G 27 -73.03 -31.99 2.22
C ILE G 27 -73.73 -33.33 2.40
N GLU G 28 -74.70 -33.59 1.53
CA GLU G 28 -75.66 -34.66 1.76
C GLU G 28 -75.34 -35.95 1.01
N ILE G 29 -74.30 -35.97 0.19
CA ILE G 29 -74.01 -37.11 -0.67
C ILE G 29 -72.72 -37.80 -0.26
N ILE G 30 -71.73 -37.04 0.19
CA ILE G 30 -70.62 -37.62 0.94
C ILE G 30 -71.14 -38.25 2.23
N ASN G 31 -72.19 -37.66 2.81
CA ASN G 31 -72.78 -38.16 4.03
C ASN G 31 -73.39 -39.54 3.86
N ASP G 32 -73.78 -39.91 2.64
CA ASP G 32 -74.12 -41.30 2.35
C ASP G 32 -73.13 -41.93 1.39
N LYS G 33 -72.00 -41.27 1.12
CA LYS G 33 -70.88 -42.02 0.60
C LYS G 33 -70.15 -42.75 1.72
N VAL G 34 -69.84 -42.01 2.79
CA VAL G 34 -68.98 -42.56 3.83
C VAL G 34 -69.76 -43.57 4.66
N LYS G 35 -71.05 -43.32 4.87
CA LYS G 35 -71.90 -44.22 5.63
C LYS G 35 -72.00 -45.59 4.98
N ARG G 36 -71.99 -45.64 3.65
CA ARG G 36 -71.98 -46.91 2.96
C ARG G 36 -70.61 -47.55 2.98
N ILE G 37 -69.55 -46.74 2.96
CA ILE G 37 -68.19 -47.29 3.06
C ILE G 37 -67.95 -47.84 4.44
N SER G 38 -68.32 -47.06 5.46
CA SER G 38 -67.92 -47.39 6.82
C SER G 38 -68.72 -48.57 7.36
N ALA G 39 -70.00 -48.66 7.00
CA ALA G 39 -70.80 -49.80 7.43
C ALA G 39 -70.36 -51.08 6.75
N TYR G 40 -69.70 -51.00 5.60
CA TYR G 40 -69.04 -52.17 5.05
C TYR G 40 -67.84 -52.56 5.90
N SER G 41 -66.98 -51.59 6.21
CA SER G 41 -65.69 -51.89 6.81
C SER G 41 -65.82 -52.42 8.23
N ARG G 42 -66.81 -51.91 8.98
CA ARG G 42 -67.12 -52.48 10.28
C ARG G 42 -67.61 -53.90 10.14
N GLU G 43 -68.54 -54.14 9.21
CA GLU G 43 -68.98 -55.50 8.94
C GLU G 43 -67.90 -56.34 8.31
N PHE G 44 -66.93 -55.71 7.66
CA PHE G 44 -65.80 -56.47 7.13
C PHE G 44 -64.91 -57.01 8.24
N ASP G 45 -64.71 -56.22 9.29
CA ASP G 45 -63.90 -56.69 10.40
C ASP G 45 -64.63 -57.78 11.18
N GLU G 46 -65.94 -57.62 11.35
CA GLU G 46 -66.74 -58.62 12.06
C GLU G 46 -66.75 -59.93 11.29
N MET G 47 -66.99 -59.86 9.98
CA MET G 47 -67.11 -61.07 9.19
C MET G 47 -65.77 -61.74 8.99
N MET G 48 -64.67 -61.00 9.12
CA MET G 48 -63.37 -61.67 9.08
C MET G 48 -63.11 -62.42 10.38
N ARG G 49 -63.40 -61.79 11.51
CA ARG G 49 -63.24 -62.45 12.81
C ARG G 49 -64.17 -63.64 12.94
N ASP G 50 -65.39 -63.52 12.43
CA ASP G 50 -66.33 -64.63 12.49
C ASP G 50 -65.89 -65.76 11.57
N SER G 51 -65.34 -65.43 10.40
CA SER G 51 -64.72 -66.46 9.58
C SER G 51 -63.44 -66.97 10.22
N LEU G 52 -62.76 -66.13 10.98
CA LEU G 52 -61.58 -66.60 11.70
C LEU G 52 -61.96 -67.52 12.84
N ALA G 53 -63.11 -67.27 13.46
CA ALA G 53 -63.55 -68.12 14.56
C ALA G 53 -64.25 -69.38 14.08
N GLN G 54 -64.93 -69.33 12.95
CA GLN G 54 -65.67 -70.50 12.49
C GLN G 54 -64.84 -71.42 11.60
N LEU G 55 -63.56 -71.15 11.43
CA LEU G 55 -62.71 -72.02 10.63
C LEU G 55 -61.58 -72.66 11.42
N ALA G 56 -61.22 -72.12 12.58
CA ALA G 56 -60.25 -72.80 13.43
C ALA G 56 -60.71 -74.16 13.94
N PRO G 57 -61.94 -74.37 14.46
CA PRO G 57 -62.27 -75.72 14.94
C PRO G 57 -62.51 -76.71 13.83
N VAL G 58 -62.95 -76.27 12.65
CA VAL G 58 -63.28 -77.21 11.59
C VAL G 58 -62.02 -77.77 10.93
N LEU G 59 -60.89 -77.08 11.04
CA LEU G 59 -59.64 -77.64 10.53
C LEU G 59 -59.14 -78.76 11.43
N LYS G 60 -59.25 -78.59 12.74
CA LYS G 60 -58.79 -79.63 13.67
C LYS G 60 -59.66 -80.87 13.63
N GLN G 61 -60.89 -80.74 13.13
CA GLN G 61 -61.70 -81.92 12.83
C GLN G 61 -61.11 -82.76 11.72
N LEU G 62 -60.29 -82.17 10.86
CA LEU G 62 -59.67 -82.90 9.77
C LEU G 62 -58.30 -83.45 10.16
N THR G 63 -57.58 -82.78 11.06
CA THR G 63 -56.24 -83.23 11.41
C THR G 63 -56.28 -84.48 12.26
N SER G 64 -56.90 -84.40 13.43
CA SER G 64 -56.91 -85.51 14.39
C SER G 64 -58.14 -86.38 14.25
N ASP G 65 -58.66 -86.54 13.03
CA ASP G 65 -59.79 -87.43 12.79
C ASP G 65 -59.39 -88.88 13.07
N ALA G 66 -58.18 -89.27 12.64
CA ALA G 66 -57.54 -90.55 12.95
C ALA G 66 -58.35 -91.76 12.48
N ALA G 67 -59.22 -91.56 11.50
CA ALA G 67 -60.00 -92.67 10.98
C ALA G 67 -59.20 -93.53 10.02
N PHE G 68 -58.14 -92.98 9.44
CA PHE G 68 -57.20 -93.78 8.67
C PHE G 68 -56.45 -94.77 9.56
N GLN G 69 -56.25 -94.41 10.84
CA GLN G 69 -55.67 -95.35 11.78
C GLN G 69 -56.63 -96.49 12.08
N THR G 70 -57.94 -96.23 12.04
CA THR G 70 -58.90 -97.31 12.18
C THR G 70 -58.95 -98.15 10.92
N ILE G 71 -58.62 -97.57 9.76
CA ILE G 71 -58.43 -98.36 8.55
C ILE G 71 -57.19 -99.23 8.69
N ALA G 72 -56.16 -98.73 9.37
CA ALA G 72 -54.97 -99.52 9.63
C ALA G 72 -55.25 -100.69 10.58
N GLN G 73 -56.28 -100.56 11.43
CA GLN G 73 -56.74 -101.70 12.20
C GLN G 73 -57.42 -102.72 11.31
N ILE G 74 -58.10 -102.26 10.26
CA ILE G 74 -58.69 -103.17 9.29
C ILE G 74 -57.61 -103.77 8.40
N ASP G 75 -56.51 -103.02 8.19
CA ASP G 75 -55.43 -103.49 7.34
C ASP G 75 -54.68 -104.66 7.95
N GLU G 76 -54.63 -104.73 9.28
CA GLU G 76 -54.14 -105.94 9.93
C GLU G 76 -55.19 -107.03 10.00
N ALA G 77 -56.45 -106.71 9.74
CA ALA G 77 -57.52 -107.69 9.76
C ALA G 77 -57.89 -108.20 8.38
N LEU G 78 -57.40 -107.57 7.32
CA LEU G 78 -57.73 -108.02 5.97
C LEU G 78 -56.69 -108.98 5.39
N ALA G 79 -55.46 -108.51 5.22
CA ALA G 79 -54.48 -109.32 4.52
C ALA G 79 -53.78 -110.30 5.46
N ASP G 80 -53.47 -109.86 6.67
CA ASP G 80 -52.64 -110.62 7.59
C ASP G 80 -53.25 -111.93 8.11
N PRO G 81 -54.57 -112.07 8.31
CA PRO G 81 -55.10 -113.43 8.45
C PRO G 81 -55.58 -114.01 7.13
N SER G 82 -55.56 -115.34 7.07
CA SER G 82 -56.28 -116.07 6.03
C SER G 82 -57.76 -116.06 6.44
N LEU G 83 -58.42 -114.97 6.08
CA LEU G 83 -59.64 -114.55 6.74
C LEU G 83 -60.86 -114.94 5.92
N SER G 84 -62.01 -115.01 6.59
CA SER G 84 -63.26 -115.39 5.94
C SER G 84 -63.69 -114.33 4.92
N LYS G 85 -63.98 -114.78 3.70
CA LYS G 85 -64.43 -113.89 2.63
C LYS G 85 -65.78 -113.26 2.91
N ASP G 86 -66.59 -113.86 3.79
CA ASP G 86 -67.79 -113.21 4.29
C ASP G 86 -67.44 -111.91 5.01
N ASP G 87 -66.33 -111.92 5.76
CA ASP G 87 -65.90 -110.73 6.46
C ASP G 87 -64.84 -109.93 5.71
N ARG G 88 -64.06 -110.57 4.83
CA ARG G 88 -63.13 -109.82 3.99
C ARG G 88 -63.87 -108.86 3.08
N GLU G 89 -65.01 -109.30 2.55
CA GLU G 89 -65.87 -108.39 1.82
C GLU G 89 -66.50 -107.36 2.75
N ALA G 90 -66.84 -107.79 3.97
CA ALA G 90 -67.52 -106.90 4.91
C ALA G 90 -66.58 -105.85 5.47
N LEU G 91 -65.33 -106.24 5.78
CA LEU G 91 -64.36 -105.26 6.28
C LEU G 91 -64.01 -104.23 5.20
N THR G 92 -63.91 -104.66 3.94
CA THR G 92 -63.70 -103.70 2.87
C THR G 92 -64.97 -102.90 2.56
N LEU G 93 -66.13 -103.38 3.00
CA LEU G 93 -67.37 -102.67 2.70
C LEU G 93 -67.45 -101.38 3.49
N GLU G 94 -67.30 -101.46 4.82
CA GLU G 94 -67.36 -100.25 5.63
C GLU G 94 -66.12 -99.40 5.45
N ARG G 95 -65.00 -100.01 5.08
CA ARG G 95 -63.81 -99.26 4.67
C ARG G 95 -64.11 -98.39 3.45
N ASN G 96 -64.85 -98.92 2.48
CA ASN G 96 -65.25 -98.12 1.34
C ASN G 96 -66.25 -97.05 1.73
N ASN G 97 -67.07 -97.30 2.75
CA ASN G 97 -67.91 -96.24 3.29
C ASN G 97 -67.07 -95.18 3.97
N LEU G 98 -66.07 -95.60 4.76
CA LEU G 98 -65.39 -94.69 5.65
C LEU G 98 -64.41 -93.79 4.91
N ILE G 99 -63.82 -94.29 3.81
CA ILE G 99 -63.02 -93.42 2.96
C ILE G 99 -63.92 -92.40 2.26
N GLN G 100 -65.08 -92.86 1.79
CA GLN G 100 -66.07 -91.93 1.24
C GLN G 100 -66.64 -91.02 2.33
N ASN G 101 -66.76 -91.53 3.56
CA ASN G 101 -67.11 -90.65 4.67
C ASN G 101 -65.99 -89.66 4.97
N LEU G 102 -64.75 -90.06 4.74
CA LEU G 102 -63.64 -89.11 4.87
C LEU G 102 -63.67 -88.08 3.74
N SER G 103 -64.06 -88.51 2.54
CA SER G 103 -64.21 -87.56 1.45
C SER G 103 -65.37 -86.63 1.70
N LYS G 104 -66.49 -87.16 2.20
CA LYS G 104 -67.60 -86.31 2.59
C LYS G 104 -67.29 -85.49 3.82
N HIS G 105 -66.33 -85.92 4.64
CA HIS G 105 -65.83 -85.06 5.71
C HIS G 105 -65.04 -83.90 5.14
N ILE G 106 -64.05 -84.20 4.29
CA ILE G 106 -63.16 -83.16 3.80
C ILE G 106 -63.85 -82.25 2.79
N ASP G 107 -64.90 -82.72 2.13
CA ASP G 107 -65.65 -81.84 1.25
C ASP G 107 -66.61 -80.96 2.02
N ASN G 108 -67.15 -81.45 3.14
CA ASN G 108 -68.01 -80.62 3.96
C ASN G 108 -67.21 -79.57 4.72
N VAL G 109 -65.89 -79.73 4.81
CA VAL G 109 -65.04 -78.63 5.21
C VAL G 109 -65.12 -77.52 4.18
N ILE G 110 -64.92 -77.87 2.91
CA ILE G 110 -64.75 -76.89 1.83
C ILE G 110 -66.03 -76.08 1.63
N VAL G 111 -67.18 -76.73 1.80
CA VAL G 111 -68.46 -76.01 1.75
C VAL G 111 -68.54 -75.00 2.88
N SER G 112 -68.15 -75.40 4.08
CA SER G 112 -68.05 -74.45 5.18
C SER G 112 -66.86 -73.53 5.02
N PHE G 113 -65.84 -73.94 4.28
CA PHE G 113 -64.67 -73.10 4.11
C PHE G 113 -64.92 -72.06 3.02
N THR G 114 -65.14 -72.50 1.78
CA THR G 114 -65.37 -71.60 0.67
C THR G 114 -66.71 -70.88 0.76
N GLY G 115 -67.63 -71.35 1.60
CA GLY G 115 -68.80 -70.57 1.93
C GLY G 115 -68.52 -69.31 2.72
N ARG G 116 -67.29 -69.16 3.24
CA ARG G 116 -66.86 -67.94 3.89
C ARG G 116 -65.83 -67.17 3.10
N THR G 117 -64.96 -67.86 2.37
CA THR G 117 -63.93 -67.17 1.60
C THR G 117 -64.54 -66.40 0.44
N SER G 118 -65.40 -67.06 -0.33
CA SER G 118 -66.14 -66.38 -1.39
C SER G 118 -67.11 -65.37 -0.82
N LYS G 119 -67.58 -65.60 0.40
CA LYS G 119 -68.39 -64.61 1.09
C LYS G 119 -67.58 -63.40 1.50
N LEU G 120 -66.25 -63.56 1.60
CA LEU G 120 -65.38 -62.43 1.88
C LEU G 120 -64.98 -61.69 0.61
N THR G 121 -64.82 -62.41 -0.51
CA THR G 121 -64.42 -61.79 -1.76
C THR G 121 -65.50 -60.89 -2.31
N ASN G 122 -66.76 -61.18 -2.00
CA ASN G 122 -67.82 -60.25 -2.31
C ASN G 122 -67.66 -58.95 -1.53
N LYS G 123 -67.18 -59.04 -0.29
CA LYS G 123 -67.14 -57.87 0.57
C LYS G 123 -65.99 -56.95 0.23
N ILE G 124 -64.87 -57.50 -0.24
CA ILE G 124 -63.77 -56.64 -0.65
C ILE G 124 -64.12 -55.86 -1.91
N SER G 125 -64.74 -56.52 -2.88
CA SER G 125 -65.14 -55.85 -4.11
C SER G 125 -66.24 -54.83 -3.88
N ASP G 126 -67.04 -55.02 -2.82
CA ASP G 126 -67.99 -53.98 -2.44
C ASP G 126 -67.33 -52.80 -1.75
N ILE G 127 -66.07 -52.93 -1.36
CA ILE G 127 -65.32 -51.82 -0.80
C ILE G 127 -64.36 -51.22 -1.81
N SER G 128 -63.72 -52.08 -2.59
CA SER G 128 -62.63 -51.64 -3.47
C SER G 128 -63.10 -50.87 -4.69
N ASP G 129 -64.40 -50.67 -4.87
CA ASP G 129 -64.91 -49.99 -6.06
C ASP G 129 -65.25 -48.53 -5.84
N MET G 130 -65.64 -48.14 -4.62
CA MET G 130 -66.19 -46.82 -4.39
C MET G 130 -65.05 -45.81 -4.31
N VAL G 131 -64.76 -45.18 -5.45
CA VAL G 131 -63.77 -44.10 -5.49
C VAL G 131 -64.38 -42.87 -4.85
N ILE G 132 -63.66 -42.29 -3.89
CA ILE G 132 -64.15 -41.12 -3.18
C ILE G 132 -63.11 -40.01 -3.17
N ALA G 133 -61.87 -40.33 -3.52
CA ALA G 133 -60.85 -39.29 -3.57
C ALA G 133 -60.89 -38.55 -4.90
N GLU G 134 -60.92 -39.28 -6.01
CA GLU G 134 -60.91 -38.65 -7.32
C GLU G 134 -62.23 -37.97 -7.66
N ARG G 135 -63.28 -38.21 -6.89
CA ARG G 135 -64.56 -37.55 -7.08
C ARG G 135 -64.65 -36.24 -6.30
N LEU G 136 -63.62 -35.91 -5.53
CA LEU G 136 -63.67 -34.73 -4.68
C LEU G 136 -62.51 -33.78 -4.90
N GLN G 137 -61.55 -34.11 -5.76
CA GLN G 137 -60.38 -33.26 -5.94
C GLN G 137 -60.75 -31.95 -6.61
N ASP G 138 -61.79 -31.95 -7.44
CA ASP G 138 -62.43 -30.71 -7.83
C ASP G 138 -63.02 -30.00 -6.61
N LEU G 139 -63.74 -30.75 -5.79
CA LEU G 139 -64.51 -30.15 -4.71
C LEU G 139 -63.61 -29.70 -3.56
N VAL G 140 -62.41 -30.27 -3.43
CA VAL G 140 -61.48 -29.76 -2.44
C VAL G 140 -60.89 -28.43 -2.89
N THR G 141 -60.30 -28.41 -4.09
CA THR G 141 -59.53 -27.25 -4.54
C THR G 141 -60.38 -26.04 -4.82
N GLN G 142 -61.67 -26.23 -5.11
CA GLN G 142 -62.58 -25.08 -5.20
C GLN G 142 -62.76 -24.42 -3.84
N THR G 143 -63.05 -25.22 -2.81
CA THR G 143 -63.16 -24.69 -1.46
C THR G 143 -61.81 -24.22 -0.93
N GLU G 144 -60.73 -24.90 -1.31
CA GLU G 144 -59.40 -24.48 -0.90
C GLU G 144 -59.03 -23.14 -1.51
N SER G 145 -59.50 -22.88 -2.73
CA SER G 145 -59.33 -21.55 -3.30
C SER G 145 -60.15 -20.52 -2.54
N GLN G 146 -61.35 -20.90 -2.10
CA GLN G 146 -62.23 -19.99 -1.37
C GLN G 146 -61.63 -19.55 -0.04
N LYS G 147 -60.83 -20.43 0.58
CA LYS G 147 -60.10 -20.04 1.77
C LYS G 147 -59.08 -18.95 1.45
N THR G 148 -58.38 -19.09 0.33
CA THR G 148 -57.42 -18.07 -0.09
C THR G 148 -58.11 -16.84 -0.66
N GLU G 149 -59.37 -16.96 -1.06
CA GLU G 149 -60.11 -15.79 -1.53
C GLU G 149 -60.30 -14.78 -0.41
N LEU G 150 -60.63 -15.25 0.78
CA LEU G 150 -61.11 -14.37 1.83
C LEU G 150 -60.01 -13.87 2.73
N GLN G 151 -58.94 -14.65 2.92
CA GLN G 151 -57.78 -14.11 3.63
C GLN G 151 -57.07 -13.05 2.80
N SER G 152 -57.22 -13.10 1.48
CA SER G 152 -56.81 -11.99 0.63
C SER G 152 -57.76 -10.81 0.69
N ASP G 153 -58.90 -10.95 1.37
CA ASP G 153 -59.76 -9.82 1.68
C ASP G 153 -59.62 -9.35 3.12
N ILE G 154 -59.04 -10.19 3.98
CA ILE G 154 -58.66 -9.75 5.31
C ILE G 154 -57.58 -8.68 5.25
N ASP G 155 -56.61 -8.86 4.35
CA ASP G 155 -55.48 -7.94 4.26
C ASP G 155 -55.84 -6.50 3.87
N PRO G 156 -56.79 -6.22 2.97
CA PRO G 156 -57.23 -4.81 2.86
C PRO G 156 -57.92 -4.30 4.10
N LYS G 157 -58.78 -5.13 4.72
CA LYS G 157 -59.57 -4.64 5.84
C LYS G 157 -58.73 -4.49 7.10
N THR G 158 -57.66 -5.27 7.24
CA THR G 158 -56.75 -5.03 8.36
C THR G 158 -55.88 -3.81 8.12
N GLU G 159 -55.63 -3.47 6.87
CA GLU G 159 -54.87 -2.26 6.57
C GLU G 159 -55.75 -1.02 6.61
N LYS G 160 -56.95 -1.11 6.01
CA LYS G 160 -57.86 0.04 5.99
C LYS G 160 -58.30 0.41 7.40
N ARG G 161 -58.48 -0.57 8.28
CA ARG G 161 -58.69 -0.27 9.69
C ARG G 161 -57.45 0.40 10.29
N ASN G 162 -56.27 -0.09 9.93
CA ASN G 162 -55.05 0.47 10.47
C ASN G 162 -54.71 1.82 9.87
N LYS G 163 -55.22 2.12 8.68
CA LYS G 163 -55.08 3.47 8.14
C LYS G 163 -55.90 4.47 8.94
N LEU G 164 -57.15 4.12 9.24
CA LEU G 164 -58.04 5.03 9.93
C LEU G 164 -57.73 5.18 11.41
N ASP G 165 -56.86 4.33 11.96
CA ASP G 165 -56.45 4.48 13.34
C ASP G 165 -55.62 5.75 13.53
N ALA G 166 -54.74 6.04 12.59
CA ALA G 166 -53.96 7.28 12.70
C ALA G 166 -54.81 8.49 12.36
N ASP G 167 -55.70 8.35 11.36
CA ASP G 167 -56.54 9.46 10.95
C ASP G 167 -57.61 9.78 11.98
N ARG G 168 -57.99 8.81 12.81
CA ARG G 168 -58.74 9.14 14.01
C ARG G 168 -57.91 9.98 14.97
N GLU G 169 -56.70 9.52 15.27
CA GLU G 169 -55.91 10.15 16.32
C GLU G 169 -55.35 11.50 15.91
N LYS G 170 -55.21 11.76 14.61
CA LYS G 170 -54.86 13.11 14.17
C LYS G 170 -55.96 14.11 14.50
N ILE G 171 -57.22 13.67 14.43
CA ILE G 171 -58.32 14.51 14.86
C ILE G 171 -58.27 14.69 16.37
N ILE G 172 -57.91 13.64 17.10
CA ILE G 172 -57.84 13.69 18.55
C ILE G 172 -56.76 14.66 19.01
N GLU G 173 -55.61 14.66 18.32
CA GLU G 173 -54.54 15.61 18.63
C GLU G 173 -54.98 17.04 18.35
N SER G 174 -55.75 17.24 17.29
CA SER G 174 -56.28 18.57 17.02
C SER G 174 -57.46 18.91 17.92
N GLN G 175 -58.16 17.92 18.46
CA GLN G 175 -59.16 18.23 19.48
C GLN G 175 -58.53 18.58 20.82
N ASP G 176 -57.30 18.12 21.07
CA ASP G 176 -56.65 18.40 22.35
C ASP G 176 -56.24 19.86 22.48
N VAL G 177 -56.01 20.54 21.35
CA VAL G 177 -55.73 21.97 21.39
C VAL G 177 -56.95 22.73 21.87
N ILE G 178 -58.12 22.36 21.37
CA ILE G 178 -59.35 23.02 21.79
C ILE G 178 -59.74 22.56 23.19
N ARG G 179 -59.35 21.34 23.55
CA ARG G 179 -59.57 20.80 24.89
C ARG G 179 -58.80 21.60 25.96
N GLN G 180 -57.69 22.22 25.56
CA GLN G 180 -56.64 22.63 26.50
C GLN G 180 -57.11 23.72 27.46
N ASN G 181 -58.08 24.54 27.07
CA ASN G 181 -58.66 25.47 28.00
C ASN G 181 -60.00 24.94 28.52
N ASN G 182 -60.28 25.25 29.78
CA ASN G 182 -61.34 24.59 30.53
C ASN G 182 -62.64 25.39 30.43
N ILE G 183 -63.59 25.02 31.31
CA ILE G 183 -64.82 25.79 31.44
C ILE G 183 -64.51 27.17 31.99
N ALA G 184 -63.76 27.24 33.07
CA ALA G 184 -63.55 28.52 33.75
C ALA G 184 -62.33 29.27 33.25
N ASP G 185 -61.43 28.64 32.48
CA ASP G 185 -60.47 29.41 31.70
C ASP G 185 -61.18 30.32 30.73
N MET G 186 -62.24 29.79 30.11
CA MET G 186 -63.11 30.58 29.26
C MET G 186 -63.80 31.69 30.05
N PHE G 187 -64.32 31.36 31.23
CA PHE G 187 -64.89 32.38 32.11
C PHE G 187 -63.84 33.35 32.63
N LYS G 188 -62.59 32.90 32.77
CA LYS G 188 -61.51 33.83 33.13
C LYS G 188 -61.26 34.82 32.01
N ASP G 189 -61.46 34.39 30.76
CA ASP G 189 -61.25 35.28 29.64
C ASP G 189 -62.37 36.32 29.51
N PHE G 190 -63.59 35.98 29.91
CA PHE G 190 -64.70 36.92 29.73
C PHE G 190 -64.56 38.14 30.63
N ILE G 191 -64.01 37.96 31.82
CA ILE G 191 -63.61 39.14 32.58
C ILE G 191 -62.40 39.78 31.89
N PRO G 192 -62.42 41.08 31.64
CA PRO G 192 -61.29 41.71 30.94
C PRO G 192 -60.13 42.05 31.86
N SER G 193 -60.07 41.39 33.03
CA SER G 193 -58.98 41.51 33.99
C SER G 193 -57.60 41.31 33.35
N ALA G 194 -56.61 41.99 33.96
CA ALA G 194 -55.28 42.40 33.47
C ALA G 194 -55.39 43.53 32.44
N LYS G 195 -56.63 43.89 32.06
CA LYS G 195 -56.92 45.11 31.32
C LYS G 195 -58.19 45.78 31.84
N ASP G 196 -58.82 45.25 32.88
CA ASP G 196 -60.11 45.78 33.33
C ASP G 196 -59.91 47.01 34.20
N ILE G 197 -58.84 47.01 35.01
CA ILE G 197 -58.38 48.26 35.62
C ILE G 197 -57.97 49.22 34.52
N ASP G 198 -57.26 48.71 33.50
CA ASP G 198 -56.95 49.51 32.32
C ASP G 198 -58.19 49.86 31.53
N GLY G 199 -59.24 49.03 31.61
CA GLY G 199 -60.54 49.40 31.08
C GLY G 199 -61.17 50.58 31.80
N LEU G 200 -60.79 50.82 33.06
CA LEU G 200 -61.18 52.03 33.76
C LEU G 200 -60.03 52.99 33.99
N ASP G 201 -58.80 52.64 33.61
CA ASP G 201 -57.71 53.62 33.63
C ASP G 201 -57.81 54.57 32.44
N PHE G 202 -57.90 54.01 31.24
CA PHE G 202 -57.99 54.82 30.03
C PHE G 202 -59.34 55.51 29.87
N THR G 203 -60.36 55.10 30.61
CA THR G 203 -61.71 55.64 30.51
C THR G 203 -62.12 56.34 31.80
N GLN G 204 -61.21 57.13 32.37
CA GLN G 204 -61.57 57.92 33.55
C GLN G 204 -62.47 59.12 33.23
N PRO G 205 -62.21 59.96 32.21
CA PRO G 205 -63.17 61.04 31.95
C PRO G 205 -64.48 60.60 31.29
N LYS G 206 -64.60 59.34 30.89
CA LYS G 206 -65.81 58.84 30.24
C LYS G 206 -66.86 58.37 31.24
N LYS G 207 -66.73 58.72 32.52
CA LYS G 207 -67.76 58.35 33.49
C LYS G 207 -69.05 59.12 33.26
N GLU G 208 -68.95 60.30 32.65
CA GLU G 208 -70.14 60.99 32.16
C GLU G 208 -70.65 60.38 30.86
N ALA G 209 -69.80 59.64 30.15
CA ALA G 209 -70.18 59.06 28.86
C ALA G 209 -70.86 57.71 29.08
N ILE G 210 -71.98 57.51 28.39
CA ILE G 210 -72.62 56.21 28.37
C ILE G 210 -71.75 55.22 27.58
N LYS G 211 -71.03 55.72 26.59
CA LYS G 211 -70.22 54.92 25.67
C LYS G 211 -68.99 54.29 26.31
N GLN G 212 -68.68 54.61 27.58
CA GLN G 212 -67.66 53.87 28.30
C GLN G 212 -68.06 52.41 28.46
N ALA G 213 -69.34 52.15 28.70
CA ALA G 213 -69.83 50.78 28.79
C ALA G 213 -69.83 50.09 27.44
N ILE G 214 -69.91 50.85 26.35
CA ILE G 214 -69.75 50.28 25.02
C ILE G 214 -68.30 49.86 24.80
N LYS G 215 -67.35 50.68 25.28
CA LYS G 215 -65.95 50.29 25.31
C LYS G 215 -65.74 49.06 26.18
N GLN G 216 -66.44 49.00 27.31
CA GLN G 216 -66.52 47.77 28.08
C GLN G 216 -67.22 46.67 27.28
N GLY G 217 -68.33 47.01 26.62
CA GLY G 217 -69.08 46.03 25.85
C GLY G 217 -68.42 45.61 24.55
N ALA G 218 -67.35 46.27 24.15
CA ALA G 218 -66.72 45.97 22.87
C ALA G 218 -65.98 44.64 22.90
N GLU G 219 -65.01 44.52 23.82
CA GLU G 219 -64.13 43.36 23.80
C GLU G 219 -64.84 42.10 24.28
N ILE G 220 -65.83 42.24 25.15
CA ILE G 220 -66.61 41.07 25.55
C ILE G 220 -67.46 40.58 24.38
N ALA G 221 -67.94 41.48 23.53
CA ALA G 221 -68.65 41.07 22.33
C ALA G 221 -67.71 40.46 21.31
N ARG G 222 -66.42 40.79 21.36
CA ARG G 222 -65.46 40.09 20.51
C ARG G 222 -65.24 38.67 21.00
N LYS G 223 -64.81 38.55 22.26
CA LYS G 223 -64.27 37.30 22.76
C LYS G 223 -65.35 36.25 22.95
N ILE G 224 -66.62 36.66 23.04
CA ILE G 224 -67.71 35.69 23.04
C ILE G 224 -67.80 35.02 21.68
N LEU G 225 -67.44 35.71 20.60
CA LEU G 225 -67.51 35.13 19.27
C LEU G 225 -66.31 34.26 18.96
N GLY G 226 -65.13 34.67 19.42
CA GLY G 226 -63.91 33.91 19.16
C GLY G 226 -63.93 32.54 19.81
N LYS G 227 -64.61 32.40 20.94
CA LYS G 227 -64.72 31.10 21.56
C LYS G 227 -65.80 30.25 20.88
N VAL G 228 -66.77 30.89 20.23
CA VAL G 228 -67.76 30.15 19.45
C VAL G 228 -67.10 29.46 18.27
N SER G 229 -66.32 30.22 17.49
CA SER G 229 -65.71 29.69 16.28
C SER G 229 -64.66 28.64 16.59
N GLU G 230 -63.94 28.79 17.70
CA GLU G 230 -63.02 27.75 18.13
C GLU G 230 -63.76 26.46 18.44
N GLY G 231 -64.90 26.57 19.12
CA GLY G 231 -65.75 25.42 19.29
C GLY G 231 -66.49 25.04 18.03
N LEU G 232 -66.68 25.98 17.11
CA LEU G 232 -67.35 25.60 15.88
C LEU G 232 -66.41 24.84 14.96
N LYS G 233 -65.10 25.13 15.06
CA LYS G 233 -64.11 24.23 14.48
C LYS G 233 -64.21 22.85 15.10
N TYR G 234 -64.37 22.80 16.42
CA TYR G 234 -64.48 21.55 17.16
C TYR G 234 -65.74 20.78 16.79
N ILE G 235 -66.77 21.45 16.29
CA ILE G 235 -67.94 20.76 15.77
C ILE G 235 -67.60 19.98 14.51
N ASP G 236 -67.04 20.66 13.51
CA ASP G 236 -66.69 20.01 12.26
C ASP G 236 -65.53 19.04 12.45
N LEU G 237 -64.70 19.27 13.46
CA LEU G 237 -63.62 18.36 13.75
C LEU G 237 -64.15 17.06 14.34
N ALA G 238 -65.16 17.15 15.21
CA ALA G 238 -65.71 15.95 15.82
C ALA G 238 -66.57 15.17 14.83
N ASP G 239 -67.34 15.87 14.00
CA ASP G 239 -68.26 15.20 13.08
C ASP G 239 -67.52 14.45 12.00
N ALA G 240 -66.29 14.88 11.67
CA ALA G 240 -65.42 14.04 10.86
C ALA G 240 -65.08 12.76 11.61
N ARG G 241 -64.63 12.91 12.87
CA ARG G 241 -64.23 11.77 13.68
C ARG G 241 -65.41 10.88 14.02
N MET G 242 -66.57 11.49 14.25
CA MET G 242 -67.81 10.73 14.44
C MET G 242 -68.12 9.89 13.21
N LYS G 243 -67.89 10.45 12.03
CA LYS G 243 -67.99 9.66 10.81
C LYS G 243 -66.82 8.70 10.68
N LEU G 244 -65.63 9.12 11.10
CA LEU G 244 -64.45 8.30 10.91
C LEU G 244 -64.46 7.10 11.85
N SER G 245 -65.06 7.25 13.02
CA SER G 245 -65.23 6.10 13.90
C SER G 245 -66.21 5.10 13.32
N ASP G 246 -67.25 5.59 12.65
CA ASP G 246 -68.26 4.71 12.08
C ASP G 246 -67.72 3.91 10.91
N GLN G 247 -66.69 4.41 10.24
CA GLN G 247 -66.00 3.64 9.23
C GLN G 247 -65.36 2.40 9.83
N ILE G 248 -64.68 2.56 10.97
CA ILE G 248 -64.05 1.43 11.63
C ILE G 248 -65.09 0.50 12.21
N ASP G 249 -66.24 1.04 12.61
CA ASP G 249 -67.33 0.22 13.13
C ASP G 249 -67.88 -0.71 12.06
N GLN G 250 -67.98 -0.23 10.82
CA GLN G 250 -68.32 -1.11 9.72
C GLN G 250 -67.20 -2.10 9.45
N LEU G 251 -65.95 -1.62 9.47
CA LEU G 251 -64.80 -2.45 9.12
C LEU G 251 -64.62 -3.61 10.08
N ILE G 252 -64.79 -3.37 11.38
CA ILE G 252 -64.72 -4.47 12.34
C ILE G 252 -65.88 -5.43 12.15
N THR G 253 -67.05 -4.89 11.78
CA THR G 253 -68.20 -5.72 11.49
C THR G 253 -67.99 -6.53 10.21
N GLU G 254 -67.42 -5.89 9.18
CA GLU G 254 -67.21 -6.59 7.92
C GLU G 254 -66.09 -7.61 8.00
N THR G 255 -65.13 -7.46 8.92
CA THR G 255 -64.10 -8.46 9.08
C THR G 255 -64.67 -9.74 9.68
N ASP G 256 -65.34 -9.63 10.82
CA ASP G 256 -65.76 -10.82 11.56
C ASP G 256 -66.88 -11.55 10.85
N GLU G 257 -67.70 -10.82 10.08
CA GLU G 257 -68.62 -11.47 9.17
C GLU G 257 -67.87 -12.27 8.11
N LEU G 258 -66.80 -11.68 7.59
CA LEU G 258 -65.96 -12.42 6.64
C LEU G 258 -65.07 -13.43 7.35
N LYS G 259 -64.70 -13.16 8.60
CA LYS G 259 -63.94 -14.15 9.36
C LYS G 259 -64.84 -15.30 9.80
N ALA G 260 -66.15 -15.08 9.84
CA ALA G 260 -67.07 -16.19 9.98
C ALA G 260 -67.13 -17.05 8.73
N LYS G 261 -66.80 -16.48 7.57
CA LYS G 261 -66.85 -17.26 6.33
C LYS G 261 -65.69 -18.25 6.25
N ILE G 262 -64.49 -17.83 6.64
CA ILE G 262 -63.35 -18.76 6.61
C ILE G 262 -63.49 -19.83 7.66
N ARG G 263 -64.31 -19.61 8.69
CA ARG G 263 -64.66 -20.67 9.63
C ARG G 263 -65.36 -21.81 8.92
N GLU G 264 -66.39 -21.49 8.13
CA GLU G 264 -67.18 -22.50 7.45
C GLU G 264 -66.37 -23.20 6.36
N VAL G 265 -65.47 -22.48 5.71
CA VAL G 265 -64.61 -23.09 4.71
C VAL G 265 -63.64 -24.06 5.36
N GLU G 266 -63.00 -23.63 6.46
CA GLU G 266 -62.09 -24.50 7.18
C GLU G 266 -62.83 -25.66 7.84
N LEU G 267 -64.07 -25.42 8.29
CA LEU G 267 -64.89 -26.51 8.78
C LEU G 267 -65.23 -27.48 7.67
N ARG G 268 -65.38 -26.99 6.44
CA ARG G 268 -65.62 -27.87 5.32
C ARG G 268 -64.35 -28.58 4.89
N LEU G 269 -63.27 -27.80 4.71
CA LEU G 269 -62.02 -28.34 4.17
C LEU G 269 -61.40 -29.38 5.09
N SER G 270 -61.49 -29.16 6.40
CA SER G 270 -61.05 -30.18 7.34
C SER G 270 -61.94 -31.41 7.28
N GLY G 271 -63.24 -31.22 7.05
CA GLY G 271 -64.10 -32.37 6.84
C GLY G 271 -63.80 -33.10 5.55
N LEU G 272 -63.37 -32.38 4.52
CA LEU G 272 -63.06 -33.01 3.25
C LEU G 272 -61.73 -33.74 3.30
N LYS G 273 -60.74 -33.18 4.00
CA LYS G 273 -59.47 -33.87 4.16
C LYS G 273 -59.62 -35.12 5.01
N ASP G 274 -60.62 -35.15 5.88
CA ASP G 274 -60.96 -36.37 6.59
C ASP G 274 -61.44 -37.44 5.62
N VAL G 275 -62.20 -37.05 4.61
CA VAL G 275 -62.62 -38.01 3.59
C VAL G 275 -61.44 -38.43 2.73
N MET G 276 -60.49 -37.51 2.50
CA MET G 276 -59.33 -37.84 1.70
C MET G 276 -58.41 -38.83 2.40
N GLN G 277 -58.42 -38.84 3.74
CA GLN G 277 -57.63 -39.83 4.45
C GLN G 277 -58.27 -41.20 4.45
N ILE G 278 -59.57 -41.29 4.18
CA ILE G 278 -60.27 -42.58 4.16
C ILE G 278 -59.73 -43.45 3.04
N ASP G 279 -59.49 -42.86 1.87
CA ASP G 279 -58.97 -43.62 0.75
C ASP G 279 -57.55 -44.09 1.01
N THR G 280 -56.78 -43.33 1.79
CA THR G 280 -55.42 -43.75 2.11
C THR G 280 -55.43 -44.99 3.00
N GLU G 281 -56.32 -45.01 4.00
CA GLU G 281 -56.44 -46.19 4.83
C GLU G 281 -57.33 -47.25 4.21
N ARG G 282 -58.10 -46.92 3.18
CA ARG G 282 -58.80 -47.98 2.45
C ARG G 282 -57.81 -48.83 1.67
N THR G 283 -56.72 -48.23 1.20
CA THR G 283 -55.68 -49.01 0.52
C THR G 283 -54.95 -49.92 1.50
N THR G 284 -54.60 -49.41 2.68
CA THR G 284 -53.93 -50.24 3.66
C THR G 284 -54.83 -51.33 4.21
N LEU G 285 -56.15 -51.08 4.22
CA LEU G 285 -57.10 -52.13 4.55
C LEU G 285 -57.14 -53.19 3.46
N LEU G 286 -57.26 -52.77 2.21
CA LEU G 286 -57.55 -53.74 1.16
C LEU G 286 -56.32 -54.50 0.72
N THR G 287 -55.19 -53.80 0.52
CA THR G 287 -53.96 -54.47 0.08
C THR G 287 -53.46 -55.48 1.09
N GLU G 288 -53.78 -55.27 2.36
CA GLU G 288 -53.58 -56.34 3.32
C GLU G 288 -54.61 -57.45 3.13
N ALA G 289 -55.88 -57.08 2.94
CA ALA G 289 -56.93 -58.09 2.80
C ALA G 289 -56.91 -58.80 1.46
N VAL G 290 -56.31 -58.19 0.43
CA VAL G 290 -56.08 -58.90 -0.83
C VAL G 290 -55.10 -60.05 -0.62
N LYS G 291 -54.10 -59.84 0.24
CA LYS G 291 -53.14 -60.89 0.58
C LYS G 291 -53.79 -62.06 1.31
N ILE G 292 -54.98 -61.84 1.88
CA ILE G 292 -55.64 -62.87 2.65
C ILE G 292 -56.59 -63.70 1.78
N GLU G 293 -57.22 -63.08 0.79
CA GLU G 293 -58.04 -63.82 -0.18
C GLU G 293 -57.25 -64.88 -0.91
N GLN G 294 -55.98 -64.61 -1.19
CA GLN G 294 -55.14 -65.58 -1.89
C GLN G 294 -54.97 -66.85 -1.06
N VAL G 295 -54.53 -66.71 0.19
CA VAL G 295 -54.30 -67.88 1.03
C VAL G 295 -55.58 -68.49 1.56
N TRP G 296 -56.73 -67.87 1.34
CA TRP G 296 -57.96 -68.64 1.47
C TRP G 296 -58.17 -69.53 0.25
N ILE G 297 -58.02 -68.95 -0.95
CA ILE G 297 -58.35 -69.67 -2.17
C ILE G 297 -57.26 -70.67 -2.53
N SER G 298 -56.00 -70.24 -2.46
CA SER G 298 -54.88 -71.11 -2.82
C SER G 298 -54.76 -72.31 -1.90
N PHE G 299 -55.21 -72.17 -0.66
CA PHE G 299 -55.43 -73.34 0.17
C PHE G 299 -56.55 -74.20 -0.37
N ALA G 300 -57.73 -73.59 -0.56
CA ALA G 300 -58.93 -74.34 -0.90
C ALA G 300 -58.84 -74.98 -2.28
N GLU G 301 -58.13 -74.35 -3.21
CA GLU G 301 -57.83 -74.99 -4.48
C GLU G 301 -56.91 -76.19 -4.28
N GLN G 302 -55.87 -76.02 -3.47
CA GLN G 302 -54.97 -77.13 -3.18
C GLN G 302 -55.65 -78.18 -2.32
N LEU G 303 -56.60 -77.77 -1.48
CA LEU G 303 -57.30 -78.74 -0.66
C LEU G 303 -58.31 -79.52 -1.49
N HIS G 304 -58.98 -78.87 -2.43
CA HIS G 304 -59.87 -79.61 -3.32
C HIS G 304 -59.09 -80.43 -4.35
N LYS G 305 -57.82 -80.07 -4.58
CA LYS G 305 -56.94 -80.92 -5.38
C LYS G 305 -56.73 -82.27 -4.71
N LEU G 306 -56.64 -82.29 -3.38
CA LEU G 306 -56.45 -83.55 -2.69
C LEU G 306 -57.76 -84.33 -2.60
N SER G 307 -58.90 -83.64 -2.61
CA SER G 307 -60.19 -84.30 -2.61
C SER G 307 -60.50 -84.99 -3.93
N ASN G 308 -59.72 -84.73 -4.98
CA ASN G 308 -59.82 -85.51 -6.20
C ASN G 308 -59.32 -86.93 -5.98
N ASP G 309 -58.10 -87.07 -5.46
CA ASP G 309 -57.48 -88.38 -5.33
C ASP G 309 -57.98 -89.15 -4.11
N GLU G 310 -58.33 -88.44 -3.04
CA GLU G 310 -58.91 -89.00 -1.81
C GLU G 310 -57.97 -90.01 -1.15
N ILE G 311 -56.70 -89.75 -1.22
CA ILE G 311 -55.69 -90.62 -0.64
C ILE G 311 -55.54 -90.25 0.83
N ASN G 312 -55.21 -91.24 1.66
CA ASN G 312 -55.09 -91.07 3.10
C ASN G 312 -53.69 -90.64 3.52
N GLN G 313 -53.00 -89.89 2.66
CA GLN G 313 -51.66 -89.39 2.95
C GLN G 313 -51.66 -88.48 4.17
N GLN G 314 -50.49 -88.36 4.78
CA GLN G 314 -50.31 -87.44 5.89
C GLN G 314 -49.54 -86.20 5.45
N ASP G 315 -49.25 -86.09 4.16
CA ASP G 315 -48.95 -84.78 3.58
C ASP G 315 -50.20 -83.92 3.55
N LEU G 316 -51.38 -84.54 3.49
CA LEU G 316 -52.65 -83.87 3.75
C LEU G 316 -52.61 -83.12 5.08
N SER G 317 -52.41 -83.86 6.17
CA SER G 317 -52.35 -83.24 7.48
C SER G 317 -51.12 -82.36 7.65
N ASN G 318 -50.07 -82.59 6.86
CA ASN G 318 -48.97 -81.64 6.79
C ASN G 318 -49.41 -80.37 6.08
N LEU G 319 -50.26 -80.49 5.05
CA LEU G 319 -50.71 -79.30 4.35
C LEU G 319 -51.73 -78.53 5.17
N ILE G 320 -52.50 -79.22 6.00
CA ILE G 320 -53.40 -78.50 6.91
C ILE G 320 -52.59 -77.77 7.96
N ASN G 321 -51.48 -78.38 8.40
CA ASN G 321 -50.72 -77.88 9.54
C ASN G 321 -50.08 -76.53 9.24
N GLY G 322 -49.60 -76.33 8.03
CA GLY G 322 -49.09 -75.02 7.65
C GLY G 322 -50.21 -73.99 7.56
N GLN G 323 -51.38 -74.40 7.08
CA GLN G 323 -52.53 -73.51 7.07
C GLN G 323 -53.06 -73.27 8.47
N LEU G 324 -53.15 -74.35 9.27
CA LEU G 324 -53.73 -74.23 10.61
C LEU G 324 -52.84 -73.40 11.52
N ASP G 325 -51.52 -73.47 11.33
CA ASP G 325 -50.63 -72.60 12.08
C ASP G 325 -50.77 -71.16 11.61
N PHE G 326 -50.84 -70.96 10.30
CA PHE G 326 -51.08 -69.63 9.74
C PHE G 326 -52.38 -69.03 10.23
N LEU G 327 -53.43 -69.85 10.27
CA LEU G 327 -54.69 -69.37 10.82
C LEU G 327 -54.56 -69.10 12.31
N ASN G 328 -53.84 -69.97 13.03
CA ASN G 328 -53.61 -69.73 14.45
C ASN G 328 -52.67 -68.55 14.66
N ASN G 329 -51.73 -68.33 13.73
CA ASN G 329 -50.96 -67.08 13.72
C ASN G 329 -51.89 -65.90 13.56
N LEU G 330 -52.88 -66.02 12.69
CA LEU G 330 -53.73 -64.88 12.41
C LEU G 330 -54.75 -64.65 13.51
N THR G 331 -55.10 -65.70 14.26
CA THR G 331 -55.91 -65.49 15.47
C THR G 331 -55.14 -64.74 16.54
N LEU G 332 -53.81 -64.88 16.52
CA LEU G 332 -53.00 -64.43 17.65
C LEU G 332 -52.91 -62.91 17.70
N GLN G 333 -52.77 -62.25 16.54
CA GLN G 333 -52.63 -60.81 16.58
C GLN G 333 -53.94 -60.12 16.96
N TYR G 334 -55.07 -60.77 16.69
CA TYR G 334 -56.32 -60.27 17.25
C TYR G 334 -56.37 -60.46 18.76
N ASN G 335 -55.75 -61.52 19.25
CA ASN G 335 -55.70 -61.73 20.69
C ASN G 335 -54.58 -60.95 21.34
N LYS G 336 -53.54 -60.63 20.60
CA LYS G 336 -52.47 -59.77 21.09
C LYS G 336 -52.64 -58.34 20.58
N LEU G 337 -53.86 -57.97 20.20
CA LEU G 337 -54.10 -56.61 19.73
C LEU G 337 -54.00 -55.62 20.87
N LYS G 338 -54.50 -56.02 22.05
CA LYS G 338 -54.09 -55.47 23.35
C LYS G 338 -54.39 -53.98 23.53
N TYR H 1 -30.17 -69.66 33.38
CA TYR H 1 -30.15 -68.95 34.66
C TYR H 1 -29.29 -67.67 34.70
N PRO H 2 -29.36 -66.82 33.65
CA PRO H 2 -28.24 -65.90 33.38
C PRO H 2 -28.01 -64.76 34.38
N GLU H 3 -29.02 -63.93 34.64
CA GLU H 3 -28.81 -62.70 35.40
C GLU H 3 -30.15 -62.13 35.86
N ILE H 4 -30.32 -61.96 37.17
CA ILE H 4 -31.54 -61.41 37.73
C ILE H 4 -31.13 -60.40 38.81
N ASN H 5 -31.39 -59.12 38.55
CA ASN H 5 -31.00 -58.02 39.43
C ASN H 5 -32.25 -57.53 40.15
N ILE H 6 -32.59 -58.18 41.28
CA ILE H 6 -33.81 -57.78 41.98
C ILE H 6 -33.65 -56.48 42.74
N LYS H 7 -32.42 -55.98 42.88
CA LYS H 7 -32.20 -54.62 43.36
C LYS H 7 -32.83 -53.62 42.40
N ALA H 8 -32.76 -53.88 41.10
CA ALA H 8 -33.47 -53.06 40.13
C ALA H 8 -34.96 -53.34 40.12
N MET H 9 -35.39 -54.46 40.68
CA MET H 9 -36.78 -54.91 40.63
C MET H 9 -37.56 -54.52 41.87
N ASN H 10 -37.03 -54.86 43.05
CA ASN H 10 -37.73 -54.55 44.29
C ASN H 10 -37.73 -53.05 44.56
N GLN H 11 -36.81 -52.30 43.96
CA GLN H 11 -37.00 -50.87 43.85
C GLN H 11 -38.16 -50.54 42.94
N ALA H 12 -38.21 -51.17 41.76
CA ALA H 12 -39.23 -50.86 40.77
C ALA H 12 -40.62 -51.28 41.23
N VAL H 13 -40.71 -52.35 42.02
CA VAL H 13 -41.98 -52.69 42.66
C VAL H 13 -42.37 -51.59 43.63
N ASN H 14 -41.41 -51.12 44.41
CA ASN H 14 -41.71 -50.18 45.47
C ASN H 14 -42.04 -48.80 44.90
N THR H 15 -41.39 -48.41 43.80
CA THR H 15 -41.69 -47.12 43.20
C THR H 15 -43.06 -47.11 42.53
N ILE H 16 -43.50 -48.25 41.99
CA ILE H 16 -44.85 -48.33 41.45
C ILE H 16 -45.89 -48.15 42.55
N TRP H 17 -45.64 -48.74 43.72
CA TRP H 17 -46.50 -48.43 44.86
C TRP H 17 -46.29 -47.00 45.31
N LEU H 18 -45.07 -46.48 45.19
CA LEU H 18 -44.81 -45.09 45.56
C LEU H 18 -45.50 -44.13 44.61
N LEU H 19 -45.42 -44.40 43.31
CA LEU H 19 -46.08 -43.52 42.36
C LEU H 19 -47.59 -43.73 42.31
N ALA H 20 -48.11 -44.79 42.92
CA ALA H 20 -49.54 -45.00 42.94
C ALA H 20 -50.23 -43.99 43.83
N GLN H 21 -49.73 -43.82 45.05
CA GLN H 21 -50.30 -42.83 45.96
C GLN H 21 -49.92 -41.42 45.56
N ARG H 22 -48.79 -41.26 44.86
CA ARG H 22 -48.25 -39.93 44.58
C ARG H 22 -49.00 -39.21 43.47
N GLN H 23 -49.59 -39.95 42.53
CA GLN H 23 -50.08 -39.37 41.30
C GLN H 23 -51.26 -38.42 41.53
N THR H 24 -51.26 -37.33 40.79
CA THR H 24 -52.20 -36.23 40.97
C THR H 24 -52.91 -35.92 39.66
N SER H 25 -53.42 -36.98 39.01
CA SER H 25 -54.10 -36.79 37.74
C SER H 25 -55.42 -36.06 37.90
N GLY H 26 -56.11 -36.26 39.02
CA GLY H 26 -57.40 -35.63 39.21
C GLY H 26 -58.48 -36.21 38.33
N ILE H 27 -58.38 -37.49 37.99
CA ILE H 27 -59.37 -38.17 37.17
C ILE H 27 -59.68 -39.49 37.85
N GLU H 28 -60.82 -40.06 37.50
CA GLU H 28 -61.41 -41.14 38.29
C GLU H 28 -61.16 -42.52 37.72
N ILE H 29 -60.52 -42.62 36.56
CA ILE H 29 -60.34 -43.90 35.88
C ILE H 29 -58.89 -44.33 35.85
N ILE H 30 -57.96 -43.37 35.70
CA ILE H 30 -56.57 -43.66 36.04
C ILE H 30 -56.44 -44.00 37.52
N ASN H 31 -57.30 -43.40 38.35
CA ASN H 31 -57.27 -43.66 39.79
C ASN H 31 -57.63 -45.11 40.12
N ASP H 32 -58.37 -45.80 39.24
CA ASP H 32 -58.52 -47.23 39.37
C ASP H 32 -57.85 -47.97 38.21
N LYS H 33 -57.06 -47.28 37.41
CA LYS H 33 -56.08 -48.01 36.61
C LYS H 33 -54.87 -48.35 37.44
N VAL H 34 -54.33 -47.37 38.15
CA VAL H 34 -53.06 -47.55 38.84
C VAL H 34 -53.26 -48.41 40.07
N LYS H 35 -54.40 -48.26 40.73
CA LYS H 35 -54.72 -49.04 41.92
C LYS H 35 -54.77 -50.53 41.62
N ARG H 36 -55.26 -50.89 40.44
CA ARG H 36 -55.27 -52.28 40.04
C ARG H 36 -53.89 -52.75 39.61
N ILE H 37 -53.09 -51.85 39.02
CA ILE H 37 -51.72 -52.22 38.65
C ILE H 37 -50.88 -52.39 39.90
N SER H 38 -50.97 -51.44 40.82
CA SER H 38 -50.04 -51.40 41.94
C SER H 38 -50.34 -52.49 42.95
N ALA H 39 -51.63 -52.80 43.16
CA ALA H 39 -51.98 -53.88 44.07
C ALA H 39 -51.58 -55.24 43.52
N TYR H 40 -51.43 -55.36 42.19
CA TYR H 40 -50.80 -56.55 41.64
C TYR H 40 -49.32 -56.60 41.99
N SER H 41 -48.61 -55.49 41.75
CA SER H 41 -47.16 -55.49 41.81
C SER H 41 -46.66 -55.69 43.24
N ARG H 42 -47.37 -55.12 44.21
CA ARG H 42 -47.05 -55.40 45.61
C ARG H 42 -47.28 -56.86 45.93
N GLU H 43 -48.43 -57.40 45.53
CA GLU H 43 -48.68 -58.83 45.70
C GLU H 43 -47.76 -59.68 44.83
N PHE H 44 -47.23 -59.12 43.75
CA PHE H 44 -46.27 -59.86 42.96
C PHE H 44 -44.95 -60.02 43.68
N ASP H 45 -44.52 -58.99 44.40
CA ASP H 45 -43.27 -59.09 45.15
C ASP H 45 -43.44 -60.03 46.34
N GLU H 46 -44.60 -59.97 47.00
CA GLU H 46 -44.87 -60.86 48.12
C GLU H 46 -44.90 -62.31 47.67
N MET H 47 -45.63 -62.58 46.59
CA MET H 47 -45.79 -63.95 46.14
C MET H 47 -44.53 -64.50 45.53
N MET H 48 -43.62 -63.64 45.07
CA MET H 48 -42.33 -64.15 44.63
C MET H 48 -41.47 -64.54 45.82
N ARG H 49 -41.43 -63.69 46.85
CA ARG H 49 -40.67 -64.01 48.06
C ARG H 49 -41.24 -65.23 48.76
N ASP H 50 -42.57 -65.36 48.78
CA ASP H 50 -43.18 -66.52 49.40
C ASP H 50 -42.89 -67.77 48.61
N SER H 51 -42.90 -67.67 47.28
CA SER H 51 -42.45 -68.80 46.48
C SER H 51 -40.96 -69.02 46.62
N LEU H 52 -40.21 -67.94 46.87
CA LEU H 52 -38.78 -68.10 47.13
C LEU H 52 -38.53 -68.76 48.47
N ALA H 53 -39.38 -68.50 49.45
CA ALA H 53 -39.21 -69.09 50.76
C ALA H 53 -39.78 -70.51 50.84
N GLN H 54 -40.84 -70.80 50.09
CA GLN H 54 -41.45 -72.12 50.18
C GLN H 54 -40.86 -73.12 49.21
N LEU H 55 -39.81 -72.76 48.48
CA LEU H 55 -39.17 -73.70 47.58
C LEU H 55 -37.73 -74.01 47.94
N ALA H 56 -37.06 -73.18 48.74
CA ALA H 56 -35.74 -73.52 49.23
C ALA H 56 -35.71 -74.78 50.12
N PRO H 57 -36.58 -74.98 51.11
CA PRO H 57 -36.44 -76.21 51.91
C PRO H 57 -36.89 -77.46 51.18
N VAL H 58 -37.81 -77.34 50.23
CA VAL H 58 -38.32 -78.55 49.59
C VAL H 58 -37.32 -79.10 48.58
N LEU H 59 -36.38 -78.30 48.10
CA LEU H 59 -35.34 -78.82 47.24
C LEU H 59 -34.32 -79.64 48.03
N LYS H 60 -33.96 -79.18 49.23
CA LYS H 60 -33.01 -79.91 50.05
C LYS H 60 -33.58 -81.20 50.59
N GLN H 61 -34.91 -81.34 50.61
CA GLN H 61 -35.52 -82.63 50.89
C GLN H 61 -35.23 -83.65 49.79
N LEU H 62 -34.93 -83.18 48.58
CA LEU H 62 -34.63 -84.08 47.48
C LEU H 62 -33.13 -84.38 47.36
N THR H 63 -32.28 -83.44 47.77
CA THR H 63 -30.84 -83.64 47.63
C THR H 63 -30.32 -84.67 48.63
N SER H 64 -30.46 -84.38 49.92
CA SER H 64 -29.90 -85.22 50.97
C SER H 64 -30.90 -86.23 51.50
N ASP H 65 -31.80 -86.72 50.64
CA ASP H 65 -32.74 -87.76 51.04
C ASP H 65 -32.00 -89.05 51.38
N ALA H 66 -30.98 -89.40 50.58
CA ALA H 66 -30.04 -90.49 50.82
C ALA H 66 -30.72 -91.86 50.94
N ALA H 67 -31.92 -92.00 50.39
CA ALA H 67 -32.60 -93.27 50.42
C ALA H 67 -32.06 -94.25 49.39
N PHE H 68 -31.42 -93.73 48.33
CA PHE H 68 -30.70 -94.60 47.41
C PHE H 68 -29.49 -95.25 48.08
N GLN H 69 -28.91 -94.58 49.07
CA GLN H 69 -27.85 -95.21 49.86
C GLN H 69 -28.40 -96.34 50.71
N THR H 70 -29.64 -96.23 51.17
CA THR H 70 -30.26 -97.35 51.87
C THR H 70 -30.61 -98.47 50.90
N ILE H 71 -30.86 -98.14 49.63
CA ILE H 71 -30.98 -99.16 48.61
C ILE H 71 -29.64 -99.85 48.39
N ALA H 72 -28.55 -99.09 48.49
CA ALA H 72 -27.21 -99.67 48.39
C ALA H 72 -26.90 -100.60 49.55
N GLN H 73 -27.54 -100.38 50.70
CA GLN H 73 -27.45 -101.35 51.79
C GLN H 73 -28.21 -102.62 51.44
N ILE H 74 -29.30 -102.49 50.69
CA ILE H 74 -30.02 -103.67 50.23
C ILE H 74 -29.25 -104.34 49.09
N ASP H 75 -28.49 -103.56 48.32
CA ASP H 75 -27.72 -104.09 47.20
C ASP H 75 -26.60 -105.00 47.66
N GLU H 76 -26.03 -104.74 48.84
CA GLU H 76 -25.11 -105.70 49.43
C GLU H 76 -25.84 -106.85 50.11
N ALA H 77 -27.13 -106.74 50.35
CA ALA H 77 -27.91 -107.79 50.97
C ALA H 77 -28.66 -108.65 49.97
N LEU H 78 -28.73 -108.25 48.70
CA LEU H 78 -29.45 -109.03 47.71
C LEU H 78 -28.53 -109.99 46.94
N ALA H 79 -27.57 -109.44 46.20
CA ALA H 79 -26.78 -110.29 45.32
C ALA H 79 -25.62 -110.94 46.04
N ASP H 80 -24.97 -110.20 46.93
CA ASP H 80 -23.72 -110.62 47.56
C ASP H 80 -23.83 -111.82 48.50
N PRO H 81 -24.93 -112.05 49.24
CA PRO H 81 -25.10 -113.38 49.82
C PRO H 81 -25.91 -114.31 48.94
N SER H 82 -25.67 -115.61 49.10
CA SER H 82 -26.56 -116.64 48.59
C SER H 82 -27.75 -116.69 49.56
N LEU H 83 -28.70 -115.81 49.30
CA LEU H 83 -29.64 -115.36 50.32
C LEU H 83 -30.98 -116.08 50.14
N SER H 84 -31.76 -116.10 51.22
CA SER H 84 -33.07 -116.75 51.22
C SER H 84 -34.03 -116.02 50.29
N LYS H 85 -34.67 -116.77 49.40
CA LYS H 85 -35.65 -116.22 48.46
C LYS H 85 -36.90 -115.68 49.15
N ASP H 86 -37.17 -116.14 50.37
CA ASP H 86 -38.21 -115.52 51.18
C ASP H 86 -37.87 -114.07 51.47
N ASP H 87 -36.59 -113.78 51.68
CA ASP H 87 -36.16 -112.41 51.93
C ASP H 87 -35.63 -111.70 50.70
N ARG H 88 -35.12 -112.45 49.69
CA ARG H 88 -34.74 -111.82 48.44
C ARG H 88 -35.93 -111.19 47.74
N GLU H 89 -37.09 -111.86 47.81
CA GLU H 89 -38.32 -111.25 47.34
C GLU H 89 -38.74 -110.11 48.26
N ALA H 90 -38.52 -110.27 49.57
CA ALA H 90 -38.95 -109.26 50.53
C ALA H 90 -38.08 -108.01 50.45
N LEU H 91 -36.76 -108.17 50.31
CA LEU H 91 -35.88 -107.02 50.17
C LEU H 91 -36.17 -106.24 48.90
N THR H 92 -36.46 -106.93 47.80
CA THR H 92 -36.86 -106.24 46.58
C THR H 92 -38.28 -105.68 46.68
N LEU H 93 -39.09 -106.17 47.63
CA LEU H 93 -40.46 -105.68 47.74
C LEU H 93 -40.48 -104.25 48.26
N GLU H 94 -39.83 -104.00 49.40
CA GLU H 94 -39.82 -102.64 49.93
C GLU H 94 -38.92 -101.74 49.12
N ARG H 95 -37.91 -102.30 48.44
CA ARG H 95 -37.15 -101.54 47.46
C ARG H 95 -38.04 -101.02 46.34
N ASN H 96 -38.97 -101.84 45.86
CA ASN H 96 -39.91 -101.39 44.86
C ASN H 96 -40.88 -100.36 45.43
N ASN H 97 -41.20 -100.46 46.72
CA ASN H 97 -41.96 -99.39 47.35
C ASN H 97 -41.14 -98.12 47.44
N LEU H 98 -39.86 -98.23 47.82
CA LEU H 98 -39.09 -97.06 48.18
C LEU H 98 -38.64 -96.27 46.96
N ILE H 99 -38.43 -96.95 45.82
CA ILE H 99 -38.18 -96.22 44.59
C ILE H 99 -39.45 -95.51 44.14
N GLN H 100 -40.60 -96.18 44.26
CA GLN H 100 -41.87 -95.51 44.02
C GLN H 100 -42.16 -94.44 45.06
N ASN H 101 -41.72 -94.65 46.30
CA ASN H 101 -41.79 -93.59 47.29
C ASN H 101 -40.86 -92.44 46.93
N LEU H 102 -39.73 -92.74 46.28
CA LEU H 102 -38.86 -91.68 45.79
C LEU H 102 -39.51 -90.96 44.61
N SER H 103 -40.23 -91.70 43.76
CA SER H 103 -40.95 -91.05 42.68
C SER H 103 -42.09 -90.21 43.21
N LYS H 104 -42.82 -90.73 44.20
CA LYS H 104 -43.85 -89.94 44.86
C LYS H 104 -43.26 -88.81 45.70
N HIS H 105 -42.00 -88.94 46.12
CA HIS H 105 -41.32 -87.80 46.72
C HIS H 105 -41.04 -86.74 45.67
N ILE H 106 -40.40 -87.12 44.57
CA ILE H 106 -39.97 -86.13 43.59
C ILE H 106 -41.14 -85.57 42.81
N ASP H 107 -42.26 -86.29 42.71
CA ASP H 107 -43.43 -85.73 42.07
C ASP H 107 -44.19 -84.80 43.00
N ASN H 108 -44.17 -85.07 44.31
CA ASN H 108 -44.80 -84.16 45.25
C ASN H 108 -44.00 -82.88 45.42
N VAL H 109 -42.74 -82.88 45.00
CA VAL H 109 -42.02 -81.63 44.82
C VAL H 109 -42.69 -80.80 43.73
N ILE H 110 -42.92 -81.43 42.58
CA ILE H 110 -43.35 -80.72 41.36
C ILE H 110 -44.74 -80.12 41.56
N VAL H 111 -45.60 -80.82 42.30
CA VAL H 111 -46.91 -80.29 42.64
C VAL H 111 -46.77 -79.05 43.51
N SER H 112 -45.89 -79.11 44.50
CA SER H 112 -45.58 -77.92 45.27
C SER H 112 -44.73 -76.94 44.49
N PHE H 113 -44.00 -77.41 43.48
CA PHE H 113 -43.16 -76.51 42.71
C PHE H 113 -43.99 -75.78 41.65
N THR H 114 -44.57 -76.53 40.71
CA THR H 114 -45.38 -75.95 39.65
C THR H 114 -46.69 -75.38 40.14
N GLY H 115 -47.12 -75.74 41.35
CA GLY H 115 -48.21 -75.03 41.98
C GLY H 115 -47.89 -73.59 42.36
N ARG H 116 -46.63 -73.20 42.31
CA ARG H 116 -46.23 -71.82 42.51
C ARG H 116 -45.73 -71.15 41.24
N THR H 117 -45.08 -71.89 40.33
CA THR H 117 -44.57 -71.31 39.12
C THR H 117 -45.70 -70.89 38.19
N SER H 118 -46.64 -71.82 37.95
CA SER H 118 -47.83 -71.49 37.19
C SER H 118 -48.70 -70.47 37.91
N LYS H 119 -48.63 -70.45 39.25
CA LYS H 119 -49.30 -69.43 40.01
C LYS H 119 -48.63 -68.07 39.84
N LEU H 120 -47.37 -68.06 39.42
CA LEU H 120 -46.69 -66.80 39.12
C LEU H 120 -46.94 -66.36 37.69
N THR H 121 -47.06 -67.31 36.76
CA THR H 121 -47.30 -66.96 35.35
C THR H 121 -48.65 -66.33 35.13
N ASN H 122 -49.63 -66.67 35.99
CA ASN H 122 -50.89 -65.96 35.98
C ASN H 122 -50.70 -64.51 36.37
N LYS H 123 -49.78 -64.25 37.31
CA LYS H 123 -49.67 -62.91 37.86
C LYS H 123 -48.90 -61.98 36.92
N ILE H 124 -47.97 -62.50 36.15
CA ILE H 124 -47.28 -61.65 35.18
C ILE H 124 -48.22 -61.23 34.06
N SER H 125 -49.02 -62.18 33.55
CA SER H 125 -49.96 -61.85 32.49
C SER H 125 -51.08 -60.93 32.97
N ASP H 126 -51.37 -60.95 34.27
CA ASP H 126 -52.29 -59.97 34.82
C ASP H 126 -51.66 -58.59 34.96
N ILE H 127 -50.35 -58.48 34.82
CA ILE H 127 -49.67 -57.20 34.84
C ILE H 127 -49.29 -56.76 33.43
N SER H 128 -48.83 -57.71 32.61
CA SER H 128 -48.26 -57.39 31.31
C SER H 128 -49.29 -56.97 30.27
N ASP H 129 -50.58 -56.95 30.59
CA ASP H 129 -51.61 -56.64 29.62
C ASP H 129 -52.13 -55.21 29.70
N MET H 130 -52.09 -54.60 30.87
CA MET H 130 -52.76 -53.31 31.08
C MET H 130 -51.89 -52.20 30.51
N VAL H 131 -52.17 -51.83 29.26
CA VAL H 131 -51.50 -50.70 28.64
C VAL H 131 -52.04 -49.42 29.25
N ILE H 132 -51.15 -48.55 29.71
CA ILE H 132 -51.54 -47.31 30.34
C ILE H 132 -50.82 -46.12 29.72
N ALA H 133 -49.75 -46.38 28.97
CA ALA H 133 -49.05 -45.28 28.33
C ALA H 133 -49.73 -44.88 27.02
N GLU H 134 -50.03 -45.85 26.17
CA GLU H 134 -50.63 -45.56 24.88
C GLU H 134 -52.08 -45.13 24.99
N ARG H 135 -52.71 -45.29 26.14
CA ARG H 135 -54.06 -44.83 26.38
C ARG H 135 -54.11 -43.40 26.88
N LEU H 136 -52.95 -42.78 27.10
CA LEU H 136 -52.91 -41.44 27.66
C LEU H 136 -52.12 -40.44 26.84
N GLN H 137 -51.51 -40.88 25.74
CA GLN H 137 -50.67 -39.97 24.95
C GLN H 137 -51.51 -38.90 24.26
N ASP H 138 -52.76 -39.22 23.95
CA ASP H 138 -53.73 -38.18 23.64
C ASP H 138 -53.94 -37.27 24.84
N LEU H 139 -54.15 -37.88 26.00
CA LEU H 139 -54.55 -37.12 27.18
C LEU H 139 -53.41 -36.32 27.77
N VAL H 140 -52.16 -36.71 27.50
CA VAL H 140 -51.04 -35.88 27.92
C VAL H 140 -50.94 -34.64 27.05
N THR H 141 -50.84 -34.83 25.72
CA THR H 141 -50.53 -33.76 24.81
C THR H 141 -51.65 -32.73 24.70
N GLN H 142 -52.89 -33.12 24.98
CA GLN H 142 -53.96 -32.14 25.07
C GLN H 142 -53.75 -31.20 26.24
N THR H 143 -53.48 -31.76 27.43
CA THR H 143 -53.17 -30.93 28.59
C THR H 143 -51.85 -30.22 28.44
N GLU H 144 -50.88 -30.85 27.77
CA GLU H 144 -49.60 -30.19 27.54
C GLU H 144 -49.75 -29.01 26.60
N SER H 145 -50.68 -29.10 25.65
CA SER H 145 -50.99 -27.93 24.83
C SER H 145 -51.65 -26.84 25.67
N GLN H 146 -52.51 -27.23 26.62
CA GLN H 146 -53.20 -26.27 27.47
C GLN H 146 -52.25 -25.47 28.34
N LYS H 147 -51.13 -26.08 28.72
CA LYS H 147 -50.09 -25.35 29.43
C LYS H 147 -49.49 -24.26 28.54
N THR H 148 -49.24 -24.59 27.27
CA THR H 148 -48.73 -23.61 26.33
C THR H 148 -49.80 -22.63 25.88
N GLU H 149 -51.08 -22.97 26.04
CA GLU H 149 -52.15 -22.04 25.72
C GLU H 149 -52.10 -20.81 26.62
N LEU H 150 -51.86 -21.02 27.91
CA LEU H 150 -52.08 -19.97 28.89
C LEU H 150 -50.84 -19.15 29.17
N GLN H 151 -49.65 -19.74 29.05
CA GLN H 151 -48.44 -18.94 29.11
C GLN H 151 -48.30 -18.04 27.90
N SER H 152 -48.91 -18.40 26.79
CA SER H 152 -49.07 -17.50 25.66
C SER H 152 -50.14 -16.44 25.90
N ASP H 153 -50.90 -16.54 26.98
CA ASP H 153 -51.78 -15.47 27.41
C ASP H 153 -51.21 -14.66 28.56
N ILE H 154 -50.20 -15.20 29.25
CA ILE H 154 -49.45 -14.42 30.22
C ILE H 154 -48.71 -13.28 29.53
N ASP H 155 -48.12 -13.56 28.37
CA ASP H 155 -47.30 -12.58 27.67
C ASP H 155 -48.04 -11.33 27.20
N PRO H 156 -49.31 -11.37 26.73
CA PRO H 156 -50.00 -10.08 26.57
C PRO H 156 -50.28 -9.37 27.88
N LYS H 157 -50.66 -10.10 28.92
CA LYS H 157 -51.06 -9.45 30.16
C LYS H 157 -49.86 -8.92 30.93
N THR H 158 -48.68 -9.53 30.75
CA THR H 158 -47.49 -8.94 31.34
C THR H 158 -47.03 -7.72 30.57
N GLU H 159 -47.33 -7.65 29.28
CA GLU H 159 -46.98 -6.48 28.49
C GLU H 159 -48.00 -5.37 28.66
N LYS H 160 -49.29 -5.72 28.63
CA LYS H 160 -50.35 -4.73 28.78
C LYS H 160 -50.29 -4.06 30.15
N ARG H 161 -49.94 -4.83 31.19
CA ARG H 161 -49.66 -4.22 32.49
C ARG H 161 -48.45 -3.30 32.41
N ASN H 162 -47.42 -3.74 31.69
CA ASN H 162 -46.21 -2.93 31.59
C ASN H 162 -46.39 -1.74 30.66
N LYS H 163 -47.36 -1.79 29.75
CA LYS H 163 -47.69 -0.60 28.97
C LYS H 163 -48.33 0.46 29.84
N LEU H 164 -49.27 0.07 30.69
CA LEU H 164 -50.01 1.02 31.51
C LEU H 164 -49.20 1.55 32.68
N ASP H 165 -48.05 0.94 32.97
CA ASP H 165 -47.19 1.46 34.02
C ASP H 165 -46.62 2.82 33.64
N ALA H 166 -46.21 2.98 32.38
CA ALA H 166 -45.71 4.28 31.95
C ALA H 166 -46.84 5.27 31.77
N ASP H 167 -47.99 4.81 31.26
CA ASP H 167 -49.12 5.69 31.04
C ASP H 167 -49.76 6.14 32.34
N ARG H 168 -49.62 5.36 33.41
CA ARG H 168 -49.92 5.88 34.73
C ARG H 168 -48.96 7.00 35.11
N GLU H 169 -47.67 6.76 34.97
CA GLU H 169 -46.68 7.70 35.48
C GLU H 169 -46.58 8.97 34.65
N LYS H 170 -47.00 8.93 33.38
CA LYS H 170 -47.09 10.17 32.61
C LYS H 170 -48.16 11.09 33.17
N ILE H 171 -49.25 10.51 33.69
CA ILE H 171 -50.25 11.31 34.38
C ILE H 171 -49.68 11.85 35.68
N ILE H 172 -48.87 11.05 36.37
CA ILE H 172 -48.28 11.44 37.65
C ILE H 172 -47.31 12.62 37.44
N GLU H 173 -46.53 12.56 36.36
CA GLU H 173 -45.63 13.66 36.04
C GLU H 173 -46.40 14.94 35.71
N SER H 174 -47.54 14.79 35.04
CA SER H 174 -48.37 15.96 34.78
C SER H 174 -49.18 16.38 36.00
N GLN H 175 -49.43 15.47 36.95
CA GLN H 175 -50.00 15.91 38.21
C GLN H 175 -49.00 16.63 39.10
N ASP H 176 -47.71 16.38 38.90
CA ASP H 176 -46.70 17.02 39.74
C ASP H 176 -46.56 18.51 39.43
N VAL H 177 -46.90 18.92 38.21
CA VAL H 177 -46.90 20.33 37.88
C VAL H 177 -47.98 21.06 38.67
N ILE H 178 -49.15 20.46 38.76
CA ILE H 178 -50.24 21.06 39.53
C ILE H 178 -49.99 20.90 41.02
N ARG H 179 -49.25 19.86 41.39
CA ARG H 179 -48.85 19.64 42.77
C ARG H 179 -47.92 20.74 43.28
N GLN H 180 -47.18 21.37 42.37
CA GLN H 180 -45.95 22.09 42.72
C GLN H 180 -46.23 23.32 43.58
N ASN H 181 -47.42 23.91 43.47
CA ASN H 181 -47.78 24.97 44.38
C ASN H 181 -48.70 24.45 45.48
N ASN H 182 -48.54 25.01 46.68
CA ASN H 182 -49.10 24.44 47.89
C ASN H 182 -50.46 25.03 48.19
N ILE H 183 -50.93 24.80 49.42
CA ILE H 183 -52.14 25.44 49.91
C ILE H 183 -51.94 26.94 50.03
N ALA H 184 -50.86 27.35 50.69
CA ALA H 184 -50.66 28.75 50.98
C ALA H 184 -49.88 29.51 49.91
N ASP H 185 -49.23 28.80 48.97
CA ASP H 185 -48.79 29.46 47.74
C ASP H 185 -49.98 30.03 46.99
N MET H 186 -51.06 29.27 46.96
CA MET H 186 -52.33 29.73 46.41
C MET H 186 -52.87 30.92 47.20
N PHE H 187 -52.84 30.82 48.54
CA PHE H 187 -53.23 31.96 49.38
C PHE H 187 -52.27 33.13 49.25
N LYS H 188 -51.00 32.86 48.94
CA LYS H 188 -50.07 33.95 48.67
C LYS H 188 -50.44 34.68 47.38
N ASP H 189 -51.01 33.94 46.42
CA ASP H 189 -51.41 34.56 45.17
C ASP H 189 -52.66 35.41 45.33
N PHE H 190 -53.56 35.04 46.24
CA PHE H 190 -54.81 35.79 46.36
C PHE H 190 -54.59 37.20 46.91
N ILE H 191 -53.61 37.37 47.78
CA ILE H 191 -53.18 38.73 48.09
C ILE H 191 -52.47 39.31 46.87
N PRO H 192 -52.84 40.51 46.42
CA PRO H 192 -52.19 41.07 45.23
C PRO H 192 -50.85 41.74 45.52
N SER H 193 -50.24 41.39 46.67
CA SER H 193 -48.92 41.84 47.06
C SER H 193 -47.87 41.65 45.97
N ALA H 194 -46.87 42.56 45.99
CA ALA H 194 -45.94 42.98 44.94
C ALA H 194 -46.63 43.82 43.86
N LYS H 195 -47.96 43.94 43.96
CA LYS H 195 -48.74 44.91 43.21
C LYS H 195 -49.82 45.54 44.07
N ASP H 196 -49.91 45.21 45.35
CA ASP H 196 -51.01 45.69 46.18
C ASP H 196 -50.73 47.11 46.66
N ILE H 197 -49.47 47.42 46.96
CA ILE H 197 -49.06 48.81 47.09
C ILE H 197 -49.28 49.53 45.77
N ASP H 198 -48.93 48.88 44.66
CA ASP H 198 -49.23 49.39 43.33
C ASP H 198 -50.73 49.41 43.07
N GLY H 199 -51.49 48.52 43.71
CA GLY H 199 -52.93 48.62 43.71
C GLY H 199 -53.46 49.86 44.38
N LEU H 200 -52.70 50.42 45.32
CA LEU H 200 -53.02 51.71 45.90
C LEU H 200 -52.08 52.82 45.46
N ASP H 201 -51.04 52.53 44.68
CA ASP H 201 -50.23 53.59 44.10
C ASP H 201 -50.94 54.21 42.90
N PHE H 202 -51.38 53.38 41.96
CA PHE H 202 -52.06 53.87 40.77
C PHE H 202 -53.48 54.35 41.05
N THR H 203 -54.04 54.01 42.20
CA THR H 203 -55.41 54.37 42.55
C THR H 203 -55.45 55.31 43.76
N GLN H 204 -54.55 56.31 43.77
CA GLN H 204 -54.59 57.31 44.84
C GLN H 204 -55.76 58.30 44.70
N PRO H 205 -56.07 58.90 43.53
CA PRO H 205 -57.25 59.78 43.50
C PRO H 205 -58.58 59.05 43.51
N LYS H 206 -58.60 57.72 43.42
CA LYS H 206 -59.85 56.96 43.42
C LYS H 206 -60.35 56.63 44.82
N LYS H 207 -59.82 57.28 45.86
CA LYS H 207 -60.31 57.05 47.21
C LYS H 207 -61.71 57.60 47.40
N GLU H 208 -62.09 58.61 46.61
CA GLU H 208 -63.48 59.02 46.52
C GLU H 208 -64.30 58.07 45.66
N ALA H 209 -63.66 57.28 44.81
CA ALA H 209 -64.38 56.38 43.92
C ALA H 209 -64.65 55.05 44.61
N ILE H 210 -65.88 54.57 44.50
CA ILE H 210 -66.22 53.24 44.97
C ILE H 210 -65.54 52.20 44.08
N LYS H 211 -65.35 52.52 42.80
CA LYS H 211 -64.81 51.61 41.79
C LYS H 211 -63.33 51.30 41.98
N GLN H 212 -62.63 51.94 42.93
CA GLN H 212 -61.30 51.50 43.31
C GLN H 212 -61.32 50.09 43.86
N ALA H 213 -62.35 49.76 44.64
CA ALA H 213 -62.49 48.41 45.17
C ALA H 213 -62.86 47.42 44.07
N ILE H 214 -63.48 47.89 42.99
CA ILE H 214 -63.72 47.03 41.84
C ILE H 214 -62.41 46.73 41.13
N LYS H 215 -61.54 47.74 41.03
CA LYS H 215 -60.17 47.51 40.55
C LYS H 215 -59.42 46.55 41.46
N GLN H 216 -59.62 46.70 42.78
CA GLN H 216 -59.18 45.67 43.72
C GLN H 216 -59.90 44.36 43.47
N GLY H 217 -61.21 44.41 43.27
CA GLY H 217 -61.99 43.20 43.06
C GLY H 217 -61.80 42.55 41.71
N ALA H 218 -61.09 43.21 40.79
CA ALA H 218 -60.95 42.68 39.43
C ALA H 218 -60.00 41.49 39.40
N GLU H 219 -58.77 41.69 39.84
CA GLU H 219 -57.75 40.65 39.68
C GLU H 219 -57.97 39.48 40.62
N ILE H 220 -58.58 39.71 41.78
CA ILE H 220 -58.90 38.60 42.66
C ILE H 220 -60.01 37.76 42.05
N ALA H 221 -60.94 38.38 41.31
CA ALA H 221 -61.95 37.62 40.60
C ALA H 221 -61.37 36.88 39.41
N ARG H 222 -60.24 37.35 38.88
CA ARG H 222 -59.55 36.59 37.85
C ARG H 222 -58.89 35.35 38.45
N LYS H 223 -58.01 35.58 39.41
CA LYS H 223 -57.10 34.55 39.87
C LYS H 223 -57.80 33.46 40.66
N ILE H 224 -58.99 33.75 41.19
CA ILE H 224 -59.80 32.69 41.79
C ILE H 224 -60.26 31.71 40.73
N LEU H 225 -60.47 32.17 39.50
CA LEU H 225 -60.92 31.27 38.44
C LEU H 225 -59.77 30.50 37.82
N GLY H 226 -58.61 31.13 37.69
CA GLY H 226 -57.46 30.46 37.10
C GLY H 226 -56.97 29.29 37.92
N LYS H 227 -57.13 29.36 39.23
CA LYS H 227 -56.76 28.23 40.07
C LYS H 227 -57.82 27.14 40.04
N VAL H 228 -59.08 27.49 39.74
CA VAL H 228 -60.12 26.49 39.57
C VAL H 228 -59.82 25.61 38.37
N SER H 229 -59.55 26.24 37.23
CA SER H 229 -59.34 25.51 35.98
C SER H 229 -58.08 24.69 36.01
N GLU H 230 -57.04 25.17 36.69
CA GLU H 230 -55.84 24.37 36.89
C GLU H 230 -56.16 23.12 37.69
N GLY H 231 -56.96 23.26 38.74
CA GLY H 231 -57.45 22.10 39.44
C GLY H 231 -58.52 21.35 38.69
N LEU H 232 -59.21 22.02 37.77
CA LEU H 232 -60.21 21.29 37.01
C LEU H 232 -59.55 20.44 35.93
N LYS H 233 -58.37 20.88 35.44
CA LYS H 233 -57.51 19.99 34.67
C LYS H 233 -57.11 18.79 35.51
N TYR H 234 -56.75 19.03 36.77
CA TYR H 234 -56.34 17.99 37.71
C TYR H 234 -57.47 17.02 38.01
N ILE H 235 -58.73 17.45 37.86
CA ILE H 235 -59.85 16.53 38.00
C ILE H 235 -59.86 15.51 36.87
N ASP H 236 -59.85 15.99 35.62
CA ASP H 236 -59.87 15.10 34.48
C ASP H 236 -58.56 14.34 34.35
N LEU H 237 -57.48 14.89 34.87
CA LEU H 237 -56.22 14.19 34.86
C LEU H 237 -56.22 13.03 35.83
N ALA H 238 -56.84 13.21 36.99
CA ALA H 238 -56.89 12.13 37.98
C ALA H 238 -57.88 11.05 37.59
N ASP H 239 -59.02 11.45 37.03
CA ASP H 239 -60.06 10.49 36.69
C ASP H 239 -59.65 9.58 35.54
N ALA H 240 -58.75 10.05 34.68
CA ALA H 240 -58.10 9.14 33.76
C ALA H 240 -57.25 8.13 34.51
N ARG H 241 -56.42 8.61 35.43
CA ARG H 241 -55.53 7.75 36.20
C ARG H 241 -56.31 6.85 37.13
N MET H 242 -57.39 7.37 37.71
CA MET H 242 -58.30 6.55 38.52
C MET H 242 -58.87 5.40 37.68
N LYS H 243 -59.21 5.69 36.43
CA LYS H 243 -59.61 4.63 35.52
C LYS H 243 -58.41 3.79 35.10
N LEU H 244 -57.25 4.43 34.92
CA LEU H 244 -56.09 3.71 34.41
C LEU H 244 -55.52 2.78 35.47
N SER H 245 -55.66 3.14 36.74
CA SER H 245 -55.26 2.23 37.80
C SER H 245 -56.18 1.01 37.85
N ASP H 246 -57.47 1.21 37.58
CA ASP H 246 -58.44 0.12 37.64
C ASP H 246 -58.22 -0.88 36.51
N GLN H 247 -57.63 -0.43 35.40
CA GLN H 247 -57.22 -1.35 34.34
C GLN H 247 -56.19 -2.33 34.85
N ILE H 248 -55.18 -1.83 35.56
CA ILE H 248 -54.13 -2.69 36.10
C ILE H 248 -54.69 -3.58 37.21
N ASP H 249 -55.69 -3.08 37.94
CA ASP H 249 -56.32 -3.87 38.99
C ASP H 249 -57.04 -5.08 38.42
N GLN H 250 -57.68 -4.91 37.26
CA GLN H 250 -58.23 -6.07 36.56
C GLN H 250 -57.13 -6.96 36.04
N LEU H 251 -56.08 -6.37 35.47
CA LEU H 251 -55.01 -7.12 34.84
C LEU H 251 -54.25 -8.00 35.83
N ILE H 252 -53.98 -7.47 37.02
CA ILE H 252 -53.35 -8.30 38.05
C ILE H 252 -54.30 -9.39 38.51
N THR H 253 -55.59 -9.08 38.57
CA THR H 253 -56.58 -10.09 38.92
C THR H 253 -56.71 -11.14 37.83
N GLU H 254 -56.70 -10.72 36.55
CA GLU H 254 -56.84 -11.66 35.46
C GLU H 254 -55.60 -12.51 35.26
N THR H 255 -54.42 -12.03 35.67
CA THR H 255 -53.23 -12.87 35.57
C THR H 255 -53.27 -14.02 36.57
N ASP H 256 -53.48 -13.70 37.85
CA ASP H 256 -53.36 -14.73 38.88
C ASP H 256 -54.50 -15.72 38.83
N GLU H 257 -55.66 -15.28 38.35
CA GLU H 257 -56.72 -16.23 38.02
C GLU H 257 -56.29 -17.16 36.91
N LEU H 258 -55.62 -16.62 35.89
CA LEU H 258 -55.06 -17.45 34.84
C LEU H 258 -53.81 -18.17 35.30
N LYS H 259 -53.05 -17.58 36.22
CA LYS H 259 -51.89 -18.27 36.76
C LYS H 259 -52.31 -19.36 37.73
N ALA H 260 -53.54 -19.29 38.24
CA ALA H 260 -54.10 -20.43 38.94
C ALA H 260 -54.46 -21.56 37.99
N LYS H 261 -54.69 -21.25 36.71
CA LYS H 261 -55.06 -22.31 35.77
C LYS H 261 -53.85 -23.15 35.40
N ILE H 262 -52.69 -22.53 35.19
CA ILE H 262 -51.50 -23.31 34.86
C ILE H 262 -51.02 -24.12 36.06
N ARG H 263 -51.43 -23.74 37.27
CA ARG H 263 -51.19 -24.58 38.42
C ARG H 263 -51.87 -25.92 38.29
N GLU H 264 -53.15 -25.91 37.94
CA GLU H 264 -53.93 -27.14 37.83
C GLU H 264 -53.47 -27.98 36.65
N VAL H 265 -53.03 -27.35 35.57
CA VAL H 265 -52.51 -28.08 34.43
C VAL H 265 -51.19 -28.76 34.80
N GLU H 266 -50.29 -28.01 35.44
CA GLU H 266 -49.02 -28.58 35.88
C GLU H 266 -49.24 -29.62 36.97
N LEU H 267 -50.23 -29.42 37.83
CA LEU H 267 -50.58 -30.45 38.81
C LEU H 267 -51.13 -31.69 38.11
N ARG H 268 -51.80 -31.51 36.98
CA ARG H 268 -52.28 -32.65 36.23
C ARG H 268 -51.15 -33.30 35.46
N LEU H 269 -50.38 -32.48 34.72
CA LEU H 269 -49.34 -33.00 33.82
C LEU H 269 -48.25 -33.73 34.58
N SER H 270 -47.88 -33.20 35.76
CA SER H 270 -46.93 -33.92 36.59
C SER H 270 -47.52 -35.21 37.12
N GLY H 271 -48.82 -35.23 37.40
CA GLY H 271 -49.47 -36.48 37.77
C GLY H 271 -49.53 -37.46 36.62
N LEU H 272 -49.66 -36.96 35.39
CA LEU H 272 -49.73 -37.83 34.24
C LEU H 272 -48.36 -38.39 33.87
N LYS H 273 -47.32 -37.57 34.00
CA LYS H 273 -45.97 -38.07 33.75
C LYS H 273 -45.55 -39.08 34.79
N ASP H 274 -46.13 -39.01 35.98
CA ASP H 274 -45.94 -40.06 36.98
C ASP H 274 -46.52 -41.38 36.49
N VAL H 275 -47.67 -41.32 35.81
CA VAL H 275 -48.25 -42.54 35.25
C VAL H 275 -47.42 -43.02 34.07
N MET H 276 -46.82 -42.09 33.32
CA MET H 276 -45.99 -42.47 32.19
C MET H 276 -44.70 -43.16 32.62
N GLN H 277 -44.22 -42.86 33.82
CA GLN H 277 -43.04 -43.55 34.32
C GLN H 277 -43.36 -44.95 34.81
N ILE H 278 -44.63 -45.24 35.11
CA ILE H 278 -45.01 -46.55 35.61
C ILE H 278 -44.79 -47.61 34.54
N ASP H 279 -45.11 -47.29 33.29
CA ASP H 279 -44.91 -48.24 32.21
C ASP H 279 -43.43 -48.48 31.94
N THR H 280 -42.59 -47.48 32.19
CA THR H 280 -41.15 -47.66 32.01
C THR H 280 -40.60 -48.63 33.04
N GLU H 281 -41.02 -48.52 34.28
CA GLU H 281 -40.60 -49.48 35.29
C GLU H 281 -41.43 -50.74 35.28
N ARG H 282 -42.58 -50.76 34.61
CA ARG H 282 -43.28 -52.02 34.42
C ARG H 282 -42.51 -52.92 33.48
N THR H 283 -41.82 -52.34 32.50
CA THR H 283 -40.97 -53.14 31.61
C THR H 283 -39.77 -53.70 32.35
N THR H 284 -39.11 -52.90 33.19
CA THR H 284 -37.97 -53.40 33.94
C THR H 284 -38.38 -54.41 34.98
N LEU H 285 -39.62 -54.31 35.49
CA LEU H 285 -40.16 -55.35 36.35
C LEU H 285 -40.40 -56.63 35.58
N LEU H 286 -41.06 -56.55 34.43
CA LEU H 286 -41.51 -57.76 33.78
C LEU H 286 -40.41 -58.46 33.01
N THR H 287 -39.60 -57.71 32.25
CA THR H 287 -38.53 -58.33 31.47
C THR H 287 -37.49 -59.01 32.36
N GLU H 288 -37.35 -58.54 33.59
CA GLU H 288 -36.62 -59.33 34.56
C GLU H 288 -37.40 -60.55 35.01
N ALA H 289 -38.69 -60.39 35.28
CA ALA H 289 -39.50 -61.50 35.76
C ALA H 289 -39.86 -62.51 34.67
N VAL H 290 -39.80 -62.10 33.40
CA VAL H 290 -39.93 -63.05 32.30
C VAL H 290 -38.75 -64.01 32.29
N LYS H 291 -37.55 -63.49 32.62
CA LYS H 291 -36.36 -64.32 32.73
C LYS H 291 -36.46 -65.35 33.86
N ILE H 292 -37.35 -65.13 34.81
CA ILE H 292 -37.47 -66.02 35.94
C ILE H 292 -38.49 -67.13 35.70
N GLU H 293 -39.57 -66.83 34.95
CA GLU H 293 -40.53 -67.86 34.53
C GLU H 293 -39.88 -68.97 33.75
N GLN H 294 -38.87 -68.65 32.93
CA GLN H 294 -38.18 -69.65 32.14
C GLN H 294 -37.49 -70.66 33.05
N VAL H 295 -36.64 -70.18 33.96
CA VAL H 295 -35.89 -71.08 34.83
C VAL H 295 -36.74 -71.68 35.93
N TRP H 296 -37.99 -71.26 36.09
CA TRP H 296 -38.90 -72.12 36.84
C TRP H 296 -39.38 -73.28 35.98
N ILE H 297 -39.81 -72.99 34.75
CA ILE H 297 -40.42 -74.01 33.91
C ILE H 297 -39.37 -74.94 33.32
N SER H 298 -38.28 -74.37 32.80
CA SER H 298 -37.24 -75.17 32.16
C SER H 298 -36.56 -76.11 33.16
N PHE H 299 -36.53 -75.73 34.43
CA PHE H 299 -36.19 -76.68 35.48
C PHE H 299 -37.25 -77.76 35.60
N ALA H 300 -38.51 -77.34 35.79
CA ALA H 300 -39.58 -78.28 36.10
C ALA H 300 -39.90 -79.21 34.94
N GLU H 301 -39.71 -78.74 33.71
CA GLU H 301 -39.78 -79.64 32.57
C GLU H 301 -38.66 -80.65 32.58
N GLN H 302 -37.44 -80.19 32.86
CA GLN H 302 -36.30 -81.10 32.94
C GLN H 302 -36.39 -81.98 34.18
N LEU H 303 -37.02 -81.48 35.24
CA LEU H 303 -37.16 -82.30 36.44
C LEU H 303 -38.23 -83.36 36.24
N HIS H 304 -39.32 -83.02 35.54
CA HIS H 304 -40.31 -84.05 35.24
C HIS H 304 -39.83 -84.99 34.15
N LYS H 305 -38.83 -84.57 33.37
CA LYS H 305 -38.18 -85.48 32.44
C LYS H 305 -37.47 -86.60 33.19
N LEU H 306 -36.89 -86.30 34.35
CA LEU H 306 -36.22 -87.34 35.11
C LEU H 306 -37.22 -88.21 35.86
N SER H 307 -38.40 -87.65 36.19
CA SER H 307 -39.44 -88.45 36.84
C SER H 307 -40.09 -89.46 35.90
N ASN H 308 -39.80 -89.37 34.60
CA ASN H 308 -40.22 -90.42 33.68
C ASN H 308 -39.40 -91.68 33.93
N ASP H 309 -38.07 -91.57 33.92
CA ASP H 309 -37.21 -92.74 34.01
C ASP H 309 -37.06 -93.25 35.44
N GLU H 310 -37.13 -92.34 36.43
CA GLU H 310 -37.08 -92.65 37.86
C GLU H 310 -35.79 -93.37 38.25
N ILE H 311 -34.70 -93.00 37.62
CA ILE H 311 -33.40 -93.59 37.89
C ILE H 311 -32.79 -92.86 39.08
N ASN H 312 -32.01 -93.59 39.87
CA ASN H 312 -31.39 -93.07 41.09
C ASN H 312 -30.04 -92.40 40.82
N GLN H 313 -29.87 -91.82 39.63
CA GLN H 313 -28.64 -91.12 39.26
C GLN H 313 -28.36 -89.95 40.19
N GLN H 314 -27.10 -89.56 40.25
CA GLN H 314 -26.70 -88.40 41.01
C GLN H 314 -26.40 -87.22 40.10
N ASP H 315 -26.64 -87.39 38.79
CA ASP H 315 -26.84 -86.24 37.92
C ASP H 315 -28.15 -85.53 38.24
N LEU H 316 -29.12 -86.28 38.78
CA LEU H 316 -30.31 -85.71 39.41
C LEU H 316 -29.92 -84.66 40.46
N SER H 317 -29.19 -85.09 41.48
CA SER H 317 -28.77 -84.17 42.52
C SER H 317 -27.76 -83.15 42.02
N ASN H 318 -27.05 -83.45 40.94
CA ASN H 318 -26.26 -82.44 40.26
C ASN H 318 -27.17 -81.42 39.58
N LEU H 319 -28.29 -81.88 39.02
CA LEU H 319 -29.20 -80.95 38.36
C LEU H 319 -29.97 -80.11 39.36
N ILE H 320 -30.24 -80.66 40.56
CA ILE H 320 -30.84 -79.85 41.60
C ILE H 320 -29.86 -78.80 42.09
N ASN H 321 -28.57 -79.18 42.15
CA ASN H 321 -27.55 -78.34 42.77
C ASN H 321 -27.34 -77.03 42.02
N GLY H 322 -27.40 -77.09 40.68
CA GLY H 322 -27.34 -75.85 39.91
C GLY H 322 -28.58 -74.99 40.10
N GLN H 323 -29.74 -75.63 40.22
CA GLN H 323 -30.95 -74.90 40.52
C GLN H 323 -30.97 -74.41 41.95
N LEU H 324 -30.55 -75.25 42.90
CA LEU H 324 -30.59 -74.89 44.31
C LEU H 324 -29.61 -73.77 44.61
N ASP H 325 -28.46 -73.75 43.92
CA ASP H 325 -27.54 -72.62 44.09
C ASP H 325 -28.11 -71.37 43.47
N PHE H 326 -28.71 -71.49 42.28
CA PHE H 326 -29.39 -70.36 41.64
C PHE H 326 -30.51 -69.82 42.51
N LEU H 327 -31.29 -70.70 43.12
CA LEU H 327 -32.32 -70.24 44.03
C LEU H 327 -31.70 -69.61 45.27
N ASN H 328 -30.61 -70.21 45.77
CA ASN H 328 -29.91 -69.61 46.90
C ASN H 328 -29.21 -68.32 46.51
N ASN H 329 -28.75 -68.23 45.26
CA ASN H 329 -28.30 -66.95 44.72
C ASN H 329 -29.42 -65.93 44.74
N LEU H 330 -30.62 -66.36 44.39
CA LEU H 330 -31.72 -65.43 44.28
C LEU H 330 -32.28 -65.06 45.64
N THR H 331 -32.13 -65.93 46.65
CA THR H 331 -32.44 -65.53 48.02
C THR H 331 -31.48 -64.47 48.52
N LEU H 332 -30.26 -64.47 48.00
CA LEU H 332 -29.20 -63.67 48.61
C LEU H 332 -29.39 -62.18 48.35
N GLN H 333 -29.82 -61.80 47.14
CA GLN H 333 -29.96 -60.38 46.85
C GLN H 333 -31.13 -59.79 47.61
N TYR H 334 -32.14 -60.58 47.94
CA TYR H 334 -33.16 -60.10 48.86
C TYR H 334 -32.60 -59.94 50.26
N ASN H 335 -31.65 -60.78 50.64
CA ASN H 335 -31.03 -60.64 51.95
C ASN H 335 -29.93 -59.60 51.95
N LYS H 336 -29.31 -59.36 50.80
CA LYS H 336 -28.33 -58.30 50.66
C LYS H 336 -28.94 -57.06 50.03
N LEU H 337 -30.27 -56.92 50.12
CA LEU H 337 -30.93 -55.75 49.55
C LEU H 337 -30.59 -54.51 50.35
N LYS H 338 -30.53 -54.66 51.68
CA LYS H 338 -29.80 -53.78 52.58
C LYS H 338 -30.27 -52.33 52.61
N TYR I 1 30.81 -47.61 60.48
CA TYR I 1 31.33 -46.38 61.08
C TYR I 1 31.37 -45.16 60.13
N PRO I 2 30.30 -44.93 59.33
CA PRO I 2 30.48 -44.14 58.10
C PRO I 2 30.76 -42.66 58.25
N GLU I 3 29.92 -41.91 58.97
CA GLU I 3 30.00 -40.45 58.97
C GLU I 3 29.18 -39.88 60.11
N ILE I 4 29.81 -39.10 60.99
CA ILE I 4 29.14 -38.49 62.12
C ILE I 4 29.63 -37.05 62.22
N ASN I 5 28.76 -36.09 61.93
CA ASN I 5 29.11 -34.67 61.91
C ASN I 5 28.53 -34.03 63.17
N ILE I 6 29.28 -34.08 64.27
CA ILE I 6 28.76 -33.53 65.52
C ILE I 6 28.78 -32.01 65.54
N LYS I 7 29.46 -31.38 64.57
CA LYS I 7 29.33 -29.95 64.37
C LYS I 7 27.89 -29.59 64.01
N ALA I 8 27.24 -30.45 63.22
CA ALA I 8 25.81 -30.27 62.95
C ALA I 8 24.95 -30.67 64.13
N MET I 9 25.50 -31.42 65.07
CA MET I 9 24.75 -31.98 66.19
C MET I 9 24.86 -31.13 67.44
N ASN I 10 26.08 -30.80 67.86
CA ASN I 10 26.27 -30.00 69.06
C ASN I 10 25.79 -28.58 68.86
N GLN I 11 25.71 -28.12 67.62
CA GLN I 11 24.90 -26.94 67.33
C GLN I 11 23.43 -27.22 67.56
N ALA I 12 22.94 -28.34 67.04
CA ALA I 12 21.52 -28.65 67.12
C ALA I 12 21.07 -28.94 68.54
N VAL I 13 21.95 -29.51 69.36
CA VAL I 13 21.67 -29.62 70.78
C VAL I 13 21.55 -28.24 71.39
N ASN I 14 22.48 -27.35 71.04
CA ASN I 14 22.55 -26.05 71.67
C ASN I 14 21.39 -25.17 71.23
N THR I 15 20.96 -25.30 69.97
CA THR I 15 19.82 -24.49 69.51
C THR I 15 18.51 -24.94 70.12
N ILE I 16 18.37 -26.24 70.40
CA ILE I 16 17.18 -26.72 71.11
C ILE I 16 17.12 -26.14 72.51
N TRP I 17 18.26 -26.07 73.19
CA TRP I 17 18.29 -25.33 74.45
C TRP I 17 18.09 -23.84 74.22
N LEU I 18 18.59 -23.33 73.10
CA LEU I 18 18.40 -21.91 72.79
C LEU I 18 16.96 -21.61 72.49
N LEU I 19 16.30 -22.46 71.70
CA LEU I 19 14.91 -22.23 71.38
C LEU I 19 13.97 -22.58 72.53
N ALA I 20 14.47 -23.27 73.55
CA ALA I 20 13.64 -23.59 74.70
C ALA I 20 13.31 -22.35 75.51
N GLN I 21 14.32 -21.56 75.85
CA GLN I 21 14.10 -20.34 76.58
C GLN I 21 13.51 -19.25 75.70
N ARG I 22 13.73 -19.33 74.39
CA ARG I 22 13.36 -18.26 73.48
C ARG I 22 11.87 -18.24 73.18
N GLN I 23 11.21 -19.40 73.23
CA GLN I 23 9.85 -19.55 72.69
C GLN I 23 8.84 -18.73 73.48
N THR I 24 7.90 -18.13 72.75
CA THR I 24 6.93 -17.19 73.29
C THR I 24 5.53 -17.63 72.95
N SER I 25 5.23 -18.91 73.19
CA SER I 25 3.91 -19.44 72.88
C SER I 25 2.84 -18.85 73.79
N GLY I 26 3.17 -18.56 75.04
CA GLY I 26 2.18 -18.06 75.96
C GLY I 26 1.16 -19.11 76.37
N ILE I 27 1.56 -20.37 76.42
CA ILE I 27 0.68 -21.45 76.81
C ILE I 27 1.48 -22.32 77.79
N GLU I 28 0.75 -23.09 78.59
CA GLU I 28 1.32 -23.71 79.77
C GLU I 28 1.72 -25.16 79.58
N ILE I 29 1.46 -25.75 78.41
CA ILE I 29 1.68 -27.17 78.19
C ILE I 29 2.80 -27.41 77.18
N ILE I 30 2.91 -26.55 76.17
CA ILE I 30 4.15 -26.48 75.39
C ILE I 30 5.30 -26.06 76.29
N ASN I 31 5.02 -25.23 77.29
CA ASN I 31 6.03 -24.75 78.22
C ASN I 31 6.62 -25.89 79.05
N ASP I 32 5.89 -26.99 79.24
CA ASP I 32 6.48 -28.20 79.80
C ASP I 32 6.51 -29.32 78.77
N LYS I 33 6.22 -29.03 77.51
CA LYS I 33 6.67 -29.94 76.46
C LYS I 33 8.14 -29.71 76.16
N VAL I 34 8.51 -28.46 75.94
CA VAL I 34 9.85 -28.15 75.46
C VAL I 34 10.86 -28.33 76.58
N LYS I 35 10.47 -28.00 77.81
CA LYS I 35 11.33 -28.14 78.97
C LYS I 35 11.74 -29.59 79.20
N ARG I 36 10.83 -30.51 78.93
CA ARG I 36 11.17 -31.92 79.04
C ARG I 36 12.00 -32.40 77.85
N ILE I 37 11.78 -31.82 76.67
CA ILE I 37 12.60 -32.16 75.51
C ILE I 37 14.00 -31.62 75.68
N SER I 38 14.11 -30.37 76.09
CA SER I 38 15.39 -29.69 76.06
C SER I 38 16.30 -30.19 77.18
N ALA I 39 15.73 -30.48 78.35
CA ALA I 39 16.53 -31.03 79.43
C ALA I 39 17.01 -32.44 79.14
N TYR I 40 16.34 -33.16 78.24
CA TYR I 40 16.91 -34.39 77.74
C TYR I 40 18.11 -34.12 76.85
N SER I 41 17.95 -33.19 75.90
CA SER I 41 18.95 -33.01 74.85
C SER I 41 20.25 -32.45 75.40
N ARG I 42 20.15 -31.55 76.38
CA ARG I 42 21.34 -31.09 77.07
C ARG I 42 22.03 -32.23 77.80
N GLU I 43 21.25 -33.02 78.55
CA GLU I 43 21.81 -34.20 79.20
C GLU I 43 22.23 -35.26 78.19
N PHE I 44 21.66 -35.24 77.00
CA PHE I 44 22.11 -36.17 75.97
C PHE I 44 23.49 -35.82 75.47
N ASP I 45 23.78 -34.53 75.33
CA ASP I 45 25.11 -34.12 74.89
C ASP I 45 26.15 -34.39 75.97
N GLU I 46 25.78 -34.15 77.23
CA GLU I 46 26.68 -34.40 78.35
C GLU I 46 26.99 -35.87 78.46
N MET I 47 25.96 -36.71 78.39
CA MET I 47 26.14 -38.14 78.59
C MET I 47 26.84 -38.78 77.40
N MET I 48 26.77 -38.15 76.23
CA MET I 48 27.55 -38.68 75.12
C MET I 48 29.03 -38.35 75.30
N ARG I 49 29.34 -37.11 75.69
CA ARG I 49 30.72 -36.73 75.95
C ARG I 49 31.31 -37.51 77.11
N ASP I 50 30.51 -37.75 78.14
CA ASP I 50 30.99 -38.53 79.28
C ASP I 50 31.21 -39.98 78.89
N SER I 51 30.33 -40.53 78.05
CA SER I 51 30.60 -41.85 77.50
C SER I 51 31.76 -41.80 76.52
N LEU I 52 31.96 -40.68 75.85
CA LEU I 52 33.11 -40.54 74.98
C LEU I 52 34.40 -40.45 75.78
N ALA I 53 34.35 -39.83 76.95
CA ALA I 53 35.54 -39.70 77.78
C ALA I 53 35.81 -40.94 78.61
N GLN I 54 34.77 -41.68 79.01
CA GLN I 54 34.98 -42.84 79.85
C GLN I 54 35.20 -44.12 79.06
N LEU I 55 35.28 -44.05 77.74
CA LEU I 55 35.53 -45.24 76.94
C LEU I 55 36.83 -45.19 76.16
N ALA I 56 37.40 -44.01 75.95
CA ALA I 56 38.73 -43.93 75.34
C ALA I 56 39.84 -44.59 76.17
N PRO I 57 39.97 -44.38 77.49
CA PRO I 57 41.08 -45.04 78.18
C PRO I 57 40.87 -46.53 78.39
N VAL I 58 39.62 -46.99 78.46
CA VAL I 58 39.39 -48.40 78.75
C VAL I 58 39.66 -49.27 77.53
N LEU I 59 39.63 -48.69 76.32
CA LEU I 59 40.00 -49.46 75.15
C LEU I 59 41.50 -49.68 75.08
N LYS I 60 42.29 -48.66 75.42
CA LYS I 60 43.74 -48.80 75.39
C LYS I 60 44.26 -49.73 76.48
N GLN I 61 43.46 -49.98 77.52
CA GLN I 61 43.78 -51.03 78.47
C GLN I 61 43.71 -52.41 77.83
N LEU I 62 42.96 -52.56 76.75
CA LEU I 62 42.86 -53.84 76.08
C LEU I 62 43.87 -53.99 74.96
N THR I 63 44.30 -52.89 74.34
CA THR I 63 45.23 -52.98 73.22
C THR I 63 46.63 -53.34 73.69
N SER I 64 47.22 -52.48 74.52
CA SER I 64 48.61 -52.65 74.96
C SER I 64 48.71 -53.38 76.29
N ASP I 65 47.79 -54.31 76.55
CA ASP I 65 47.87 -55.12 77.77
C ASP I 65 49.12 -56.00 77.74
N ALA I 66 49.43 -56.58 76.57
CA ALA I 66 50.66 -57.33 76.29
C ALA I 66 50.88 -58.52 77.20
N ALA I 67 49.81 -59.04 77.80
CA ALA I 67 49.92 -60.20 78.66
C ALA I 67 50.04 -61.49 77.86
N PHE I 68 49.59 -61.49 76.60
CA PHE I 68 49.85 -62.62 75.72
C PHE I 68 51.33 -62.72 75.38
N GLN I 69 52.05 -61.60 75.39
CA GLN I 69 53.50 -61.66 75.24
C GLN I 69 54.16 -62.29 76.46
N THR I 70 53.58 -62.11 77.63
CA THR I 70 54.09 -62.80 78.81
C THR I 70 53.74 -64.28 78.76
N ILE I 71 52.64 -64.64 78.09
CA ILE I 71 52.35 -66.04 77.80
C ILE I 71 53.39 -66.59 76.84
N ALA I 72 53.84 -65.77 75.89
CA ALA I 72 54.89 -66.18 74.96
C ALA I 72 56.22 -66.40 75.67
N GLN I 73 56.43 -65.71 76.80
CA GLN I 73 57.58 -66.03 77.66
C GLN I 73 57.41 -67.38 78.33
N ILE I 74 56.17 -67.76 78.65
CA ILE I 74 55.92 -69.08 79.21
C ILE I 74 55.99 -70.12 78.09
N ASP I 75 55.67 -69.72 76.85
CA ASP I 75 55.70 -70.66 75.73
C ASP I 75 57.12 -71.11 75.39
N GLU I 76 58.11 -70.26 75.62
CA GLU I 76 59.49 -70.72 75.54
C GLU I 76 59.93 -71.47 76.79
N ALA I 77 59.18 -71.38 77.88
CA ALA I 77 59.51 -72.08 79.10
C ALA I 77 58.76 -73.39 79.27
N LEU I 78 57.74 -73.65 78.45
CA LEU I 78 56.99 -74.90 78.56
C LEU I 78 57.51 -75.99 77.65
N ALA I 79 57.46 -75.78 76.34
CA ALA I 79 57.77 -76.86 75.41
C ALA I 79 59.27 -76.95 75.15
N ASP I 80 59.93 -75.81 75.02
CA ASP I 80 61.32 -75.74 74.58
C ASP I 80 62.34 -76.35 75.54
N PRO I 81 62.18 -76.31 76.86
CA PRO I 81 63.00 -77.21 77.68
C PRO I 81 62.32 -78.52 77.99
N SER I 82 63.14 -79.55 78.23
CA SER I 82 62.67 -80.78 78.85
C SER I 82 62.52 -80.49 80.33
N LEU I 83 61.36 -79.93 80.68
CA LEU I 83 61.19 -79.16 81.89
C LEU I 83 60.50 -80.00 82.96
N SER I 84 60.68 -79.59 84.22
CA SER I 84 60.10 -80.29 85.35
C SER I 84 58.57 -80.20 85.33
N LYS I 85 57.92 -81.36 85.45
CA LYS I 85 56.46 -81.43 85.46
C LYS I 85 55.85 -80.76 86.69
N ASP I 86 56.62 -80.61 87.76
CA ASP I 86 56.20 -79.78 88.88
C ASP I 86 55.98 -78.33 88.43
N ASP I 87 56.82 -77.85 87.54
CA ASP I 87 56.68 -76.50 87.02
C ASP I 87 55.96 -76.42 85.69
N ARG I 88 55.97 -77.50 84.89
CA ARG I 88 55.18 -77.52 83.67
C ARG I 88 53.69 -77.44 83.99
N GLU I 89 53.26 -78.10 85.06
CA GLU I 89 51.90 -77.92 85.54
C GLU I 89 51.72 -76.54 86.13
N ALA I 90 52.75 -76.02 86.80
CA ALA I 90 52.63 -74.72 87.47
C ALA I 90 52.63 -73.58 86.46
N LEU I 91 53.47 -73.66 85.42
CA LEU I 91 53.47 -72.62 84.39
C LEU I 91 52.15 -72.59 83.63
N THR I 92 51.57 -73.76 83.35
CA THR I 92 50.25 -73.78 82.73
C THR I 92 49.15 -73.40 83.71
N LEU I 93 49.42 -73.45 85.01
CA LEU I 93 48.39 -73.11 85.99
C LEU I 93 48.09 -71.62 85.98
N GLU I 94 49.12 -70.78 86.12
CA GLU I 94 48.89 -69.35 86.10
C GLU I 94 48.57 -68.86 84.70
N ARG I 95 49.05 -69.56 83.68
CA ARG I 95 48.62 -69.30 82.31
C ARG I 95 47.11 -69.48 82.15
N ASN I 96 46.56 -70.52 82.77
CA ASN I 96 45.12 -70.72 82.74
C ASN I 96 44.40 -69.65 83.56
N ASN I 97 45.04 -69.14 84.62
CA ASN I 97 44.49 -67.98 85.31
C ASN I 97 44.53 -66.75 84.43
N LEU I 98 45.65 -66.54 83.74
CA LEU I 98 45.89 -65.26 83.09
C LEU I 98 45.08 -65.11 81.81
N ILE I 99 44.80 -66.23 81.11
CA ILE I 99 43.87 -66.17 79.99
C ILE I 99 42.46 -65.89 80.49
N GLN I 100 42.08 -66.54 81.60
CA GLN I 100 40.81 -66.21 82.23
C GLN I 100 40.82 -64.82 82.83
N ASN I 101 41.98 -64.35 83.30
CA ASN I 101 42.08 -62.95 83.70
C ASN I 101 41.99 -62.02 82.49
N LEU I 102 42.44 -62.48 81.32
CA LEU I 102 42.25 -61.70 80.11
C LEU I 102 40.78 -61.72 79.69
N SER I 103 40.10 -62.84 79.89
CA SER I 103 38.67 -62.88 79.61
C SER I 103 37.90 -62.01 80.57
N LYS I 104 38.27 -62.06 81.86
CA LYS I 104 37.67 -61.16 82.83
C LYS I 104 38.10 -59.72 82.63
N HIS I 105 39.25 -59.49 81.98
CA HIS I 105 39.58 -58.14 81.55
C HIS I 105 38.66 -57.68 80.43
N ILE I 106 38.54 -58.48 79.37
CA ILE I 106 37.80 -58.06 78.20
C ILE I 106 36.29 -58.07 78.46
N ASP I 107 35.82 -58.86 79.42
CA ASP I 107 34.40 -58.80 79.77
C ASP I 107 34.10 -57.62 80.67
N ASN I 108 35.05 -57.22 81.53
CA ASN I 108 34.83 -56.05 82.35
C ASN I 108 34.92 -54.77 81.53
N VAL I 109 35.49 -54.84 80.32
CA VAL I 109 35.31 -53.77 79.37
C VAL I 109 33.84 -53.63 78.99
N ILE I 110 33.23 -54.76 78.61
CA ILE I 110 31.89 -54.78 78.02
C ILE I 110 30.85 -54.31 79.03
N VAL I 111 31.04 -54.66 80.30
CA VAL I 111 30.17 -54.16 81.36
C VAL I 111 30.28 -52.65 81.48
N SER I 112 31.51 -52.12 81.45
CA SER I 112 31.69 -50.69 81.39
C SER I 112 31.33 -50.13 80.02
N PHE I 113 31.38 -50.94 78.97
CA PHE I 113 31.06 -50.45 77.65
C PHE I 113 29.55 -50.41 77.44
N THR I 114 28.90 -51.58 77.48
CA THR I 114 27.46 -51.66 77.28
C THR I 114 26.67 -51.07 78.43
N GLY I 115 27.30 -50.84 79.59
CA GLY I 115 26.68 -50.03 80.62
C GLY I 115 26.51 -48.57 80.25
N ARG I 116 27.14 -48.12 79.17
CA ARG I 116 26.93 -46.78 78.65
C ARG I 116 26.18 -46.76 77.32
N THR I 117 26.36 -47.77 76.49
CA THR I 117 25.68 -47.80 75.20
C THR I 117 24.18 -48.00 75.37
N SER I 118 23.82 -49.01 76.16
CA SER I 118 22.41 -49.22 76.50
C SER I 118 21.87 -48.08 77.35
N LYS I 119 22.75 -47.43 78.11
CA LYS I 119 22.35 -46.23 78.83
C LYS I 119 22.10 -45.06 77.88
N LEU I 120 22.66 -45.12 76.67
CA LEU I 120 22.38 -44.10 75.67
C LEU I 120 21.13 -44.43 74.87
N THR I 121 20.87 -45.72 74.62
CA THR I 121 19.70 -46.10 73.84
C THR I 121 18.40 -45.82 74.57
N ASN I 122 18.45 -45.81 75.90
CA ASN I 122 17.31 -45.32 76.68
C ASN I 122 17.06 -43.85 76.42
N LYS I 123 18.14 -43.08 76.23
CA LYS I 123 17.99 -41.64 76.14
C LYS I 123 17.50 -41.20 74.78
N ILE I 124 17.85 -41.92 73.72
CA ILE I 124 17.34 -41.58 72.40
C ILE I 124 15.84 -41.85 72.32
N SER I 125 15.41 -43.00 72.83
CA SER I 125 13.98 -43.33 72.81
C SER I 125 13.17 -42.41 73.71
N ASP I 126 13.80 -41.84 74.74
CA ASP I 126 13.13 -40.81 75.52
C ASP I 126 13.03 -39.48 74.79
N ILE I 127 13.76 -39.31 73.69
CA ILE I 127 13.67 -38.12 72.87
C ILE I 127 12.85 -38.38 71.62
N SER I 128 13.04 -39.55 71.01
CA SER I 128 12.46 -39.83 69.70
C SER I 128 10.97 -40.08 69.73
N ASP I 129 10.31 -40.05 70.89
CA ASP I 129 8.90 -40.36 70.98
C ASP I 129 8.00 -39.13 71.07
N MET I 130 8.50 -38.02 71.60
CA MET I 130 7.65 -36.87 71.92
C MET I 130 7.38 -36.09 70.63
N VAL I 131 6.26 -36.40 69.99
CA VAL I 131 5.83 -35.64 68.82
C VAL I 131 5.31 -34.29 69.27
N ILE I 132 5.82 -33.22 68.67
CA ILE I 132 5.42 -31.88 69.05
C ILE I 132 5.00 -31.07 67.83
N ALA I 133 5.35 -31.55 66.65
CA ALA I 133 4.93 -30.83 65.44
C ALA I 133 3.51 -31.18 65.05
N GLU I 134 3.19 -32.47 64.99
CA GLU I 134 1.86 -32.89 64.58
C GLU I 134 0.80 -32.62 65.62
N ARG I 135 1.19 -32.27 66.83
CA ARG I 135 0.24 -31.89 67.89
C ARG I 135 -0.07 -30.41 67.86
N LEU I 136 0.55 -29.65 66.99
CA LEU I 136 0.36 -28.21 66.97
C LEU I 136 -0.06 -27.66 65.62
N GLN I 137 -0.17 -28.50 64.59
CA GLN I 137 -0.50 -28.01 63.26
C GLN I 137 -1.93 -27.49 63.20
N ASP I 138 -2.81 -28.05 64.02
CA ASP I 138 -4.09 -27.39 64.29
C ASP I 138 -3.85 -26.05 64.97
N LEU I 139 -3.00 -26.03 65.99
CA LEU I 139 -2.85 -24.85 66.82
C LEU I 139 -2.08 -23.75 66.12
N VAL I 140 -1.26 -24.09 65.11
CA VAL I 140 -0.62 -23.05 64.32
C VAL I 140 -1.63 -22.38 63.41
N THR I 141 -2.31 -23.18 62.57
CA THR I 141 -3.14 -22.65 61.51
C THR I 141 -4.38 -21.93 62.03
N GLN I 142 -4.84 -22.26 63.23
CA GLN I 142 -5.90 -21.48 63.84
C GLN I 142 -5.44 -20.07 64.16
N THR I 143 -4.28 -19.96 64.83
CA THR I 143 -3.70 -18.65 65.11
C THR I 143 -3.23 -17.96 63.84
N GLU I 144 -2.75 -18.73 62.86
CA GLU I 144 -2.33 -18.14 61.59
C GLU I 144 -3.52 -17.57 60.84
N SER I 145 -4.69 -18.21 60.97
CA SER I 145 -5.90 -17.62 60.42
C SER I 145 -6.27 -16.34 61.15
N GLN I 146 -6.07 -16.30 62.47
CA GLN I 146 -6.40 -15.14 63.28
C GLN I 146 -5.57 -13.92 62.90
N LYS I 147 -4.34 -14.15 62.45
CA LYS I 147 -3.53 -13.06 61.91
C LYS I 147 -4.16 -12.48 60.66
N THR I 148 -4.65 -13.35 59.77
CA THR I 148 -5.32 -12.89 58.56
C THR I 148 -6.72 -12.37 58.84
N GLU I 149 -7.31 -12.73 59.98
CA GLU I 149 -8.61 -12.18 60.37
C GLU I 149 -8.53 -10.68 60.57
N LEU I 150 -7.48 -10.22 61.22
CA LEU I 150 -7.45 -8.86 61.74
C LEU I 150 -6.82 -7.87 60.77
N GLN I 151 -5.86 -8.32 59.96
CA GLN I 151 -5.38 -7.46 58.89
C GLN I 151 -6.43 -7.25 57.82
N SER I 152 -7.37 -8.18 57.68
CA SER I 152 -8.56 -7.95 56.88
C SER I 152 -9.56 -7.03 57.57
N ASP I 153 -9.34 -6.66 58.83
CA ASP I 153 -10.11 -5.61 59.48
C ASP I 153 -9.35 -4.29 59.56
N ILE I 154 -8.04 -4.33 59.35
CA ILE I 154 -7.26 -3.11 59.19
C ILE I 154 -7.69 -2.38 57.92
N ASP I 155 -7.92 -3.12 56.85
CA ASP I 155 -8.25 -2.52 55.55
C ASP I 155 -9.55 -1.72 55.52
N PRO I 156 -10.66 -2.11 56.18
CA PRO I 156 -11.76 -1.15 56.29
C PRO I 156 -11.42 0.07 57.11
N LYS I 157 -10.71 -0.11 58.22
CA LYS I 157 -10.46 1.01 59.12
C LYS I 157 -9.43 1.97 58.56
N THR I 158 -8.51 1.49 57.73
CA THR I 158 -7.61 2.41 57.04
C THR I 158 -8.32 3.15 55.91
N GLU I 159 -9.35 2.54 55.34
CA GLU I 159 -10.11 3.23 54.29
C GLU I 159 -11.15 4.16 54.89
N LYS I 160 -11.86 3.71 55.93
CA LYS I 160 -12.88 4.54 56.56
C LYS I 160 -12.27 5.78 57.20
N ARG I 161 -11.06 5.66 57.76
CA ARG I 161 -10.33 6.83 58.20
C ARG I 161 -9.97 7.72 57.02
N ASN I 162 -9.57 7.11 55.90
CA ASN I 162 -9.17 7.88 54.74
C ASN I 162 -10.38 8.46 54.01
N LYS I 163 -11.57 7.88 54.18
CA LYS I 163 -12.77 8.50 53.66
C LYS I 163 -13.10 9.78 54.41
N LEU I 164 -13.03 9.74 55.74
CA LEU I 164 -13.39 10.89 56.55
C LEU I 164 -12.36 11.99 56.53
N ASP I 165 -11.17 11.72 55.99
CA ASP I 165 -10.17 12.78 55.87
C ASP I 165 -10.60 13.83 54.87
N ALA I 166 -11.20 13.41 53.75
CA ALA I 166 -11.69 14.38 52.78
C ALA I 166 -12.97 15.04 53.27
N ASP I 167 -13.84 14.27 53.93
CA ASP I 167 -15.10 14.82 54.42
C ASP I 167 -14.90 15.76 55.61
N ARG I 168 -13.79 15.62 56.34
CA ARG I 168 -13.38 16.68 57.24
C ARG I 168 -13.01 17.94 56.48
N GLU I 169 -12.14 17.79 55.48
CA GLU I 169 -11.57 18.96 54.82
C GLU I 169 -12.57 19.68 53.93
N LYS I 170 -13.62 18.99 53.47
CA LYS I 170 -14.69 19.68 52.75
C LYS I 170 -15.43 20.64 53.67
N ILE I 171 -15.57 20.27 54.95
CA ILE I 171 -16.13 21.19 55.93
C ILE I 171 -15.18 22.36 56.16
N ILE I 172 -13.88 22.07 56.18
CA ILE I 172 -12.86 23.09 56.41
C ILE I 172 -12.85 24.11 55.27
N GLU I 173 -13.00 23.63 54.04
CA GLU I 173 -13.08 24.53 52.89
C GLU I 173 -14.33 25.40 52.95
N SER I 174 -15.43 24.83 53.42
CA SER I 174 -16.63 25.64 53.60
C SER I 174 -16.57 26.49 54.84
N GLN I 175 -15.75 26.14 55.84
CA GLN I 175 -15.53 27.07 56.94
C GLN I 175 -14.63 28.23 56.54
N ASP I 176 -13.79 28.06 55.53
CA ASP I 176 -12.89 29.12 55.12
C ASP I 176 -13.62 30.27 54.45
N VAL I 177 -14.78 30.01 53.86
CA VAL I 177 -15.60 31.09 53.30
C VAL I 177 -16.11 31.99 54.42
N ILE I 178 -16.57 31.38 55.51
CA ILE I 178 -17.06 32.16 56.64
C ILE I 178 -15.89 32.77 57.40
N ARG I 179 -14.72 32.11 57.34
CA ARG I 179 -13.51 32.64 57.94
C ARG I 179 -13.05 33.92 57.28
N GLN I 180 -13.40 34.12 56.01
CA GLN I 180 -12.70 35.04 55.12
C GLN I 180 -12.86 36.49 55.55
N ASN I 181 -13.94 36.84 56.22
CA ASN I 181 -14.07 38.16 56.80
C ASN I 181 -13.76 38.14 58.29
N ASN I 182 -13.15 39.21 58.76
CA ASN I 182 -12.51 39.25 60.06
C ASN I 182 -13.47 39.77 61.12
N ILE I 183 -12.91 40.11 62.29
CA ILE I 183 -13.67 40.77 63.34
C ILE I 183 -14.09 42.16 62.88
N ALA I 184 -13.15 42.95 62.37
CA ALA I 184 -13.43 44.33 62.06
C ALA I 184 -13.92 44.54 60.63
N ASP I 185 -13.78 43.55 59.74
CA ASP I 185 -14.54 43.57 58.50
C ASP I 185 -16.03 43.59 58.79
N MET I 186 -16.43 42.80 59.77
CA MET I 186 -17.80 42.80 60.26
C MET I 186 -18.16 44.15 60.85
N PHE I 187 -17.26 44.72 61.68
CA PHE I 187 -17.48 46.07 62.20
C PHE I 187 -17.43 47.13 61.11
N LYS I 188 -16.68 46.88 60.03
CA LYS I 188 -16.70 47.80 58.90
C LYS I 188 -18.06 47.77 58.21
N ASP I 189 -18.72 46.61 58.23
CA ASP I 189 -20.02 46.50 57.60
C ASP I 189 -21.11 47.18 58.42
N PHE I 190 -20.97 47.22 59.75
CA PHE I 190 -22.04 47.79 60.58
C PHE I 190 -22.14 49.29 60.39
N ILE I 191 -21.04 49.97 60.14
CA ILE I 191 -21.14 51.35 59.69
C ILE I 191 -21.68 51.34 58.26
N PRO I 192 -22.72 52.13 57.96
CA PRO I 192 -23.27 52.11 56.60
C PRO I 192 -22.50 52.97 55.62
N SER I 193 -21.24 53.28 55.94
CA SER I 193 -20.31 54.02 55.08
C SER I 193 -20.23 53.42 53.68
N ALA I 194 -19.96 54.32 52.72
CA ALA I 194 -20.17 54.29 51.25
C ALA I 194 -21.66 54.43 50.91
N LYS I 195 -22.52 54.44 51.93
CA LYS I 195 -23.91 54.84 51.81
C LYS I 195 -24.36 55.68 53.00
N ASP I 196 -23.46 56.01 53.93
CA ASP I 196 -23.87 56.71 55.15
C ASP I 196 -24.00 58.20 54.88
N ILE I 197 -23.12 58.74 54.04
CA ILE I 197 -23.36 60.06 53.47
C ILE I 197 -24.63 60.04 52.65
N ASP I 198 -24.81 58.97 51.86
CA ASP I 198 -26.06 58.74 51.14
C ASP I 198 -27.22 58.48 52.10
N GLY I 199 -26.93 57.94 53.28
CA GLY I 199 -27.93 57.86 54.34
C GLY I 199 -28.37 59.21 54.85
N LEU I 200 -27.53 60.23 54.70
CA LEU I 200 -27.92 61.60 54.98
C LEU I 200 -28.05 62.45 53.73
N ASP I 201 -27.73 61.93 52.54
CA ASP I 201 -28.03 62.67 51.31
C ASP I 201 -29.50 62.55 50.95
N PHE I 202 -30.02 61.33 50.91
CA PHE I 202 -31.43 61.11 50.56
C PHE I 202 -32.38 61.51 51.68
N THR I 203 -31.88 61.72 52.89
CA THR I 203 -32.71 62.05 54.05
C THR I 203 -32.37 63.45 54.58
N GLN I 204 -32.21 64.42 53.67
CA GLN I 204 -32.00 65.79 54.11
C GLN I 204 -33.26 66.48 54.64
N PRO I 205 -34.45 66.39 54.01
CA PRO I 205 -35.62 67.02 54.66
C PRO I 205 -36.18 66.25 55.85
N LYS I 206 -35.68 65.05 56.14
CA LYS I 206 -36.17 64.26 57.26
C LYS I 206 -35.48 64.59 58.58
N LYS I 207 -34.76 65.72 58.65
CA LYS I 207 -34.14 66.12 59.91
C LYS I 207 -35.18 66.54 60.94
N GLU I 208 -36.34 66.99 60.48
CA GLU I 208 -37.48 67.17 61.36
C GLU I 208 -38.16 65.84 61.70
N ALA I 209 -37.93 64.81 60.89
CA ALA I 209 -38.58 63.52 61.10
C ALA I 209 -37.75 62.68 62.07
N ILE I 210 -38.43 62.07 63.04
CA ILE I 210 -37.78 61.10 63.91
C ILE I 210 -37.45 59.84 63.11
N LYS I 211 -38.26 59.53 62.11
CA LYS I 211 -38.16 58.31 61.32
C LYS I 211 -36.93 58.27 60.40
N GLN I 212 -36.17 59.36 60.30
CA GLN I 212 -34.87 59.30 59.63
C GLN I 212 -33.93 58.34 60.35
N ALA I 213 -33.98 58.32 61.68
CA ALA I 213 -33.17 57.38 62.45
C ALA I 213 -33.67 55.95 62.30
N ILE I 214 -34.95 55.79 61.99
CA ILE I 214 -35.46 54.45 61.67
C ILE I 214 -34.93 53.98 60.33
N LYS I 215 -34.84 54.91 59.36
CA LYS I 215 -34.16 54.63 58.10
C LYS I 215 -32.69 54.31 58.34
N GLN I 216 -32.06 55.04 59.26
CA GLN I 216 -30.75 54.66 59.75
C GLN I 216 -30.80 53.31 60.47
N GLY I 217 -31.81 53.12 61.32
CA GLY I 217 -31.95 51.89 62.08
C GLY I 217 -32.39 50.69 61.27
N ALA I 218 -32.78 50.90 60.01
CA ALA I 218 -33.31 49.80 59.20
C ALA I 218 -32.21 48.84 58.77
N GLU I 219 -31.20 49.36 58.07
CA GLU I 219 -30.20 48.50 57.46
C GLU I 219 -29.25 47.90 58.50
N ILE I 220 -29.03 48.61 59.61
CA ILE I 220 -28.23 48.03 60.67
C ILE I 220 -28.97 46.88 61.33
N ALA I 221 -30.30 46.97 61.42
CA ALA I 221 -31.08 45.86 61.93
C ALA I 221 -31.13 44.70 60.95
N ARG I 222 -30.93 44.97 59.66
CA ARG I 222 -30.79 43.88 58.70
C ARG I 222 -29.47 43.17 58.89
N LYS I 223 -28.38 43.92 58.77
CA LYS I 223 -27.06 43.34 58.61
C LYS I 223 -26.56 42.70 59.90
N ILE I 224 -27.14 43.08 61.05
CA ILE I 224 -26.84 42.38 62.29
C ILE I 224 -27.38 40.95 62.22
N LEU I 225 -28.50 40.73 61.51
CA LEU I 225 -29.07 39.39 61.42
C LEU I 225 -28.37 38.54 60.38
N GLY I 226 -27.96 39.16 59.26
CA GLY I 226 -27.29 38.41 58.21
C GLY I 226 -25.96 37.84 58.63
N LYS I 227 -25.27 38.51 59.55
CA LYS I 227 -24.03 37.97 60.06
C LYS I 227 -24.27 36.90 61.11
N VAL I 228 -25.43 36.93 61.78
CA VAL I 228 -25.79 35.87 62.71
C VAL I 228 -25.98 34.56 61.97
N SER I 229 -26.80 34.58 60.90
CA SER I 229 -27.12 33.36 60.17
C SER I 229 -25.92 32.80 59.45
N GLU I 230 -25.02 33.65 58.96
CA GLU I 230 -23.77 33.18 58.38
C GLU I 230 -22.95 32.45 59.43
N GLY I 231 -22.87 32.99 60.64
CA GLY I 231 -22.26 32.27 61.72
C GLY I 231 -23.11 31.14 62.24
N LEU I 232 -24.42 31.20 62.04
CA LEU I 232 -25.25 30.10 62.50
C LEU I 232 -25.12 28.92 61.56
N LYS I 233 -24.86 29.18 60.27
CA LYS I 233 -24.39 28.13 59.37
C LYS I 233 -23.09 27.53 59.89
N TYR I 234 -22.18 28.39 60.32
CA TYR I 234 -20.88 27.97 60.86
C TYR I 234 -21.01 27.17 62.13
N ILE I 235 -22.11 27.32 62.88
CA ILE I 235 -22.37 26.47 64.04
C ILE I 235 -22.64 25.04 63.59
N ASP I 236 -23.63 24.87 62.70
CA ASP I 236 -23.98 23.52 62.24
C ASP I 236 -22.89 22.94 61.37
N LEU I 237 -22.08 23.79 60.74
CA LEU I 237 -20.96 23.30 59.96
C LEU I 237 -19.87 22.76 60.86
N ALA I 238 -19.61 23.42 61.98
CA ALA I 238 -18.57 22.95 62.89
C ALA I 238 -19.01 21.72 63.66
N ASP I 239 -20.28 21.67 64.08
CA ASP I 239 -20.76 20.57 64.89
C ASP I 239 -20.82 19.27 64.11
N ALA I 240 -20.97 19.36 62.79
CA ALA I 240 -20.73 18.19 61.96
C ALA I 240 -19.28 17.76 62.04
N ARG I 241 -18.36 18.71 61.86
CA ARG I 241 -16.93 18.42 61.87
C ARG I 241 -16.47 18.00 63.26
N MET I 242 -17.05 18.62 64.30
CA MET I 242 -16.79 18.21 65.67
C MET I 242 -17.19 16.75 65.88
N LYS I 243 -18.32 16.36 65.29
CA LYS I 243 -18.70 14.95 65.30
C LYS I 243 -17.82 14.14 64.36
N LEU I 244 -17.45 14.74 63.21
CA LEU I 244 -16.71 13.99 62.21
C LEU I 244 -15.27 13.75 62.66
N SER I 245 -14.72 14.65 63.46
CA SER I 245 -13.40 14.41 64.04
C SER I 245 -13.46 13.29 65.06
N ASP I 246 -14.56 13.20 65.81
CA ASP I 246 -14.70 12.17 66.84
C ASP I 246 -14.83 10.79 66.24
N GLN I 247 -15.33 10.70 65.00
CA GLN I 247 -15.33 9.44 64.29
C GLN I 247 -13.92 8.93 64.06
N ILE I 248 -13.03 9.82 63.62
CA ILE I 248 -11.64 9.43 63.37
C ILE I 248 -10.94 9.14 64.70
N ASP I 249 -11.34 9.83 65.77
CA ASP I 249 -10.77 9.58 67.09
C ASP I 249 -11.09 8.17 67.58
N GLN I 250 -12.29 7.69 67.30
CA GLN I 250 -12.60 6.30 67.58
C GLN I 250 -11.82 5.38 66.66
N LEU I 251 -11.75 5.74 65.37
CA LEU I 251 -11.12 4.88 64.37
C LEU I 251 -9.64 4.68 64.63
N ILE I 252 -8.93 5.73 65.03
CA ILE I 252 -7.52 5.59 65.38
C ILE I 252 -7.39 4.75 66.65
N THR I 253 -8.33 4.91 67.58
CA THR I 253 -8.34 4.10 68.80
C THR I 253 -8.66 2.64 68.48
N GLU I 254 -9.62 2.41 67.59
CA GLU I 254 -10.00 1.05 67.26
C GLU I 254 -8.95 0.33 66.41
N THR I 255 -8.12 1.07 65.67
CA THR I 255 -7.05 0.43 64.92
C THR I 255 -5.97 -0.09 65.85
N ASP I 256 -5.44 0.76 66.72
CA ASP I 256 -4.28 0.40 67.51
C ASP I 256 -4.64 -0.62 68.59
N GLU I 257 -5.88 -0.60 69.06
CA GLU I 257 -6.38 -1.69 69.88
C GLU I 257 -6.38 -2.99 69.10
N LEU I 258 -6.81 -2.94 67.84
CA LEU I 258 -6.76 -4.11 66.99
C LEU I 258 -5.35 -4.38 66.51
N LYS I 259 -4.53 -3.35 66.36
CA LYS I 259 -3.13 -3.57 66.00
C LYS I 259 -2.34 -4.09 67.18
N ALA I 260 -2.86 -3.90 68.40
CA ALA I 260 -2.30 -4.62 69.54
C ALA I 260 -2.64 -6.10 69.49
N LYS I 261 -3.73 -6.47 68.82
CA LYS I 261 -4.11 -7.88 68.77
C LYS I 261 -3.19 -8.67 67.86
N ILE I 262 -2.83 -8.11 66.69
CA ILE I 262 -1.92 -8.82 65.80
C ILE I 262 -0.52 -8.89 66.37
N ARG I 263 -0.19 -8.03 67.33
CA ARG I 263 1.05 -8.17 68.07
C ARG I 263 1.09 -9.48 68.83
N GLU I 264 0.02 -9.76 69.57
CA GLU I 264 -0.03 -10.97 70.39
C GLU I 264 -0.10 -12.23 69.54
N VAL I 265 -0.76 -12.14 68.39
CA VAL I 265 -0.82 -13.28 67.48
C VAL I 265 0.56 -13.55 66.89
N GLU I 266 1.23 -12.51 66.42
CA GLU I 266 2.57 -12.66 65.88
C GLU I 266 3.56 -13.06 66.97
N LEU I 267 3.37 -12.57 68.19
CA LEU I 267 4.17 -13.04 69.31
C LEU I 267 3.91 -14.51 69.60
N ARG I 268 2.68 -14.96 69.38
CA ARG I 268 2.40 -16.37 69.56
C ARG I 268 2.92 -17.19 68.39
N LEU I 269 2.61 -16.76 67.16
CA LEU I 269 2.95 -17.53 65.96
C LEU I 269 4.45 -17.67 65.78
N SER I 270 5.21 -16.62 66.10
CA SER I 270 6.66 -16.74 66.08
C SER I 270 7.16 -17.67 67.17
N GLY I 271 6.48 -17.69 68.32
CA GLY I 271 6.81 -18.66 69.35
C GLY I 271 6.48 -20.07 68.93
N LEU I 272 5.41 -20.24 68.16
CA LEU I 272 5.02 -21.57 67.71
C LEU I 272 5.92 -22.08 66.60
N LYS I 273 6.33 -21.20 65.70
CA LYS I 273 7.28 -21.61 64.66
C LYS I 273 8.63 -21.96 65.23
N ASP I 274 8.97 -21.37 66.38
CA ASP I 274 10.16 -21.80 67.11
C ASP I 274 10.04 -23.23 67.58
N VAL I 275 8.83 -23.63 68.00
CA VAL I 275 8.61 -25.01 68.39
C VAL I 275 8.62 -25.91 67.17
N MET I 276 8.15 -25.41 66.03
CA MET I 276 8.15 -26.20 64.82
C MET I 276 9.55 -26.45 64.29
N GLN I 277 10.50 -25.56 64.58
CA GLN I 277 11.87 -25.81 64.18
C GLN I 277 12.57 -26.82 65.07
N ILE I 278 12.05 -27.05 66.28
CA ILE I 278 12.66 -28.00 67.20
C ILE I 278 12.60 -29.41 66.64
N ASP I 279 11.46 -29.77 66.03
CA ASP I 279 11.32 -31.10 65.45
C ASP I 279 12.23 -31.28 64.24
N THR I 280 12.51 -30.20 63.51
CA THR I 280 13.41 -30.29 62.38
C THR I 280 14.83 -30.59 62.83
N GLU I 281 15.29 -29.93 63.88
CA GLU I 281 16.60 -30.23 64.43
C GLU I 281 16.60 -31.43 65.36
N ARG I 282 15.43 -31.88 65.82
CA ARG I 282 15.39 -33.14 66.54
C ARG I 282 15.68 -34.31 65.60
N THR I 283 15.29 -34.20 64.34
CA THR I 283 15.61 -35.23 63.37
C THR I 283 17.11 -35.25 63.05
N THR I 284 17.71 -34.07 62.88
CA THR I 284 19.14 -34.02 62.61
C THR I 284 19.96 -34.45 63.81
N LEU I 285 19.42 -34.24 65.02
CA LEU I 285 20.05 -34.79 66.22
C LEU I 285 19.96 -36.31 66.23
N LEU I 286 18.78 -36.85 66.00
CA LEU I 286 18.57 -38.26 66.26
C LEU I 286 19.11 -39.13 65.14
N THR I 287 18.86 -38.75 63.87
CA THR I 287 19.33 -39.55 62.74
C THR I 287 20.85 -39.62 62.67
N GLU I 288 21.52 -38.61 63.22
CA GLU I 288 22.94 -38.74 63.46
C GLU I 288 23.22 -39.67 64.63
N ALA I 289 22.48 -39.53 65.73
CA ALA I 289 22.73 -40.35 66.91
C ALA I 289 22.24 -41.78 66.74
N VAL I 290 21.30 -42.04 65.82
CA VAL I 290 20.94 -43.41 65.48
C VAL I 290 22.12 -44.12 64.82
N LYS I 291 22.88 -43.39 64.01
CA LYS I 291 24.09 -43.94 63.38
C LYS I 291 25.16 -44.30 64.41
N ILE I 292 25.08 -43.74 65.60
CA ILE I 292 26.09 -43.98 66.62
C ILE I 292 25.74 -45.17 67.51
N GLU I 293 24.44 -45.39 67.78
CA GLU I 293 23.99 -46.57 68.50
C GLU I 293 24.41 -47.86 67.81
N GLN I 294 24.41 -47.87 66.47
CA GLN I 294 24.80 -49.05 65.73
C GLN I 294 26.25 -49.42 66.01
N VAL I 295 27.17 -48.47 65.82
CA VAL I 295 28.57 -48.76 66.02
C VAL I 295 28.97 -48.84 67.48
N TRP I 296 28.07 -48.53 68.41
CA TRP I 296 28.30 -49.00 69.76
C TRP I 296 27.95 -50.48 69.88
N ILE I 297 26.79 -50.86 69.37
CA ILE I 297 26.29 -52.23 69.58
C ILE I 297 27.00 -53.21 68.66
N SER I 298 27.15 -52.85 67.38
CA SER I 298 27.78 -53.74 66.41
C SER I 298 29.24 -54.01 66.75
N PHE I 299 29.90 -53.06 67.41
CA PHE I 299 31.18 -53.35 68.04
C PHE I 299 31.01 -54.34 69.18
N ALA I 300 30.14 -54.01 70.13
CA ALA I 300 30.03 -54.80 71.36
C ALA I 300 29.49 -56.19 71.11
N GLU I 301 28.65 -56.36 70.09
CA GLU I 301 28.26 -57.70 69.68
C GLU I 301 29.44 -58.46 69.09
N GLN I 302 30.21 -57.79 68.23
CA GLN I 302 31.40 -58.41 67.66
C GLN I 302 32.49 -58.61 68.71
N LEU I 303 32.52 -57.73 69.71
CA LEU I 303 33.53 -57.88 70.75
C LEU I 303 33.16 -59.01 71.70
N HIS I 304 31.86 -59.16 72.00
CA HIS I 304 31.46 -60.30 72.81
C HIS I 304 31.49 -61.60 72.02
N LYS I 305 31.48 -61.51 70.69
CA LYS I 305 31.72 -62.68 69.86
C LYS I 305 33.12 -63.22 70.06
N LEU I 306 34.10 -62.33 70.27
CA LEU I 306 35.46 -62.80 70.50
C LEU I 306 35.65 -63.29 71.92
N SER I 307 34.84 -62.78 72.87
CA SER I 307 34.90 -63.27 74.24
C SER I 307 34.32 -64.66 74.40
N ASN I 308 33.65 -65.19 73.37
CA ASN I 308 33.26 -66.59 73.37
C ASN I 308 34.49 -67.49 73.23
N ASP I 309 35.30 -67.25 72.20
CA ASP I 309 36.42 -68.13 71.90
C ASP I 309 37.62 -67.87 72.81
N GLU I 310 37.82 -66.61 73.22
CA GLU I 310 38.88 -66.18 74.15
C GLU I 310 40.27 -66.49 73.59
N ILE I 311 40.42 -66.35 72.30
CA ILE I 311 41.70 -66.61 71.65
C ILE I 311 42.53 -65.34 71.74
N ASN I 312 43.86 -65.50 71.82
CA ASN I 312 44.79 -64.40 71.96
C ASN I 312 45.23 -63.81 70.62
N GLN I 313 44.35 -63.85 69.62
CA GLN I 313 44.61 -63.29 68.30
C GLN I 313 44.88 -61.80 68.38
N GLN I 314 45.59 -61.30 67.37
CA GLN I 314 45.82 -59.88 67.24
C GLN I 314 44.94 -59.27 66.17
N ASP I 315 44.04 -60.06 65.59
CA ASP I 315 42.88 -59.50 64.91
C ASP I 315 41.92 -58.87 65.92
N LEU I 316 41.94 -59.37 67.16
CA LEU I 316 41.32 -58.69 68.29
C LEU I 316 41.77 -57.24 68.38
N SER I 317 43.08 -57.03 68.57
CA SER I 317 43.62 -55.69 68.66
C SER I 317 43.53 -54.94 67.35
N ASN I 318 43.45 -55.66 66.23
CA ASN I 318 43.10 -55.01 64.97
C ASN I 318 41.64 -54.55 64.98
N LEU I 319 40.76 -55.34 65.59
CA LEU I 319 39.36 -54.94 65.63
C LEU I 319 39.13 -53.81 66.61
N ILE I 320 39.93 -53.74 67.68
CA ILE I 320 39.85 -52.59 68.58
C ILE I 320 40.36 -51.35 67.88
N ASN I 321 41.39 -51.50 67.04
CA ASN I 321 42.09 -50.37 66.45
C ASN I 321 41.20 -49.58 65.51
N GLY I 322 40.35 -50.27 64.74
CA GLY I 322 39.38 -49.56 63.91
C GLY I 322 38.34 -48.86 64.74
N GLN I 323 37.91 -49.47 65.85
CA GLN I 323 36.99 -48.82 66.76
C GLN I 323 37.67 -47.70 67.52
N LEU I 324 38.90 -47.94 68.01
CA LEU I 324 39.59 -46.94 68.81
C LEU I 324 39.96 -45.72 67.98
N ASP I 325 40.25 -45.91 66.69
CA ASP I 325 40.49 -44.77 65.82
C ASP I 325 39.19 -44.03 65.56
N PHE I 326 38.12 -44.77 65.31
CA PHE I 326 36.78 -44.17 65.14
C PHE I 326 36.36 -43.40 66.37
N LEU I 327 36.61 -43.95 67.56
CA LEU I 327 36.31 -43.22 68.78
C LEU I 327 37.23 -42.01 68.90
N ASN I 328 38.50 -42.17 68.56
CA ASN I 328 39.43 -41.03 68.58
C ASN I 328 39.08 -40.03 67.49
N ASN I 329 38.56 -40.51 66.35
CA ASN I 329 37.99 -39.61 65.36
C ASN I 329 36.83 -38.83 65.97
N LEU I 330 35.99 -39.50 66.75
CA LEU I 330 34.81 -38.85 67.28
C LEU I 330 35.15 -37.93 68.44
N THR I 331 36.25 -38.18 69.16
CA THR I 331 36.72 -37.22 70.14
C THR I 331 37.22 -35.95 69.47
N LEU I 332 37.69 -36.06 68.23
CA LEU I 332 38.43 -34.97 67.61
C LEU I 332 37.51 -33.82 67.21
N GLN I 333 36.31 -34.12 66.70
CA GLN I 333 35.44 -33.03 66.27
C GLN I 333 34.88 -32.27 67.46
N TYR I 334 34.77 -32.92 68.63
CA TYR I 334 34.48 -32.16 69.84
C TYR I 334 35.65 -31.28 70.23
N ASN I 335 36.87 -31.73 69.97
CA ASN I 335 38.02 -30.91 70.27
C ASN I 335 38.31 -29.90 69.18
N LYS I 336 37.89 -30.18 67.96
CA LYS I 336 38.00 -29.22 66.86
C LYS I 336 36.66 -28.51 66.63
N LEU I 337 35.80 -28.49 67.64
CA LEU I 337 34.51 -27.81 67.50
C LEU I 337 34.71 -26.31 67.44
N LYS I 338 35.64 -25.79 68.24
CA LYS I 338 36.32 -24.52 68.02
C LYS I 338 35.41 -23.28 68.03
N TYR J 1 82.45 5.77 -6.89
CA TYR J 1 82.21 7.08 -7.51
C TYR J 1 80.77 7.33 -8.00
N PRO J 2 79.75 6.97 -7.20
CA PRO J 2 78.43 6.71 -7.79
C PRO J 2 77.65 7.91 -8.33
N GLU J 3 77.42 8.94 -7.52
CA GLU J 3 76.50 10.02 -7.91
C GLU J 3 76.69 11.22 -7.00
N ILE J 4 77.00 12.38 -7.57
CA ILE J 4 77.20 13.61 -6.81
C ILE J 4 76.49 14.73 -7.57
N ASN J 5 75.41 15.25 -6.99
CA ASN J 5 74.59 16.27 -7.61
C ASN J 5 74.88 17.60 -6.93
N ILE J 6 75.91 18.31 -7.41
CA ILE J 6 76.27 19.56 -6.75
C ILE J 6 75.31 20.69 -7.08
N LYS J 7 74.43 20.49 -8.07
CA LYS J 7 73.32 21.41 -8.27
C LYS J 7 72.42 21.43 -7.05
N ALA J 8 72.22 20.28 -6.41
CA ALA J 8 71.50 20.24 -5.16
C ALA J 8 72.33 20.74 -3.99
N MET J 9 73.64 20.83 -4.16
CA MET J 9 74.57 21.18 -3.10
C MET J 9 74.93 22.65 -3.10
N ASN J 10 75.38 23.17 -4.26
CA ASN J 10 75.76 24.57 -4.35
C ASN J 10 74.55 25.49 -4.23
N GLN J 11 73.35 24.98 -4.50
CA GLN J 11 72.15 25.66 -4.04
C GLN J 11 72.06 25.63 -2.52
N ALA J 12 72.27 24.45 -1.93
CA ALA J 12 72.11 24.27 -0.49
C ALA J 12 73.17 25.03 0.29
N VAL J 13 74.38 25.17 -0.26
CA VAL J 13 75.36 26.05 0.34
C VAL J 13 74.87 27.48 0.30
N ASN J 14 74.32 27.88 -0.84
CA ASN J 14 73.94 29.28 -1.04
C ASN J 14 72.72 29.64 -0.21
N THR J 15 71.79 28.69 -0.04
CA THR J 15 70.61 28.97 0.77
C THR J 15 70.96 29.06 2.26
N ILE J 16 71.94 28.30 2.71
CA ILE J 16 72.40 28.44 4.10
C ILE J 16 72.99 29.82 4.33
N TRP J 17 73.77 30.33 3.38
CA TRP J 17 74.18 31.72 3.47
C TRP J 17 73.00 32.66 3.30
N LEU J 18 72.02 32.27 2.48
CA LEU J 18 70.84 33.10 2.30
C LEU J 18 69.99 33.13 3.56
N LEU J 19 69.80 31.97 4.19
CA LEU J 19 69.02 31.95 5.42
C LEU J 19 69.78 32.47 6.62
N ALA J 20 71.09 32.65 6.50
CA ALA J 20 71.86 33.20 7.61
C ALA J 20 71.53 34.66 7.83
N GLN J 21 71.56 35.46 6.77
CA GLN J 21 71.22 36.87 6.89
C GLN J 21 69.72 37.06 7.05
N ARG J 22 68.92 36.11 6.57
CA ARG J 22 67.47 36.29 6.53
C ARG J 22 66.81 36.12 7.88
N GLN J 23 67.40 35.31 8.76
CA GLN J 23 66.72 34.85 9.97
C GLN J 23 66.44 35.98 10.93
N THR J 24 65.27 35.93 11.55
CA THR J 24 64.76 37.00 12.40
C THR J 24 64.38 36.45 13.76
N SER J 25 65.29 35.69 14.36
CA SER J 25 65.03 35.09 15.66
C SER J 25 64.96 36.15 16.75
N GLY J 26 65.77 37.20 16.65
CA GLY J 26 65.79 38.20 17.69
C GLY J 26 66.45 37.73 18.95
N ILE J 27 67.43 36.82 18.85
CA ILE J 27 68.15 36.30 19.98
C ILE J 27 69.62 36.33 19.62
N GLU J 28 70.47 36.30 20.64
CA GLU J 28 71.88 36.64 20.48
C GLU J 28 72.79 35.44 20.35
N ILE J 29 72.27 34.23 20.48
CA ILE J 29 73.10 33.03 20.50
C ILE J 29 72.87 32.16 19.27
N ILE J 30 71.64 32.11 18.77
CA ILE J 30 71.41 31.62 17.41
C ILE J 30 72.12 32.52 16.41
N ASN J 31 72.19 33.82 16.73
CA ASN J 31 72.85 34.79 15.86
C ASN J 31 74.33 34.52 15.70
N ASP J 32 74.96 33.84 16.67
CA ASP J 32 76.31 33.32 16.47
C ASP J 32 76.32 31.80 16.46
N LYS J 33 75.15 31.16 16.40
CA LYS J 33 75.15 29.78 15.94
C LYS J 33 75.22 29.73 14.42
N VAL J 34 74.35 30.50 13.76
CA VAL J 34 74.22 30.39 12.32
C VAL J 34 75.42 31.00 11.63
N LYS J 35 75.96 32.09 12.20
CA LYS J 35 77.12 32.76 11.64
C LYS J 35 78.33 31.85 11.61
N ARG J 36 78.47 30.98 12.61
CA ARG J 36 79.56 30.03 12.59
C ARG J 36 79.28 28.87 11.64
N ILE J 37 78.01 28.50 11.49
CA ILE J 37 77.66 27.45 10.53
C ILE J 37 77.84 27.95 9.11
N SER J 38 77.35 29.16 8.84
CA SER J 38 77.28 29.62 7.47
C SER J 38 78.65 30.02 6.93
N ALA J 39 79.50 30.59 7.79
CA ALA J 39 80.84 30.92 7.37
C ALA J 39 81.69 29.68 7.14
N TYR J 40 81.33 28.55 7.73
CA TYR J 40 81.94 27.29 7.34
C TYR J 40 81.50 26.89 5.95
N SER J 41 80.18 26.92 5.70
CA SER J 41 79.61 26.33 4.50
C SER J 41 80.02 27.11 3.25
N ARG J 42 80.11 28.43 3.37
CA ARG J 42 80.65 29.24 2.28
C ARG J 42 82.11 28.89 2.02
N GLU J 43 82.91 28.83 3.08
CA GLU J 43 84.29 28.39 2.93
C GLU J 43 84.39 26.93 2.53
N PHE J 44 83.37 26.13 2.82
CA PHE J 44 83.37 24.75 2.37
C PHE J 44 83.21 24.66 0.86
N ASP J 45 82.37 25.51 0.29
CA ASP J 45 82.18 25.50 -1.16
C ASP J 45 83.41 26.03 -1.86
N GLU J 46 84.03 27.06 -1.30
CA GLU J 46 85.25 27.62 -1.87
C GLU J 46 86.39 26.61 -1.84
N MET J 47 86.57 25.97 -0.69
CA MET J 47 87.69 25.04 -0.54
C MET J 47 87.47 23.77 -1.31
N MET J 48 86.22 23.43 -1.63
CA MET J 48 86.01 22.29 -2.51
C MET J 48 86.37 22.64 -3.94
N ARG J 49 85.93 23.81 -4.41
CA ARG J 49 86.26 24.26 -5.76
C ARG J 49 87.76 24.47 -5.92
N ASP J 50 88.41 25.00 -4.88
CA ASP J 50 89.85 25.20 -4.94
C ASP J 50 90.58 23.86 -4.93
N SER J 51 90.08 22.89 -4.17
CA SER J 51 90.63 21.55 -4.27
C SER J 51 90.25 20.91 -5.59
N LEU J 52 89.12 21.29 -6.15
CA LEU J 52 88.75 20.78 -7.46
C LEU J 52 89.63 21.38 -8.55
N ALA J 53 90.05 22.63 -8.36
CA ALA J 53 90.90 23.28 -9.36
C ALA J 53 92.36 22.91 -9.18
N GLN J 54 92.81 22.67 -7.95
CA GLN J 54 94.22 22.38 -7.74
C GLN J 54 94.56 20.90 -7.85
N LEU J 55 93.60 20.06 -8.23
CA LEU J 55 93.87 18.64 -8.40
C LEU J 55 93.68 18.14 -9.81
N ALA J 56 92.94 18.86 -10.65
CA ALA J 56 92.86 18.50 -12.06
C ALA J 56 94.19 18.57 -12.80
N PRO J 57 95.02 19.62 -12.70
CA PRO J 57 96.27 19.59 -13.47
C PRO J 57 97.31 18.64 -12.93
N VAL J 58 97.30 18.36 -11.62
CA VAL J 58 98.34 17.52 -11.06
C VAL J 58 98.12 16.05 -11.39
N LEU J 59 96.89 15.65 -11.73
CA LEU J 59 96.67 14.29 -12.19
C LEU J 59 97.21 14.06 -13.59
N LYS J 60 97.02 15.05 -14.48
CA LYS J 60 97.52 14.92 -15.84
C LYS J 60 99.03 14.96 -15.92
N GLN J 61 99.69 15.50 -14.88
CA GLN J 61 101.13 15.36 -14.76
C GLN J 61 101.56 13.92 -14.56
N LEU J 62 100.67 13.08 -14.04
CA LEU J 62 100.99 11.68 -13.81
C LEU J 62 100.61 10.80 -15.00
N THR J 63 99.58 11.18 -15.75
CA THR J 63 99.12 10.35 -16.86
C THR J 63 100.11 10.40 -18.02
N SER J 64 100.31 11.59 -18.60
CA SER J 64 101.13 11.75 -19.78
C SER J 64 102.57 12.11 -19.45
N ASP J 65 103.09 11.61 -18.33
CA ASP J 65 104.49 11.84 -17.99
C ASP J 65 105.41 11.17 -19.00
N ALA J 66 105.06 9.95 -19.43
CA ALA J 66 105.70 9.20 -20.51
C ALA J 66 107.18 8.94 -20.27
N ALA J 67 107.62 8.97 -19.02
CA ALA J 67 109.00 8.70 -18.71
C ALA J 67 109.31 7.21 -18.73
N PHE J 68 108.29 6.36 -18.57
CA PHE J 68 108.47 4.93 -18.77
C PHE J 68 108.74 4.61 -20.23
N GLN J 69 108.24 5.44 -21.15
CA GLN J 69 108.60 5.28 -22.56
C GLN J 69 110.05 5.63 -22.79
N THR J 70 110.60 6.58 -22.03
CA THR J 70 112.02 6.85 -22.12
C THR J 70 112.84 5.73 -21.49
N ILE J 71 112.27 5.03 -20.52
CA ILE J 71 112.89 3.80 -20.02
C ILE J 71 112.87 2.74 -21.09
N ALA J 72 111.81 2.70 -21.90
CA ALA J 72 111.74 1.76 -23.02
C ALA J 72 112.77 2.08 -24.09
N GLN J 73 113.18 3.34 -24.20
CA GLN J 73 114.32 3.68 -25.05
C GLN J 73 115.62 3.14 -24.46
N ILE J 74 115.72 3.10 -23.13
CA ILE J 74 116.90 2.50 -22.50
C ILE J 74 116.80 0.98 -22.59
N ASP J 75 115.59 0.43 -22.63
CA ASP J 75 115.40 -1.02 -22.70
C ASP J 75 115.88 -1.59 -24.04
N GLU J 76 115.78 -0.81 -25.11
CA GLU J 76 116.42 -1.21 -26.36
C GLU J 76 117.92 -0.92 -26.36
N ALA J 77 118.41 -0.12 -25.42
CA ALA J 77 119.82 0.19 -25.34
C ALA J 77 120.56 -0.64 -24.31
N LEU J 78 119.85 -1.40 -23.46
CA LEU J 78 120.51 -2.22 -22.46
C LEU J 78 120.74 -3.65 -22.93
N ALA J 79 119.66 -4.38 -23.21
CA ALA J 79 119.80 -5.80 -23.48
C ALA J 79 120.12 -6.07 -24.95
N ASP J 80 119.49 -5.31 -25.84
CA ASP J 80 119.53 -5.58 -27.28
C ASP J 80 120.90 -5.38 -27.92
N PRO J 81 121.77 -4.45 -27.49
CA PRO J 81 123.17 -4.56 -27.93
C PRO J 81 124.03 -5.31 -26.93
N SER J 82 125.10 -5.92 -27.46
CA SER J 82 126.19 -6.40 -26.62
C SER J 82 127.01 -5.16 -26.22
N LEU J 83 126.55 -4.52 -25.16
CA LEU J 83 126.85 -3.12 -24.90
C LEU J 83 127.95 -3.01 -23.85
N SER J 84 128.61 -1.87 -23.83
CA SER J 84 129.70 -1.61 -22.88
C SER J 84 129.18 -1.55 -21.46
N LYS J 85 129.82 -2.31 -20.57
CA LYS J 85 129.44 -2.34 -19.16
C LYS J 85 129.69 -1.02 -18.46
N ASP J 86 130.58 -0.18 -18.99
CA ASP J 86 130.70 1.20 -18.52
C ASP J 86 129.39 1.95 -18.70
N ASP J 87 128.69 1.70 -19.80
CA ASP J 87 127.42 2.35 -20.04
C ASP J 87 126.22 1.50 -19.65
N ARG J 88 126.35 0.17 -19.62
CA ARG J 88 125.27 -0.68 -19.11
C ARG J 88 125.00 -0.38 -17.64
N GLU J 89 126.06 -0.15 -16.87
CA GLU J 89 125.88 0.32 -15.50
C GLU J 89 125.35 1.74 -15.49
N ALA J 90 125.80 2.57 -16.44
CA ALA J 90 125.39 3.98 -16.45
C ALA J 90 123.94 4.14 -16.89
N LEU J 91 123.51 3.36 -17.89
CA LEU J 91 122.11 3.43 -18.33
C LEU J 91 121.17 2.94 -17.24
N THR J 92 121.55 1.90 -16.51
CA THR J 92 120.74 1.47 -15.37
C THR J 92 120.86 2.43 -14.19
N LEU J 93 121.89 3.27 -14.16
CA LEU J 93 122.05 4.19 -13.03
C LEU J 93 120.99 5.27 -13.06
N GLU J 94 120.86 5.98 -14.19
CA GLU J 94 119.85 7.03 -14.26
C GLU J 94 118.45 6.44 -14.36
N ARG J 95 118.33 5.22 -14.88
CA ARG J 95 117.07 4.50 -14.82
C ARG J 95 116.64 4.27 -13.38
N ASN J 96 117.58 3.92 -12.50
CA ASN J 96 117.26 3.77 -11.09
C ASN J 96 116.93 5.12 -10.45
N ASN J 97 117.53 6.20 -10.95
CA ASN J 97 117.12 7.53 -10.51
C ASN J 97 115.71 7.84 -11.00
N LEU J 98 115.41 7.52 -12.25
CA LEU J 98 114.20 8.01 -12.88
C LEU J 98 112.97 7.26 -12.41
N ILE J 99 113.11 5.98 -12.06
CA ILE J 99 112.01 5.26 -11.43
C ILE J 99 111.77 5.82 -10.03
N GLN J 100 112.86 6.10 -9.29
CA GLN J 100 112.72 6.77 -8.01
C GLN J 100 112.23 8.20 -8.18
N ASN J 101 112.61 8.85 -9.28
CA ASN J 101 112.01 10.15 -9.59
C ASN J 101 110.54 10.02 -9.94
N LEU J 102 110.15 8.89 -10.53
CA LEU J 102 108.73 8.64 -10.76
C LEU J 102 108.01 8.35 -9.45
N SER J 103 108.68 7.67 -8.52
CA SER J 103 108.08 7.46 -7.21
C SER J 103 107.98 8.76 -6.44
N LYS J 104 109.02 9.59 -6.51
CA LYS J 104 108.95 10.91 -5.91
C LYS J 104 107.99 11.83 -6.67
N HIS J 105 107.73 11.55 -7.94
CA HIS J 105 106.66 12.25 -8.63
C HIS J 105 105.30 11.83 -8.09
N ILE J 106 105.05 10.53 -8.04
CA ILE J 106 103.71 10.05 -7.66
C ILE J 106 103.47 10.24 -6.17
N ASP J 107 104.51 10.31 -5.35
CA ASP J 107 104.30 10.59 -3.93
C ASP J 107 104.08 12.08 -3.70
N ASN J 108 104.71 12.94 -4.49
CA ASN J 108 104.46 14.36 -4.36
C ASN J 108 103.09 14.76 -4.89
N VAL J 109 102.45 13.88 -5.66
CA VAL J 109 101.03 14.02 -5.92
C VAL J 109 100.25 13.87 -4.62
N ILE J 110 100.53 12.79 -3.88
CA ILE J 110 99.73 12.39 -2.73
C ILE J 110 99.83 13.42 -1.61
N VAL J 111 101.01 14.03 -1.46
CA VAL J 111 101.17 15.11 -0.50
C VAL J 111 100.31 16.31 -0.90
N SER J 112 100.31 16.65 -2.19
CA SER J 112 99.40 17.68 -2.66
C SER J 112 97.97 17.17 -2.73
N PHE J 113 97.77 15.86 -2.83
CA PHE J 113 96.43 15.33 -2.90
C PHE J 113 95.81 15.23 -1.51
N THR J 114 96.40 14.40 -0.65
CA THR J 114 95.90 14.21 0.70
C THR J 114 96.09 15.43 1.59
N GLY J 115 96.93 16.38 1.19
CA GLY J 115 96.95 17.68 1.83
C GLY J 115 95.71 18.50 1.61
N ARG J 116 94.83 18.10 0.69
CA ARG J 116 93.54 18.73 0.50
C ARG J 116 92.38 17.86 0.93
N THR J 117 92.50 16.54 0.79
CA THR J 117 91.40 15.65 1.18
C THR J 117 91.22 15.63 2.67
N SER J 118 92.32 15.43 3.41
CA SER J 118 92.28 15.52 4.86
C SER J 118 91.98 16.93 5.32
N LYS J 119 92.35 17.92 4.52
CA LYS J 119 91.96 19.29 4.80
C LYS J 119 90.47 19.51 4.59
N LEU J 120 89.82 18.64 3.82
CA LEU J 120 88.37 18.71 3.66
C LEU J 120 87.66 17.94 4.76
N THR J 121 88.23 16.83 5.23
CA THR J 121 87.60 16.02 6.25
C THR J 121 87.54 16.75 7.58
N ASN J 122 88.48 17.65 7.83
CA ASN J 122 88.37 18.53 8.97
C ASN J 122 87.17 19.45 8.85
N LYS J 123 86.86 19.88 7.63
CA LYS J 123 85.82 20.88 7.45
C LYS J 123 84.42 20.28 7.54
N ILE J 124 84.25 19.02 7.13
CA ILE J 124 82.95 18.39 7.27
C ILE J 124 82.63 18.14 8.74
N SER J 125 83.62 17.65 9.51
CA SER J 125 83.39 17.40 10.92
C SER J 125 83.19 18.70 11.70
N ASP J 126 83.71 19.81 11.21
CA ASP J 126 83.40 21.10 11.80
C ASP J 126 82.01 21.58 11.46
N ILE J 127 81.35 20.95 10.50
CA ILE J 127 79.97 21.28 10.18
C ILE J 127 79.01 20.24 10.73
N SER J 128 79.39 18.97 10.67
CA SER J 128 78.48 17.88 11.00
C SER J 128 78.22 17.72 12.49
N ASP J 129 78.82 18.54 13.35
CA ASP J 129 78.67 18.39 14.79
C ASP J 129 77.67 19.36 15.40
N MET J 130 77.48 20.53 14.81
CA MET J 130 76.71 21.59 15.47
C MET J 130 75.23 21.30 15.28
N VAL J 131 74.65 20.64 16.29
CA VAL J 131 73.21 20.41 16.29
C VAL J 131 72.50 21.72 16.61
N ILE J 132 71.53 22.09 15.77
CA ILE J 132 70.82 23.34 15.97
C ILE J 132 69.30 23.11 15.93
N ALA J 133 68.88 21.95 15.45
CA ALA J 133 67.45 21.67 15.44
C ALA J 133 66.97 21.16 16.79
N GLU J 134 67.68 20.17 17.35
CA GLU J 134 67.27 19.59 18.62
C GLU J 134 67.52 20.50 19.81
N ARG J 135 68.25 21.59 19.61
CA ARG J 135 68.47 22.58 20.65
C ARG J 135 67.41 23.65 20.67
N LEU J 136 66.48 23.61 19.72
CA LEU J 136 65.48 24.66 19.60
C LEU J 136 64.05 24.16 19.60
N GLN J 137 63.84 22.84 19.66
CA GLN J 137 62.49 22.30 19.59
C GLN J 137 61.69 22.65 20.84
N ASP J 138 62.37 22.80 21.97
CA ASP J 138 61.76 23.48 23.12
C ASP J 138 61.43 24.92 22.76
N LEU J 139 62.40 25.62 22.16
CA LEU J 139 62.26 27.05 21.95
C LEU J 139 61.28 27.38 20.83
N VAL J 140 61.04 26.44 19.92
CA VAL J 140 60.00 26.67 18.92
C VAL J 140 58.62 26.54 19.54
N THR J 141 58.36 25.40 20.19
CA THR J 141 57.01 25.07 20.64
C THR J 141 56.55 25.96 21.79
N GLN J 142 57.47 26.54 22.56
CA GLN J 142 57.08 27.53 23.54
C GLN J 142 56.54 28.79 22.87
N THR J 143 57.27 29.30 21.88
CA THR J 143 56.80 30.45 21.13
C THR J 143 55.59 30.11 20.27
N GLU J 144 55.54 28.87 19.75
CA GLU J 144 54.40 28.44 18.97
C GLU J 144 53.14 28.35 19.82
N SER J 145 53.31 27.99 21.10
CA SER J 145 52.19 28.05 22.02
C SER J 145 51.76 29.50 22.27
N GLN J 146 52.73 30.41 22.35
CA GLN J 146 52.45 31.82 22.60
C GLN J 146 51.64 32.44 21.47
N LYS J 147 51.82 31.96 20.25
CA LYS J 147 50.99 32.40 19.14
C LYS J 147 49.54 31.98 19.36
N THR J 148 49.34 30.74 19.81
CA THR J 148 48.00 30.27 20.10
C THR J 148 47.44 30.85 21.39
N GLU J 149 48.30 31.36 22.27
CA GLU J 149 47.82 32.04 23.48
C GLU J 149 47.03 33.27 23.14
N LEU J 150 47.50 34.05 22.18
CA LEU J 150 46.99 35.40 21.98
C LEU J 150 45.86 35.46 20.97
N GLN J 151 45.86 34.57 19.98
CA GLN J 151 44.70 34.48 19.11
C GLN J 151 43.49 33.92 19.84
N SER J 152 43.72 33.15 20.91
CA SER J 152 42.66 32.79 21.82
C SER J 152 42.25 33.93 22.74
N ASP J 153 42.97 35.05 22.72
CA ASP J 153 42.52 36.28 23.38
C ASP J 153 41.95 37.29 22.40
N ILE J 154 42.22 37.12 21.11
CA ILE J 154 41.53 37.89 20.08
C ILE J 154 40.05 37.58 20.07
N ASP J 155 39.71 36.30 20.22
CA ASP J 155 38.31 35.87 20.13
C ASP J 155 37.39 36.45 21.20
N PRO J 156 37.77 36.62 22.48
CA PRO J 156 36.90 37.41 23.36
C PRO J 156 36.80 38.86 22.96
N LYS J 157 37.90 39.48 22.56
CA LYS J 157 37.88 40.90 22.28
C LYS J 157 37.17 41.22 20.97
N THR J 158 37.17 40.29 20.02
CA THR J 158 36.36 40.50 18.83
C THR J 158 34.88 40.29 19.11
N GLU J 159 34.56 39.45 20.09
CA GLU J 159 33.16 39.26 20.46
C GLU J 159 32.67 40.36 21.39
N LYS J 160 33.48 40.74 22.38
CA LYS J 160 33.09 41.78 23.31
C LYS J 160 32.92 43.12 22.62
N ARG J 161 33.75 43.40 21.61
CA ARG J 161 33.51 44.56 20.76
C ARG J 161 32.21 44.40 19.99
N ASN J 162 31.95 43.20 19.49
CA ASN J 162 30.74 42.97 18.71
C ASN J 162 29.50 42.91 19.59
N LYS J 163 29.65 42.61 20.88
CA LYS J 163 28.52 42.73 21.79
C LYS J 163 28.13 44.17 21.99
N LEU J 164 29.11 45.04 22.21
CA LEU J 164 28.84 46.45 22.51
C LEU J 164 28.40 47.23 21.28
N ASP J 165 28.56 46.67 20.08
CA ASP J 165 28.07 47.35 18.89
C ASP J 165 26.56 47.44 18.88
N ALA J 166 25.88 46.38 19.29
CA ALA J 166 24.42 46.44 19.37
C ALA J 166 23.96 47.27 20.55
N ASP J 167 24.66 47.16 21.69
CA ASP J 167 24.29 47.91 22.87
C ASP J 167 24.57 49.39 22.73
N ARG J 168 25.50 49.77 21.87
CA ARG J 168 25.58 51.17 21.46
C ARG J 168 24.34 51.58 20.68
N GLU J 169 23.99 50.78 19.66
CA GLU J 169 22.93 51.19 18.75
C GLU J 169 21.55 51.11 19.36
N LYS J 170 21.36 50.30 20.40
CA LYS J 170 20.09 50.34 21.13
C LYS J 170 19.90 51.67 21.84
N ILE J 171 20.99 52.27 22.32
CA ILE J 171 20.92 53.61 22.87
C ILE J 171 20.61 54.63 21.77
N ILE J 172 21.20 54.42 20.59
CA ILE J 172 21.00 55.32 19.46
C ILE J 172 19.55 55.30 19.00
N GLU J 173 18.94 54.10 18.98
CA GLU J 173 17.53 53.99 18.62
C GLU J 173 16.65 54.67 19.65
N SER J 174 17.02 54.59 20.93
CA SER J 174 16.28 55.30 21.94
C SER J 174 16.61 56.78 21.97
N GLN J 175 17.78 57.19 21.48
CA GLN J 175 18.02 58.62 21.31
C GLN J 175 17.26 59.19 20.13
N ASP J 176 16.90 58.37 19.14
CA ASP J 176 16.19 58.87 17.98
C ASP J 176 14.76 59.27 18.29
N VAL J 177 14.16 58.69 19.33
CA VAL J 177 12.84 59.11 19.77
C VAL J 177 12.89 60.53 20.32
N ILE J 178 13.92 60.83 21.11
CA ILE J 178 14.06 62.16 21.66
C ILE J 178 14.56 63.12 20.58
N ARG J 179 15.28 62.59 19.59
CA ARG J 179 15.73 63.38 18.44
C ARG J 179 14.56 63.87 17.60
N GLN J 180 13.44 63.15 17.63
CA GLN J 180 12.43 63.22 16.58
C GLN J 180 11.75 64.58 16.52
N ASN J 181 11.67 65.30 17.64
CA ASN J 181 11.18 66.66 17.60
C ASN J 181 12.34 67.65 17.63
N ASN J 182 12.15 68.77 16.93
CA ASN J 182 13.24 69.67 16.59
C ASN J 182 13.36 70.77 17.62
N ILE J 183 14.12 71.81 17.26
CA ILE J 183 14.21 73.02 18.07
C ILE J 183 12.87 73.73 18.09
N ALA J 184 12.29 73.95 16.93
CA ALA J 184 11.08 74.75 16.85
C ALA J 184 9.81 73.96 16.96
N ASP J 185 9.86 72.62 16.85
CA ASP J 185 8.74 71.81 17.31
C ASP J 185 8.49 72.02 18.79
N MET J 186 9.58 72.10 19.55
CA MET J 186 9.53 72.45 20.96
C MET J 186 8.96 73.85 21.14
N PHE J 187 9.43 74.83 20.35
CA PHE J 187 8.87 76.16 20.38
C PHE J 187 7.43 76.20 19.90
N LYS J 188 7.05 75.29 18.99
CA LYS J 188 5.65 75.19 18.59
C LYS J 188 4.79 74.72 19.75
N ASP J 189 5.35 73.88 20.62
CA ASP J 189 4.60 73.39 21.75
C ASP J 189 4.42 74.45 22.82
N PHE J 190 5.38 75.38 22.97
CA PHE J 190 5.28 76.37 24.04
C PHE J 190 4.13 77.34 23.79
N ILE J 191 3.85 77.66 22.54
CA ILE J 191 2.60 78.37 22.27
C ILE J 191 1.45 77.40 22.48
N PRO J 192 0.43 77.78 23.24
CA PRO J 192 -0.69 76.85 23.49
C PRO J 192 -1.71 76.81 22.37
N SER J 193 -1.30 77.25 21.17
CA SER J 193 -2.11 77.20 19.96
C SER J 193 -2.70 75.81 19.70
N ALA J 194 -3.87 75.82 19.05
CA ALA J 194 -4.94 74.81 18.95
C ALA J 194 -5.70 74.68 20.27
N LYS J 195 -5.26 75.40 21.30
CA LYS J 195 -6.00 75.62 22.53
C LYS J 195 -5.86 77.04 23.03
N ASP J 196 -5.14 77.91 22.31
CA ASP J 196 -4.86 79.25 22.81
C ASP J 196 -6.05 80.17 22.57
N ILE J 197 -6.72 80.00 21.44
CA ILE J 197 -8.06 80.58 21.28
C ILE J 197 -8.99 80.01 22.33
N ASP J 198 -8.91 78.69 22.55
CA ASP J 198 -9.64 78.05 23.63
C ASP J 198 -9.12 78.51 25.00
N GLY J 199 -7.86 78.92 25.08
CA GLY J 199 -7.36 79.58 26.27
C GLY J 199 -8.01 80.93 26.54
N LEU J 200 -8.53 81.57 25.49
CA LEU J 200 -9.33 82.77 25.64
C LEU J 200 -10.80 82.55 25.33
N ASP J 201 -11.20 81.36 24.88
CA ASP J 201 -12.63 81.06 24.75
C ASP J 201 -13.24 80.75 26.10
N PHE J 202 -12.64 79.83 26.84
CA PHE J 202 -13.16 79.44 28.15
C PHE J 202 -12.91 80.50 29.23
N THR J 203 -12.04 81.47 28.96
CA THR J 203 -11.69 82.51 29.93
C THR J 203 -12.12 83.88 29.43
N GLN J 204 -13.33 83.97 28.88
CA GLN J 204 -13.87 85.29 28.49
C GLN J 204 -14.30 86.16 29.67
N PRO J 205 -15.03 85.68 30.69
CA PRO J 205 -15.33 86.58 31.82
C PRO J 205 -14.16 86.84 32.76
N LYS J 206 -13.03 86.15 32.60
CA LYS J 206 -11.88 86.32 33.46
C LYS J 206 -10.97 87.46 33.01
N LYS J 207 -11.42 88.33 32.11
CA LYS J 207 -10.61 89.47 31.71
C LYS J 207 -10.47 90.49 32.83
N GLU J 208 -11.43 90.52 33.75
CA GLU J 208 -11.25 91.26 34.99
C GLU J 208 -10.36 90.51 35.97
N ALA J 209 -10.20 89.21 35.81
CA ALA J 209 -9.40 88.41 36.72
C ALA J 209 -7.94 88.44 36.31
N ILE J 210 -7.07 88.66 37.29
CA ILE J 210 -5.63 88.53 37.07
C ILE J 210 -5.28 87.06 36.83
N LYS J 211 -6.02 86.15 37.46
CA LYS J 211 -5.76 84.71 37.44
C LYS J 211 -6.03 84.06 36.09
N GLN J 212 -6.57 84.79 35.10
CA GLN J 212 -6.61 84.28 33.74
C GLN J 212 -5.21 84.05 33.19
N ALA J 213 -4.28 84.95 33.52
CA ALA J 213 -2.90 84.77 33.10
C ALA J 213 -2.23 83.62 33.85
N ILE J 214 -2.72 83.28 35.04
CA ILE J 214 -2.23 82.10 35.74
C ILE J 214 -2.71 80.85 35.03
N LYS J 215 -3.96 80.87 34.56
CA LYS J 215 -4.47 79.80 33.70
C LYS J 215 -3.66 79.71 32.41
N GLN J 216 -3.30 80.87 31.85
CA GLN J 216 -2.31 80.93 30.78
C GLN J 216 -0.96 80.42 31.26
N GLY J 217 -0.53 80.86 32.45
CA GLY J 217 0.75 80.47 32.99
C GLY J 217 0.83 79.04 33.48
N ALA J 218 -0.31 78.34 33.55
CA ALA J 218 -0.33 76.99 34.11
C ALA J 218 0.31 75.99 33.15
N GLU J 219 -0.22 75.89 31.94
CA GLU J 219 0.21 74.83 31.04
C GLU J 219 1.61 75.09 30.48
N ILE J 220 1.99 76.36 30.35
CA ILE J 220 3.36 76.65 29.93
C ILE J 220 4.35 76.26 31.02
N ALA J 221 3.96 76.40 32.28
CA ALA J 221 4.80 75.93 33.37
C ALA J 221 4.85 74.42 33.45
N ARG J 222 3.82 73.74 32.93
CA ARG J 222 3.89 72.28 32.82
C ARG J 222 4.88 71.87 31.74
N LYS J 223 4.62 72.34 30.51
CA LYS J 223 5.28 71.80 29.34
C LYS J 223 6.75 72.20 29.27
N ILE J 224 7.13 73.26 29.98
CA ILE J 224 8.56 73.57 30.11
C ILE J 224 9.27 72.49 30.91
N LEU J 225 8.58 71.86 31.85
CA LEU J 225 9.21 70.82 32.67
C LEU J 225 9.23 69.48 31.94
N GLY J 226 8.18 69.17 31.19
CA GLY J 226 8.12 67.90 30.49
C GLY J 226 9.18 67.77 29.42
N LYS J 227 9.59 68.87 28.82
CA LYS J 227 10.66 68.81 27.85
C LYS J 227 12.03 68.74 28.53
N VAL J 228 12.13 69.23 29.77
CA VAL J 228 13.37 69.08 30.53
C VAL J 228 13.63 67.61 30.83
N SER J 229 12.63 66.92 31.37
CA SER J 229 12.81 65.53 31.77
C SER J 229 13.02 64.60 30.59
N GLU J 230 12.39 64.90 29.46
CA GLU J 230 12.66 64.15 28.23
C GLU J 230 14.11 64.32 27.83
N GLY J 231 14.63 65.54 27.89
CA GLY J 231 16.04 65.73 27.69
C GLY J 231 16.88 65.27 28.85
N LEU J 232 16.32 65.18 30.04
CA LEU J 232 17.10 64.68 31.15
C LEU J 232 17.24 63.18 31.07
N LYS J 233 16.24 62.50 30.49
CA LYS J 233 16.44 61.11 30.07
C LYS J 233 17.57 61.01 29.07
N TYR J 234 17.59 61.94 28.10
CA TYR J 234 18.61 61.98 27.07
C TYR J 234 19.99 62.25 27.63
N ILE J 235 20.09 62.88 28.81
CA ILE J 235 21.38 63.04 29.47
C ILE J 235 21.91 61.69 29.93
N ASP J 236 21.11 60.97 30.72
CA ASP J 236 21.55 59.67 31.23
C ASP J 236 21.63 58.64 30.12
N LEU J 237 20.88 58.84 29.04
CA LEU J 237 20.97 57.94 27.90
C LEU J 237 22.28 58.13 27.17
N ALA J 238 22.72 59.38 27.03
CA ALA J 238 23.97 59.65 26.32
C ALA J 238 25.18 59.27 27.15
N ASP J 239 25.13 59.53 28.46
CA ASP J 239 26.28 59.27 29.32
C ASP J 239 26.54 57.78 29.48
N ALA J 240 25.51 56.95 29.32
CA ALA J 240 25.75 55.53 29.17
C ALA J 240 26.52 55.26 27.88
N ARG J 241 26.05 55.82 26.77
CA ARG J 241 26.67 55.61 25.46
C ARG J 241 28.05 56.24 25.40
N MET J 242 28.21 57.41 26.05
CA MET J 242 29.52 58.02 26.18
C MET J 242 30.49 57.10 26.91
N LYS J 243 29.99 56.43 27.95
CA LYS J 243 30.80 55.40 28.59
C LYS J 243 30.91 54.16 27.72
N LEU J 244 29.84 53.83 27.01
CA LEU J 244 29.83 52.59 26.23
C LEU J 244 30.73 52.70 25.01
N SER J 245 30.87 53.91 24.46
CA SER J 245 31.83 54.11 23.38
C SER J 245 33.25 53.99 23.88
N ASP J 246 33.51 54.43 25.11
CA ASP J 246 34.87 54.37 25.67
C ASP J 246 35.30 52.95 25.95
N GLN J 247 34.34 52.05 26.18
CA GLN J 247 34.65 50.64 26.30
C GLN J 247 35.22 50.09 25.00
N ILE J 248 34.60 50.45 23.87
CA ILE J 248 35.09 49.99 22.57
C ILE J 248 36.41 50.67 22.24
N ASP J 249 36.61 51.90 22.72
CA ASP J 249 37.87 52.61 22.50
C ASP J 249 39.03 51.90 23.19
N GLN J 250 38.79 51.37 24.39
CA GLN J 250 39.79 50.54 25.03
C GLN J 250 39.97 49.23 24.28
N LEU J 251 38.85 48.62 23.87
CA LEU J 251 38.88 47.31 23.22
C LEU J 251 39.63 47.33 21.90
N ILE J 252 39.45 48.36 21.09
CA ILE J 252 40.21 48.49 19.86
C ILE J 252 41.68 48.75 20.17
N THR J 253 41.95 49.50 21.24
CA THR J 253 43.32 49.72 21.66
C THR J 253 43.95 48.44 22.20
N GLU J 254 43.19 47.67 22.98
CA GLU J 254 43.73 46.44 23.55
C GLU J 254 43.90 45.34 22.51
N THR J 255 43.14 45.37 21.41
CA THR J 255 43.35 44.38 20.36
C THR J 255 44.67 44.62 19.64
N ASP J 256 44.87 45.83 19.13
CA ASP J 256 46.02 46.09 18.27
C ASP J 256 47.32 46.08 19.05
N GLU J 257 47.27 46.42 20.34
CA GLU J 257 48.41 46.19 21.21
C GLU J 257 48.70 44.69 21.32
N LEU J 258 47.65 43.88 21.46
CA LEU J 258 47.83 42.44 21.46
C LEU J 258 48.08 41.91 20.07
N LYS J 259 47.54 42.57 19.03
CA LYS J 259 47.83 42.15 17.67
C LYS J 259 49.25 42.55 17.27
N ALA J 260 49.83 43.52 17.98
CA ALA J 260 51.27 43.76 17.84
C ALA J 260 52.08 42.65 18.47
N LYS J 261 51.53 41.93 19.44
CA LYS J 261 52.29 40.86 20.08
C LYS J 261 52.43 39.65 19.17
N ILE J 262 51.35 39.28 18.46
CA ILE J 262 51.46 38.14 17.55
C ILE J 262 52.32 38.46 16.35
N ARG J 263 52.53 39.74 16.06
CA ARG J 263 53.50 40.13 15.05
C ARG J 263 54.90 39.69 15.46
N GLU J 264 55.30 39.99 16.69
CA GLU J 264 56.64 39.65 17.15
C GLU J 264 56.83 38.15 17.30
N VAL J 265 55.77 37.44 17.68
CA VAL J 265 55.84 35.99 17.77
C VAL J 265 56.02 35.38 16.39
N GLU J 266 55.20 35.83 15.43
CA GLU J 266 55.32 35.34 14.07
C GLU J 266 56.63 35.78 13.43
N LEU J 267 57.12 36.97 13.78
CA LEU J 267 58.45 37.38 13.34
C LEU J 267 59.52 36.50 13.95
N ARG J 268 59.30 36.02 15.17
CA ARG J 268 60.26 35.10 15.77
C ARG J 268 60.12 33.71 15.19
N LEU J 269 58.88 33.19 15.13
CA LEU J 269 58.64 31.81 14.72
C LEU J 269 59.05 31.57 13.27
N SER J 270 58.81 32.56 12.40
CA SER J 270 59.31 32.45 11.04
C SER J 270 60.82 32.50 10.99
N GLY J 271 61.44 33.26 11.88
CA GLY J 271 62.89 33.25 11.98
C GLY J 271 63.41 31.93 12.51
N LEU J 272 62.66 31.29 13.39
CA LEU J 272 63.10 30.01 13.94
C LEU J 272 62.91 28.87 12.95
N LYS J 273 61.82 28.90 12.17
CA LYS J 273 61.63 27.89 11.15
C LYS J 273 62.66 28.03 10.04
N ASP J 274 63.19 29.23 9.85
CA ASP J 274 64.33 29.41 8.95
C ASP J 274 65.54 28.66 9.47
N VAL J 275 65.75 28.66 10.78
CA VAL J 275 66.86 27.92 11.36
C VAL J 275 66.58 26.42 11.27
N MET J 276 65.31 26.03 11.38
CA MET J 276 64.97 24.62 11.28
C MET J 276 65.17 24.07 9.88
N GLN J 277 65.08 24.92 8.86
CA GLN J 277 65.37 24.45 7.51
C GLN J 277 66.85 24.31 7.24
N ILE J 278 67.70 24.96 8.05
CA ILE J 278 69.14 24.88 7.85
C ILE J 278 69.63 23.46 8.08
N ASP J 279 69.11 22.80 9.11
CA ASP J 279 69.52 21.43 9.39
C ASP J 279 69.05 20.47 8.31
N THR J 280 67.92 20.77 7.66
CA THR J 280 67.44 19.92 6.58
C THR J 280 68.39 20.00 5.38
N GLU J 281 68.83 21.20 5.04
CA GLU J 281 69.80 21.33 3.96
C GLU J 281 71.22 21.08 4.41
N ARG J 282 71.49 21.07 5.71
CA ARG J 282 72.80 20.63 6.17
C ARG J 282 72.98 19.15 5.92
N THR J 283 71.90 18.37 6.02
CA THR J 283 71.99 16.95 5.70
C THR J 283 72.21 16.72 4.21
N THR J 284 71.51 17.45 3.36
CA THR J 284 71.71 17.29 1.92
C THR J 284 73.08 17.79 1.49
N LEU J 285 73.63 18.77 2.21
CA LEU J 285 75.01 19.17 1.98
C LEU J 285 75.98 18.07 2.38
N LEU J 286 75.82 17.53 3.58
CA LEU J 286 76.85 16.66 4.10
C LEU J 286 76.78 15.26 3.54
N THR J 287 75.57 14.68 3.43
CA THR J 287 75.43 13.31 2.90
C THR J 287 75.88 13.22 1.45
N GLU J 288 75.80 14.31 0.72
CA GLU J 288 76.48 14.37 -0.56
C GLU J 288 77.99 14.48 -0.39
N ALA J 289 78.45 15.33 0.53
CA ALA J 289 79.87 15.53 0.71
C ALA J 289 80.56 14.37 1.43
N VAL J 290 79.79 13.56 2.19
CA VAL J 290 80.33 12.33 2.74
C VAL J 290 80.68 11.35 1.63
N LYS J 291 79.85 11.32 0.56
CA LYS J 291 80.13 10.50 -0.61
C LYS J 291 81.39 10.91 -1.34
N ILE J 292 81.85 12.14 -1.12
CA ILE J 292 83.02 12.63 -1.82
C ILE J 292 84.30 12.36 -1.05
N GLU J 293 84.25 12.40 0.29
CA GLU J 293 85.40 12.02 1.11
C GLU J 293 85.87 10.60 0.84
N GLN J 294 84.93 9.70 0.55
CA GLN J 294 85.28 8.32 0.27
C GLN J 294 86.15 8.23 -0.99
N VAL J 295 85.68 8.79 -2.09
CA VAL J 295 86.42 8.70 -3.34
C VAL J 295 87.62 9.63 -3.39
N TRP J 296 87.80 10.50 -2.40
CA TRP J 296 89.13 11.06 -2.24
C TRP J 296 90.06 10.06 -1.58
N ILE J 297 89.61 9.44 -0.48
CA ILE J 297 90.48 8.58 0.31
C ILE J 297 90.68 7.23 -0.37
N SER J 298 89.59 6.62 -0.86
CA SER J 298 89.68 5.30 -1.48
C SER J 298 90.51 5.33 -2.74
N PHE J 299 90.56 6.48 -3.42
CA PHE J 299 91.56 6.68 -4.46
C PHE J 299 92.96 6.72 -3.85
N ALA J 300 93.17 7.61 -2.89
CA ALA J 300 94.50 7.87 -2.36
C ALA J 300 95.08 6.68 -1.61
N GLU J 301 94.22 5.87 -0.99
CA GLU J 301 94.67 4.61 -0.42
C GLU J 301 95.10 3.65 -1.53
N GLN J 302 94.29 3.54 -2.58
CA GLN J 302 94.64 2.69 -3.71
C GLN J 302 95.82 3.26 -4.48
N LEU J 303 95.97 4.58 -4.49
CA LEU J 303 97.10 5.17 -5.20
C LEU J 303 98.39 4.99 -4.41
N HIS J 304 98.32 5.09 -3.08
CA HIS J 304 99.50 4.80 -2.29
C HIS J 304 99.79 3.31 -2.22
N LYS J 305 98.79 2.47 -2.51
CA LYS J 305 99.04 1.04 -2.68
C LYS J 305 99.94 0.78 -3.87
N LEU J 306 99.81 1.57 -4.93
CA LEU J 306 100.66 1.37 -6.09
C LEU J 306 102.04 1.96 -5.86
N SER J 307 102.15 2.98 -5.00
CA SER J 307 103.44 3.55 -4.66
C SER J 307 104.28 2.64 -3.79
N ASN J 308 103.70 1.57 -3.26
CA ASN J 308 104.50 0.54 -2.60
C ASN J 308 105.34 -0.22 -3.62
N ASP J 309 104.70 -0.75 -4.66
CA ASP J 309 105.39 -1.60 -5.61
C ASP J 309 106.21 -0.81 -6.63
N GLU J 310 105.74 0.39 -6.98
CA GLU J 310 106.44 1.33 -7.88
C GLU J 310 106.65 0.72 -9.27
N ILE J 311 105.70 -0.06 -9.72
CA ILE J 311 105.78 -0.70 -11.03
C ILE J 311 105.27 0.29 -12.06
N ASN J 312 105.82 0.21 -13.27
CA ASN J 312 105.49 1.12 -14.37
C ASN J 312 104.30 0.64 -15.18
N GLN J 313 103.36 -0.07 -14.54
CA GLN J 313 102.15 -0.55 -15.19
C GLN J 313 101.31 0.59 -15.75
N GLN J 314 100.49 0.27 -16.73
CA GLN J 314 99.55 1.23 -17.28
C GLN J 314 98.14 0.96 -16.80
N ASP J 315 97.98 -0.01 -15.89
CA ASP J 315 96.79 -0.05 -15.03
C ASP J 315 96.82 1.10 -14.04
N LEU J 316 98.02 1.58 -13.69
CA LEU J 316 98.19 2.85 -13.00
C LEU J 316 97.46 3.98 -13.71
N SER J 317 97.84 4.23 -14.96
CA SER J 317 97.20 5.29 -15.74
C SER J 317 95.75 4.94 -16.08
N ASN J 318 95.40 3.66 -16.09
CA ASN J 318 94.00 3.28 -16.16
C ASN J 318 93.29 3.64 -14.87
N LEU J 319 93.95 3.48 -13.73
CA LEU J 319 93.31 3.82 -12.46
C LEU J 319 93.21 5.32 -12.27
N ILE J 320 94.15 6.08 -12.82
CA ILE J 320 94.02 7.54 -12.78
C ILE J 320 92.87 7.97 -13.67
N ASN J 321 92.69 7.28 -14.81
CA ASN J 321 91.75 7.71 -15.84
C ASN J 321 90.31 7.66 -15.35
N GLY J 322 89.97 6.63 -14.55
CA GLY J 322 88.65 6.60 -13.95
C GLY J 322 88.46 7.69 -12.91
N GLN J 323 89.52 7.98 -12.15
CA GLN J 323 89.46 9.10 -11.21
C GLN J 323 89.47 10.43 -11.93
N LEU J 324 90.33 10.57 -12.96
CA LEU J 324 90.46 11.85 -13.65
C LEU J 324 89.19 12.18 -14.42
N ASP J 325 88.51 11.16 -14.95
CA ASP J 325 87.21 11.41 -15.59
C ASP J 325 86.17 11.79 -14.56
N PHE J 326 86.15 11.08 -13.42
CA PHE J 326 85.26 11.41 -12.31
C PHE J 326 85.49 12.83 -11.81
N LEU J 327 86.76 13.21 -11.68
CA LEU J 327 87.06 14.59 -11.29
C LEU J 327 86.64 15.55 -12.38
N ASN J 328 86.87 15.19 -13.64
CA ASN J 328 86.43 16.03 -14.74
C ASN J 328 84.91 16.04 -14.86
N ASN J 329 84.26 14.92 -14.51
CA ASN J 329 82.81 14.91 -14.35
C ASN J 329 82.39 15.90 -13.28
N LEU J 330 83.14 15.95 -12.18
CA LEU J 330 82.74 16.78 -11.07
C LEU J 330 83.06 18.25 -11.33
N THR J 331 84.06 18.54 -12.17
CA THR J 331 84.26 19.92 -12.63
C THR J 331 83.11 20.39 -13.49
N LEU J 332 82.46 19.46 -14.19
CA LEU J 332 81.53 19.84 -15.25
C LEU J 332 80.24 20.42 -14.69
N GLN J 333 79.72 19.87 -13.59
CA GLN J 333 78.46 20.38 -13.08
C GLN J 333 78.64 21.76 -12.44
N TYR J 334 79.85 22.06 -11.96
CA TYR J 334 80.12 23.45 -11.58
C TYR J 334 80.18 24.35 -12.79
N ASN J 335 80.64 23.83 -13.92
CA ASN J 335 80.67 24.63 -15.13
C ASN J 335 79.33 24.64 -15.84
N LYS J 336 78.53 23.60 -15.65
CA LYS J 336 77.16 23.57 -16.18
C LYS J 336 76.15 23.94 -15.09
N LEU J 337 76.59 24.65 -14.06
CA LEU J 337 75.67 25.06 -13.00
C LEU J 337 74.71 26.12 -13.51
N LYS J 338 75.23 27.04 -14.34
CA LYS J 338 74.44 27.82 -15.29
C LYS J 338 73.38 28.74 -14.67
N TYR K 1 15.72 -1.07 -81.43
CA TYR K 1 14.36 -0.53 -81.60
C TYR K 1 13.42 -0.67 -80.39
N PRO K 2 13.92 -0.38 -79.17
CA PRO K 2 13.29 -0.97 -77.97
C PRO K 2 11.90 -0.45 -77.59
N GLU K 3 11.73 0.87 -77.42
CA GLU K 3 10.51 1.40 -76.83
C GLU K 3 10.42 2.90 -77.07
N ILE K 4 9.35 3.36 -77.73
CA ILE K 4 9.14 4.78 -78.01
C ILE K 4 7.68 5.09 -77.72
N ASN K 5 7.44 5.87 -76.68
CA ASN K 5 6.10 6.21 -76.21
C ASN K 5 5.80 7.65 -76.63
N ILE K 6 5.32 7.83 -77.87
CA ILE K 6 5.07 9.19 -78.33
C ILE K 6 3.82 9.80 -77.71
N LYS K 7 3.00 8.99 -77.04
CA LYS K 7 1.94 9.54 -76.21
C LYS K 7 2.51 10.40 -75.08
N ALA K 8 3.65 9.98 -74.53
CA ALA K 8 4.35 10.81 -73.56
C ALA K 8 5.09 11.96 -74.22
N MET K 9 5.30 11.90 -75.53
CA MET K 9 6.09 12.88 -76.26
C MET K 9 5.24 13.95 -76.91
N ASN K 10 4.23 13.54 -77.68
CA ASN K 10 3.37 14.51 -78.35
C ASN K 10 2.51 15.27 -77.37
N GLN K 11 2.29 14.73 -76.17
CA GLN K 11 1.82 15.55 -75.07
C GLN K 11 2.89 16.54 -74.66
N ALA K 12 4.13 16.08 -74.49
CA ALA K 12 5.20 16.93 -74.00
C ALA K 12 5.57 18.01 -75.00
N VAL K 13 5.45 17.73 -76.29
CA VAL K 13 5.59 18.79 -77.30
C VAL K 13 4.49 19.81 -77.13
N ASN K 14 3.27 19.33 -76.92
CA ASN K 14 2.11 20.22 -76.88
C ASN K 14 2.11 21.06 -75.62
N THR K 15 2.57 20.49 -74.50
CA THR K 15 2.61 21.26 -73.27
C THR K 15 3.69 22.32 -73.30
N ILE K 16 4.80 22.07 -73.98
CA ILE K 16 5.82 23.10 -74.16
C ILE K 16 5.27 24.28 -74.95
N TRP K 17 4.49 23.99 -76.00
CA TRP K 17 3.78 25.08 -76.67
C TRP K 17 2.70 25.65 -75.76
N LEU K 18 2.08 24.82 -74.93
CA LEU K 18 1.07 25.32 -74.00
C LEU K 18 1.70 26.21 -72.93
N LEU K 19 2.83 25.78 -72.37
CA LEU K 19 3.48 26.60 -71.36
C LEU K 19 4.22 27.80 -71.94
N ALA K 20 4.40 27.85 -73.27
CA ALA K 20 5.05 28.99 -73.89
C ALA K 20 4.16 30.22 -73.81
N GLN K 21 2.90 30.09 -74.23
CA GLN K 21 1.99 31.20 -74.17
C GLN K 21 1.52 31.47 -72.74
N ARG K 22 1.57 30.46 -71.88
CA ARG K 22 0.99 30.56 -70.54
C ARG K 22 1.87 31.35 -69.59
N GLN K 23 3.19 31.35 -69.80
CA GLN K 23 4.13 31.84 -68.80
C GLN K 23 3.99 33.34 -68.57
N THR K 24 4.12 33.73 -67.31
CA THR K 24 3.88 35.09 -66.86
C THR K 24 5.08 35.62 -66.10
N SER K 25 6.26 35.45 -66.69
CA SER K 25 7.48 35.90 -66.04
C SER K 25 7.55 37.41 -65.96
N GLY K 26 7.03 38.12 -66.97
CA GLY K 26 7.12 39.56 -66.98
C GLY K 26 8.52 40.06 -67.25
N ILE K 27 9.30 39.31 -68.00
CA ILE K 27 10.66 39.70 -68.36
C ILE K 27 10.82 39.46 -69.85
N GLU K 28 11.80 40.12 -70.44
CA GLU K 28 11.87 40.25 -71.89
C GLU K 28 12.83 39.27 -72.55
N ILE K 29 13.56 38.47 -71.77
CA ILE K 29 14.59 37.60 -72.31
C ILE K 29 14.22 36.14 -72.18
N ILE K 30 13.54 35.76 -71.09
CA ILE K 30 12.84 34.49 -71.06
C ILE K 30 11.75 34.47 -72.13
N ASN K 31 11.16 35.64 -72.41
CA ASN K 31 10.11 35.75 -73.41
C ASN K 31 10.62 35.42 -74.82
N ASP K 32 11.92 35.59 -75.07
CA ASP K 32 12.51 35.06 -76.29
C ASP K 32 13.49 33.93 -76.00
N LYS K 33 13.52 33.44 -74.75
CA LYS K 33 14.08 32.11 -74.57
C LYS K 33 13.08 31.04 -74.94
N VAL K 34 11.86 31.16 -74.42
CA VAL K 34 10.88 30.11 -74.57
C VAL K 34 10.34 30.08 -75.99
N LYS K 35 10.20 31.26 -76.60
CA LYS K 35 9.71 31.37 -77.97
C LYS K 35 10.63 30.67 -78.95
N ARG K 36 11.93 30.70 -78.69
CA ARG K 36 12.87 29.98 -79.54
C ARG K 36 12.87 28.50 -79.23
N ILE K 37 12.62 28.12 -77.97
CA ILE K 37 12.53 26.71 -77.63
C ILE K 37 11.26 26.11 -78.21
N SER K 38 10.14 26.82 -78.04
CA SER K 38 8.85 26.23 -78.36
C SER K 38 8.63 26.15 -79.86
N ALA K 39 9.11 27.14 -80.60
CA ALA K 39 9.00 27.08 -82.06
C ALA K 39 9.88 26.01 -82.66
N TYR K 40 10.93 25.59 -81.95
CA TYR K 40 11.64 24.40 -82.36
C TYR K 40 10.79 23.15 -82.14
N SER K 41 10.21 23.02 -80.94
CA SER K 41 9.58 21.77 -80.54
C SER K 41 8.32 21.50 -81.35
N ARG K 42 7.58 22.56 -81.68
CA ARG K 42 6.45 22.40 -82.59
C ARG K 42 6.91 21.95 -83.97
N GLU K 43 7.94 22.62 -84.50
CA GLU K 43 8.53 22.18 -85.77
C GLU K 43 9.22 20.84 -85.64
N PHE K 44 9.63 20.46 -84.44
CA PHE K 44 10.21 19.14 -84.26
C PHE K 44 9.17 18.05 -84.40
N ASP K 45 7.96 18.30 -83.88
CA ASP K 45 6.90 17.31 -84.01
C ASP K 45 6.42 17.20 -85.45
N GLU K 46 6.33 18.35 -86.14
CA GLU K 46 5.93 18.37 -87.53
C GLU K 46 6.93 17.63 -88.40
N MET K 47 8.21 17.93 -88.21
CA MET K 47 9.24 17.35 -89.05
C MET K 47 9.46 15.89 -88.74
N MET K 48 9.09 15.44 -87.55
CA MET K 48 9.15 14.00 -87.30
C MET K 48 8.01 13.28 -88.01
N ARG K 49 6.80 13.83 -87.93
CA ARG K 49 5.66 13.24 -88.63
C ARG K 49 5.86 13.28 -90.13
N ASP K 50 6.43 14.36 -90.65
CA ASP K 50 6.69 14.45 -92.08
C ASP K 50 7.77 13.47 -92.51
N SER K 51 8.79 13.29 -91.68
CA SER K 51 9.75 12.23 -91.94
C SER K 51 9.13 10.87 -91.73
N LEU K 52 8.15 10.78 -90.83
CA LEU K 52 7.44 9.51 -90.65
C LEU K 52 6.55 9.21 -91.85
N ALA K 53 5.99 10.25 -92.47
CA ALA K 53 5.12 10.04 -93.62
C ALA K 53 5.91 9.89 -94.90
N GLN K 54 7.07 10.53 -95.03
CA GLN K 54 7.82 10.45 -96.27
C GLN K 54 8.79 9.29 -96.32
N LEU K 55 8.80 8.42 -95.31
CA LEU K 55 9.68 7.26 -95.31
C LEU K 55 8.95 5.94 -95.32
N ALA K 56 7.68 5.90 -94.94
CA ALA K 56 6.89 4.68 -95.08
C ALA K 56 6.72 4.22 -96.53
N PRO K 57 6.36 5.05 -97.52
CA PRO K 57 6.20 4.49 -98.86
C PRO K 57 7.50 4.16 -99.55
N VAL K 58 8.60 4.83 -99.20
CA VAL K 58 9.84 4.60 -99.91
C VAL K 58 10.49 3.29 -99.47
N LEU K 59 10.15 2.78 -98.28
CA LEU K 59 10.65 1.47 -97.88
C LEU K 59 9.96 0.36 -98.65
N LYS K 60 8.65 0.48 -98.87
CA LYS K 60 7.93 -0.55 -99.59
C LYS K 60 8.28 -0.58 -101.08
N GLN K 61 8.86 0.51 -101.59
CA GLN K 61 9.46 0.48 -102.92
C GLN K 61 10.66 -0.44 -102.98
N LEU K 62 11.31 -0.70 -101.86
CA LEU K 62 12.47 -1.58 -101.83
C LEU K 62 12.09 -3.02 -101.53
N THR K 63 11.01 -3.25 -100.78
CA THR K 63 10.63 -4.61 -100.42
C THR K 63 10.07 -5.37 -101.61
N SER K 64 8.96 -4.89 -102.16
CA SER K 64 8.26 -5.57 -103.24
C SER K 64 8.67 -5.10 -104.62
N ASP K 65 9.94 -4.71 -104.77
CA ASP K 65 10.45 -4.32 -106.08
C ASP K 65 10.45 -5.51 -107.04
N ALA K 66 10.83 -6.69 -106.55
CA ALA K 66 10.74 -7.98 -107.23
C ALA K 66 11.51 -8.03 -108.55
N ALA K 67 12.50 -7.15 -108.71
CA ALA K 67 13.31 -7.15 -109.91
C ALA K 67 14.33 -8.26 -109.90
N PHE K 68 14.70 -8.76 -108.72
CA PHE K 68 15.53 -9.95 -108.63
C PHE K 68 14.80 -11.18 -109.15
N GLN K 69 13.47 -11.20 -109.02
CA GLN K 69 12.68 -12.27 -109.63
C GLN K 69 12.71 -12.19 -111.15
N THR K 70 12.80 -10.98 -111.70
CA THR K 70 12.98 -10.85 -113.13
C THR K 70 14.39 -11.24 -113.55
N ILE K 71 15.36 -11.11 -112.65
CA ILE K 71 16.69 -11.66 -112.89
C ILE K 71 16.62 -13.18 -112.88
N ALA K 72 15.77 -13.75 -112.03
CA ALA K 72 15.57 -15.19 -112.01
C ALA K 72 14.90 -15.70 -113.28
N GLN K 73 14.13 -14.84 -113.97
CA GLN K 73 13.66 -15.18 -115.30
C GLN K 73 14.80 -15.19 -116.31
N ILE K 74 15.78 -14.32 -116.12
CA ILE K 74 16.97 -14.34 -116.98
C ILE K 74 17.87 -15.51 -116.60
N ASP K 75 17.83 -15.94 -115.33
CA ASP K 75 18.66 -17.05 -114.88
C ASP K 75 18.23 -18.37 -115.49
N GLU K 76 16.94 -18.53 -115.79
CA GLU K 76 16.52 -19.67 -116.58
C GLU K 76 16.77 -19.48 -118.07
N ALA K 77 17.05 -18.26 -118.50
CA ALA K 77 17.32 -17.98 -119.90
C ALA K 77 18.80 -17.91 -120.23
N LEU K 78 19.67 -17.88 -119.22
CA LEU K 78 21.11 -17.81 -119.47
C LEU K 78 21.77 -19.18 -119.49
N ALA K 79 21.73 -19.89 -118.36
CA ALA K 79 22.50 -21.13 -118.26
C ALA K 79 21.73 -22.31 -118.82
N ASP K 80 20.44 -22.37 -118.56
CA ASP K 80 19.61 -23.53 -118.85
C ASP K 80 19.43 -23.83 -120.34
N PRO K 81 19.38 -22.87 -121.27
CA PRO K 81 19.55 -23.25 -122.67
C PRO K 81 21.00 -23.14 -123.14
N SER K 82 21.33 -23.94 -124.14
CA SER K 82 22.55 -23.74 -124.92
C SER K 82 22.27 -22.58 -125.86
N LEU K 83 22.47 -21.37 -125.33
CA LEU K 83 21.85 -20.18 -125.85
C LEU K 83 22.84 -19.39 -126.70
N SER K 84 22.30 -18.53 -127.57
CA SER K 84 23.11 -17.72 -128.46
C SER K 84 23.92 -16.69 -127.67
N LYS K 85 25.24 -16.66 -127.93
CA LYS K 85 26.13 -15.72 -127.27
C LYS K 85 25.85 -14.27 -127.63
N ASP K 86 25.19 -14.03 -128.77
CA ASP K 86 24.67 -12.70 -129.07
C ASP K 86 23.67 -12.26 -128.01
N ASP K 87 22.85 -13.19 -127.53
CA ASP K 87 21.89 -12.86 -126.49
C ASP K 87 22.36 -13.21 -125.08
N ARG K 88 23.28 -14.17 -124.93
CA ARG K 88 23.86 -14.43 -123.62
C ARG K 88 24.63 -13.22 -123.11
N GLU K 89 25.33 -12.53 -124.01
CA GLU K 89 25.94 -11.26 -123.65
C GLU K 89 24.87 -10.20 -123.43
N ALA K 90 23.80 -10.24 -124.22
CA ALA K 90 22.76 -9.21 -124.13
C ALA K 90 21.93 -9.39 -122.87
N LEU K 91 21.59 -10.63 -122.51
CA LEU K 91 20.83 -10.87 -121.28
C LEU K 91 21.63 -10.48 -120.05
N THR K 92 22.93 -10.75 -120.04
CA THR K 92 23.77 -10.29 -118.94
C THR K 92 24.02 -8.78 -119.00
N LEU K 93 23.80 -8.14 -120.15
CA LEU K 93 24.05 -6.71 -120.26
C LEU K 93 23.02 -5.93 -119.48
N GLU K 94 21.72 -6.17 -119.73
CA GLU K 94 20.69 -5.45 -119.00
C GLU K 94 20.59 -5.93 -117.56
N ARG K 95 20.98 -7.19 -117.31
CA ARG K 95 21.13 -7.66 -115.93
C ARG K 95 22.16 -6.84 -115.17
N ASN K 96 23.28 -6.52 -115.81
CA ASN K 96 24.27 -5.66 -115.18
C ASN K 96 23.76 -4.24 -115.01
N ASN K 97 22.89 -3.78 -115.91
CA ASN K 97 22.22 -2.51 -115.69
C ASN K 97 21.25 -2.60 -114.51
N LEU K 98 20.49 -3.68 -114.43
CA LEU K 98 19.37 -3.74 -113.51
C LEU K 98 19.83 -3.97 -112.08
N ILE K 99 20.95 -4.67 -111.87
CA ILE K 99 21.54 -4.76 -110.54
C ILE K 99 22.09 -3.40 -110.13
N GLN K 100 22.74 -2.70 -111.07
CA GLN K 100 23.17 -1.33 -110.80
C GLN K 100 21.98 -0.40 -110.67
N ASN K 101 20.89 -0.66 -111.40
CA ASN K 101 19.66 0.08 -111.16
C ASN K 101 19.07 -0.24 -109.80
N LEU K 102 19.27 -1.48 -109.32
CA LEU K 102 18.85 -1.80 -107.96
C LEU K 102 19.75 -1.11 -106.94
N SER K 103 21.04 -0.99 -107.24
CA SER K 103 21.93 -0.26 -106.35
C SER K 103 21.59 1.22 -106.36
N LYS K 104 21.32 1.78 -107.53
CA LYS K 104 20.85 3.16 -107.62
C LYS K 104 19.45 3.32 -107.06
N HIS K 105 18.65 2.26 -107.01
CA HIS K 105 17.40 2.30 -106.27
C HIS K 105 17.66 2.39 -104.78
N ILE K 106 18.46 1.46 -104.25
CA ILE K 106 18.64 1.38 -102.80
C ILE K 106 19.50 2.53 -102.29
N ASP K 107 20.34 3.13 -103.13
CA ASP K 107 21.08 4.31 -102.69
C ASP K 107 20.24 5.56 -102.74
N ASN K 108 19.29 5.64 -103.68
CA ASN K 108 18.39 6.78 -103.71
C ASN K 108 17.37 6.72 -102.58
N VAL K 109 17.20 5.56 -101.96
CA VAL K 109 16.51 5.50 -100.68
C VAL K 109 17.30 6.28 -99.64
N ILE K 110 18.59 5.98 -99.53
CA ILE K 110 19.44 6.48 -98.43
C ILE K 110 19.57 7.99 -98.50
N VAL K 111 19.64 8.53 -99.72
CA VAL K 111 19.65 9.98 -99.90
C VAL K 111 18.36 10.60 -99.40
N SER K 112 17.22 9.97 -99.75
CA SER K 112 15.96 10.41 -99.18
C SER K 112 15.82 10.00 -97.73
N PHE K 113 16.54 8.98 -97.30
CA PHE K 113 16.44 8.54 -95.91
C PHE K 113 17.30 9.41 -95.01
N THR K 114 18.62 9.39 -95.22
CA THR K 114 19.54 10.17 -94.41
C THR K 114 19.43 11.67 -94.67
N GLY K 115 18.78 12.08 -95.76
CA GLY K 115 18.40 13.48 -95.90
C GLY K 115 17.35 13.94 -94.92
N ARG K 116 16.70 13.03 -94.20
CA ARG K 116 15.78 13.37 -93.13
C ARG K 116 16.31 13.04 -91.75
N THR K 117 17.09 11.97 -91.62
CA THR K 117 17.62 11.59 -90.31
C THR K 117 18.64 12.59 -89.82
N SER K 118 19.61 12.93 -90.68
CA SER K 118 20.56 13.99 -90.36
C SER K 118 19.88 15.33 -90.25
N LYS K 119 18.78 15.51 -90.98
CA LYS K 119 17.97 16.72 -90.83
C LYS K 119 17.26 16.75 -89.50
N LEU K 120 17.08 15.59 -88.86
CA LEU K 120 16.51 15.55 -87.53
C LEU K 120 17.56 15.73 -86.44
N THR K 121 18.78 15.22 -86.68
CA THR K 121 19.84 15.33 -85.68
C THR K 121 20.29 16.77 -85.49
N ASN K 122 20.14 17.59 -86.53
CA ASN K 122 20.36 19.02 -86.37
C ASN K 122 19.32 19.62 -85.44
N LYS K 123 18.09 19.11 -85.48
CA LYS K 123 17.01 19.73 -84.73
C LYS K 123 17.05 19.36 -83.26
N ILE K 124 17.53 18.16 -82.92
CA ILE K 124 17.65 17.81 -81.52
C ILE K 124 18.76 18.62 -80.85
N SER K 125 19.90 18.77 -81.53
CA SER K 125 20.99 19.55 -80.97
C SER K 125 20.65 21.03 -80.88
N ASP K 126 19.73 21.51 -81.72
CA ASP K 126 19.22 22.86 -81.55
C ASP K 126 18.26 23.00 -80.39
N ILE K 127 17.79 21.89 -79.83
CA ILE K 127 16.95 21.91 -78.65
C ILE K 127 17.73 21.54 -77.40
N SER K 128 18.62 20.56 -77.52
CA SER K 128 19.29 19.99 -76.36
C SER K 128 20.37 20.89 -75.77
N ASP K 129 20.62 22.06 -76.32
CA ASP K 129 21.68 22.94 -75.84
C ASP K 129 21.20 24.08 -74.96
N MET K 130 19.97 24.54 -75.13
CA MET K 130 19.52 25.76 -74.48
C MET K 130 19.14 25.44 -73.05
N VAL K 131 20.09 25.63 -72.14
CA VAL K 131 19.82 25.48 -70.72
C VAL K 131 19.00 26.66 -70.24
N ILE K 132 17.89 26.38 -69.57
CA ILE K 132 17.00 27.42 -69.09
C ILE K 132 16.69 27.25 -67.62
N ALA K 133 16.97 26.08 -67.07
CA ALA K 133 16.73 25.88 -65.65
C ALA K 133 17.87 26.41 -64.81
N GLU K 134 19.11 26.07 -65.16
CA GLU K 134 20.26 26.50 -64.38
C GLU K 134 20.57 27.98 -64.55
N ARG K 135 19.95 28.65 -65.52
CA ARG K 135 20.11 30.07 -65.72
C ARG K 135 19.10 30.88 -64.92
N LEU K 136 18.19 30.21 -64.23
CA LEU K 136 17.13 30.91 -63.51
C LEU K 136 17.05 30.55 -62.03
N GLN K 137 17.88 29.63 -61.55
CA GLN K 137 17.78 29.20 -60.16
C GLN K 137 18.20 30.31 -59.21
N ASP K 138 19.10 31.18 -59.65
CA ASP K 138 19.28 32.45 -58.96
C ASP K 138 18.00 33.27 -59.02
N LEU K 139 17.41 33.37 -60.21
CA LEU K 139 16.30 34.29 -60.43
C LEU K 139 15.01 33.78 -59.79
N VAL K 140 14.90 32.47 -59.56
CA VAL K 140 13.75 31.97 -58.82
C VAL K 140 13.86 32.31 -57.34
N THR K 141 14.97 31.91 -56.72
CA THR K 141 15.12 31.99 -55.28
C THR K 141 15.21 33.42 -54.77
N GLN K 142 15.65 34.35 -55.61
CA GLN K 142 15.58 35.76 -55.23
C GLN K 142 14.14 36.23 -55.12
N THR K 143 13.33 35.93 -56.13
CA THR K 143 11.91 36.27 -56.07
C THR K 143 11.18 35.44 -55.03
N GLU K 144 11.60 34.18 -54.84
CA GLU K 144 10.99 33.34 -53.82
C GLU K 144 11.28 33.86 -52.42
N SER K 145 12.46 34.46 -52.24
CA SER K 145 12.74 35.15 -50.98
C SER K 145 11.85 36.37 -50.82
N GLN K 146 11.60 37.09 -51.92
CA GLN K 146 10.77 38.30 -51.88
C GLN K 146 9.35 38.01 -51.47
N LYS K 147 8.85 36.82 -51.81
CA LYS K 147 7.55 36.39 -51.34
C LYS K 147 7.55 36.23 -49.82
N THR K 148 8.61 35.64 -49.28
CA THR K 148 8.72 35.50 -47.84
C THR K 148 9.09 36.81 -47.15
N GLU K 149 9.63 37.77 -47.90
CA GLU K 149 9.90 39.09 -47.33
C GLU K 149 8.63 39.79 -46.89
N LEU K 150 7.59 39.70 -47.70
CA LEU K 150 6.44 40.56 -47.53
C LEU K 150 5.36 39.92 -46.67
N GLN K 151 5.22 38.59 -46.70
CA GLN K 151 4.33 37.95 -45.75
C GLN K 151 4.86 38.04 -44.33
N SER K 152 6.17 38.20 -44.17
CA SER K 152 6.74 38.56 -42.88
C SER K 152 6.52 40.03 -42.53
N ASP K 153 5.99 40.83 -43.46
CA ASP K 153 5.54 42.18 -43.14
C ASP K 153 4.03 42.27 -43.01
N ILE K 154 3.30 41.26 -43.50
CA ILE K 154 1.87 41.14 -43.23
C ILE K 154 1.63 40.91 -41.74
N ASP K 155 2.46 40.08 -41.12
CA ASP K 155 2.27 39.71 -39.72
C ASP K 155 2.38 40.87 -38.72
N PRO K 156 3.28 41.86 -38.87
CA PRO K 156 3.14 43.04 -38.00
C PRO K 156 1.89 43.84 -38.29
N LYS K 157 1.53 44.01 -39.56
CA LYS K 157 0.40 44.87 -39.89
C LYS K 157 -0.93 44.22 -39.55
N THR K 158 -1.00 42.89 -39.56
CA THR K 158 -2.21 42.24 -39.08
C THR K 158 -2.30 42.28 -37.56
N GLU K 159 -1.17 42.34 -36.87
CA GLU K 159 -1.20 42.47 -35.42
C GLU K 159 -1.41 43.90 -34.99
N LYS K 160 -0.71 44.85 -35.62
CA LYS K 160 -0.85 46.26 -35.27
C LYS K 160 -2.26 46.77 -35.53
N ARG K 161 -2.90 46.27 -36.60
CA ARG K 161 -4.31 46.56 -36.78
C ARG K 161 -5.14 45.92 -35.67
N ASN K 162 -4.80 44.71 -35.27
CA ASN K 162 -5.55 44.02 -34.24
C ASN K 162 -5.26 44.58 -32.85
N LYS K 163 -4.10 45.23 -32.67
CA LYS K 163 -3.87 45.94 -31.41
C LYS K 163 -4.78 47.16 -31.29
N LEU K 164 -4.90 47.93 -32.36
CA LEU K 164 -5.68 49.17 -32.33
C LEU K 164 -7.18 48.91 -32.34
N ASP K 165 -7.61 47.69 -32.62
CA ASP K 165 -9.04 47.37 -32.55
C ASP K 165 -9.55 47.45 -31.13
N ALA K 166 -8.77 46.96 -30.16
CA ALA K 166 -9.19 47.06 -28.77
C ALA K 166 -9.03 48.48 -28.25
N ASP K 167 -7.95 49.16 -28.66
CA ASP K 167 -7.71 50.52 -28.20
C ASP K 167 -8.68 51.52 -28.81
N ARG K 168 -9.26 51.20 -29.96
CA ARG K 168 -10.43 51.94 -30.41
C ARG K 168 -11.61 51.72 -29.47
N GLU K 169 -11.92 50.45 -29.18
CA GLU K 169 -13.13 50.14 -28.45
C GLU K 169 -13.06 50.52 -26.98
N LYS K 170 -11.86 50.63 -26.41
CA LYS K 170 -11.74 51.16 -25.06
C LYS K 170 -12.16 52.62 -25.00
N ILE K 171 -11.89 53.38 -26.07
CA ILE K 171 -12.39 54.74 -26.16
C ILE K 171 -13.91 54.73 -26.30
N ILE K 172 -14.43 53.77 -27.07
CA ILE K 172 -15.86 53.67 -27.30
C ILE K 172 -16.60 53.36 -26.01
N GLU K 173 -16.03 52.47 -25.19
CA GLU K 173 -16.62 52.16 -23.88
C GLU K 173 -16.59 53.36 -22.97
N SER K 174 -15.53 54.17 -23.03
CA SER K 174 -15.51 55.39 -22.26
C SER K 174 -16.34 56.50 -22.87
N GLN K 175 -16.61 56.44 -24.17
CA GLN K 175 -17.58 57.38 -24.73
C GLN K 175 -19.01 57.00 -24.38
N ASP K 176 -19.27 55.73 -24.07
CA ASP K 176 -20.63 55.31 -23.74
C ASP K 176 -21.08 55.84 -22.40
N VAL K 177 -20.15 56.11 -21.48
CA VAL K 177 -20.50 56.73 -20.21
C VAL K 177 -21.02 58.14 -20.43
N ILE K 178 -20.35 58.89 -21.30
CA ILE K 178 -20.79 60.25 -21.60
C ILE K 178 -22.02 60.21 -22.50
N ARG K 179 -22.17 59.15 -23.29
CA ARG K 179 -23.35 58.94 -24.13
C ARG K 179 -24.61 58.74 -23.29
N GLN K 180 -24.45 58.25 -22.06
CA GLN K 180 -25.53 57.59 -21.33
C GLN K 180 -26.65 58.56 -20.96
N ASN K 181 -26.35 59.84 -20.81
CA ASN K 181 -27.40 60.83 -20.63
C ASN K 181 -27.69 61.56 -21.94
N ASN K 182 -28.96 61.89 -22.13
CA ASN K 182 -29.46 62.33 -23.42
C ASN K 182 -29.41 63.84 -23.55
N ILE K 183 -30.11 64.34 -24.57
CA ILE K 183 -30.29 65.78 -24.72
C ILE K 183 -31.13 66.32 -23.59
N ALA K 184 -32.27 65.70 -23.33
CA ALA K 184 -33.20 66.25 -22.36
C ALA K 184 -32.98 65.74 -20.94
N ASP K 185 -32.18 64.69 -20.74
CA ASP K 185 -31.66 64.41 -19.41
C ASP K 185 -30.83 65.58 -18.91
N MET K 186 -30.02 66.14 -19.81
CA MET K 186 -29.28 67.36 -19.53
C MET K 186 -30.21 68.52 -19.23
N PHE K 187 -31.26 68.68 -20.05
CA PHE K 187 -32.27 69.70 -19.78
C PHE K 187 -33.06 69.41 -18.51
N LYS K 188 -33.22 68.13 -18.16
CA LYS K 188 -33.85 67.80 -16.89
C LYS K 188 -32.98 68.23 -15.72
N ASP K 189 -31.67 68.21 -15.90
CA ASP K 189 -30.76 68.63 -14.84
C ASP K 189 -30.75 70.13 -14.66
N PHE K 190 -30.98 70.91 -15.74
CA PHE K 190 -30.89 72.36 -15.61
C PHE K 190 -32.03 72.92 -14.78
N ILE K 191 -33.19 72.31 -14.84
CA ILE K 191 -34.22 72.65 -13.84
C ILE K 191 -33.78 72.10 -12.50
N PRO K 192 -33.79 72.89 -11.44
CA PRO K 192 -33.34 72.39 -10.14
C PRO K 192 -34.40 71.61 -9.38
N SER K 193 -35.42 71.12 -10.11
CA SER K 193 -36.47 70.26 -9.59
C SER K 193 -35.93 69.07 -8.80
N ALA K 194 -36.74 68.63 -7.82
CA ALA K 194 -36.47 67.85 -6.60
C ALA K 194 -35.68 68.65 -5.56
N LYS K 195 -35.28 69.87 -5.93
CA LYS K 195 -34.78 70.87 -5.00
C LYS K 195 -35.31 72.26 -5.33
N ASP K 196 -36.17 72.40 -6.34
CA ASP K 196 -36.59 73.72 -6.78
C ASP K 196 -37.72 74.25 -5.88
N ILE K 197 -38.60 73.35 -5.43
CA ILE K 197 -39.47 73.68 -4.32
C ILE K 197 -38.65 73.98 -3.09
N ASP K 198 -37.61 73.16 -2.85
CA ASP K 198 -36.64 73.44 -1.79
C ASP K 198 -35.83 74.70 -2.09
N GLY K 199 -35.67 75.04 -3.37
CA GLY K 199 -35.11 76.33 -3.72
C GLY K 199 -35.98 77.50 -3.32
N LEU K 200 -37.29 77.26 -3.18
CA LEU K 200 -38.19 78.27 -2.62
C LEU K 200 -38.71 77.90 -1.24
N ASP K 201 -38.37 76.72 -0.72
CA ASP K 201 -38.69 76.43 0.68
C ASP K 201 -37.71 77.12 1.62
N PHE K 202 -36.42 76.94 1.39
CA PHE K 202 -35.40 77.55 2.23
C PHE K 202 -35.26 79.05 2.01
N THR K 203 -35.82 79.59 0.93
CA THR K 203 -35.70 80.99 0.59
C THR K 203 -37.07 81.68 0.61
N GLN K 204 -37.87 81.38 1.63
CA GLN K 204 -39.15 82.08 1.79
C GLN K 204 -39.01 83.52 2.27
N PRO K 205 -38.20 83.87 3.29
CA PRO K 205 -38.08 85.30 3.63
C PRO K 205 -37.23 86.12 2.66
N LYS K 206 -36.58 85.48 1.68
CA LYS K 206 -35.75 86.20 0.73
C LYS K 206 -36.52 86.72 -0.48
N LYS K 207 -37.86 86.76 -0.40
CA LYS K 207 -38.65 87.31 -1.50
C LYS K 207 -38.48 88.82 -1.61
N GLU K 208 -38.13 89.47 -0.50
CA GLU K 208 -37.67 90.86 -0.56
C GLU K 208 -36.24 90.97 -1.06
N ALA K 209 -35.47 89.89 -0.98
CA ALA K 209 -34.08 89.92 -1.37
C ALA K 209 -33.95 89.66 -2.88
N ILE K 210 -33.13 90.48 -3.54
CA ILE K 210 -32.80 90.21 -4.94
C ILE K 210 -31.90 88.98 -5.03
N LYS K 211 -31.10 88.73 -4.00
CA LYS K 211 -30.10 87.68 -3.94
C LYS K 211 -30.71 86.28 -3.85
N GLN K 212 -32.03 86.14 -3.69
CA GLN K 212 -32.68 84.85 -3.83
C GLN K 212 -32.50 84.30 -5.23
N ALA K 213 -32.58 85.17 -6.23
CA ALA K 213 -32.35 84.75 -7.62
C ALA K 213 -30.89 84.40 -7.86
N ILE K 214 -29.97 84.97 -7.07
CA ILE K 214 -28.58 84.57 -7.16
C ILE K 214 -28.40 83.17 -6.58
N LYS K 215 -29.12 82.87 -5.49
CA LYS K 215 -29.18 81.51 -4.97
C LYS K 215 -29.79 80.57 -6.00
N GLN K 216 -30.83 81.04 -6.69
CA GLN K 216 -31.33 80.34 -7.87
C GLN K 216 -30.26 80.29 -8.96
N GLY K 217 -29.59 81.41 -9.21
CA GLY K 217 -28.58 81.48 -10.25
C GLY K 217 -27.29 80.77 -9.92
N ALA K 218 -27.12 80.31 -8.68
CA ALA K 218 -25.85 79.70 -8.27
C ALA K 218 -25.68 78.31 -8.87
N GLU K 219 -26.64 77.41 -8.60
CA GLU K 219 -26.46 76.03 -8.99
C GLU K 219 -26.61 75.82 -10.49
N ILE K 220 -27.41 76.66 -11.14
CA ILE K 220 -27.49 76.58 -12.60
C ILE K 220 -26.18 77.02 -13.23
N ALA K 221 -25.49 77.99 -12.63
CA ALA K 221 -24.18 78.37 -13.11
C ALA K 221 -23.13 77.31 -12.82
N ARG K 222 -23.35 76.47 -11.81
CA ARG K 222 -22.48 75.33 -11.61
C ARG K 222 -22.69 74.29 -12.69
N LYS K 223 -23.92 73.80 -12.80
CA LYS K 223 -24.20 72.60 -13.57
C LYS K 223 -24.09 72.84 -15.06
N ILE K 224 -24.15 74.09 -15.51
CA ILE K 224 -23.85 74.41 -16.90
C ILE K 224 -22.37 74.14 -17.19
N LEU K 225 -21.50 74.34 -16.20
CA LEU K 225 -20.08 74.11 -16.42
C LEU K 225 -19.70 72.63 -16.32
N GLY K 226 -20.35 71.90 -15.40
CA GLY K 226 -20.03 70.50 -15.23
C GLY K 226 -20.39 69.66 -16.45
N LYS K 227 -21.40 70.07 -17.19
CA LYS K 227 -21.74 69.35 -18.42
C LYS K 227 -20.81 69.76 -19.55
N VAL K 228 -20.22 70.96 -19.49
CA VAL K 228 -19.22 71.35 -20.49
C VAL K 228 -17.99 70.47 -20.39
N SER K 229 -17.46 70.33 -19.17
CA SER K 229 -16.22 69.59 -18.96
C SER K 229 -16.39 68.11 -19.23
N GLU K 230 -17.57 67.56 -18.92
CA GLU K 230 -17.87 66.18 -19.28
C GLU K 230 -17.83 66.00 -20.79
N GLY K 231 -18.43 66.95 -21.52
CA GLY K 231 -18.28 66.94 -22.96
C GLY K 231 -16.91 67.38 -23.42
N LEU K 232 -16.19 68.13 -22.61
CA LEU K 232 -14.85 68.52 -23.04
C LEU K 232 -13.89 67.36 -22.86
N LYS K 233 -14.15 66.47 -21.90
CA LYS K 233 -13.50 65.17 -21.88
C LYS K 233 -13.80 64.40 -23.16
N TYR K 234 -15.07 64.42 -23.58
CA TYR K 234 -15.53 63.74 -24.78
C TYR K 234 -14.90 64.31 -26.04
N ILE K 235 -14.45 65.56 -26.01
CA ILE K 235 -13.71 66.13 -27.13
C ILE K 235 -12.36 65.45 -27.27
N ASP K 236 -11.57 65.47 -26.19
CA ASP K 236 -10.25 64.85 -26.23
C ASP K 236 -10.33 63.34 -26.35
N LEU K 237 -11.44 62.77 -25.89
CA LEU K 237 -11.64 61.33 -26.03
C LEU K 237 -11.89 60.96 -27.48
N ALA K 238 -12.67 61.78 -28.19
CA ALA K 238 -12.98 61.49 -29.58
C ALA K 238 -11.78 61.76 -30.49
N ASP K 239 -11.05 62.84 -30.21
CA ASP K 239 -9.94 63.23 -31.07
C ASP K 239 -8.79 62.24 -30.99
N ALA K 240 -8.66 61.53 -29.88
CA ALA K 240 -7.78 60.38 -29.84
C ALA K 240 -8.28 59.30 -30.79
N ARG K 241 -9.57 58.97 -30.68
CA ARG K 241 -10.17 57.92 -31.51
C ARG K 241 -10.22 58.33 -32.97
N MET K 242 -10.47 59.62 -33.23
CA MET K 242 -10.39 60.15 -34.59
C MET K 242 -9.00 59.96 -35.15
N LYS K 243 -7.97 60.18 -34.33
CA LYS K 243 -6.62 59.86 -34.75
C LYS K 243 -6.40 58.36 -34.79
N LEU K 244 -7.00 57.63 -33.85
CA LEU K 244 -6.75 56.19 -33.75
C LEU K 244 -7.42 55.44 -34.89
N SER K 245 -8.54 55.96 -35.39
CA SER K 245 -9.15 55.36 -36.57
C SER K 245 -8.30 55.60 -37.80
N ASP K 246 -7.64 56.76 -37.89
CA ASP K 246 -6.82 57.08 -39.05
C ASP K 246 -5.57 56.23 -39.11
N GLN K 247 -5.11 55.73 -37.96
CA GLN K 247 -4.03 54.77 -37.94
C GLN K 247 -4.42 53.48 -38.66
N ILE K 248 -5.62 52.99 -38.38
CA ILE K 248 -6.09 51.77 -39.03
C ILE K 248 -6.37 52.02 -40.49
N ASP K 249 -6.78 53.25 -40.83
CA ASP K 249 -7.02 53.61 -42.22
C ASP K 249 -5.74 53.56 -43.04
N GLN K 250 -4.63 53.98 -42.46
CA GLN K 250 -3.34 53.79 -43.11
C GLN K 250 -2.96 52.33 -43.16
N LEU K 251 -3.20 51.60 -42.07
CA LEU K 251 -2.78 50.21 -41.96
C LEU K 251 -3.51 49.32 -42.96
N ILE K 252 -4.80 49.53 -43.16
CA ILE K 252 -5.53 48.78 -44.17
C ILE K 252 -5.05 49.17 -45.57
N THR K 253 -4.69 50.44 -45.76
CA THR K 253 -4.14 50.88 -47.02
C THR K 253 -2.74 50.31 -47.24
N GLU K 254 -1.92 50.27 -46.20
CA GLU K 254 -0.57 49.75 -46.34
C GLU K 254 -0.53 48.24 -46.51
N THR K 255 -1.55 47.52 -46.01
CA THR K 255 -1.59 46.08 -46.23
C THR K 255 -1.87 45.75 -47.69
N ASP K 256 -2.95 46.30 -48.24
CA ASP K 256 -3.38 45.90 -49.57
C ASP K 256 -2.45 46.40 -50.65
N GLU K 257 -1.78 47.52 -50.40
CA GLU K 257 -0.67 47.94 -51.26
C GLU K 257 0.45 46.92 -51.20
N LEU K 258 0.76 46.43 -50.01
CA LEU K 258 1.75 45.38 -49.88
C LEU K 258 1.19 44.02 -50.31
N LYS K 259 -0.12 43.81 -50.15
CA LYS K 259 -0.72 42.58 -50.63
C LYS K 259 -0.85 42.60 -52.15
N ALA K 260 -0.81 43.78 -52.76
CA ALA K 260 -0.63 43.85 -54.20
C ALA K 260 0.76 43.46 -54.63
N LYS K 261 1.75 43.58 -53.74
CA LYS K 261 3.12 43.23 -54.12
C LYS K 261 3.30 41.72 -54.19
N ILE K 262 2.72 40.98 -53.24
CA ILE K 262 2.85 39.53 -53.29
C ILE K 262 2.05 38.94 -54.44
N ARG K 263 1.07 39.68 -54.97
CA ARG K 263 0.41 39.28 -56.19
C ARG K 263 1.39 39.21 -57.34
N GLU K 264 2.18 40.27 -57.53
CA GLU K 264 3.12 40.33 -58.64
C GLU K 264 4.25 39.33 -58.48
N VAL K 265 4.66 39.06 -57.24
CA VAL K 265 5.69 38.07 -57.00
C VAL K 265 5.17 36.67 -57.33
N GLU K 266 3.95 36.36 -56.85
CA GLU K 266 3.35 35.07 -57.15
C GLU K 266 3.00 34.95 -58.63
N LEU K 267 2.62 36.06 -59.27
CA LEU K 267 2.44 36.05 -60.71
C LEU K 267 3.76 35.81 -61.43
N ARG K 268 4.86 36.28 -60.86
CA ARG K 268 6.15 36.02 -61.46
C ARG K 268 6.60 34.60 -61.16
N LEU K 269 6.54 34.20 -59.89
CA LEU K 269 7.06 32.90 -59.46
C LEU K 269 6.32 31.74 -60.11
N SER K 270 5.00 31.87 -60.26
CA SER K 270 4.25 30.86 -61.00
C SER K 270 4.64 30.86 -62.47
N GLY K 271 4.95 32.03 -63.03
CA GLY K 271 5.45 32.06 -64.39
C GLY K 271 6.83 31.45 -64.52
N LEU K 272 7.66 31.58 -63.47
CA LEU K 272 8.98 31.02 -63.51
C LEU K 272 8.98 29.52 -63.31
N LYS K 273 8.09 29.02 -62.44
CA LYS K 273 7.97 27.57 -62.26
C LYS K 273 7.40 26.91 -63.51
N ASP K 274 6.64 27.66 -64.30
CA ASP K 274 6.23 27.17 -65.62
C ASP K 274 7.44 26.96 -66.52
N VAL K 275 8.42 27.86 -66.45
CA VAL K 275 9.63 27.70 -67.23
C VAL K 275 10.46 26.54 -66.67
N MET K 276 10.42 26.33 -65.36
CA MET K 276 11.16 25.24 -64.75
C MET K 276 10.60 23.88 -65.14
N GLN K 277 9.30 23.81 -65.44
CA GLN K 277 8.73 22.55 -65.90
C GLN K 277 9.07 22.25 -67.35
N ILE K 278 9.47 23.26 -68.12
CA ILE K 278 9.80 23.06 -69.52
C ILE K 278 11.02 22.17 -69.66
N ASP K 279 12.03 22.39 -68.80
CA ASP K 279 13.24 21.58 -68.85
C ASP K 279 12.95 20.14 -68.43
N THR K 280 11.97 19.93 -67.56
CA THR K 280 11.62 18.57 -67.16
C THR K 280 11.00 17.81 -68.31
N GLU K 281 10.11 18.46 -69.07
CA GLU K 281 9.55 17.81 -70.24
C GLU K 281 10.45 17.93 -71.46
N ARG K 282 11.46 18.80 -71.43
CA ARG K 282 12.44 18.77 -72.51
C ARG K 282 13.29 17.51 -72.43
N THR K 283 13.54 17.02 -71.22
CA THR K 283 14.26 15.77 -71.07
C THR K 283 13.44 14.58 -71.55
N THR K 284 12.14 14.54 -71.21
CA THR K 284 11.30 13.45 -71.67
C THR K 284 11.08 13.51 -73.17
N LEU K 285 11.11 14.71 -73.75
CA LEU K 285 11.10 14.84 -75.20
C LEU K 285 12.37 14.30 -75.82
N LEU K 286 13.52 14.71 -75.30
CA LEU K 286 14.76 14.43 -76.00
C LEU K 286 15.24 13.01 -75.76
N THR K 287 15.19 12.52 -74.52
CA THR K 287 15.66 11.16 -74.22
C THR K 287 14.83 10.11 -74.92
N GLU K 288 13.58 10.42 -75.23
CA GLU K 288 12.84 9.58 -76.16
C GLU K 288 13.33 9.77 -77.58
N ALA K 289 13.56 11.01 -78.00
CA ALA K 289 13.99 11.27 -79.38
C ALA K 289 15.45 10.90 -79.62
N VAL K 290 16.27 10.83 -78.58
CA VAL K 290 17.62 10.29 -78.73
C VAL K 290 17.56 8.81 -79.09
N LYS K 291 16.60 8.08 -78.52
CA LYS K 291 16.40 6.68 -78.86
C LYS K 291 15.98 6.47 -80.31
N ILE K 292 15.48 7.52 -80.95
CA ILE K 292 15.00 7.41 -82.32
C ILE K 292 16.09 7.72 -83.33
N GLU K 293 17.00 8.65 -83.01
CA GLU K 293 18.17 8.93 -83.85
C GLU K 293 19.02 7.70 -84.07
N GLN K 294 19.13 6.85 -83.05
CA GLN K 294 19.93 5.63 -83.16
C GLN K 294 19.37 4.71 -84.23
N VAL K 295 18.08 4.37 -84.12
CA VAL K 295 17.47 3.45 -85.08
C VAL K 295 17.19 4.09 -86.43
N TRP K 296 17.39 5.40 -86.57
CA TRP K 296 17.52 5.92 -87.93
C TRP K 296 18.91 5.63 -88.47
N ILE K 297 19.94 5.90 -87.68
CA ILE K 297 21.31 5.81 -88.18
C ILE K 297 21.77 4.36 -88.23
N SER K 298 21.50 3.59 -87.17
CA SER K 298 21.94 2.20 -87.10
C SER K 298 21.28 1.35 -88.18
N PHE K 299 20.08 1.73 -88.60
CA PHE K 299 19.52 1.17 -89.82
C PHE K 299 20.32 1.60 -91.04
N ALA K 300 20.48 2.91 -91.22
CA ALA K 300 21.07 3.45 -92.44
C ALA K 300 22.54 3.07 -92.58
N GLU K 301 23.25 2.91 -91.47
CA GLU K 301 24.60 2.36 -91.52
C GLU K 301 24.57 0.91 -91.96
N GLN K 302 23.66 0.12 -91.39
CA GLN K 302 23.52 -1.27 -91.79
C GLN K 302 22.96 -1.39 -93.20
N LEU K 303 22.14 -0.43 -93.61
CA LEU K 303 21.59 -0.48 -94.95
C LEU K 303 22.64 -0.09 -95.99
N HIS K 304 23.50 0.89 -95.66
CA HIS K 304 24.59 1.21 -96.57
C HIS K 304 25.69 0.15 -96.53
N LYS K 305 25.73 -0.65 -95.46
CA LYS K 305 26.61 -1.82 -95.43
C LYS K 305 26.21 -2.83 -96.50
N LEU K 306 24.91 -2.97 -96.75
CA LEU K 306 24.48 -3.90 -97.78
C LEU K 306 24.66 -3.32 -99.17
N SER K 307 24.63 -1.99 -99.30
CA SER K 307 24.88 -1.35 -100.58
C SER K 307 26.33 -1.43 -101.02
N ASN K 308 27.23 -1.86 -100.13
CA ASN K 308 28.59 -2.17 -100.53
C ASN K 308 28.62 -3.43 -101.40
N ASP K 309 28.04 -4.52 -100.89
CA ASP K 309 28.12 -5.80 -101.58
C ASP K 309 27.14 -5.91 -102.74
N GLU K 310 25.97 -5.26 -102.62
CA GLU K 310 24.94 -5.20 -103.66
C GLU K 310 24.41 -6.59 -104.04
N ILE K 311 24.32 -7.46 -103.06
CA ILE K 311 23.84 -8.81 -103.28
C ILE K 311 22.32 -8.78 -103.21
N ASN K 312 21.69 -9.67 -103.98
CA ASN K 312 20.23 -9.75 -104.08
C ASN K 312 19.62 -10.65 -103.01
N GLN K 313 20.25 -10.72 -101.83
CA GLN K 313 19.75 -11.51 -100.72
C GLN K 313 18.37 -11.04 -100.28
N GLN K 314 17.65 -11.93 -99.62
CA GLN K 314 16.37 -11.59 -99.04
C GLN K 314 16.47 -11.45 -97.53
N ASP K 315 17.69 -11.55 -96.99
CA ASP K 315 17.96 -10.99 -95.68
C ASP K 315 17.92 -9.48 -95.72
N LEU K 316 18.21 -8.89 -96.89
CA LEU K 316 17.93 -7.49 -97.17
C LEU K 316 16.48 -7.14 -96.85
N SER K 317 15.54 -7.79 -97.53
CA SER K 317 14.14 -7.54 -97.30
C SER K 317 13.68 -8.03 -95.93
N ASN K 318 14.41 -8.97 -95.33
CA ASN K 318 14.18 -9.28 -93.92
C ASN K 318 14.66 -8.14 -93.03
N LEU K 319 15.76 -7.48 -93.40
CA LEU K 319 16.25 -6.37 -92.59
C LEU K 319 15.39 -5.14 -92.77
N ILE K 320 14.78 -4.96 -93.94
CA ILE K 320 13.82 -3.87 -94.10
C ILE K 320 12.57 -4.14 -93.27
N ASN K 321 12.17 -5.42 -93.20
CA ASN K 321 10.90 -5.80 -92.60
C ASN K 321 10.86 -5.49 -91.11
N GLY K 322 11.97 -5.70 -90.42
CA GLY K 322 12.02 -5.31 -89.02
C GLY K 322 12.00 -3.80 -88.85
N GLN K 323 12.65 -3.08 -89.75
CA GLN K 323 12.58 -1.62 -89.73
C GLN K 323 11.21 -1.12 -90.17
N LEU K 324 10.66 -1.73 -91.23
CA LEU K 324 9.37 -1.27 -91.75
C LEU K 324 8.24 -1.53 -90.78
N ASP K 325 8.33 -2.63 -90.02
CA ASP K 325 7.34 -2.88 -88.98
C ASP K 325 7.51 -1.88 -87.84
N PHE K 326 8.76 -1.63 -87.44
CA PHE K 326 9.07 -0.63 -86.42
C PHE K 326 8.57 0.75 -86.83
N LEU K 327 8.79 1.11 -88.09
CA LEU K 327 8.27 2.37 -88.58
C LEU K 327 6.75 2.35 -88.60
N ASN K 328 6.16 1.23 -89.02
CA ASN K 328 4.71 1.10 -88.99
C ASN K 328 4.18 1.03 -87.57
N ASN K 329 4.96 0.46 -86.65
CA ASN K 329 4.65 0.58 -85.22
C ASN K 329 4.64 2.03 -84.81
N LEU K 330 5.60 2.80 -85.30
CA LEU K 330 5.73 4.18 -84.85
C LEU K 330 4.68 5.07 -85.51
N THR K 331 4.19 4.70 -86.71
CA THR K 331 3.05 5.40 -87.27
C THR K 331 1.79 5.18 -86.46
N LEU K 332 1.71 4.02 -85.78
CA LEU K 332 0.46 3.59 -85.20
C LEU K 332 0.08 4.41 -83.97
N GLN K 333 1.07 4.74 -83.13
CA GLN K 333 0.73 5.48 -81.91
C GLN K 333 0.34 6.92 -82.24
N TYR K 334 0.83 7.47 -83.35
CA TYR K 334 0.29 8.74 -83.82
C TYR K 334 -1.13 8.58 -84.31
N ASN K 335 -1.46 7.44 -84.89
CA ASN K 335 -2.82 7.20 -85.34
C ASN K 335 -3.72 6.72 -84.20
N LYS K 336 -3.15 6.11 -83.17
CA LYS K 336 -3.89 5.74 -81.99
C LYS K 336 -3.67 6.75 -80.87
N LEU K 337 -3.27 7.97 -81.21
CA LEU K 337 -3.07 8.99 -80.20
C LEU K 337 -4.39 9.43 -79.61
N LYS K 338 -5.41 9.55 -80.46
CA LYS K 338 -6.82 9.48 -80.07
C LYS K 338 -7.29 10.58 -79.11
N TYR L 1 59.64 -28.32 50.19
CA TYR L 1 60.09 -26.94 50.29
C TYR L 1 59.54 -25.98 49.21
N PRO L 2 58.23 -26.06 48.88
CA PRO L 2 57.78 -25.57 47.57
C PRO L 2 57.81 -24.07 47.33
N GLU L 3 57.16 -23.27 48.18
CA GLU L 3 56.97 -21.85 47.89
C GLU L 3 56.53 -21.11 49.15
N ILE L 4 57.28 -20.09 49.54
CA ILE L 4 56.96 -19.29 50.73
C ILE L 4 57.19 -17.83 50.35
N ASN L 5 56.11 -17.07 50.28
CA ASN L 5 56.13 -15.66 49.87
C ASN L 5 55.95 -14.80 51.12
N ILE L 6 57.06 -14.52 51.81
CA ILE L 6 56.94 -13.74 53.05
C ILE L 6 56.68 -12.27 52.79
N LYS L 7 56.82 -11.82 51.53
CA LYS L 7 56.34 -10.50 51.16
C LYS L 7 54.83 -10.39 51.35
N ALA L 8 54.11 -11.48 51.06
CA ALA L 8 52.68 -11.52 51.36
C ALA L 8 52.42 -11.72 52.84
N MET L 9 53.42 -12.16 53.60
CA MET L 9 53.26 -12.51 55.01
C MET L 9 53.65 -11.38 55.93
N ASN L 10 54.86 -10.84 55.75
CA ASN L 10 55.32 -9.76 56.61
C ASN L 10 54.55 -8.48 56.37
N GLN L 11 53.91 -8.35 55.21
CA GLN L 11 52.85 -7.36 55.06
C GLN L 11 51.65 -7.73 55.93
N ALA L 12 51.23 -8.99 55.85
CA ALA L 12 50.02 -9.42 56.55
C ALA L 12 50.21 -9.42 58.06
N VAL L 13 51.42 -9.67 58.54
CA VAL L 13 51.71 -9.47 59.96
C VAL L 13 51.57 -8.00 60.31
N ASN L 14 52.10 -7.13 59.45
CA ASN L 14 52.15 -5.72 59.77
C ASN L 14 50.76 -5.09 59.69
N THR L 15 49.93 -5.56 58.75
CA THR L 15 48.58 -5.02 58.66
C THR L 15 47.71 -5.45 59.82
N ILE L 16 47.93 -6.65 60.35
CA ILE L 16 47.20 -7.07 61.55
C ILE L 16 47.55 -6.18 62.73
N TRP L 17 48.83 -5.83 62.87
CA TRP L 17 49.18 -4.81 63.86
C TRP L 17 48.64 -3.46 63.47
N LEU L 18 48.57 -3.17 62.16
CA LEU L 18 48.01 -1.90 61.71
C LEU L 18 46.52 -1.84 61.98
N LEU L 19 45.81 -2.91 61.69
CA LEU L 19 44.37 -2.91 61.93
C LEU L 19 44.02 -3.08 63.39
N ALA L 20 44.99 -3.44 64.24
CA ALA L 20 44.72 -3.57 65.66
C ALA L 20 44.49 -2.22 66.30
N GLN L 21 45.39 -1.27 66.04
CA GLN L 21 45.21 0.07 66.59
C GLN L 21 44.14 0.84 65.84
N ARG L 22 43.88 0.47 64.58
CA ARG L 22 42.98 1.25 63.74
C ARG L 22 41.52 1.04 64.06
N GLN L 23 41.16 -0.14 64.59
CA GLN L 23 39.76 -0.55 64.68
C GLN L 23 38.97 0.32 65.65
N THR L 24 37.74 0.61 65.27
CA THR L 24 36.88 1.56 65.99
C THR L 24 35.56 0.89 66.32
N SER L 25 35.63 -0.30 66.88
CA SER L 25 34.41 -1.04 67.24
C SER L 25 33.66 -0.37 68.37
N GLY L 26 34.37 0.24 69.31
CA GLY L 26 33.72 0.84 70.45
C GLY L 26 33.15 -0.17 71.42
N ILE L 27 33.77 -1.34 71.52
CA ILE L 27 33.34 -2.38 72.42
C ILE L 27 34.59 -2.90 73.13
N GLU L 28 34.38 -3.54 74.28
CA GLU L 28 35.45 -3.80 75.22
C GLU L 28 36.01 -5.20 75.14
N ILE L 29 35.46 -6.07 74.30
CA ILE L 29 35.85 -7.46 74.26
C ILE L 29 36.54 -7.81 72.95
N ILE L 30 36.10 -7.22 71.85
CA ILE L 30 36.92 -7.21 70.63
C ILE L 30 38.22 -6.46 70.90
N ASN L 31 38.17 -5.46 71.76
CA ASN L 31 39.35 -4.67 72.11
C ASN L 31 40.41 -5.51 72.81
N ASP L 32 40.02 -6.60 73.47
CA ASP L 32 41.01 -7.57 73.94
C ASP L 32 40.87 -8.90 73.21
N LYS L 33 40.08 -8.94 72.14
CA LYS L 33 40.27 -10.02 71.18
C LYS L 33 41.45 -9.72 70.28
N VAL L 34 41.46 -8.52 69.70
CA VAL L 34 42.44 -8.19 68.67
C VAL L 34 43.82 -8.00 69.30
N LYS L 35 43.84 -7.42 70.51
CA LYS L 35 45.10 -7.19 71.22
C LYS L 35 45.82 -8.49 71.52
N ARG L 36 45.07 -9.55 71.80
CA ARG L 36 45.69 -10.85 72.01
C ARG L 36 46.10 -11.50 70.69
N ILE L 37 45.35 -11.25 69.63
CA ILE L 37 45.72 -11.76 68.32
C ILE L 37 46.96 -11.05 67.81
N SER L 38 46.96 -9.74 67.90
CA SER L 38 48.00 -8.96 67.24
C SER L 38 49.33 -9.06 67.97
N ALA L 39 49.30 -9.14 69.30
CA ALA L 39 50.54 -9.31 70.04
C ALA L 39 51.14 -10.69 69.83
N TYR L 40 50.34 -11.67 69.43
CA TYR L 40 50.90 -12.93 68.96
C TYR L 40 51.61 -12.75 67.63
N SER L 41 50.93 -12.09 66.68
CA SER L 41 51.41 -12.07 65.30
C SER L 41 52.68 -11.25 65.16
N ARG L 42 52.80 -10.17 65.94
CA ARG L 42 54.05 -9.42 65.99
C ARG L 42 55.16 -10.28 66.57
N GLU L 43 54.88 -10.94 67.69
CA GLU L 43 55.85 -11.87 68.25
C GLU L 43 56.06 -13.09 67.37
N PHE L 44 55.10 -13.42 66.52
CA PHE L 44 55.29 -14.51 65.59
C PHE L 44 56.30 -14.14 64.51
N ASP L 45 56.27 -12.90 64.04
CA ASP L 45 57.23 -12.47 63.03
C ASP L 45 58.62 -12.36 63.63
N GLU L 46 58.71 -11.86 64.87
CA GLU L 46 60.00 -11.75 65.55
C GLU L 46 60.61 -13.12 65.79
N MET L 47 59.80 -14.05 66.30
CA MET L 47 60.32 -15.35 66.65
C MET L 47 60.63 -16.19 65.41
N MET L 48 60.01 -15.87 64.28
CA MET L 48 60.41 -16.56 63.06
C MET L 48 61.76 -16.04 62.57
N ARG L 49 61.94 -14.72 62.57
CA ARG L 49 63.22 -14.13 62.17
C ARG L 49 64.34 -14.54 63.11
N ASP L 50 64.04 -14.63 64.41
CA ASP L 50 65.05 -15.05 65.37
C ASP L 50 65.39 -16.52 65.19
N SER L 51 64.39 -17.35 64.89
CA SER L 51 64.68 -18.73 64.52
C SER L 51 65.36 -18.79 63.17
N LEU L 52 65.07 -17.84 62.29
CA LEU L 52 65.76 -17.79 61.01
C LEU L 52 67.21 -17.38 61.19
N ALA L 53 67.49 -16.50 62.16
CA ALA L 53 68.84 -16.06 62.39
C ALA L 53 69.64 -17.04 63.24
N GLN L 54 68.98 -17.75 64.16
CA GLN L 54 69.71 -18.66 65.03
C GLN L 54 69.87 -20.05 64.46
N LEU L 55 69.43 -20.29 63.23
CA LEU L 55 69.59 -21.60 62.61
C LEU L 55 70.47 -21.60 61.38
N ALA L 56 70.69 -20.45 60.75
CA ALA L 56 71.66 -20.38 59.66
C ALA L 56 73.09 -20.70 60.07
N PRO L 57 73.66 -20.16 61.16
CA PRO L 57 75.06 -20.53 61.45
C PRO L 57 75.23 -21.94 61.97
N VAL L 58 74.21 -22.49 62.63
CA VAL L 58 74.38 -23.81 63.23
C VAL L 58 74.33 -24.91 62.18
N LEU L 59 73.75 -24.64 61.01
CA LEU L 59 73.80 -25.63 59.94
C LEU L 59 75.18 -25.70 59.31
N LYS L 60 75.82 -24.55 59.12
CA LYS L 60 77.16 -24.53 58.54
C LYS L 60 78.22 -25.11 59.46
N GLN L 61 77.93 -25.19 60.76
CA GLN L 61 78.77 -25.95 61.67
C GLN L 61 78.74 -27.44 61.37
N LEU L 62 77.68 -27.92 60.73
CA LEU L 62 77.57 -29.33 60.39
C LEU L 62 78.12 -29.64 59.00
N THR L 63 78.05 -28.67 58.08
CA THR L 63 78.51 -28.94 56.71
C THR L 63 80.03 -29.02 56.64
N SER L 64 80.71 -27.93 56.99
CA SER L 64 82.14 -27.83 56.85
C SER L 64 82.88 -28.21 58.13
N ASP L 65 82.32 -29.15 58.90
CA ASP L 65 83.00 -29.63 60.10
C ASP L 65 84.30 -30.35 59.73
N ALA L 66 84.26 -31.16 58.66
CA ALA L 66 85.42 -31.82 58.03
C ALA L 66 86.18 -32.72 58.98
N ALA L 67 85.53 -33.20 60.04
CA ALA L 67 86.18 -34.10 60.97
C ALA L 67 86.24 -35.52 60.43
N PHE L 68 85.36 -35.87 59.49
CA PHE L 68 85.47 -37.14 58.79
C PHE L 68 86.72 -37.17 57.91
N GLN L 69 87.17 -36.00 57.42
CA GLN L 69 88.43 -35.94 56.71
C GLN L 69 89.60 -36.19 57.64
N THR L 70 89.49 -35.79 58.91
CA THR L 70 90.51 -36.13 59.88
C THR L 70 90.46 -37.61 60.23
N ILE L 71 89.28 -38.23 60.13
CA ILE L 71 89.19 -39.68 60.25
C ILE L 71 89.87 -40.34 59.06
N ALA L 72 89.77 -39.72 57.88
CA ALA L 72 90.46 -40.24 56.69
C ALA L 72 91.98 -40.12 56.84
N GLN L 73 92.46 -39.17 57.64
CA GLN L 73 93.88 -39.15 58.00
C GLN L 73 94.24 -40.31 58.90
N ILE L 74 93.30 -40.72 59.76
CA ILE L 74 93.53 -41.90 60.60
C ILE L 74 93.37 -43.17 59.76
N ASP L 75 92.56 -43.11 58.70
CA ASP L 75 92.34 -44.27 57.85
C ASP L 75 93.59 -44.64 57.05
N GLU L 76 94.42 -43.66 56.70
CA GLU L 76 95.73 -43.97 56.15
C GLU L 76 96.73 -44.35 57.22
N ALA L 77 96.44 -44.09 58.49
CA ALA L 77 97.33 -44.44 59.58
C ALA L 77 96.95 -45.74 60.27
N LEU L 78 95.78 -46.30 59.98
CA LEU L 78 95.37 -47.55 60.61
C LEU L 78 95.73 -48.78 59.79
N ALA L 79 95.15 -48.89 58.58
CA ALA L 79 95.29 -50.12 57.82
C ALA L 79 96.57 -50.12 56.99
N ASP L 80 96.92 -48.97 56.42
CA ASP L 80 97.98 -48.86 55.43
C ASP L 80 99.40 -49.11 55.99
N PRO L 81 99.74 -48.78 57.24
CA PRO L 81 100.96 -49.36 57.80
C PRO L 81 100.71 -50.62 58.59
N SER L 82 101.73 -51.47 58.64
CA SER L 82 101.77 -52.56 59.61
C SER L 82 102.13 -51.93 60.95
N LEU L 83 101.11 -51.45 61.63
CA LEU L 83 101.25 -50.43 62.66
C LEU L 83 101.19 -51.06 64.04
N SER L 84 101.74 -50.34 65.02
CA SER L 84 101.77 -50.81 66.40
C SER L 84 100.36 -50.90 66.98
N LYS L 85 100.03 -52.06 67.56
CA LYS L 85 98.72 -52.28 68.17
C LYS L 85 98.50 -51.41 69.40
N ASP L 86 99.57 -50.91 70.02
CA ASP L 86 99.44 -49.90 71.06
C ASP L 86 98.80 -48.63 70.49
N ASP L 87 99.14 -48.29 69.26
CA ASP L 87 98.56 -47.12 68.62
C ASP L 87 97.39 -47.45 67.70
N ARG L 88 97.32 -48.67 67.16
CA ARG L 88 96.14 -49.06 66.40
C ARG L 88 94.89 -49.07 67.26
N GLU L 89 95.03 -49.51 68.51
CA GLU L 89 93.94 -49.36 69.48
C GLU L 89 93.73 -47.90 69.83
N ALA L 90 94.82 -47.13 69.93
CA ALA L 90 94.71 -45.74 70.34
C ALA L 90 94.10 -44.87 69.24
N LEU L 91 94.50 -45.10 67.98
CA LEU L 91 93.91 -44.35 66.87
C LEU L 91 92.44 -44.64 66.72
N THR L 92 92.02 -45.89 66.90
CA THR L 92 90.60 -46.20 66.89
C THR L 92 89.89 -45.72 68.14
N LEU L 93 90.64 -45.43 69.22
CA LEU L 93 90.00 -44.99 70.45
C LEU L 93 89.43 -43.58 70.29
N GLU L 94 90.26 -42.63 69.86
CA GLU L 94 89.76 -41.26 69.68
C GLU L 94 88.86 -41.16 68.47
N ARG L 95 89.05 -42.04 67.49
CA ARG L 95 88.10 -42.15 66.38
C ARG L 95 86.72 -42.52 66.88
N ASN L 96 86.64 -43.45 67.84
CA ASN L 96 85.35 -43.79 68.44
C ASN L 96 84.81 -42.64 69.28
N ASN L 97 85.68 -41.84 69.88
CA ASN L 97 85.21 -40.61 70.51
C ASN L 97 84.69 -39.62 69.49
N LEU L 98 85.41 -39.47 68.38
CA LEU L 98 85.14 -38.36 67.46
C LEU L 98 83.90 -38.61 66.62
N ILE L 99 83.60 -39.88 66.32
CA ILE L 99 82.32 -40.18 65.67
C ILE L 99 81.18 -39.96 66.64
N GLN L 100 81.37 -40.36 67.91
CA GLN L 100 80.38 -40.03 68.93
C GLN L 100 80.34 -38.53 69.21
N ASN L 101 81.49 -37.84 69.09
CA ASN L 101 81.46 -36.39 69.14
C ASN L 101 80.76 -35.79 67.95
N LEU L 102 80.82 -36.47 66.79
CA LEU L 102 80.04 -36.02 65.65
C LEU L 102 78.55 -36.30 65.86
N SER L 103 78.22 -37.41 66.52
CA SER L 103 76.83 -37.66 66.85
C SER L 103 76.32 -36.67 67.88
N LYS L 104 77.14 -36.37 68.90
CA LYS L 104 76.79 -35.34 69.86
C LYS L 104 76.83 -33.96 69.24
N HIS L 105 77.58 -33.77 68.15
CA HIS L 105 77.47 -32.53 67.38
C HIS L 105 76.12 -32.45 66.68
N ILE L 106 75.78 -33.49 65.92
CA ILE L 106 74.59 -33.43 65.09
C ILE L 106 73.31 -33.54 65.94
N ASP L 107 73.40 -34.13 67.13
CA ASP L 107 72.23 -34.14 68.00
C ASP L 107 72.06 -32.82 68.73
N ASN L 108 73.16 -32.13 69.04
CA ASN L 108 73.05 -30.82 69.67
C ASN L 108 72.58 -29.77 68.66
N VAL L 109 72.66 -30.07 67.37
CA VAL L 109 71.93 -29.28 66.38
C VAL L 109 70.44 -29.40 66.62
N ILE L 110 69.95 -30.65 66.74
CA ILE L 110 68.52 -30.94 66.75
C ILE L 110 67.86 -30.36 67.99
N VAL L 111 68.58 -30.37 69.12
CA VAL L 111 68.08 -29.73 70.33
C VAL L 111 67.94 -28.23 70.12
N SER L 112 68.94 -27.61 69.50
CA SER L 112 68.81 -26.21 69.13
C SER L 112 67.87 -26.03 67.95
N PHE L 113 67.68 -27.07 67.13
CA PHE L 113 66.80 -26.94 65.98
C PHE L 113 65.35 -27.11 66.40
N THR L 114 65.00 -28.30 66.91
CA THR L 114 63.63 -28.58 67.33
C THR L 114 63.22 -27.82 68.58
N GLY L 115 64.18 -27.26 69.32
CA GLY L 115 63.85 -26.30 70.35
C GLY L 115 63.27 -25.00 69.84
N ARG L 116 63.36 -24.75 68.52
CA ARG L 116 62.72 -23.60 67.91
C ARG L 116 61.54 -23.97 67.02
N THR L 117 61.58 -25.14 66.37
CA THR L 117 60.49 -25.54 65.49
C THR L 117 59.24 -25.85 66.30
N SER L 118 59.39 -26.69 67.33
CA SER L 118 58.29 -26.96 68.25
C SER L 118 57.89 -25.71 69.02
N LYS L 119 58.83 -24.79 69.23
CA LYS L 119 58.52 -23.51 69.82
C LYS L 119 57.71 -22.64 68.87
N LEU L 120 57.78 -22.92 67.57
CA LEU L 120 56.96 -22.21 66.60
C LEU L 120 55.59 -22.85 66.45
N THR L 121 55.51 -24.18 66.56
CA THR L 121 54.23 -24.87 66.41
C THR L 121 53.27 -24.55 67.54
N ASN L 122 53.80 -24.21 68.71
CA ASN L 122 52.96 -23.69 69.78
C ASN L 122 52.36 -22.35 69.39
N LYS L 123 53.11 -21.54 68.65
CA LYS L 123 52.68 -20.18 68.37
C LYS L 123 51.64 -20.14 67.27
N ILE L 124 51.70 -21.05 66.31
CA ILE L 124 50.69 -21.09 65.27
C ILE L 124 49.34 -21.53 65.85
N SER L 125 49.36 -22.57 66.70
CA SER L 125 48.13 -23.04 67.31
C SER L 125 47.55 -22.03 68.29
N ASP L 126 48.38 -21.15 68.85
CA ASP L 126 47.87 -20.06 69.64
C ASP L 126 47.26 -18.95 68.79
N ILE L 127 47.48 -18.98 67.48
CA ILE L 127 46.86 -18.04 66.57
C ILE L 127 45.70 -18.68 65.82
N SER L 128 45.87 -19.92 65.40
CA SER L 128 44.91 -20.57 64.51
C SER L 128 43.61 -20.96 65.19
N ASP L 129 43.45 -20.72 66.49
CA ASP L 129 42.25 -21.15 67.20
C ASP L 129 41.24 -20.04 67.42
N MET L 130 41.68 -18.79 67.51
CA MET L 130 40.79 -17.70 67.93
C MET L 130 39.93 -17.28 66.75
N VAL L 131 38.73 -17.85 66.68
CA VAL L 131 37.76 -17.45 65.67
C VAL L 131 37.20 -16.09 66.06
N ILE L 132 37.24 -15.15 65.12
CA ILE L 132 36.75 -13.80 65.38
C ILE L 132 35.76 -13.35 64.31
N ALA L 133 35.72 -14.06 63.19
CA ALA L 133 34.76 -13.68 62.16
C ALA L 133 33.39 -14.28 62.44
N GLU L 134 33.33 -15.56 62.75
CA GLU L 134 32.04 -16.23 62.99
C GLU L 134 31.41 -15.82 64.32
N ARG L 135 32.16 -15.15 65.18
CA ARG L 135 31.62 -14.64 66.44
C ARG L 135 31.03 -13.25 66.29
N LEU L 136 31.13 -12.65 65.11
CA LEU L 136 30.67 -11.29 64.91
C LEU L 136 29.68 -11.13 63.78
N GLN L 137 29.36 -12.20 63.05
CA GLN L 137 28.48 -12.07 61.89
C GLN L 137 27.05 -11.74 62.33
N ASP L 138 26.67 -12.18 63.53
CA ASP L 138 25.48 -11.62 64.17
C ASP L 138 25.69 -10.14 64.45
N LEU L 139 26.83 -9.78 65.01
CA LEU L 139 27.05 -8.44 65.49
C LEU L 139 27.28 -7.46 64.35
N VAL L 140 27.71 -7.93 63.19
CA VAL L 140 27.81 -7.05 62.03
C VAL L 140 26.42 -6.73 61.50
N THR L 141 25.65 -7.77 61.17
CA THR L 141 24.39 -7.59 60.46
C THR L 141 23.33 -6.91 61.29
N GLN L 142 23.41 -6.99 62.62
CA GLN L 142 22.52 -6.21 63.46
C GLN L 142 22.81 -4.72 63.31
N THR L 143 24.08 -4.34 63.41
CA THR L 143 24.45 -2.95 63.20
C THR L 143 24.27 -2.52 61.76
N GLU L 144 24.50 -3.44 60.82
CA GLU L 144 24.29 -3.14 59.41
C GLU L 144 22.82 -2.90 59.11
N SER L 145 21.93 -3.60 59.82
CA SER L 145 20.52 -3.29 59.71
C SER L 145 20.20 -1.92 60.29
N GLN L 146 20.87 -1.56 61.39
CA GLN L 146 20.65 -0.27 62.04
C GLN L 146 21.02 0.90 61.14
N LYS L 147 22.02 0.70 60.28
CA LYS L 147 22.35 1.71 59.28
C LYS L 147 21.20 1.91 58.31
N THR L 148 20.58 0.81 57.87
CA THR L 148 19.44 0.88 56.98
C THR L 148 18.18 1.31 57.69
N GLU L 149 18.13 1.17 59.02
CA GLU L 149 16.99 1.66 59.79
C GLU L 149 16.85 3.16 59.69
N LEU L 150 17.96 3.87 59.77
CA LEU L 150 17.90 5.32 59.97
C LEU L 150 17.93 6.09 58.68
N GLN L 151 18.59 5.58 57.63
CA GLN L 151 18.47 6.20 56.33
C GLN L 151 17.07 6.04 55.75
N SER L 152 16.35 5.01 56.18
CA SER L 152 14.92 4.92 55.91
C SER L 152 14.08 5.86 56.76
N ASP L 153 14.70 6.54 57.74
CA ASP L 153 14.04 7.62 58.45
C ASP L 153 14.50 8.99 57.98
N ILE L 154 15.62 9.05 57.27
CA ILE L 154 16.03 10.27 56.59
C ILE L 154 15.03 10.64 55.50
N ASP L 155 14.56 9.63 54.76
CA ASP L 155 13.68 9.87 53.63
C ASP L 155 12.32 10.50 53.98
N PRO L 156 11.64 10.15 55.09
CA PRO L 156 10.49 10.99 55.47
C PRO L 156 10.87 12.40 55.85
N LYS L 157 11.97 12.57 56.59
CA LYS L 157 12.31 13.90 57.10
C LYS L 157 12.86 14.80 56.01
N THR L 158 13.47 14.23 54.98
CA THR L 158 13.86 15.06 53.84
C THR L 158 12.66 15.42 52.98
N GLU L 159 11.61 14.59 52.98
CA GLU L 159 10.41 14.92 52.24
C GLU L 159 9.51 15.86 53.02
N LYS L 160 9.33 15.60 54.32
CA LYS L 160 8.49 16.44 55.16
C LYS L 160 9.04 17.85 55.27
N ARG L 161 10.36 17.98 55.30
CA ARG L 161 10.96 19.31 55.19
C ARG L 161 10.68 19.92 53.82
N ASN L 162 10.75 19.11 52.78
CA ASN L 162 10.53 19.62 51.43
C ASN L 162 9.05 19.88 51.17
N LYS L 163 8.15 19.22 51.91
CA LYS L 163 6.74 19.57 51.81
C LYS L 163 6.47 20.95 52.39
N LEU L 164 7.05 21.24 53.56
CA LEU L 164 6.80 22.50 54.24
C LEU L 164 7.51 23.67 53.60
N ASP L 165 8.45 23.42 52.69
CA ASP L 165 9.10 24.51 51.98
C ASP L 165 8.13 25.24 51.07
N ALA L 166 7.25 24.51 50.39
CA ALA L 166 6.26 25.15 49.55
C ALA L 166 5.17 25.78 50.39
N ASP L 167 4.76 25.10 51.47
CA ASP L 167 3.70 25.62 52.33
C ASP L 167 4.15 26.83 53.13
N ARG L 168 5.44 26.97 53.37
CA ARG L 168 5.95 28.26 53.84
C ARG L 168 5.76 29.33 52.78
N GLU L 169 6.21 29.04 51.55
CA GLU L 169 6.25 30.07 50.52
C GLU L 169 4.87 30.45 50.00
N LYS L 170 3.88 29.56 50.13
CA LYS L 170 2.51 29.95 49.81
C LYS L 170 2.00 31.01 50.76
N ILE L 171 2.42 30.95 52.02
CA ILE L 171 2.09 32.02 52.96
C ILE L 171 2.82 33.29 52.59
N ILE L 172 4.06 33.16 52.13
CA ILE L 172 4.87 34.31 51.75
C ILE L 172 4.27 35.02 50.54
N GLU L 173 3.76 34.25 49.57
CA GLU L 173 3.09 34.84 48.42
C GLU L 173 1.82 35.56 48.82
N SER L 174 1.10 35.00 49.79
CA SER L 174 -0.07 35.69 50.31
C SER L 174 0.28 36.83 51.24
N GLN L 175 1.45 36.80 51.86
CA GLN L 175 1.88 37.99 52.60
C GLN L 175 2.34 39.10 51.67
N ASP L 176 2.75 38.79 50.45
CA ASP L 176 3.21 39.82 49.53
C ASP L 176 2.08 40.69 49.02
N VAL L 177 0.86 40.18 49.01
CA VAL L 177 -0.30 40.99 48.65
C VAL L 177 -0.53 42.07 49.70
N ILE L 178 -0.42 41.70 50.96
CA ILE L 178 -0.59 42.67 52.04
C ILE L 178 0.64 43.56 52.14
N ARG L 179 1.80 43.04 51.74
CA ARG L 179 3.03 43.82 51.70
C ARG L 179 2.96 44.96 50.69
N GLN L 180 2.12 44.80 49.66
CA GLN L 180 2.26 45.55 48.41
C GLN L 180 1.99 47.04 48.60
N ASN L 181 1.18 47.42 49.59
CA ASN L 181 1.03 48.82 49.92
C ASN L 181 1.86 49.18 51.13
N ASN L 182 2.39 50.40 51.12
CA ASN L 182 3.45 50.82 52.02
C ASN L 182 2.87 51.47 53.27
N ILE L 183 3.75 52.13 54.03
CA ILE L 183 3.32 52.94 55.16
C ILE L 183 2.51 54.13 54.67
N ALA L 184 3.02 54.86 53.70
CA ALA L 184 2.38 56.09 53.29
C ALA L 184 1.37 55.90 52.16
N ASP L 185 1.35 54.75 51.49
CA ASP L 185 0.20 54.40 50.68
C ASP L 185 -1.05 54.33 51.53
N MET L 186 -0.91 53.74 52.72
CA MET L 186 -1.96 53.73 53.71
C MET L 186 -2.33 55.13 54.15
N PHE L 187 -1.32 55.97 54.43
CA PHE L 187 -1.58 57.37 54.74
C PHE L 187 -2.15 58.14 53.56
N LYS L 188 -1.81 57.73 52.34
CA LYS L 188 -2.44 58.34 51.17
C LYS L 188 -3.91 58.00 51.10
N ASP L 189 -4.29 56.82 51.60
CA ASP L 189 -5.68 56.43 51.58
C ASP L 189 -6.50 57.16 52.64
N PHE L 190 -5.87 57.53 53.77
CA PHE L 190 -6.64 58.17 54.84
C PHE L 190 -7.10 59.56 54.45
N ILE L 191 -6.31 60.27 53.66
CA ILE L 191 -6.85 61.49 53.04
C ILE L 191 -7.87 61.07 51.99
N PRO L 192 -9.07 61.65 51.99
CA PRO L 192 -10.08 61.25 51.00
C PRO L 192 -9.91 61.93 49.66
N SER L 193 -8.71 62.45 49.38
CA SER L 193 -8.33 63.05 48.11
C SER L 193 -8.67 62.15 46.91
N ALA L 194 -8.94 62.82 45.78
CA ALA L 194 -9.68 62.42 44.57
C ALA L 194 -11.18 62.31 44.84
N LYS L 195 -11.59 62.48 46.10
CA LYS L 195 -12.97 62.68 46.49
C LYS L 195 -13.09 63.73 47.57
N ASP L 196 -12.00 64.36 48.00
CA ASP L 196 -12.05 65.29 49.13
C ASP L 196 -12.55 66.65 48.68
N ILE L 197 -12.17 67.07 47.47
CA ILE L 197 -12.86 68.19 46.83
C ILE L 197 -14.31 67.82 46.61
N ASP L 198 -14.56 66.57 46.17
CA ASP L 198 -15.92 66.07 46.07
C ASP L 198 -16.56 65.91 47.44
N GLY L 199 -15.75 65.70 48.48
CA GLY L 199 -16.25 65.77 49.84
C GLY L 199 -16.72 67.15 50.24
N LEU L 200 -16.21 68.19 49.59
CA LEU L 200 -16.74 69.54 49.76
C LEU L 200 -17.48 70.05 48.54
N ASP L 201 -17.53 69.29 47.44
CA ASP L 201 -18.39 69.68 46.33
C ASP L 201 -19.85 69.33 46.62
N PHE L 202 -20.10 68.08 47.01
CA PHE L 202 -21.46 67.64 47.30
C PHE L 202 -21.99 68.18 48.62
N THR L 203 -21.13 68.73 49.47
CA THR L 203 -21.51 69.25 50.78
C THR L 203 -21.28 70.75 50.87
N GLN L 204 -21.65 71.48 49.82
CA GLN L 204 -21.56 72.94 49.88
C GLN L 204 -22.64 73.59 50.76
N PRO L 205 -23.94 73.23 50.69
CA PRO L 205 -24.89 73.86 51.63
C PRO L 205 -24.80 73.36 53.06
N LYS L 206 -24.00 72.32 53.33
CA LYS L 206 -23.88 71.76 54.67
C LYS L 206 -22.83 72.47 55.52
N LYS L 207 -22.37 73.65 55.09
CA LYS L 207 -21.41 74.40 55.90
C LYS L 207 -22.06 74.95 57.17
N GLU L 208 -23.36 75.15 57.15
CA GLU L 208 -24.11 75.41 58.38
C GLU L 208 -24.34 74.14 59.19
N ALA L 209 -24.24 72.98 58.55
CA ALA L 209 -24.49 71.71 59.22
C ALA L 209 -23.22 71.22 59.90
N ILE L 210 -23.36 70.79 61.16
CA ILE L 210 -22.26 70.13 61.86
C ILE L 210 -22.01 68.75 61.23
N LYS L 211 -23.07 68.13 60.71
CA LYS L 211 -23.03 66.78 60.17
C LYS L 211 -22.26 66.65 58.86
N GLN L 212 -21.80 67.76 58.27
CA GLN L 212 -20.87 67.68 57.15
C GLN L 212 -19.56 67.02 57.59
N ALA L 213 -19.10 67.32 58.81
CA ALA L 213 -17.91 66.68 59.33
C ALA L 213 -18.14 65.21 59.65
N ILE L 214 -19.39 64.84 59.92
CA ILE L 214 -19.71 63.42 60.08
C ILE L 214 -19.64 62.71 58.74
N LYS L 215 -20.09 63.38 57.67
CA LYS L 215 -19.89 62.88 56.32
C LYS L 215 -18.42 62.79 55.99
N GLN L 216 -17.63 63.78 56.44
CA GLN L 216 -16.19 63.67 56.42
C GLN L 216 -15.71 62.54 57.32
N GLY L 217 -16.27 62.44 58.52
CA GLY L 217 -15.88 61.43 59.47
C GLY L 217 -16.35 60.03 59.14
N ALA L 218 -17.21 59.88 58.13
CA ALA L 218 -17.79 58.57 57.82
C ALA L 218 -16.76 57.66 57.15
N GLU L 219 -16.21 58.11 56.02
CA GLU L 219 -15.36 57.24 55.22
C GLU L 219 -14.00 57.00 55.87
N ILE L 220 -13.52 57.98 56.65
CA ILE L 220 -12.27 57.76 57.38
C ILE L 220 -12.49 56.72 58.49
N ALA L 221 -13.69 56.69 59.08
CA ALA L 221 -13.98 55.65 60.06
C ALA L 221 -14.18 54.30 59.40
N ARG L 222 -14.53 54.27 58.11
CA ARG L 222 -14.55 53.00 57.39
C ARG L 222 -13.14 52.51 57.15
N LYS L 223 -12.34 53.32 56.46
CA LYS L 223 -11.08 52.86 55.90
C LYS L 223 -10.03 52.62 56.96
N ILE L 224 -10.21 53.18 58.16
CA ILE L 224 -9.34 52.83 59.27
C ILE L 224 -9.58 51.38 59.69
N LEU L 225 -10.81 50.89 59.54
CA LEU L 225 -11.11 49.52 59.92
C LEU L 225 -10.70 48.52 58.85
N GLY L 226 -10.85 48.88 57.58
CA GLY L 226 -10.50 47.98 56.49
C GLY L 226 -9.02 47.68 56.44
N LYS L 227 -8.19 48.62 56.86
CA LYS L 227 -6.76 48.35 56.91
C LYS L 227 -6.39 47.54 58.15
N VAL L 228 -7.20 47.61 59.21
CA VAL L 228 -6.97 46.76 60.38
C VAL L 228 -7.17 45.30 60.01
N SER L 229 -8.31 44.98 59.39
CA SER L 229 -8.64 43.61 59.08
C SER L 229 -7.71 43.01 58.04
N GLU L 230 -7.25 43.82 57.09
CA GLU L 230 -6.23 43.36 56.16
C GLU L 230 -4.96 42.98 56.88
N GLY L 231 -4.54 43.81 57.84
CA GLY L 231 -3.44 43.42 58.69
C GLY L 231 -3.81 42.37 59.71
N LEU L 232 -5.09 42.24 60.05
CA LEU L 232 -5.45 41.20 60.98
C LEU L 232 -5.47 39.85 60.30
N LYS L 233 -5.75 39.82 58.99
CA LYS L 233 -5.46 38.65 58.19
C LYS L 233 -3.97 38.32 58.22
N TYR L 234 -3.13 39.36 58.09
CA TYR L 234 -1.69 39.22 58.12
C TYR L 234 -1.17 38.73 59.46
N ILE L 235 -1.92 38.94 60.54
CA ILE L 235 -1.57 38.37 61.83
C ILE L 235 -1.71 36.86 61.80
N ASP L 236 -2.89 36.37 61.44
CA ASP L 236 -3.13 34.93 61.39
C ASP L 236 -2.34 34.27 60.28
N LEU L 237 -2.01 35.04 59.24
CA LEU L 237 -1.20 34.50 58.17
C LEU L 237 0.24 34.30 58.62
N ALA L 238 0.77 35.23 59.42
CA ALA L 238 2.14 35.11 59.90
C ALA L 238 2.26 34.05 60.98
N ASP L 239 1.27 33.98 61.87
CA ASP L 239 1.35 33.05 63.00
C ASP L 239 1.25 31.60 62.54
N ALA L 240 0.62 31.36 61.41
CA ALA L 240 0.74 30.05 60.77
C ALA L 240 2.17 29.81 60.33
N ARG L 241 2.75 30.79 59.63
CA ARG L 241 4.12 30.67 59.12
C ARG L 241 5.13 30.64 60.25
N MET L 242 4.88 31.43 61.30
CA MET L 242 5.70 31.37 62.50
C MET L 242 5.69 29.98 63.11
N LYS L 243 4.52 29.34 63.11
CA LYS L 243 4.45 27.94 63.51
C LYS L 243 5.05 27.03 62.45
N LEU L 244 4.85 27.37 61.18
CA LEU L 244 5.29 26.50 60.11
C LEU L 244 6.81 26.52 59.98
N SER L 245 7.44 27.65 60.31
CA SER L 245 8.90 27.69 60.34
C SER L 245 9.44 26.85 61.48
N ASP L 246 8.73 26.82 62.61
CA ASP L 246 9.20 26.06 63.77
C ASP L 246 9.12 24.56 63.53
N GLN L 247 8.22 24.13 62.63
CA GLN L 247 8.19 22.74 62.22
C GLN L 247 9.48 22.34 61.53
N ILE L 248 9.97 23.20 60.62
CA ILE L 248 11.21 22.91 59.91
C ILE L 248 12.39 23.02 60.85
N ASP L 249 12.29 23.90 61.87
CA ASP L 249 13.35 24.03 62.86
C ASP L 249 13.52 22.76 63.68
N GLN L 250 12.41 22.10 64.00
CA GLN L 250 12.50 20.78 64.63
C GLN L 250 13.04 19.76 63.64
N LEU L 251 12.56 19.81 62.40
CA LEU L 251 12.92 18.81 61.39
C LEU L 251 14.40 18.84 61.05
N ILE L 252 14.99 20.02 60.94
CA ILE L 252 16.43 20.12 60.72
C ILE L 252 17.18 19.63 61.95
N THR L 253 16.64 19.91 63.14
CA THR L 253 17.24 19.41 64.37
C THR L 253 17.11 17.89 64.48
N GLU L 254 15.96 17.36 64.11
CA GLU L 254 15.76 15.92 64.20
C GLU L 254 16.53 15.14 63.15
N THR L 255 16.86 15.76 62.01
CA THR L 255 17.68 15.08 61.02
C THR L 255 19.10 14.91 61.52
N ASP L 256 19.75 16.00 61.92
CA ASP L 256 21.16 15.96 62.23
C ASP L 256 21.44 15.20 63.52
N GLU L 257 20.48 15.19 64.44
CA GLU L 257 20.54 14.29 65.58
C GLU L 257 20.49 12.84 65.11
N LEU L 258 19.62 12.56 64.14
CA LEU L 258 19.58 11.22 63.56
C LEU L 258 20.74 10.99 62.61
N LYS L 259 21.23 12.05 61.96
CA LYS L 259 22.40 11.89 61.11
C LYS L 259 23.66 11.75 61.95
N ALA L 260 23.62 12.17 63.21
CA ALA L 260 24.68 11.81 64.13
C ALA L 260 24.63 10.34 64.49
N LYS L 261 23.46 9.70 64.39
CA LYS L 261 23.37 8.29 64.76
C LYS L 261 24.02 7.40 63.70
N ILE L 262 23.81 7.71 62.42
CA ILE L 262 24.44 6.91 61.36
C ILE L 262 25.94 7.12 61.32
N ARG L 263 26.43 8.22 61.89
CA ARG L 263 27.86 8.39 62.08
C ARG L 263 28.42 7.32 62.98
N GLU L 264 27.79 7.10 64.13
CA GLU L 264 28.28 6.12 65.10
C GLU L 264 28.13 4.70 64.58
N VAL L 265 27.09 4.44 63.81
CA VAL L 265 26.92 3.11 63.21
C VAL L 265 28.01 2.86 62.18
N GLU L 266 28.23 3.83 61.29
CA GLU L 266 29.29 3.70 60.30
C GLU L 266 30.66 3.68 60.94
N LEU L 267 30.85 4.42 62.04
CA LEU L 267 32.09 4.33 62.79
C LEU L 267 32.24 2.95 63.42
N ARG L 268 31.13 2.32 63.79
CA ARG L 268 31.21 0.97 64.33
C ARG L 268 31.42 -0.04 63.20
N LEU L 269 30.60 0.05 62.15
CA LEU L 269 30.60 -0.95 61.08
C LEU L 269 31.92 -0.96 60.33
N SER L 270 32.53 0.21 60.12
CA SER L 270 33.86 0.25 59.54
C SER L 270 34.89 -0.34 60.49
N GLY L 271 34.72 -0.16 61.79
CA GLY L 271 35.58 -0.82 62.75
C GLY L 271 35.39 -2.31 62.76
N LEU L 272 34.17 -2.78 62.52
CA LEU L 272 33.91 -4.21 62.53
C LEU L 272 34.41 -4.87 61.26
N LYS L 273 34.28 -4.20 60.12
CA LYS L 273 34.82 -4.73 58.87
C LYS L 273 36.34 -4.78 58.91
N ASP L 274 36.96 -3.91 59.69
CA ASP L 274 38.39 -4.01 59.94
C ASP L 274 38.73 -5.31 60.66
N VAL L 275 37.88 -5.72 61.60
CA VAL L 275 38.09 -6.99 62.29
C VAL L 275 37.82 -8.14 61.34
N MET L 276 36.86 -7.98 60.42
CA MET L 276 36.55 -9.03 59.47
C MET L 276 37.69 -9.25 58.48
N GLN L 277 38.48 -8.22 58.20
CA GLN L 277 39.63 -8.41 57.33
C GLN L 277 40.79 -9.09 58.02
N ILE L 278 40.81 -9.09 59.36
CA ILE L 278 41.90 -9.72 60.10
C ILE L 278 41.90 -11.22 59.87
N ASP L 279 40.71 -11.84 59.85
CA ASP L 279 40.62 -13.26 59.62
C ASP L 279 41.02 -13.63 58.21
N THR L 280 40.80 -12.74 57.25
CA THR L 280 41.21 -13.00 55.87
C THR L 280 42.74 -13.03 55.76
N GLU L 281 43.41 -12.09 56.41
CA GLU L 281 44.86 -12.12 56.42
C GLU L 281 45.44 -13.05 57.46
N ARG L 282 44.64 -13.50 58.42
CA ARG L 282 45.11 -14.55 59.31
C ARG L 282 45.25 -15.86 58.56
N THR L 283 44.40 -16.10 57.57
CA THR L 283 44.54 -17.30 56.75
C THR L 283 45.78 -17.22 55.87
N THR L 284 46.03 -16.07 55.25
CA THR L 284 47.22 -15.93 54.41
C THR L 284 48.49 -15.97 55.25
N LEU L 285 48.42 -15.54 56.51
CA LEU L 285 49.53 -15.72 57.42
C LEU L 285 49.75 -17.19 57.75
N LEU L 286 48.69 -17.89 58.12
CA LEU L 286 48.88 -19.22 58.67
C LEU L 286 49.12 -20.26 57.60
N THR L 287 48.35 -20.23 56.50
CA THR L 287 48.51 -21.23 55.44
C THR L 287 49.87 -21.14 54.78
N GLU L 288 50.49 -19.97 54.81
CA GLU L 288 51.89 -19.88 54.48
C GLU L 288 52.77 -20.47 55.58
N ALA L 289 52.47 -20.16 56.84
CA ALA L 289 53.29 -20.64 57.94
C ALA L 289 53.07 -22.12 58.24
N VAL L 290 51.92 -22.68 57.85
CA VAL L 290 51.73 -24.12 57.93
C VAL L 290 52.69 -24.84 56.99
N LYS L 291 52.94 -24.25 55.81
CA LYS L 291 53.91 -24.80 54.87
C LYS L 291 55.33 -24.79 55.41
N ILE L 292 55.59 -23.98 56.43
CA ILE L 292 56.94 -23.86 56.96
C ILE L 292 57.17 -24.83 58.11
N GLU L 293 56.14 -25.11 58.92
CA GLU L 293 56.23 -26.14 59.96
C GLU L 293 56.60 -27.50 59.40
N GLN L 294 56.10 -27.82 58.20
CA GLN L 294 56.41 -29.10 57.58
C GLN L 294 57.89 -29.23 57.31
N VAL L 295 58.48 -28.26 56.61
CA VAL L 295 59.89 -28.35 56.26
C VAL L 295 60.80 -28.03 57.42
N TRP L 296 60.27 -27.61 58.57
CA TRP L 296 61.08 -27.72 59.78
C TRP L 296 61.09 -29.15 60.29
N ILE L 297 59.91 -29.77 60.36
CA ILE L 297 59.80 -31.09 60.99
C ILE L 297 60.30 -32.17 60.05
N SER L 298 59.88 -32.12 58.78
CA SER L 298 60.26 -33.15 57.81
C SER L 298 61.77 -33.16 57.57
N PHE L 299 62.43 -32.03 57.73
CA PHE L 299 63.88 -32.02 57.83
C PHE L 299 64.35 -32.72 59.09
N ALA L 300 63.85 -32.27 60.25
CA ALA L 300 64.36 -32.75 61.53
C ALA L 300 64.05 -34.21 61.77
N GLU L 301 62.93 -34.71 61.23
CA GLU L 301 62.68 -36.14 61.25
C GLU L 301 63.68 -36.88 60.38
N GLN L 302 63.93 -36.36 59.18
CA GLN L 302 64.92 -36.98 58.29
C GLN L 302 66.33 -36.79 58.83
N LEU L 303 66.57 -35.70 59.55
CA LEU L 303 67.90 -35.49 60.11
C LEU L 303 68.13 -36.39 61.31
N HIS L 304 67.11 -36.61 62.13
CA HIS L 304 67.26 -37.56 63.22
C HIS L 304 67.24 -39.00 62.73
N LYS L 305 66.71 -39.23 61.53
CA LYS L 305 66.84 -40.53 60.89
C LYS L 305 68.30 -40.85 60.59
N LEU L 306 69.09 -39.84 60.24
CA LEU L 306 70.51 -40.09 59.97
C LEU L 306 71.29 -40.21 61.26
N SER L 307 70.82 -39.58 62.35
CA SER L 307 71.48 -39.72 63.64
C SER L 307 71.28 -41.10 64.26
N ASN L 308 70.39 -41.91 63.70
CA ASN L 308 70.31 -43.30 64.11
C ASN L 308 71.53 -44.07 63.65
N ASP L 309 71.85 -43.99 62.35
CA ASP L 309 72.92 -44.81 61.78
C ASP L 309 74.30 -44.21 62.05
N GLU L 310 74.39 -42.88 62.13
CA GLU L 310 75.62 -42.13 62.46
C GLU L 310 76.73 -42.40 61.46
N ILE L 311 76.37 -42.57 60.20
CA ILE L 311 77.33 -42.83 59.14
C ILE L 311 77.87 -41.49 58.67
N ASN L 312 79.14 -41.49 58.22
CA ASN L 312 79.84 -40.29 57.79
C ASN L 312 79.61 -40.00 56.30
N GLN L 313 78.45 -40.38 55.77
CA GLN L 313 78.09 -40.12 54.38
C GLN L 313 78.08 -38.63 54.08
N GLN L 314 78.24 -38.32 52.79
CA GLN L 314 78.14 -36.95 52.33
C GLN L 314 76.82 -36.70 51.62
N ASP L 315 75.94 -37.71 51.61
CA ASP L 315 74.52 -37.45 51.37
C ASP L 315 73.92 -36.71 52.55
N LEU L 316 74.48 -36.89 53.75
CA LEU L 316 74.21 -36.03 54.89
C LEU L 316 74.38 -34.56 54.53
N SER L 317 75.60 -34.18 54.14
CA SER L 317 75.87 -32.80 53.77
C SER L 317 75.15 -32.40 52.48
N ASN L 318 74.79 -33.36 51.64
CA ASN L 318 73.88 -33.08 50.54
C ASN L 318 72.49 -32.79 51.05
N LEU L 319 72.05 -33.49 52.09
CA LEU L 319 70.73 -33.26 52.63
C LEU L 319 70.67 -31.95 53.41
N ILE L 320 71.78 -31.55 54.03
CA ILE L 320 71.81 -30.23 54.67
C ILE L 320 71.77 -29.14 53.61
N ASN L 321 72.43 -29.38 52.47
CA ASN L 321 72.63 -28.36 51.46
C ASN L 321 71.32 -27.91 50.83
N GLY L 322 70.39 -28.85 50.61
CA GLY L 322 69.08 -28.47 50.13
C GLY L 322 68.29 -27.70 51.18
N GLN L 323 68.44 -28.08 52.45
CA GLN L 323 67.82 -27.33 53.53
C GLN L 323 68.51 -25.99 53.73
N LEU L 324 69.84 -25.98 53.71
CA LEU L 324 70.58 -24.75 53.98
C LEU L 324 70.37 -23.73 52.87
N ASP L 325 70.20 -24.19 51.64
CA ASP L 325 69.87 -23.27 50.56
C ASP L 325 68.45 -22.75 50.71
N PHE L 326 67.52 -23.64 51.05
CA PHE L 326 66.14 -23.25 51.34
C PHE L 326 66.06 -22.24 52.48
N LEU L 327 66.83 -22.48 53.53
CA LEU L 327 66.88 -21.52 54.62
C LEU L 327 67.53 -20.22 54.15
N ASN L 328 68.58 -20.31 53.35
CA ASN L 328 69.20 -19.11 52.80
C ASN L 328 68.29 -18.44 51.78
N ASN L 329 67.50 -19.23 51.05
CA ASN L 329 66.42 -18.66 50.25
C ASN L 329 65.46 -17.89 51.11
N LEU L 330 65.13 -18.44 52.27
CA LEU L 330 64.11 -17.81 53.11
C LEU L 330 64.67 -16.61 53.86
N THR L 331 65.99 -16.57 54.10
CA THR L 331 66.60 -15.35 54.62
C THR L 331 66.55 -14.23 53.59
N LEU L 332 66.55 -14.59 52.31
CA LEU L 332 66.77 -13.61 51.25
C LEU L 332 65.57 -12.69 51.07
N GLN L 333 64.35 -13.23 51.15
CA GLN L 333 63.19 -12.37 50.93
C GLN L 333 62.98 -11.41 52.09
N TYR L 334 63.44 -11.77 53.29
CA TYR L 334 63.48 -10.79 54.36
C TYR L 334 64.52 -9.72 54.10
N ASN L 335 65.61 -10.08 53.44
CA ASN L 335 66.62 -9.09 53.09
C ASN L 335 66.27 -8.35 51.82
N LYS L 336 65.49 -8.95 50.94
CA LYS L 336 65.01 -8.27 49.75
C LYS L 336 63.57 -7.79 49.96
N LEU L 337 63.16 -7.62 51.21
CA LEU L 337 61.81 -7.14 51.48
C LEU L 337 61.68 -5.68 51.08
N LYS L 338 62.72 -4.89 51.34
CA LYS L 338 63.01 -3.64 50.64
C LYS L 338 61.94 -2.54 50.79
N TYR M 1 71.20 12.75 -40.57
CA TYR M 1 70.52 13.84 -41.26
C TYR M 1 68.98 13.81 -41.17
N PRO M 2 68.41 13.54 -39.97
CA PRO M 2 67.04 13.00 -39.91
C PRO M 2 65.91 13.95 -40.31
N GLU M 3 65.80 15.12 -39.67
CA GLU M 3 64.61 15.97 -39.82
C GLU M 3 64.89 17.37 -39.30
N ILE M 4 64.74 18.38 -40.15
CA ILE M 4 64.96 19.77 -39.76
C ILE M 4 63.82 20.60 -40.35
N ASN M 5 62.96 21.12 -39.48
CA ASN M 5 61.77 21.87 -39.89
C ASN M 5 62.04 23.35 -39.63
N ILE M 6 62.66 24.03 -40.60
CA ILE M 6 63.00 25.44 -40.38
C ILE M 6 61.79 26.34 -40.49
N LYS M 7 60.66 25.82 -40.98
CA LYS M 7 59.40 26.53 -40.87
C LYS M 7 59.02 26.75 -39.41
N ALA M 8 59.30 25.77 -38.56
CA ALA M 8 59.12 25.95 -37.13
C ALA M 8 60.22 26.81 -36.52
N MET M 9 61.33 26.99 -37.22
CA MET M 9 62.50 27.68 -36.70
C MET M 9 62.54 29.14 -37.11
N ASN M 10 62.42 29.41 -38.42
CA ASN M 10 62.46 30.78 -38.89
C ASN M 10 61.24 31.56 -38.46
N GLN M 11 60.15 30.88 -38.12
CA GLN M 11 59.09 31.52 -37.35
C GLN M 11 59.58 31.84 -35.94
N ALA M 12 60.22 30.87 -35.30
CA ALA M 12 60.64 31.02 -33.91
C ALA M 12 61.75 32.05 -33.77
N VAL M 13 62.61 32.18 -34.78
CA VAL M 13 63.56 33.29 -34.79
C VAL M 13 62.82 34.61 -34.89
N ASN M 14 61.82 34.66 -35.76
CA ASN M 14 61.14 35.92 -36.03
C ASN M 14 60.27 36.33 -34.84
N THR M 15 59.67 35.36 -34.15
CA THR M 15 58.85 35.70 -32.99
C THR M 15 59.69 36.18 -31.83
N ILE M 16 60.91 35.65 -31.67
CA ILE M 16 61.81 36.17 -30.64
C ILE M 16 62.16 37.62 -30.91
N TRP M 17 62.42 37.97 -32.17
CA TRP M 17 62.56 39.38 -32.50
C TRP M 17 61.25 40.11 -32.35
N LEU M 18 60.13 39.44 -32.62
CA LEU M 18 58.83 40.07 -32.45
C LEU M 18 58.52 40.31 -30.98
N LEU M 19 58.81 39.32 -30.12
CA LEU M 19 58.55 39.50 -28.71
C LEU M 19 59.59 40.38 -28.02
N ALA M 20 60.71 40.67 -28.70
CA ALA M 20 61.71 41.54 -28.12
C ALA M 20 61.20 42.98 -28.04
N GLN M 21 60.69 43.49 -29.13
CA GLN M 21 60.16 44.84 -29.14
C GLN M 21 58.81 44.92 -28.43
N ARG M 22 58.08 43.80 -28.36
CA ARG M 22 56.72 43.80 -27.86
C ARG M 22 56.66 43.88 -26.33
N GLN M 23 57.68 43.37 -25.64
CA GLN M 23 57.60 43.14 -24.21
C GLN M 23 57.49 44.44 -23.43
N THR M 24 56.67 44.42 -22.39
CA THR M 24 56.32 45.59 -21.60
C THR M 24 56.58 45.34 -20.13
N SER M 25 57.78 44.84 -19.84
CA SER M 25 58.14 44.55 -18.45
C SER M 25 58.29 45.82 -17.63
N GLY M 26 58.77 46.90 -18.24
CA GLY M 26 58.99 48.12 -17.49
C GLY M 26 60.15 48.03 -16.54
N ILE M 27 61.16 47.24 -16.87
CA ILE M 27 62.34 47.09 -16.05
C ILE M 27 63.55 47.18 -16.99
N GLU M 28 64.71 47.49 -16.41
CA GLU M 28 65.85 47.93 -17.19
C GLU M 28 66.87 46.84 -17.46
N ILE M 29 66.68 45.64 -16.92
CA ILE M 29 67.67 44.57 -17.02
C ILE M 29 67.17 43.42 -17.88
N ILE M 30 65.87 43.12 -17.82
CA ILE M 30 65.26 42.30 -18.85
C ILE M 30 65.34 43.01 -20.20
N ASN M 31 65.29 44.34 -20.17
CA ASN M 31 65.37 45.15 -21.39
C ASN M 31 66.72 45.00 -22.08
N ASP M 32 67.78 44.65 -21.36
CA ASP M 32 69.02 44.24 -21.99
C ASP M 32 69.32 42.77 -21.73
N LYS M 33 68.36 42.01 -21.19
CA LYS M 33 68.45 40.58 -21.38
C LYS M 33 67.97 40.18 -22.75
N VAL M 34 66.79 40.67 -23.13
CA VAL M 34 66.15 40.21 -24.35
C VAL M 34 66.86 40.76 -25.56
N LYS M 35 67.35 42.00 -25.46
CA LYS M 35 68.07 42.65 -26.55
C LYS M 35 69.34 41.89 -26.92
N ARG M 36 70.00 41.31 -25.93
CA ARG M 36 71.17 40.49 -26.20
C ARG M 36 70.78 39.12 -26.74
N ILE M 37 69.65 38.58 -26.30
CA ILE M 37 69.17 37.31 -26.82
C ILE M 37 68.72 37.48 -28.26
N SER M 38 67.93 38.51 -28.52
CA SER M 38 67.27 38.64 -29.80
C SER M 38 68.24 39.03 -30.90
N ALA M 39 69.22 39.88 -30.58
CA ALA M 39 70.22 40.25 -31.57
C ALA M 39 71.14 39.08 -31.90
N TYR M 40 71.26 38.10 -31.02
CA TYR M 40 71.90 36.85 -31.39
C TYR M 40 71.06 36.08 -32.40
N SER M 41 69.76 35.92 -32.08
CA SER M 41 68.92 35.00 -32.83
C SER M 41 68.67 35.50 -34.25
N ARG M 42 68.55 36.83 -34.42
CA ARG M 42 68.47 37.40 -35.76
C ARG M 42 69.76 37.14 -36.52
N GLU M 43 70.90 37.42 -35.88
CA GLU M 43 72.19 37.11 -36.50
C GLU M 43 72.41 35.62 -36.64
N PHE M 44 71.74 34.81 -35.82
CA PHE M 44 71.84 33.37 -35.99
C PHE M 44 71.14 32.90 -37.26
N ASP M 45 70.00 33.50 -37.58
CA ASP M 45 69.30 33.12 -38.80
C ASP M 45 70.06 33.61 -40.03
N GLU M 46 70.63 34.80 -39.95
CA GLU M 46 71.41 35.34 -41.06
C GLU M 46 72.65 34.50 -41.31
N MET M 47 73.37 34.16 -40.24
CA MET M 47 74.62 33.43 -40.39
C MET M 47 74.38 31.98 -40.77
N MET M 48 73.19 31.45 -40.49
CA MET M 48 72.90 30.11 -40.99
C MET M 48 72.61 30.15 -42.49
N ARG M 49 71.81 31.12 -42.94
CA ARG M 49 71.54 31.27 -44.37
C ARG M 49 72.80 31.60 -45.14
N ASP M 50 73.67 32.42 -44.57
CA ASP M 50 74.92 32.75 -45.25
C ASP M 50 75.84 31.55 -45.31
N SER M 51 75.87 30.75 -44.24
CA SER M 51 76.59 29.48 -44.31
C SER M 51 75.87 28.51 -45.24
N LEU M 52 74.55 28.61 -45.35
CA LEU M 52 73.83 27.77 -46.28
C LEU M 52 74.11 28.19 -47.72
N ALA M 53 74.31 29.49 -47.95
CA ALA M 53 74.59 29.96 -49.29
C ALA M 53 76.05 29.82 -49.66
N GLN M 54 76.97 29.91 -48.71
CA GLN M 54 78.39 29.84 -49.04
C GLN M 54 78.94 28.42 -49.01
N LEU M 55 78.09 27.41 -48.80
CA LEU M 55 78.54 26.03 -48.82
C LEU M 55 77.94 25.19 -49.93
N ALA M 56 76.82 25.61 -50.51
CA ALA M 56 76.29 24.91 -51.67
C ALA M 56 77.21 24.95 -52.89
N PRO M 57 77.80 26.08 -53.32
CA PRO M 57 78.65 26.00 -54.52
C PRO M 57 79.97 25.32 -54.28
N VAL M 58 80.50 25.35 -53.05
CA VAL M 58 81.83 24.80 -52.82
C VAL M 58 81.78 23.27 -52.77
N LEU M 59 80.61 22.68 -52.51
CA LEU M 59 80.51 21.23 -52.58
C LEU M 59 80.51 20.74 -54.01
N LYS M 60 79.83 21.45 -54.91
CA LYS M 60 79.80 21.06 -56.32
C LYS M 60 81.14 21.25 -57.01
N GLN M 61 82.02 22.08 -56.44
CA GLN M 61 83.40 22.13 -56.90
C GLN M 61 84.14 20.83 -56.63
N LEU M 62 83.69 20.05 -55.66
CA LEU M 62 84.33 18.78 -55.34
C LEU M 62 83.71 17.62 -56.09
N THR M 63 82.42 17.69 -56.42
CA THR M 63 81.76 16.58 -57.09
C THR M 63 82.21 16.46 -58.54
N SER M 64 81.95 17.49 -59.33
CA SER M 64 82.23 17.45 -60.76
C SER M 64 83.58 18.03 -61.11
N ASP M 65 84.57 17.88 -60.23
CA ASP M 65 85.92 18.33 -60.53
C ASP M 65 86.51 17.53 -61.69
N ALA M 66 86.27 16.21 -61.72
CA ALA M 66 86.58 15.30 -62.81
C ALA M 66 88.07 15.26 -63.16
N ALA M 67 88.93 15.65 -62.21
CA ALA M 67 90.36 15.60 -62.45
C ALA M 67 90.91 14.19 -62.33
N PHE M 68 90.21 13.31 -61.62
CA PHE M 68 90.57 11.90 -61.62
C PHE M 68 90.35 11.27 -62.99
N GLN M 69 89.38 11.79 -63.76
CA GLN M 69 89.21 11.35 -65.14
C GLN M 69 90.38 11.79 -66.00
N THR M 70 90.98 12.93 -65.70
CA THR M 70 92.18 13.33 -66.41
C THR M 70 93.37 12.49 -65.98
N ILE M 71 93.35 11.97 -64.75
CA ILE M 71 94.34 10.99 -64.34
C ILE M 71 94.13 9.69 -65.11
N ALA M 72 92.87 9.35 -65.40
CA ALA M 72 92.57 8.17 -66.20
C ALA M 72 93.05 8.33 -67.64
N GLN M 73 93.14 9.58 -68.13
CA GLN M 73 93.80 9.82 -69.41
C GLN M 73 95.30 9.58 -69.31
N ILE M 74 95.89 9.87 -68.16
CA ILE M 74 97.30 9.56 -67.96
C ILE M 74 97.49 8.06 -67.73
N ASP M 75 96.46 7.39 -67.18
CA ASP M 75 96.56 5.96 -66.91
C ASP M 75 96.59 5.14 -68.20
N GLU M 76 95.96 5.63 -69.27
CA GLU M 76 96.16 5.01 -70.57
C GLU M 76 97.46 5.44 -71.23
N ALA M 77 98.09 6.50 -70.73
CA ALA M 77 99.35 6.97 -71.28
C ALA M 77 100.57 6.49 -70.51
N LEU M 78 100.38 5.89 -69.33
CA LEU M 78 101.51 5.40 -68.56
C LEU M 78 101.82 3.93 -68.82
N ALA M 79 100.88 3.04 -68.49
CA ALA M 79 101.17 1.62 -68.55
C ALA M 79 100.97 1.06 -69.94
N ASP M 80 99.92 1.50 -70.63
CA ASP M 80 99.48 0.91 -71.89
C ASP M 80 100.45 1.10 -73.06
N PRO M 81 101.21 2.19 -73.19
CA PRO M 81 102.34 2.13 -74.12
C PRO M 81 103.64 1.73 -73.44
N SER M 82 104.52 1.14 -74.24
CA SER M 82 105.93 0.98 -73.85
C SER M 82 106.57 2.36 -74.04
N LEU M 83 106.43 3.18 -73.01
CA LEU M 83 106.54 4.63 -73.15
C LEU M 83 107.91 5.10 -72.67
N SER M 84 108.29 6.28 -73.13
CA SER M 84 109.58 6.87 -72.76
C SER M 84 109.62 7.21 -71.28
N LYS M 85 110.68 6.75 -70.61
CA LYS M 85 110.87 7.02 -69.18
C LYS M 85 111.10 8.50 -68.88
N ASP M 86 111.54 9.27 -69.88
CA ASP M 86 111.58 10.73 -69.74
C ASP M 86 110.18 11.27 -69.50
N ASP M 87 109.18 10.69 -70.17
CA ASP M 87 107.81 11.12 -69.99
C ASP M 87 107.03 10.28 -68.99
N ARG M 88 107.42 9.00 -68.79
CA ARG M 88 106.78 8.20 -67.74
C ARG M 88 107.02 8.80 -66.37
N GLU M 89 108.23 9.32 -66.15
CA GLU M 89 108.49 10.09 -64.93
C GLU M 89 107.73 11.41 -64.96
N ALA M 90 107.62 12.03 -66.13
CA ALA M 90 106.98 13.33 -66.23
C ALA M 90 105.47 13.23 -66.07
N LEU M 91 104.85 12.20 -66.66
CA LEU M 91 103.41 12.01 -66.49
C LEU M 91 103.05 11.70 -65.05
N THR M 92 103.88 10.91 -64.36
CA THR M 92 103.64 10.68 -62.94
C THR M 92 104.01 11.89 -62.10
N LEU M 93 104.80 12.83 -62.63
CA LEU M 93 105.19 13.99 -61.85
C LEU M 93 104.00 14.93 -61.64
N GLU M 94 103.33 15.32 -62.71
CA GLU M 94 102.19 16.22 -62.56
C GLU M 94 100.99 15.48 -61.98
N ARG M 95 100.92 14.15 -62.18
CA ARG M 95 99.93 13.34 -61.48
C ARG M 95 100.12 13.42 -59.98
N ASN M 96 101.37 13.38 -59.52
CA ASN M 96 101.63 13.55 -58.09
C ASN M 96 101.31 14.96 -57.63
N ASN M 97 101.47 15.95 -58.50
CA ASN M 97 101.00 17.29 -58.17
C ASN M 97 99.48 17.33 -58.09
N LEU M 98 98.81 16.68 -59.05
CA LEU M 98 97.37 16.88 -59.21
C LEU M 98 96.58 16.13 -58.16
N ILE M 99 97.09 15.00 -57.67
CA ILE M 99 96.46 14.34 -56.53
C ILE M 99 96.66 15.18 -55.27
N GLN M 100 97.86 15.74 -55.11
CA GLN M 100 98.08 16.68 -54.01
C GLN M 100 97.30 17.97 -54.22
N ASN M 101 97.11 18.39 -55.47
CA ASN M 101 96.20 19.50 -55.75
C ASN M 101 94.76 19.12 -55.45
N LEU M 102 94.41 17.85 -55.61
CA LEU M 102 93.08 17.41 -55.20
C LEU M 102 92.97 17.36 -53.69
N SER M 103 94.06 17.00 -53.00
CA SER M 103 94.04 17.04 -51.54
C SER M 103 93.98 18.47 -51.04
N LYS M 104 94.74 19.37 -51.67
CA LYS M 104 94.64 20.78 -51.34
C LYS M 104 93.33 21.38 -51.79
N HIS M 105 92.66 20.77 -52.78
CA HIS M 105 91.30 21.17 -53.09
C HIS M 105 90.35 20.77 -51.98
N ILE M 106 90.38 19.49 -51.60
CA ILE M 106 89.41 18.97 -50.64
C ILE M 106 89.70 19.48 -49.23
N ASP M 107 90.94 19.86 -48.93
CA ASP M 107 91.21 20.45 -47.62
C ASP M 107 90.83 21.92 -47.58
N ASN M 108 90.93 22.62 -48.71
CA ASN M 108 90.49 24.01 -48.74
C ASN M 108 88.97 24.10 -48.72
N VAL M 109 88.27 23.00 -49.01
CA VAL M 109 86.85 22.93 -48.69
C VAL M 109 86.66 23.01 -47.18
N ILE M 110 87.40 22.17 -46.44
CA ILE M 110 87.18 21.97 -45.01
C ILE M 110 87.48 23.24 -44.23
N VAL M 111 88.49 24.00 -44.67
CA VAL M 111 88.79 25.29 -44.08
C VAL M 111 87.63 26.26 -44.29
N SER M 112 87.09 26.29 -45.51
CA SER M 112 85.88 27.07 -45.74
C SER M 112 84.65 26.41 -45.14
N PHE M 113 84.70 25.09 -44.92
CA PHE M 113 83.55 24.41 -44.34
C PHE M 113 83.52 24.58 -42.83
N THR M 114 84.54 24.05 -42.14
CA THR M 114 84.62 24.14 -40.70
C THR M 114 84.89 25.55 -40.19
N GLY M 115 85.33 26.46 -41.07
CA GLY M 115 85.33 27.86 -40.73
C GLY M 115 83.96 28.48 -40.56
N ARG M 116 82.90 27.77 -40.96
CA ARG M 116 81.54 28.19 -40.72
C ARG M 116 80.81 27.34 -39.71
N THR M 117 81.12 26.04 -39.65
CA THR M 117 80.43 25.16 -38.71
C THR M 117 80.83 25.48 -37.28
N SER M 118 82.15 25.57 -37.03
CA SER M 118 82.64 26.00 -35.73
C SER M 118 82.26 27.45 -35.45
N LYS M 119 82.10 28.26 -36.49
CA LYS M 119 81.60 29.60 -36.32
C LYS M 119 80.12 29.60 -35.94
N LEU M 120 79.40 28.51 -36.22
CA LEU M 120 78.02 28.38 -35.78
C LEU M 120 77.93 27.82 -34.38
N THR M 121 78.85 26.92 -34.00
CA THR M 121 78.79 26.32 -32.67
C THR M 121 79.10 27.33 -31.57
N ASN M 122 79.88 28.36 -31.91
CA ASN M 122 80.03 29.48 -30.98
C ASN M 122 78.72 30.20 -30.77
N LYS M 123 77.89 30.30 -31.82
CA LYS M 123 76.70 31.10 -31.74
C LYS M 123 75.58 30.40 -30.99
N ILE M 124 75.51 29.07 -31.06
CA ILE M 124 74.50 28.35 -30.29
C ILE M 124 74.81 28.43 -28.80
N SER M 125 76.08 28.24 -28.43
CA SER M 125 76.45 28.32 -27.03
C SER M 125 76.31 29.73 -26.47
N ASP M 126 76.39 30.74 -27.34
CA ASP M 126 76.08 32.09 -26.89
C ASP M 126 74.60 32.33 -26.71
N ILE M 127 73.75 31.43 -27.21
CA ILE M 127 72.32 31.50 -26.99
C ILE M 127 71.87 30.54 -25.91
N SER M 128 72.42 29.34 -25.91
CA SER M 128 71.94 28.27 -25.06
C SER M 128 72.28 28.45 -23.59
N ASP M 129 72.99 29.50 -23.20
CA ASP M 129 73.42 29.68 -21.83
C ASP M 129 72.56 30.65 -21.03
N MET M 130 71.93 31.63 -21.69
CA MET M 130 71.28 32.72 -20.99
C MET M 130 69.91 32.24 -20.49
N VAL M 131 69.88 31.79 -19.25
CA VAL M 131 68.62 31.40 -18.62
C VAL M 131 67.85 32.66 -18.27
N ILE M 132 66.59 32.72 -18.70
CA ILE M 132 65.77 33.90 -18.46
C ILE M 132 64.43 33.51 -17.83
N ALA M 133 64.09 32.22 -17.89
CA ALA M 133 62.84 31.81 -17.26
C ALA M 133 63.01 31.57 -15.77
N GLU M 134 64.04 30.84 -15.38
CA GLU M 134 64.26 30.52 -13.98
C GLU M 134 64.75 31.72 -13.18
N ARG M 135 65.14 32.80 -13.84
CA ARG M 135 65.54 34.02 -13.16
C ARG M 135 64.37 34.96 -12.92
N LEU M 136 63.17 34.59 -13.38
CA LEU M 136 62.02 35.47 -13.27
C LEU M 136 60.83 34.83 -12.60
N GLN M 137 60.91 33.55 -12.23
CA GLN M 137 59.76 32.87 -11.65
C GLN M 137 59.43 33.42 -10.27
N ASP M 138 60.44 33.90 -9.54
CA ASP M 138 60.19 34.76 -8.40
C ASP M 138 59.47 36.04 -8.84
N LEU M 139 59.99 36.68 -9.89
CA LEU M 139 59.52 37.99 -10.27
C LEU M 139 58.15 37.94 -10.94
N VAL M 140 57.77 36.80 -11.50
CA VAL M 140 56.41 36.66 -12.01
C VAL M 140 55.42 36.54 -10.87
N THR M 141 55.63 35.56 -9.99
CA THR M 141 54.64 35.21 -8.97
C THR M 141 54.48 36.29 -7.92
N GLN M 142 55.49 37.13 -7.70
CA GLN M 142 55.31 38.27 -6.83
C GLN M 142 54.33 39.27 -7.44
N THR M 143 54.53 39.61 -8.72
CA THR M 143 53.59 40.49 -9.40
C THR M 143 52.24 39.82 -9.62
N GLU M 144 52.25 38.50 -9.85
CA GLU M 144 51.00 37.78 -10.01
C GLU M 144 50.20 37.77 -8.72
N SER M 145 50.88 37.74 -7.58
CA SER M 145 50.20 37.90 -6.30
C SER M 145 49.63 39.30 -6.17
N GLN M 146 50.37 40.31 -6.65
CA GLN M 146 49.92 41.70 -6.56
C GLN M 146 48.64 41.95 -7.35
N LYS M 147 48.46 41.21 -8.45
CA LYS M 147 47.20 41.28 -9.18
C LYS M 147 46.06 40.77 -8.32
N THR M 148 46.28 39.66 -7.60
CA THR M 148 45.26 39.13 -6.72
C THR M 148 45.11 39.93 -5.44
N GLU M 149 46.13 40.74 -5.09
CA GLU M 149 46.02 41.62 -3.94
C GLU M 149 44.92 42.66 -4.14
N LEU M 150 44.85 43.22 -5.33
CA LEU M 150 44.05 44.43 -5.53
C LEU M 150 42.65 44.12 -5.99
N GLN M 151 42.44 43.02 -6.72
CA GLN M 151 41.07 42.60 -7.02
C GLN M 151 40.36 42.11 -5.78
N SER M 152 41.12 41.64 -4.77
CA SER M 152 40.56 41.40 -3.45
C SER M 152 40.32 42.68 -2.67
N ASP M 153 40.74 43.84 -3.18
CA ASP M 153 40.35 45.12 -2.63
C ASP M 153 39.27 45.81 -3.45
N ILE M 154 39.07 45.36 -4.68
CA ILE M 154 37.91 45.79 -5.47
C ILE M 154 36.62 45.33 -4.82
N ASP M 155 36.61 44.10 -4.33
CA ASP M 155 35.40 43.51 -3.76
C ASP M 155 34.85 44.22 -2.52
N PRO M 156 35.64 44.73 -1.56
CA PRO M 156 35.02 45.61 -0.56
C PRO M 156 34.50 46.90 -1.14
N LYS M 157 35.23 47.52 -2.05
CA LYS M 157 34.83 48.83 -2.54
C LYS M 157 33.64 48.75 -3.49
N THR M 158 33.47 47.63 -4.17
CA THR M 158 32.25 47.46 -4.95
C THR M 158 31.05 47.15 -4.07
N GLU M 159 31.29 46.56 -2.91
CA GLU M 159 30.19 46.31 -1.97
C GLU M 159 29.88 47.53 -1.15
N LYS M 160 30.91 48.22 -0.65
CA LYS M 160 30.70 49.41 0.17
C LYS M 160 30.03 50.52 -0.62
N ARG M 161 30.35 50.64 -1.91
CA ARG M 161 29.60 51.53 -2.78
C ARG M 161 28.17 51.05 -2.93
N ASN M 162 27.97 49.75 -3.05
CA ASN M 162 26.63 49.21 -3.22
C ASN M 162 25.84 49.23 -1.92
N LYS M 163 26.51 49.27 -0.77
CA LYS M 163 25.81 49.46 0.49
C LYS M 163 25.24 50.87 0.58
N LEU M 164 26.05 51.87 0.22
CA LEU M 164 25.64 53.27 0.34
C LEU M 164 24.64 53.70 -0.71
N ASP M 165 24.44 52.88 -1.75
CA ASP M 165 23.43 53.19 -2.75
C ASP M 165 22.03 53.12 -2.16
N ALA M 166 21.77 52.13 -1.33
CA ALA M 166 20.46 52.05 -0.68
C ALA M 166 20.33 53.08 0.42
N ASP M 167 21.41 53.31 1.17
CA ASP M 167 21.36 54.28 2.26
C ASP M 167 21.28 55.71 1.76
N ARG M 168 21.73 55.97 0.54
CA ARG M 168 21.39 57.23 -0.11
C ARG M 168 19.90 57.30 -0.38
N GLU M 169 19.34 56.26 -1.00
CA GLU M 169 17.97 56.32 -1.47
C GLU M 169 16.95 56.25 -0.35
N LYS M 170 17.33 55.69 0.81
CA LYS M 170 16.44 55.76 1.96
C LYS M 170 16.27 57.19 2.44
N ILE M 171 17.33 58.00 2.33
CA ILE M 171 17.21 59.43 2.62
C ILE M 171 16.33 60.10 1.57
N ILE M 172 16.46 59.69 0.32
CA ILE M 172 15.68 60.27 -0.78
C ILE M 172 14.20 59.99 -0.59
N GLU M 173 13.87 58.76 -0.16
CA GLU M 173 12.48 58.42 0.11
C GLU M 173 11.92 59.23 1.28
N SER M 174 12.76 59.49 2.28
CA SER M 174 12.32 60.34 3.38
C SER M 174 12.35 61.81 3.00
N GLN M 175 13.14 62.21 2.01
CA GLN M 175 13.02 63.57 1.51
C GLN M 175 11.79 63.77 0.65
N ASP M 176 11.26 62.70 0.06
CA ASP M 176 10.09 62.83 -0.78
C ASP M 176 8.83 63.15 0.01
N VAL M 177 8.79 62.75 1.29
CA VAL M 177 7.67 63.12 2.14
C VAL M 177 7.64 64.63 2.36
N ILE M 178 8.81 65.22 2.60
CA ILE M 178 8.89 66.65 2.79
C ILE M 178 8.74 67.38 1.47
N ARG M 179 9.13 66.71 0.37
CA ARG M 179 8.97 67.24 -0.98
C ARG M 179 7.50 67.40 -1.34
N GLN M 180 6.63 66.59 -0.74
CA GLN M 180 5.31 66.30 -1.28
C GLN M 180 4.40 67.53 -1.29
N ASN M 181 4.61 68.48 -0.39
CA ASN M 181 3.89 69.73 -0.46
C ASN M 181 4.76 70.82 -1.08
N ASN M 182 4.12 71.70 -1.83
CA ASN M 182 4.81 72.61 -2.74
C ASN M 182 5.09 73.94 -2.06
N ILE M 183 5.46 74.93 -2.87
CA ILE M 183 5.60 76.29 -2.40
C ILE M 183 4.25 76.84 -1.96
N ALA M 184 3.25 76.72 -2.80
CA ALA M 184 1.97 77.36 -2.53
C ALA M 184 0.99 76.46 -1.77
N ASP M 185 1.27 75.15 -1.66
CA ASP M 185 0.58 74.36 -0.65
C ASP M 185 0.87 74.89 0.73
N MET M 186 2.11 75.26 0.97
CA MET M 186 2.52 75.93 2.19
C MET M 186 1.81 77.27 2.35
N PHE M 187 1.76 78.07 1.27
CA PHE M 187 1.00 79.32 1.30
C PHE M 187 -0.50 79.08 1.42
N LYS M 188 -1.00 77.95 0.93
CA LYS M 188 -2.40 77.61 1.16
C LYS M 188 -2.66 77.33 2.62
N ASP M 189 -1.66 76.79 3.32
CA ASP M 189 -1.83 76.50 4.74
C ASP M 189 -1.80 77.77 5.59
N PHE M 190 -1.05 78.80 5.16
CA PHE M 190 -0.95 79.99 5.99
C PHE M 190 -2.25 80.76 6.06
N ILE M 191 -3.04 80.74 5.00
CA ILE M 191 -4.41 81.22 5.13
C ILE M 191 -5.19 80.22 5.97
N PRO M 192 -5.91 80.65 6.99
CA PRO M 192 -6.65 79.70 7.82
C PRO M 192 -7.99 79.28 7.24
N SER M 193 -8.16 79.46 5.92
CA SER M 193 -9.33 79.04 5.17
C SER M 193 -9.68 77.57 5.43
N ALA M 194 -11.00 77.30 5.31
CA ALA M 194 -11.81 76.20 5.84
C ALA M 194 -11.99 76.29 7.36
N LYS M 195 -11.33 77.28 7.97
CA LYS M 195 -11.59 77.70 9.34
C LYS M 195 -11.55 79.22 9.47
N ASP M 196 -11.34 79.96 8.38
CA ASP M 196 -11.16 81.40 8.48
C ASP M 196 -12.50 82.11 8.59
N ILE M 197 -13.51 81.60 7.88
CA ILE M 197 -14.88 81.98 8.17
C ILE M 197 -15.23 81.58 9.60
N ASP M 198 -14.81 80.37 9.99
CA ASP M 198 -14.96 79.93 11.37
C ASP M 198 -14.07 80.75 12.31
N GLY M 199 -12.97 81.30 11.80
CA GLY M 199 -12.21 82.28 12.56
C GLY M 199 -12.96 83.56 12.80
N LEU M 200 -13.93 83.88 11.96
CA LEU M 200 -14.83 84.99 12.22
C LEU M 200 -16.25 84.56 12.57
N ASP M 201 -16.55 83.25 12.54
CA ASP M 201 -17.84 82.79 13.05
C ASP M 201 -17.83 82.73 14.57
N PHE M 202 -16.83 82.08 15.15
CA PHE M 202 -16.73 81.97 16.61
C PHE M 202 -16.32 83.27 17.28
N THR M 203 -15.81 84.24 16.52
CA THR M 203 -15.34 85.50 17.07
C THR M 203 -16.18 86.68 16.55
N GLN M 204 -17.50 86.51 16.53
CA GLN M 204 -18.38 87.62 16.17
C GLN M 204 -18.50 88.69 17.25
N PRO M 205 -18.70 88.40 18.55
CA PRO M 205 -18.73 89.50 19.52
C PRO M 205 -17.36 90.10 19.84
N LYS M 206 -16.26 89.51 19.36
CA LYS M 206 -14.93 90.02 19.64
C LYS M 206 -14.48 91.10 18.66
N LYS M 207 -15.40 91.68 17.89
CA LYS M 207 -15.03 92.77 17.00
C LYS M 207 -14.68 94.03 17.76
N GLU M 208 -15.22 94.18 18.98
CA GLU M 208 -14.73 95.21 19.89
C GLU M 208 -13.42 94.82 20.54
N ALA M 209 -13.09 93.53 20.55
CA ALA M 209 -11.86 93.06 21.19
C ALA M 209 -10.69 93.15 20.23
N ILE M 210 -9.57 93.69 20.72
CA ILE M 210 -8.33 93.66 19.95
C ILE M 210 -7.82 92.24 19.86
N LYS M 211 -8.09 91.42 20.89
CA LYS M 211 -7.58 90.06 21.02
C LYS M 211 -8.19 89.08 20.02
N GLN M 212 -9.20 89.49 19.24
CA GLN M 212 -9.65 88.67 18.12
C GLN M 212 -8.54 88.47 17.10
N ALA M 213 -7.74 89.51 16.86
CA ALA M 213 -6.60 89.38 15.96
C ALA M 213 -5.50 88.53 16.55
N ILE M 214 -5.43 88.44 17.88
CA ILE M 214 -4.50 87.52 18.52
C ILE M 214 -4.96 86.08 18.30
N LYS M 215 -6.28 85.85 18.37
CA LYS M 215 -6.85 84.56 18.00
C LYS M 215 -6.58 84.27 16.53
N GLN M 216 -6.69 85.29 15.68
CA GLN M 216 -6.20 85.18 14.31
C GLN M 216 -4.70 84.96 14.28
N GLY M 217 -3.95 85.72 15.10
CA GLY M 217 -2.51 85.60 15.13
C GLY M 217 -1.98 84.36 15.79
N ALA M 218 -2.85 83.56 16.44
CA ALA M 218 -2.40 82.40 17.18
C ALA M 218 -1.98 81.28 16.24
N GLU M 219 -2.89 80.83 15.39
CA GLU M 219 -2.64 79.64 14.59
C GLU M 219 -1.63 79.90 13.48
N ILE M 220 -1.57 81.13 12.99
CA ILE M 220 -0.54 81.46 12.00
C ILE M 220 0.83 81.45 12.65
N ALA M 221 0.93 81.84 13.92
CA ALA M 221 2.19 81.74 14.63
C ALA M 221 2.54 80.30 14.95
N ARG M 222 1.56 79.41 15.02
CA ARG M 222 1.85 77.99 15.15
C ARG M 222 2.42 77.45 13.85
N LYS M 223 1.65 77.58 12.78
CA LYS M 223 1.92 76.84 11.55
C LYS M 223 3.14 77.38 10.82
N ILE M 224 3.56 78.61 11.12
CA ILE M 224 4.83 79.09 10.60
C ILE M 224 5.99 78.31 11.21
N LEU M 225 5.84 77.86 12.46
CA LEU M 225 6.91 77.11 13.11
C LEU M 225 6.92 75.66 12.69
N GLY M 226 5.74 75.07 12.50
CA GLY M 226 5.67 73.67 12.12
C GLY M 226 6.27 73.39 10.75
N LYS M 227 6.19 74.36 9.86
CA LYS M 227 6.82 74.19 8.56
C LYS M 227 8.33 74.42 8.64
N VAL M 228 8.79 75.20 9.62
CA VAL M 228 10.22 75.37 9.83
C VAL M 228 10.86 74.05 10.23
N SER M 229 10.29 73.40 11.25
CA SER M 229 10.86 72.17 11.80
C SER M 229 10.79 71.03 10.80
N GLU M 230 9.74 70.98 9.99
CA GLU M 230 9.68 70.00 8.92
C GLU M 230 10.81 70.20 7.93
N GLY M 231 11.07 71.46 7.57
CA GLY M 231 12.24 71.75 6.78
C GLY M 231 13.53 71.66 7.56
N LEU M 232 13.47 71.81 8.87
CA LEU M 232 14.70 71.67 9.64
C LEU M 232 15.08 70.22 9.78
N LYS M 233 14.09 69.31 9.78
CA LYS M 233 14.37 67.90 9.57
C LYS M 233 15.05 67.69 8.23
N TYR M 234 14.53 68.35 7.20
CA TYR M 234 15.07 68.25 5.84
C TYR M 234 16.48 68.79 5.73
N ILE M 235 16.88 69.68 6.64
CA ILE M 235 18.27 70.14 6.68
C ILE M 235 19.18 69.01 7.12
N ASP M 236 18.89 68.42 8.29
CA ASP M 236 19.73 67.33 8.80
C ASP M 236 19.59 66.08 7.94
N LEU M 237 18.46 65.94 7.25
CA LEU M 237 18.30 64.80 6.36
C LEU M 237 19.17 64.96 5.12
N ALA M 238 19.28 66.18 4.60
CA ALA M 238 20.10 66.40 3.42
C ALA M 238 21.58 66.36 3.73
N ASP M 239 21.97 66.92 4.88
CA ASP M 239 23.39 67.00 5.24
C ASP M 239 23.98 65.63 5.53
N ALA M 240 23.14 64.68 5.95
CA ALA M 240 23.57 63.30 5.97
C ALA M 240 23.84 62.81 4.56
N ARG M 241 22.89 63.03 3.65
CA ARG M 241 23.00 62.59 2.26
C ARG M 241 24.12 63.33 1.54
N MET M 242 24.28 64.63 1.84
CA MET M 242 25.40 65.39 1.32
C MET M 242 26.72 64.78 1.75
N LYS M 243 26.80 64.33 3.00
CA LYS M 243 27.97 63.57 3.44
C LYS M 243 27.98 62.17 2.83
N LEU M 244 26.80 61.57 2.68
CA LEU M 244 26.74 60.19 2.20
C LEU M 244 27.08 60.10 0.73
N SER M 245 26.77 61.15 -0.04
CA SER M 245 27.20 61.20 -1.43
C SER M 245 28.71 61.34 -1.54
N ASP M 246 29.32 62.09 -0.62
CA ASP M 246 30.76 62.32 -0.66
C ASP M 246 31.54 61.06 -0.32
N GLN M 247 30.92 60.14 0.43
CA GLN M 247 31.52 58.84 0.65
C GLN M 247 31.66 58.06 -0.65
N ILE M 248 30.61 58.07 -1.47
CA ILE M 248 30.66 57.37 -2.75
C ILE M 248 31.61 58.09 -3.71
N ASP M 249 31.73 59.42 -3.57
CA ASP M 249 32.65 60.18 -4.40
C ASP M 249 34.10 59.79 -4.13
N GLN M 250 34.43 59.54 -2.86
CA GLN M 250 35.75 59.00 -2.55
C GLN M 250 35.87 57.57 -3.07
N LEU M 251 34.82 56.77 -2.88
CA LEU M 251 34.87 55.35 -3.23
C LEU M 251 35.05 55.13 -4.73
N ILE M 252 34.38 55.92 -5.56
CA ILE M 252 34.59 55.83 -7.00
C ILE M 252 35.98 56.31 -7.36
N THR M 253 36.49 57.32 -6.64
CA THR M 253 37.85 57.78 -6.86
C THR M 253 38.87 56.73 -6.40
N GLU M 254 38.61 56.10 -5.26
CA GLU M 254 39.55 55.11 -4.75
C GLU M 254 39.54 53.82 -5.55
N THR M 255 38.43 53.50 -6.23
CA THR M 255 38.42 52.32 -7.09
C THR M 255 39.30 52.51 -8.31
N ASP M 256 39.07 53.59 -9.06
CA ASP M 256 39.73 53.76 -10.35
C ASP M 256 41.21 54.07 -10.18
N GLU M 257 41.58 54.70 -9.06
CA GLU M 257 42.98 54.80 -8.70
C GLU M 257 43.57 53.42 -8.45
N LEU M 258 42.82 52.57 -7.77
CA LEU M 258 43.27 51.19 -7.58
C LEU M 258 43.07 50.36 -8.84
N LYS M 259 42.08 50.70 -9.66
CA LYS M 259 41.93 50.00 -10.93
C LYS M 259 42.99 50.45 -11.93
N ALA M 260 43.59 51.62 -11.70
CA ALA M 260 44.79 51.97 -12.45
C ALA M 260 45.98 51.14 -12.02
N LYS M 261 45.98 50.60 -10.80
CA LYS M 261 47.11 49.81 -10.35
C LYS M 261 47.13 48.44 -11.00
N ILE M 262 45.96 47.79 -11.14
CA ILE M 262 45.93 46.49 -11.80
C ILE M 262 46.21 46.61 -13.29
N ARG M 263 46.05 47.81 -13.86
CA ARG M 263 46.48 48.04 -15.22
C ARG M 263 47.98 47.86 -15.35
N GLU M 264 48.74 48.48 -14.45
CA GLU M 264 50.20 48.42 -14.52
C GLU M 264 50.71 47.02 -14.19
N VAL M 265 50.03 46.31 -13.30
CA VAL M 265 50.42 44.93 -13.00
C VAL M 265 50.18 44.04 -14.20
N GLU M 266 48.99 44.15 -14.81
CA GLU M 266 48.69 43.37 -16.00
C GLU M 266 49.56 43.79 -17.18
N LEU M 267 49.90 45.07 -17.27
CA LEU M 267 50.86 45.51 -18.28
C LEU M 267 52.23 44.91 -18.00
N ARG M 268 52.58 44.71 -16.74
CA ARG M 268 53.84 44.08 -16.42
C ARG M 268 53.77 42.57 -16.65
N LEU M 269 52.73 41.94 -16.10
CA LEU M 269 52.62 40.48 -16.13
C LEU M 269 52.49 39.95 -17.56
N SER M 270 51.77 40.67 -18.41
CA SER M 270 51.72 40.29 -19.82
C SER M 270 53.08 40.49 -20.48
N GLY M 271 53.83 41.51 -20.07
CA GLY M 271 55.18 41.66 -20.57
C GLY M 271 56.11 40.58 -20.08
N LEU M 272 55.88 40.09 -18.87
CA LEU M 272 56.72 39.03 -18.32
C LEU M 272 56.40 37.69 -18.93
N LYS M 273 55.13 37.41 -19.19
CA LYS M 273 54.76 36.16 -19.86
C LYS M 273 55.26 36.14 -21.29
N ASP M 274 55.44 37.31 -21.89
CA ASP M 274 56.10 37.39 -23.19
C ASP M 274 57.54 36.93 -23.09
N VAL M 275 58.22 37.27 -21.99
CA VAL M 275 59.58 36.80 -21.79
C VAL M 275 59.59 35.31 -21.50
N MET M 276 58.55 34.82 -20.82
CA MET M 276 58.47 33.40 -20.51
C MET M 276 58.24 32.55 -21.76
N GLN M 277 57.62 33.11 -22.78
CA GLN M 277 57.46 32.37 -24.03
C GLN M 277 58.74 32.34 -24.84
N ILE M 278 59.68 33.24 -24.58
CA ILE M 278 60.93 33.27 -25.34
C ILE M 278 61.74 32.01 -25.07
N ASP M 279 61.78 31.56 -23.82
CA ASP M 279 62.52 30.36 -23.49
C ASP M 279 61.87 29.12 -24.10
N THR M 280 60.55 29.13 -24.27
CA THR M 280 59.88 28.00 -24.91
C THR M 280 60.26 27.90 -26.38
N GLU M 281 60.31 29.02 -27.08
CA GLU M 281 60.76 28.99 -28.46
C GLU M 281 62.27 29.02 -28.59
N ARG M 282 63.01 29.34 -27.53
CA ARG M 282 64.45 29.17 -27.58
C ARG M 282 64.80 27.69 -27.61
N THR M 283 64.01 26.85 -26.94
CA THR M 283 64.25 25.41 -27.01
C THR M 283 63.94 24.86 -28.40
N THR M 284 62.84 25.28 -29.01
CA THR M 284 62.51 24.81 -30.35
C THR M 284 63.50 25.34 -31.38
N LEU M 285 64.08 26.51 -31.12
CA LEU M 285 65.17 26.99 -31.97
C LEU M 285 66.42 26.13 -31.80
N LEU M 286 66.81 25.87 -30.57
CA LEU M 286 68.12 25.27 -30.36
C LEU M 286 68.11 23.77 -30.60
N THR M 287 67.09 23.07 -30.11
CA THR M 287 67.04 21.60 -30.28
C THR M 287 66.92 21.22 -31.74
N GLU M 288 66.36 22.10 -32.56
CA GLU M 288 66.48 21.92 -34.00
C GLU M 288 67.90 22.22 -34.47
N ALA M 289 68.50 23.32 -33.99
CA ALA M 289 69.82 23.70 -34.44
C ALA M 289 70.93 22.83 -33.85
N VAL M 290 70.68 22.14 -32.73
CA VAL M 290 71.61 21.14 -32.23
C VAL M 290 71.69 19.97 -33.21
N LYS M 291 70.56 19.60 -33.81
CA LYS M 291 70.53 18.55 -34.83
C LYS M 291 71.33 18.91 -36.07
N ILE M 292 71.59 20.20 -36.28
CA ILE M 292 72.29 20.64 -37.47
C ILE M 292 73.79 20.70 -37.26
N GLU M 293 74.24 21.05 -36.04
CA GLU M 293 75.66 21.00 -35.69
C GLU M 293 76.25 19.62 -35.88
N GLN M 294 75.48 18.57 -35.60
CA GLN M 294 75.95 17.21 -35.76
C GLN M 294 76.29 16.92 -37.20
N VAL M 295 75.34 17.15 -38.11
CA VAL M 295 75.57 16.84 -39.52
C VAL M 295 76.46 17.86 -40.21
N TRP M 296 76.83 18.94 -39.54
CA TRP M 296 77.98 19.68 -40.04
C TRP M 296 79.27 18.97 -39.65
N ILE M 297 79.39 18.58 -38.38
CA ILE M 297 80.64 18.03 -37.87
C ILE M 297 80.83 16.60 -38.32
N SER M 298 79.78 15.78 -38.21
CA SER M 298 79.88 14.36 -38.57
C SER M 298 80.15 14.17 -40.05
N PHE M 299 79.73 15.12 -40.88
CA PHE M 299 80.22 15.17 -42.25
C PHE M 299 81.70 15.51 -42.28
N ALA M 300 82.08 16.62 -41.64
CA ALA M 300 83.43 17.14 -41.77
C ALA M 300 84.46 16.23 -41.12
N GLU M 301 84.07 15.51 -40.06
CA GLU M 301 84.94 14.47 -39.53
C GLU M 301 85.09 13.33 -40.51
N GLN M 302 83.99 12.89 -41.11
CA GLN M 302 84.05 11.83 -42.12
C GLN M 302 84.74 12.32 -43.40
N LEU M 303 84.61 13.62 -43.69
CA LEU M 303 85.26 14.13 -44.89
C LEU M 303 86.75 14.28 -44.67
N HIS M 304 87.17 14.69 -43.47
CA HIS M 304 88.60 14.73 -43.18
C HIS M 304 89.17 13.34 -42.98
N LYS M 305 88.32 12.35 -42.68
CA LYS M 305 88.75 10.97 -42.68
C LYS M 305 89.18 10.52 -44.07
N LEU M 306 88.50 11.02 -45.11
CA LEU M 306 88.89 10.63 -46.46
C LEU M 306 90.12 11.42 -46.92
N SER M 307 90.33 12.62 -46.37
CA SER M 307 91.53 13.39 -46.70
C SER M 307 92.80 12.80 -46.08
N ASN M 308 92.66 11.83 -45.19
CA ASN M 308 93.82 11.08 -44.73
C ASN M 308 94.36 10.20 -45.85
N ASP M 309 93.49 9.36 -46.44
CA ASP M 309 93.93 8.38 -47.42
C ASP M 309 94.15 8.99 -48.80
N GLU M 310 93.36 10.02 -49.14
CA GLU M 310 93.47 10.79 -50.40
C GLU M 310 93.28 9.90 -51.63
N ILE M 311 92.38 8.94 -51.51
CA ILE M 311 92.10 8.01 -52.59
C ILE M 311 91.06 8.67 -53.49
N ASN M 312 91.12 8.36 -54.79
CA ASN M 312 90.24 8.94 -55.79
C ASN M 312 88.95 8.15 -55.96
N GLN M 313 88.47 7.52 -54.89
CA GLN M 313 87.22 6.77 -54.89
C GLN M 313 86.04 7.66 -55.25
N GLN M 314 84.99 7.03 -55.74
CA GLN M 314 83.75 7.72 -56.02
C GLN M 314 82.69 7.42 -54.97
N ASP M 315 83.07 6.68 -53.92
CA ASP M 315 82.32 6.72 -52.67
C ASP M 315 82.49 8.07 -51.99
N LEU M 316 83.62 8.75 -52.24
CA LEU M 316 83.79 10.15 -51.91
C LEU M 316 82.64 11.00 -52.45
N SER M 317 82.47 11.00 -53.78
CA SER M 317 81.40 11.75 -54.40
C SER M 317 80.03 11.18 -54.07
N ASN M 318 79.95 9.91 -53.71
CA ASN M 318 78.73 9.38 -53.13
C ASN M 318 78.49 9.95 -51.75
N LEU M 319 79.55 10.14 -50.96
CA LEU M 319 79.38 10.70 -49.63
C LEU M 319 79.07 12.18 -49.68
N ILE M 320 79.57 12.88 -50.70
CA ILE M 320 79.19 14.29 -50.86
C ILE M 320 77.72 14.37 -51.27
N ASN M 321 77.27 13.42 -52.09
CA ASN M 321 75.95 13.48 -52.71
C ASN M 321 74.84 13.39 -51.67
N GLY M 322 75.02 12.56 -50.65
CA GLY M 322 74.05 12.53 -49.57
C GLY M 322 74.05 13.81 -48.75
N GLN M 323 75.24 14.39 -48.55
CA GLN M 323 75.33 15.68 -47.88
C GLN M 323 74.81 16.80 -48.77
N LEU M 324 75.19 16.78 -50.05
CA LEU M 324 74.80 17.86 -50.95
C LEU M 324 73.29 17.86 -51.20
N ASP M 325 72.67 16.68 -51.20
CA ASP M 325 71.21 16.63 -51.30
C ASP M 325 70.57 17.13 -50.02
N PHE M 326 71.12 16.72 -48.87
CA PHE M 326 70.66 17.21 -47.57
C PHE M 326 70.78 18.71 -47.46
N LEU M 327 71.90 19.25 -47.93
CA LEU M 327 72.06 20.70 -47.95
C LEU M 327 71.08 21.33 -48.93
N ASN M 328 70.89 20.70 -50.09
CA ASN M 328 69.92 21.21 -51.05
C ASN M 328 68.50 21.02 -50.53
N ASN M 329 68.26 19.96 -49.76
CA ASN M 329 67.01 19.84 -49.02
C ASN M 329 66.83 21.01 -48.07
N LEU M 330 67.90 21.39 -47.40
CA LEU M 330 67.80 22.41 -46.38
C LEU M 330 67.71 23.81 -47.01
N THR M 331 68.25 23.99 -48.23
CA THR M 331 67.99 25.23 -48.94
C THR M 331 66.54 25.36 -49.35
N LEU M 332 65.86 24.23 -49.54
CA LEU M 332 64.55 24.24 -50.18
C LEU M 332 63.48 24.80 -49.26
N GLN M 333 63.52 24.46 -47.97
CA GLN M 333 62.47 24.95 -47.08
C GLN M 333 62.61 26.44 -46.83
N TYR M 334 63.82 26.99 -46.95
CA TYR M 334 63.94 28.44 -46.96
C TYR M 334 63.37 29.03 -48.22
N ASN M 335 63.47 28.32 -49.34
CA ASN M 335 62.89 28.80 -50.58
C ASN M 335 61.40 28.50 -50.67
N LYS M 336 60.95 27.45 -49.98
CA LYS M 336 59.53 27.16 -49.90
C LYS M 336 58.94 27.65 -48.59
N LEU M 337 59.59 28.64 -47.96
CA LEU M 337 59.07 29.19 -46.71
C LEU M 337 57.80 29.99 -46.97
N LYS M 338 57.79 30.73 -48.08
CA LYS M 338 56.57 31.18 -48.76
C LYS M 338 55.67 32.10 -47.94
N TYR N 1 -15.82 -18.70 -79.24
CA TYR N 1 -17.22 -18.36 -78.95
C TYR N 1 -17.58 -18.30 -77.45
N PRO N 2 -16.73 -17.68 -76.60
CA PRO N 2 -16.76 -18.03 -75.17
C PRO N 2 -17.98 -17.59 -74.37
N GLU N 3 -18.32 -16.31 -74.37
CA GLU N 3 -19.33 -15.78 -73.45
C GLU N 3 -19.78 -14.39 -73.89
N ILE N 4 -21.07 -14.22 -74.13
CA ILE N 4 -21.64 -12.94 -74.55
C ILE N 4 -22.92 -12.72 -73.75
N ASN N 5 -22.90 -11.74 -72.85
CA ASN N 5 -24.02 -11.46 -71.96
C ASN N 5 -24.71 -10.20 -72.46
N ILE N 6 -25.65 -10.36 -73.40
CA ILE N 6 -26.31 -9.18 -73.96
C ILE N 6 -27.32 -8.58 -73.01
N LYS N 7 -27.66 -9.28 -71.93
CA LYS N 7 -28.43 -8.68 -70.85
C LYS N 7 -27.66 -7.53 -70.23
N ALA N 8 -26.34 -7.67 -70.11
CA ALA N 8 -25.49 -6.56 -69.68
C ALA N 8 -25.29 -5.53 -70.77
N MET N 9 -25.58 -5.89 -72.02
CA MET N 9 -25.32 -5.03 -73.17
C MET N 9 -26.54 -4.24 -73.59
N ASN N 10 -27.66 -4.92 -73.80
CA ASN N 10 -28.87 -4.24 -74.23
C ASN N 10 -29.44 -3.36 -73.13
N GLN N 11 -29.09 -3.63 -71.87
CA GLN N 11 -29.26 -2.62 -70.84
C GLN N 11 -28.34 -1.44 -71.07
N ALA N 12 -27.06 -1.72 -71.34
CA ALA N 12 -26.06 -0.67 -71.48
C ALA N 12 -26.30 0.17 -72.72
N VAL N 13 -26.84 -0.42 -73.79
CA VAL N 13 -27.28 0.38 -74.93
C VAL N 13 -28.42 1.29 -74.51
N ASN N 14 -29.36 0.74 -73.75
CA ASN N 14 -30.57 1.49 -73.41
C ASN N 14 -30.26 2.60 -72.42
N THR N 15 -29.32 2.36 -71.50
CA THR N 15 -28.97 3.40 -70.54
C THR N 15 -28.21 4.54 -71.20
N ILE N 16 -27.40 4.25 -72.22
CA ILE N 16 -26.74 5.32 -72.96
C ILE N 16 -27.77 6.20 -73.66
N TRP N 17 -28.81 5.59 -74.24
CA TRP N 17 -29.91 6.41 -74.73
C TRP N 17 -30.66 7.06 -73.60
N LEU N 18 -30.74 6.40 -72.44
CA LEU N 18 -31.41 6.99 -71.30
C LEU N 18 -30.62 8.17 -70.75
N LEU N 19 -29.30 8.01 -70.64
CA LEU N 19 -28.49 9.11 -70.13
C LEU N 19 -28.28 10.20 -71.16
N ALA N 20 -28.61 9.95 -72.42
CA ALA N 20 -28.47 10.98 -73.44
C ALA N 20 -29.49 12.10 -73.24
N GLN N 21 -30.75 11.73 -73.08
CA GLN N 21 -31.78 12.72 -72.85
C GLN N 21 -31.72 13.28 -71.43
N ARG N 22 -31.17 12.50 -70.49
CA ARG N 22 -31.21 12.86 -69.08
C ARG N 22 -30.21 13.95 -68.72
N GLN N 23 -29.09 14.03 -69.44
CA GLN N 23 -27.96 14.84 -69.01
C GLN N 23 -28.29 16.33 -69.01
N THR N 24 -27.78 17.02 -68.00
CA THR N 24 -28.10 18.41 -67.74
C THR N 24 -26.82 19.23 -67.63
N SER N 25 -25.93 19.05 -68.61
CA SER N 25 -24.67 19.78 -68.60
C SER N 25 -24.86 21.26 -68.83
N GLY N 26 -25.84 21.64 -69.64
CA GLY N 26 -26.05 23.05 -69.94
C GLY N 26 -24.97 23.61 -70.84
N ILE N 27 -24.40 22.79 -71.71
CA ILE N 27 -23.36 23.23 -72.63
C ILE N 27 -23.74 22.66 -74.00
N GLU N 28 -23.19 23.26 -75.04
CA GLU N 28 -23.68 23.05 -76.40
C GLU N 28 -22.87 22.06 -77.20
N ILE N 29 -21.77 21.54 -76.66
CA ILE N 29 -20.87 20.69 -77.40
C ILE N 29 -20.87 19.27 -76.88
N ILE N 30 -21.01 19.09 -75.56
CA ILE N 30 -21.40 17.78 -75.02
C ILE N 30 -22.78 17.40 -75.54
N ASN N 31 -23.64 18.40 -75.76
CA ASN N 31 -24.99 18.16 -76.25
C ASN N 31 -24.99 17.57 -77.67
N ASP N 32 -23.93 17.80 -78.45
CA ASP N 32 -23.75 17.07 -79.68
C ASP N 32 -22.53 16.15 -79.61
N LYS N 33 -21.95 15.97 -78.44
CA LYS N 33 -21.11 14.79 -78.26
C LYS N 33 -21.96 13.57 -78.00
N VAL N 34 -22.89 13.68 -77.06
CA VAL N 34 -23.64 12.52 -76.61
C VAL N 34 -24.65 12.10 -77.66
N LYS N 35 -25.23 13.08 -78.37
CA LYS N 35 -26.21 12.81 -79.41
C LYS N 35 -25.60 11.99 -80.54
N ARG N 36 -24.33 12.23 -80.85
CA ARG N 36 -23.66 11.43 -81.86
C ARG N 36 -23.27 10.07 -81.32
N ILE N 37 -22.94 9.99 -80.03
CA ILE N 37 -22.63 8.69 -79.43
C ILE N 37 -23.88 7.84 -79.33
N SER N 38 -24.96 8.43 -78.85
CA SER N 38 -26.14 7.66 -78.50
C SER N 38 -26.89 7.21 -79.76
N ALA N 39 -26.92 8.03 -80.79
CA ALA N 39 -27.55 7.62 -82.04
C ALA N 39 -26.77 6.54 -82.74
N TYR N 40 -25.48 6.42 -82.47
CA TYR N 40 -24.74 5.23 -82.91
C TYR N 40 -25.20 4.00 -82.15
N SER N 41 -25.25 4.10 -80.82
CA SER N 41 -25.45 2.92 -79.98
C SER N 41 -26.83 2.32 -80.15
N ARG N 42 -27.84 3.19 -80.33
CA ARG N 42 -29.18 2.70 -80.67
C ARG N 42 -29.17 2.00 -82.01
N GLU N 43 -28.56 2.62 -83.02
CA GLU N 43 -28.42 1.96 -84.31
C GLU N 43 -27.49 0.77 -84.25
N PHE N 44 -26.59 0.73 -83.27
CA PHE N 44 -25.75 -0.45 -83.11
C PHE N 44 -26.54 -1.64 -82.62
N ASP N 45 -27.49 -1.41 -81.71
CA ASP N 45 -28.32 -2.51 -81.23
C ASP N 45 -29.26 -3.00 -82.30
N GLU N 46 -29.82 -2.07 -83.09
CA GLU N 46 -30.71 -2.42 -84.18
C GLU N 46 -29.97 -3.22 -85.24
N MET N 47 -28.79 -2.76 -85.63
CA MET N 47 -28.06 -3.40 -86.71
C MET N 47 -27.47 -4.73 -86.26
N MET N 48 -27.28 -4.92 -84.96
CA MET N 48 -26.85 -6.24 -84.51
C MET N 48 -28.01 -7.22 -84.56
N ARG N 49 -29.19 -6.81 -84.09
CA ARG N 49 -30.37 -7.66 -84.16
C ARG N 49 -30.76 -7.96 -85.60
N ASP N 50 -30.64 -6.98 -86.48
CA ASP N 50 -30.95 -7.19 -87.88
C ASP N 50 -29.94 -8.13 -88.53
N SER N 51 -28.67 -8.00 -88.16
CA SER N 51 -27.69 -8.98 -88.60
C SER N 51 -27.92 -10.32 -87.92
N LEU N 52 -28.45 -10.30 -86.70
CA LEU N 52 -28.79 -11.55 -86.04
C LEU N 52 -29.98 -12.22 -86.70
N ALA N 53 -30.93 -11.42 -87.20
CA ALA N 53 -32.10 -11.99 -87.85
C ALA N 53 -31.83 -12.36 -89.30
N GLN N 54 -30.95 -11.64 -89.99
CA GLN N 54 -30.71 -11.93 -91.40
C GLN N 54 -29.62 -12.96 -91.62
N LEU N 55 -29.07 -13.56 -90.57
CA LEU N 55 -28.06 -14.59 -90.72
C LEU N 55 -28.48 -15.95 -90.21
N ALA N 56 -29.48 -16.03 -89.35
CA ALA N 56 -30.01 -17.33 -88.94
C ALA N 56 -30.62 -18.13 -90.09
N PRO N 57 -31.47 -17.60 -90.97
CA PRO N 57 -32.02 -18.48 -92.02
C PRO N 57 -31.01 -18.82 -93.10
N VAL N 58 -30.02 -17.97 -93.35
CA VAL N 58 -29.11 -18.23 -94.46
C VAL N 58 -28.10 -19.32 -94.08
N LEU N 59 -27.88 -19.57 -92.79
CA LEU N 59 -27.02 -20.68 -92.41
C LEU N 59 -27.72 -22.01 -92.62
N LYS N 60 -29.01 -22.09 -92.30
CA LYS N 60 -29.75 -23.33 -92.49
C LYS N 60 -29.96 -23.68 -93.96
N GLN N 61 -29.84 -22.68 -94.84
CA GLN N 61 -29.79 -22.97 -96.27
C GLN N 61 -28.54 -23.74 -96.66
N LEU N 62 -27.48 -23.65 -95.87
CA LEU N 62 -26.25 -24.37 -96.14
C LEU N 62 -26.21 -25.74 -95.48
N THR N 63 -26.87 -25.89 -94.33
CA THR N 63 -26.82 -27.17 -93.60
C THR N 63 -27.63 -28.24 -94.32
N SER N 64 -28.93 -28.02 -94.45
CA SER N 64 -29.83 -29.02 -95.00
C SER N 64 -30.06 -28.84 -96.49
N ASP N 65 -29.05 -28.37 -97.22
CA ASP N 65 -29.14 -28.25 -98.66
C ASP N 65 -29.28 -29.62 -99.31
N ALA N 66 -28.52 -30.60 -98.82
CA ALA N 66 -28.60 -32.02 -99.16
C ALA N 66 -28.39 -32.30 -100.66
N ALA N 67 -27.72 -31.38 -101.35
CA ALA N 67 -27.43 -31.58 -102.76
C ALA N 67 -26.27 -32.55 -102.97
N PHE N 68 -25.41 -32.71 -101.96
CA PHE N 68 -24.38 -33.75 -102.02
C PHE N 68 -25.01 -35.14 -101.97
N GLN N 69 -26.17 -35.26 -101.32
CA GLN N 69 -26.91 -36.53 -101.36
C GLN N 69 -27.46 -36.80 -102.74
N THR N 70 -27.81 -35.75 -103.49
CA THR N 70 -28.22 -35.95 -104.87
C THR N 70 -27.01 -36.29 -105.75
N ILE N 71 -25.82 -35.83 -105.36
CA ILE N 71 -24.61 -36.29 -106.01
C ILE N 71 -24.37 -37.76 -105.71
N ALA N 72 -24.72 -38.20 -104.49
CA ALA N 72 -24.61 -39.60 -104.14
C ALA N 72 -25.59 -40.47 -104.93
N GLN N 73 -26.71 -39.88 -105.38
CA GLN N 73 -27.57 -40.58 -106.32
C GLN N 73 -26.91 -40.70 -107.69
N ILE N 74 -26.11 -39.71 -108.07
CA ILE N 74 -25.36 -39.82 -109.31
C ILE N 74 -24.17 -40.76 -109.14
N ASP N 75 -23.66 -40.88 -107.90
CA ASP N 75 -22.52 -41.75 -107.64
C ASP N 75 -22.88 -43.22 -107.79
N GLU N 76 -24.13 -43.58 -107.50
CA GLU N 76 -24.59 -44.92 -107.84
C GLU N 76 -24.95 -45.06 -109.31
N ALA N 77 -25.10 -43.95 -110.03
CA ALA N 77 -25.43 -43.98 -111.45
C ALA N 77 -24.21 -43.83 -112.34
N LEU N 78 -23.05 -43.47 -111.80
CA LEU N 78 -21.85 -43.31 -112.61
C LEU N 78 -20.99 -44.57 -112.66
N ALA N 79 -20.47 -44.99 -111.52
CA ALA N 79 -19.50 -46.08 -111.52
C ALA N 79 -20.18 -47.43 -111.49
N ASP N 80 -21.26 -47.57 -110.73
CA ASP N 80 -21.88 -48.85 -110.45
C ASP N 80 -22.55 -49.52 -111.66
N PRO N 81 -23.12 -48.81 -112.64
CA PRO N 81 -23.41 -49.49 -113.91
C PRO N 81 -22.29 -49.34 -114.93
N SER N 82 -22.21 -50.31 -115.82
CA SER N 82 -21.43 -50.18 -117.05
C SER N 82 -22.25 -49.30 -117.99
N LEU N 83 -22.11 -48.00 -117.81
CA LEU N 83 -23.10 -47.03 -118.23
C LEU N 83 -22.66 -46.37 -119.53
N SER N 84 -23.64 -45.81 -120.23
CA SER N 84 -23.39 -45.14 -121.51
C SER N 84 -22.55 -43.89 -121.31
N LYS N 85 -21.47 -43.77 -122.08
CA LYS N 85 -20.58 -42.61 -122.02
C LYS N 85 -21.26 -41.33 -122.48
N ASP N 86 -22.33 -41.44 -123.27
CA ASP N 86 -23.16 -40.28 -123.57
C ASP N 86 -23.76 -39.71 -122.29
N ASP N 87 -24.14 -40.58 -121.36
CA ASP N 87 -24.70 -40.13 -120.10
C ASP N 87 -23.68 -40.07 -118.97
N ARG N 88 -22.60 -40.87 -119.04
CA ARG N 88 -21.54 -40.74 -118.05
C ARG N 88 -20.88 -39.37 -118.12
N GLU N 89 -20.71 -38.84 -119.32
CA GLU N 89 -20.27 -37.46 -119.48
C GLU N 89 -21.37 -36.50 -119.03
N ALA N 90 -22.63 -36.84 -119.30
CA ALA N 90 -23.73 -35.94 -118.98
C ALA N 90 -23.99 -35.90 -117.48
N LEU N 91 -23.92 -37.05 -116.80
CA LEU N 91 -24.11 -37.07 -115.35
C LEU N 91 -23.00 -36.31 -114.63
N THR N 92 -21.76 -36.44 -115.11
CA THR N 92 -20.68 -35.64 -114.54
C THR N 92 -20.76 -34.18 -114.97
N LEU N 93 -21.51 -33.86 -116.02
CA LEU N 93 -21.60 -32.48 -116.48
C LEU N 93 -22.40 -31.63 -115.48
N GLU N 94 -23.61 -32.07 -115.15
CA GLU N 94 -24.42 -31.30 -114.21
C GLU N 94 -23.88 -31.44 -112.79
N ARG N 95 -23.20 -32.55 -112.50
CA ARG N 95 -22.46 -32.67 -111.23
C ARG N 95 -21.40 -31.59 -111.11
N ASN N 96 -20.69 -31.31 -112.21
CA ASN N 96 -19.71 -30.23 -112.18
C ASN N 96 -20.39 -28.87 -112.07
N ASN N 97 -21.60 -28.74 -112.61
CA ASN N 97 -22.38 -27.52 -112.36
C ASN N 97 -22.79 -27.43 -110.90
N LEU N 98 -23.24 -28.55 -110.33
CA LEU N 98 -23.91 -28.50 -109.04
C LEU N 98 -22.92 -28.33 -107.90
N ILE N 99 -21.69 -28.84 -108.05
CA ILE N 99 -20.65 -28.54 -107.08
C ILE N 99 -20.25 -27.08 -107.17
N GLN N 100 -20.13 -26.56 -108.40
CA GLN N 100 -19.92 -25.12 -108.58
C GLN N 100 -21.13 -24.32 -108.14
N ASN N 101 -22.34 -24.86 -108.31
CA ASN N 101 -23.51 -24.22 -107.72
C ASN N 101 -23.47 -24.28 -106.20
N LEU N 102 -22.88 -25.33 -105.64
CA LEU N 102 -22.69 -25.37 -104.19
C LEU N 102 -21.63 -24.37 -103.76
N SER N 103 -20.59 -24.18 -104.58
CA SER N 103 -19.60 -23.16 -104.27
C SER N 103 -20.19 -21.77 -104.40
N LYS N 104 -20.99 -21.54 -105.44
CA LYS N 104 -21.70 -20.28 -105.57
C LYS N 104 -22.79 -20.13 -104.53
N HIS N 105 -23.29 -21.25 -103.98
CA HIS N 105 -24.16 -21.15 -102.82
C HIS N 105 -23.40 -20.69 -101.59
N ILE N 106 -22.29 -21.37 -101.27
CA ILE N 106 -21.57 -21.09 -100.05
C ILE N 106 -20.82 -19.76 -100.13
N ASP N 107 -20.50 -19.29 -101.33
CA ASP N 107 -19.88 -17.98 -101.43
C ASP N 107 -20.91 -16.87 -101.36
N ASN N 108 -22.13 -17.12 -101.84
CA ASN N 108 -23.17 -16.11 -101.71
C ASN N 108 -23.67 -16.02 -100.27
N VAL N 109 -23.36 -17.01 -99.44
CA VAL N 109 -23.51 -16.83 -98.00
C VAL N 109 -22.56 -15.76 -97.51
N ILE N 110 -21.28 -15.88 -97.89
CA ILE N 110 -20.21 -15.04 -97.34
C ILE N 110 -20.39 -13.59 -97.72
N VAL N 111 -20.89 -13.35 -98.93
CA VAL N 111 -21.22 -11.99 -99.36
C VAL N 111 -22.34 -11.42 -98.49
N SER N 112 -23.37 -12.21 -98.24
CA SER N 112 -24.40 -11.80 -97.29
C SER N 112 -23.91 -11.86 -95.85
N PHE N 113 -22.90 -12.68 -95.58
CA PHE N 113 -22.39 -12.78 -94.22
C PHE N 113 -21.44 -11.63 -93.91
N THR N 114 -20.31 -11.56 -94.64
CA THR N 114 -19.32 -10.51 -94.42
C THR N 114 -19.81 -9.14 -94.86
N GLY N 115 -20.88 -9.07 -95.65
CA GLY N 115 -21.54 -7.80 -95.88
C GLY N 115 -22.22 -7.23 -94.66
N ARG N 116 -22.37 -8.01 -93.59
CA ARG N 116 -22.87 -7.53 -92.31
C ARG N 116 -21.82 -7.46 -91.23
N THR N 117 -20.85 -8.37 -91.24
CA THR N 117 -19.82 -8.39 -90.21
C THR N 117 -18.91 -7.19 -90.36
N SER N 118 -18.41 -6.96 -91.58
CA SER N 118 -17.62 -5.77 -91.86
C SER N 118 -18.46 -4.51 -91.73
N LYS N 119 -19.77 -4.62 -91.97
CA LYS N 119 -20.68 -3.51 -91.73
C LYS N 119 -20.83 -3.24 -90.24
N LEU N 120 -20.53 -4.22 -89.39
CA LEU N 120 -20.56 -4.02 -87.95
C LEU N 120 -19.23 -3.48 -87.44
N THR N 121 -18.11 -3.89 -88.06
CA THR N 121 -16.80 -3.43 -87.61
C THR N 121 -16.60 -1.95 -87.88
N ASN N 122 -17.27 -1.41 -88.90
CA ASN N 122 -17.29 0.03 -89.08
C ASN N 122 -18.00 0.71 -87.93
N LYS N 123 -19.03 0.09 -87.39
CA LYS N 123 -19.86 0.74 -86.39
C LYS N 123 -19.21 0.73 -85.02
N ILE N 124 -18.41 -0.28 -84.70
CA ILE N 124 -17.71 -0.28 -83.42
C ILE N 124 -16.62 0.77 -83.41
N SER N 125 -15.86 0.88 -84.50
CA SER N 125 -14.81 1.89 -84.58
C SER N 125 -15.38 3.30 -84.62
N ASP N 126 -16.61 3.47 -85.09
CA ASP N 126 -17.27 4.75 -84.99
C ASP N 126 -17.73 5.06 -83.56
N ILE N 127 -17.75 4.07 -82.69
CA ILE N 127 -18.07 4.29 -81.28
C ILE N 127 -16.82 4.31 -80.42
N SER N 128 -15.87 3.43 -80.72
CA SER N 128 -14.72 3.22 -79.84
C SER N 128 -13.70 4.35 -79.90
N ASP N 129 -13.91 5.38 -80.71
CA ASP N 129 -12.93 6.45 -80.86
C ASP N 129 -13.25 7.71 -80.08
N MET N 130 -14.52 7.97 -79.82
CA MET N 130 -14.93 9.26 -79.26
C MET N 130 -14.67 9.26 -77.77
N VAL N 131 -13.51 9.76 -77.37
CA VAL N 131 -13.19 9.92 -75.96
C VAL N 131 -14.00 11.09 -75.41
N ILE N 132 -14.70 10.85 -74.31
CA ILE N 132 -15.53 11.88 -73.70
C ILE N 132 -15.24 12.03 -72.22
N ALA N 133 -14.54 11.06 -71.64
CA ALA N 133 -14.21 11.18 -70.23
C ALA N 133 -12.96 12.02 -70.03
N GLU N 134 -11.90 11.73 -70.78
CA GLU N 134 -10.64 12.46 -70.62
C GLU N 134 -10.70 13.88 -71.16
N ARG N 135 -11.75 14.23 -71.91
CA ARG N 135 -11.96 15.57 -72.40
C ARG N 135 -12.74 16.42 -71.42
N LEU N 136 -13.17 15.86 -70.30
CA LEU N 136 -14.00 16.58 -69.35
C LEU N 136 -13.46 16.58 -67.94
N GLN N 137 -12.35 15.88 -67.68
CA GLN N 137 -11.84 15.79 -66.32
C GLN N 137 -11.32 17.13 -65.82
N ASP N 138 -10.84 17.98 -66.73
CA ASP N 138 -10.66 19.38 -66.42
C ASP N 138 -11.99 20.02 -66.10
N LEU N 139 -12.99 19.78 -66.94
CA LEU N 139 -14.27 20.49 -66.85
C LEU N 139 -15.10 20.01 -65.67
N VAL N 140 -14.86 18.79 -65.19
CA VAL N 140 -15.54 18.36 -63.96
C VAL N 140 -14.95 19.04 -62.75
N THR N 141 -13.63 18.92 -62.57
CA THR N 141 -12.98 19.37 -61.35
C THR N 141 -12.98 20.88 -61.18
N GLN N 142 -13.07 21.63 -62.27
CA GLN N 142 -13.26 23.07 -62.16
C GLN N 142 -14.62 23.38 -61.55
N THR N 143 -15.69 22.78 -62.07
CA THR N 143 -17.02 22.97 -61.51
C THR N 143 -17.13 22.33 -60.14
N GLU N 144 -16.44 21.22 -59.92
CA GLU N 144 -16.45 20.58 -58.61
C GLU N 144 -15.76 21.45 -57.56
N SER N 145 -14.74 22.20 -57.97
CA SER N 145 -14.15 23.18 -57.08
C SER N 145 -15.13 24.31 -56.79
N GLN N 146 -15.90 24.72 -57.80
CA GLN N 146 -16.87 25.81 -57.65
C GLN N 146 -17.96 25.46 -56.65
N LYS N 147 -18.31 24.19 -56.55
CA LYS N 147 -19.24 23.74 -55.52
C LYS N 147 -18.64 23.96 -54.13
N THR N 148 -17.36 23.63 -53.97
CA THR N 148 -16.70 23.84 -52.69
C THR N 148 -16.35 25.31 -52.46
N GLU N 149 -16.33 26.12 -53.51
CA GLU N 149 -16.12 27.55 -53.35
C GLU N 149 -17.25 28.19 -52.56
N LEU N 150 -18.48 27.81 -52.86
CA LEU N 150 -19.63 28.56 -52.38
C LEU N 150 -20.17 28.03 -51.07
N GLN N 151 -20.04 26.73 -50.80
CA GLN N 151 -20.38 26.23 -49.47
C GLN N 151 -19.40 26.71 -48.43
N SER N 152 -18.17 27.05 -48.84
CA SER N 152 -17.25 27.77 -47.99
C SER N 152 -17.59 29.24 -47.85
N ASP N 153 -18.57 29.74 -48.60
CA ASP N 153 -19.13 31.06 -48.38
C ASP N 153 -20.47 31.02 -47.66
N ILE N 154 -21.11 29.85 -47.62
CA ILE N 154 -22.29 29.66 -46.78
C ILE N 154 -21.91 29.76 -45.32
N ASP N 155 -20.76 29.19 -44.94
CA ASP N 155 -20.35 29.14 -43.54
C ASP N 155 -20.10 30.51 -42.91
N PRO N 156 -19.52 31.53 -43.57
CA PRO N 156 -19.56 32.86 -42.95
C PRO N 156 -20.96 33.43 -42.83
N LYS N 157 -21.79 33.26 -43.85
CA LYS N 157 -23.09 33.89 -43.85
C LYS N 157 -24.06 33.19 -42.89
N THR N 158 -23.87 31.90 -42.64
CA THR N 158 -24.67 31.26 -41.60
C THR N 158 -24.20 31.66 -40.21
N GLU N 159 -22.92 32.00 -40.06
CA GLU N 159 -22.43 32.46 -38.77
C GLU N 159 -22.73 33.93 -38.55
N LYS N 160 -22.52 34.76 -39.57
CA LYS N 160 -22.77 36.19 -39.44
C LYS N 160 -24.25 36.47 -39.19
N ARG N 161 -25.14 35.68 -39.80
CA ARG N 161 -26.55 35.75 -39.45
C ARG N 161 -26.76 35.31 -38.01
N ASN N 162 -26.07 34.27 -37.58
CA ASN N 162 -26.24 33.77 -36.23
C ASN N 162 -25.56 34.68 -35.20
N LYS N 163 -24.58 35.48 -35.61
CA LYS N 163 -24.04 36.48 -34.71
C LYS N 163 -25.05 37.58 -34.44
N LEU N 164 -25.70 38.06 -35.49
CA LEU N 164 -26.64 39.18 -35.36
C LEU N 164 -27.95 38.78 -34.71
N ASP N 165 -28.22 37.48 -34.58
CA ASP N 165 -29.42 37.04 -33.89
C ASP N 165 -29.38 37.40 -32.41
N ALA N 166 -28.21 37.24 -31.78
CA ALA N 166 -28.10 37.62 -30.37
C ALA N 166 -28.03 39.13 -30.23
N ASP N 167 -27.33 39.80 -31.15
CA ASP N 167 -27.20 41.25 -31.08
C ASP N 167 -28.50 41.96 -31.40
N ARG N 168 -29.40 41.33 -32.15
CA ARG N 168 -30.77 41.81 -32.21
C ARG N 168 -31.45 41.69 -30.84
N GLU N 169 -31.38 40.51 -30.23
CA GLU N 169 -32.15 40.25 -29.04
C GLU N 169 -31.60 40.97 -27.81
N LYS N 170 -30.33 41.33 -27.81
CA LYS N 170 -29.82 42.19 -26.74
C LYS N 170 -30.46 43.56 -26.77
N ILE N 171 -30.75 44.07 -27.97
CA ILE N 171 -31.51 45.31 -28.09
C ILE N 171 -32.93 45.11 -27.60
N ILE N 172 -33.51 43.95 -27.91
CA ILE N 172 -34.89 43.64 -27.52
C ILE N 172 -35.01 43.56 -26.01
N GLU N 173 -34.01 42.96 -25.35
CA GLU N 173 -34.00 42.90 -23.88
C GLU N 173 -33.88 44.30 -23.28
N SER N 174 -33.09 45.16 -23.91
CA SER N 174 -33.01 46.53 -23.44
C SER N 174 -34.21 47.37 -23.85
N GLN N 175 -34.93 46.98 -24.90
CA GLN N 175 -36.20 47.64 -25.18
C GLN N 175 -37.29 47.22 -24.21
N ASP N 176 -37.17 46.03 -23.61
CA ASP N 176 -38.20 45.56 -22.69
C ASP N 176 -38.21 46.34 -21.39
N VAL N 177 -37.08 46.92 -21.00
CA VAL N 177 -37.03 47.78 -19.82
C VAL N 177 -37.86 49.03 -20.06
N ILE N 178 -37.73 49.62 -21.25
CA ILE N 178 -38.50 50.81 -21.57
C ILE N 178 -39.95 50.43 -21.88
N ARG N 179 -40.16 49.20 -22.34
CA ARG N 179 -41.51 48.68 -22.58
C ARG N 179 -42.31 48.56 -21.28
N GLN N 180 -41.61 48.38 -20.16
CA GLN N 180 -42.20 47.81 -18.95
C GLN N 180 -43.26 48.71 -18.33
N ASN N 181 -43.17 50.02 -18.55
CA ASN N 181 -44.26 50.89 -18.13
C ASN N 181 -45.13 51.27 -19.31
N ASN N 182 -46.42 51.42 -19.03
CA ASN N 182 -47.45 51.46 -20.07
C ASN N 182 -47.74 52.90 -20.46
N ILE N 183 -48.85 53.07 -21.19
CA ILE N 183 -49.35 54.40 -21.51
C ILE N 183 -49.80 55.11 -20.24
N ALA N 184 -50.61 54.45 -19.43
CA ALA N 184 -51.20 55.11 -18.29
C ALA N 184 -50.38 54.98 -17.01
N ASP N 185 -49.38 54.09 -16.98
CA ASP N 185 -48.36 54.20 -15.94
C ASP N 185 -47.64 55.53 -16.04
N MET N 186 -47.35 55.95 -17.26
CA MET N 186 -46.80 57.27 -17.53
C MET N 186 -47.76 58.36 -17.08
N PHE N 187 -49.05 58.22 -17.43
CA PHE N 187 -50.07 59.16 -16.95
C PHE N 187 -50.26 59.08 -15.44
N LYS N 188 -50.02 57.92 -14.85
CA LYS N 188 -50.05 57.83 -13.39
C LYS N 188 -48.91 58.63 -12.77
N ASP N 189 -47.78 58.70 -13.47
CA ASP N 189 -46.65 59.44 -12.95
C ASP N 189 -46.86 60.94 -13.06
N PHE N 190 -47.61 61.41 -14.06
CA PHE N 190 -47.77 62.85 -14.24
C PHE N 190 -48.60 63.47 -13.14
N ILE N 191 -49.56 62.74 -12.60
CA ILE N 191 -50.19 63.20 -11.37
C ILE N 191 -49.18 63.02 -10.23
N PRO N 192 -48.96 64.05 -9.42
CA PRO N 192 -47.97 63.92 -8.34
C PRO N 192 -48.50 63.23 -7.10
N SER N 193 -49.59 62.47 -7.25
CA SER N 193 -50.20 61.65 -6.21
C SER N 193 -49.17 60.76 -5.51
N ALA N 194 -49.47 60.49 -4.23
CA ALA N 194 -48.62 60.04 -3.12
C ALA N 194 -47.68 61.14 -2.64
N LYS N 195 -47.68 62.28 -3.34
CA LYS N 195 -47.07 63.52 -2.88
C LYS N 195 -47.94 64.73 -3.21
N ASP N 196 -49.12 64.53 -3.79
CA ASP N 196 -49.93 65.66 -4.25
C ASP N 196 -50.71 66.26 -3.09
N ILE N 197 -51.17 65.41 -2.16
CA ILE N 197 -51.62 65.90 -0.87
C ILE N 197 -50.47 66.57 -0.16
N ASP N 198 -49.29 65.95 -0.22
CA ASP N 198 -48.07 66.56 0.30
C ASP N 198 -47.68 67.79 -0.52
N GLY N 199 -48.06 67.84 -1.79
CA GLY N 199 -47.94 69.06 -2.56
C GLY N 199 -48.82 70.19 -2.05
N LEU N 200 -49.90 69.87 -1.36
CA LEU N 200 -50.71 70.86 -0.68
C LEU N 200 -50.59 70.78 0.84
N ASP N 201 -49.86 69.81 1.39
CA ASP N 201 -49.57 69.82 2.82
C ASP N 201 -48.47 70.82 3.15
N PHE N 202 -47.35 70.73 2.45
CA PHE N 202 -46.23 71.62 2.69
C PHE N 202 -46.46 73.03 2.17
N THR N 203 -47.48 73.23 1.33
CA THR N 203 -47.78 74.53 0.72
C THR N 203 -49.13 75.04 1.18
N GLN N 204 -49.43 74.91 2.48
CA GLN N 204 -50.67 75.49 3.00
C GLN N 204 -50.64 77.02 3.12
N PRO N 205 -49.59 77.68 3.65
CA PRO N 205 -49.63 79.15 3.66
C PRO N 205 -49.38 79.80 2.30
N LYS N 206 -49.03 79.03 1.27
CA LYS N 206 -48.76 79.58 -0.05
C LYS N 206 -50.02 79.71 -0.91
N LYS N 207 -51.21 79.61 -0.31
CA LYS N 207 -52.43 79.82 -1.07
C LYS N 207 -52.60 81.26 -1.50
N GLU N 208 -52.00 82.19 -0.77
CA GLU N 208 -51.89 83.56 -1.25
C GLU N 208 -50.79 83.71 -2.29
N ALA N 209 -49.85 82.77 -2.34
CA ALA N 209 -48.73 82.85 -3.27
C ALA N 209 -49.12 82.25 -4.61
N ILE N 210 -48.79 82.97 -5.69
CA ILE N 210 -48.96 82.42 -7.04
C ILE N 210 -47.94 81.31 -7.25
N LYS N 211 -46.78 81.41 -6.61
CA LYS N 211 -45.65 80.49 -6.78
C LYS N 211 -45.90 79.10 -6.21
N GLN N 212 -47.01 78.88 -5.50
CA GLN N 212 -47.41 77.52 -5.13
C GLN N 212 -47.66 76.67 -6.38
N ALA N 213 -48.27 77.27 -7.40
CA ALA N 213 -48.50 76.55 -8.66
C ALA N 213 -47.19 76.32 -9.41
N ILE N 214 -46.18 77.16 -9.17
CA ILE N 214 -44.86 76.91 -9.74
C ILE N 214 -44.22 75.70 -9.05
N LYS N 215 -44.41 75.60 -7.73
CA LYS N 215 -44.02 74.40 -7.00
C LYS N 215 -44.77 73.18 -7.49
N GLN N 216 -46.06 73.36 -7.79
CA GLN N 216 -46.81 72.35 -8.53
C GLN N 216 -46.25 72.16 -9.92
N GLY N 217 -45.95 73.26 -10.62
CA GLY N 217 -45.42 73.18 -11.97
C GLY N 217 -43.98 72.71 -12.07
N ALA N 218 -43.29 72.57 -10.95
CA ALA N 218 -41.88 72.22 -10.99
C ALA N 218 -41.68 70.76 -11.35
N GLU N 219 -42.27 69.86 -10.55
CA GLU N 219 -41.99 68.43 -10.73
C GLU N 219 -42.64 67.87 -11.98
N ILE N 220 -43.77 68.44 -12.40
CA ILE N 220 -44.37 68.00 -13.65
C ILE N 220 -43.51 68.42 -14.83
N ALA N 221 -42.83 69.57 -14.73
CA ALA N 221 -41.89 69.97 -15.77
C ALA N 221 -40.64 69.13 -15.75
N ARG N 222 -40.30 68.52 -14.60
CA ARG N 222 -39.21 67.57 -14.57
C ARG N 222 -39.60 66.28 -15.28
N LYS N 223 -40.66 65.65 -14.80
CA LYS N 223 -40.98 64.28 -15.15
C LYS N 223 -41.48 64.17 -16.59
N ILE N 224 -41.94 65.28 -17.17
CA ILE N 224 -42.24 65.27 -18.60
C ILE N 224 -40.96 65.11 -19.42
N LEU N 225 -39.84 65.62 -18.92
CA LEU N 225 -38.59 65.50 -19.65
C LEU N 225 -37.93 64.15 -19.45
N GLY N 226 -38.03 63.60 -18.24
CA GLY N 226 -37.42 62.31 -17.96
C GLY N 226 -38.02 61.17 -18.77
N LYS N 227 -39.30 61.28 -19.09
CA LYS N 227 -39.92 60.27 -19.93
C LYS N 227 -39.58 60.48 -21.40
N VAL N 228 -39.25 61.71 -21.80
CA VAL N 228 -38.79 61.97 -23.15
C VAL N 228 -37.46 61.27 -23.40
N SER N 229 -36.50 61.48 -22.51
CA SER N 229 -35.15 60.95 -22.69
C SER N 229 -35.12 59.44 -22.60
N GLU N 230 -35.98 58.86 -21.76
CA GLU N 230 -36.12 57.41 -21.72
C GLU N 230 -36.62 56.88 -23.06
N GLY N 231 -37.61 57.56 -23.64
CA GLY N 231 -38.00 57.23 -24.98
C GLY N 231 -37.02 57.68 -26.03
N LEU N 232 -36.20 58.68 -25.73
CA LEU N 232 -35.22 59.09 -26.71
C LEU N 232 -34.06 58.12 -26.75
N LYS N 233 -33.77 57.45 -25.62
CA LYS N 233 -32.92 56.27 -25.64
C LYS N 233 -33.53 55.20 -26.53
N TYR N 234 -34.83 54.99 -26.39
CA TYR N 234 -35.57 53.99 -27.16
C TYR N 234 -35.58 54.31 -28.65
N ILE N 235 -35.40 55.58 -29.02
CA ILE N 235 -35.25 55.94 -30.43
C ILE N 235 -33.94 55.39 -30.98
N ASP N 236 -32.83 55.75 -30.33
CA ASP N 236 -31.52 55.28 -30.80
C ASP N 236 -31.36 53.79 -30.60
N LEU N 237 -32.09 53.22 -29.65
CA LEU N 237 -32.03 51.79 -29.44
C LEU N 237 -32.74 51.05 -30.56
N ALA N 238 -33.87 51.60 -31.03
CA ALA N 238 -34.60 50.96 -32.11
C ALA N 238 -33.91 51.13 -33.45
N ASP N 239 -33.35 52.32 -33.70
CA ASP N 239 -32.73 52.60 -34.98
C ASP N 239 -31.46 51.79 -35.21
N ALA N 240 -30.80 51.39 -34.12
CA ALA N 240 -29.77 50.38 -34.25
C ALA N 240 -30.37 49.06 -34.71
N ARG N 241 -31.44 48.62 -34.04
CA ARG N 241 -32.09 47.35 -34.36
C ARG N 241 -32.75 47.39 -35.72
N MET N 242 -33.33 48.55 -36.07
CA MET N 242 -33.86 48.75 -37.42
C MET N 242 -32.77 48.58 -38.46
N LYS N 243 -31.58 49.09 -38.17
CA LYS N 243 -30.43 48.83 -39.04
C LYS N 243 -29.97 47.40 -38.90
N LEU N 244 -30.02 46.85 -37.68
CA LEU N 244 -29.48 45.51 -37.44
C LEU N 244 -30.37 44.44 -38.06
N SER N 245 -31.67 44.70 -38.14
CA SER N 245 -32.55 43.79 -38.85
C SER N 245 -32.28 43.81 -40.34
N ASP N 246 -31.94 44.98 -40.89
CA ASP N 246 -31.68 45.11 -42.32
C ASP N 246 -30.40 44.40 -42.73
N GLN N 247 -29.46 44.24 -41.80
CA GLN N 247 -28.28 43.44 -42.05
C GLN N 247 -28.67 41.98 -42.31
N ILE N 248 -29.56 41.44 -41.48
CA ILE N 248 -29.99 40.06 -41.66
C ILE N 248 -30.85 39.93 -42.91
N ASP N 249 -31.58 40.99 -43.27
CA ASP N 249 -32.38 40.98 -44.48
C ASP N 249 -31.51 40.87 -45.73
N GLN N 250 -30.36 41.54 -45.72
CA GLN N 250 -29.41 41.34 -46.80
C GLN N 250 -28.80 39.95 -46.74
N LEU N 251 -28.46 39.49 -45.53
CA LEU N 251 -27.78 38.21 -45.36
C LEU N 251 -28.64 37.03 -45.81
N ILE N 252 -29.93 37.06 -45.50
CA ILE N 252 -30.83 36.01 -45.98
C ILE N 252 -30.97 36.11 -47.49
N THR N 253 -30.98 37.33 -48.03
CA THR N 253 -31.02 37.52 -49.48
C THR N 253 -29.73 37.06 -50.14
N GLU N 254 -28.59 37.36 -49.53
CA GLU N 254 -27.31 36.96 -50.10
C GLU N 254 -27.05 35.47 -50.00
N THR N 255 -27.65 34.79 -49.02
CA THR N 255 -27.50 33.34 -48.95
C THR N 255 -28.23 32.65 -50.09
N ASP N 256 -29.51 32.93 -50.24
CA ASP N 256 -30.34 32.18 -51.19
C ASP N 256 -29.98 32.51 -52.63
N GLU N 257 -29.49 33.73 -52.87
CA GLU N 257 -28.89 34.04 -54.15
C GLU N 257 -27.65 33.18 -54.38
N LEU N 258 -26.83 33.03 -53.35
CA LEU N 258 -25.68 32.15 -53.45
C LEU N 258 -26.09 30.68 -53.37
N LYS N 259 -27.18 30.37 -52.65
CA LYS N 259 -27.66 29.01 -52.63
C LYS N 259 -28.35 28.66 -53.95
N ALA N 260 -28.77 29.65 -54.72
CA ALA N 260 -29.16 29.40 -56.09
C ALA N 260 -27.98 29.07 -56.98
N LYS N 261 -26.77 29.50 -56.61
CA LYS N 261 -25.61 29.22 -57.43
C LYS N 261 -25.18 27.76 -57.31
N ILE N 262 -25.20 27.21 -56.09
CA ILE N 262 -24.84 25.81 -55.93
C ILE N 262 -25.87 24.89 -56.53
N ARG N 263 -27.09 25.37 -56.74
CA ARG N 263 -28.08 24.62 -57.50
C ARG N 263 -27.61 24.39 -58.92
N GLU N 264 -27.15 25.45 -59.58
CA GLU N 264 -26.73 25.35 -60.98
C GLU N 264 -25.46 24.53 -61.12
N VAL N 265 -24.57 24.61 -60.13
CA VAL N 265 -23.35 23.82 -60.14
C VAL N 265 -23.68 22.34 -59.99
N GLU N 266 -24.54 22.02 -59.01
CA GLU N 266 -24.96 20.64 -58.81
C GLU N 266 -25.80 20.14 -59.97
N LEU N 267 -26.60 21.02 -60.59
CA LEU N 267 -27.30 20.65 -61.81
C LEU N 267 -26.31 20.39 -62.94
N ARG N 268 -25.19 21.10 -62.96
CA ARG N 268 -24.19 20.84 -63.97
C ARG N 268 -23.40 19.59 -63.64
N LEU N 269 -22.91 19.49 -62.40
CA LEU N 269 -22.03 18.40 -62.00
C LEU N 269 -22.72 17.04 -62.07
N SER N 270 -24.00 16.99 -61.70
CA SER N 270 -24.76 15.77 -61.89
C SER N 270 -24.95 15.45 -63.36
N GLY N 271 -25.11 16.48 -64.20
CA GLY N 271 -25.16 16.24 -65.62
C GLY N 271 -23.84 15.76 -66.19
N LEU N 272 -22.73 16.23 -65.61
CA LEU N 272 -21.42 15.83 -66.08
C LEU N 272 -21.07 14.42 -65.64
N LYS N 273 -21.46 14.05 -64.41
CA LYS N 273 -21.22 12.68 -63.95
C LYS N 273 -22.07 11.69 -64.72
N ASP N 274 -23.20 12.14 -65.26
CA ASP N 274 -23.97 11.32 -66.18
C ASP N 274 -23.18 11.02 -67.44
N VAL N 275 -22.43 12.02 -67.93
CA VAL N 275 -21.57 11.80 -69.10
C VAL N 275 -20.41 10.90 -68.73
N MET N 276 -19.92 11.01 -67.50
CA MET N 276 -18.80 10.18 -67.07
C MET N 276 -19.20 8.71 -66.94
N GLN N 277 -20.47 8.44 -66.68
CA GLN N 277 -20.92 7.06 -66.64
C GLN N 277 -21.09 6.46 -68.02
N ILE N 278 -21.21 7.29 -69.05
CA ILE N 278 -21.40 6.80 -70.41
C ILE N 278 -20.16 6.04 -70.87
N ASP N 279 -18.97 6.56 -70.54
CA ASP N 279 -17.74 5.89 -70.93
C ASP N 279 -17.57 4.58 -70.19
N THR N 280 -18.09 4.48 -68.97
CA THR N 280 -18.00 3.22 -68.23
C THR N 280 -18.86 2.15 -68.89
N GLU N 281 -20.05 2.50 -69.32
CA GLU N 281 -20.88 1.53 -70.03
C GLU N 281 -20.54 1.45 -71.50
N ARG N 282 -19.79 2.41 -72.04
CA ARG N 282 -19.28 2.23 -73.40
C ARG N 282 -18.25 1.12 -73.45
N THR N 283 -17.47 0.96 -72.38
CA THR N 283 -16.52 -0.14 -72.32
C THR N 283 -17.22 -1.48 -72.22
N THR N 284 -18.26 -1.57 -71.38
CA THR N 284 -18.99 -2.83 -71.25
C THR N 284 -19.77 -3.15 -72.52
N LEU N 285 -20.17 -2.12 -73.27
CA LEU N 285 -20.75 -2.35 -74.58
C LEU N 285 -19.73 -2.88 -75.56
N LEU N 286 -18.56 -2.24 -75.62
CA LEU N 286 -17.64 -2.55 -76.71
C LEU N 286 -16.84 -3.81 -76.44
N THR N 287 -16.33 -3.99 -75.21
CA THR N 287 -15.53 -5.18 -74.90
C THR N 287 -16.34 -6.45 -75.01
N GLU N 288 -17.65 -6.36 -74.83
CA GLU N 288 -18.51 -7.46 -75.22
C GLU N 288 -18.63 -7.57 -76.73
N ALA N 289 -18.82 -6.44 -77.43
CA ALA N 289 -18.99 -6.48 -78.87
C ALA N 289 -17.70 -6.73 -79.63
N VAL N 290 -16.54 -6.47 -79.00
CA VAL N 290 -15.26 -6.88 -79.59
C VAL N 290 -15.16 -8.40 -79.63
N LYS N 291 -15.70 -9.08 -78.60
CA LYS N 291 -15.73 -10.53 -78.57
C LYS N 291 -16.61 -11.12 -79.67
N ILE N 292 -17.51 -10.32 -80.23
CA ILE N 292 -18.43 -10.80 -81.24
C ILE N 292 -17.87 -10.62 -82.65
N GLU N 293 -17.10 -9.54 -82.89
CA GLU N 293 -16.42 -9.36 -84.17
C GLU N 293 -15.48 -10.50 -84.48
N GLN N 294 -14.83 -11.08 -83.46
CA GLN N 294 -13.92 -12.19 -83.68
C GLN N 294 -14.66 -13.39 -84.25
N VAL N 295 -15.72 -13.83 -83.58
CA VAL N 295 -16.45 -15.01 -84.03
C VAL N 295 -17.33 -14.74 -85.23
N TRP N 296 -17.45 -13.49 -85.67
CA TRP N 296 -17.93 -13.30 -87.03
C TRP N 296 -16.82 -13.56 -88.03
N ILE N 297 -15.64 -12.99 -87.80
CA ILE N 297 -14.56 -13.06 -88.77
C ILE N 297 -13.89 -14.42 -88.76
N SER N 298 -13.59 -14.94 -87.55
CA SER N 298 -12.90 -16.22 -87.43
C SER N 298 -13.74 -17.37 -87.97
N PHE N 299 -15.06 -17.23 -87.94
CA PHE N 299 -15.91 -18.12 -88.70
C PHE N 299 -15.72 -17.91 -90.20
N ALA N 300 -15.89 -16.66 -90.65
CA ALA N 300 -15.91 -16.37 -92.08
C ALA N 300 -14.56 -16.61 -92.74
N GLU N 301 -13.47 -16.43 -91.99
CA GLU N 301 -12.16 -16.83 -92.50
C GLU N 301 -12.08 -18.34 -92.63
N GLN N 302 -12.54 -19.06 -91.61
CA GLN N 302 -12.54 -20.51 -91.66
C GLN N 302 -13.55 -21.02 -92.67
N LEU N 303 -14.63 -20.28 -92.89
CA LEU N 303 -15.63 -20.71 -93.86
C LEU N 303 -15.13 -20.46 -95.27
N HIS N 304 -14.42 -19.35 -95.50
CA HIS N 304 -13.82 -19.14 -96.82
C HIS N 304 -12.61 -20.04 -97.04
N LYS N 305 -12.02 -20.56 -95.96
CA LYS N 305 -10.99 -21.58 -96.08
C LYS N 305 -11.55 -22.85 -96.70
N LEU N 306 -12.81 -23.18 -96.37
CA LEU N 306 -13.40 -24.38 -96.95
C LEU N 306 -13.86 -24.12 -98.38
N SER N 307 -14.19 -22.87 -98.72
CA SER N 307 -14.56 -22.54 -100.08
C SER N 307 -13.39 -22.57 -101.04
N ASN N 308 -12.16 -22.67 -100.54
CA ASN N 308 -11.02 -22.92 -101.40
C ASN N 308 -11.07 -24.33 -101.96
N ASP N 309 -11.21 -25.33 -101.08
CA ASP N 309 -11.14 -26.72 -101.50
C ASP N 309 -12.43 -27.22 -102.13
N GLU N 310 -13.58 -26.68 -101.67
CA GLU N 310 -14.92 -26.97 -102.20
C GLU N 310 -15.26 -28.46 -102.08
N ILE N 311 -14.83 -29.08 -101.01
CA ILE N 311 -15.07 -30.49 -100.79
C ILE N 311 -16.44 -30.61 -100.11
N ASN N 312 -17.13 -31.72 -100.38
CA ASN N 312 -18.47 -31.97 -99.87
C ASN N 312 -18.46 -32.65 -98.51
N GLN N 313 -17.44 -32.38 -97.69
CA GLN N 313 -17.33 -32.92 -96.35
C GLN N 313 -18.50 -32.51 -95.47
N GLN N 314 -18.74 -33.30 -94.44
CA GLN N 314 -19.75 -32.97 -93.46
C GLN N 314 -19.13 -32.46 -92.17
N ASP N 315 -17.80 -32.30 -92.16
CA ASP N 315 -17.18 -31.42 -91.18
C ASP N 315 -17.52 -29.96 -91.48
N LEU N 316 -17.80 -29.65 -92.75
CA LEU N 316 -18.43 -28.39 -93.13
C LEU N 316 -19.69 -28.13 -92.32
N SER N 317 -20.67 -29.03 -92.44
CA SER N 317 -21.92 -28.88 -91.71
C SER N 317 -21.72 -29.07 -90.21
N ASN N 318 -20.66 -29.77 -89.79
CA ASN N 318 -20.28 -29.75 -88.39
C ASN N 318 -19.74 -28.39 -87.99
N LEU N 319 -19.00 -27.73 -88.88
CA LEU N 319 -18.47 -26.41 -88.55
C LEU N 319 -19.55 -25.35 -88.57
N ILE N 320 -20.57 -25.53 -89.40
CA ILE N 320 -21.71 -24.60 -89.35
C ILE N 320 -22.49 -24.81 -88.06
N ASN N 321 -22.58 -26.07 -87.60
CA ASN N 321 -23.45 -26.43 -86.49
C ASN N 321 -22.99 -25.79 -85.20
N GLY N 322 -21.68 -25.70 -84.97
CA GLY N 322 -21.18 -24.98 -83.81
C GLY N 322 -21.43 -23.49 -83.91
N GLN N 323 -21.31 -22.93 -85.12
CA GLN N 323 -21.65 -21.53 -85.33
C GLN N 323 -23.16 -21.31 -85.25
N LEU N 324 -23.94 -22.20 -85.88
CA LEU N 324 -25.38 -22.01 -85.92
C LEU N 324 -25.99 -22.16 -84.54
N ASP N 325 -25.43 -23.03 -83.70
CA ASP N 325 -25.88 -23.12 -82.31
C ASP N 325 -25.50 -21.88 -81.53
N PHE N 326 -24.26 -21.41 -81.72
CA PHE N 326 -23.80 -20.17 -81.11
C PHE N 326 -24.66 -18.98 -81.52
N LEU N 327 -25.00 -18.91 -82.80
CA LEU N 327 -25.91 -17.86 -83.25
C LEU N 327 -27.29 -18.06 -82.65
N ASN N 328 -27.76 -19.30 -82.59
CA ASN N 328 -29.05 -19.57 -81.97
C ASN N 328 -28.98 -19.35 -80.46
N ASN N 329 -27.82 -19.60 -79.85
CA ASN N 329 -27.60 -19.19 -78.46
C ASN N 329 -27.73 -17.68 -78.34
N LEU N 330 -27.18 -16.95 -79.31
CA LEU N 330 -27.17 -15.51 -79.19
C LEU N 330 -28.54 -14.91 -79.53
N THR N 331 -29.35 -15.61 -80.33
CA THR N 331 -30.73 -15.18 -80.50
C THR N 331 -31.54 -15.34 -79.22
N LEU N 332 -31.13 -16.30 -78.39
CA LEU N 332 -31.98 -16.71 -77.27
C LEU N 332 -32.01 -15.67 -76.17
N GLN N 333 -30.87 -15.05 -75.87
CA GLN N 333 -30.87 -14.08 -74.78
C GLN N 333 -31.61 -12.81 -75.16
N TYR N 334 -31.69 -12.50 -76.45
CA TYR N 334 -32.61 -11.43 -76.87
C TYR N 334 -34.05 -11.86 -76.72
N ASN N 335 -34.34 -13.14 -76.89
CA ASN N 335 -35.69 -13.62 -76.70
C ASN N 335 -35.99 -13.90 -75.24
N LYS N 336 -34.98 -14.19 -74.45
CA LYS N 336 -35.15 -14.35 -73.02
C LYS N 336 -34.72 -13.09 -72.27
N LEU N 337 -34.72 -11.94 -72.96
CA LEU N 337 -34.35 -10.69 -72.31
C LEU N 337 -35.43 -10.26 -71.32
N LYS N 338 -36.69 -10.47 -71.69
CA LYS N 338 -37.81 -10.60 -70.77
C LYS N 338 -38.09 -9.35 -69.91
N GLY O 41 10.73 -50.90 77.68
CA GLY O 41 9.30 -51.06 77.89
C GLY O 41 8.46 -50.29 76.91
N ILE O 42 7.15 -50.52 76.93
CA ILE O 42 6.24 -49.81 76.04
C ILE O 42 5.79 -48.50 76.66
N PHE O 43 5.34 -48.56 77.91
CA PHE O 43 4.90 -47.39 78.66
C PHE O 43 6.15 -46.68 79.16
N THR O 44 6.60 -45.67 78.41
CA THR O 44 7.86 -45.01 78.71
C THR O 44 7.69 -44.02 79.86
N LYS O 45 8.82 -43.45 80.29
CA LYS O 45 8.77 -42.44 81.35
C LYS O 45 8.13 -41.15 80.85
N GLY O 46 8.25 -40.86 79.55
CA GLY O 46 7.59 -39.70 79.00
C GLY O 46 6.10 -39.86 78.91
N ASP O 47 5.62 -41.10 78.83
CA ASP O 47 4.18 -41.35 78.84
C ASP O 47 3.58 -40.97 80.19
N LEU O 48 4.23 -41.40 81.27
CA LEU O 48 3.71 -41.19 82.61
C LEU O 48 3.77 -39.72 83.00
N ILE O 49 4.70 -38.97 82.41
CA ILE O 49 4.73 -37.53 82.64
C ILE O 49 3.56 -36.86 81.96
N ASN O 50 3.27 -37.26 80.70
CA ASN O 50 2.20 -36.66 79.92
C ASN O 50 0.85 -36.84 80.58
N ILE O 51 0.66 -37.94 81.30
CA ILE O 51 -0.55 -38.09 82.10
C ILE O 51 -0.51 -37.12 83.27
N LYS O 52 0.60 -37.11 84.01
CA LYS O 52 0.68 -36.26 85.20
C LYS O 52 0.74 -34.79 84.85
N LEU O 53 1.19 -34.44 83.63
CA LEU O 53 0.96 -33.10 83.12
C LEU O 53 -0.52 -32.83 82.95
N TYR O 54 -1.25 -33.78 82.37
CA TYR O 54 -2.68 -33.62 82.17
C TYR O 54 -3.42 -33.57 83.50
N VAL O 55 -2.96 -34.32 84.49
CA VAL O 55 -3.58 -34.28 85.81
C VAL O 55 -3.30 -32.93 86.47
N LYS O 56 -2.10 -32.40 86.27
CA LYS O 56 -1.71 -31.14 86.91
C LYS O 56 -2.53 -29.97 86.35
N HIS O 57 -2.62 -29.87 85.03
CA HIS O 57 -3.31 -28.75 84.44
C HIS O 57 -4.83 -28.86 84.56
N SER O 58 -5.36 -30.07 84.76
CA SER O 58 -6.80 -30.22 84.89
C SER O 58 -7.28 -29.74 86.25
N LEU O 59 -6.48 -29.97 87.29
CA LEU O 59 -6.84 -29.50 88.63
C LEU O 59 -6.82 -27.99 88.74
N GLU O 60 -6.07 -27.33 87.86
CA GLU O 60 -6.12 -25.87 87.77
C GLU O 60 -7.48 -25.36 87.32
N LEU O 61 -8.21 -26.18 86.57
CA LEU O 61 -9.49 -25.75 86.03
C LEU O 61 -10.55 -25.69 87.13
N PRO O 62 -11.40 -24.68 87.13
CA PRO O 62 -12.45 -24.60 88.15
C PRO O 62 -13.56 -25.59 87.87
N PHE O 63 -14.36 -25.85 88.89
CA PHE O 63 -15.47 -26.78 88.77
C PHE O 63 -16.77 -26.26 89.36
N THR O 64 -16.78 -25.12 90.03
CA THR O 64 -18.03 -24.54 90.46
C THR O 64 -18.72 -23.87 89.28
N LEU O 65 -20.00 -23.57 89.45
CA LEU O 65 -20.71 -22.81 88.42
C LEU O 65 -20.18 -21.39 88.33
N GLU O 66 -19.82 -20.79 89.46
CA GLU O 66 -19.30 -19.43 89.45
C GLU O 66 -17.86 -19.39 88.92
N GLY O 67 -17.01 -20.32 89.37
CA GLY O 67 -15.61 -20.27 89.00
C GLY O 67 -15.36 -20.58 87.55
N VAL O 68 -16.17 -21.47 86.96
CA VAL O 68 -16.12 -21.68 85.53
C VAL O 68 -16.59 -20.43 84.80
N LYS O 69 -17.65 -19.79 85.32
CA LYS O 69 -18.21 -18.59 84.71
C LYS O 69 -17.23 -17.44 84.73
N GLU O 70 -16.37 -17.38 85.73
CA GLU O 70 -15.27 -16.42 85.75
C GLU O 70 -14.17 -16.81 84.78
N TYR O 71 -13.87 -18.11 84.71
CA TYR O 71 -12.78 -18.60 83.87
C TYR O 71 -13.07 -18.42 82.39
N ILE O 72 -14.33 -18.49 82.00
CA ILE O 72 -14.69 -18.29 80.60
C ILE O 72 -14.88 -16.83 80.29
N GLY O 73 -15.14 -16.00 81.29
CA GLY O 73 -15.19 -14.56 81.13
C GLY O 73 -16.33 -14.02 80.29
N TYR O 74 -17.52 -14.58 80.43
CA TYR O 74 -18.67 -14.02 79.72
C TYR O 74 -19.95 -14.32 80.48
N ASN O 75 -21.07 -14.01 79.83
CA ASN O 75 -22.41 -14.36 80.28
C ASN O 75 -23.25 -14.67 79.06
N ASP O 76 -23.64 -15.95 78.93
CA ASP O 76 -24.77 -16.38 78.08
C ASP O 76 -24.54 -16.06 76.60
N ILE O 77 -23.67 -16.87 75.99
CA ILE O 77 -23.52 -16.90 74.53
C ILE O 77 -24.88 -17.08 73.87
N ASP O 78 -25.08 -16.40 72.74
CA ASP O 78 -26.28 -16.59 71.94
C ASP O 78 -26.40 -18.03 71.42
N ILE O 79 -25.29 -18.69 71.14
CA ILE O 79 -25.36 -20.06 70.65
C ILE O 79 -25.43 -21.00 71.84
N ASP O 80 -25.88 -22.22 71.58
CA ASP O 80 -26.29 -23.11 72.66
C ASP O 80 -25.11 -23.82 73.29
N GLY O 81 -24.18 -24.30 72.47
CA GLY O 81 -23.14 -25.19 72.95
C GLY O 81 -22.11 -24.56 73.87
N LEU O 82 -22.06 -23.23 73.93
CA LEU O 82 -21.09 -22.55 74.78
C LEU O 82 -21.74 -21.88 75.98
N LYS O 83 -22.98 -22.26 76.28
CA LYS O 83 -23.65 -21.73 77.47
C LYS O 83 -23.00 -22.33 78.72
N PRO O 84 -22.84 -21.53 79.79
CA PRO O 84 -21.99 -21.96 80.91
C PRO O 84 -22.56 -23.11 81.72
N ALA O 85 -23.86 -23.38 81.63
CA ALA O 85 -24.41 -24.55 82.30
C ALA O 85 -23.89 -25.84 81.66
N LYS O 86 -23.72 -25.82 80.34
CA LYS O 86 -23.05 -26.93 79.68
C LYS O 86 -21.57 -26.97 80.06
N MET O 87 -20.96 -25.80 80.19
CA MET O 87 -19.52 -25.71 80.40
C MET O 87 -19.14 -26.19 81.79
N ALA O 88 -19.89 -25.73 82.80
CA ALA O 88 -19.63 -26.14 84.19
C ALA O 88 -19.92 -27.62 84.39
N THR O 89 -20.81 -28.19 83.58
CA THR O 89 -20.95 -29.64 83.55
C THR O 89 -19.69 -30.28 82.99
N LEU O 90 -19.09 -29.66 81.98
CA LEU O 90 -17.98 -30.28 81.28
C LEU O 90 -16.71 -30.26 82.12
N PHE O 91 -16.42 -29.14 82.80
CA PHE O 91 -15.24 -29.08 83.64
C PHE O 91 -15.38 -29.95 84.87
N LYS O 92 -16.60 -30.09 85.40
CA LYS O 92 -16.83 -30.96 86.53
C LYS O 92 -16.58 -32.41 86.17
N GLU O 93 -16.83 -32.78 84.91
CA GLU O 93 -16.42 -34.09 84.45
C GLU O 93 -14.90 -34.20 84.41
N ILE O 94 -14.22 -33.14 84.01
CA ILE O 94 -12.76 -33.17 83.93
C ILE O 94 -12.16 -33.14 85.33
N HIS O 95 -12.70 -32.30 86.21
CA HIS O 95 -12.19 -32.19 87.57
C HIS O 95 -12.40 -33.49 88.35
N ASP O 96 -13.46 -34.23 88.04
CA ASP O 96 -13.61 -35.56 88.62
C ASP O 96 -12.74 -36.58 87.92
N HIS O 97 -12.45 -36.35 86.64
CA HIS O 97 -11.55 -37.25 85.92
C HIS O 97 -10.12 -37.10 86.41
N ALA O 98 -9.72 -35.91 86.83
CA ALA O 98 -8.36 -35.69 87.29
C ALA O 98 -8.13 -36.31 88.67
N LEU O 99 -9.12 -36.17 89.56
CA LEU O 99 -8.97 -36.66 90.93
C LEU O 99 -8.93 -38.18 91.00
N SER O 100 -9.38 -38.87 89.95
CA SER O 100 -9.34 -40.33 89.96
C SER O 100 -7.91 -40.84 89.82
N TRP O 101 -7.02 -40.07 89.19
CA TRP O 101 -5.70 -40.57 88.84
C TRP O 101 -4.83 -40.84 90.06
N SER O 102 -5.02 -40.07 91.13
CA SER O 102 -4.30 -40.32 92.37
C SER O 102 -4.61 -41.70 92.92
N GLY O 103 -5.87 -42.13 92.79
CA GLY O 103 -6.19 -43.50 93.12
C GLY O 103 -5.64 -44.48 92.10
N VAL O 104 -5.65 -44.09 90.82
CA VAL O 104 -5.26 -45.01 89.74
C VAL O 104 -3.78 -45.30 89.80
N GLU O 105 -2.96 -44.25 89.85
CA GLU O 105 -1.51 -44.38 89.81
C GLU O 105 -0.99 -45.12 91.04
N SER O 106 -1.61 -44.90 92.19
CA SER O 106 -1.28 -45.66 93.38
C SER O 106 -1.65 -47.12 93.23
N LYS O 107 -2.74 -47.41 92.53
CA LYS O 107 -3.08 -48.80 92.26
C LYS O 107 -2.14 -49.41 91.23
N VAL O 108 -1.64 -48.62 90.29
CA VAL O 108 -0.70 -49.14 89.31
C VAL O 108 0.63 -49.45 89.97
N GLN O 109 1.10 -48.56 90.84
CA GLN O 109 2.41 -48.71 91.46
C GLN O 109 2.44 -49.87 92.43
N GLN O 110 1.47 -49.91 93.35
CA GLN O 110 1.50 -50.90 94.42
C GLN O 110 1.26 -52.31 93.89
N GLN O 111 0.49 -52.44 92.82
CA GLN O 111 0.28 -53.75 92.22
C GLN O 111 1.53 -54.24 91.50
N SER O 112 2.20 -53.35 90.76
CA SER O 112 3.33 -53.76 89.94
C SER O 112 4.53 -54.14 90.80
N ILE O 113 4.63 -53.60 92.01
CA ILE O 113 5.61 -54.09 92.98
C ILE O 113 5.30 -55.53 93.35
N ASP O 114 4.01 -55.82 93.59
CA ASP O 114 3.60 -57.17 93.93
C ASP O 114 3.76 -58.12 92.75
N LEU O 115 3.59 -57.61 91.53
CA LEU O 115 3.82 -58.42 90.35
C LEU O 115 5.28 -58.78 90.18
N GLU O 116 6.19 -57.96 90.71
CA GLU O 116 7.60 -58.33 90.69
C GLU O 116 7.92 -59.33 91.79
N ASN O 117 7.40 -59.11 93.00
CA ASN O 117 7.70 -59.99 94.13
C ASN O 117 7.11 -61.37 93.93
N ALA O 118 5.88 -61.44 93.45
CA ALA O 118 5.34 -62.73 93.02
C ALA O 118 6.03 -63.21 91.74
N GLY O 119 6.50 -62.28 90.92
CA GLY O 119 7.15 -62.65 89.68
C GLY O 119 8.51 -63.31 89.86
N LYS O 120 9.11 -63.16 91.03
CA LYS O 120 10.39 -63.79 91.32
C LYS O 120 10.26 -65.03 92.19
N GLN O 121 9.45 -64.94 93.25
CA GLN O 121 9.32 -66.03 94.21
C GLN O 121 8.68 -67.26 93.58
N ILE O 122 7.75 -67.04 92.65
CA ILE O 122 7.23 -68.15 91.85
C ILE O 122 8.31 -68.65 90.90
N THR O 123 9.04 -67.72 90.27
CA THR O 123 10.04 -68.09 89.29
C THR O 123 11.24 -68.76 89.94
N LEU O 124 11.58 -68.36 91.17
CA LEU O 124 12.61 -69.07 91.93
C LEU O 124 12.15 -70.49 92.27
N THR O 125 10.92 -70.64 92.71
CA THR O 125 10.42 -71.97 93.06
C THR O 125 10.23 -72.82 91.82
N GLY O 126 9.69 -72.24 90.74
CA GLY O 126 9.34 -73.02 89.58
C GLY O 126 10.54 -73.50 88.78
N ASP O 127 11.58 -72.67 88.70
CA ASP O 127 12.77 -73.08 87.96
C ASP O 127 13.54 -74.16 88.71
N GLU O 128 13.49 -74.15 90.04
CA GLU O 128 14.11 -75.21 90.81
C GLU O 128 13.38 -76.54 90.64
N ILE O 129 12.06 -76.51 90.48
CA ILE O 129 11.29 -77.74 90.37
C ILE O 129 11.55 -78.42 89.03
N ILE O 130 11.58 -77.64 87.94
CA ILE O 130 11.82 -78.19 86.61
C ILE O 130 13.26 -78.72 86.51
N SER O 131 14.18 -78.12 87.27
CA SER O 131 15.56 -78.59 87.27
C SER O 131 15.70 -79.94 87.99
N VAL O 132 15.10 -80.06 89.18
CA VAL O 132 15.32 -81.26 89.99
C VAL O 132 14.56 -82.47 89.47
N ILE O 133 13.52 -82.30 88.66
CA ILE O 133 12.83 -83.46 88.13
C ILE O 133 13.62 -84.05 86.98
N ASP O 134 14.36 -83.22 86.25
CA ASP O 134 15.27 -83.72 85.20
C ASP O 134 16.42 -84.55 85.77
N GLN O 135 16.69 -84.45 87.07
CA GLN O 135 17.60 -85.39 87.72
C GLN O 135 17.05 -86.81 87.70
N MET O 136 15.73 -86.97 87.80
CA MET O 136 15.14 -88.29 87.67
C MET O 136 15.25 -88.76 86.22
N PRO O 137 15.47 -90.06 86.00
CA PRO O 137 15.53 -90.56 84.63
C PRO O 137 14.15 -90.72 84.02
N ILE O 138 14.12 -90.71 82.69
CA ILE O 138 12.87 -90.76 81.95
C ILE O 138 12.18 -92.12 82.10
N ILE O 139 12.93 -93.18 82.36
CA ILE O 139 12.32 -94.49 82.56
C ILE O 139 11.57 -94.55 83.89
N GLU O 140 12.17 -94.02 84.95
CA GLU O 140 11.51 -93.98 86.25
C GLU O 140 10.52 -92.85 86.37
N ARG O 141 10.54 -91.91 85.41
CA ARG O 141 9.68 -90.74 85.48
C ARG O 141 8.22 -91.11 85.30
N VAL O 142 7.95 -92.03 84.37
CA VAL O 142 6.57 -92.38 84.03
C VAL O 142 5.94 -93.22 85.14
N LYS O 143 6.74 -94.08 85.78
CA LYS O 143 6.25 -94.90 86.86
C LYS O 143 5.87 -94.09 88.09
N ASN O 144 6.42 -92.89 88.24
CA ASN O 144 6.01 -92.00 89.31
C ASN O 144 4.93 -91.05 88.83
N LYS O 145 4.09 -90.63 89.78
CA LYS O 145 3.03 -89.66 89.55
C LYS O 145 3.30 -88.43 90.39
N LEU O 146 2.40 -87.45 90.30
CA LEU O 146 2.55 -86.23 91.08
C LEU O 146 2.31 -86.50 92.57
N GLY O 147 1.33 -87.36 92.89
CA GLY O 147 1.02 -87.68 94.28
C GLY O 147 2.11 -88.45 94.99
N ASP O 148 3.04 -89.04 94.25
CA ASP O 148 4.20 -89.69 94.85
C ASP O 148 5.16 -88.69 95.49
N LEU O 149 5.12 -87.43 95.07
CA LEU O 149 6.10 -86.43 95.51
C LEU O 149 5.45 -85.28 96.25
N THR O 150 4.23 -85.44 96.74
CA THR O 150 3.56 -84.44 97.55
C THR O 150 3.79 -84.64 99.04
N ASP O 151 4.91 -85.25 99.41
CA ASP O 151 5.12 -85.72 100.77
C ASP O 151 6.24 -85.02 101.52
N LYS O 152 7.04 -84.19 100.84
CA LYS O 152 8.24 -83.64 101.46
C LYS O 152 8.63 -82.36 100.75
N GLN O 153 9.59 -81.65 101.36
CA GLN O 153 10.27 -80.54 100.71
C GLN O 153 11.23 -81.12 99.69
N LEU O 154 10.78 -81.20 98.44
CA LEU O 154 11.53 -81.87 97.38
C LEU O 154 12.77 -81.07 97.03
N ALA O 155 13.94 -81.58 97.44
CA ALA O 155 15.26 -81.01 97.14
C ALA O 155 15.38 -79.56 97.62
N GLU O 156 15.05 -79.36 98.91
CA GLU O 156 15.01 -78.09 99.66
C GLU O 156 14.42 -76.90 98.90
N ILE O 157 13.42 -77.17 98.06
CA ILE O 157 12.72 -76.12 97.32
C ILE O 157 11.59 -75.63 98.19
N THR O 158 11.55 -74.31 98.43
CA THR O 158 10.50 -73.73 99.23
C THR O 158 9.85 -72.58 98.47
N TYR O 159 8.89 -71.93 99.13
CA TYR O 159 8.13 -70.85 98.52
C TYR O 159 7.59 -69.96 99.64
N THR O 160 7.55 -68.66 99.36
CA THR O 160 6.96 -67.68 100.27
C THR O 160 5.74 -67.07 99.61
N ASN O 161 4.63 -67.01 100.34
CA ASN O 161 3.37 -66.56 99.76
C ASN O 161 3.31 -65.04 99.72
N ASP O 162 2.11 -64.52 99.43
CA ASP O 162 1.86 -63.09 99.55
C ASP O 162 1.82 -62.66 101.00
N ASP O 163 1.44 -63.58 101.90
CA ASP O 163 1.26 -63.28 103.32
C ASP O 163 2.55 -63.40 104.12
N LYS O 164 3.70 -63.41 103.44
CA LYS O 164 5.04 -63.49 104.02
C LYS O 164 5.27 -64.74 104.85
N GLU O 165 4.49 -65.79 104.62
CA GLU O 165 4.70 -67.08 105.28
C GLU O 165 5.34 -68.04 104.28
N ILE O 166 6.01 -69.04 104.82
CA ILE O 166 6.83 -69.92 104.02
C ILE O 166 6.10 -71.24 103.83
N ALA O 167 6.38 -71.92 102.71
CA ALA O 167 5.85 -73.22 102.41
C ALA O 167 6.95 -74.06 101.79
N VAL O 168 7.07 -75.31 102.23
CA VAL O 168 8.22 -76.15 101.89
C VAL O 168 7.85 -77.36 101.06
N GLU O 169 6.71 -78.01 101.35
CA GLU O 169 6.41 -79.25 100.67
C GLU O 169 5.72 -79.00 99.33
N LEU O 170 5.95 -79.92 98.40
CA LEU O 170 5.42 -79.78 97.04
C LEU O 170 3.90 -79.85 97.03
N GLY O 171 3.31 -80.67 97.90
CA GLY O 171 1.87 -80.70 98.04
C GLY O 171 1.30 -79.48 98.72
N ASN O 172 2.12 -78.65 99.36
CA ASN O 172 1.66 -77.43 99.98
C ASN O 172 2.01 -76.18 99.20
N ILE O 173 3.13 -76.20 98.47
CA ILE O 173 3.51 -75.06 97.64
C ILE O 173 2.56 -74.89 96.47
N LEU O 174 2.27 -76.00 95.77
CA LEU O 174 1.38 -75.94 94.61
C LEU O 174 -0.04 -75.52 94.99
N GLU O 175 -0.45 -75.82 96.22
CA GLU O 175 -1.74 -75.33 96.69
C GLU O 175 -1.66 -73.90 97.17
N SER O 176 -0.51 -73.49 97.73
CA SER O 176 -0.35 -72.10 98.13
C SER O 176 -0.19 -71.19 96.92
N MET O 177 0.52 -71.66 95.91
CA MET O 177 0.69 -70.90 94.68
C MET O 177 -0.62 -70.77 93.92
N LYS O 178 -1.49 -71.78 94.03
CA LYS O 178 -2.79 -71.73 93.38
C LYS O 178 -3.67 -70.65 93.99
N LYS O 179 -3.57 -70.45 95.30
CA LYS O 179 -4.29 -69.36 95.94
C LYS O 179 -3.69 -68.01 95.55
N ASP O 180 -2.37 -67.96 95.40
CA ASP O 180 -1.70 -66.69 95.17
C ASP O 180 -1.90 -66.18 93.75
N ILE O 181 -1.81 -67.08 92.76
CA ILE O 181 -2.08 -66.70 91.37
C ILE O 181 -3.53 -66.27 91.22
N LYS O 182 -4.44 -66.98 91.89
CA LYS O 182 -5.85 -66.58 91.92
C LYS O 182 -6.02 -65.23 92.59
N ARG O 183 -5.18 -64.93 93.56
CA ARG O 183 -5.22 -63.66 94.26
C ARG O 183 -4.64 -62.50 93.44
N GLN O 184 -3.66 -62.80 92.58
CA GLN O 184 -3.03 -61.78 91.77
C GLN O 184 -3.87 -61.42 90.55
N GLN O 185 -4.67 -62.35 90.04
CA GLN O 185 -5.52 -62.04 88.90
C GLN O 185 -6.63 -61.09 89.30
N GLU O 186 -7.30 -61.35 90.41
CA GLU O 186 -8.41 -60.52 90.83
C GLU O 186 -7.93 -59.16 91.33
N ASN O 187 -6.68 -59.06 91.77
CA ASN O 187 -6.10 -57.73 91.97
C ASN O 187 -5.84 -57.05 90.64
N THR O 188 -5.36 -57.81 89.66
CA THR O 188 -4.99 -57.24 88.37
C THR O 188 -6.22 -56.77 87.61
N GLN O 189 -7.32 -57.52 87.72
CA GLN O 189 -8.55 -57.11 87.07
C GLN O 189 -9.12 -55.85 87.70
N LYS O 190 -8.92 -55.67 89.01
CA LYS O 190 -9.27 -54.40 89.63
C LYS O 190 -8.38 -53.27 89.13
N VAL O 191 -7.15 -53.58 88.74
CA VAL O 191 -6.27 -52.54 88.20
C VAL O 191 -6.70 -52.18 86.79
N LYS O 192 -6.83 -53.18 85.92
CA LYS O 192 -7.13 -52.96 84.52
C LYS O 192 -8.50 -52.31 84.32
N THR O 193 -9.43 -52.59 85.24
CA THR O 193 -10.70 -51.88 85.24
C THR O 193 -10.51 -50.39 85.45
N ALA O 194 -9.75 -50.02 86.49
CA ALA O 194 -9.58 -48.62 86.83
C ALA O 194 -8.73 -47.89 85.80
N VAL O 195 -7.82 -48.60 85.14
CA VAL O 195 -7.08 -48.00 84.03
C VAL O 195 -8.02 -47.73 82.86
N SER O 196 -8.77 -48.76 82.45
CA SER O 196 -9.66 -48.63 81.32
C SER O 196 -10.84 -47.72 81.63
N ASP O 197 -11.25 -47.63 82.89
CA ASP O 197 -12.23 -46.63 83.28
C ASP O 197 -11.64 -45.23 83.14
N PHE O 198 -10.36 -45.09 83.43
CA PHE O 198 -9.72 -43.79 83.30
C PHE O 198 -9.49 -43.44 81.83
N LYS O 199 -9.17 -44.44 81.02
CA LYS O 199 -8.98 -44.18 79.59
C LYS O 199 -10.30 -43.89 78.91
N LEU O 200 -11.29 -44.77 79.09
CA LEU O 200 -12.52 -44.64 78.34
C LEU O 200 -13.43 -43.55 78.86
N LYS O 201 -13.12 -42.95 80.01
CA LYS O 201 -13.80 -41.71 80.34
C LYS O 201 -13.18 -40.55 79.57
N LEU O 202 -11.91 -40.67 79.21
CA LEU O 202 -11.24 -39.63 78.43
C LEU O 202 -11.59 -39.74 76.96
N ILE O 203 -11.37 -40.91 76.36
CA ILE O 203 -11.59 -41.04 74.92
C ILE O 203 -13.05 -41.36 74.60
N GLY O 204 -13.74 -42.07 75.46
CA GLY O 204 -15.14 -42.32 75.21
C GLY O 204 -15.41 -43.78 74.93
N GLY O 205 -16.66 -44.17 75.13
CA GLY O 205 -17.08 -45.55 74.91
C GLY O 205 -17.77 -46.12 76.13
N GLU O 206 -17.88 -47.44 76.20
CA GLU O 206 -18.52 -48.07 77.33
C GLU O 206 -17.55 -48.17 78.49
N LEU O 207 -17.99 -47.73 79.66
CA LEU O 207 -17.18 -47.86 80.87
C LEU O 207 -17.33 -49.28 81.43
N SER O 208 -16.84 -49.48 82.65
CA SER O 208 -16.95 -50.81 83.26
C SER O 208 -18.36 -51.08 83.73
N ASP O 209 -19.08 -50.05 84.18
CA ASP O 209 -20.45 -50.25 84.65
C ASP O 209 -21.41 -50.51 83.50
N GLY O 210 -21.07 -50.07 82.29
CA GLY O 210 -21.97 -50.11 81.16
C GLY O 210 -22.41 -48.74 80.69
N THR O 211 -22.05 -47.69 81.40
CA THR O 211 -22.39 -46.34 80.98
C THR O 211 -21.53 -45.94 79.79
N ILE O 212 -22.17 -45.57 78.69
CA ILE O 212 -21.44 -44.90 77.63
C ILE O 212 -21.08 -43.51 78.12
N ALA O 213 -19.80 -43.22 78.17
CA ALA O 213 -19.31 -41.90 78.52
C ALA O 213 -18.87 -41.20 77.24
N GLN O 214 -19.39 -40.00 77.03
CA GLN O 214 -18.89 -39.15 75.96
C GLN O 214 -17.44 -38.82 76.23
N GLY O 215 -16.63 -38.84 75.18
CA GLY O 215 -15.21 -38.68 75.35
C GLY O 215 -14.83 -37.26 75.71
N LEU O 216 -13.87 -37.12 76.61
CA LEU O 216 -13.43 -35.80 77.00
C LEU O 216 -12.65 -35.12 75.88
N GLN O 217 -11.87 -35.88 75.13
CA GLN O 217 -11.17 -35.32 73.97
C GLN O 217 -12.10 -34.80 72.88
N PRO O 218 -13.16 -35.50 72.44
CA PRO O 218 -14.08 -34.84 71.50
C PRO O 218 -14.94 -33.77 72.12
N GLN O 219 -15.25 -33.87 73.41
CA GLN O 219 -16.01 -32.80 74.06
C GLN O 219 -15.24 -31.49 74.09
N ILE O 220 -13.91 -31.54 74.17
CA ILE O 220 -13.14 -30.33 73.96
C ILE O 220 -13.17 -29.93 72.49
N SER O 221 -13.01 -30.91 71.59
CA SER O 221 -13.02 -30.62 70.17
C SER O 221 -14.39 -30.22 69.66
N SER O 222 -15.46 -30.57 70.38
CA SER O 222 -16.78 -30.07 70.04
C SER O 222 -16.87 -28.57 70.32
N LYS O 223 -16.43 -28.16 71.50
CA LYS O 223 -16.52 -26.75 71.86
C LYS O 223 -15.54 -25.92 71.04
N LYS O 224 -14.35 -26.47 70.79
CA LYS O 224 -13.34 -25.75 70.03
C LYS O 224 -13.77 -25.55 68.58
N LYS O 225 -14.55 -26.50 68.05
CA LYS O 225 -15.15 -26.29 66.74
C LYS O 225 -16.24 -25.23 66.79
N LEU O 226 -16.94 -25.14 67.92
CA LEU O 226 -17.98 -24.11 68.05
C LEU O 226 -17.38 -22.72 68.18
N MET O 227 -16.19 -22.61 68.76
CA MET O 227 -15.59 -21.31 68.94
C MET O 227 -15.03 -20.76 67.63
N ASP O 228 -14.77 -21.62 66.66
CA ASP O 228 -14.33 -21.15 65.36
C ASP O 228 -15.52 -20.74 64.49
N ASP O 229 -16.58 -21.53 64.52
CA ASP O 229 -17.81 -21.19 63.79
C ASP O 229 -18.61 -20.23 64.66
N ASN O 230 -18.38 -18.94 64.45
CA ASN O 230 -19.17 -17.95 65.18
C ASN O 230 -19.38 -16.72 64.30
N ASN O 231 -20.55 -16.11 64.46
CA ASN O 231 -20.96 -14.92 63.74
C ASN O 231 -20.43 -13.64 64.36
N LEU O 232 -19.52 -13.74 65.33
CA LEU O 232 -19.13 -12.58 66.11
C LEU O 232 -18.30 -11.61 65.29
N SER O 233 -17.56 -12.11 64.30
CA SER O 233 -16.92 -11.23 63.35
C SER O 233 -17.88 -10.70 62.30
N THR O 234 -19.12 -11.17 62.28
CA THR O 234 -20.11 -10.74 61.30
C THR O 234 -21.18 -9.86 61.92
N THR O 235 -21.74 -10.26 63.06
CA THR O 235 -22.81 -9.50 63.69
C THR O 235 -22.34 -8.14 64.18
N ILE O 236 -21.09 -8.05 64.64
CA ILE O 236 -20.53 -6.75 65.01
C ILE O 236 -20.44 -5.83 63.79
N LYS O 237 -20.06 -6.40 62.64
CA LYS O 237 -20.14 -5.64 61.41
C LYS O 237 -21.58 -5.38 61.00
N ASP O 238 -22.49 -6.29 61.35
CA ASP O 238 -23.90 -6.07 61.03
C ASP O 238 -24.51 -5.03 61.95
N LEU O 239 -24.16 -5.05 63.24
CA LEU O 239 -24.69 -4.04 64.15
C LEU O 239 -24.08 -2.67 63.89
N GLN O 240 -22.79 -2.60 63.53
CA GLN O 240 -22.22 -1.32 63.16
C GLN O 240 -22.74 -0.81 61.83
N SER O 241 -23.33 -1.67 61.01
CA SER O 241 -24.08 -1.18 59.86
C SER O 241 -25.34 -0.47 60.31
N LYS O 242 -26.06 -1.05 61.28
CA LYS O 242 -27.33 -0.46 61.69
C LYS O 242 -27.14 0.79 62.53
N ILE O 243 -26.06 0.86 63.31
CA ILE O 243 -25.77 2.06 64.08
C ILE O 243 -25.40 3.21 63.14
N ASP O 244 -24.55 2.93 62.16
CA ASP O 244 -24.23 3.93 61.15
C ASP O 244 -25.42 4.22 60.24
N GLU O 245 -26.37 3.28 60.14
CA GLU O 245 -27.63 3.60 59.50
C GLU O 245 -28.46 4.54 60.36
N LYS O 246 -28.61 4.21 61.64
CA LYS O 246 -29.44 5.02 62.51
C LYS O 246 -28.78 6.33 62.90
N ASN O 247 -27.47 6.43 62.81
CA ASN O 247 -26.83 7.73 63.01
C ASN O 247 -27.16 8.68 61.87
N LYS O 248 -27.35 8.15 60.66
CA LYS O 248 -27.70 8.99 59.53
C LYS O 248 -29.10 9.56 59.68
N GLU O 249 -30.00 8.85 60.37
CA GLU O 249 -31.31 9.38 60.66
C GLU O 249 -31.26 10.45 61.74
N ILE O 250 -30.46 10.21 62.79
CA ILE O 250 -30.32 11.17 63.87
C ILE O 250 -29.65 12.45 63.37
N ASP O 251 -28.63 12.29 62.53
CA ASP O 251 -27.99 13.45 61.92
C ASP O 251 -28.91 14.15 60.93
N GLN O 252 -29.98 13.49 60.50
CA GLN O 252 -30.99 14.13 59.67
C GLN O 252 -32.09 14.77 60.51
N PHE O 253 -32.45 14.17 61.64
CA PHE O 253 -33.52 14.75 62.45
C PHE O 253 -33.07 16.00 63.17
N GLN O 254 -31.77 16.14 63.42
CA GLN O 254 -31.25 17.40 63.95
C GLN O 254 -31.45 18.53 62.95
N LYS O 255 -31.29 18.23 61.66
CA LYS O 255 -31.61 19.18 60.61
C LYS O 255 -33.11 19.50 60.60
N ASP O 256 -33.95 18.52 60.93
CA ASP O 256 -35.38 18.77 60.95
C ASP O 256 -35.77 19.68 62.10
N TYR O 257 -35.30 19.36 63.31
CA TYR O 257 -35.63 20.15 64.49
C TYR O 257 -35.04 21.54 64.40
N ASN O 258 -33.90 21.69 63.74
CA ASN O 258 -33.36 23.02 63.52
C ASN O 258 -34.05 23.74 62.38
N LYS O 259 -34.98 23.08 61.68
CA LYS O 259 -35.73 23.73 60.62
C LYS O 259 -37.16 24.05 61.04
N TYR O 260 -37.85 23.09 61.67
CA TYR O 260 -39.23 23.34 62.10
C TYR O 260 -39.31 24.42 63.17
N VAL O 261 -38.37 24.42 64.11
CA VAL O 261 -38.31 25.47 65.11
C VAL O 261 -38.01 26.81 64.44
N GLY O 262 -37.18 26.79 63.40
CA GLY O 262 -37.03 27.97 62.56
C GLY O 262 -38.32 28.37 61.89
N LEU O 263 -39.10 27.39 61.45
CA LEU O 263 -40.40 27.70 60.86
C LEU O 263 -41.42 28.10 61.92
N ALA O 264 -41.33 27.50 63.11
CA ALA O 264 -42.35 27.74 64.14
C ALA O 264 -42.28 29.14 64.73
N PHE O 265 -41.15 29.83 64.58
CA PHE O 265 -41.02 31.20 65.07
C PHE O 265 -41.39 32.22 64.00
N SER O 266 -42.28 31.86 63.09
CA SER O 266 -42.63 32.75 61.98
C SER O 266 -43.51 33.90 62.44
N GLY O 267 -44.46 33.63 63.33
CA GLY O 267 -45.66 34.42 63.49
C GLY O 267 -45.56 35.88 63.89
N MET O 268 -44.99 36.17 65.06
CA MET O 268 -45.18 37.46 65.73
C MET O 268 -44.45 38.62 65.08
N VAL O 269 -43.94 38.57 63.86
CA VAL O 269 -43.39 39.78 63.24
C VAL O 269 -44.51 40.79 62.97
N GLY O 270 -45.60 40.35 62.35
CA GLY O 270 -46.82 41.14 62.34
C GLY O 270 -48.02 40.30 62.70
N GLY O 271 -47.89 38.99 62.53
CA GLY O 271 -48.96 38.04 62.71
C GLY O 271 -49.04 37.38 64.07
N ILE O 272 -49.51 38.11 65.08
CA ILE O 272 -49.76 37.52 66.40
C ILE O 272 -50.80 36.42 66.30
N ILE O 273 -51.78 36.57 65.41
CA ILE O 273 -52.74 35.51 65.13
C ILE O 273 -52.04 34.34 64.45
N SER O 274 -51.11 34.64 63.54
CA SER O 274 -50.40 33.58 62.82
C SER O 274 -49.37 32.87 63.67
N TRP O 275 -49.03 33.44 64.84
CA TRP O 275 -48.11 32.78 65.76
C TRP O 275 -48.68 31.46 66.23
N ALA O 276 -49.97 31.43 66.55
CA ALA O 276 -50.62 30.17 66.90
C ALA O 276 -50.87 29.30 65.69
N ILE O 277 -50.87 29.88 64.48
CA ILE O 277 -51.14 29.09 63.28
C ILE O 277 -49.95 28.21 62.95
N THR O 278 -48.80 28.83 62.65
CA THR O 278 -47.63 28.04 62.25
C THR O 278 -47.01 27.32 63.44
N GLY O 279 -47.13 27.90 64.63
CA GLY O 279 -46.74 27.19 65.83
C GLY O 279 -47.61 25.98 66.10
N GLY O 280 -48.89 26.05 65.70
CA GLY O 280 -49.72 24.87 65.75
C GLY O 280 -49.33 23.86 64.70
N ILE O 281 -48.93 24.33 63.52
CA ILE O 281 -48.55 23.43 62.44
C ILE O 281 -47.17 22.84 62.69
N PHE O 282 -46.18 23.71 62.83
CA PHE O 282 -44.79 23.26 62.83
C PHE O 282 -44.28 22.91 64.22
N GLY O 283 -44.82 23.57 65.26
CA GLY O 283 -44.37 23.29 66.61
C GLY O 283 -44.75 21.92 67.09
N ASP O 284 -45.82 21.35 66.53
CA ASP O 284 -46.08 19.92 66.71
C ASP O 284 -44.98 19.11 66.04
N LYS O 285 -44.68 19.43 64.78
CA LYS O 285 -43.74 18.62 64.02
C LYS O 285 -42.31 18.84 64.50
N ALA O 286 -42.03 20.01 65.06
CA ALA O 286 -40.78 20.19 65.79
C ALA O 286 -40.73 19.28 67.01
N GLU O 287 -41.84 19.21 67.74
CA GLU O 287 -41.89 18.38 68.95
C GLU O 287 -41.85 16.90 68.60
N LYS O 288 -42.51 16.52 67.50
CA LYS O 288 -42.54 15.10 67.12
C LYS O 288 -41.19 14.63 66.64
N ALA O 289 -40.50 15.45 65.83
CA ALA O 289 -39.16 15.10 65.38
C ALA O 289 -38.17 15.07 66.53
N ARG O 290 -38.38 15.92 67.53
CA ARG O 290 -37.53 15.90 68.71
C ARG O 290 -37.79 14.64 69.54
N LYS O 291 -39.04 14.16 69.55
CA LYS O 291 -39.32 12.90 70.23
C LYS O 291 -38.74 11.72 69.48
N GLN O 292 -38.65 11.82 68.16
CA GLN O 292 -37.88 10.84 67.41
C GLN O 292 -36.40 10.97 67.72
N LYS O 293 -35.93 12.20 67.91
CA LYS O 293 -34.57 12.45 68.33
C LYS O 293 -34.33 11.96 69.75
N ASN O 294 -35.35 12.01 70.61
CA ASN O 294 -35.22 11.41 71.93
C ASN O 294 -35.10 9.89 71.81
N LYS O 295 -35.91 9.28 70.96
CA LYS O 295 -36.03 7.84 70.94
C LYS O 295 -34.84 7.18 70.28
N LEU O 296 -34.35 7.73 69.16
CA LEU O 296 -33.33 7.04 68.39
C LEU O 296 -31.96 7.12 69.04
N ILE O 297 -31.64 8.26 69.68
CA ILE O 297 -30.37 8.39 70.39
C ILE O 297 -30.32 7.40 71.55
N ASP O 298 -31.45 7.20 72.22
CA ASP O 298 -31.50 6.18 73.27
C ASP O 298 -31.38 4.78 72.70
N GLU O 299 -31.84 4.57 71.46
CA GLU O 299 -31.68 3.25 70.86
C GLU O 299 -30.25 3.01 70.40
N VAL O 300 -29.63 4.03 69.80
CA VAL O 300 -28.23 3.91 69.36
C VAL O 300 -27.30 3.72 70.56
N LYS O 301 -27.59 4.42 71.66
CA LYS O 301 -26.89 4.18 72.92
C LYS O 301 -27.08 2.75 73.41
N ASP O 302 -28.27 2.17 73.18
CA ASP O 302 -28.47 0.77 73.52
C ASP O 302 -27.87 -0.16 72.49
N LEU O 303 -27.87 0.23 71.21
CA LEU O 303 -27.25 -0.61 70.19
C LEU O 303 -25.74 -0.59 70.27
N GLN O 304 -25.17 0.54 70.66
CA GLN O 304 -23.73 0.60 70.90
C GLN O 304 -23.32 -0.29 72.06
N SER O 305 -24.19 -0.39 73.07
CA SER O 305 -23.91 -1.22 74.24
C SER O 305 -23.90 -2.69 73.90
N GLN O 306 -24.67 -3.11 72.88
CA GLN O 306 -24.58 -4.49 72.43
C GLN O 306 -23.26 -4.74 71.72
N VAL O 307 -22.79 -3.76 70.96
CA VAL O 307 -21.52 -3.91 70.24
C VAL O 307 -20.36 -3.97 71.22
N LYS O 308 -20.44 -3.20 72.30
CA LYS O 308 -19.40 -3.20 73.31
C LYS O 308 -19.29 -4.55 73.99
N ASP O 309 -20.42 -5.18 74.29
CA ASP O 309 -20.37 -6.47 74.95
C ASP O 309 -19.97 -7.57 73.97
N LYS O 310 -20.43 -7.49 72.72
CA LYS O 310 -20.07 -8.51 71.76
C LYS O 310 -18.62 -8.38 71.31
N SER O 311 -18.06 -7.17 71.33
CA SER O 311 -16.63 -7.03 71.10
C SER O 311 -15.85 -7.62 72.25
N ALA O 312 -16.32 -7.41 73.48
CA ALA O 312 -15.74 -8.09 74.62
C ALA O 312 -16.06 -9.57 74.61
N LEU O 313 -17.14 -9.97 73.95
CA LEU O 313 -17.45 -11.39 73.84
C LEU O 313 -16.50 -12.09 72.88
N GLN O 314 -16.25 -11.47 71.72
CA GLN O 314 -15.40 -12.08 70.71
C GLN O 314 -13.95 -12.19 71.20
N THR O 315 -13.53 -11.24 72.03
CA THR O 315 -12.24 -11.38 72.71
C THR O 315 -12.28 -12.52 73.72
N SER O 316 -13.41 -12.67 74.41
CA SER O 316 -13.53 -13.67 75.46
C SER O 316 -13.53 -15.08 74.88
N VAL O 317 -14.16 -15.26 73.73
CA VAL O 317 -14.23 -16.58 73.12
C VAL O 317 -12.88 -16.97 72.54
N GLN O 318 -12.26 -16.04 71.80
CA GLN O 318 -11.01 -16.31 71.12
C GLN O 318 -9.87 -16.56 72.10
N ASN O 319 -9.91 -15.92 73.27
CA ASN O 319 -8.99 -16.29 74.33
C ASN O 319 -9.30 -17.67 74.89
N LEU O 320 -10.59 -17.99 75.00
CA LEU O 320 -10.99 -19.26 75.58
C LEU O 320 -10.67 -20.42 74.65
N SER O 321 -10.63 -20.16 73.34
CA SER O 321 -10.23 -21.18 72.37
C SER O 321 -8.81 -21.64 72.61
N LEU O 322 -7.93 -20.72 72.99
CA LEU O 322 -6.56 -21.09 73.30
C LEU O 322 -6.47 -21.86 74.60
N SER O 323 -7.39 -21.61 75.52
CA SER O 323 -7.41 -22.34 76.79
C SER O 323 -7.73 -23.81 76.55
N PHE O 324 -8.75 -24.07 75.73
CA PHE O 324 -9.08 -25.43 75.36
C PHE O 324 -8.03 -26.06 74.45
N ALA O 325 -7.29 -25.23 73.70
CA ALA O 325 -6.31 -25.75 72.76
C ALA O 325 -5.20 -26.50 73.48
N GLY O 326 -4.72 -25.95 74.60
CA GLY O 326 -3.77 -26.69 75.41
C GLY O 326 -4.40 -27.90 76.07
N ILE O 327 -5.63 -27.74 76.56
CA ILE O 327 -6.36 -28.83 77.18
C ILE O 327 -6.58 -29.96 76.19
N HIS O 328 -6.90 -29.60 74.94
CA HIS O 328 -6.96 -30.60 73.88
C HIS O 328 -5.59 -31.20 73.60
N THR O 329 -4.55 -30.37 73.67
CA THR O 329 -3.19 -30.87 73.42
C THR O 329 -2.74 -31.77 74.56
N SER O 330 -3.17 -31.47 75.79
CA SER O 330 -2.85 -32.34 76.90
C SER O 330 -3.56 -33.68 76.80
N MET O 331 -4.77 -33.70 76.25
CA MET O 331 -5.51 -34.94 76.15
C MET O 331 -5.01 -35.84 75.04
N VAL O 332 -4.49 -35.26 73.95
CA VAL O 332 -3.91 -36.06 72.88
C VAL O 332 -2.68 -36.80 73.36
N ASP O 333 -1.86 -36.15 74.18
CA ASP O 333 -0.73 -36.87 74.77
C ASP O 333 -1.20 -37.84 75.84
N ALA O 334 -2.27 -37.50 76.56
CA ALA O 334 -2.87 -38.46 77.48
C ALA O 334 -3.60 -39.57 76.75
N GLU O 335 -4.02 -39.32 75.51
CA GLU O 335 -4.63 -40.37 74.69
C GLU O 335 -3.64 -41.48 74.41
N GLU O 336 -2.49 -41.11 73.83
CA GLU O 336 -1.50 -42.09 73.42
C GLU O 336 -0.89 -42.80 74.62
N ALA O 337 -0.74 -42.10 75.74
CA ALA O 337 -0.07 -42.67 76.90
C ALA O 337 -0.87 -43.78 77.53
N LEU O 338 -2.19 -43.58 77.67
CA LEU O 338 -3.02 -44.58 78.29
C LEU O 338 -3.18 -45.82 77.42
N ASN O 339 -3.12 -45.65 76.09
CA ASN O 339 -3.23 -46.78 75.19
C ASN O 339 -2.06 -47.72 75.35
N HIS O 340 -0.86 -47.18 75.55
CA HIS O 340 0.26 -48.05 75.83
C HIS O 340 0.18 -48.59 77.25
N LEU O 341 -0.44 -47.84 78.15
CA LEU O 341 -0.61 -48.32 79.52
C LEU O 341 -1.61 -49.47 79.57
N ASP O 342 -2.73 -49.32 78.87
CA ASP O 342 -3.76 -50.34 78.86
C ASP O 342 -3.25 -51.63 78.22
N PHE O 343 -2.45 -51.50 77.17
CA PHE O 343 -2.00 -52.68 76.44
C PHE O 343 -0.99 -53.50 77.24
N MET O 344 -0.24 -52.86 78.15
CA MET O 344 0.65 -53.64 78.98
C MET O 344 -0.09 -54.36 80.10
N TRP O 345 -1.08 -53.69 80.71
CA TRP O 345 -1.89 -54.38 81.70
C TRP O 345 -2.74 -55.46 81.07
N ASN O 346 -3.23 -55.22 79.85
CA ASN O 346 -3.98 -56.25 79.14
C ASN O 346 -3.09 -57.43 78.80
N THR O 347 -1.81 -57.16 78.53
CA THR O 347 -0.86 -58.25 78.34
C THR O 347 -0.64 -59.01 79.65
N MET O 348 -0.53 -58.27 80.75
CA MET O 348 -0.27 -58.91 82.03
C MET O 348 -1.50 -59.64 82.55
N LEU O 349 -2.68 -59.04 82.41
CA LEU O 349 -3.91 -59.68 82.87
C LEU O 349 -4.21 -60.92 82.05
N THR O 350 -3.79 -60.96 80.79
CA THR O 350 -3.89 -62.18 80.01
C THR O 350 -2.97 -63.26 80.57
N GLN O 351 -1.71 -62.89 80.81
CA GLN O 351 -0.72 -63.90 81.15
C GLN O 351 -0.90 -64.43 82.56
N ILE O 352 -1.48 -63.65 83.45
CA ILE O 352 -1.85 -64.19 84.75
C ILE O 352 -3.04 -65.13 84.60
N THR O 353 -4.00 -64.78 83.75
CA THR O 353 -5.20 -65.59 83.58
C THR O 353 -4.88 -66.92 82.91
N THR O 354 -4.09 -66.91 81.85
CA THR O 354 -3.75 -68.16 81.20
C THR O 354 -2.76 -68.97 82.02
N SER O 355 -2.10 -68.35 82.99
CA SER O 355 -1.30 -69.13 83.93
C SER O 355 -2.21 -69.87 84.90
N ARG O 356 -3.25 -69.20 85.40
CA ARG O 356 -4.09 -69.78 86.43
C ARG O 356 -4.92 -70.94 85.88
N ASP O 357 -5.47 -70.75 84.68
CA ASP O 357 -6.39 -71.73 84.12
C ASP O 357 -5.66 -73.01 83.73
N LYS O 358 -4.42 -72.89 83.23
CA LYS O 358 -3.64 -74.08 82.97
C LYS O 358 -3.15 -74.73 84.27
N PHE O 359 -3.00 -73.94 85.32
CA PHE O 359 -2.55 -74.48 86.60
C PHE O 359 -3.65 -75.26 87.31
N ASP O 360 -4.90 -75.09 86.89
CA ASP O 360 -6.01 -75.84 87.45
C ASP O 360 -6.05 -77.28 86.98
N ASP O 361 -5.25 -77.63 85.98
CA ASP O 361 -5.08 -79.01 85.56
C ASP O 361 -4.21 -79.81 86.52
N ILE O 362 -3.52 -79.15 87.44
CA ILE O 362 -2.57 -79.81 88.33
C ILE O 362 -3.34 -80.56 89.40
N ASN O 363 -3.19 -81.88 89.41
CA ASN O 363 -3.72 -82.74 90.45
C ASN O 363 -2.85 -83.98 90.54
N ASP O 364 -3.03 -84.72 91.64
CA ASP O 364 -2.14 -85.84 91.97
C ASP O 364 -2.24 -87.00 91.00
N ALA O 365 -3.30 -87.07 90.20
CA ALA O 365 -3.44 -88.11 89.19
C ALA O 365 -2.51 -87.91 88.00
N LEU O 366 -1.86 -86.76 87.89
CA LEU O 366 -0.95 -86.52 86.78
C LEU O 366 0.32 -87.35 86.94
N LYS O 367 0.66 -88.10 85.90
CA LYS O 367 1.95 -88.75 85.89
C LYS O 367 3.04 -87.71 85.65
N LEU O 368 4.27 -88.09 86.00
CA LEU O 368 5.26 -87.08 86.37
C LEU O 368 5.85 -86.37 85.16
N THR O 369 5.88 -86.99 83.98
CA THR O 369 6.29 -86.27 82.79
C THR O 369 5.23 -85.26 82.39
N SER O 370 3.96 -85.67 82.40
CA SER O 370 2.85 -84.78 82.10
C SER O 370 2.69 -83.67 83.12
N PHE O 371 3.19 -83.86 84.34
CA PHE O 371 3.18 -82.77 85.31
C PHE O 371 4.13 -81.65 84.91
N VAL O 372 5.29 -82.01 84.37
CA VAL O 372 6.35 -81.03 84.14
C VAL O 372 5.96 -80.06 83.03
N ILE O 373 5.59 -80.61 81.87
CA ILE O 373 5.18 -79.80 80.72
C ILE O 373 3.95 -78.97 81.04
N ALA O 374 3.05 -79.49 81.87
CA ALA O 374 1.96 -78.68 82.40
C ALA O 374 2.48 -77.56 83.29
N PHE O 375 3.39 -77.90 84.22
CA PHE O 375 3.86 -76.89 85.16
C PHE O 375 4.84 -75.93 84.52
N LYS O 376 5.59 -76.40 83.51
CA LYS O 376 6.45 -75.49 82.74
C LYS O 376 5.61 -74.50 81.96
N GLN O 377 4.45 -74.92 81.47
CA GLN O 377 3.53 -74.03 80.79
C GLN O 377 2.97 -72.96 81.74
N VAL O 378 2.90 -73.27 83.03
CA VAL O 378 2.39 -72.30 84.00
C VAL O 378 3.37 -71.15 84.18
N ILE O 379 4.66 -71.46 84.31
CA ILE O 379 5.62 -70.44 84.72
C ILE O 379 6.11 -69.57 83.57
N GLU O 380 5.98 -70.02 82.32
CA GLU O 380 6.44 -69.22 81.19
C GLU O 380 5.73 -67.88 81.01
N PRO O 381 4.44 -67.69 81.32
CA PRO O 381 3.94 -66.31 81.42
C PRO O 381 4.55 -65.53 82.56
N TRP O 382 4.96 -66.19 83.64
CA TRP O 382 5.53 -65.44 84.76
C TRP O 382 6.93 -64.92 84.49
N ARG O 383 7.59 -65.38 83.43
CA ARG O 383 8.83 -64.73 83.03
C ARG O 383 8.56 -63.34 82.49
N ASP O 384 7.49 -63.18 81.72
CA ASP O 384 7.23 -61.90 81.08
C ASP O 384 6.57 -60.91 82.03
N VAL O 385 5.72 -61.39 82.94
CA VAL O 385 5.10 -60.50 83.92
C VAL O 385 6.17 -59.97 84.87
N GLN O 386 7.14 -60.81 85.22
CA GLN O 386 8.35 -60.34 85.89
C GLN O 386 9.08 -59.32 85.03
N GLY O 387 9.17 -59.58 83.72
CA GLY O 387 9.83 -58.64 82.85
C GLY O 387 9.04 -57.38 82.59
N SER O 388 7.71 -57.48 82.60
CA SER O 388 6.90 -56.30 82.32
C SER O 388 6.88 -55.35 83.50
N ALA O 389 6.79 -55.88 84.72
CA ALA O 389 6.86 -55.03 85.90
C ALA O 389 8.24 -54.41 86.04
N ALA O 390 9.28 -55.16 85.68
CA ALA O 390 10.64 -54.61 85.66
C ALA O 390 10.75 -53.51 84.62
N GLN O 391 10.13 -53.69 83.45
CA GLN O 391 10.04 -52.60 82.50
C GLN O 391 9.10 -51.50 82.97
N LEU O 392 8.22 -51.78 83.92
CA LEU O 392 7.32 -50.75 84.36
C LEU O 392 7.91 -49.94 85.51
N ILE O 393 8.39 -50.61 86.55
CA ILE O 393 8.85 -49.92 87.76
C ILE O 393 10.08 -49.07 87.47
N GLN O 394 10.98 -49.58 86.63
CA GLN O 394 12.12 -48.78 86.16
C GLN O 394 11.66 -47.55 85.40
N THR O 395 10.62 -47.70 84.58
CA THR O 395 10.04 -46.57 83.86
C THR O 395 8.92 -45.90 84.64
N PHE O 396 8.86 -46.09 85.95
CA PHE O 396 7.86 -45.45 86.78
C PHE O 396 8.49 -44.45 87.74
N ASP O 397 9.44 -44.90 88.55
CA ASP O 397 10.05 -44.03 89.54
C ASP O 397 10.96 -42.99 88.90
N GLU O 398 11.55 -43.33 87.75
CA GLU O 398 12.37 -42.36 87.03
C GLU O 398 11.55 -41.22 86.50
N ALA O 399 10.27 -41.44 86.21
CA ALA O 399 9.41 -40.34 85.82
C ALA O 399 8.87 -39.58 87.03
N LEU O 400 8.95 -40.14 88.23
CA LEU O 400 8.42 -39.45 89.40
C LEU O 400 9.34 -38.31 89.82
N ALA O 401 10.63 -38.61 90.00
CA ALA O 401 11.59 -37.57 90.38
C ALA O 401 11.78 -36.57 89.26
N GLU O 402 11.68 -37.02 88.01
CA GLU O 402 11.73 -36.12 86.87
C GLU O 402 10.53 -35.19 86.83
N TYR O 403 9.38 -35.63 87.35
CA TYR O 403 8.20 -34.77 87.41
C TYR O 403 8.38 -33.62 88.38
N LYS O 404 9.30 -33.73 89.33
CA LYS O 404 9.66 -32.62 90.21
C LYS O 404 10.54 -31.58 89.52
N LYS O 405 10.75 -31.68 88.22
CA LYS O 405 11.63 -30.79 87.49
C LYS O 405 10.88 -30.13 86.35
N GLY P 41 -66.37 -42.79 -50.06
CA GLY P 41 -66.42 -41.76 -51.07
C GLY P 41 -65.54 -40.57 -50.75
N ILE P 42 -65.40 -39.65 -51.70
CA ILE P 42 -64.60 -38.45 -51.49
C ILE P 42 -65.44 -37.35 -50.86
N PHE P 43 -66.60 -37.08 -51.45
CA PHE P 43 -67.53 -36.08 -50.95
C PHE P 43 -68.27 -36.69 -49.77
N THR P 44 -67.79 -36.41 -48.55
CA THR P 44 -68.32 -37.04 -47.37
C THR P 44 -69.63 -36.39 -46.95
N LYS P 45 -70.26 -36.98 -45.93
CA LYS P 45 -71.49 -36.40 -45.41
C LYS P 45 -71.22 -35.10 -44.66
N GLY P 46 -70.02 -34.95 -44.08
CA GLY P 46 -69.66 -33.71 -43.45
C GLY P 46 -69.41 -32.59 -44.43
N ASP P 47 -69.04 -32.94 -45.67
CA ASP P 47 -68.87 -31.93 -46.70
C ASP P 47 -70.21 -31.30 -47.04
N LEU P 48 -71.23 -32.13 -47.24
CA LEU P 48 -72.54 -31.65 -47.66
C LEU P 48 -73.22 -30.85 -46.58
N ILE P 49 -72.89 -31.12 -45.31
CA ILE P 49 -73.41 -30.31 -44.22
C ILE P 49 -72.77 -28.93 -44.24
N ASN P 50 -71.44 -28.88 -44.45
CA ASN P 50 -70.71 -27.62 -44.44
C ASN P 50 -71.19 -26.67 -45.52
N ILE P 51 -71.65 -27.20 -46.65
CA ILE P 51 -72.31 -26.38 -47.65
C ILE P 51 -73.65 -25.89 -47.12
N LYS P 52 -74.47 -26.81 -46.61
CA LYS P 52 -75.79 -26.44 -46.16
C LYS P 52 -75.77 -25.59 -44.90
N LEU P 53 -74.69 -25.69 -44.11
CA LEU P 53 -74.45 -24.69 -43.08
C LEU P 53 -74.20 -23.32 -43.70
N TYR P 54 -73.38 -23.28 -44.75
CA TYR P 54 -73.09 -22.02 -45.42
C TYR P 54 -74.34 -21.46 -46.10
N VAL P 55 -75.19 -22.33 -46.64
CA VAL P 55 -76.43 -21.87 -47.24
C VAL P 55 -77.37 -21.32 -46.18
N LYS P 56 -77.40 -21.96 -45.01
CA LYS P 56 -78.30 -21.55 -43.94
C LYS P 56 -77.92 -20.19 -43.39
N HIS P 57 -76.65 -19.99 -43.08
CA HIS P 57 -76.24 -18.73 -42.49
C HIS P 57 -76.21 -17.60 -43.49
N SER P 58 -76.10 -17.89 -44.79
CA SER P 58 -76.08 -16.82 -45.77
C SER P 58 -77.46 -16.23 -45.98
N LEU P 59 -78.51 -17.06 -45.91
CA LEU P 59 -79.87 -16.56 -46.04
C LEU P 59 -80.28 -15.69 -44.88
N GLU P 60 -79.62 -15.84 -43.72
CA GLU P 60 -79.83 -14.95 -42.60
C GLU P 60 -79.38 -13.53 -42.92
N LEU P 61 -78.41 -13.38 -43.82
CA LEU P 61 -77.87 -12.07 -44.11
C LEU P 61 -78.86 -11.25 -44.93
N PRO P 62 -79.00 -9.97 -44.64
CA PRO P 62 -79.92 -9.13 -45.41
C PRO P 62 -79.33 -8.81 -46.78
N PHE P 63 -80.22 -8.36 -47.67
CA PHE P 63 -79.81 -8.02 -49.02
C PHE P 63 -80.37 -6.69 -49.52
N THR P 64 -81.26 -6.05 -48.77
CA THR P 64 -81.69 -4.71 -49.14
C THR P 64 -80.61 -3.71 -48.78
N LEU P 65 -80.73 -2.50 -49.33
CA LEU P 65 -79.82 -1.44 -48.93
C LEU P 65 -80.07 -1.00 -47.49
N GLU P 66 -81.32 -1.01 -47.06
CA GLU P 66 -81.64 -0.63 -45.69
C GLU P 66 -81.26 -1.72 -44.69
N GLY P 67 -81.58 -2.98 -45.01
CA GLY P 67 -81.34 -4.06 -44.07
C GLY P 67 -79.88 -4.37 -43.86
N VAL P 68 -79.07 -4.22 -44.91
CA VAL P 68 -77.62 -4.31 -44.73
C VAL P 68 -77.13 -3.15 -43.88
N LYS P 69 -77.68 -1.95 -44.11
CA LYS P 69 -77.28 -0.75 -43.38
C LYS P 69 -77.62 -0.86 -41.90
N GLU P 70 -78.68 -1.58 -41.57
CA GLU P 70 -78.99 -1.88 -40.18
C GLU P 70 -78.06 -2.95 -39.62
N TYR P 71 -77.75 -3.96 -40.44
CA TYR P 71 -76.92 -5.09 -40.01
C TYR P 71 -75.50 -4.67 -39.72
N ILE P 72 -75.00 -3.67 -40.44
CA ILE P 72 -73.64 -3.20 -40.19
C ILE P 72 -73.61 -2.15 -39.09
N GLY P 73 -74.73 -1.51 -38.82
CA GLY P 73 -74.87 -0.62 -37.69
C GLY P 73 -74.06 0.66 -37.75
N TYR P 74 -73.97 1.29 -38.92
CA TYR P 74 -73.30 2.57 -39.01
C TYR P 74 -73.86 3.39 -40.17
N ASN P 75 -73.20 4.51 -40.44
CA ASN P 75 -73.45 5.36 -41.58
C ASN P 75 -72.13 5.91 -42.08
N ASP P 76 -71.71 5.48 -43.27
CA ASP P 76 -70.70 6.17 -44.09
C ASP P 76 -69.33 6.25 -43.39
N ILE P 77 -68.64 5.11 -43.37
CA ILE P 77 -67.23 5.04 -42.99
C ILE P 77 -66.44 6.06 -43.79
N ASP P 78 -65.44 6.68 -43.13
CA ASP P 78 -64.53 7.58 -43.82
C ASP P 78 -63.72 6.85 -44.90
N ILE P 79 -63.41 5.58 -44.69
CA ILE P 79 -62.65 4.85 -45.70
C ILE P 79 -63.61 4.29 -46.74
N ASP P 80 -63.07 3.94 -47.90
CA ASP P 80 -63.91 3.69 -49.06
C ASP P 80 -64.48 2.30 -49.06
N GLY P 81 -63.67 1.30 -48.71
CA GLY P 81 -64.04 -0.09 -48.90
C GLY P 81 -65.15 -0.59 -47.99
N LEU P 82 -65.49 0.15 -46.95
CA LEU P 82 -66.53 -0.26 -46.02
C LEU P 82 -67.79 0.59 -46.15
N LYS P 83 -67.90 1.34 -47.23
CA LYS P 83 -69.10 2.13 -47.46
C LYS P 83 -70.26 1.20 -47.83
N PRO P 84 -71.48 1.48 -47.34
CA PRO P 84 -72.56 0.49 -47.42
C PRO P 84 -73.07 0.22 -48.82
N ALA P 85 -72.81 1.11 -49.77
CA ALA P 85 -73.18 0.83 -51.15
C ALA P 85 -72.34 -0.30 -51.71
N LYS P 86 -71.07 -0.38 -51.31
CA LYS P 86 -70.26 -1.54 -51.65
C LYS P 86 -70.74 -2.78 -50.88
N MET P 87 -71.16 -2.58 -49.64
CA MET P 87 -71.51 -3.70 -48.78
C MET P 87 -72.81 -4.35 -49.23
N ALA P 88 -73.82 -3.53 -49.53
CA ALA P 88 -75.11 -4.06 -49.98
C ALA P 88 -74.98 -4.71 -51.35
N THR P 89 -74.00 -4.29 -52.15
CA THR P 89 -73.66 -5.03 -53.35
C THR P 89 -73.09 -6.40 -53.00
N LEU P 90 -72.29 -6.46 -51.94
CA LEU P 90 -71.58 -7.69 -51.61
C LEU P 90 -72.52 -8.73 -51.04
N PHE P 91 -73.42 -8.34 -50.15
CA PHE P 91 -74.36 -9.29 -49.58
C PHE P 91 -75.37 -9.76 -50.60
N LYS P 92 -75.75 -8.88 -51.54
CA LYS P 92 -76.66 -9.28 -52.60
C LYS P 92 -76.03 -10.32 -53.51
N GLU P 93 -74.72 -10.28 -53.68
CA GLU P 93 -74.03 -11.36 -54.36
C GLU P 93 -74.10 -12.64 -53.55
N ILE P 94 -73.99 -12.53 -52.22
CA ILE P 94 -74.03 -13.72 -51.37
C ILE P 94 -75.45 -14.27 -51.30
N HIS P 95 -76.43 -13.38 -51.15
CA HIS P 95 -77.83 -13.80 -51.07
C HIS P 95 -78.30 -14.44 -52.36
N ASP P 96 -77.75 -14.01 -53.50
CA ASP P 96 -78.04 -14.71 -54.74
C ASP P 96 -77.22 -15.97 -54.87
N HIS P 97 -76.05 -16.00 -54.25
CA HIS P 97 -75.24 -17.22 -54.27
C HIS P 97 -75.87 -18.31 -53.43
N ALA P 98 -76.56 -17.94 -52.35
CA ALA P 98 -77.17 -18.94 -51.48
C ALA P 98 -78.41 -19.54 -52.12
N LEU P 99 -79.23 -18.73 -52.79
CA LEU P 99 -80.47 -19.20 -53.38
C LEU P 99 -80.23 -20.14 -54.55
N SER P 100 -79.04 -20.13 -55.13
CA SER P 100 -78.74 -21.03 -56.24
C SER P 100 -78.63 -22.47 -55.78
N TRP P 101 -78.25 -22.70 -54.51
CA TRP P 101 -77.93 -24.04 -54.04
C TRP P 101 -79.13 -24.96 -54.01
N SER P 102 -80.31 -24.41 -53.75
CA SER P 102 -81.54 -25.21 -53.79
C SER P 102 -81.77 -25.80 -55.17
N GLY P 103 -81.46 -25.04 -56.22
CA GLY P 103 -81.46 -25.61 -57.54
C GLY P 103 -80.32 -26.58 -57.77
N VAL P 104 -79.14 -26.27 -57.19
CA VAL P 104 -77.95 -27.07 -57.45
C VAL P 104 -78.07 -28.44 -56.81
N GLU P 105 -78.40 -28.47 -55.52
CA GLU P 105 -78.46 -29.72 -54.77
C GLU P 105 -79.55 -30.64 -55.30
N SER P 106 -80.66 -30.05 -55.74
CA SER P 106 -81.71 -30.84 -56.39
C SER P 106 -81.23 -31.40 -57.73
N LYS P 107 -80.39 -30.66 -58.45
CA LYS P 107 -79.81 -31.20 -59.67
C LYS P 107 -78.77 -32.27 -59.37
N VAL P 108 -78.05 -32.15 -58.25
CA VAL P 108 -77.07 -33.16 -57.90
C VAL P 108 -77.77 -34.45 -57.50
N GLN P 109 -78.84 -34.34 -56.72
CA GLN P 109 -79.53 -35.51 -56.19
C GLN P 109 -80.24 -36.28 -57.29
N GLN P 110 -81.05 -35.58 -58.10
CA GLN P 110 -81.90 -36.23 -59.08
C GLN P 110 -81.07 -36.85 -60.20
N GLN P 111 -79.93 -36.24 -60.53
CA GLN P 111 -79.06 -36.83 -61.54
C GLN P 111 -78.36 -38.08 -61.03
N SER P 112 -77.89 -38.05 -59.79
CA SER P 112 -77.10 -39.17 -59.27
C SER P 112 -77.96 -40.41 -59.04
N ILE P 113 -79.27 -40.23 -58.82
CA ILE P 113 -80.19 -41.35 -58.84
C ILE P 113 -80.24 -41.97 -60.23
N ASP P 114 -80.30 -41.13 -61.25
CA ASP P 114 -80.33 -41.62 -62.63
C ASP P 114 -79.00 -42.23 -63.02
N LEU P 115 -77.90 -41.73 -62.45
CA LEU P 115 -76.60 -42.34 -62.70
C LEU P 115 -76.49 -43.72 -62.08
N GLU P 116 -77.25 -44.01 -61.03
CA GLU P 116 -77.28 -45.35 -60.49
C GLU P 116 -78.17 -46.27 -61.31
N ASN P 117 -79.35 -45.77 -61.71
CA ASN P 117 -80.31 -46.58 -62.46
C ASN P 117 -79.77 -46.92 -63.84
N ALA P 118 -79.18 -45.95 -64.52
CA ALA P 118 -78.46 -46.26 -65.74
C ALA P 118 -77.18 -47.02 -65.44
N GLY P 119 -76.60 -46.81 -64.26
CA GLY P 119 -75.37 -47.50 -63.90
C GLY P 119 -75.53 -48.97 -63.65
N LYS P 120 -76.76 -49.44 -63.44
CA LYS P 120 -77.03 -50.86 -63.23
C LYS P 120 -77.61 -51.52 -64.47
N GLN P 121 -78.59 -50.88 -65.10
CA GLN P 121 -79.30 -51.48 -66.23
C GLN P 121 -78.38 -51.64 -67.43
N ILE P 122 -77.44 -50.72 -67.62
CA ILE P 122 -76.39 -50.92 -68.61
C ILE P 122 -75.44 -52.04 -68.15
N THR P 123 -75.09 -52.04 -66.88
CA THR P 123 -74.13 -53.02 -66.37
C THR P 123 -74.75 -54.41 -66.31
N LEU P 124 -76.06 -54.51 -66.07
CA LEU P 124 -76.74 -55.79 -66.19
C LEU P 124 -76.74 -56.29 -67.63
N THR P 125 -77.04 -55.40 -68.58
CA THR P 125 -77.06 -55.81 -69.98
C THR P 125 -75.66 -56.10 -70.48
N GLY P 126 -74.69 -55.26 -70.11
CA GLY P 126 -73.36 -55.38 -70.69
C GLY P 126 -72.59 -56.59 -70.17
N ASP P 127 -72.77 -56.93 -68.90
CA ASP P 127 -72.07 -58.10 -68.36
C ASP P 127 -72.64 -59.40 -68.92
N GLU P 128 -73.94 -59.42 -69.23
CA GLU P 128 -74.53 -60.59 -69.85
C GLU P 128 -74.03 -60.78 -71.28
N ILE P 129 -73.77 -59.68 -72.00
CA ILE P 129 -73.33 -59.79 -73.38
C ILE P 129 -71.91 -60.32 -73.47
N ILE P 130 -71.02 -59.83 -72.61
CA ILE P 130 -69.63 -60.29 -72.62
C ILE P 130 -69.55 -61.75 -72.16
N SER P 131 -70.48 -62.18 -71.32
CA SER P 131 -70.51 -63.57 -70.87
C SER P 131 -70.95 -64.51 -72.00
N VAL P 132 -72.04 -64.16 -72.70
CA VAL P 132 -72.59 -65.10 -73.68
C VAL P 132 -71.79 -65.18 -74.96
N ILE P 133 -70.95 -64.19 -75.26
CA ILE P 133 -70.13 -64.29 -76.47
C ILE P 133 -68.95 -65.21 -76.21
N ASP P 134 -68.47 -65.29 -74.97
CA ASP P 134 -67.43 -66.25 -74.61
C ASP P 134 -67.92 -67.70 -74.69
N GLN P 135 -69.23 -67.94 -74.74
CA GLN P 135 -69.75 -69.25 -75.07
C GLN P 135 -69.39 -69.65 -76.50
N MET P 136 -69.35 -68.69 -77.42
CA MET P 136 -68.90 -68.98 -78.77
C MET P 136 -67.40 -69.28 -78.77
N PRO P 137 -66.93 -70.22 -79.60
CA PRO P 137 -65.51 -70.50 -79.66
C PRO P 137 -64.77 -69.44 -80.46
N ILE P 138 -63.47 -69.34 -80.19
CA ILE P 138 -62.62 -68.33 -80.81
C ILE P 138 -62.43 -68.58 -82.30
N ILE P 139 -62.54 -69.84 -82.75
CA ILE P 139 -62.41 -70.13 -84.17
C ILE P 139 -63.63 -69.62 -84.93
N GLU P 140 -64.83 -69.85 -84.41
CA GLU P 140 -66.04 -69.37 -85.04
C GLU P 140 -66.29 -67.90 -84.76
N ARG P 141 -65.56 -67.32 -83.81
CA ARG P 141 -65.79 -65.92 -83.42
C ARG P 141 -65.41 -64.97 -84.53
N VAL P 142 -64.30 -65.24 -85.21
CA VAL P 142 -63.78 -64.33 -86.21
C VAL P 142 -64.62 -64.38 -87.48
N LYS P 143 -65.14 -65.56 -87.82
CA LYS P 143 -66.00 -65.71 -88.99
C LYS P 143 -67.33 -64.99 -88.84
N ASN P 144 -67.76 -64.73 -87.61
CA ASN P 144 -68.95 -63.93 -87.38
C ASN P 144 -68.59 -62.47 -87.18
N LYS P 145 -69.51 -61.59 -87.55
CA LYS P 145 -69.39 -60.15 -87.36
C LYS P 145 -70.50 -59.69 -86.42
N LEU P 146 -70.52 -58.38 -86.17
CA LEU P 146 -71.55 -57.82 -85.30
C LEU P 146 -72.92 -57.87 -85.97
N GLY P 147 -72.98 -57.59 -87.28
CA GLY P 147 -74.23 -57.61 -88.01
C GLY P 147 -74.87 -58.97 -88.12
N ASP P 148 -74.12 -60.05 -87.88
CA ASP P 148 -74.67 -61.38 -87.84
C ASP P 148 -75.58 -61.60 -86.63
N LEU P 149 -75.43 -60.80 -85.57
CA LEU P 149 -76.14 -61.03 -84.32
C LEU P 149 -77.05 -59.86 -83.95
N THR P 150 -77.37 -58.99 -84.91
CA THR P 150 -78.31 -57.90 -84.69
C THR P 150 -79.74 -58.29 -85.03
N ASP P 151 -80.08 -59.58 -84.93
CA ASP P 151 -81.33 -60.08 -85.47
C ASP P 151 -82.29 -60.61 -84.42
N LYS P 152 -81.87 -60.72 -83.17
CA LYS P 152 -82.69 -61.40 -82.17
C LYS P 152 -82.30 -60.91 -80.78
N GLN P 153 -83.11 -61.30 -79.81
CA GLN P 153 -82.77 -61.15 -78.40
C GLN P 153 -81.74 -62.21 -78.06
N LEU P 154 -80.46 -61.85 -78.12
CA LEU P 154 -79.36 -62.79 -77.97
C LEU P 154 -79.29 -63.29 -76.54
N ALA P 155 -79.70 -64.55 -76.34
CA ALA P 155 -79.63 -65.27 -75.06
C ALA P 155 -80.40 -64.54 -73.96
N GLU P 156 -81.67 -64.22 -74.27
CA GLU P 156 -82.65 -63.47 -73.46
C GLU P 156 -82.09 -62.25 -72.73
N ILE P 157 -81.14 -61.56 -73.35
CA ILE P 157 -80.57 -60.34 -72.78
C ILE P 157 -81.43 -59.18 -73.24
N THR P 158 -81.92 -58.39 -72.29
CA THR P 158 -82.73 -57.24 -72.62
C THR P 158 -82.17 -56.00 -71.95
N TYR P 159 -82.85 -54.87 -72.15
CA TYR P 159 -82.42 -53.59 -71.61
C TYR P 159 -83.63 -52.69 -71.48
N THR P 160 -83.64 -51.86 -70.43
CA THR P 160 -84.67 -50.87 -70.22
C THR P 160 -84.04 -49.49 -70.31
N ASN P 161 -84.66 -48.60 -71.07
CA ASN P 161 -84.08 -47.29 -71.34
C ASN P 161 -84.34 -46.33 -70.18
N ASP P 162 -84.07 -45.05 -70.42
CA ASP P 162 -84.45 -44.00 -69.47
C ASP P 162 -85.96 -43.80 -69.48
N ASP P 163 -86.61 -44.09 -70.60
CA ASP P 163 -88.03 -43.83 -70.79
C ASP P 163 -88.91 -44.97 -70.29
N LYS P 164 -88.34 -45.88 -69.48
CA LYS P 164 -89.01 -47.03 -68.87
C LYS P 164 -89.58 -48.00 -69.90
N GLU P 165 -89.08 -47.98 -71.13
CA GLU P 165 -89.46 -48.95 -72.14
C GLU P 165 -88.37 -49.99 -72.31
N ILE P 166 -88.75 -51.14 -72.81
CA ILE P 166 -87.85 -52.28 -72.84
C ILE P 166 -87.34 -52.47 -74.26
N ALA P 167 -86.13 -53.03 -74.37
CA ALA P 167 -85.53 -53.36 -75.65
C ALA P 167 -84.85 -54.72 -75.51
N VAL P 168 -85.03 -55.58 -76.51
CA VAL P 168 -84.63 -56.97 -76.42
C VAL P 168 -83.54 -57.34 -77.41
N GLU P 169 -83.59 -56.83 -78.64
CA GLU P 169 -82.65 -57.29 -79.65
C GLU P 169 -81.35 -56.51 -79.56
N LEU P 170 -80.26 -57.19 -79.95
CA LEU P 170 -78.93 -56.62 -79.86
C LEU P 170 -78.77 -55.43 -80.80
N GLY P 171 -79.39 -55.50 -81.97
CA GLY P 171 -79.41 -54.36 -82.87
C GLY P 171 -80.26 -53.21 -82.42
N ASN P 172 -81.12 -53.42 -81.42
CA ASN P 172 -81.94 -52.35 -80.87
C ASN P 172 -81.45 -51.86 -79.52
N ILE P 173 -80.84 -52.74 -78.72
CA ILE P 173 -80.32 -52.32 -77.43
C ILE P 173 -79.12 -51.40 -77.60
N LEU P 174 -78.18 -51.77 -78.49
CA LEU P 174 -76.98 -50.97 -78.72
C LEU P 174 -77.31 -49.60 -79.31
N GLU P 175 -78.41 -49.51 -80.04
CA GLU P 175 -78.86 -48.21 -80.52
C GLU P 175 -79.63 -47.45 -79.46
N SER P 176 -80.35 -48.16 -78.59
CA SER P 176 -81.05 -47.48 -77.50
C SER P 176 -80.07 -47.02 -76.44
N MET P 177 -79.04 -47.83 -76.16
CA MET P 177 -78.02 -47.44 -75.20
C MET P 177 -77.18 -46.27 -75.71
N LYS P 178 -77.01 -46.17 -77.03
CA LYS P 178 -76.28 -45.05 -77.62
C LYS P 178 -77.02 -43.74 -77.42
N LYS P 179 -78.34 -43.78 -77.50
CA LYS P 179 -79.13 -42.59 -77.20
C LYS P 179 -79.07 -42.26 -75.71
N ASP P 180 -79.04 -43.27 -74.86
CA ASP P 180 -79.14 -43.04 -73.43
C ASP P 180 -77.84 -42.51 -72.85
N ILE P 181 -76.71 -43.06 -73.29
CA ILE P 181 -75.41 -42.55 -72.85
C ILE P 181 -75.21 -41.12 -73.34
N LYS P 182 -75.64 -40.84 -74.57
CA LYS P 182 -75.62 -39.48 -75.09
C LYS P 182 -76.54 -38.57 -74.28
N ARG P 183 -77.63 -39.13 -73.77
CA ARG P 183 -78.56 -38.37 -72.94
C ARG P 183 -78.05 -38.12 -71.53
N GLN P 184 -77.23 -39.03 -71.01
CA GLN P 184 -76.71 -38.89 -69.66
C GLN P 184 -75.52 -37.94 -69.61
N GLN P 185 -74.77 -37.83 -70.69
CA GLN P 185 -73.64 -36.90 -70.71
C GLN P 185 -74.12 -35.46 -70.69
N GLU P 186 -75.09 -35.13 -71.55
CA GLU P 186 -75.58 -33.78 -71.63
C GLU P 186 -76.39 -33.39 -70.40
N ASN P 187 -76.94 -34.35 -69.68
CA ASN P 187 -77.45 -34.03 -68.35
C ASN P 187 -76.31 -33.78 -67.37
N THR P 188 -75.25 -34.56 -67.48
CA THR P 188 -74.13 -34.45 -66.53
C THR P 188 -73.38 -33.15 -66.74
N GLN P 189 -73.24 -32.71 -67.98
CA GLN P 189 -72.59 -31.45 -68.25
C GLN P 189 -73.41 -30.27 -67.74
N LYS P 190 -74.74 -30.39 -67.77
CA LYS P 190 -75.58 -29.40 -67.11
C LYS P 190 -75.40 -29.41 -65.60
N VAL P 191 -75.06 -30.56 -65.02
CA VAL P 191 -74.82 -30.63 -63.59
C VAL P 191 -73.49 -30.01 -63.25
N LYS P 192 -72.42 -30.45 -63.93
CA LYS P 192 -71.07 -29.99 -63.62
C LYS P 192 -70.89 -28.51 -63.88
N THR P 193 -71.65 -27.97 -64.84
CA THR P 193 -71.68 -26.52 -65.05
C THR P 193 -72.21 -25.81 -63.82
N ALA P 194 -73.37 -26.26 -63.30
CA ALA P 194 -73.99 -25.58 -62.17
C ALA P 194 -73.20 -25.78 -60.89
N VAL P 195 -72.50 -26.90 -60.76
CA VAL P 195 -71.60 -27.09 -59.62
C VAL P 195 -70.45 -26.11 -59.73
N SER P 196 -69.76 -26.10 -60.87
CA SER P 196 -68.61 -25.24 -61.04
C SER P 196 -68.99 -23.77 -61.10
N ASP P 197 -70.21 -23.45 -61.55
CA ASP P 197 -70.70 -22.08 -61.42
C ASP P 197 -70.89 -21.73 -59.96
N PHE P 198 -71.33 -22.70 -59.15
CA PHE P 198 -71.51 -22.42 -57.73
C PHE P 198 -70.18 -22.34 -57.01
N LYS P 199 -69.20 -23.14 -57.43
CA LYS P 199 -67.89 -23.06 -56.81
C LYS P 199 -67.16 -21.79 -57.21
N LEU P 200 -67.08 -21.53 -58.51
CA LEU P 200 -66.27 -20.43 -58.98
C LEU P 200 -66.92 -19.07 -58.77
N LYS P 201 -68.18 -19.03 -58.36
CA LYS P 201 -68.70 -17.77 -57.88
C LYS P 201 -68.23 -17.53 -56.45
N LEU P 202 -67.97 -18.61 -55.71
CA LEU P 202 -67.48 -18.49 -54.35
C LEU P 202 -65.99 -18.20 -54.31
N ILE P 203 -65.19 -19.03 -54.97
CA ILE P 203 -63.74 -18.86 -54.89
C ILE P 203 -63.23 -17.86 -55.92
N GLY P 204 -63.87 -17.77 -57.08
CA GLY P 204 -63.45 -16.78 -58.04
C GLY P 204 -62.87 -17.41 -59.28
N GLY P 205 -62.86 -16.64 -60.36
CA GLY P 205 -62.34 -17.12 -61.62
C GLY P 205 -63.35 -16.96 -62.74
N GLU P 206 -63.14 -17.66 -63.85
CA GLU P 206 -64.06 -17.57 -64.97
C GLU P 206 -65.26 -18.47 -64.73
N LEU P 207 -66.45 -17.92 -64.90
CA LEU P 207 -67.67 -18.70 -64.79
C LEU P 207 -67.92 -19.46 -66.09
N SER P 208 -69.11 -20.04 -66.22
CA SER P 208 -69.42 -20.76 -67.45
C SER P 208 -69.71 -19.82 -68.61
N ASP P 209 -70.30 -18.65 -68.32
CA ASP P 209 -70.59 -17.69 -69.38
C ASP P 209 -69.33 -17.01 -69.90
N GLY P 210 -68.28 -16.96 -69.09
CA GLY P 210 -67.08 -16.20 -69.41
C GLY P 210 -66.87 -15.02 -68.50
N THR P 211 -67.81 -14.72 -67.61
CA THR P 211 -67.64 -13.63 -66.68
C THR P 211 -66.64 -14.02 -65.60
N ILE P 212 -65.58 -13.23 -65.46
CA ILE P 212 -64.74 -13.36 -64.28
C ILE P 212 -65.54 -12.85 -63.08
N ALA P 213 -65.75 -13.72 -62.11
CA ALA P 213 -66.40 -13.35 -60.87
C ALA P 213 -65.34 -13.22 -59.80
N GLN P 214 -65.34 -12.08 -59.11
CA GLN P 214 -64.50 -11.92 -57.94
C GLN P 214 -64.96 -12.91 -56.88
N GLY P 215 -64.01 -13.52 -56.20
CA GLY P 215 -64.33 -14.58 -55.27
C GLY P 215 -65.00 -14.05 -54.02
N LEU P 216 -65.99 -14.80 -53.54
CA LEU P 216 -66.68 -14.39 -52.33
C LEU P 216 -65.79 -14.54 -51.11
N GLN P 217 -64.97 -15.60 -51.08
CA GLN P 217 -64.02 -15.77 -49.98
C GLN P 217 -62.98 -14.65 -49.88
N PRO P 218 -62.32 -14.19 -50.96
CA PRO P 218 -61.45 -13.02 -50.78
C PRO P 218 -62.20 -11.72 -50.58
N GLN P 219 -63.42 -11.58 -51.13
CA GLN P 219 -64.20 -10.39 -50.87
C GLN P 219 -64.56 -10.23 -49.41
N ILE P 220 -64.73 -11.33 -48.69
CA ILE P 220 -64.84 -11.23 -47.24
C ILE P 220 -63.49 -10.89 -46.64
N SER P 221 -62.43 -11.55 -47.11
CA SER P 221 -61.10 -11.30 -46.58
C SER P 221 -60.58 -9.93 -46.97
N SER P 222 -61.11 -9.32 -48.02
CA SER P 222 -60.76 -7.94 -48.33
C SER P 222 -61.33 -7.00 -47.28
N LYS P 223 -62.61 -7.17 -46.95
CA LYS P 223 -63.23 -6.28 -45.99
C LYS P 223 -62.69 -6.53 -44.59
N LYS P 224 -62.44 -7.80 -44.26
CA LYS P 224 -61.93 -8.16 -42.94
C LYS P 224 -60.52 -7.61 -42.74
N LYS P 225 -59.73 -7.52 -43.81
CA LYS P 225 -58.45 -6.85 -43.72
C LYS P 225 -58.62 -5.34 -43.55
N LEU P 226 -59.67 -4.78 -44.13
CA LEU P 226 -59.92 -3.35 -43.97
C LEU P 226 -60.39 -3.01 -42.56
N MET P 227 -61.08 -3.94 -41.91
CA MET P 227 -61.56 -3.64 -40.56
C MET P 227 -60.46 -3.72 -39.53
N ASP P 228 -59.36 -4.38 -39.85
CA ASP P 228 -58.23 -4.39 -38.93
C ASP P 228 -57.36 -3.15 -39.14
N ASP P 229 -57.13 -2.76 -40.38
CA ASP P 229 -56.39 -1.54 -40.67
C ASP P 229 -57.36 -0.37 -40.58
N ASN P 230 -57.44 0.23 -39.40
CA ASN P 230 -58.27 1.41 -39.24
C ASN P 230 -57.65 2.35 -38.22
N ASN P 231 -57.83 3.64 -38.48
CA ASN P 231 -57.33 4.72 -37.62
C ASN P 231 -58.24 5.01 -36.45
N LEU P 232 -59.25 4.17 -36.21
CA LEU P 232 -60.27 4.50 -35.23
C LEU P 232 -59.74 4.46 -33.81
N SER P 233 -58.75 3.62 -33.56
CA SER P 233 -58.06 3.66 -32.28
C SER P 233 -57.05 4.81 -32.20
N THR P 234 -56.82 5.53 -33.30
CA THR P 234 -55.87 6.63 -33.34
C THR P 234 -56.56 7.98 -33.41
N THR P 235 -57.55 8.13 -34.30
CA THR P 235 -58.22 9.41 -34.47
C THR P 235 -59.02 9.81 -33.25
N ILE P 236 -59.59 8.84 -32.53
CA ILE P 236 -60.27 9.13 -31.27
C ILE P 236 -59.28 9.67 -30.25
N LYS P 237 -58.07 9.10 -30.22
CA LYS P 237 -57.02 9.67 -29.41
C LYS P 237 -56.55 11.00 -29.96
N ASP P 238 -56.62 11.18 -31.28
CA ASP P 238 -56.23 12.46 -31.87
C ASP P 238 -57.29 13.53 -31.61
N LEU P 239 -58.57 13.15 -31.69
CA LEU P 239 -59.61 14.13 -31.41
C LEU P 239 -59.71 14.47 -29.94
N GLN P 240 -59.46 13.50 -29.06
CA GLN P 240 -59.43 13.82 -27.64
C GLN P 240 -58.18 14.60 -27.26
N SER P 241 -57.16 14.60 -28.10
CA SER P 241 -56.07 15.55 -27.92
C SER P 241 -56.54 16.97 -28.20
N LYS P 242 -57.30 17.16 -29.27
CA LYS P 242 -57.72 18.50 -29.65
C LYS P 242 -58.80 19.04 -28.73
N ILE P 243 -59.68 18.18 -28.22
CA ILE P 243 -60.69 18.62 -27.28
C ILE P 243 -60.05 19.04 -25.97
N ASP P 244 -59.10 18.24 -25.47
CA ASP P 244 -58.35 18.64 -24.30
C ASP P 244 -57.41 19.81 -24.57
N GLU P 245 -57.06 20.02 -25.84
CA GLU P 245 -56.38 21.26 -26.19
C GLU P 245 -57.33 22.44 -26.13
N LYS P 246 -58.51 22.31 -26.76
CA LYS P 246 -59.45 23.40 -26.79
C LYS P 246 -60.16 23.62 -25.47
N ASN P 247 -60.20 22.63 -24.59
CA ASN P 247 -60.71 22.89 -23.25
C ASN P 247 -59.77 23.76 -22.46
N LYS P 248 -58.47 23.67 -22.72
CA LYS P 248 -57.50 24.51 -22.04
C LYS P 248 -57.64 25.97 -22.45
N GLU P 249 -58.09 26.22 -23.67
CA GLU P 249 -58.37 27.59 -24.10
C GLU P 249 -59.64 28.12 -23.46
N ILE P 250 -60.68 27.28 -23.41
CA ILE P 250 -61.95 27.68 -22.81
C ILE P 250 -61.78 27.93 -21.32
N ASP P 251 -61.01 27.06 -20.65
CA ASP P 251 -60.71 27.25 -19.24
C ASP P 251 -59.81 28.46 -19.02
N GLN P 252 -59.17 28.95 -20.07
CA GLN P 252 -58.40 30.18 -19.99
C GLN P 252 -59.24 31.41 -20.32
N PHE P 253 -60.20 31.30 -21.24
CA PHE P 253 -61.01 32.45 -21.59
C PHE P 253 -62.02 32.78 -20.50
N GLN P 254 -62.39 31.81 -19.68
CA GLN P 254 -63.21 32.11 -18.51
C GLN P 254 -62.45 32.99 -17.53
N LYS P 255 -61.14 32.75 -17.40
CA LYS P 255 -60.28 33.62 -16.62
C LYS P 255 -60.21 35.02 -17.24
N ASP P 256 -60.26 35.10 -18.57
CA ASP P 256 -60.20 36.40 -19.22
C ASP P 256 -61.48 37.19 -19.00
N TYR P 257 -62.64 36.56 -19.23
CA TYR P 257 -63.91 37.24 -19.06
C TYR P 257 -64.17 37.60 -17.61
N ASN P 258 -63.65 36.79 -16.68
CA ASN P 258 -63.75 37.16 -15.28
C ASN P 258 -62.72 38.20 -14.87
N LYS P 259 -61.82 38.59 -15.79
CA LYS P 259 -60.85 39.64 -15.50
C LYS P 259 -61.20 40.95 -16.17
N TYR P 260 -61.57 40.91 -17.47
CA TYR P 260 -61.91 42.15 -18.17
C TYR P 260 -63.17 42.79 -17.60
N VAL P 261 -64.17 41.98 -17.25
CA VAL P 261 -65.37 42.51 -16.61
C VAL P 261 -65.02 43.09 -15.25
N GLY P 262 -64.07 42.47 -14.55
CA GLY P 262 -63.51 43.09 -13.37
C GLY P 262 -62.81 44.40 -13.66
N LEU P 263 -62.12 44.47 -14.80
CA LEU P 263 -61.50 45.73 -15.19
C LEU P 263 -62.53 46.72 -15.70
N ALA P 264 -63.57 46.25 -16.38
CA ALA P 264 -64.53 47.15 -17.01
C ALA P 264 -65.40 47.89 -16.00
N PHE P 265 -65.49 47.40 -14.77
CA PHE P 265 -66.25 48.08 -13.73
C PHE P 265 -65.39 49.03 -12.92
N SER P 266 -64.35 49.59 -13.53
CA SER P 266 -63.42 50.45 -12.80
C SER P 266 -64.03 51.82 -12.52
N GLY P 267 -64.76 52.37 -13.49
CA GLY P 267 -64.98 53.80 -13.61
C GLY P 267 -65.66 54.56 -12.50
N MET P 268 -66.91 54.21 -12.19
CA MET P 268 -67.81 55.09 -11.43
C MET P 268 -67.48 55.23 -9.97
N VAL P 269 -66.32 54.85 -9.43
CA VAL P 269 -66.01 55.16 -8.05
C VAL P 269 -65.85 56.67 -7.85
N GLY P 270 -65.07 57.32 -8.70
CA GLY P 270 -65.11 58.77 -8.80
C GLY P 270 -65.18 59.23 -10.24
N GLY P 271 -64.76 58.35 -11.15
CA GLY P 271 -64.65 58.64 -12.56
C GLY P 271 -65.84 58.24 -13.41
N ILE P 272 -66.95 59.00 -13.33
CA ILE P 272 -68.08 58.78 -14.22
C ILE P 272 -67.68 58.97 -15.67
N ILE P 273 -66.75 59.90 -15.94
CA ILE P 273 -66.18 60.05 -17.27
C ILE P 273 -65.33 58.84 -17.62
N SER P 274 -64.59 58.31 -16.64
CA SER P 274 -63.73 57.15 -16.90
C SER P 274 -64.50 55.86 -17.03
N TRP P 275 -65.79 55.86 -16.64
CA TRP P 275 -66.64 54.69 -16.82
C TRP P 275 -66.79 54.33 -18.28
N ALA P 276 -66.97 55.34 -19.13
CA ALA P 276 -67.00 55.10 -20.56
C ALA P 276 -65.62 54.84 -21.12
N ILE P 277 -64.57 55.25 -20.42
CA ILE P 277 -63.21 55.06 -20.94
C ILE P 277 -62.81 53.60 -20.85
N THR P 278 -62.74 53.06 -19.63
CA THR P 278 -62.29 51.67 -19.48
C THR P 278 -63.36 50.69 -19.93
N GLY P 279 -64.63 51.07 -19.80
CA GLY P 279 -65.69 50.27 -20.39
C GLY P 279 -65.62 50.24 -21.90
N GLY P 280 -65.14 51.33 -22.50
CA GLY P 280 -64.88 51.30 -23.92
C GLY P 280 -63.68 50.43 -24.26
N ILE P 281 -62.66 50.46 -23.41
CA ILE P 281 -61.46 49.68 -23.65
C ILE P 281 -61.70 48.20 -23.35
N PHE P 282 -62.10 47.90 -22.13
CA PHE P 282 -62.14 46.53 -21.66
C PHE P 282 -63.46 45.84 -21.93
N GLY P 283 -64.56 46.60 -21.95
CA GLY P 283 -65.87 46.01 -22.20
C GLY P 283 -66.02 45.48 -23.60
N ASP P 284 -65.27 46.03 -24.55
CA ASP P 284 -65.13 45.39 -25.85
C ASP P 284 -64.41 44.06 -25.69
N LYS P 285 -63.27 44.08 -25.00
CA LYS P 285 -62.45 42.88 -24.92
C LYS P 285 -63.08 41.84 -24.01
N ALA P 286 -63.89 42.26 -23.05
CA ALA P 286 -64.75 41.33 -22.33
C ALA P 286 -65.76 40.69 -23.28
N GLU P 287 -66.36 41.51 -24.15
CA GLU P 287 -67.35 41.00 -25.07
C GLU P 287 -66.71 40.11 -26.13
N LYS P 288 -65.51 40.46 -26.58
CA LYS P 288 -64.86 39.67 -27.63
C LYS P 288 -64.40 38.32 -27.09
N ALA P 289 -63.85 38.30 -25.87
CA ALA P 289 -63.45 37.04 -25.27
C ALA P 289 -64.65 36.17 -24.95
N ARG P 290 -65.78 36.79 -24.62
CA ARG P 290 -67.00 36.03 -24.40
C ARG P 290 -67.53 35.45 -25.71
N LYS P 291 -67.34 36.17 -26.82
CA LYS P 291 -67.73 35.62 -28.11
C LYS P 291 -66.80 34.49 -28.53
N GLN P 292 -65.54 34.55 -28.12
CA GLN P 292 -64.67 33.39 -28.27
C GLN P 292 -65.14 32.26 -27.37
N LYS P 293 -65.61 32.60 -26.17
CA LYS P 293 -66.19 31.62 -25.27
C LYS P 293 -67.50 31.07 -25.80
N ASN P 294 -68.25 31.88 -26.56
CA ASN P 294 -69.43 31.34 -27.23
C ASN P 294 -69.02 30.36 -28.33
N LYS P 295 -67.99 30.70 -29.09
CA LYS P 295 -67.66 29.94 -30.29
C LYS P 295 -66.99 28.62 -29.95
N LEU P 296 -66.06 28.61 -29.00
CA LEU P 296 -65.25 27.42 -28.77
C LEU P 296 -66.03 26.33 -28.04
N ILE P 297 -66.90 26.72 -27.11
CA ILE P 297 -67.74 25.74 -26.41
C ILE P 297 -68.67 25.05 -27.39
N ASP P 298 -69.19 25.80 -28.36
CA ASP P 298 -69.99 25.19 -29.41
C ASP P 298 -69.17 24.29 -30.31
N GLU P 299 -67.88 24.60 -30.48
CA GLU P 299 -67.04 23.73 -31.28
C GLU P 299 -66.68 22.46 -30.53
N VAL P 300 -66.34 22.58 -29.24
CA VAL P 300 -66.01 21.42 -28.42
C VAL P 300 -67.21 20.50 -28.28
N LYS P 301 -68.41 21.09 -28.15
CA LYS P 301 -69.65 20.31 -28.19
C LYS P 301 -69.82 19.60 -29.53
N ASP P 302 -69.37 20.22 -30.61
CA ASP P 302 -69.41 19.54 -31.89
C ASP P 302 -68.26 18.55 -32.05
N LEU P 303 -67.10 18.86 -31.47
CA LEU P 303 -65.98 17.91 -31.55
C LEU P 303 -66.20 16.70 -30.66
N GLN P 304 -66.86 16.89 -29.53
CA GLN P 304 -67.23 15.75 -28.68
C GLN P 304 -68.21 14.85 -29.40
N SER P 305 -69.10 15.43 -30.20
CA SER P 305 -70.10 14.65 -30.92
C SER P 305 -69.47 13.79 -32.00
N GLN P 306 -68.33 14.21 -32.55
CA GLN P 306 -67.62 13.35 -33.48
C GLN P 306 -66.98 12.17 -32.76
N VAL P 307 -66.48 12.41 -31.54
CA VAL P 307 -65.86 11.34 -30.76
C VAL P 307 -66.90 10.33 -30.33
N LYS P 308 -68.11 10.79 -30.02
CA LYS P 308 -69.18 9.90 -29.62
C LYS P 308 -69.59 8.97 -30.75
N ASP P 309 -69.65 9.50 -31.97
CA ASP P 309 -70.02 8.66 -33.10
C ASP P 309 -68.89 7.74 -33.52
N LYS P 310 -67.65 8.23 -33.44
CA LYS P 310 -66.53 7.38 -33.82
C LYS P 310 -66.25 6.31 -32.77
N SER P 311 -66.56 6.58 -31.51
CA SER P 311 -66.48 5.52 -30.51
C SER P 311 -67.56 4.48 -30.76
N ALA P 312 -68.76 4.92 -31.13
CA ALA P 312 -69.79 3.99 -31.57
C ALA P 312 -69.44 3.37 -32.91
N LEU P 313 -68.62 4.05 -33.72
CA LEU P 313 -68.21 3.46 -34.98
C LEU P 313 -67.21 2.33 -34.76
N GLN P 314 -66.23 2.55 -33.88
CA GLN P 314 -65.20 1.55 -33.63
C GLN P 314 -65.78 0.31 -32.98
N THR P 315 -66.81 0.48 -32.18
CA THR P 315 -67.56 -0.67 -31.66
C THR P 315 -68.31 -1.37 -32.79
N SER P 316 -68.86 -0.57 -33.73
CA SER P 316 -69.67 -1.14 -34.80
C SER P 316 -68.82 -1.94 -35.78
N VAL P 317 -67.59 -1.47 -36.04
CA VAL P 317 -66.73 -2.17 -36.98
C VAL P 317 -66.20 -3.46 -36.36
N GLN P 318 -65.73 -3.36 -35.12
CA GLN P 318 -65.11 -4.50 -34.43
C GLN P 318 -66.11 -5.61 -34.18
N ASN P 319 -67.38 -5.26 -33.96
CA ASN P 319 -68.42 -6.28 -33.93
C ASN P 319 -68.65 -6.86 -35.31
N LEU P 320 -68.58 -6.02 -36.35
CA LEU P 320 -68.87 -6.49 -37.69
C LEU P 320 -67.75 -7.39 -38.21
N SER P 321 -66.53 -7.19 -37.70
CA SER P 321 -65.41 -8.06 -38.05
C SER P 321 -65.67 -9.50 -37.63
N LEU P 322 -66.31 -9.67 -36.48
CA LEU P 322 -66.65 -11.01 -36.02
C LEU P 322 -67.77 -11.61 -36.86
N SER P 323 -68.65 -10.76 -37.39
CA SER P 323 -69.72 -11.25 -38.25
C SER P 323 -69.16 -11.85 -39.53
N PHE P 324 -68.23 -11.14 -40.16
CA PHE P 324 -67.56 -11.67 -41.34
C PHE P 324 -66.64 -12.82 -41.01
N ALA P 325 -66.14 -12.90 -39.78
CA ALA P 325 -65.21 -13.95 -39.40
C ALA P 325 -65.85 -15.32 -39.48
N GLY P 326 -67.09 -15.45 -39.01
CA GLY P 326 -67.81 -16.69 -39.21
C GLY P 326 -68.16 -16.93 -40.66
N ILE P 327 -68.56 -15.86 -41.37
CA ILE P 327 -68.88 -15.96 -42.78
C ILE P 327 -67.66 -16.40 -43.58
N HIS P 328 -66.50 -15.87 -43.22
CA HIS P 328 -65.26 -16.36 -43.81
C HIS P 328 -64.97 -17.80 -43.41
N THR P 329 -65.30 -18.15 -42.16
CA THR P 329 -65.07 -19.52 -41.71
C THR P 329 -66.05 -20.47 -42.38
N SER P 330 -67.26 -20.02 -42.66
CA SER P 330 -68.21 -20.84 -43.40
C SER P 330 -67.77 -21.06 -44.83
N MET P 331 -67.12 -20.07 -45.44
CA MET P 331 -66.72 -20.20 -46.82
C MET P 331 -65.49 -21.08 -46.99
N VAL P 332 -64.59 -21.10 -46.00
CA VAL P 332 -63.43 -21.97 -46.06
C VAL P 332 -63.86 -23.44 -46.02
N ASP P 333 -64.87 -23.76 -45.21
CA ASP P 333 -65.38 -25.12 -45.23
C ASP P 333 -66.19 -25.37 -46.49
N ALA P 334 -66.87 -24.35 -47.01
CA ALA P 334 -67.52 -24.48 -48.30
C ALA P 334 -66.52 -24.51 -49.44
N GLU P 335 -65.32 -23.96 -49.23
CA GLU P 335 -64.26 -24.06 -50.23
C GLU P 335 -63.83 -25.49 -50.45
N GLU P 336 -63.46 -26.16 -49.36
CA GLU P 336 -62.94 -27.53 -49.46
C GLU P 336 -64.02 -28.50 -49.91
N ALA P 337 -65.26 -28.26 -49.52
CA ALA P 337 -66.34 -29.20 -49.81
C ALA P 337 -66.66 -29.23 -51.30
N LEU P 338 -66.72 -28.07 -51.94
CA LEU P 338 -67.05 -28.02 -53.35
C LEU P 338 -65.94 -28.58 -54.21
N ASN P 339 -64.69 -28.46 -53.76
CA ASN P 339 -63.56 -29.00 -54.51
C ASN P 339 -63.63 -30.51 -54.60
N HIS P 340 -64.03 -31.15 -53.51
CA HIS P 340 -64.24 -32.59 -53.59
C HIS P 340 -65.50 -32.91 -54.36
N LEU P 341 -66.49 -32.01 -54.34
CA LEU P 341 -67.70 -32.24 -55.11
C LEU P 341 -67.43 -32.11 -56.60
N ASP P 342 -66.68 -31.09 -56.99
CA ASP P 342 -66.38 -30.87 -58.39
C ASP P 342 -65.53 -32.01 -58.96
N PHE P 343 -64.61 -32.53 -58.16
CA PHE P 343 -63.70 -33.55 -58.66
C PHE P 343 -64.40 -34.88 -58.88
N MET P 344 -65.47 -35.15 -58.14
CA MET P 344 -66.22 -36.38 -58.40
C MET P 344 -67.09 -36.25 -59.63
N TRP P 345 -67.73 -35.11 -59.82
CA TRP P 345 -68.49 -34.91 -61.05
C TRP P 345 -67.58 -34.84 -62.26
N ASN P 346 -66.40 -34.24 -62.10
CA ASN P 346 -65.44 -34.21 -63.19
C ASN P 346 -64.94 -35.60 -63.51
N THR P 347 -64.84 -36.46 -62.50
CA THR P 347 -64.52 -37.86 -62.75
C THR P 347 -65.66 -38.54 -63.48
N MET P 348 -66.89 -38.25 -63.08
CA MET P 348 -68.03 -38.91 -63.70
C MET P 348 -68.28 -38.38 -65.11
N LEU P 349 -68.16 -37.06 -65.30
CA LEU P 349 -68.37 -36.48 -66.63
C LEU P 349 -67.29 -36.93 -67.60
N THR P 350 -66.09 -37.23 -67.10
CA THR P 350 -65.08 -37.83 -67.95
C THR P 350 -65.48 -39.23 -68.36
N GLN P 351 -65.90 -40.05 -67.40
CA GLN P 351 -66.12 -41.47 -67.66
C GLN P 351 -67.37 -41.70 -68.49
N ILE P 352 -68.35 -40.81 -68.41
CA ILE P 352 -69.48 -40.90 -69.34
C ILE P 352 -69.04 -40.51 -70.74
N THR P 353 -68.19 -39.48 -70.84
CA THR P 353 -67.75 -38.98 -72.14
C THR P 353 -66.87 -39.98 -72.85
N THR P 354 -65.89 -40.56 -72.15
CA THR P 354 -65.03 -41.55 -72.78
C THR P 354 -65.76 -42.86 -73.01
N SER P 355 -66.89 -43.08 -72.35
CA SER P 355 -67.72 -44.23 -72.69
C SER P 355 -68.43 -43.99 -74.00
N ARG P 356 -68.97 -42.79 -74.20
CA ARG P 356 -69.79 -42.51 -75.38
C ARG P 356 -68.93 -42.49 -76.64
N ASP P 357 -67.75 -41.88 -76.56
CA ASP P 357 -66.94 -41.69 -77.75
C ASP P 357 -66.35 -43.01 -78.23
N LYS P 358 -66.00 -43.91 -77.31
CA LYS P 358 -65.58 -45.24 -77.71
C LYS P 358 -66.74 -46.08 -78.21
N PHE P 359 -67.95 -45.78 -77.74
CA PHE P 359 -69.12 -46.53 -78.17
C PHE P 359 -69.56 -46.14 -79.57
N ASP P 360 -69.07 -45.01 -80.09
CA ASP P 360 -69.37 -44.59 -81.45
C ASP P 360 -68.62 -45.39 -82.49
N ASP P 361 -67.65 -46.20 -82.07
CA ASP P 361 -66.97 -47.13 -82.97
C ASP P 361 -67.82 -48.34 -83.29
N ILE P 362 -68.91 -48.56 -82.56
CA ILE P 362 -69.72 -49.75 -82.71
C ILE P 362 -70.56 -49.65 -83.97
N ASN P 363 -70.30 -50.55 -84.92
CA ASN P 363 -71.10 -50.67 -86.13
C ASN P 363 -71.01 -52.12 -86.60
N ASP P 364 -71.92 -52.48 -87.52
CA ASP P 364 -72.09 -53.87 -87.94
C ASP P 364 -70.90 -54.43 -88.69
N ALA P 365 -70.01 -53.56 -89.21
CA ALA P 365 -68.81 -54.02 -89.87
C ALA P 365 -67.77 -54.59 -88.92
N LEU P 366 -67.95 -54.42 -87.61
CA LEU P 366 -67.00 -54.95 -86.66
C LEU P 366 -67.10 -56.48 -86.59
N LYS P 367 -65.96 -57.13 -86.75
CA LYS P 367 -65.92 -58.56 -86.50
C LYS P 367 -66.00 -58.81 -85.00
N LEU P 368 -66.37 -60.04 -84.65
CA LEU P 368 -67.02 -60.26 -83.36
C LEU P 368 -66.03 -60.26 -82.19
N THR P 369 -64.76 -60.58 -82.41
CA THR P 369 -63.78 -60.42 -81.35
C THR P 369 -63.51 -58.95 -81.10
N SER P 370 -63.32 -58.18 -82.17
CA SER P 370 -63.11 -56.74 -82.06
C SER P 370 -64.31 -56.01 -81.51
N PHE P 371 -65.52 -56.58 -81.62
CA PHE P 371 -66.68 -55.97 -80.98
C PHE P 371 -66.60 -56.06 -79.48
N VAL P 372 -66.11 -57.19 -78.95
CA VAL P 372 -66.17 -57.44 -77.51
C VAL P 372 -65.26 -56.50 -76.76
N ILE P 373 -63.98 -56.46 -77.15
CA ILE P 373 -62.98 -55.60 -76.51
C ILE P 373 -63.35 -54.13 -76.65
N ALA P 374 -63.98 -53.76 -77.76
CA ALA P 374 -64.56 -52.43 -77.89
C ALA P 374 -65.71 -52.24 -76.90
N PHE P 375 -66.62 -53.20 -76.84
CA PHE P 375 -67.79 -53.05 -75.97
C PHE P 375 -67.43 -53.23 -74.51
N LYS P 376 -66.42 -54.06 -74.21
CA LYS P 376 -65.94 -54.17 -72.85
C LYS P 376 -65.29 -52.87 -72.38
N GLN P 377 -64.65 -52.16 -73.31
CA GLN P 377 -64.08 -50.85 -72.99
C GLN P 377 -65.17 -49.82 -72.70
N VAL P 378 -66.36 -50.02 -73.25
CA VAL P 378 -67.46 -49.09 -73.00
C VAL P 378 -67.95 -49.20 -71.56
N ILE P 379 -68.13 -50.43 -71.08
CA ILE P 379 -68.82 -50.61 -69.81
C ILE P 379 -67.92 -50.44 -68.60
N GLU P 380 -66.60 -50.53 -68.77
CA GLU P 380 -65.69 -50.37 -67.62
C GLU P 380 -65.73 -48.99 -66.96
N PRO P 381 -65.97 -47.86 -67.64
CA PRO P 381 -66.30 -46.65 -66.87
C PRO P 381 -67.63 -46.72 -66.15
N TRP P 382 -68.58 -47.51 -66.64
CA TRP P 382 -69.87 -47.58 -65.98
C TRP P 382 -69.83 -48.38 -64.68
N ARG P 383 -68.77 -49.14 -64.43
CA ARG P 383 -68.61 -49.73 -63.11
C ARG P 383 -68.34 -48.66 -62.07
N ASP P 384 -67.53 -47.67 -62.41
CA ASP P 384 -67.15 -46.66 -61.43
C ASP P 384 -68.21 -45.60 -61.24
N VAL P 385 -68.93 -45.25 -62.31
CA VAL P 385 -70.02 -44.28 -62.19
C VAL P 385 -71.15 -44.87 -61.35
N GLN P 386 -71.39 -46.17 -61.52
CA GLN P 386 -72.25 -46.89 -60.58
C GLN P 386 -71.69 -46.84 -59.17
N GLY P 387 -70.37 -46.98 -59.04
CA GLY P 387 -69.76 -46.92 -57.73
C GLY P 387 -69.70 -45.52 -57.16
N SER P 388 -69.57 -44.51 -58.02
CA SER P 388 -69.46 -43.15 -57.52
C SER P 388 -70.81 -42.62 -57.04
N ALA P 389 -71.88 -42.94 -57.77
CA ALA P 389 -73.21 -42.55 -57.31
C ALA P 389 -73.59 -43.30 -56.05
N ALA P 390 -73.18 -44.57 -55.95
CA ALA P 390 -73.38 -45.32 -54.72
C ALA P 390 -72.61 -44.71 -53.56
N GLN P 391 -71.38 -44.27 -53.82
CA GLN P 391 -70.66 -43.49 -52.82
C GLN P 391 -71.26 -42.11 -52.62
N LEU P 392 -72.06 -41.62 -53.56
CA LEU P 392 -72.62 -40.30 -53.38
C LEU P 392 -73.95 -40.35 -52.65
N ILE P 393 -74.88 -41.20 -53.10
CA ILE P 393 -76.24 -41.22 -52.56
C ILE P 393 -76.23 -41.69 -51.11
N GLN P 394 -75.38 -42.68 -50.80
CA GLN P 394 -75.19 -43.09 -49.41
C GLN P 394 -74.65 -41.95 -48.55
N THR P 395 -73.74 -41.16 -49.10
CA THR P 395 -73.22 -39.99 -48.40
C THR P 395 -74.02 -38.73 -48.71
N PHE P 396 -75.25 -38.87 -49.18
CA PHE P 396 -76.10 -37.73 -49.45
C PHE P 396 -77.29 -37.68 -48.50
N ASP P 397 -78.06 -38.77 -48.46
CA ASP P 397 -79.27 -38.80 -47.64
C ASP P 397 -78.94 -38.89 -46.17
N GLU P 398 -77.80 -39.48 -45.83
CA GLU P 398 -77.37 -39.55 -44.44
C GLU P 398 -77.00 -38.17 -43.90
N ALA P 399 -76.57 -37.27 -44.78
CA ALA P 399 -76.34 -35.90 -44.35
C ALA P 399 -77.61 -35.07 -44.33
N LEU P 400 -78.69 -35.55 -44.98
CA LEU P 400 -79.92 -34.77 -45.00
C LEU P 400 -80.64 -34.86 -43.66
N ALA P 401 -80.87 -36.08 -43.17
CA ALA P 401 -81.54 -36.24 -41.89
C ALA P 401 -80.67 -35.75 -40.75
N GLU P 402 -79.35 -35.87 -40.89
CA GLU P 402 -78.43 -35.32 -39.91
C GLU P 402 -78.47 -33.80 -39.88
N TYR P 403 -78.78 -33.17 -41.02
CA TYR P 403 -78.91 -31.72 -41.05
C TYR P 403 -80.11 -31.22 -40.25
N LYS P 404 -81.10 -32.08 -40.01
CA LYS P 404 -82.21 -31.76 -39.12
C LYS P 404 -81.83 -31.81 -37.64
N LYS P 405 -80.56 -31.98 -37.32
CA LYS P 405 -80.10 -32.12 -35.95
C LYS P 405 -79.06 -31.06 -35.63
N GLY Q 41 90.75 15.19 16.61
CA GLY Q 41 90.60 15.22 18.05
C GLY Q 41 89.15 15.13 18.49
N ILE Q 42 88.92 14.99 19.79
CA ILE Q 42 87.57 14.91 20.32
C ILE Q 42 87.03 16.31 20.61
N PHE Q 43 87.81 17.11 21.32
CA PHE Q 43 87.46 18.48 21.65
C PHE Q 43 87.72 19.33 20.42
N THR Q 44 86.67 19.57 19.63
CA THR Q 44 86.82 20.25 18.36
C THR Q 44 86.95 21.75 18.55
N LYS Q 45 87.21 22.45 17.45
CA LYS Q 45 87.29 23.91 17.52
C LYS Q 45 85.92 24.52 17.75
N GLY Q 46 84.85 23.86 17.30
CA GLY Q 46 83.52 24.34 17.58
C GLY Q 46 83.11 24.18 19.03
N ASP Q 47 83.73 23.21 19.71
CA ASP Q 47 83.46 23.05 21.15
C ASP Q 47 83.99 24.23 21.92
N LEU Q 48 85.22 24.65 21.62
CA LEU Q 48 85.88 25.73 22.37
C LEU Q 48 85.22 27.07 22.08
N ILE Q 49 84.60 27.22 20.91
CA ILE Q 49 83.84 28.43 20.64
C ILE Q 49 82.57 28.46 21.48
N ASN Q 50 81.87 27.32 21.57
CA ASN Q 50 80.61 27.24 22.31
C ASN Q 50 80.79 27.56 23.77
N ILE Q 51 81.95 27.25 24.33
CA ILE Q 51 82.27 27.69 25.69
C ILE Q 51 82.48 29.19 25.70
N LYS Q 52 83.30 29.70 24.78
CA LYS Q 52 83.62 31.12 24.79
C LYS Q 52 82.43 31.97 24.35
N LEU Q 53 81.50 31.39 23.60
CA LEU Q 53 80.21 32.04 23.43
C LEU Q 53 79.47 32.14 24.76
N TYR Q 54 79.47 31.04 25.52
CA TYR Q 54 78.80 31.04 26.82
C TYR Q 54 79.48 31.98 27.79
N VAL Q 55 80.80 32.09 27.72
CA VAL Q 55 81.51 33.04 28.58
C VAL Q 55 81.19 34.46 28.18
N LYS Q 56 81.06 34.72 26.88
CA LYS Q 56 80.80 36.07 26.39
C LYS Q 56 79.42 36.55 26.81
N HIS Q 57 78.40 35.73 26.60
CA HIS Q 57 77.05 36.16 26.91
C HIS Q 57 76.77 36.17 28.40
N SER Q 58 77.53 35.42 29.20
CA SER Q 58 77.29 35.42 30.63
C SER Q 58 77.80 36.69 31.28
N LEU Q 59 78.92 37.23 30.79
CA LEU Q 59 79.46 38.47 31.32
C LEU Q 59 78.56 39.66 31.01
N GLU Q 60 77.72 39.55 29.98
CA GLU Q 60 76.71 40.56 29.70
C GLU Q 60 75.67 40.63 30.80
N LEU Q 61 75.45 39.53 31.52
CA LEU Q 61 74.41 39.50 32.53
C LEU Q 61 74.85 40.29 33.76
N PRO Q 62 73.94 41.04 34.37
CA PRO Q 62 74.30 41.80 35.56
C PRO Q 62 74.42 40.89 36.77
N PHE Q 63 75.06 41.40 37.81
CA PHE Q 63 75.25 40.64 39.03
C PHE Q 63 74.95 41.42 40.30
N THR Q 64 74.69 42.72 40.21
CA THR Q 64 74.24 43.45 41.38
C THR Q 64 72.77 43.14 41.65
N LEU Q 65 72.31 43.49 42.85
CA LEU Q 65 70.89 43.36 43.15
C LEU Q 65 70.07 44.35 42.34
N GLU Q 66 70.59 45.55 42.11
CA GLU Q 66 69.86 46.53 41.32
C GLU Q 66 69.87 46.20 39.84
N GLY Q 67 71.04 45.81 39.31
CA GLY Q 67 71.17 45.58 37.88
C GLY Q 67 70.41 44.37 37.39
N VAL Q 68 70.34 43.32 38.23
CA VAL Q 68 69.48 42.19 37.92
C VAL Q 68 68.02 42.62 37.96
N LYS Q 69 67.66 43.45 38.95
CA LYS Q 69 66.29 43.92 39.12
C LYS Q 69 65.85 44.78 37.94
N GLU Q 70 66.78 45.49 37.33
CA GLU Q 70 66.48 46.21 36.09
C GLU Q 70 66.38 45.25 34.91
N TYR Q 71 67.26 44.25 34.86
CA TYR Q 71 67.32 43.31 33.75
C TYR Q 71 66.06 42.44 33.67
N ILE Q 72 65.46 42.13 34.82
CA ILE Q 72 64.25 41.33 34.82
C ILE Q 72 63.01 42.20 34.65
N GLY Q 73 63.12 43.49 34.93
CA GLY Q 73 62.06 44.44 34.64
C GLY Q 73 60.78 44.27 35.44
N TYR Q 74 60.89 43.97 36.73
CA TYR Q 74 59.69 43.90 37.56
C TYR Q 74 60.04 44.21 39.01
N ASN Q 75 59.06 44.01 39.87
CA ASN Q 75 59.20 44.07 41.33
C ASN Q 75 58.30 43.01 41.94
N ASP Q 76 58.91 41.99 42.55
CA ASP Q 76 58.27 41.10 43.53
C ASP Q 76 57.09 40.33 42.94
N ILE Q 77 57.44 39.32 42.14
CA ILE Q 77 56.48 38.31 41.69
C ILE Q 77 55.73 37.74 42.89
N ASP Q 78 54.43 37.47 42.69
CA ASP Q 78 53.63 36.79 43.72
C ASP Q 78 54.16 35.39 44.01
N ILE Q 79 54.72 34.71 43.03
CA ILE Q 79 55.24 33.37 43.28
C ILE Q 79 56.67 33.49 43.80
N ASP Q 80 57.15 32.41 44.42
CA ASP Q 80 58.35 32.49 45.22
C ASP Q 80 59.60 32.40 44.37
N GLY Q 81 59.62 31.49 43.40
CA GLY Q 81 60.83 31.14 42.69
C GLY Q 81 61.36 32.22 41.77
N LEU Q 82 60.58 33.24 41.47
CA LEU Q 82 61.00 34.30 40.58
C LEU Q 82 61.24 35.61 41.32
N LYS Q 83 61.33 35.56 42.64
CA LYS Q 83 61.63 36.75 43.42
C LYS Q 83 63.08 37.16 43.21
N PRO Q 84 63.37 38.46 43.11
CA PRO Q 84 64.69 38.90 42.61
C PRO Q 84 65.83 38.61 43.56
N ALA Q 85 65.56 38.37 44.85
CA ALA Q 85 66.63 37.96 45.75
C ALA Q 85 67.15 36.58 45.39
N LYS Q 86 66.27 35.70 44.93
CA LYS Q 86 66.73 34.43 44.39
C LYS Q 86 67.44 34.64 43.06
N MET Q 87 66.95 35.59 42.26
CA MET Q 87 67.48 35.78 40.91
C MET Q 87 68.88 36.37 40.95
N ALA Q 88 69.08 37.40 41.78
CA ALA Q 88 70.38 38.03 41.91
C ALA Q 88 71.40 37.09 42.54
N THR Q 89 70.94 36.13 43.33
CA THR Q 89 71.81 35.04 43.76
C THR Q 89 72.21 34.18 42.57
N LEU Q 90 71.26 33.95 41.65
CA LEU Q 90 71.51 33.01 40.56
C LEU Q 90 72.46 33.59 39.53
N PHE Q 91 72.29 34.86 39.17
CA PHE Q 91 73.19 35.47 38.21
C PHE Q 91 74.59 35.67 38.78
N LYS Q 92 74.68 35.93 40.08
CA LYS Q 92 75.97 36.07 40.72
C LYS Q 92 76.74 34.75 40.70
N GLU Q 93 76.02 33.63 40.75
CA GLU Q 93 76.66 32.34 40.52
C GLU Q 93 77.14 32.22 39.09
N ILE Q 94 76.37 32.74 38.13
CA ILE Q 94 76.77 32.65 36.73
C ILE Q 94 77.92 33.60 36.44
N HIS Q 95 77.83 34.82 36.98
CA HIS Q 95 78.88 35.82 36.76
C HIS Q 95 80.20 35.40 37.39
N ASP Q 96 80.15 34.65 38.49
CA ASP Q 96 81.36 34.07 39.02
C ASP Q 96 81.78 32.84 38.25
N HIS Q 97 80.83 32.14 37.65
CA HIS Q 97 81.16 30.98 36.83
C HIS Q 97 81.84 31.41 35.55
N ALA Q 98 81.48 32.57 35.00
CA ALA Q 98 82.06 33.03 33.76
C ALA Q 98 83.49 33.52 33.96
N LEU Q 99 83.75 34.23 35.05
CA LEU Q 99 85.08 34.79 35.31
C LEU Q 99 86.11 33.72 35.60
N SER Q 100 85.70 32.51 35.95
CA SER Q 100 86.64 31.44 36.20
C SER Q 100 87.31 30.96 34.92
N TRP Q 101 86.63 31.10 33.78
CA TRP Q 101 87.09 30.49 32.54
C TRP Q 101 88.38 31.10 32.02
N SER Q 102 88.59 32.39 32.27
CA SER Q 102 89.83 33.04 31.89
C SER Q 102 91.02 32.40 32.59
N GLY Q 103 90.84 32.01 33.85
CA GLY Q 103 91.86 31.22 34.52
C GLY Q 103 91.93 29.82 33.97
N VAL Q 104 90.78 29.23 33.64
CA VAL Q 104 90.73 27.83 33.23
C VAL Q 104 91.39 27.63 31.88
N GLU Q 105 90.98 28.44 30.88
CA GLU Q 105 91.47 28.29 29.53
C GLU Q 105 92.96 28.59 29.44
N SER Q 106 93.44 29.54 30.24
CA SER Q 106 94.88 29.79 30.32
C SER Q 106 95.61 28.61 30.95
N LYS Q 107 94.99 27.93 31.91
CA LYS Q 107 95.59 26.72 32.45
C LYS Q 107 95.55 25.57 31.46
N VAL Q 108 94.51 25.51 30.61
CA VAL Q 108 94.43 24.45 29.62
C VAL Q 108 95.49 24.66 28.54
N GLN Q 109 95.66 25.91 28.11
CA GLN Q 109 96.57 26.21 27.01
C GLN Q 109 98.03 26.01 27.43
N GLN Q 110 98.42 26.61 28.56
CA GLN Q 110 99.82 26.61 28.97
C GLN Q 110 100.28 25.22 29.37
N GLN Q 111 99.38 24.40 29.90
CA GLN Q 111 99.75 23.03 30.24
C GLN Q 111 99.93 22.18 28.99
N SER Q 112 99.02 22.33 28.02
CA SER Q 112 99.06 21.46 26.85
C SER Q 112 100.26 21.74 25.96
N ILE Q 113 100.78 22.97 26.01
CA ILE Q 113 102.07 23.26 25.39
C ILE Q 113 103.17 22.46 26.06
N ASP Q 114 103.15 22.41 27.39
CA ASP Q 114 104.15 21.66 28.14
C ASP Q 114 103.97 20.16 27.93
N LEU Q 115 102.74 19.72 27.73
CA LEU Q 115 102.50 18.31 27.43
C LEU Q 115 103.03 17.92 26.06
N GLU Q 116 103.15 18.88 25.14
CA GLU Q 116 103.79 18.58 23.87
C GLU Q 116 105.31 18.58 23.99
N ASN Q 117 105.86 19.57 24.70
CA ASN Q 117 107.31 19.69 24.84
C ASN Q 117 107.89 18.54 25.65
N ALA Q 118 107.23 18.17 26.74
CA ALA Q 118 107.61 16.94 27.42
C ALA Q 118 107.23 15.72 26.59
N GLY Q 119 106.17 15.84 25.78
CA GLY Q 119 105.75 14.71 24.97
C GLY Q 119 106.69 14.35 23.84
N LYS Q 120 107.60 15.25 23.49
CA LYS Q 120 108.59 14.97 22.45
C LYS Q 120 109.96 14.65 23.02
N GLN Q 121 110.41 15.45 24.00
CA GLN Q 121 111.75 15.30 24.54
C GLN Q 121 111.91 13.97 25.28
N ILE Q 122 110.85 13.50 25.93
CA ILE Q 122 110.84 12.15 26.48
C ILE Q 122 110.81 11.14 25.34
N THR Q 123 109.98 11.39 24.33
CA THR Q 123 109.83 10.43 23.24
C THR Q 123 111.08 10.38 22.37
N LEU Q 124 111.79 11.51 22.22
CA LEU Q 124 113.08 11.48 21.55
C LEU Q 124 114.11 10.69 22.34
N THR Q 125 114.15 10.87 23.66
CA THR Q 125 115.10 10.15 24.47
C THR Q 125 114.73 8.67 24.56
N GLY Q 126 113.44 8.38 24.73
CA GLY Q 126 113.02 7.01 24.99
C GLY Q 126 113.11 6.11 23.77
N ASP Q 127 112.83 6.66 22.58
CA ASP Q 127 112.93 5.85 21.38
C ASP Q 127 114.38 5.55 21.02
N GLU Q 128 115.29 6.47 21.35
CA GLU Q 128 116.71 6.19 21.14
C GLU Q 128 117.23 5.12 22.07
N ILE Q 129 116.71 5.04 23.29
CA ILE Q 129 117.20 4.06 24.25
C ILE Q 129 116.76 2.66 23.87
N ILE Q 130 115.50 2.49 23.45
CA ILE Q 130 115.01 1.18 23.04
C ILE Q 130 115.70 0.72 21.77
N SER Q 131 116.11 1.65 20.92
CA SER Q 131 116.83 1.30 19.69
C SER Q 131 118.23 0.80 20.00
N VAL Q 132 118.98 1.52 20.84
CA VAL Q 132 120.39 1.18 21.04
C VAL Q 132 120.60 -0.05 21.91
N ILE Q 133 119.59 -0.46 22.70
CA ILE Q 133 119.77 -1.66 23.49
C ILE Q 133 119.57 -2.89 22.61
N ASP Q 134 118.75 -2.78 21.57
CA ASP Q 134 118.60 -3.86 20.59
C ASP Q 134 119.86 -4.10 19.78
N GLN Q 135 120.80 -3.15 19.78
CA GLN Q 135 122.13 -3.40 19.23
C GLN Q 135 122.88 -4.46 20.04
N MET Q 136 122.66 -4.49 21.36
CA MET Q 136 123.25 -5.55 22.17
C MET Q 136 122.57 -6.88 21.87
N PRO Q 137 123.31 -7.98 21.86
CA PRO Q 137 122.70 -9.29 21.62
C PRO Q 137 121.96 -9.80 22.85
N ILE Q 138 121.01 -10.69 22.59
CA ILE Q 138 120.15 -11.22 23.63
C ILE Q 138 120.92 -12.11 24.60
N ILE Q 139 122.02 -12.72 24.16
CA ILE Q 139 122.83 -13.54 25.06
C ILE Q 139 123.59 -12.68 26.06
N GLU Q 140 124.17 -11.58 25.61
CA GLU Q 140 124.86 -10.66 26.50
C GLU Q 140 123.91 -9.74 27.24
N ARG Q 141 122.65 -9.69 26.83
CA ARG Q 141 121.67 -8.79 27.42
C ARG Q 141 121.37 -9.18 28.86
N VAL Q 142 121.23 -10.48 29.12
CA VAL Q 142 120.81 -10.94 30.42
C VAL Q 142 121.94 -10.82 31.43
N LYS Q 143 123.18 -11.03 30.98
CA LYS Q 143 124.35 -10.88 31.85
C LYS Q 143 124.57 -9.45 32.31
N ASN Q 144 124.06 -8.48 31.57
CA ASN Q 144 124.12 -7.09 32.00
C ASN Q 144 122.84 -6.71 32.75
N LYS Q 145 122.99 -5.76 33.65
CA LYS Q 145 121.89 -5.19 34.42
C LYS Q 145 121.77 -3.71 34.09
N LEU Q 146 120.81 -3.05 34.73
CA LEU Q 146 120.62 -1.62 34.51
C LEU Q 146 121.77 -0.81 35.10
N GLY Q 147 122.26 -1.21 36.28
CA GLY Q 147 123.35 -0.51 36.93
C GLY Q 147 124.67 -0.60 36.21
N ASP Q 148 124.81 -1.55 35.28
CA ASP Q 148 125.99 -1.61 34.43
C ASP Q 148 126.08 -0.46 33.44
N LEU Q 149 124.95 0.18 33.13
CA LEU Q 149 124.91 1.20 32.08
C LEU Q 149 124.50 2.57 32.62
N THR Q 150 124.58 2.78 33.94
CA THR Q 150 124.31 4.08 34.54
C THR Q 150 125.56 4.93 34.66
N ASP Q 151 126.54 4.73 33.79
CA ASP Q 151 127.86 5.31 33.98
C ASP Q 151 128.26 6.32 32.92
N LYS Q 152 127.49 6.45 31.85
CA LYS Q 152 127.92 7.27 30.73
C LYS Q 152 126.70 7.73 29.94
N GLN Q 153 126.96 8.65 29.01
CA GLN Q 153 125.99 9.03 28.00
C GLN Q 153 125.92 7.90 26.98
N LEU Q 154 124.97 7.00 27.16
CA LEU Q 154 124.88 5.78 26.36
C LEU Q 154 124.47 6.13 24.93
N ALA Q 155 125.44 6.03 24.00
CA ALA Q 155 125.25 6.23 22.56
C ALA Q 155 124.69 7.62 22.25
N GLU Q 156 125.36 8.64 22.79
CA GLU Q 156 125.05 10.08 22.73
C GLU Q 156 123.58 10.43 22.89
N ILE Q 157 122.87 9.69 23.73
CA ILE Q 157 121.48 9.95 24.02
C ILE Q 157 121.42 10.92 25.19
N THR Q 158 120.74 12.04 25.00
CA THR Q 158 120.62 13.03 26.05
C THR Q 158 119.15 13.36 26.29
N TYR Q 159 118.91 14.29 27.21
CA TYR Q 159 117.56 14.68 27.58
C TYR Q 159 117.60 16.10 28.15
N THR Q 160 116.56 16.87 27.87
CA THR Q 160 116.40 18.20 28.42
C THR Q 160 115.17 18.21 29.32
N ASN Q 161 115.32 18.76 30.52
CA ASN Q 161 114.25 18.71 31.51
C ASN Q 161 113.22 19.80 31.25
N ASP Q 162 112.33 19.99 32.23
CA ASP Q 162 111.41 21.13 32.20
C ASP Q 162 112.15 22.43 32.46
N ASP Q 163 113.27 22.37 33.19
CA ASP Q 163 114.01 23.55 33.61
C ASP Q 163 115.03 24.00 32.58
N LYS Q 164 114.90 23.52 31.33
CA LYS Q 164 115.75 23.84 30.19
C LYS Q 164 117.22 23.49 30.41
N GLU Q 165 117.51 22.57 31.33
CA GLU Q 165 118.85 22.05 31.51
C GLU Q 165 118.97 20.68 30.89
N ILE Q 166 120.19 20.31 30.57
CA ILE Q 166 120.43 19.10 29.80
C ILE Q 166 120.94 18.01 30.73
N ALA Q 167 120.67 16.75 30.36
CA ALA Q 167 121.15 15.60 31.08
C ALA Q 167 121.58 14.55 30.06
N VAL Q 168 122.74 13.92 30.29
CA VAL Q 168 123.37 13.07 29.30
C VAL Q 168 123.46 11.61 29.73
N GLU Q 169 123.76 11.35 31.00
CA GLU Q 169 123.99 9.98 31.41
C GLU Q 169 122.69 9.27 31.73
N LEU Q 170 122.68 7.95 31.51
CA LEU Q 170 121.49 7.14 31.69
C LEU Q 170 121.07 7.10 33.15
N GLY Q 171 122.04 7.08 34.06
CA GLY Q 171 121.74 7.17 35.48
C GLY Q 171 121.25 8.53 35.93
N ASN Q 172 121.42 9.56 35.11
CA ASN Q 172 120.93 10.89 35.43
C ASN Q 172 119.67 11.27 34.67
N ILE Q 173 119.50 10.75 33.45
CA ILE Q 173 118.30 11.04 32.67
C ILE Q 173 117.08 10.37 33.30
N LEU Q 174 117.22 9.09 33.66
CA LEU Q 174 116.11 8.34 34.26
C LEU Q 174 115.69 8.92 35.59
N GLU Q 175 116.61 9.54 36.32
CA GLU Q 175 116.26 10.22 37.54
C GLU Q 175 115.69 11.61 37.28
N SER Q 176 116.15 12.27 36.22
CA SER Q 176 115.59 13.57 35.87
C SER Q 176 114.20 13.42 35.27
N MET Q 177 114.01 12.37 34.47
CA MET Q 177 112.69 12.11 33.89
C MET Q 177 111.68 11.69 34.96
N LYS Q 178 112.16 11.04 36.02
CA LYS Q 178 111.28 10.64 37.12
C LYS Q 178 110.75 11.86 37.86
N LYS Q 179 111.58 12.88 38.01
CA LYS Q 179 111.12 14.13 38.60
C LYS Q 179 110.14 14.85 37.67
N ASP Q 180 110.39 14.76 36.36
CA ASP Q 180 109.61 15.55 35.41
C ASP Q 180 108.22 14.95 35.20
N ILE Q 181 108.13 13.63 35.09
CA ILE Q 181 106.84 12.97 34.98
C ILE Q 181 106.02 13.19 36.25
N LYS Q 182 106.68 13.13 37.41
CA LYS Q 182 106.03 13.46 38.67
C LYS Q 182 105.57 14.90 38.71
N ARG Q 183 106.32 15.78 38.04
CA ARG Q 183 105.97 17.19 37.97
C ARG Q 183 104.83 17.47 37.00
N GLN Q 184 104.70 16.67 35.95
CA GLN Q 184 103.65 16.86 34.97
C GLN Q 184 102.31 16.30 35.43
N GLN Q 185 102.32 15.28 36.27
CA GLN Q 185 101.07 14.74 36.78
C GLN Q 185 100.39 15.71 37.73
N GLU Q 186 101.16 16.27 38.66
CA GLU Q 186 100.59 17.19 39.64
C GLU Q 186 100.21 18.53 39.02
N ASN Q 187 100.81 18.89 37.89
CA ASN Q 187 100.27 19.99 37.11
C ASN Q 187 98.97 19.59 36.44
N THR Q 188 98.91 18.36 35.92
CA THR Q 188 97.74 17.91 35.18
C THR Q 188 96.54 17.73 36.10
N GLN Q 189 96.79 17.27 37.33
CA GLN Q 189 95.70 17.15 38.29
C GLN Q 189 95.16 18.50 38.71
N LYS Q 190 96.02 19.52 38.76
CA LYS Q 190 95.54 20.89 38.96
C LYS Q 190 94.72 21.37 37.78
N VAL Q 191 95.00 20.87 36.57
CA VAL Q 191 94.21 21.26 35.41
C VAL Q 191 92.86 20.56 35.43
N LYS Q 192 92.86 19.23 35.60
CA LYS Q 192 91.63 18.46 35.54
C LYS Q 192 90.68 18.81 36.66
N THR Q 193 91.22 19.23 37.81
CA THR Q 193 90.40 19.76 38.88
C THR Q 193 89.64 21.01 38.44
N ALA Q 194 90.35 21.97 37.86
CA ALA Q 194 89.73 23.23 37.48
C ALA Q 194 88.78 23.06 36.30
N VAL Q 195 89.05 22.08 35.42
CA VAL Q 195 88.10 21.76 34.36
C VAL Q 195 86.84 21.18 34.96
N SER Q 196 86.99 20.15 35.80
CA SER Q 196 85.84 19.48 36.39
C SER Q 196 85.11 20.38 37.39
N ASP Q 197 85.84 21.29 38.04
CA ASP Q 197 85.17 22.31 38.85
C ASP Q 197 84.34 23.23 37.97
N PHE Q 198 84.84 23.53 36.77
CA PHE Q 198 84.09 24.39 35.87
C PHE Q 198 82.90 23.64 35.27
N LYS Q 199 83.07 22.35 35.00
CA LYS Q 199 81.95 21.58 34.46
C LYS Q 199 80.89 21.34 35.52
N LEU Q 200 81.30 20.83 36.67
CA LEU Q 200 80.33 20.41 37.67
C LEU Q 200 79.72 21.58 38.42
N LYS Q 201 80.23 22.80 38.24
CA LYS Q 201 79.46 23.94 38.72
C LYS Q 201 78.35 24.27 37.74
N LEU Q 202 78.55 23.92 36.46
CA LEU Q 202 77.52 24.14 35.45
C LEU Q 202 76.45 23.08 35.49
N ILE Q 203 76.85 21.81 35.39
CA ILE Q 203 75.86 20.75 35.32
C ILE Q 203 75.41 20.30 36.71
N GLY Q 204 76.27 20.37 37.71
CA GLY Q 204 75.85 20.02 39.04
C GLY Q 204 76.52 18.76 39.54
N GLY Q 205 76.54 18.62 40.87
CA GLY Q 205 77.15 17.47 41.49
C GLY Q 205 78.18 17.87 42.52
N GLU Q 206 79.04 16.95 42.91
CA GLU Q 206 80.06 17.25 43.90
C GLU Q 206 81.23 17.96 43.24
N LEU Q 207 81.65 19.09 43.82
CA LEU Q 207 82.81 19.80 43.33
C LEU Q 207 84.09 19.14 43.88
N SER Q 208 85.22 19.81 43.70
CA SER Q 208 86.47 19.26 44.22
C SER Q 208 86.56 19.39 45.73
N ASP Q 209 86.00 20.45 46.30
CA ASP Q 209 86.06 20.63 47.74
C ASP Q 209 85.14 19.67 48.47
N GLY Q 210 84.10 19.17 47.80
CA GLY Q 210 83.06 18.38 48.43
C GLY Q 210 81.72 19.08 48.46
N THR Q 211 81.65 20.33 48.04
CA THR Q 211 80.38 21.03 48.01
C THR Q 211 79.54 20.52 46.85
N ILE Q 212 78.33 20.05 47.16
CA ILE Q 212 77.37 19.82 46.10
C ILE Q 212 76.91 21.17 45.58
N ALA Q 213 77.14 21.41 44.30
CA ALA Q 213 76.68 22.61 43.64
C ALA Q 213 75.46 22.26 42.81
N GLN Q 214 74.37 23.01 43.01
CA GLN Q 214 73.23 22.89 42.14
C GLN Q 214 73.63 23.30 40.74
N GLY Q 215 73.14 22.56 39.74
CA GLY Q 215 73.58 22.79 38.39
C GLY Q 215 73.02 24.08 37.82
N LEU Q 216 73.85 24.78 37.05
CA LEU Q 216 73.39 26.02 36.45
C LEU Q 216 72.39 25.75 35.34
N GLN Q 217 72.59 24.68 34.58
CA GLN Q 217 71.63 24.30 33.55
C GLN Q 217 70.25 23.95 34.10
N PRO Q 218 70.08 23.15 35.16
CA PRO Q 218 68.71 22.99 35.70
C PRO Q 218 68.21 24.21 36.44
N GLN Q 219 69.08 25.02 37.04
CA GLN Q 219 68.62 26.25 37.68
C GLN Q 219 68.03 27.22 36.68
N ILE Q 220 68.51 27.23 35.43
CA ILE Q 220 67.81 27.97 34.41
C ILE Q 220 66.51 27.27 34.05
N SER Q 221 66.55 25.94 33.90
CA SER Q 221 65.36 25.19 33.54
C SER Q 221 64.34 25.15 34.68
N SER Q 222 64.77 25.38 35.92
CA SER Q 222 63.81 25.53 37.00
C SER Q 222 63.01 26.82 36.84
N LYS Q 223 63.70 27.92 36.58
CA LYS Q 223 63.02 29.20 36.45
C LYS Q 223 62.20 29.25 35.18
N LYS Q 224 62.73 28.67 34.10
CA LYS Q 224 62.02 28.66 32.82
C LYS Q 224 60.75 27.84 32.90
N LYS Q 225 60.75 26.78 33.71
CA LYS Q 225 59.52 26.06 33.96
C LYS Q 225 58.55 26.88 34.81
N LEU Q 226 59.08 27.71 35.70
CA LEU Q 226 58.20 28.57 36.50
C LEU Q 226 57.57 29.67 35.68
N MET Q 227 58.26 30.14 34.64
CA MET Q 227 57.71 31.22 33.84
C MET Q 227 56.61 30.73 32.91
N ASP Q 228 56.56 29.43 32.63
CA ASP Q 228 55.46 28.90 31.84
C ASP Q 228 54.25 28.61 32.71
N ASP Q 229 54.46 28.06 33.90
CA ASP Q 229 53.38 27.83 34.85
C ASP Q 229 53.12 29.13 35.59
N ASN Q 230 52.21 29.95 35.08
CA ASN Q 230 51.85 31.16 35.77
C ASN Q 230 50.37 31.47 35.54
N ASN Q 231 49.75 32.04 36.57
CA ASN Q 231 48.35 32.43 36.55
C ASN Q 231 48.11 33.78 35.92
N LEU Q 232 49.13 34.35 35.28
CA LEU Q 232 49.04 35.73 34.83
C LEU Q 232 48.08 35.88 33.67
N SER Q 233 47.93 34.84 32.85
CA SER Q 233 46.88 34.85 31.85
C SER Q 233 45.51 34.53 32.43
N THR Q 234 45.44 34.17 33.72
CA THR Q 234 44.19 33.84 34.37
C THR Q 234 43.73 34.91 35.34
N THR Q 235 44.64 35.40 36.20
CA THR Q 235 44.27 36.39 37.20
C THR Q 235 43.88 37.72 36.58
N ILE Q 236 44.50 38.09 35.46
CA ILE Q 236 44.09 39.29 34.73
C ILE Q 236 42.67 39.13 34.22
N LYS Q 237 42.33 37.94 33.73
CA LYS Q 237 40.95 37.66 33.38
C LYS Q 237 40.07 37.58 34.62
N ASP Q 238 40.63 37.15 35.74
CA ASP Q 238 39.86 37.11 36.98
C ASP Q 238 39.65 38.51 37.54
N LEU Q 239 40.67 39.36 37.48
CA LEU Q 239 40.50 40.72 37.97
C LEU Q 239 39.63 41.55 37.06
N GLN Q 240 39.69 41.34 35.75
CA GLN Q 240 38.78 42.04 34.85
C GLN Q 240 37.36 41.52 34.96
N SER Q 241 37.17 40.33 35.53
CA SER Q 241 35.83 39.92 35.91
C SER Q 241 35.30 40.75 37.06
N LYS Q 242 36.15 40.99 38.07
CA LYS Q 242 35.69 41.72 39.25
C LYS Q 242 35.52 43.20 38.98
N ILE Q 243 36.34 43.77 38.11
CA ILE Q 243 36.20 45.17 37.75
C ILE Q 243 34.91 45.37 36.96
N ASP Q 244 34.65 44.50 35.98
CA ASP Q 244 33.38 44.54 35.27
C ASP Q 244 32.21 44.15 36.16
N GLU Q 245 32.46 43.40 37.23
CA GLU Q 245 31.43 43.21 38.24
C GLU Q 245 31.18 44.49 39.02
N LYS Q 246 32.26 45.12 39.50
CA LYS Q 246 32.10 46.31 40.31
C LYS Q 246 31.72 47.53 39.50
N ASN Q 247 31.98 47.54 38.19
CA ASN Q 247 31.46 48.62 37.37
C ASN Q 247 29.95 48.55 37.25
N LYS Q 248 29.39 47.34 37.28
CA LYS Q 248 27.94 47.19 37.20
C LYS Q 248 27.27 47.73 38.46
N GLU Q 249 27.96 47.67 39.60
CA GLU Q 249 27.42 48.27 40.81
C GLU Q 249 27.51 49.79 40.77
N ILE Q 250 28.64 50.32 40.28
CA ILE Q 250 28.83 51.76 40.18
C ILE Q 250 27.84 52.35 39.17
N ASP Q 251 27.65 51.67 38.05
CA ASP Q 251 26.65 52.09 37.07
C ASP Q 251 25.23 51.94 37.60
N GLN Q 252 25.05 51.18 38.66
CA GLN Q 252 23.77 51.10 39.33
C GLN Q 252 23.60 52.13 40.42
N PHE Q 253 24.68 52.47 41.13
CA PHE Q 253 24.56 53.45 42.21
C PHE Q 253 24.40 54.86 41.67
N GLN Q 254 24.86 55.12 40.44
CA GLN Q 254 24.57 56.40 39.80
C GLN Q 254 23.09 56.55 39.55
N LYS Q 255 22.42 55.45 39.19
CA LYS Q 255 20.97 55.44 39.09
C LYS Q 255 20.31 55.69 40.44
N ASP Q 256 20.93 55.21 41.51
CA ASP Q 256 20.36 55.41 42.84
C ASP Q 256 20.47 56.86 43.27
N TYR Q 257 21.67 57.44 43.14
CA TYR Q 257 21.89 58.82 43.55
C TYR Q 257 21.10 59.78 42.68
N ASN Q 258 20.88 59.43 41.42
CA ASN Q 258 20.02 60.26 40.58
C ASN Q 258 18.54 60.01 40.85
N LYS Q 259 18.21 59.06 41.72
CA LYS Q 259 16.82 58.83 42.09
C LYS Q 259 16.49 59.35 43.47
N TYR Q 260 17.35 59.09 44.46
CA TYR Q 260 17.08 59.56 45.82
C TYR Q 260 17.12 61.08 45.90
N VAL Q 261 18.05 61.72 45.19
CA VAL Q 261 18.09 63.17 45.13
C VAL Q 261 16.85 63.70 44.43
N GLY Q 262 16.36 62.97 43.43
CA GLY Q 262 15.06 63.27 42.87
C GLY Q 262 13.95 63.12 43.87
N LEU Q 263 14.04 62.11 44.74
CA LEU Q 263 13.05 61.95 45.78
C LEU Q 263 13.24 62.97 46.89
N ALA Q 264 14.49 63.34 47.19
CA ALA Q 264 14.76 64.21 48.33
C ALA Q 264 14.29 65.63 48.10
N PHE Q 265 14.07 66.04 46.84
CA PHE Q 265 13.56 67.37 46.55
C PHE Q 265 12.04 67.40 46.46
N SER Q 266 11.36 66.53 47.20
CA SER Q 266 9.92 66.44 47.12
C SER Q 266 9.24 67.60 47.82
N GLY Q 267 9.76 68.01 48.97
CA GLY Q 267 9.01 68.71 49.99
C GLY Q 267 8.38 70.05 49.68
N MET Q 268 9.18 71.04 49.31
CA MET Q 268 8.77 72.45 49.37
C MET Q 268 7.77 72.86 48.31
N VAL Q 269 7.09 71.99 47.57
CA VAL Q 269 6.04 72.46 46.67
C VAL Q 269 4.86 73.02 47.48
N GLY Q 270 4.39 72.29 48.48
CA GLY Q 270 3.51 72.87 49.47
C GLY Q 270 3.95 72.52 50.87
N GLY Q 271 4.71 71.43 50.97
CA GLY Q 271 5.15 70.87 52.23
C GLY Q 271 6.51 71.30 52.73
N ILE Q 272 6.61 72.54 53.24
CA ILE Q 272 7.84 73.00 53.88
C ILE Q 272 8.19 72.12 55.09
N ILE Q 273 7.17 71.65 55.81
CA ILE Q 273 7.38 70.68 56.87
C ILE Q 273 7.85 69.35 56.30
N SER Q 274 7.30 68.95 55.16
CA SER Q 274 7.68 67.67 54.55
C SER Q 274 9.04 67.72 53.89
N TRP Q 275 9.60 68.92 53.69
CA TRP Q 275 10.94 69.06 53.14
C TRP Q 275 11.97 68.41 54.06
N ALA Q 276 11.82 68.62 55.36
CA ALA Q 276 12.69 67.94 56.32
C ALA Q 276 12.32 66.48 56.47
N ILE Q 277 11.11 66.08 56.09
CA ILE Q 277 10.69 64.69 56.27
C ILE Q 277 11.38 63.81 55.24
N THR Q 278 11.11 64.04 53.95
CA THR Q 278 11.68 63.19 52.92
C THR Q 278 13.16 63.47 52.72
N GLY Q 279 13.59 64.70 52.97
CA GLY Q 279 15.01 64.98 52.99
C GLY Q 279 15.72 64.29 54.13
N GLY Q 280 15.01 64.08 55.25
CA GLY Q 280 15.58 63.25 56.30
C GLY Q 280 15.61 61.78 55.92
N ILE Q 281 14.59 61.34 55.20
CA ILE Q 281 14.52 59.94 54.78
C ILE Q 281 15.49 59.67 53.64
N PHE Q 282 15.32 60.38 52.54
CA PHE Q 282 16.02 60.06 51.30
C PHE Q 282 17.37 60.74 51.19
N GLY Q 283 17.51 61.93 51.78
CA GLY Q 283 18.78 62.63 51.69
C GLY Q 283 19.90 61.96 52.45
N ASP Q 284 19.55 61.17 53.47
CA ASP Q 284 20.52 60.24 54.04
C ASP Q 284 20.89 59.18 53.02
N LYS Q 285 19.90 58.56 52.41
CA LYS Q 285 20.16 57.44 51.51
C LYS Q 285 20.78 57.92 50.21
N ALA Q 286 20.51 59.16 49.81
CA ALA Q 286 21.27 59.77 48.73
C ALA Q 286 22.73 59.93 49.13
N GLU Q 287 22.96 60.38 50.36
CA GLU Q 287 24.33 60.59 50.83
C GLU Q 287 25.04 59.26 51.03
N LYS Q 288 24.33 58.24 51.50
CA LYS Q 288 24.97 56.95 51.74
C LYS Q 288 25.33 56.26 50.43
N ALA Q 289 24.43 56.32 49.44
CA ALA Q 289 24.74 55.73 48.14
C ALA Q 289 25.86 56.49 47.45
N ARG Q 290 25.95 57.80 47.68
CA ARG Q 290 27.04 58.57 47.13
C ARG Q 290 28.36 58.21 47.80
N LYS Q 291 28.32 57.88 49.10
CA LYS Q 291 29.53 57.42 49.77
C LYS Q 291 29.94 56.04 49.29
N GLN Q 292 28.96 55.21 48.91
CA GLN Q 292 29.29 53.98 48.22
C GLN Q 292 29.87 54.28 46.84
N LYS Q 293 29.34 55.30 46.19
CA LYS Q 293 29.88 55.75 44.92
C LYS Q 293 31.27 56.36 45.09
N ASN Q 294 31.54 56.99 46.24
CA ASN Q 294 32.90 57.43 46.52
C ASN Q 294 33.83 56.24 46.69
N LYS Q 295 33.38 55.22 47.41
CA LYS Q 295 34.27 54.14 47.81
C LYS Q 295 34.58 53.20 46.66
N LEU Q 296 33.59 52.85 45.85
CA LEU Q 296 33.79 51.81 44.86
C LEU Q 296 34.60 52.31 43.67
N ILE Q 297 34.40 53.56 43.27
CA ILE Q 297 35.19 54.14 42.18
C ILE Q 297 36.66 54.20 42.57
N ASP Q 298 36.93 54.51 43.84
CA ASP Q 298 38.31 54.48 44.31
C ASP Q 298 38.86 53.06 44.37
N GLU Q 299 37.98 52.07 44.59
CA GLU Q 299 38.46 50.69 44.57
C GLU Q 299 38.72 50.19 43.16
N VAL Q 300 37.82 50.53 42.23
CA VAL Q 300 37.99 50.13 40.83
C VAL Q 300 39.23 50.79 40.24
N LYS Q 301 39.48 52.06 40.61
CA LYS Q 301 40.72 52.73 40.25
C LYS Q 301 41.93 52.01 40.83
N ASP Q 302 41.79 51.44 42.02
CA ASP Q 302 42.88 50.65 42.58
C ASP Q 302 42.93 49.26 41.97
N LEU Q 303 41.77 48.68 41.63
CA LEU Q 303 41.79 47.36 41.01
C LEU Q 303 42.28 47.42 39.57
N GLN Q 304 41.99 48.52 38.87
CA GLN Q 304 42.54 48.70 37.53
C GLN Q 304 44.05 48.83 37.57
N SER Q 305 44.58 49.46 38.64
CA SER Q 305 46.01 49.64 38.78
C SER Q 305 46.73 48.32 39.01
N GLN Q 306 46.06 47.33 39.61
CA GLN Q 306 46.66 46.01 39.71
C GLN Q 306 46.72 45.33 38.35
N VAL Q 307 45.68 45.54 37.53
CA VAL Q 307 45.64 44.93 36.20
C VAL Q 307 46.71 45.54 35.32
N LYS Q 308 46.95 46.84 35.47
CA LYS Q 308 47.97 47.52 34.68
C LYS Q 308 49.36 46.99 34.99
N ASP Q 309 49.64 46.74 36.27
CA ASP Q 309 50.95 46.22 36.64
C ASP Q 309 51.09 44.75 36.27
N LYS Q 310 50.02 43.98 36.42
CA LYS Q 310 50.10 42.57 36.08
C LYS Q 310 50.14 42.35 34.58
N SER Q 311 49.53 43.25 33.80
CA SER Q 311 49.70 43.18 32.36
C SER Q 311 51.13 43.52 31.98
N ALA Q 312 51.72 44.51 32.63
CA ALA Q 312 53.14 44.78 32.47
C ALA Q 312 53.99 43.68 33.07
N LEU Q 313 53.46 42.96 34.06
CA LEU Q 313 54.21 41.83 34.62
C LEU Q 313 54.26 40.67 33.65
N GLN Q 314 53.13 40.33 33.04
CA GLN Q 314 53.06 39.20 32.12
C GLN Q 314 53.90 39.44 30.89
N THR Q 315 54.00 40.69 30.45
CA THR Q 315 54.95 41.04 29.39
C THR Q 315 56.38 40.89 29.88
N SER Q 316 56.63 41.25 31.14
CA SER Q 316 57.98 41.23 31.67
C SER Q 316 58.49 39.81 31.85
N VAL Q 317 57.61 38.89 32.24
CA VAL Q 317 58.01 37.51 32.45
C VAL Q 317 58.25 36.82 31.11
N GLN Q 318 57.32 37.00 30.18
CA GLN Q 318 57.37 36.33 28.89
C GLN Q 318 58.56 36.80 28.06
N ASN Q 319 58.96 38.06 28.23
CA ASN Q 319 60.22 38.51 27.64
C ASN Q 319 61.41 37.87 28.34
N LEU Q 320 61.31 37.72 29.66
CA LEU Q 320 62.43 37.18 30.43
C LEU Q 320 62.62 35.70 30.15
N SER Q 321 61.54 35.00 29.79
CA SER Q 321 61.63 33.60 29.42
C SER Q 321 62.52 33.41 28.20
N LEU Q 322 62.45 34.35 27.25
CA LEU Q 322 63.30 34.27 26.08
C LEU Q 322 64.75 34.57 26.43
N SER Q 323 64.96 35.40 27.46
CA SER Q 323 66.32 35.71 27.88
C SER Q 323 67.00 34.47 28.44
N PHE Q 324 66.30 33.74 29.30
CA PHE Q 324 66.83 32.49 29.81
C PHE Q 324 66.89 31.41 28.76
N ALA Q 325 66.06 31.49 27.73
CA ALA Q 325 66.02 30.47 26.69
C ALA Q 325 67.33 30.40 25.93
N GLY Q 326 67.91 31.55 25.59
CA GLY Q 326 69.23 31.55 25.00
C GLY Q 326 70.29 31.12 26.00
N ILE Q 327 70.18 31.58 27.25
CA ILE Q 327 71.10 31.20 28.31
C ILE Q 327 71.06 29.70 28.53
N HIS Q 328 69.87 29.12 28.50
CA HIS Q 328 69.75 27.67 28.54
C HIS Q 328 70.34 27.03 27.29
N THR Q 329 70.16 27.67 26.14
CA THR Q 329 70.71 27.12 24.91
C THR Q 329 72.23 27.24 24.88
N SER Q 330 72.77 28.29 25.49
CA SER Q 330 74.21 28.41 25.61
C SER Q 330 74.80 27.36 26.54
N MET Q 331 74.06 26.98 27.58
CA MET Q 331 74.57 26.01 28.53
C MET Q 331 74.53 24.59 27.99
N VAL Q 332 73.54 24.28 27.15
CA VAL Q 332 73.47 22.96 26.54
C VAL Q 332 74.65 22.72 25.62
N ASP Q 333 75.05 23.75 24.87
CA ASP Q 333 76.26 23.62 24.06
C ASP Q 333 77.51 23.63 24.94
N ALA Q 334 77.47 24.37 26.04
CA ALA Q 334 78.56 24.31 27.00
C ALA Q 334 78.55 23.00 27.78
N GLU Q 335 77.40 22.34 27.86
CA GLU Q 335 77.32 21.02 28.49
C GLU Q 335 78.12 20.00 27.71
N GLU Q 336 77.82 19.88 26.42
CA GLU Q 336 78.46 18.87 25.58
C GLU Q 336 79.94 19.15 25.40
N ALA Q 337 80.32 20.43 25.34
CA ALA Q 337 81.70 20.79 25.06
C ALA Q 337 82.62 20.41 26.20
N LEU Q 338 82.21 20.66 27.44
CA LEU Q 338 83.05 20.35 28.58
C LEU Q 338 83.18 18.85 28.79
N ASN Q 339 82.15 18.08 28.43
CA ASN Q 339 82.22 16.64 28.58
C ASN Q 339 83.29 16.04 27.68
N HIS Q 340 83.43 16.56 26.47
CA HIS Q 340 84.52 16.12 25.63
C HIS Q 340 85.85 16.68 26.12
N LEU Q 341 85.82 17.86 26.75
CA LEU Q 341 87.04 18.42 27.30
C LEU Q 341 87.52 17.63 28.50
N ASP Q 342 86.60 17.26 29.40
CA ASP Q 342 86.95 16.51 30.59
C ASP Q 342 87.48 15.13 30.23
N PHE Q 343 86.91 14.50 29.21
CA PHE Q 343 87.29 13.14 28.87
C PHE Q 343 88.67 13.08 28.24
N MET Q 344 89.11 14.15 27.59
CA MET Q 344 90.47 14.15 27.07
C MET Q 344 91.50 14.38 28.16
N TRP Q 345 91.21 15.28 29.10
CA TRP Q 345 92.12 15.46 30.22
C TRP Q 345 92.12 14.24 31.13
N ASN Q 346 90.97 13.60 31.29
CA ASN Q 346 90.91 12.37 32.07
C ASN Q 346 91.69 11.26 31.39
N THR Q 347 91.70 11.25 30.05
CA THR Q 347 92.56 10.32 29.33
C THR Q 347 94.02 10.66 29.54
N MET Q 348 94.36 11.95 29.53
CA MET Q 348 95.76 12.34 29.68
C MET Q 348 96.22 12.17 31.12
N LEU Q 349 95.38 12.52 32.08
CA LEU Q 349 95.77 12.37 33.49
C LEU Q 349 95.91 10.90 33.87
N THR Q 350 95.16 10.02 33.20
CA THR Q 350 95.37 8.59 33.37
C THR Q 350 96.73 8.18 32.84
N GLN Q 351 97.04 8.59 31.61
CA GLN Q 351 98.23 8.08 30.94
C GLN Q 351 99.51 8.64 31.52
N ILE Q 352 99.46 9.84 32.11
CA ILE Q 352 100.61 10.32 32.85
C ILE Q 352 100.77 9.53 34.14
N THR Q 353 99.65 9.22 34.80
CA THR Q 353 99.71 8.52 36.08
C THR Q 353 100.20 7.09 35.91
N THR Q 354 99.67 6.37 34.93
CA THR Q 354 100.11 5.00 34.72
C THR Q 354 101.52 4.96 34.11
N SER Q 355 101.99 6.07 33.56
CA SER Q 355 103.39 6.13 33.17
C SER Q 355 104.29 6.25 34.39
N ARG Q 356 103.91 7.10 35.34
CA ARG Q 356 104.76 7.36 36.49
C ARG Q 356 104.86 6.15 37.41
N ASP Q 357 103.74 5.47 37.64
CA ASP Q 357 103.71 4.38 38.59
C ASP Q 357 104.47 3.17 38.07
N LYS Q 358 104.42 2.92 36.77
CA LYS Q 358 105.23 1.85 36.20
C LYS Q 358 106.70 2.25 36.14
N PHE Q 359 106.98 3.55 36.06
CA PHE Q 359 108.36 4.02 36.01
C PHE Q 359 109.04 3.93 37.37
N ASP Q 360 108.26 3.77 38.45
CA ASP Q 360 108.82 3.62 39.78
C ASP Q 360 109.41 2.24 40.01
N ASP Q 361 109.16 1.30 39.10
CA ASP Q 361 109.82 0.00 39.15
C ASP Q 361 111.26 0.05 38.69
N ILE Q 362 111.68 1.16 38.08
CA ILE Q 362 113.01 1.27 37.50
C ILE Q 362 114.04 1.45 38.61
N ASN Q 363 114.94 0.48 38.74
CA ASN Q 363 116.07 0.56 39.65
C ASN Q 363 117.19 -0.29 39.09
N ASP Q 364 118.39 -0.10 39.63
CA ASP Q 364 119.61 -0.69 39.09
C ASP Q 364 119.64 -2.21 39.21
N ALA Q 365 118.81 -2.79 40.08
CA ALA Q 365 118.74 -4.24 40.21
C ALA Q 365 118.04 -4.91 39.03
N LEU Q 366 117.41 -4.14 38.15
CA LEU Q 366 116.74 -4.72 36.99
C LEU Q 366 117.76 -5.23 35.98
N LYS Q 367 117.63 -6.49 35.60
CA LYS Q 367 118.41 -6.99 34.49
C LYS Q 367 117.89 -6.40 33.19
N LEU Q 368 118.74 -6.44 32.16
CA LEU Q 368 118.65 -5.47 31.09
C LEU Q 368 117.51 -5.76 30.12
N THR Q 369 117.09 -7.03 29.97
CA THR Q 369 115.90 -7.31 29.18
C THR Q 369 114.65 -6.82 29.90
N SER Q 370 114.56 -7.11 31.20
CA SER Q 370 113.44 -6.66 32.01
C SER Q 370 113.39 -5.15 32.16
N PHE Q 371 114.52 -4.45 31.97
CA PHE Q 371 114.49 -3.00 31.97
C PHE Q 371 113.78 -2.45 30.75
N VAL Q 372 113.97 -3.09 29.59
CA VAL Q 372 113.49 -2.54 28.33
C VAL Q 372 111.97 -2.57 28.27
N ILE Q 373 111.40 -3.76 28.50
CA ILE Q 373 109.95 -3.95 28.48
C ILE Q 373 109.27 -3.11 29.54
N ALA Q 374 109.93 -2.92 30.69
CA ALA Q 374 109.45 -1.96 31.68
C ALA Q 374 109.51 -0.54 31.13
N PHE Q 375 110.64 -0.15 30.54
CA PHE Q 375 110.80 1.22 30.08
C PHE Q 375 110.00 1.47 28.80
N LYS Q 376 109.82 0.45 27.97
CA LYS Q 376 108.95 0.57 26.81
C LYS Q 376 107.51 0.79 27.24
N GLN Q 377 107.11 0.15 28.34
CA GLN Q 377 105.77 0.36 28.88
C GLN Q 377 105.58 1.78 29.40
N VAL Q 378 106.67 2.45 29.80
CA VAL Q 378 106.58 3.81 30.29
C VAL Q 378 106.25 4.77 29.16
N ILE Q 379 106.92 4.62 28.02
CA ILE Q 379 106.83 5.65 26.98
C ILE Q 379 105.61 5.50 26.08
N GLU Q 380 104.98 4.32 26.05
CA GLU Q 380 103.79 4.14 25.20
C GLU Q 380 102.59 5.00 25.56
N PRO Q 381 102.32 5.37 26.83
CA PRO Q 381 101.35 6.45 27.04
C PRO Q 381 101.82 7.81 26.55
N TRP Q 382 103.13 8.05 26.51
CA TRP Q 382 103.60 9.35 26.05
C TRP Q 382 103.49 9.54 24.56
N ARG Q 383 103.24 8.47 23.79
CA ARG Q 383 102.90 8.66 22.39
C ARG Q 383 101.54 9.33 22.24
N ASP Q 384 100.58 8.93 23.08
CA ASP Q 384 99.23 9.44 22.94
C ASP Q 384 99.06 10.82 23.55
N VAL Q 385 99.75 11.09 24.65
CA VAL Q 385 99.70 12.41 25.26
C VAL Q 385 100.34 13.44 24.34
N GLN Q 386 101.41 13.04 23.65
CA GLN Q 386 101.93 13.84 22.55
C GLN Q 386 100.88 14.00 21.46
N GLY Q 387 100.15 12.93 21.15
CA GLY Q 387 99.13 13.01 20.13
C GLY Q 387 97.89 13.77 20.59
N SER Q 388 97.58 13.72 21.88
CA SER Q 388 96.38 14.39 22.36
C SER Q 388 96.59 15.90 22.43
N ALA Q 389 97.77 16.33 22.87
CA ALA Q 389 98.07 17.76 22.88
C ALA Q 389 98.18 18.30 21.47
N ALA Q 390 98.72 17.49 20.54
CA ALA Q 390 98.74 17.88 19.14
C ALA Q 390 97.33 17.99 18.59
N GLN Q 391 96.44 17.05 18.97
CA GLN Q 391 95.03 17.22 18.63
C GLN Q 391 94.38 18.34 19.39
N LEU Q 392 94.98 18.79 20.50
CA LEU Q 392 94.35 19.86 21.25
C LEU Q 392 94.81 21.23 20.76
N ILE Q 393 96.12 21.44 20.65
CA ILE Q 393 96.66 22.76 20.33
C ILE Q 393 96.27 23.18 18.92
N GLN Q 394 96.27 22.22 17.98
CA GLN Q 394 95.76 22.49 16.63
C GLN Q 394 94.28 22.87 16.66
N THR Q 395 93.50 22.22 17.51
CA THR Q 395 92.10 22.57 17.68
C THR Q 395 91.87 23.60 18.79
N PHE Q 396 92.92 24.35 19.15
CA PHE Q 396 92.78 25.40 20.15
C PHE Q 396 93.00 26.77 19.55
N ASP Q 397 94.14 26.97 18.89
CA ASP Q 397 94.46 28.29 18.35
C ASP Q 397 93.61 28.60 17.13
N GLU Q 398 93.18 27.58 16.40
CA GLU Q 398 92.30 27.79 15.26
C GLU Q 398 90.93 28.28 15.69
N ALA Q 399 90.51 27.93 16.90
CA ALA Q 399 89.27 28.49 17.42
C ALA Q 399 89.46 29.86 18.04
N LEU Q 400 90.70 30.25 18.33
CA LEU Q 400 90.92 31.56 18.93
C LEU Q 400 90.75 32.68 17.91
N ALA Q 401 91.46 32.58 16.78
CA ALA Q 401 91.32 33.59 15.74
C ALA Q 401 89.94 33.57 15.10
N GLU Q 402 89.32 32.39 15.03
CA GLU Q 402 87.96 32.28 14.55
C GLU Q 402 86.98 32.95 15.51
N TYR Q 403 87.29 32.97 16.80
CA TYR Q 403 86.43 33.65 17.77
C TYR Q 403 86.41 35.17 17.57
N LYS Q 404 87.44 35.73 16.91
CA LYS Q 404 87.44 37.13 16.53
C LYS Q 404 86.54 37.43 15.33
N LYS Q 405 85.75 36.46 14.87
CA LYS Q 405 84.93 36.61 13.69
C LYS Q 405 83.47 36.34 14.03
N GLY R 41 28.61 21.71 -86.32
CA GLY R 41 29.56 22.71 -85.87
C GLY R 41 29.50 22.95 -84.38
N ILE R 42 30.45 23.74 -83.86
CA ILE R 42 30.48 24.05 -82.44
C ILE R 42 29.62 25.28 -82.15
N PHE R 43 29.83 26.35 -82.91
CA PHE R 43 29.07 27.58 -82.78
C PHE R 43 27.73 27.36 -83.47
N THR R 44 26.71 27.01 -82.67
CA THR R 44 25.42 26.64 -83.23
C THR R 44 24.63 27.88 -83.62
N LYS R 45 23.47 27.65 -84.25
CA LYS R 45 22.60 28.76 -84.61
C LYS R 45 21.96 29.38 -83.37
N GLY R 46 21.76 28.60 -82.32
CA GLY R 46 21.26 29.15 -81.08
C GLY R 46 22.27 30.01 -80.36
N ASP R 47 23.55 29.77 -80.59
CA ASP R 47 24.59 30.62 -80.01
C ASP R 47 24.52 32.02 -80.60
N LEU R 48 24.40 32.11 -81.92
CA LEU R 48 24.42 33.40 -82.61
C LEU R 48 23.16 34.19 -82.31
N ILE R 49 22.06 33.52 -82.00
CA ILE R 49 20.86 34.22 -81.57
C ILE R 49 21.06 34.83 -80.20
N ASN R 50 21.65 34.06 -79.27
CA ASN R 50 21.85 34.51 -77.90
C ASN R 50 22.73 35.74 -77.82
N ILE R 51 23.67 35.88 -78.75
CA ILE R 51 24.43 37.11 -78.86
C ILE R 51 23.53 38.23 -79.37
N LYS R 52 22.80 37.98 -80.46
CA LYS R 52 21.98 39.02 -81.05
C LYS R 52 20.78 39.35 -80.18
N LEU R 53 20.34 38.43 -79.32
CA LEU R 53 19.43 38.81 -78.26
C LEU R 53 20.07 39.78 -77.29
N TYR R 54 21.32 39.50 -76.91
CA TYR R 54 22.03 40.37 -75.99
C TYR R 54 22.32 41.73 -76.63
N VAL R 55 22.58 41.74 -77.93
CA VAL R 55 22.79 43.02 -78.62
C VAL R 55 21.49 43.80 -78.69
N LYS R 56 20.36 43.10 -78.90
CA LYS R 56 19.07 43.77 -79.03
C LYS R 56 18.65 44.42 -77.72
N HIS R 57 18.72 43.68 -76.63
CA HIS R 57 18.28 44.22 -75.36
C HIS R 57 19.23 45.24 -74.78
N SER R 58 20.51 45.22 -75.18
CA SER R 58 21.45 46.20 -74.66
C SER R 58 21.23 47.56 -75.27
N LEU R 59 20.86 47.62 -76.55
CA LEU R 59 20.59 48.89 -77.20
C LEU R 59 19.34 49.55 -76.65
N GLU R 60 18.44 48.78 -76.04
CA GLU R 60 17.30 49.34 -75.35
C GLU R 60 17.72 50.15 -74.13
N LEU R 61 18.86 49.83 -73.54
CA LEU R 61 19.30 50.50 -72.34
C LEU R 61 19.78 51.91 -72.65
N PRO R 62 19.46 52.89 -71.82
CA PRO R 62 19.91 54.25 -72.06
C PRO R 62 21.39 54.39 -71.72
N PHE R 63 21.97 55.48 -72.23
CA PHE R 63 23.38 55.75 -71.99
C PHE R 63 23.68 57.18 -71.60
N THR R 64 22.70 58.08 -71.63
CA THR R 64 22.92 59.41 -71.11
C THR R 64 22.88 59.38 -69.59
N LEU R 65 23.36 60.46 -68.97
CA LEU R 65 23.24 60.57 -67.53
C LEU R 65 21.79 60.75 -67.11
N GLU R 66 21.00 61.47 -67.89
CA GLU R 66 19.59 61.66 -67.57
C GLU R 66 18.77 60.42 -67.83
N GLY R 67 18.99 59.77 -68.97
CA GLY R 67 18.16 58.63 -69.35
C GLY R 67 18.40 57.41 -68.48
N VAL R 68 19.63 57.21 -68.03
CA VAL R 68 19.89 56.17 -67.03
C VAL R 68 19.22 56.53 -65.72
N LYS R 69 19.27 57.81 -65.34
CA LYS R 69 18.68 58.29 -64.09
C LYS R 69 17.17 58.13 -64.09
N GLU R 70 16.54 58.22 -65.25
CA GLU R 70 15.13 57.91 -65.39
C GLU R 70 14.89 56.41 -65.34
N TYR R 71 15.77 55.63 -65.98
CA TYR R 71 15.61 54.18 -66.08
C TYR R 71 15.74 53.50 -64.72
N ILE R 72 16.57 54.06 -63.84
CA ILE R 72 16.73 53.48 -62.52
C ILE R 72 15.68 54.01 -61.55
N GLY R 73 15.08 55.15 -61.86
CA GLY R 73 13.95 55.66 -61.10
C GLY R 73 14.24 56.09 -59.68
N TYR R 74 15.37 56.74 -59.44
CA TYR R 74 15.65 57.27 -58.11
C TYR R 74 16.58 58.47 -58.21
N ASN R 75 17.02 58.92 -57.03
CA ASN R 75 18.05 59.95 -56.88
C ASN R 75 18.91 59.59 -55.67
N ASP R 76 20.17 59.25 -55.92
CA ASP R 76 21.25 59.27 -54.92
C ASP R 76 20.99 58.31 -53.75
N ILE R 77 21.18 57.02 -54.04
CA ILE R 77 21.23 55.99 -53.01
C ILE R 77 22.22 56.38 -51.93
N ASP R 78 21.88 56.06 -50.68
CA ASP R 78 22.80 56.27 -49.57
C ASP R 78 24.07 55.44 -49.71
N ILE R 79 23.99 54.26 -50.32
CA ILE R 79 25.18 53.44 -50.48
C ILE R 79 25.88 53.87 -51.77
N ASP R 80 27.16 53.50 -51.87
CA ASP R 80 28.02 54.09 -52.87
C ASP R 80 27.86 53.43 -54.23
N GLY R 81 27.77 52.10 -54.25
CA GLY R 81 27.85 51.36 -55.49
C GLY R 81 26.67 51.52 -56.42
N LEU R 82 25.56 52.07 -55.93
CA LEU R 82 24.38 52.25 -56.75
C LEU R 82 24.11 53.71 -57.09
N LYS R 83 25.11 54.57 -56.89
CA LYS R 83 24.98 55.97 -57.26
C LYS R 83 24.98 56.11 -58.77
N PRO R 84 24.16 57.00 -59.34
CA PRO R 84 23.92 56.99 -60.79
C PRO R 84 25.11 57.39 -61.62
N ALA R 85 26.09 58.09 -61.04
CA ALA R 85 27.30 58.41 -61.79
C ALA R 85 28.09 57.14 -62.08
N LYS R 86 28.09 56.18 -61.16
CA LYS R 86 28.66 54.87 -61.45
C LYS R 86 27.80 54.12 -62.45
N MET R 87 26.48 54.29 -62.36
CA MET R 87 25.56 53.51 -63.17
C MET R 87 25.62 53.96 -64.62
N ALA R 88 25.59 55.28 -64.85
CA ALA R 88 25.66 55.81 -66.20
C ALA R 88 27.01 55.55 -66.85
N THR R 89 28.05 55.37 -66.04
CA THR R 89 29.30 54.86 -66.56
C THR R 89 29.15 53.42 -67.01
N LEU R 90 28.38 52.64 -66.26
CA LEU R 90 28.28 51.21 -66.52
C LEU R 90 27.47 50.92 -67.78
N PHE R 91 26.34 51.62 -67.95
CA PHE R 91 25.54 51.40 -69.14
C PHE R 91 26.22 51.92 -70.39
N LYS R 92 26.99 53.00 -70.26
CA LYS R 92 27.74 53.52 -71.39
C LYS R 92 28.80 52.53 -71.85
N GLU R 93 29.35 51.74 -70.93
CA GLU R 93 30.21 50.65 -71.33
C GLU R 93 29.43 49.58 -72.07
N ILE R 94 28.19 49.32 -71.63
CA ILE R 94 27.38 48.30 -72.29
C ILE R 94 26.89 48.79 -73.65
N HIS R 95 26.46 50.05 -73.70
CA HIS R 95 25.97 50.63 -74.95
C HIS R 95 27.07 50.75 -75.99
N ASP R 96 28.31 50.93 -75.56
CA ASP R 96 29.43 50.87 -76.50
C ASP R 96 29.80 49.42 -76.81
N HIS R 97 29.55 48.51 -75.87
CA HIS R 97 29.81 47.10 -76.13
C HIS R 97 28.84 46.54 -77.13
N ALA R 98 27.60 47.04 -77.14
CA ALA R 98 26.59 46.52 -78.06
C ALA R 98 26.84 47.00 -79.48
N LEU R 99 27.23 48.26 -79.64
CA LEU R 99 27.44 48.84 -80.97
C LEU R 99 28.64 48.24 -81.68
N SER R 100 29.55 47.60 -80.96
CA SER R 100 30.69 46.97 -81.60
C SER R 100 30.30 45.74 -82.40
N TRP R 101 29.20 45.08 -82.02
CA TRP R 101 28.86 43.78 -82.58
C TRP R 101 28.48 43.87 -84.06
N SER R 102 27.88 44.99 -84.47
CA SER R 102 27.56 45.20 -85.88
C SER R 102 28.82 45.20 -86.74
N GLY R 103 29.90 45.77 -86.22
CA GLY R 103 31.18 45.63 -86.89
C GLY R 103 31.73 44.23 -86.78
N VAL R 104 31.53 43.57 -85.63
CA VAL R 104 32.14 42.27 -85.39
C VAL R 104 31.50 41.20 -86.26
N GLU R 105 30.17 41.13 -86.24
CA GLU R 105 29.45 40.10 -86.97
C GLU R 105 29.63 40.24 -88.48
N SER R 106 29.72 41.48 -88.96
CA SER R 106 30.04 41.71 -90.37
C SER R 106 31.46 41.26 -90.69
N LYS R 107 32.38 41.41 -89.75
CA LYS R 107 33.73 40.88 -89.96
C LYS R 107 33.77 39.37 -89.89
N VAL R 108 32.91 38.76 -89.07
CA VAL R 108 32.87 37.31 -89.00
C VAL R 108 32.29 36.73 -90.27
N GLN R 109 31.22 37.35 -90.78
CA GLN R 109 30.53 36.82 -91.95
C GLN R 109 31.38 36.94 -93.21
N GLN R 110 31.89 38.15 -93.48
CA GLN R 110 32.59 38.41 -94.73
C GLN R 110 33.92 37.66 -94.79
N GLN R 111 34.56 37.43 -93.65
CA GLN R 111 35.79 36.65 -93.65
C GLN R 111 35.52 35.18 -93.90
N SER R 112 34.47 34.63 -93.28
CA SER R 112 34.22 33.20 -93.38
C SER R 112 33.76 32.79 -94.77
N ILE R 113 33.15 33.73 -95.52
CA ILE R 113 32.91 33.50 -96.94
C ILE R 113 34.23 33.36 -97.68
N ASP R 114 35.19 34.23 -97.37
CA ASP R 114 36.49 34.18 -98.01
C ASP R 114 37.26 32.94 -97.58
N LEU R 115 37.04 32.48 -96.35
CA LEU R 115 37.67 31.24 -95.90
C LEU R 115 37.12 30.03 -96.63
N GLU R 116 35.89 30.11 -97.12
CA GLU R 116 35.38 29.02 -97.95
C GLU R 116 35.91 29.09 -99.37
N ASN R 117 35.93 30.29 -99.95
CA ASN R 117 36.38 30.48 -101.33
C ASN R 117 37.86 30.17 -101.48
N ALA R 118 38.67 30.64 -100.54
CA ALA R 118 40.06 30.19 -100.51
C ALA R 118 40.15 28.75 -100.06
N GLY R 119 39.19 28.29 -99.26
CA GLY R 119 39.22 26.91 -98.78
C GLY R 119 38.95 25.88 -99.85
N LYS R 120 38.39 26.28 -100.98
CA LYS R 120 38.12 25.37 -102.09
C LYS R 120 39.13 25.51 -103.20
N GLN R 121 39.44 26.75 -103.60
CA GLN R 121 40.32 26.99 -104.73
C GLN R 121 41.74 26.53 -104.46
N ILE R 122 42.18 26.63 -103.21
CA ILE R 122 43.44 26.01 -102.81
C ILE R 122 43.30 24.50 -102.81
N THR R 123 42.18 23.99 -102.29
CA THR R 123 41.98 22.56 -102.17
C THR R 123 41.76 21.92 -103.54
N LEU R 124 41.14 22.64 -104.48
CA LEU R 124 41.06 22.16 -105.85
C LEU R 124 42.44 22.09 -106.50
N THR R 125 43.26 23.13 -106.30
CA THR R 125 44.59 23.14 -106.89
C THR R 125 45.50 22.12 -106.21
N GLY R 126 45.41 22.03 -104.88
CA GLY R 126 46.36 21.20 -104.15
C GLY R 126 46.11 19.72 -104.31
N ASP R 127 44.84 19.32 -104.41
CA ASP R 127 44.54 17.90 -104.59
C ASP R 127 44.91 17.43 -105.99
N GLU R 128 44.82 18.31 -106.98
CA GLU R 128 45.26 17.97 -108.33
C GLU R 128 46.77 17.79 -108.41
N ILE R 129 47.52 18.58 -107.63
CA ILE R 129 48.98 18.51 -107.70
C ILE R 129 49.48 17.22 -107.07
N ILE R 130 48.93 16.83 -105.92
CA ILE R 130 49.34 15.58 -105.26
C ILE R 130 48.95 14.38 -106.10
N SER R 131 47.86 14.48 -106.87
CA SER R 131 47.45 13.39 -107.74
C SER R 131 48.39 13.22 -108.91
N VAL R 132 48.74 14.31 -109.60
CA VAL R 132 49.52 14.18 -110.83
C VAL R 132 50.98 13.87 -110.59
N ILE R 133 51.50 14.11 -109.38
CA ILE R 133 52.90 13.77 -109.14
C ILE R 133 53.01 12.26 -108.87
N ASP R 134 51.96 11.64 -108.33
CA ASP R 134 51.94 10.19 -108.18
C ASP R 134 51.89 9.46 -109.51
N GLN R 135 51.55 10.14 -110.61
CA GLN R 135 51.72 9.58 -111.93
C GLN R 135 53.19 9.34 -112.26
N MET R 136 54.08 10.22 -111.77
CA MET R 136 55.51 9.99 -111.94
C MET R 136 55.95 8.81 -111.08
N PRO R 137 56.88 7.99 -111.57
CA PRO R 137 57.37 6.87 -110.77
C PRO R 137 58.35 7.34 -109.71
N ILE R 138 58.46 6.51 -108.66
CA ILE R 138 59.30 6.84 -107.51
C ILE R 138 60.78 6.83 -107.86
N ILE R 139 61.19 6.08 -108.88
CA ILE R 139 62.58 6.07 -109.29
C ILE R 139 62.95 7.38 -109.98
N GLU R 140 62.10 7.89 -110.86
CA GLU R 140 62.34 9.15 -111.52
C GLU R 140 61.98 10.34 -110.65
N ARG R 141 61.29 10.10 -109.53
CA ARG R 141 60.83 11.18 -108.67
C ARG R 141 62.01 11.87 -107.99
N VAL R 142 62.99 11.09 -107.53
CA VAL R 142 64.09 11.64 -106.76
C VAL R 142 65.05 12.41 -107.65
N LYS R 143 65.22 11.94 -108.89
CA LYS R 143 66.10 12.62 -109.85
C LYS R 143 65.55 13.98 -110.26
N ASN R 144 64.25 14.21 -110.13
CA ASN R 144 63.67 15.51 -110.37
C ASN R 144 63.58 16.31 -109.08
N LYS R 145 63.65 17.62 -109.23
CA LYS R 145 63.50 18.56 -108.13
C LYS R 145 62.27 19.43 -108.38
N LEU R 146 62.00 20.36 -107.46
CA LEU R 146 60.88 21.26 -107.63
C LEU R 146 61.11 22.25 -108.76
N GLY R 147 62.35 22.75 -108.90
CA GLY R 147 62.66 23.70 -109.95
C GLY R 147 62.60 23.13 -111.35
N ASP R 148 62.59 21.80 -111.49
CA ASP R 148 62.39 21.17 -112.78
C ASP R 148 60.98 21.34 -113.31
N LEU R 149 60.01 21.62 -112.43
CA LEU R 149 58.61 21.66 -112.82
C LEU R 149 57.98 23.02 -112.59
N THR R 150 58.80 24.07 -112.44
CA THR R 150 58.29 25.43 -112.32
C THR R 150 58.20 26.15 -113.65
N ASP R 151 58.01 25.39 -114.74
CA ASP R 151 58.17 25.94 -116.08
C ASP R 151 56.88 25.96 -116.89
N LYS R 152 55.81 25.34 -116.41
CA LYS R 152 54.62 25.17 -117.23
C LYS R 152 53.41 24.99 -116.34
N GLN R 153 52.23 25.03 -116.96
CA GLN R 153 50.99 24.63 -116.32
C GLN R 153 50.98 23.11 -116.24
N LEU R 154 51.41 22.58 -115.10
CA LEU R 154 51.61 21.13 -114.93
C LEU R 154 50.26 20.43 -114.93
N ALA R 155 49.96 19.72 -116.02
CA ALA R 155 48.76 18.89 -116.19
C ALA R 155 47.48 19.70 -116.00
N GLU R 156 47.39 20.82 -116.74
CA GLU R 156 46.33 21.83 -116.76
C GLU R 156 45.78 22.21 -115.38
N ILE R 157 46.65 22.24 -114.38
CA ILE R 157 46.27 22.65 -113.04
C ILE R 157 46.44 24.15 -112.94
N THR R 158 45.39 24.85 -112.56
CA THR R 158 45.46 26.30 -112.42
C THR R 158 44.97 26.70 -111.04
N TYR R 159 44.96 28.01 -110.80
CA TYR R 159 44.55 28.56 -109.52
C TYR R 159 44.05 29.99 -109.73
N THR R 160 43.05 30.38 -108.94
CA THR R 160 42.53 31.73 -108.95
C THR R 160 42.80 32.36 -107.59
N ASN R 161 43.34 33.58 -107.59
CA ASN R 161 43.75 34.22 -106.35
C ASN R 161 42.56 34.85 -105.64
N ASP R 162 42.86 35.66 -104.62
CA ASP R 162 41.83 36.49 -103.99
C ASP R 162 41.39 37.61 -104.91
N ASP R 163 42.28 38.05 -105.80
CA ASP R 163 42.03 39.19 -106.67
C ASP R 163 41.31 38.82 -107.96
N LYS R 164 40.70 37.63 -107.99
CA LYS R 164 39.94 37.08 -109.12
C LYS R 164 40.76 36.96 -110.40
N GLU R 165 42.08 36.90 -110.30
CA GLU R 165 42.94 36.64 -111.44
C GLU R 165 43.43 35.21 -111.40
N ILE R 166 43.81 34.71 -112.56
CA ILE R 166 44.11 33.30 -112.70
C ILE R 166 45.62 33.11 -112.77
N ALA R 167 46.09 31.94 -112.33
CA ALA R 167 47.49 31.57 -112.40
C ALA R 167 47.58 30.12 -112.80
N VAL R 168 48.48 29.80 -113.73
CA VAL R 168 48.52 28.50 -114.38
C VAL R 168 49.80 27.72 -114.07
N GLU R 169 50.94 28.39 -114.03
CA GLU R 169 52.19 27.65 -113.89
C GLU R 169 52.49 27.36 -112.42
N LEU R 170 53.18 26.24 -112.20
CA LEU R 170 53.48 25.78 -110.85
C LEU R 170 54.43 26.75 -110.13
N GLY R 171 55.36 27.35 -110.87
CA GLY R 171 56.21 28.37 -110.30
C GLY R 171 55.51 29.68 -110.03
N ASN R 172 54.30 29.87 -110.56
CA ASN R 172 53.53 31.08 -110.30
C ASN R 172 52.38 30.85 -109.33
N ILE R 173 51.80 29.64 -109.32
CA ILE R 173 50.72 29.34 -108.40
C ILE R 173 51.24 29.28 -106.97
N LEU R 174 52.36 28.58 -106.76
CA LEU R 174 52.93 28.44 -105.42
C LEU R 174 53.37 29.79 -104.85
N GLU R 175 53.76 30.72 -105.71
CA GLU R 175 54.08 32.05 -105.25
C GLU R 175 52.82 32.90 -105.05
N SER R 176 51.78 32.67 -105.85
CA SER R 176 50.53 33.38 -105.66
C SER R 176 49.80 32.88 -104.42
N MET R 177 49.86 31.56 -104.19
CA MET R 177 49.23 30.99 -103.00
C MET R 177 49.95 31.42 -101.74
N LYS R 178 51.27 31.65 -101.82
CA LYS R 178 52.03 32.11 -100.68
C LYS R 178 51.62 33.51 -100.26
N LYS R 179 51.30 34.36 -101.24
CA LYS R 179 50.78 35.69 -100.92
C LYS R 179 49.37 35.59 -100.34
N ASP R 180 48.58 34.64 -100.83
CA ASP R 180 47.18 34.58 -100.44
C ASP R 180 47.00 34.01 -99.05
N ILE R 181 47.75 32.96 -98.70
CA ILE R 181 47.72 32.41 -97.35
C ILE R 181 48.24 33.44 -96.35
N LYS R 182 49.27 34.17 -96.73
CA LYS R 182 49.76 35.27 -95.90
C LYS R 182 48.72 36.37 -95.75
N ARG R 183 47.91 36.55 -96.79
CA ARG R 183 46.84 37.54 -96.76
C ARG R 183 45.64 37.11 -95.92
N GLN R 184 45.39 35.80 -95.86
CA GLN R 184 44.25 35.29 -95.11
C GLN R 184 44.55 35.20 -93.62
N GLN R 185 45.81 35.02 -93.24
CA GLN R 185 46.15 34.98 -91.82
C GLN R 185 45.98 36.35 -91.18
N GLU R 186 46.51 37.38 -91.82
CA GLU R 186 46.43 38.73 -91.26
C GLU R 186 45.02 39.28 -91.31
N ASN R 187 44.17 38.78 -92.20
CA ASN R 187 42.75 39.06 -92.07
C ASN R 187 42.15 38.33 -90.89
N THR R 188 42.57 37.07 -90.69
CA THR R 188 41.99 36.25 -89.63
C THR R 188 42.39 36.76 -88.25
N GLN R 189 43.63 37.25 -88.13
CA GLN R 189 44.07 37.81 -86.87
C GLN R 189 43.33 39.10 -86.54
N LYS R 190 42.96 39.87 -87.56
CA LYS R 190 42.08 41.02 -87.34
C LYS R 190 40.69 40.58 -86.91
N VAL R 191 40.25 39.39 -87.33
CA VAL R 191 38.95 38.89 -86.90
C VAL R 191 39.01 38.41 -85.46
N LYS R 192 39.98 37.55 -85.16
CA LYS R 192 40.08 36.94 -83.83
C LYS R 192 40.37 37.97 -82.75
N THR R 193 41.06 39.05 -83.12
CA THR R 193 41.23 40.18 -82.21
C THR R 193 39.89 40.80 -81.84
N ALA R 194 39.08 41.11 -82.85
CA ALA R 194 37.80 41.78 -82.59
C ALA R 194 36.80 40.86 -81.90
N VAL R 195 36.90 39.56 -82.14
CA VAL R 195 36.10 38.60 -81.39
C VAL R 195 36.52 38.59 -79.93
N SER R 196 37.81 38.41 -79.69
CA SER R 196 38.32 38.32 -78.33
C SER R 196 38.23 39.67 -77.62
N ASP R 197 38.30 40.77 -78.34
CA ASP R 197 38.03 42.07 -77.74
C ASP R 197 36.57 42.15 -77.34
N PHE R 198 35.67 41.56 -78.11
CA PHE R 198 34.26 41.58 -77.76
C PHE R 198 33.98 40.64 -76.62
N LYS R 199 34.67 39.50 -76.56
CA LYS R 199 34.45 38.59 -75.45
C LYS R 199 35.05 39.13 -74.17
N LEU R 200 36.32 39.53 -74.21
CA LEU R 200 36.99 39.92 -72.98
C LEU R 200 36.59 41.29 -72.48
N LYS R 201 35.83 42.06 -73.25
CA LYS R 201 35.19 43.22 -72.66
C LYS R 201 33.96 42.81 -71.87
N LEU R 202 33.35 41.69 -72.25
CA LEU R 202 32.20 41.17 -71.54
C LEU R 202 32.60 40.43 -70.29
N ILE R 203 33.47 39.42 -70.42
CA ILE R 203 33.82 38.61 -69.28
C ILE R 203 34.94 39.23 -68.46
N GLY R 204 35.86 39.94 -69.09
CA GLY R 204 36.90 40.59 -68.33
C GLY R 204 38.27 40.00 -68.62
N GLY R 205 39.29 40.79 -68.31
CA GLY R 205 40.66 40.37 -68.54
C GLY R 205 41.42 41.36 -69.38
N GLU R 206 42.55 40.94 -69.94
CA GLU R 206 43.34 41.83 -70.77
C GLU R 206 42.76 41.89 -72.16
N LEU R 207 42.57 43.10 -72.67
CA LEU R 207 42.11 43.29 -74.04
C LEU R 207 43.28 43.17 -75.00
N SER R 208 43.07 43.52 -76.26
CA SER R 208 44.15 43.46 -77.23
C SER R 208 45.17 44.58 -77.03
N ASP R 209 44.71 45.76 -76.59
CA ASP R 209 45.62 46.85 -76.37
C ASP R 209 46.49 46.66 -75.14
N GLY R 210 46.04 45.85 -74.19
CA GLY R 210 46.68 45.70 -72.90
C GLY R 210 45.87 46.24 -71.76
N THR R 211 44.74 46.89 -72.03
CA THR R 211 43.88 47.39 -70.97
C THR R 211 43.16 46.23 -70.31
N ILE R 212 43.32 46.10 -69.00
CA ILE R 212 42.44 45.23 -68.25
C ILE R 212 41.07 45.87 -68.20
N ALA R 213 40.08 45.17 -68.74
CA ALA R 213 38.70 45.61 -68.69
C ALA R 213 37.99 44.80 -67.62
N GLN R 214 37.32 45.49 -66.70
CA GLN R 214 36.44 44.82 -65.76
C GLN R 214 35.32 44.17 -66.53
N GLY R 215 34.95 42.96 -66.12
CA GLY R 215 33.97 42.20 -66.87
C GLY R 215 32.58 42.78 -66.71
N LEU R 216 31.83 42.76 -67.83
CA LEU R 216 30.47 43.26 -67.77
C LEU R 216 29.57 42.32 -66.99
N GLN R 217 29.78 41.01 -67.12
CA GLN R 217 29.03 40.05 -66.34
C GLN R 217 29.23 40.17 -64.83
N PRO R 218 30.45 40.31 -64.27
CA PRO R 218 30.52 40.57 -62.83
C PRO R 218 30.11 41.97 -62.44
N GLN R 219 30.26 42.96 -63.32
CA GLN R 219 29.77 44.31 -63.00
C GLN R 219 28.27 44.35 -62.84
N ILE R 220 27.54 43.50 -63.56
CA ILE R 220 26.13 43.35 -63.26
C ILE R 220 25.95 42.61 -61.95
N SER R 221 26.71 41.53 -61.76
CA SER R 221 26.60 40.75 -60.54
C SER R 221 27.11 41.49 -59.31
N SER R 222 27.97 42.50 -59.51
CA SER R 222 28.35 43.35 -58.39
C SER R 222 27.18 44.20 -57.93
N LYS R 223 26.48 44.84 -58.86
CA LYS R 223 25.36 45.69 -58.50
C LYS R 223 24.19 44.86 -58.00
N LYS R 224 23.97 43.70 -58.61
CA LYS R 224 22.86 42.84 -58.21
C LYS R 224 23.07 42.29 -56.81
N LYS R 225 24.32 42.08 -56.42
CA LYS R 225 24.61 41.71 -55.04
C LYS R 225 24.39 42.90 -54.11
N LEU R 226 24.63 44.12 -54.59
CA LEU R 226 24.39 45.29 -53.76
C LEU R 226 22.91 45.55 -53.56
N MET R 227 22.08 45.18 -54.53
CA MET R 227 20.66 45.44 -54.40
C MET R 227 20.00 44.46 -53.44
N ASP R 228 20.63 43.32 -53.19
CA ASP R 228 20.09 42.40 -52.20
C ASP R 228 20.52 42.78 -50.79
N ASP R 229 21.78 43.19 -50.63
CA ASP R 229 22.27 43.66 -49.34
C ASP R 229 21.89 45.13 -49.21
N ASN R 230 20.73 45.38 -48.62
CA ASN R 230 20.32 46.75 -48.37
C ASN R 230 19.53 46.83 -47.09
N ASN R 231 19.70 47.95 -46.38
CA ASN R 231 19.03 48.24 -45.13
C ASN R 231 17.63 48.80 -45.32
N LEU R 232 17.11 48.80 -46.54
CA LEU R 232 15.87 49.50 -46.84
C LEU R 232 14.68 48.83 -46.19
N SER R 233 14.73 47.52 -46.01
CA SER R 233 13.72 46.84 -45.21
C SER R 233 13.94 47.01 -43.72
N THR R 234 15.04 47.62 -43.31
CA THR R 234 15.35 47.83 -41.89
C THR R 234 15.21 49.28 -41.48
N THR R 235 15.76 50.21 -42.26
CA THR R 235 15.72 51.63 -41.91
C THR R 235 14.30 52.18 -41.93
N ILE R 236 13.46 51.69 -42.84
CA ILE R 236 12.06 52.08 -42.85
C ILE R 236 11.38 51.63 -41.57
N LYS R 237 11.70 50.43 -41.11
CA LYS R 237 11.22 49.99 -39.79
C LYS R 237 11.89 50.79 -38.68
N ASP R 238 13.13 51.23 -38.89
CA ASP R 238 13.80 52.04 -37.89
C ASP R 238 13.23 53.46 -37.85
N LEU R 239 12.93 54.04 -39.02
CA LEU R 239 12.35 55.37 -39.03
C LEU R 239 10.90 55.37 -38.56
N GLN R 240 10.15 54.31 -38.86
CA GLN R 240 8.80 54.23 -38.31
C GLN R 240 8.79 53.92 -36.83
N SER R 241 9.91 53.45 -36.28
CA SER R 241 10.04 53.41 -34.83
C SER R 241 10.16 54.81 -34.26
N LYS R 242 10.96 55.67 -34.90
CA LYS R 242 11.19 57.00 -34.36
C LYS R 242 9.99 57.90 -34.57
N ILE R 243 9.25 57.73 -35.67
CA ILE R 243 8.04 58.51 -35.87
C ILE R 243 6.98 58.13 -34.86
N ASP R 244 6.79 56.84 -34.62
CA ASP R 244 5.89 56.40 -33.57
C ASP R 244 6.41 56.71 -32.19
N GLU R 245 7.73 56.90 -32.05
CA GLU R 245 8.25 57.45 -30.81
C GLU R 245 7.91 58.93 -30.68
N LYS R 246 8.16 59.70 -31.73
CA LYS R 246 7.91 61.13 -31.65
C LYS R 246 6.43 61.48 -31.72
N ASN R 247 5.59 60.59 -32.24
CA ASN R 247 4.16 60.83 -32.14
C ASN R 247 3.67 60.71 -30.71
N LYS R 248 4.31 59.85 -29.92
CA LYS R 248 3.93 59.70 -28.52
C LYS R 248 4.27 60.95 -27.72
N GLU R 249 5.31 61.68 -28.13
CA GLU R 249 5.62 62.95 -27.48
C GLU R 249 4.63 64.02 -27.89
N ILE R 250 4.28 64.07 -29.18
CA ILE R 250 3.32 65.07 -29.67
C ILE R 250 1.96 64.83 -29.07
N ASP R 251 1.55 63.56 -28.98
CA ASP R 251 0.29 63.21 -28.32
C ASP R 251 0.34 63.47 -26.83
N GLN R 252 1.53 63.64 -26.26
CA GLN R 252 1.67 64.03 -24.88
C GLN R 252 1.72 65.54 -24.70
N PHE R 253 2.32 66.27 -25.65
CA PHE R 253 2.41 67.71 -25.52
C PHE R 253 1.07 68.39 -25.76
N GLN R 254 0.18 67.74 -26.52
CA GLN R 254 -1.18 68.25 -26.64
C GLN R 254 -1.90 68.20 -25.30
N LYS R 255 -1.64 67.16 -24.52
CA LYS R 255 -2.14 67.09 -23.15
C LYS R 255 -1.53 68.19 -22.29
N ASP R 256 -0.28 68.56 -22.56
CA ASP R 256 0.36 69.61 -21.77
C ASP R 256 -0.25 70.97 -22.09
N TYR R 257 -0.36 71.30 -23.38
CA TYR R 257 -0.91 72.58 -23.77
C TYR R 257 -2.38 72.71 -23.41
N ASN R 258 -3.10 71.60 -23.39
CA ASN R 258 -4.47 71.65 -22.91
C ASN R 258 -4.55 71.67 -21.40
N LYS R 259 -3.43 71.55 -20.70
CA LYS R 259 -3.42 71.65 -19.25
C LYS R 259 -2.89 72.98 -18.75
N TYR R 260 -1.78 73.45 -19.31
CA TYR R 260 -1.20 74.72 -18.86
C TYR R 260 -2.12 75.89 -19.18
N VAL R 261 -2.75 75.87 -20.37
CA VAL R 261 -3.73 76.90 -20.71
C VAL R 261 -4.93 76.83 -19.78
N GLY R 262 -5.30 75.60 -19.38
CA GLY R 262 -6.27 75.45 -18.32
C GLY R 262 -5.80 76.04 -17.01
N LEU R 263 -4.50 75.87 -16.71
CA LEU R 263 -3.96 76.48 -15.51
C LEU R 263 -3.77 77.97 -15.66
N ALA R 264 -3.44 78.45 -16.87
CA ALA R 264 -3.12 79.85 -17.06
C ALA R 264 -4.35 80.75 -16.96
N PHE R 265 -5.56 80.20 -17.09
CA PHE R 265 -6.77 80.98 -16.95
C PHE R 265 -7.30 80.95 -15.53
N SER R 266 -6.41 80.82 -14.54
CA SER R 266 -6.84 80.71 -13.16
C SER R 266 -7.30 82.05 -12.59
N GLY R 267 -6.59 83.12 -12.94
CA GLY R 267 -6.56 84.34 -12.15
C GLY R 267 -7.83 85.12 -11.88
N MET R 268 -8.49 85.59 -12.93
CA MET R 268 -9.48 86.66 -12.81
C MET R 268 -10.79 86.25 -12.17
N VAL R 269 -10.95 85.12 -11.49
CA VAL R 269 -12.19 84.86 -10.78
C VAL R 269 -12.34 85.82 -9.60
N GLY R 270 -11.30 85.97 -8.78
CA GLY R 270 -11.23 87.08 -7.86
C GLY R 270 -9.88 87.76 -7.90
N GLY R 271 -8.89 87.03 -8.40
CA GLY R 271 -7.51 87.47 -8.42
C GLY R 271 -7.04 88.11 -9.71
N ILE R 272 -7.45 89.36 -9.95
CA ILE R 272 -6.93 90.13 -11.09
C ILE R 272 -5.42 90.30 -10.98
N ILE R 273 -4.91 90.45 -9.75
CA ILE R 273 -3.47 90.46 -9.53
C ILE R 273 -2.87 89.09 -9.84
N SER R 274 -3.57 88.02 -9.47
CA SER R 274 -3.08 86.67 -9.69
C SER R 274 -3.17 86.25 -11.15
N TRP R 275 -3.92 86.99 -11.96
CA TRP R 275 -3.99 86.71 -13.39
C TRP R 275 -2.63 86.85 -14.05
N ALA R 276 -1.88 87.89 -13.68
CA ALA R 276 -0.52 88.02 -14.17
C ALA R 276 0.43 87.05 -13.49
N ILE R 277 0.06 86.53 -12.32
CA ILE R 277 0.95 85.63 -11.60
C ILE R 277 1.00 84.27 -12.30
N THR R 278 -0.14 83.58 -12.35
CA THR R 278 -0.14 82.25 -12.94
C THR R 278 -0.02 82.31 -14.46
N GLY R 279 -0.52 83.38 -15.06
CA GLY R 279 -0.26 83.59 -16.48
C GLY R 279 1.19 83.84 -16.77
N GLY R 280 1.91 84.45 -15.82
CA GLY R 280 3.35 84.55 -15.97
C GLY R 280 4.03 83.21 -15.77
N ILE R 281 3.52 82.40 -14.86
CA ILE R 281 4.11 81.09 -14.60
C ILE R 281 3.76 80.11 -15.70
N PHE R 282 2.48 79.89 -15.92
CA PHE R 282 2.03 78.81 -16.79
C PHE R 282 1.90 79.22 -18.24
N GLY R 283 1.59 80.48 -18.50
CA GLY R 283 1.44 80.95 -19.88
C GLY R 283 2.75 80.95 -20.64
N ASP R 284 3.87 81.07 -19.93
CA ASP R 284 5.16 80.77 -20.55
C ASP R 284 5.23 79.30 -20.91
N LYS R 285 4.91 78.42 -19.95
CA LYS R 285 5.08 76.99 -20.17
C LYS R 285 4.03 76.45 -21.13
N ALA R 286 2.88 77.09 -21.21
CA ALA R 286 1.94 76.81 -22.29
C ALA R 286 2.56 77.19 -23.63
N GLU R 287 3.20 78.35 -23.69
CA GLU R 287 3.79 78.81 -24.93
C GLU R 287 5.00 77.97 -25.31
N LYS R 288 5.79 77.54 -24.32
CA LYS R 288 6.98 76.76 -24.61
C LYS R 288 6.61 75.36 -25.09
N ALA R 289 5.61 74.74 -24.46
CA ALA R 289 5.16 73.43 -24.91
C ALA R 289 4.51 73.50 -26.28
N ARG R 290 3.86 74.62 -26.58
CA ARG R 290 3.29 74.80 -27.90
C ARG R 290 4.39 74.99 -28.94
N LYS R 291 5.50 75.61 -28.57
CA LYS R 291 6.63 75.73 -29.48
C LYS R 291 7.31 74.39 -29.69
N GLN R 292 7.29 73.52 -28.67
CA GLN R 292 7.69 72.14 -28.88
C GLN R 292 6.71 71.42 -29.78
N LYS R 293 5.42 71.74 -29.62
CA LYS R 293 4.39 71.20 -30.50
C LYS R 293 4.53 71.76 -31.92
N ASN R 294 5.01 73.00 -32.06
CA ASN R 294 5.33 73.50 -33.39
C ASN R 294 6.48 72.74 -34.00
N LYS R 295 7.52 72.48 -33.20
CA LYS R 295 8.76 71.95 -33.75
C LYS R 295 8.66 70.47 -34.10
N LEU R 296 8.02 69.69 -33.24
CA LEU R 296 8.05 68.24 -33.43
C LEU R 296 7.13 67.79 -34.56
N ILE R 297 5.98 68.45 -34.72
CA ILE R 297 5.07 68.12 -35.82
C ILE R 297 5.75 68.41 -37.15
N ASP R 298 6.51 69.50 -37.22
CA ASP R 298 7.28 69.79 -38.42
C ASP R 298 8.39 68.78 -38.63
N GLU R 299 8.93 68.21 -37.56
CA GLU R 299 9.96 67.19 -37.73
C GLU R 299 9.36 65.87 -38.17
N VAL R 300 8.21 65.48 -37.59
CA VAL R 300 7.55 64.24 -37.97
C VAL R 300 7.06 64.31 -39.40
N LYS R 301 6.58 65.49 -39.82
CA LYS R 301 6.25 65.72 -41.23
C LYS R 301 7.48 65.59 -42.11
N ASP R 302 8.65 65.98 -41.61
CA ASP R 302 9.88 65.77 -42.36
C ASP R 302 10.37 64.33 -42.26
N LEU R 303 10.16 63.68 -41.11
CA LEU R 303 10.58 62.29 -40.98
C LEU R 303 9.66 61.36 -41.76
N GLN R 304 8.38 61.68 -41.87
CA GLN R 304 7.48 60.91 -42.71
C GLN R 304 7.88 61.03 -44.18
N SER R 305 8.37 62.19 -44.57
CA SER R 305 8.78 62.42 -45.95
C SER R 305 10.00 61.59 -46.32
N GLN R 306 10.86 61.28 -45.35
CA GLN R 306 11.96 60.39 -45.64
C GLN R 306 11.46 58.96 -45.83
N VAL R 307 10.45 58.56 -45.06
CA VAL R 307 9.90 57.22 -45.18
C VAL R 307 9.20 57.05 -46.51
N LYS R 308 8.53 58.11 -46.98
CA LYS R 308 7.83 58.07 -48.26
C LYS R 308 8.81 57.88 -49.41
N ASP R 309 9.95 58.56 -49.36
CA ASP R 309 10.92 58.41 -50.43
C ASP R 309 11.67 57.09 -50.34
N LYS R 310 11.96 56.63 -49.12
CA LYS R 310 12.66 55.36 -48.99
C LYS R 310 11.75 54.18 -49.29
N SER R 311 10.44 54.31 -49.06
CA SER R 311 9.52 53.28 -49.52
C SER R 311 9.45 53.27 -51.03
N ALA R 312 9.45 54.45 -51.65
CA ALA R 312 9.57 54.51 -53.10
C ALA R 312 10.96 54.11 -53.56
N LEU R 313 11.97 54.24 -52.70
CA LEU R 313 13.30 53.80 -53.07
C LEU R 313 13.39 52.28 -53.09
N GLN R 314 12.84 51.64 -52.06
CA GLN R 314 12.92 50.18 -51.95
C GLN R 314 12.13 49.51 -53.07
N THR R 315 11.05 50.13 -53.52
CA THR R 315 10.36 49.66 -54.71
C THR R 315 11.23 49.87 -55.95
N SER R 316 11.94 51.00 -55.99
CA SER R 316 12.74 51.33 -57.18
C SER R 316 13.92 50.40 -57.32
N VAL R 317 14.53 49.99 -56.21
CA VAL R 317 15.69 49.12 -56.27
C VAL R 317 15.27 47.70 -56.64
N GLN R 318 14.22 47.21 -55.98
CA GLN R 318 13.76 45.84 -56.17
C GLN R 318 13.23 45.61 -57.58
N ASN R 319 12.64 46.65 -58.18
CA ASN R 319 12.31 46.57 -59.60
C ASN R 319 13.57 46.57 -60.46
N LEU R 320 14.57 47.35 -60.05
CA LEU R 320 15.77 47.47 -60.86
C LEU R 320 16.61 46.19 -60.78
N SER R 321 16.48 45.45 -59.68
CA SER R 321 17.15 44.16 -59.56
C SER R 321 16.68 43.19 -60.63
N LEU R 322 15.39 43.23 -60.96
CA LEU R 322 14.87 42.38 -62.00
C LEU R 322 15.34 42.82 -63.38
N SER R 323 15.60 44.13 -63.53
CA SER R 323 16.10 44.63 -64.80
C SER R 323 17.48 44.09 -65.09
N PHE R 324 18.36 44.15 -64.08
CA PHE R 324 19.69 43.57 -64.22
C PHE R 324 19.66 42.06 -64.28
N ALA R 325 18.63 41.43 -63.72
CA ALA R 325 18.55 39.97 -63.69
C ALA R 325 18.44 39.39 -65.09
N GLY R 326 17.64 40.01 -65.95
CA GLY R 326 17.62 39.60 -67.34
C GLY R 326 18.91 39.95 -68.06
N ILE R 327 19.45 41.14 -67.77
CA ILE R 327 20.71 41.57 -68.36
C ILE R 327 21.83 40.61 -67.97
N HIS R 328 21.83 40.18 -66.72
CA HIS R 328 22.77 39.14 -66.29
C HIS R 328 22.47 37.82 -66.98
N THR R 329 21.19 37.51 -67.19
CA THR R 329 20.84 36.27 -67.87
C THR R 329 21.20 36.33 -69.34
N SER R 330 21.10 37.51 -69.95
CA SER R 330 21.53 37.67 -71.33
C SER R 330 23.04 37.52 -71.47
N MET R 331 23.80 37.96 -70.47
CA MET R 331 25.25 37.88 -70.57
C MET R 331 25.77 36.47 -70.34
N VAL R 332 25.09 35.68 -69.51
CA VAL R 332 25.49 34.29 -69.29
C VAL R 332 25.34 33.49 -70.59
N ASP R 333 24.27 33.73 -71.34
CA ASP R 333 24.15 33.08 -72.63
C ASP R 333 25.12 33.67 -73.64
N ALA R 334 25.41 34.97 -73.53
CA ALA R 334 26.44 35.56 -74.35
C ALA R 334 27.83 35.12 -73.91
N GLU R 335 27.98 34.71 -72.65
CA GLU R 335 29.25 34.17 -72.17
C GLU R 335 29.59 32.88 -72.90
N GLU R 336 28.67 31.91 -72.85
CA GLU R 336 28.93 30.60 -73.43
C GLU R 336 29.05 30.67 -74.95
N ALA R 337 28.31 31.58 -75.58
CA ALA R 337 28.28 31.63 -77.04
C ALA R 337 29.60 32.12 -77.60
N LEU R 338 30.19 33.14 -76.99
CA LEU R 338 31.44 33.68 -77.50
C LEU R 338 32.60 32.73 -77.26
N ASN R 339 32.54 31.93 -76.21
CA ASN R 339 33.59 30.96 -75.93
C ASN R 339 33.66 29.91 -77.02
N HIS R 340 32.51 29.47 -77.52
CA HIS R 340 32.53 28.56 -78.66
C HIS R 340 32.90 29.30 -79.93
N LEU R 341 32.58 30.59 -80.01
CA LEU R 341 32.96 31.36 -81.18
C LEU R 341 34.46 31.59 -81.22
N ASP R 342 35.06 31.94 -80.08
CA ASP R 342 36.49 32.19 -80.01
C ASP R 342 37.27 30.93 -80.31
N PHE R 343 36.80 29.78 -79.84
CA PHE R 343 37.56 28.55 -80.00
C PHE R 343 37.56 28.08 -81.44
N MET R 344 36.54 28.40 -82.22
CA MET R 344 36.56 28.04 -83.62
C MET R 344 37.49 28.95 -84.43
N TRP R 345 37.49 30.25 -84.14
CA TRP R 345 38.42 31.13 -84.80
C TRP R 345 39.85 30.85 -84.37
N ASN R 346 40.04 30.49 -83.10
CA ASN R 346 41.37 30.12 -82.63
C ASN R 346 41.83 28.83 -83.29
N THR R 347 40.90 27.93 -83.58
CA THR R 347 41.24 26.75 -84.36
C THR R 347 41.61 27.13 -85.78
N MET R 348 40.86 28.06 -86.38
CA MET R 348 41.13 28.44 -87.76
C MET R 348 42.39 29.29 -87.87
N LEU R 349 42.60 30.21 -86.93
CA LEU R 349 43.80 31.04 -86.97
C LEU R 349 45.05 30.22 -86.72
N THR R 350 44.94 29.14 -85.97
CA THR R 350 46.05 28.19 -85.84
C THR R 350 46.33 27.52 -87.17
N GLN R 351 45.29 26.98 -87.81
CA GLN R 351 45.49 26.14 -88.98
C GLN R 351 45.92 26.94 -90.20
N ILE R 352 45.55 28.22 -90.27
CA ILE R 352 46.10 29.07 -91.31
C ILE R 352 47.56 29.37 -91.03
N THR R 353 47.90 29.60 -89.76
CA THR R 353 49.27 29.95 -89.39
C THR R 353 50.22 28.78 -89.61
N THR R 354 49.83 27.59 -89.16
CA THR R 354 50.71 26.43 -89.35
C THR R 354 50.72 25.98 -90.81
N SER R 355 49.75 26.42 -91.61
CA SER R 355 49.85 26.18 -93.04
C SER R 355 50.90 27.09 -93.67
N ARG R 356 50.91 28.36 -93.26
CA ARG R 356 51.79 29.34 -93.90
C ARG R 356 53.25 29.06 -93.56
N ASP R 357 53.52 28.73 -92.29
CA ASP R 357 54.90 28.58 -91.85
C ASP R 357 55.54 27.33 -92.43
N LYS R 358 54.77 26.26 -92.60
CA LYS R 358 55.29 25.09 -93.28
C LYS R 358 55.43 25.33 -94.78
N PHE R 359 54.62 26.23 -95.33
CA PHE R 359 54.69 26.52 -96.76
C PHE R 359 55.90 27.37 -97.10
N ASP R 360 56.52 28.00 -96.10
CA ASP R 360 57.72 28.78 -96.31
C ASP R 360 58.95 27.92 -96.54
N ASP R 361 58.85 26.61 -96.31
CA ASP R 361 59.91 25.68 -96.66
C ASP R 361 59.98 25.40 -98.15
N ILE R 362 58.96 25.80 -98.91
CA ILE R 362 58.87 25.47 -100.33
C ILE R 362 59.84 26.34 -101.10
N ASN R 363 60.82 25.72 -101.73
CA ASN R 363 61.74 26.38 -102.64
C ASN R 363 62.24 25.37 -103.66
N ASP R 364 62.84 25.88 -104.73
CA ASP R 364 63.20 25.05 -105.88
C ASP R 364 64.28 24.03 -105.58
N ALA R 365 65.02 24.20 -104.48
CA ALA R 365 66.02 23.22 -104.08
C ALA R 365 65.42 21.93 -103.55
N LEU R 366 64.12 21.91 -103.27
CA LEU R 366 63.49 20.69 -102.76
C LEU R 366 63.41 19.63 -103.85
N LYS R 367 63.91 18.45 -103.53
CA LYS R 367 63.69 17.32 -104.42
C LYS R 367 62.24 16.87 -104.32
N LEU R 368 61.80 16.14 -105.34
CA LEU R 368 60.38 16.13 -105.68
C LEU R 368 59.55 15.26 -104.74
N THR R 369 60.15 14.24 -104.11
CA THR R 369 59.41 13.51 -103.08
C THR R 369 59.23 14.36 -101.84
N SER R 370 60.32 15.03 -101.42
CA SER R 370 60.27 15.93 -100.26
C SER R 370 59.38 17.13 -100.50
N PHE R 371 59.13 17.51 -101.76
CA PHE R 371 58.17 18.58 -102.03
C PHE R 371 56.75 18.15 -101.71
N VAL R 372 56.40 16.90 -102.02
CA VAL R 372 55.02 16.45 -101.94
C VAL R 372 54.56 16.40 -100.49
N ILE R 373 55.31 15.69 -99.64
CA ILE R 373 54.99 15.54 -98.22
C ILE R 373 55.00 16.90 -97.52
N ALA R 374 55.88 17.80 -97.95
CA ALA R 374 55.81 19.18 -97.48
C ALA R 374 54.53 19.86 -97.95
N PHE R 375 54.20 19.73 -99.23
CA PHE R 375 53.03 20.42 -99.76
C PHE R 375 51.74 19.75 -99.33
N LYS R 376 51.76 18.43 -99.11
CA LYS R 376 50.60 17.74 -98.56
C LYS R 376 50.34 18.20 -97.13
N GLN R 377 51.40 18.49 -96.38
CA GLN R 377 51.26 19.02 -95.03
C GLN R 377 50.65 20.41 -95.04
N VAL R 378 50.83 21.16 -96.13
CA VAL R 378 50.26 22.50 -96.22
C VAL R 378 48.74 22.44 -96.34
N ILE R 379 48.24 21.55 -97.19
CA ILE R 379 46.82 21.61 -97.53
C ILE R 379 45.93 20.90 -96.52
N GLU R 380 46.48 20.02 -95.68
CA GLU R 380 45.65 19.32 -94.71
C GLU R 380 44.99 20.21 -93.65
N PRO R 381 45.57 21.34 -93.20
CA PRO R 381 44.73 22.28 -92.45
C PRO R 381 43.64 22.93 -93.28
N TRP R 382 43.85 23.08 -94.59
CA TRP R 382 42.83 23.72 -95.41
C TRP R 382 41.61 22.84 -95.65
N ARG R 383 41.69 21.55 -95.37
CA ARG R 383 40.48 20.74 -95.37
C ARG R 383 39.55 21.14 -94.24
N ASP R 384 40.11 21.42 -93.05
CA ASP R 384 39.27 21.70 -91.90
C ASP R 384 38.78 23.14 -91.90
N VAL R 385 39.58 24.08 -92.38
CA VAL R 385 39.14 25.46 -92.47
C VAL R 385 38.01 25.59 -93.49
N GLN R 386 38.10 24.83 -94.58
CA GLN R 386 36.96 24.66 -95.47
C GLN R 386 35.78 24.05 -94.74
N GLY R 387 36.04 23.06 -93.88
CA GLY R 387 34.97 22.44 -93.13
C GLY R 387 34.43 23.31 -92.02
N SER R 388 35.29 24.15 -91.42
CA SER R 388 34.84 24.98 -90.32
C SER R 388 33.98 26.13 -90.81
N ALA R 389 34.35 26.74 -91.94
CA ALA R 389 33.52 27.79 -92.51
C ALA R 389 32.21 27.23 -93.02
N ALA R 390 32.24 26.01 -93.57
CA ALA R 390 31.01 25.34 -93.96
C ALA R 390 30.14 25.06 -92.76
N GLN R 391 30.74 24.64 -91.64
CA GLN R 391 29.99 24.54 -90.40
C GLN R 391 29.61 25.89 -89.85
N LEU R 392 30.27 26.96 -90.28
CA LEU R 392 29.92 28.27 -89.74
C LEU R 392 28.83 28.93 -90.55
N ILE R 393 29.00 29.01 -91.88
CA ILE R 393 28.08 29.75 -92.74
C ILE R 393 26.70 29.11 -92.75
N GLN R 394 26.66 27.77 -92.74
CA GLN R 394 25.40 27.05 -92.59
C GLN R 394 24.73 27.37 -91.26
N THR R 395 25.51 27.47 -90.19
CA THR R 395 25.00 27.85 -88.89
C THR R 395 25.04 29.36 -88.66
N PHE R 396 25.12 30.14 -89.73
CA PHE R 396 25.11 31.59 -89.61
C PHE R 396 23.86 32.20 -90.22
N ASP R 397 23.60 31.89 -91.49
CA ASP R 397 22.47 32.49 -92.18
C ASP R 397 21.16 31.90 -91.70
N GLU R 398 21.18 30.65 -91.23
CA GLU R 398 19.97 30.04 -90.68
C GLU R 398 19.56 30.71 -89.37
N ALA R 399 20.51 31.27 -88.64
CA ALA R 399 20.16 32.04 -87.46
C ALA R 399 19.76 33.46 -87.79
N LEU R 400 20.06 33.94 -89.00
CA LEU R 400 19.71 35.32 -89.35
C LEU R 400 18.23 35.45 -89.63
N ALA R 401 17.70 34.60 -90.53
CA ALA R 401 16.27 34.64 -90.83
C ALA R 401 15.44 34.20 -89.64
N GLU R 402 15.98 33.29 -88.82
CA GLU R 402 15.30 32.90 -87.59
C GLU R 402 15.25 34.04 -86.59
N TYR R 403 16.24 34.94 -86.62
CA TYR R 403 16.22 36.10 -85.74
C TYR R 403 15.09 37.07 -86.08
N LYS R 404 14.58 37.03 -87.30
CA LYS R 404 13.40 37.80 -87.67
C LYS R 404 12.10 37.21 -87.14
N LYS R 405 12.18 36.20 -86.28
CA LYS R 405 11.00 35.52 -85.77
C LYS R 405 10.99 35.56 -84.24
N GLY S 41 -56.51 -68.26 29.79
CA GLY S 41 -57.62 -67.86 28.94
C GLY S 41 -57.36 -66.58 28.19
N ILE S 42 -58.26 -66.22 27.28
CA ILE S 42 -58.11 -65.00 26.50
C ILE S 42 -58.74 -63.82 27.23
N PHE S 43 -59.97 -63.99 27.69
CA PHE S 43 -60.69 -62.98 28.44
C PHE S 43 -60.18 -63.01 29.86
N THR S 44 -59.22 -62.13 30.17
CA THR S 44 -58.55 -62.17 31.46
C THR S 44 -59.42 -61.54 32.54
N LYS S 45 -58.95 -61.62 33.79
CA LYS S 45 -59.67 -60.99 34.89
C LYS S 45 -59.57 -59.47 34.81
N GLY S 46 -58.49 -58.95 34.23
CA GLY S 46 -58.39 -57.52 34.04
C GLY S 46 -59.31 -57.00 32.97
N ASP S 47 -59.69 -57.86 32.02
CA ASP S 47 -60.67 -57.46 31.00
C ASP S 47 -62.02 -57.21 31.64
N LEU S 48 -62.46 -58.14 32.50
CA LEU S 48 -63.79 -58.06 33.10
C LEU S 48 -63.88 -56.91 34.09
N ILE S 49 -62.76 -56.50 34.67
CA ILE S 49 -62.76 -55.32 35.52
C ILE S 49 -62.94 -54.07 34.69
N ASN S 50 -62.24 -53.98 33.55
CA ASN S 50 -62.28 -52.81 32.69
C ASN S 50 -63.67 -52.55 32.16
N ILE S 51 -64.46 -53.61 31.95
CA ILE S 51 -65.86 -53.43 31.62
C ILE S 51 -66.62 -52.90 32.82
N LYS S 52 -66.44 -53.54 33.98
CA LYS S 52 -67.18 -53.13 35.16
C LYS S 52 -66.73 -51.78 35.70
N LEU S 53 -65.49 -51.38 35.40
CA LEU S 53 -65.12 -49.99 35.60
C LEU S 53 -65.93 -49.07 34.70
N TYR S 54 -66.07 -49.45 33.42
CA TYR S 54 -66.85 -48.66 32.48
C TYR S 54 -68.32 -48.63 32.86
N VAL S 55 -68.83 -49.73 33.39
CA VAL S 55 -70.22 -49.74 33.84
C VAL S 55 -70.40 -48.86 35.06
N LYS S 56 -69.41 -48.86 35.95
CA LYS S 56 -69.50 -48.08 37.19
C LYS S 56 -69.50 -46.59 36.90
N HIS S 57 -68.55 -46.13 36.08
CA HIS S 57 -68.45 -44.71 35.82
C HIS S 57 -69.54 -44.20 34.90
N SER S 58 -70.16 -45.08 34.11
CA SER S 58 -71.23 -44.62 33.21
C SER S 58 -72.50 -44.34 33.97
N LEU S 59 -72.80 -45.14 35.00
CA LEU S 59 -73.97 -44.92 35.82
C LEU S 59 -73.88 -43.64 36.63
N GLU S 60 -72.67 -43.15 36.88
CA GLU S 60 -72.48 -41.84 37.49
C GLU S 60 -72.97 -40.72 36.60
N LEU S 61 -72.98 -40.92 35.30
CA LEU S 61 -73.36 -39.86 34.38
C LEU S 61 -74.87 -39.66 34.42
N PRO S 62 -75.33 -38.41 34.38
CA PRO S 62 -76.77 -38.15 34.39
C PRO S 62 -77.39 -38.46 33.03
N PHE S 63 -78.71 -38.60 33.04
CA PHE S 63 -79.44 -38.91 31.82
C PHE S 63 -80.68 -38.06 31.60
N THR S 64 -81.07 -37.23 32.57
CA THR S 64 -82.15 -36.30 32.33
C THR S 64 -81.64 -35.13 31.50
N LEU S 65 -82.57 -34.35 30.95
CA LEU S 65 -82.19 -33.15 30.25
C LEU S 65 -81.63 -32.10 31.20
N GLU S 66 -82.17 -32.02 32.41
CA GLU S 66 -81.67 -31.07 33.39
C GLU S 66 -80.34 -31.50 33.98
N GLY S 67 -80.22 -32.78 34.34
CA GLY S 67 -79.02 -33.24 35.01
C GLY S 67 -77.80 -33.26 34.13
N VAL S 68 -77.98 -33.54 32.83
CA VAL S 68 -76.90 -33.39 31.88
C VAL S 68 -76.54 -31.92 31.74
N LYS S 69 -77.55 -31.05 31.71
CA LYS S 69 -77.34 -29.61 31.56
C LYS S 69 -76.58 -29.02 32.74
N GLU S 70 -76.76 -29.60 33.93
CA GLU S 70 -75.97 -29.22 35.08
C GLU S 70 -74.56 -29.79 34.99
N TYR S 71 -74.44 -31.03 34.51
CA TYR S 71 -73.15 -31.72 34.44
C TYR S 71 -72.21 -31.07 33.44
N ILE S 72 -72.75 -30.49 32.38
CA ILE S 72 -71.92 -29.82 31.39
C ILE S 72 -71.66 -28.37 31.78
N GLY S 73 -72.49 -27.81 32.64
CA GLY S 73 -72.25 -26.50 33.20
C GLY S 73 -72.31 -25.33 32.24
N TYR S 74 -73.25 -25.34 31.29
CA TYR S 74 -73.42 -24.19 30.42
C TYR S 74 -74.86 -24.10 29.93
N ASN S 75 -75.06 -23.19 28.98
CA ASN S 75 -76.32 -23.03 28.26
C ASN S 75 -75.99 -22.65 26.83
N ASP S 76 -76.28 -23.56 25.89
CA ASP S 76 -76.42 -23.25 24.45
C ASP S 76 -75.13 -22.69 23.84
N ILE S 77 -74.18 -23.62 23.63
CA ILE S 77 -73.01 -23.33 22.82
C ILE S 77 -73.41 -22.75 21.46
N ASP S 78 -72.62 -21.80 20.97
CA ASP S 78 -72.82 -21.25 19.64
C ASP S 78 -72.67 -22.31 18.56
N ILE S 79 -71.80 -23.30 18.77
CA ILE S 79 -71.63 -24.33 17.76
C ILE S 79 -72.67 -25.42 17.99
N ASP S 80 -72.89 -26.22 16.96
CA ASP S 80 -74.06 -27.09 16.94
C ASP S 80 -73.83 -28.37 17.72
N GLY S 81 -72.66 -28.98 17.57
CA GLY S 81 -72.43 -30.31 18.09
C GLY S 81 -72.38 -30.43 19.59
N LEU S 82 -72.26 -29.31 20.31
CA LEU S 82 -72.18 -29.34 21.76
C LEU S 82 -73.44 -28.79 22.41
N LYS S 83 -74.52 -28.67 21.65
CA LYS S 83 -75.78 -28.23 22.21
C LYS S 83 -76.37 -29.32 23.09
N PRO S 84 -76.98 -28.97 24.23
CA PRO S 84 -77.31 -29.98 25.24
C PRO S 84 -78.40 -30.95 24.83
N ALA S 85 -79.22 -30.61 23.83
CA ALA S 85 -80.21 -31.55 23.33
C ALA S 85 -79.52 -32.73 22.64
N LYS S 86 -78.42 -32.47 21.95
CA LYS S 86 -77.60 -33.56 21.43
C LYS S 86 -76.92 -34.30 22.57
N MET S 87 -76.50 -33.58 23.60
CA MET S 87 -75.70 -34.18 24.67
C MET S 87 -76.56 -35.09 25.52
N ALA S 88 -77.75 -34.63 25.90
CA ALA S 88 -78.64 -35.44 26.71
C ALA S 88 -79.16 -36.65 25.94
N THR S 89 -79.18 -36.57 24.62
CA THR S 89 -79.41 -37.76 23.81
C THR S 89 -78.23 -38.72 23.95
N LEU S 90 -77.02 -38.17 24.00
CA LEU S 90 -75.83 -39.02 23.97
C LEU S 90 -75.64 -39.75 25.29
N PHE S 91 -75.84 -39.06 26.42
CA PHE S 91 -75.68 -39.73 27.71
C PHE S 91 -76.79 -40.73 27.95
N LYS S 92 -77.99 -40.46 27.45
CA LYS S 92 -79.09 -41.41 27.58
C LYS S 92 -78.80 -42.68 26.81
N GLU S 93 -78.07 -42.59 25.72
CA GLU S 93 -77.59 -43.79 25.05
C GLU S 93 -76.57 -44.52 25.92
N ILE S 94 -75.72 -43.78 26.62
CA ILE S 94 -74.71 -44.41 27.47
C ILE S 94 -75.35 -44.99 28.72
N HIS S 95 -76.28 -44.24 29.32
CA HIS S 95 -76.97 -44.73 30.53
C HIS S 95 -77.82 -45.94 30.25
N ASP S 96 -78.35 -46.06 29.04
CA ASP S 96 -79.02 -47.30 28.65
C ASP S 96 -78.03 -48.39 28.28
N HIS S 97 -76.86 -47.99 27.79
CA HIS S 97 -75.83 -48.97 27.48
C HIS S 97 -75.25 -49.59 28.74
N ALA S 98 -75.19 -48.81 29.83
CA ALA S 98 -74.61 -49.33 31.06
C ALA S 98 -75.56 -50.29 31.76
N LEU S 99 -76.86 -49.97 31.75
CA LEU S 99 -77.83 -50.82 32.45
C LEU S 99 -78.02 -52.17 31.78
N SER S 100 -77.61 -52.32 30.52
CA SER S 100 -77.73 -53.60 29.86
C SER S 100 -76.75 -54.62 30.42
N TRP S 101 -75.62 -54.16 30.96
CA TRP S 101 -74.54 -55.07 31.33
C TRP S 101 -74.91 -55.98 32.50
N SER S 102 -75.76 -55.50 33.40
CA SER S 102 -76.24 -56.34 34.49
C SER S 102 -77.00 -57.55 33.97
N GLY S 103 -77.78 -57.36 32.91
CA GLY S 103 -78.37 -58.49 32.23
C GLY S 103 -77.35 -59.32 31.48
N VAL S 104 -76.36 -58.67 30.88
CA VAL S 104 -75.40 -59.36 30.02
C VAL S 104 -74.50 -60.25 30.85
N GLU S 105 -73.89 -59.69 31.90
CA GLU S 105 -72.92 -60.42 32.71
C GLU S 105 -73.58 -61.59 33.44
N SER S 106 -74.83 -61.41 33.86
CA SER S 106 -75.58 -62.52 34.44
C SER S 106 -75.87 -63.60 33.40
N LYS S 107 -76.09 -63.21 32.15
CA LYS S 107 -76.25 -64.21 31.10
C LYS S 107 -74.93 -64.89 30.77
N VAL S 108 -73.81 -64.17 30.88
CA VAL S 108 -72.51 -64.78 30.61
C VAL S 108 -72.17 -65.78 31.71
N GLN S 109 -72.42 -65.41 32.97
CA GLN S 109 -72.05 -66.26 34.09
C GLN S 109 -72.89 -67.53 34.15
N GLN S 110 -74.21 -67.38 34.09
CA GLN S 110 -75.09 -68.52 34.28
C GLN S 110 -75.00 -69.51 33.12
N GLN S 111 -74.71 -69.03 31.92
CA GLN S 111 -74.54 -69.94 30.79
C GLN S 111 -73.23 -70.70 30.90
N SER S 112 -72.15 -70.03 31.30
CA SER S 112 -70.84 -70.67 31.31
C SER S 112 -70.74 -71.73 32.40
N ILE S 113 -71.52 -71.60 33.46
CA ILE S 113 -71.66 -72.68 34.43
C ILE S 113 -72.29 -73.89 33.76
N ASP S 114 -73.34 -73.65 32.97
CA ASP S 114 -74.00 -74.75 32.28
C ASP S 114 -73.13 -75.34 31.19
N LEU S 115 -72.26 -74.52 30.58
CA LEU S 115 -71.31 -75.03 29.61
C LEU S 115 -70.26 -75.92 30.25
N GLU S 116 -69.98 -75.73 31.54
CA GLU S 116 -69.09 -76.65 32.24
C GLU S 116 -69.80 -77.94 32.62
N ASN S 117 -71.03 -77.82 33.14
CA ASN S 117 -71.77 -78.99 33.61
C ASN S 117 -72.15 -79.89 32.45
N ALA S 118 -72.60 -79.31 31.34
CA ALA S 118 -72.77 -80.10 30.13
C ALA S 118 -71.42 -80.49 29.54
N GLY S 119 -70.39 -79.67 29.78
CA GLY S 119 -69.07 -79.97 29.25
C GLY S 119 -68.39 -81.15 29.89
N LYS S 120 -68.86 -81.58 31.06
CA LYS S 120 -68.30 -82.74 31.74
C LYS S 120 -69.17 -83.98 31.59
N GLN S 121 -70.49 -83.82 31.77
CA GLN S 121 -71.40 -84.96 31.76
C GLN S 121 -71.48 -85.58 30.38
N ILE S 122 -71.37 -84.78 29.33
CA ILE S 122 -71.21 -85.32 27.99
C ILE S 122 -69.85 -85.98 27.84
N THR S 123 -68.81 -85.32 28.35
CA THR S 123 -67.46 -85.83 28.19
C THR S 123 -67.23 -87.08 29.03
N LEU S 124 -67.89 -87.19 30.18
CA LEU S 124 -67.86 -88.43 30.94
C LEU S 124 -68.56 -89.56 30.20
N THR S 125 -69.72 -89.27 29.61
CA THR S 125 -70.44 -90.30 28.88
C THR S 125 -69.73 -90.66 27.58
N GLY S 126 -69.22 -89.65 26.87
CA GLY S 126 -68.65 -89.89 25.56
C GLY S 126 -67.31 -90.61 25.59
N ASP S 127 -66.49 -90.32 26.59
CA ASP S 127 -65.21 -91.00 26.69
C ASP S 127 -65.37 -92.45 27.10
N GLU S 128 -66.40 -92.75 27.90
CA GLU S 128 -66.68 -94.14 28.24
C GLU S 128 -67.17 -94.94 27.04
N ILE S 129 -67.91 -94.30 26.14
CA ILE S 129 -68.46 -95.03 24.99
C ILE S 129 -67.36 -95.37 24.00
N ILE S 130 -66.45 -94.44 23.73
CA ILE S 130 -65.34 -94.70 22.80
C ILE S 130 -64.39 -95.75 23.38
N SER S 131 -64.28 -95.81 24.71
CA SER S 131 -63.43 -96.80 25.35
C SER S 131 -64.02 -98.21 25.23
N VAL S 132 -65.31 -98.37 25.52
CA VAL S 132 -65.90 -99.70 25.58
C VAL S 132 -66.14 -100.31 24.21
N ILE S 133 -66.20 -99.50 23.14
CA ILE S 133 -66.38 -100.09 21.82
C ILE S 133 -65.05 -100.65 21.31
N ASP S 134 -63.93 -100.06 21.74
CA ASP S 134 -62.62 -100.63 21.43
C ASP S 134 -62.37 -101.98 22.10
N GLN S 135 -63.15 -102.33 23.11
CA GLN S 135 -63.14 -103.70 23.63
C GLN S 135 -63.64 -104.69 22.58
N MET S 136 -64.60 -104.30 21.75
CA MET S 136 -65.03 -105.16 20.66
C MET S 136 -63.91 -105.26 19.60
N PRO S 137 -63.73 -106.42 18.99
CA PRO S 137 -62.72 -106.55 17.94
C PRO S 137 -63.19 -105.94 16.63
N ILE S 138 -62.21 -105.59 15.81
CA ILE S 138 -62.48 -104.92 14.54
C ILE S 138 -63.18 -105.83 13.54
N ILE S 139 -63.00 -107.16 13.67
CA ILE S 139 -63.69 -108.08 12.78
C ILE S 139 -65.17 -108.14 13.10
N GLU S 140 -65.52 -108.21 14.37
CA GLU S 140 -66.92 -108.21 14.78
C GLU S 140 -67.54 -106.83 14.77
N ARG S 141 -66.72 -105.78 14.65
CA ARG S 141 -67.20 -104.42 14.72
C ARG S 141 -68.06 -104.08 13.51
N VAL S 142 -67.65 -104.54 12.33
CA VAL S 142 -68.32 -104.17 11.09
C VAL S 142 -69.65 -104.91 10.97
N LYS S 143 -69.69 -106.16 11.44
CA LYS S 143 -70.92 -106.94 11.41
C LYS S 143 -72.01 -106.37 12.33
N ASN S 144 -71.63 -105.60 13.33
CA ASN S 144 -72.61 -104.92 14.17
C ASN S 144 -72.86 -103.51 13.64
N LYS S 145 -74.07 -103.03 13.90
CA LYS S 145 -74.49 -101.67 13.56
C LYS S 145 -74.82 -100.92 14.85
N LEU S 146 -75.24 -99.67 14.70
CA LEU S 146 -75.60 -98.87 15.86
C LEU S 146 -76.89 -99.38 16.49
N GLY S 147 -77.87 -99.78 15.67
CA GLY S 147 -79.14 -100.27 16.17
C GLY S 147 -79.05 -101.59 16.91
N ASP S 148 -77.94 -102.32 16.76
CA ASP S 148 -77.71 -103.52 17.54
C ASP S 148 -77.45 -103.22 19.02
N LEU S 149 -77.03 -102.00 19.35
CA LEU S 149 -76.61 -101.66 20.70
C LEU S 149 -77.47 -100.56 21.32
N THR S 150 -78.66 -100.31 20.76
CA THR S 150 -79.59 -99.35 21.33
C THR S 150 -80.57 -100.00 22.29
N ASP S 151 -80.18 -101.10 22.92
CA ASP S 151 -81.12 -101.93 23.66
C ASP S 151 -80.87 -101.98 25.16
N LYS S 152 -79.76 -101.45 25.64
CA LYS S 152 -79.39 -101.63 27.03
C LYS S 152 -78.46 -100.50 27.47
N GLN S 153 -78.23 -100.45 28.77
CA GLN S 153 -77.18 -99.60 29.34
C GLN S 153 -75.84 -100.26 29.03
N LEU S 154 -75.20 -99.82 27.95
CA LEU S 154 -73.98 -100.47 27.45
C LEU S 154 -72.83 -100.20 28.39
N ALA S 155 -72.43 -101.26 29.14
CA ALA S 155 -71.28 -101.25 30.05
C ALA S 155 -71.41 -100.16 31.12
N GLU S 156 -72.57 -100.17 31.80
CA GLU S 156 -73.02 -99.23 32.85
C GLU S 156 -72.72 -97.76 32.57
N ILE S 157 -72.77 -97.35 31.31
CA ILE S 157 -72.57 -95.97 30.93
C ILE S 157 -73.90 -95.25 30.99
N THR S 158 -73.97 -94.17 31.75
CA THR S 158 -75.20 -93.41 31.87
C THR S 158 -74.94 -91.95 31.54
N TYR S 159 -75.99 -91.14 31.65
CA TYR S 159 -75.91 -89.72 31.34
C TYR S 159 -77.00 -88.99 32.11
N THR S 160 -76.70 -87.77 32.54
CA THR S 160 -77.66 -86.90 33.20
C THR S 160 -77.89 -85.69 32.32
N ASN S 161 -79.16 -85.35 32.11
CA ASN S 161 -79.50 -84.28 31.18
C ASN S 161 -79.36 -82.91 31.85
N ASP S 162 -79.87 -81.88 31.17
CA ASP S 162 -79.97 -80.56 31.77
C ASP S 162 -81.05 -80.54 32.85
N ASP S 163 -82.06 -81.39 32.72
CA ASP S 163 -83.21 -81.42 33.62
C ASP S 163 -82.98 -82.26 34.86
N LYS S 164 -81.72 -82.58 35.16
CA LYS S 164 -81.29 -83.38 36.32
C LYS S 164 -81.89 -84.78 36.36
N GLU S 165 -82.35 -85.30 35.23
CA GLU S 165 -82.82 -86.67 35.14
C GLU S 165 -81.76 -87.53 34.47
N ILE S 166 -81.83 -88.81 34.74
CA ILE S 166 -80.78 -89.73 34.33
C ILE S 166 -81.25 -90.52 33.13
N ALA S 167 -80.31 -90.95 32.29
CA ALA S 167 -80.57 -91.79 31.14
C ALA S 167 -79.47 -92.82 31.05
N VAL S 168 -79.84 -94.08 30.79
CA VAL S 168 -78.93 -95.20 30.90
C VAL S 168 -78.68 -95.90 29.56
N GLU S 169 -79.70 -96.05 28.73
CA GLU S 169 -79.53 -96.83 27.52
C GLU S 169 -78.95 -95.98 26.39
N LEU S 170 -78.19 -96.65 25.52
CA LEU S 170 -77.51 -95.97 24.43
C LEU S 170 -78.50 -95.37 23.44
N GLY S 171 -79.62 -96.06 23.21
CA GLY S 171 -80.67 -95.51 22.37
C GLY S 171 -81.44 -94.37 23.02
N ASN S 172 -81.28 -94.16 24.32
CA ASN S 172 -81.93 -93.05 25.01
C ASN S 172 -80.97 -91.92 25.35
N ILE S 173 -79.70 -92.23 25.59
CA ILE S 173 -78.72 -91.20 25.88
C ILE S 173 -78.44 -90.36 24.65
N LEU S 174 -78.23 -91.01 23.50
CA LEU S 174 -77.93 -90.30 22.25
C LEU S 174 -79.09 -89.43 21.80
N GLU S 175 -80.33 -89.82 22.16
CA GLU S 175 -81.46 -88.97 21.87
C GLU S 175 -81.63 -87.87 22.91
N SER S 176 -81.24 -88.15 24.16
CA SER S 176 -81.30 -87.10 25.18
C SER S 176 -80.20 -86.08 24.99
N MET S 177 -79.01 -86.55 24.58
CA MET S 177 -77.91 -85.64 24.30
C MET S 177 -78.19 -84.78 23.08
N LYS S 178 -78.94 -85.32 22.11
CA LYS S 178 -79.30 -84.55 20.92
C LYS S 178 -80.21 -83.39 21.26
N LYS S 179 -81.11 -83.59 22.23
CA LYS S 179 -81.95 -82.49 22.70
C LYS S 179 -81.12 -81.48 23.48
N ASP S 180 -80.13 -81.96 24.24
CA ASP S 180 -79.40 -81.08 25.14
C ASP S 180 -78.40 -80.20 24.38
N ILE S 181 -77.71 -80.77 23.40
CA ILE S 181 -76.81 -79.98 22.57
C ILE S 181 -77.60 -78.96 21.76
N LYS S 182 -78.77 -79.35 21.26
CA LYS S 182 -79.66 -78.42 20.59
C LYS S 182 -80.14 -77.33 21.54
N ARG S 183 -80.29 -77.68 22.81
CA ARG S 183 -80.71 -76.72 23.83
C ARG S 183 -79.58 -75.76 24.25
N GLN S 184 -78.34 -76.23 24.19
CA GLN S 184 -77.21 -75.39 24.58
C GLN S 184 -76.80 -74.42 23.48
N GLN S 185 -77.04 -74.77 22.22
CA GLN S 185 -76.72 -73.85 21.13
C GLN S 185 -77.63 -72.64 21.14
N GLU S 186 -78.93 -72.87 21.27
CA GLU S 186 -79.88 -71.78 21.24
C GLU S 186 -79.81 -70.93 22.50
N ASN S 187 -79.31 -71.47 23.61
CA ASN S 187 -78.94 -70.62 24.73
C ASN S 187 -77.70 -69.81 24.40
N THR S 188 -76.73 -70.43 23.74
CA THR S 188 -75.46 -69.76 23.46
C THR S 188 -75.65 -68.64 22.44
N GLN S 189 -76.53 -68.86 21.46
CA GLN S 189 -76.81 -67.82 20.49
C GLN S 189 -77.52 -66.63 21.12
N LYS S 190 -78.36 -66.88 22.13
CA LYS S 190 -78.91 -65.79 22.92
C LYS S 190 -77.85 -65.05 23.71
N VAL S 191 -76.78 -65.75 24.09
CA VAL S 191 -75.69 -65.09 24.81
C VAL S 191 -74.87 -64.24 23.87
N LYS S 192 -74.42 -64.84 22.75
CA LYS S 192 -73.53 -64.17 21.82
C LYS S 192 -74.21 -62.97 21.15
N THR S 193 -75.53 -63.04 21.00
CA THR S 193 -76.30 -61.89 20.53
C THR S 193 -76.18 -60.73 21.52
N ALA S 194 -76.42 -60.99 22.81
CA ALA S 194 -76.41 -59.93 23.79
C ALA S 194 -75.01 -59.40 24.04
N VAL S 195 -73.99 -60.24 23.87
CA VAL S 195 -72.61 -59.76 23.93
C VAL S 195 -72.33 -58.83 22.76
N SER S 196 -72.62 -59.31 21.55
CA SER S 196 -72.33 -58.53 20.36
C SER S 196 -73.24 -57.31 20.25
N ASP S 197 -74.46 -57.38 20.81
CA ASP S 197 -75.28 -56.18 20.92
C ASP S 197 -74.63 -55.18 21.87
N PHE S 198 -74.00 -55.68 22.92
CA PHE S 198 -73.35 -54.78 23.87
C PHE S 198 -72.07 -54.21 23.28
N LYS S 199 -71.35 -55.01 22.49
CA LYS S 199 -70.14 -54.51 21.87
C LYS S 199 -70.45 -53.52 20.77
N LEU S 200 -71.33 -53.92 19.84
CA LEU S 200 -71.56 -53.10 18.67
C LEU S 200 -72.43 -51.89 18.94
N LYS S 201 -73.02 -51.79 20.13
CA LYS S 201 -73.59 -50.51 20.50
C LYS S 201 -72.49 -49.57 20.97
N LEU S 202 -71.40 -50.12 21.50
CA LEU S 202 -70.27 -49.30 21.93
C LEU S 202 -69.40 -48.88 20.76
N ILE S 203 -68.93 -49.84 19.96
CA ILE S 203 -68.01 -49.50 18.88
C ILE S 203 -68.75 -49.08 17.62
N GLY S 204 -69.94 -49.62 17.37
CA GLY S 204 -70.68 -49.18 16.22
C GLY S 204 -70.81 -50.28 15.17
N GLY S 205 -71.81 -50.12 14.32
CA GLY S 205 -72.06 -51.09 13.27
C GLY S 205 -73.49 -51.60 13.32
N GLU S 206 -73.74 -52.71 12.65
CA GLU S 206 -75.08 -53.28 12.63
C GLU S 206 -75.33 -54.06 13.91
N LEU S 207 -76.46 -53.79 14.56
CA LEU S 207 -76.85 -54.55 15.74
C LEU S 207 -77.50 -55.86 15.32
N SER S 208 -78.12 -56.56 16.27
CA SER S 208 -78.78 -57.81 15.93
C SER S 208 -80.10 -57.56 15.21
N ASP S 209 -80.79 -56.48 15.53
CA ASP S 209 -82.06 -56.18 14.86
C ASP S 209 -81.86 -55.72 13.43
N GLY S 210 -80.69 -55.18 13.11
CA GLY S 210 -80.43 -54.54 11.84
C GLY S 210 -80.22 -53.05 11.94
N THR S 211 -80.40 -52.47 13.12
CA THR S 211 -80.17 -51.04 13.28
C THR S 211 -78.68 -50.77 13.29
N ILE S 212 -78.23 -49.89 12.39
CA ILE S 212 -76.89 -49.35 12.51
C ILE S 212 -76.87 -48.41 13.72
N ALA S 213 -76.03 -48.73 14.69
CA ALA S 213 -75.85 -47.88 15.85
C ALA S 213 -74.53 -47.13 15.67
N GLN S 214 -74.59 -45.81 15.80
CA GLN S 214 -73.37 -45.02 15.86
C GLN S 214 -72.59 -45.41 17.10
N GLY S 215 -71.27 -45.53 16.94
CA GLY S 215 -70.45 -46.03 18.02
C GLY S 215 -70.34 -45.03 19.15
N LEU S 216 -70.36 -45.55 20.38
CA LEU S 216 -70.23 -44.68 21.54
C LEU S 216 -68.81 -44.14 21.65
N GLN S 217 -67.81 -44.95 21.32
CA GLN S 217 -66.43 -44.47 21.32
C GLN S 217 -66.17 -43.35 20.32
N PRO S 218 -66.60 -43.40 19.05
CA PRO S 218 -66.42 -42.20 18.21
C PRO S 218 -67.34 -41.06 18.58
N GLN S 219 -68.54 -41.33 19.13
CA GLN S 219 -69.40 -40.24 19.57
C GLN S 219 -68.78 -39.43 20.69
N ILE S 220 -67.98 -40.07 21.54
CA ILE S 220 -67.18 -39.29 22.48
C ILE S 220 -66.07 -38.56 21.75
N SER S 221 -65.39 -39.26 20.83
CA SER S 221 -64.30 -38.65 20.10
C SER S 221 -64.78 -37.59 19.12
N SER S 222 -66.05 -37.63 18.72
CA SER S 222 -66.60 -36.54 17.93
C SER S 222 -66.72 -35.27 18.76
N LYS S 223 -67.26 -35.39 19.96
CA LYS S 223 -67.45 -34.21 20.81
C LYS S 223 -66.11 -33.71 21.32
N LYS S 224 -65.20 -34.63 21.64
CA LYS S 224 -63.89 -34.24 22.15
C LYS S 224 -63.08 -33.52 21.09
N LYS S 225 -63.27 -33.88 19.82
CA LYS S 225 -62.66 -33.12 18.75
C LYS S 225 -63.31 -31.75 18.61
N LEU S 226 -64.62 -31.64 18.90
CA LEU S 226 -65.27 -30.35 18.82
C LEU S 226 -64.83 -29.42 19.95
N MET S 227 -64.48 -29.98 21.10
CA MET S 227 -64.09 -29.13 22.21
C MET S 227 -62.68 -28.58 22.04
N ASP S 228 -61.88 -29.20 21.18
CA ASP S 228 -60.57 -28.65 20.90
C ASP S 228 -60.65 -27.58 19.82
N ASP S 229 -61.45 -27.81 18.78
CA ASP S 229 -61.67 -26.82 17.73
C ASP S 229 -62.73 -25.85 18.23
N ASN S 230 -62.31 -24.77 18.87
CA ASN S 230 -63.26 -23.76 19.29
C ASN S 230 -62.61 -22.39 19.22
N ASN S 231 -63.44 -21.40 18.87
CA ASN S 231 -63.03 -20.00 18.75
C ASN S 231 -63.02 -19.27 20.08
N LEU S 232 -63.16 -19.99 21.19
CA LEU S 232 -63.37 -19.34 22.48
C LEU S 232 -62.11 -18.64 22.95
N SER S 233 -60.94 -19.15 22.57
CA SER S 233 -59.71 -18.41 22.82
C SER S 233 -59.49 -17.28 21.83
N THR S 234 -60.34 -17.16 20.81
CA THR S 234 -60.22 -16.12 19.81
C THR S 234 -61.29 -15.05 19.94
N THR S 235 -62.55 -15.45 20.10
CA THR S 235 -63.64 -14.50 20.18
C THR S 235 -63.56 -13.63 21.43
N ILE S 236 -63.08 -14.20 22.53
CA ILE S 236 -62.85 -13.40 23.73
C ILE S 236 -61.79 -12.33 23.48
N LYS S 237 -60.74 -12.70 22.74
CA LYS S 237 -59.78 -11.69 22.31
C LYS S 237 -60.39 -10.75 21.28
N ASP S 238 -61.34 -11.25 20.48
CA ASP S 238 -62.01 -10.38 19.51
C ASP S 238 -62.99 -9.44 20.19
N LEU S 239 -63.72 -9.93 21.20
CA LEU S 239 -64.64 -9.05 21.90
C LEU S 239 -63.90 -8.06 22.80
N GLN S 240 -62.78 -8.46 23.39
CA GLN S 240 -62.01 -7.49 24.16
C GLN S 240 -61.29 -6.49 23.26
N SER S 241 -61.16 -6.79 21.98
CA SER S 241 -60.74 -5.76 21.04
C SER S 241 -61.82 -4.71 20.86
N LYS S 242 -63.07 -5.15 20.73
CA LYS S 242 -64.16 -4.20 20.48
C LYS S 242 -64.52 -3.40 21.71
N ILE S 243 -64.41 -4.01 22.90
CA ILE S 243 -64.66 -3.27 24.13
C ILE S 243 -63.60 -2.20 24.34
N ASP S 244 -62.33 -2.56 24.13
CA ASP S 244 -61.26 -1.57 24.19
C ASP S 244 -61.33 -0.59 23.03
N GLU S 245 -61.98 -0.97 21.93
CA GLU S 245 -62.29 0.00 20.90
C GLU S 245 -63.38 0.96 21.35
N LYS S 246 -64.47 0.41 21.89
CA LYS S 246 -65.58 1.25 22.30
C LYS S 246 -65.31 2.02 23.58
N ASN S 247 -64.36 1.56 24.40
CA ASN S 247 -63.96 2.38 25.54
C ASN S 247 -63.23 3.63 25.10
N LYS S 248 -62.50 3.55 23.98
CA LYS S 248 -61.79 4.71 23.47
C LYS S 248 -62.76 5.77 22.97
N GLU S 249 -63.93 5.35 22.48
CA GLU S 249 -64.96 6.31 22.09
C GLU S 249 -65.62 6.94 23.31
N ILE S 250 -65.91 6.14 24.33
CA ILE S 250 -66.53 6.64 25.54
C ILE S 250 -65.59 7.58 26.26
N ASP S 251 -64.30 7.23 26.32
CA ASP S 251 -63.30 8.11 26.90
C ASP S 251 -63.08 9.36 26.06
N GLN S 252 -63.54 9.36 24.81
CA GLN S 252 -63.52 10.54 23.99
C GLN S 252 -64.78 11.36 24.11
N PHE S 253 -65.94 10.71 24.29
CA PHE S 253 -67.18 11.47 24.40
C PHE S 253 -67.30 12.19 25.73
N GLN S 254 -66.62 11.70 26.76
CA GLN S 254 -66.54 12.44 28.02
C GLN S 254 -65.80 13.75 27.82
N LYS S 255 -64.77 13.73 26.98
CA LYS S 255 -64.10 14.97 26.60
C LYS S 255 -65.03 15.89 25.81
N ASP S 256 -65.94 15.31 25.02
CA ASP S 256 -66.86 16.14 24.25
C ASP S 256 -67.89 16.80 25.15
N TYR S 257 -68.51 16.01 26.03
CA TYR S 257 -69.53 16.56 26.92
C TYR S 257 -68.93 17.54 27.91
N ASN S 258 -67.68 17.34 28.30
CA ASN S 258 -67.02 18.33 29.14
C ASN S 258 -66.54 19.53 28.35
N LYS S 259 -66.68 19.52 27.02
CA LYS S 259 -66.32 20.67 26.21
C LYS S 259 -67.54 21.45 25.73
N TYR S 260 -68.56 20.76 25.23
CA TYR S 260 -69.75 21.45 24.75
C TYR S 260 -70.49 22.16 25.87
N VAL S 261 -70.58 21.53 27.04
CA VAL S 261 -71.18 22.17 28.20
C VAL S 261 -70.35 23.38 28.63
N GLY S 262 -69.04 23.27 28.49
CA GLY S 262 -68.18 24.43 28.64
C GLY S 262 -68.48 25.50 27.61
N LEU S 263 -68.77 25.09 26.38
CA LEU S 263 -69.14 26.06 25.36
C LEU S 263 -70.55 26.57 25.57
N ALA S 264 -71.46 25.72 26.06
CA ALA S 264 -72.87 26.10 26.16
C ALA S 264 -73.11 27.14 27.25
N PHE S 265 -72.19 27.30 28.20
CA PHE S 265 -72.32 28.31 29.23
C PHE S 265 -71.66 29.62 28.84
N SER S 266 -71.61 29.92 27.55
CA SER S 266 -70.92 31.12 27.09
C SER S 266 -71.71 32.38 27.37
N GLY S 267 -73.03 32.33 27.19
CA GLY S 267 -73.86 33.48 26.92
C GLY S 267 -73.93 34.61 27.93
N MET S 268 -74.39 34.32 29.14
CA MET S 268 -74.89 35.35 30.05
C MET S 268 -73.82 36.22 30.67
N VAL S 269 -72.56 36.27 30.22
CA VAL S 269 -71.62 37.23 30.77
C VAL S 269 -72.03 38.66 30.38
N GLY S 270 -72.34 38.91 29.11
CA GLY S 270 -73.04 40.11 28.72
C GLY S 270 -74.19 39.81 27.78
N GLY S 271 -74.10 38.64 27.14
CA GLY S 271 -75.04 38.23 26.12
C GLY S 271 -76.18 37.35 26.58
N ILE S 272 -77.17 37.92 27.27
CA ILE S 272 -78.39 37.20 27.63
C ILE S 272 -79.10 36.70 26.39
N ILE S 273 -79.07 37.48 25.31
CA ILE S 273 -79.59 37.02 24.03
C ILE S 273 -78.74 35.89 23.48
N SER S 274 -77.43 35.98 23.64
CA SER S 274 -76.53 34.94 23.13
C SER S 274 -76.57 33.67 23.96
N TRP S 275 -77.16 33.72 25.16
CA TRP S 275 -77.32 32.53 25.98
C TRP S 275 -78.19 31.50 25.29
N ALA S 276 -79.28 31.95 24.66
CA ALA S 276 -80.08 31.05 23.86
C ALA S 276 -79.43 30.69 22.54
N ILE S 277 -78.47 31.50 22.08
CA ILE S 277 -77.83 31.22 20.80
C ILE S 277 -76.89 30.04 20.91
N THR S 278 -75.86 30.15 21.74
CA THR S 278 -74.88 29.08 21.84
C THR S 278 -75.44 27.90 22.62
N GLY S 279 -76.34 28.16 23.56
CA GLY S 279 -77.06 27.06 24.19
C GLY S 279 -77.96 26.32 23.22
N GLY S 280 -78.48 27.03 22.22
CA GLY S 280 -79.19 26.34 21.16
C GLY S 280 -78.25 25.55 20.27
N ILE S 281 -77.06 26.09 20.03
CA ILE S 281 -76.10 25.41 19.17
C ILE S 281 -75.45 24.25 19.90
N PHE S 282 -74.80 24.54 21.03
CA PHE S 282 -73.96 23.57 21.68
C PHE S 282 -74.69 22.71 22.68
N GLY S 283 -75.75 23.24 23.30
CA GLY S 283 -76.50 22.47 24.28
C GLY S 283 -77.26 21.31 23.67
N ASP S 284 -77.60 21.42 22.38
CA ASP S 284 -78.05 20.24 21.64
C ASP S 284 -76.91 19.24 21.53
N LYS S 285 -75.75 19.71 21.09
CA LYS S 285 -74.64 18.79 20.83
C LYS S 285 -74.05 18.25 22.12
N ALA S 286 -74.16 19.01 23.21
CA ALA S 286 -73.87 18.45 24.53
C ALA S 286 -74.85 17.33 24.86
N GLU S 287 -76.13 17.56 24.58
CA GLU S 287 -77.15 16.57 24.89
C GLU S 287 -77.02 15.34 23.98
N LYS S 288 -76.66 15.57 22.71
CA LYS S 288 -76.55 14.44 21.78
C LYS S 288 -75.34 13.58 22.11
N ALA S 289 -74.21 14.20 22.44
CA ALA S 289 -73.03 13.44 22.82
C ALA S 289 -73.25 12.71 24.14
N ARG S 290 -74.05 13.29 25.03
CA ARG S 290 -74.39 12.61 26.28
C ARG S 290 -75.30 11.42 26.02
N LYS S 291 -76.18 11.53 25.02
CA LYS S 291 -77.00 10.38 24.66
C LYS S 291 -76.18 9.29 23.98
N GLN S 292 -75.12 9.68 23.27
CA GLN S 292 -74.16 8.69 22.83
C GLN S 292 -73.42 8.09 24.01
N LYS S 293 -73.12 8.91 25.01
CA LYS S 293 -72.52 8.44 26.24
C LYS S 293 -73.48 7.56 27.03
N ASN S 294 -74.78 7.82 26.94
CA ASN S 294 -75.75 6.91 27.53
C ASN S 294 -75.74 5.57 26.81
N LYS S 295 -75.69 5.61 25.47
CA LYS S 295 -75.90 4.41 24.70
C LYS S 295 -74.70 3.48 24.73
N LEU S 296 -73.49 4.04 24.61
CA LEU S 296 -72.32 3.20 24.44
C LEU S 296 -71.90 2.52 25.74
N ILE S 297 -72.05 3.22 26.87
CA ILE S 297 -71.74 2.61 28.17
C ILE S 297 -72.67 1.44 28.44
N ASP S 298 -73.94 1.58 28.05
CA ASP S 298 -74.86 0.46 28.16
C ASP S 298 -74.52 -0.67 27.21
N GLU S 299 -73.90 -0.36 26.07
CA GLU S 299 -73.48 -1.41 25.17
C GLU S 299 -72.23 -2.12 25.67
N VAL S 300 -71.26 -1.35 26.19
CA VAL S 300 -70.04 -1.94 26.72
C VAL S 300 -70.34 -2.80 27.94
N LYS S 301 -71.29 -2.34 28.77
CA LYS S 301 -71.80 -3.16 29.86
C LYS S 301 -72.44 -4.45 29.36
N ASP S 302 -73.10 -4.39 28.20
CA ASP S 302 -73.63 -5.60 27.61
C ASP S 302 -72.56 -6.41 26.91
N LEU S 303 -71.57 -5.75 26.30
CA LEU S 303 -70.49 -6.50 25.66
C LEU S 303 -69.56 -7.14 26.67
N GLN S 304 -69.36 -6.50 27.82
CA GLN S 304 -68.59 -7.12 28.89
C GLN S 304 -69.29 -8.36 29.42
N SER S 305 -70.62 -8.32 29.45
CA SER S 305 -71.39 -9.45 29.95
C SER S 305 -71.29 -10.66 29.03
N GLN S 306 -71.07 -10.44 27.73
CA GLN S 306 -70.82 -11.56 26.84
C GLN S 306 -69.46 -12.17 27.11
N VAL S 307 -68.47 -11.32 27.41
CA VAL S 307 -67.12 -11.81 27.69
C VAL S 307 -67.10 -12.60 28.99
N LYS S 308 -67.88 -12.16 29.97
CA LYS S 308 -67.96 -12.86 31.25
C LYS S 308 -68.54 -14.26 31.09
N ASP S 309 -69.57 -14.39 30.26
CA ASP S 309 -70.17 -15.71 30.06
C ASP S 309 -69.29 -16.59 29.18
N LYS S 310 -68.65 -16.01 28.18
CA LYS S 310 -67.79 -16.81 27.31
C LYS S 310 -66.49 -17.21 28.01
N SER S 311 -66.01 -16.39 28.95
CA SER S 311 -64.89 -16.82 29.78
C SER S 311 -65.31 -17.96 30.69
N ALA S 312 -66.51 -17.88 31.25
CA ALA S 312 -67.06 -19.00 31.98
C ALA S 312 -67.42 -20.16 31.06
N LEU S 313 -67.68 -19.87 29.78
CA LEU S 313 -67.94 -20.95 28.84
C LEU S 313 -66.67 -21.72 28.51
N GLN S 314 -65.57 -21.00 28.25
CA GLN S 314 -64.32 -21.64 27.88
C GLN S 314 -63.77 -22.47 29.03
N THR S 315 -64.01 -22.04 30.26
CA THR S 315 -63.69 -22.87 31.41
C THR S 315 -64.58 -24.10 31.46
N SER S 316 -65.86 -23.93 31.10
CA SER S 316 -66.82 -25.01 31.19
C SER S 316 -66.55 -26.09 30.16
N VAL S 317 -66.10 -25.69 28.97
CA VAL S 317 -65.83 -26.66 27.92
C VAL S 317 -64.55 -27.42 28.22
N GLN S 318 -63.50 -26.70 28.60
CA GLN S 318 -62.20 -27.29 28.83
C GLN S 318 -62.21 -28.24 30.03
N ASN S 319 -63.06 -27.96 31.03
CA ASN S 319 -63.28 -28.94 32.08
C ASN S 319 -64.06 -30.14 31.56
N LEU S 320 -65.02 -29.90 30.66
CA LEU S 320 -65.84 -30.99 30.16
C LEU S 320 -65.05 -31.89 29.23
N SER S 321 -64.02 -31.36 28.58
CA SER S 321 -63.14 -32.16 27.74
C SER S 321 -62.44 -33.23 28.56
N LEU S 322 -62.06 -32.90 29.78
CA LEU S 322 -61.43 -33.88 30.65
C LEU S 322 -62.42 -34.92 31.13
N SER S 323 -63.69 -34.54 31.24
CA SER S 323 -64.72 -35.48 31.65
C SER S 323 -64.90 -36.56 30.60
N PHE S 324 -65.00 -36.15 29.34
CA PHE S 324 -65.08 -37.11 28.25
C PHE S 324 -63.77 -37.86 28.04
N ALA S 325 -62.64 -37.28 28.44
CA ALA S 325 -61.35 -37.91 28.23
C ALA S 325 -61.24 -39.21 29.01
N GLY S 326 -61.70 -39.22 30.26
CA GLY S 326 -61.76 -40.47 30.99
C GLY S 326 -62.80 -41.42 30.42
N ILE S 327 -63.96 -40.88 30.03
CA ILE S 327 -65.02 -41.67 29.42
C ILE S 327 -64.52 -42.31 28.13
N HIS S 328 -63.76 -41.56 27.35
CA HIS S 328 -63.12 -42.14 26.17
C HIS S 328 -62.07 -43.17 26.57
N THR S 329 -61.35 -42.91 27.66
CA THR S 329 -60.34 -43.86 28.11
C THR S 329 -60.99 -45.13 28.67
N SER S 330 -62.16 -44.98 29.30
CA SER S 330 -62.88 -46.16 29.76
C SER S 330 -63.40 -46.99 28.61
N MET S 331 -63.77 -46.35 27.50
CA MET S 331 -64.33 -47.09 26.38
C MET S 331 -63.26 -47.81 25.58
N VAL S 332 -62.04 -47.25 25.53
CA VAL S 332 -60.95 -47.92 24.84
C VAL S 332 -60.58 -49.22 25.54
N ASP S 333 -60.59 -49.21 26.87
CA ASP S 333 -60.36 -50.46 27.60
C ASP S 333 -61.58 -51.38 27.49
N ALA S 334 -62.78 -50.80 27.42
CA ALA S 334 -63.95 -51.60 27.16
C ALA S 334 -64.01 -52.08 25.72
N GLU S 335 -63.32 -51.38 24.81
CA GLU S 335 -63.22 -51.82 23.42
C GLU S 335 -62.47 -53.13 23.33
N GLU S 336 -61.25 -53.16 23.87
CA GLU S 336 -60.39 -54.34 23.77
C GLU S 336 -60.97 -55.52 24.54
N ALA S 337 -61.65 -55.24 25.66
CA ALA S 337 -62.12 -56.32 26.52
C ALA S 337 -63.25 -57.10 25.87
N LEU S 338 -64.18 -56.40 25.22
CA LEU S 338 -65.30 -57.08 24.60
C LEU S 338 -64.88 -57.86 23.37
N ASN S 339 -63.84 -57.40 22.68
CA ASN S 339 -63.35 -58.11 21.50
C ASN S 339 -62.80 -59.48 21.89
N HIS S 340 -62.11 -59.57 23.02
CA HIS S 340 -61.68 -60.87 23.48
C HIS S 340 -62.85 -61.66 24.04
N LEU S 341 -63.86 -60.96 24.56
CA LEU S 341 -65.04 -61.66 25.07
C LEU S 341 -65.85 -62.24 23.92
N ASP S 342 -66.04 -61.46 22.85
CA ASP S 342 -66.81 -61.92 21.71
C ASP S 342 -66.15 -63.09 21.03
N PHE S 343 -64.81 -63.06 20.93
CA PHE S 343 -64.10 -64.09 20.21
C PHE S 343 -64.13 -65.43 20.94
N MET S 344 -64.25 -65.42 22.26
CA MET S 344 -64.36 -66.68 22.97
C MET S 344 -65.77 -67.27 22.83
N TRP S 345 -66.79 -66.42 22.91
CA TRP S 345 -68.14 -66.93 22.69
C TRP S 345 -68.34 -67.36 21.24
N ASN S 346 -67.72 -66.63 20.31
CA ASN S 346 -67.79 -67.03 18.91
C ASN S 346 -67.07 -68.35 18.69
N THR S 347 -66.00 -68.60 19.44
CA THR S 347 -65.36 -69.89 19.40
C THR S 347 -66.27 -70.97 19.97
N MET S 348 -66.95 -70.66 21.07
CA MET S 348 -67.81 -71.65 21.72
C MET S 348 -69.07 -71.88 20.91
N LEU S 349 -69.68 -70.82 20.38
CA LEU S 349 -70.89 -70.97 19.58
C LEU S 349 -70.61 -71.72 18.29
N THR S 350 -69.39 -71.61 17.76
CA THR S 350 -68.99 -72.44 16.63
C THR S 350 -68.93 -73.91 17.03
N GLN S 351 -68.24 -74.20 18.14
CA GLN S 351 -67.96 -75.57 18.50
C GLN S 351 -69.19 -76.31 18.99
N ILE S 352 -70.16 -75.59 19.55
CA ILE S 352 -71.44 -76.23 19.85
C ILE S 352 -72.20 -76.53 18.57
N THR S 353 -72.14 -75.59 17.61
CA THR S 353 -72.88 -75.74 16.36
C THR S 353 -72.32 -76.87 15.51
N THR S 354 -71.00 -76.93 15.35
CA THR S 354 -70.41 -78.00 14.57
C THR S 354 -70.47 -79.33 15.30
N SER S 355 -70.70 -79.31 16.62
CA SER S 355 -70.97 -80.57 17.30
C SER S 355 -72.36 -81.07 16.99
N ARG S 356 -73.35 -80.17 16.97
CA ARG S 356 -74.74 -80.58 16.78
C ARG S 356 -74.99 -81.08 15.37
N ASP S 357 -74.43 -80.40 14.38
CA ASP S 357 -74.71 -80.72 13.00
C ASP S 357 -74.07 -82.04 12.59
N LYS S 358 -72.89 -82.34 13.12
CA LYS S 358 -72.30 -83.65 12.87
C LYS S 358 -73.01 -84.74 13.66
N PHE S 359 -73.63 -84.38 14.79
CA PHE S 359 -74.35 -85.37 15.59
C PHE S 359 -75.67 -85.74 14.95
N ASP S 360 -76.15 -84.96 14.00
CA ASP S 360 -77.38 -85.27 13.29
C ASP S 360 -77.20 -86.40 12.28
N ASP S 361 -75.96 -86.80 12.00
CA ASP S 361 -75.69 -87.96 11.18
C ASP S 361 -75.94 -89.27 11.93
N ILE S 362 -76.09 -89.21 13.25
CA ILE S 362 -76.21 -90.41 14.06
C ILE S 362 -77.59 -91.02 13.88
N ASN S 363 -77.63 -92.23 13.34
CA ASN S 363 -78.86 -93.01 13.23
C ASN S 363 -78.49 -94.48 13.23
N ASP S 364 -79.50 -95.34 13.44
CA ASP S 364 -79.29 -96.76 13.67
C ASP S 364 -78.74 -97.49 12.44
N ALA S 365 -78.85 -96.89 11.25
CA ALA S 365 -78.29 -97.49 10.06
C ALA S 365 -76.77 -97.42 10.00
N LEU S 366 -76.14 -96.66 10.89
CA LEU S 366 -74.69 -96.56 10.90
C LEU S 366 -74.07 -97.85 11.39
N LYS S 367 -73.15 -98.40 10.60
CA LYS S 367 -72.36 -99.50 11.09
C LYS S 367 -71.36 -99.01 12.12
N LEU S 368 -70.86 -99.94 12.93
CA LEU S 368 -70.39 -99.59 14.25
C LEU S 368 -69.01 -98.91 14.23
N THR S 369 -68.18 -99.18 13.22
CA THR S 369 -66.94 -98.42 13.10
C THR S 369 -67.23 -96.99 12.68
N SER S 370 -68.11 -96.82 11.70
CA SER S 370 -68.51 -95.49 11.23
C SER S 370 -69.27 -94.72 12.30
N PHE S 371 -69.88 -95.39 13.28
CA PHE S 371 -70.50 -94.68 14.38
C PHE S 371 -69.46 -94.01 15.28
N VAL S 372 -68.34 -94.70 15.50
CA VAL S 372 -67.37 -94.23 16.50
C VAL S 372 -66.69 -92.95 16.03
N ILE S 373 -66.12 -92.97 14.82
CA ILE S 373 -65.44 -91.81 14.25
C ILE S 373 -66.39 -90.64 14.08
N ALA S 374 -67.66 -90.92 13.78
CA ALA S 374 -68.68 -89.88 13.81
C ALA S 374 -68.90 -89.36 15.22
N PHE S 375 -69.04 -90.27 16.19
CA PHE S 375 -69.32 -89.83 17.56
C PHE S 375 -68.09 -89.24 18.23
N LYS S 376 -66.90 -89.72 17.86
CA LYS S 376 -65.68 -89.11 18.37
C LYS S 376 -65.53 -87.69 17.84
N GLN S 377 -65.98 -87.44 16.61
CA GLN S 377 -65.97 -86.10 16.05
C GLN S 377 -66.92 -85.17 16.79
N VAL S 378 -67.98 -85.73 17.39
CA VAL S 378 -68.94 -84.92 18.14
C VAL S 378 -68.30 -84.38 19.42
N ILE S 379 -67.59 -85.22 20.15
CA ILE S 379 -67.17 -84.85 21.49
C ILE S 379 -65.89 -84.01 21.51
N GLU S 380 -65.10 -84.04 20.44
CA GLU S 380 -63.86 -83.25 20.43
C GLU S 380 -64.05 -81.74 20.52
N PRO S 381 -65.11 -81.11 20.00
CA PRO S 381 -65.37 -79.71 20.41
C PRO S 381 -65.74 -79.58 21.87
N TRP S 382 -66.35 -80.60 22.47
CA TRP S 382 -66.74 -80.47 23.87
C TRP S 382 -65.57 -80.54 24.83
N ARG S 383 -64.39 -80.96 24.38
CA ARG S 383 -63.20 -80.83 25.21
C ARG S 383 -62.84 -79.36 25.39
N ASP S 384 -62.95 -78.58 24.32
CA ASP S 384 -62.51 -77.20 24.38
C ASP S 384 -63.54 -76.30 25.03
N VAL S 385 -64.83 -76.57 24.83
CA VAL S 385 -65.87 -75.79 25.48
C VAL S 385 -65.84 -76.01 26.98
N GLN S 386 -65.54 -77.25 27.39
CA GLN S 386 -65.21 -77.52 28.78
C GLN S 386 -63.98 -76.73 29.21
N GLY S 387 -62.97 -76.66 28.34
CA GLY S 387 -61.78 -75.91 28.67
C GLY S 387 -61.98 -74.41 28.62
N SER S 388 -62.87 -73.93 27.75
CA SER S 388 -63.06 -72.49 27.63
C SER S 388 -63.86 -71.95 28.80
N ALA S 389 -64.88 -72.68 29.24
CA ALA S 389 -65.63 -72.27 30.42
C ALA S 389 -64.77 -72.35 31.68
N ALA S 390 -63.90 -73.35 31.74
CA ALA S 390 -62.94 -73.44 32.84
C ALA S 390 -61.98 -72.27 32.80
N GLN S 391 -61.53 -71.88 31.61
CA GLN S 391 -60.75 -70.65 31.50
C GLN S 391 -61.60 -69.42 31.73
N LEU S 392 -62.92 -69.53 31.63
CA LEU S 392 -63.74 -68.34 31.82
C LEU S 392 -64.13 -68.18 33.28
N ILE S 393 -64.66 -69.23 33.91
CA ILE S 393 -65.20 -69.13 35.27
C ILE S 393 -64.09 -68.84 36.27
N GLN S 394 -62.91 -69.45 36.06
CA GLN S 394 -61.74 -69.13 36.87
C GLN S 394 -61.34 -67.67 36.72
N THR S 395 -61.42 -67.15 35.49
CA THR S 395 -61.14 -65.74 35.24
C THR S 395 -62.39 -64.87 35.33
N PHE S 396 -63.43 -65.35 36.01
CA PHE S 396 -64.64 -64.56 36.20
C PHE S 396 -64.85 -64.21 37.66
N ASP S 397 -64.87 -65.21 38.54
CA ASP S 397 -65.12 -64.96 39.96
C ASP S 397 -63.95 -64.30 40.63
N GLU S 398 -62.74 -64.53 40.13
CA GLU S 398 -61.56 -63.88 40.67
C GLU S 398 -61.57 -62.38 40.38
N ALA S 399 -62.21 -61.97 39.29
CA ALA S 399 -62.38 -60.55 39.05
C ALA S 399 -63.55 -59.95 39.81
N LEU S 400 -64.45 -60.78 40.32
CA LEU S 400 -65.60 -60.25 41.05
C LEU S 400 -65.21 -59.76 42.43
N ALA S 401 -64.53 -60.61 43.21
CA ALA S 401 -64.08 -60.20 44.53
C ALA S 401 -63.00 -59.13 44.45
N GLU S 402 -62.19 -59.17 43.41
CA GLU S 402 -61.20 -58.12 43.18
C GLU S 402 -61.86 -56.79 42.85
N TYR S 403 -63.05 -56.82 42.23
CA TYR S 403 -63.78 -55.59 41.95
C TYR S 403 -64.26 -54.90 43.21
N LYS S 404 -64.39 -55.63 44.32
CA LYS S 404 -64.69 -55.03 45.61
C LYS S 404 -63.50 -54.34 46.25
N LYS S 405 -62.39 -54.18 45.52
CA LYS S 405 -61.18 -53.60 46.06
C LYS S 405 -60.75 -52.41 45.21
N GLY T 41 -27.14 -64.88 61.60
CA GLY T 41 -28.55 -64.80 61.22
C GLY T 41 -28.83 -63.72 60.21
N ILE T 42 -30.05 -63.69 59.69
CA ILE T 42 -30.45 -62.67 58.73
C ILE T 42 -30.96 -61.43 59.43
N PHE T 43 -31.88 -61.63 60.36
CA PHE T 43 -32.45 -60.54 61.15
C PHE T 43 -31.44 -60.17 62.23
N THR T 44 -30.63 -59.16 61.97
CA THR T 44 -29.54 -58.82 62.86
C THR T 44 -30.05 -58.04 64.06
N LYS T 45 -29.14 -57.78 65.01
CA LYS T 45 -29.50 -56.98 66.17
C LYS T 45 -29.73 -55.53 65.80
N GLY T 46 -29.06 -55.04 64.75
CA GLY T 46 -29.32 -53.69 64.28
C GLY T 46 -30.66 -53.55 63.60
N ASP T 47 -31.19 -54.64 63.06
CA ASP T 47 -32.53 -54.60 62.48
C ASP T 47 -33.58 -54.35 63.56
N LEU T 48 -33.47 -55.09 64.66
CA LEU T 48 -34.47 -55.01 65.72
C LEU T 48 -34.42 -53.68 66.44
N ILE T 49 -33.26 -53.03 66.45
CA ILE T 49 -33.16 -51.68 67.00
C ILE T 49 -33.88 -50.70 66.10
N ASN T 50 -33.68 -50.81 64.78
CA ASN T 50 -34.27 -49.88 63.82
C ASN T 50 -35.78 -49.91 63.86
N ILE T 51 -36.36 -51.06 64.17
CA ILE T 51 -37.79 -51.13 64.42
C ILE T 51 -38.13 -50.41 65.72
N LYS T 52 -37.41 -50.73 66.80
CA LYS T 52 -37.73 -50.14 68.09
C LYS T 52 -37.38 -48.65 68.14
N LEU T 53 -36.45 -48.21 67.30
CA LEU T 53 -36.30 -46.77 67.08
C LEU T 53 -37.55 -46.19 66.45
N TYR T 54 -38.08 -46.88 65.42
CA TYR T 54 -39.28 -46.41 64.75
C TYR T 54 -40.49 -46.45 65.68
N VAL T 55 -40.55 -47.45 66.56
CA VAL T 55 -41.64 -47.50 67.53
C VAL T 55 -41.51 -46.38 68.54
N LYS T 56 -40.28 -46.05 68.94
CA LYS T 56 -40.06 -45.02 69.95
C LYS T 56 -40.45 -43.65 69.42
N HIS T 57 -39.98 -43.30 68.23
CA HIS T 57 -40.25 -41.97 67.70
C HIS T 57 -41.69 -41.82 67.23
N SER T 58 -42.38 -42.92 66.93
CA SER T 58 -43.76 -42.81 66.47
C SER T 58 -44.69 -42.49 67.63
N LEU T 59 -44.42 -43.05 68.81
CA LEU T 59 -45.23 -42.77 69.98
C LEU T 59 -45.10 -41.34 70.45
N GLU T 60 -43.99 -40.67 70.09
CA GLU T 60 -43.84 -39.25 70.34
C GLU T 60 -44.84 -38.42 69.55
N LEU T 61 -45.29 -38.93 68.40
CA LEU T 61 -46.19 -38.17 67.55
C LEU T 61 -47.59 -38.11 68.16
N PRO T 62 -48.25 -36.98 68.09
CA PRO T 62 -49.61 -36.88 68.64
C PRO T 62 -50.60 -37.56 67.73
N PHE T 63 -51.78 -37.84 68.29
CA PHE T 63 -52.84 -38.50 67.55
C PHE T 63 -54.21 -37.86 67.71
N THR T 64 -54.36 -36.88 68.58
CA THR T 64 -55.62 -36.14 68.64
C THR T 64 -55.68 -35.16 67.48
N LEU T 65 -56.88 -34.65 67.24
CA LEU T 65 -57.02 -33.61 66.23
C LEU T 65 -56.37 -32.31 66.68
N GLU T 66 -56.42 -32.01 67.98
CA GLU T 66 -55.79 -30.80 68.49
C GLU T 66 -54.28 -30.93 68.55
N GLY T 67 -53.79 -32.07 69.05
CA GLY T 67 -52.36 -32.23 69.25
C GLY T 67 -51.58 -32.32 67.96
N VAL T 68 -52.16 -32.92 66.93
CA VAL T 68 -51.56 -32.88 65.60
C VAL T 68 -51.57 -31.46 65.08
N LYS T 69 -52.67 -30.73 65.30
CA LYS T 69 -52.81 -29.35 64.82
C LYS T 69 -51.80 -28.43 65.48
N GLU T 70 -51.42 -28.72 66.72
CA GLU T 70 -50.33 -28.01 67.37
C GLU T 70 -48.97 -28.42 66.81
N TYR T 71 -48.81 -29.72 66.56
CA TYR T 71 -47.53 -30.26 66.09
C TYR T 71 -47.17 -29.78 64.70
N ILE T 72 -48.18 -29.53 63.86
CA ILE T 72 -47.92 -29.02 62.53
C ILE T 72 -47.81 -27.51 62.51
N GLY T 73 -48.36 -26.84 63.52
CA GLY T 73 -48.18 -25.41 63.70
C GLY T 73 -48.81 -24.53 62.65
N TYR T 74 -50.02 -24.86 62.20
CA TYR T 74 -50.71 -23.98 61.27
C TYR T 74 -52.22 -24.16 61.40
N ASN T 75 -52.93 -23.53 60.48
CA ASN T 75 -54.38 -23.69 60.30
C ASN T 75 -54.68 -23.61 58.82
N ASP T 76 -55.12 -24.74 58.25
CA ASP T 76 -55.84 -24.80 56.97
C ASP T 76 -55.02 -24.28 55.79
N ILE T 77 -54.05 -25.11 55.38
CA ILE T 77 -53.33 -24.92 54.12
C ILE T 77 -54.31 -24.71 52.98
N ASP T 78 -53.96 -23.82 52.05
CA ASP T 78 -54.75 -23.63 50.84
C ASP T 78 -54.81 -24.90 50.00
N ILE T 79 -53.76 -25.71 50.00
CA ILE T 79 -53.78 -26.93 49.20
C ILE T 79 -54.42 -28.03 50.02
N ASP T 80 -54.85 -29.08 49.33
CA ASP T 80 -55.76 -30.05 49.94
C ASP T 80 -55.01 -31.07 50.78
N GLY T 81 -53.89 -31.57 50.28
CA GLY T 81 -53.24 -32.71 50.88
C GLY T 81 -52.60 -32.46 52.22
N LEU T 82 -52.44 -31.20 52.63
CA LEU T 82 -51.83 -30.88 53.90
C LEU T 82 -52.84 -30.33 54.90
N LYS T 83 -54.12 -30.50 54.63
CA LYS T 83 -55.15 -30.07 55.57
C LYS T 83 -55.15 -30.99 56.79
N PRO T 84 -55.34 -30.44 57.99
CA PRO T 84 -55.07 -31.22 59.21
C PRO T 84 -56.03 -32.36 59.46
N ALA T 85 -57.20 -32.35 58.83
CA ALA T 85 -58.10 -33.50 58.95
C ALA T 85 -57.52 -34.72 58.27
N LYS T 86 -56.81 -34.51 57.14
CA LYS T 86 -56.06 -35.60 56.55
C LYS T 86 -54.87 -35.98 57.41
N MET T 87 -54.25 -34.99 58.04
CA MET T 87 -53.02 -35.23 58.79
C MET T 87 -53.29 -36.01 60.06
N ALA T 88 -54.33 -35.60 60.80
CA ALA T 88 -54.69 -36.28 62.04
C ALA T 88 -55.20 -37.68 61.77
N THR T 89 -55.74 -37.93 60.58
CA THR T 89 -56.01 -39.30 60.15
C THR T 89 -54.71 -40.06 59.95
N LEU T 90 -53.69 -39.38 59.42
CA LEU T 90 -52.46 -40.08 59.06
C LEU T 90 -51.65 -40.45 60.30
N PHE T 91 -51.55 -39.55 61.27
CA PHE T 91 -50.81 -39.86 62.48
C PHE T 91 -51.52 -40.90 63.33
N LYS T 92 -52.86 -40.88 63.31
CA LYS T 92 -53.62 -41.88 64.05
C LYS T 92 -53.39 -43.27 63.47
N GLU T 93 -53.16 -43.36 62.16
CA GLU T 93 -52.74 -44.63 61.58
C GLU T 93 -51.35 -45.01 62.08
N ILE T 94 -50.45 -44.03 62.24
CA ILE T 94 -49.11 -44.33 62.70
C ILE T 94 -49.12 -44.68 64.18
N HIS T 95 -49.88 -43.92 64.97
CA HIS T 95 -49.96 -44.15 66.40
C HIS T 95 -50.60 -45.50 66.71
N ASP T 96 -51.51 -45.96 65.87
CA ASP T 96 -52.02 -47.31 66.01
C ASP T 96 -51.05 -48.34 65.47
N HIS T 97 -50.25 -47.95 64.48
CA HIS T 97 -49.24 -48.86 63.96
C HIS T 97 -48.13 -49.09 64.97
N ALA T 98 -47.82 -48.08 65.77
CA ALA T 98 -46.74 -48.23 66.74
C ALA T 98 -47.16 -49.09 67.92
N LEU T 99 -48.39 -48.92 68.38
CA LEU T 99 -48.87 -49.68 69.55
C LEU T 99 -49.02 -51.16 69.27
N SER T 100 -49.09 -51.55 68.01
CA SER T 100 -49.19 -52.97 67.67
C SER T 100 -47.91 -53.72 67.96
N TRP T 101 -46.76 -53.03 67.91
CA TRP T 101 -45.46 -53.70 67.96
C TRP T 101 -45.20 -54.34 69.32
N SER T 102 -45.73 -53.76 70.39
CA SER T 102 -45.59 -54.36 71.72
C SER T 102 -46.25 -55.72 71.76
N GLY T 103 -47.38 -55.88 71.09
CA GLY T 103 -47.96 -57.20 70.93
C GLY T 103 -47.14 -58.06 69.99
N VAL T 104 -46.60 -57.46 68.93
CA VAL T 104 -45.92 -58.25 67.89
C VAL T 104 -44.62 -58.81 68.42
N GLU T 105 -43.78 -57.96 69.01
CA GLU T 105 -42.46 -58.37 69.48
C GLU T 105 -42.56 -59.39 70.60
N SER T 106 -43.58 -59.26 71.46
CA SER T 106 -43.83 -60.27 72.48
C SER T 106 -44.27 -61.59 71.86
N LYS T 107 -45.01 -61.53 70.76
CA LYS T 107 -45.35 -62.76 70.05
C LYS T 107 -44.15 -63.36 69.34
N VAL T 108 -43.24 -62.52 68.86
CA VAL T 108 -42.03 -63.02 68.21
C VAL T 108 -41.12 -63.70 69.22
N GLN T 109 -40.96 -63.08 70.39
CA GLN T 109 -40.03 -63.58 71.40
C GLN T 109 -40.53 -64.88 72.00
N GLN T 110 -41.78 -64.91 72.47
CA GLN T 110 -42.29 -66.05 73.20
C GLN T 110 -42.45 -67.27 72.30
N GLN T 111 -42.73 -67.06 71.02
CA GLN T 111 -42.82 -68.18 70.10
C GLN T 111 -41.44 -68.76 69.79
N SER T 112 -40.44 -67.90 69.60
CA SER T 112 -39.13 -68.38 69.19
C SER T 112 -38.42 -69.12 70.30
N ILE T 113 -38.76 -68.83 71.56
CA ILE T 113 -38.32 -69.67 72.67
C ILE T 113 -38.91 -71.06 72.55
N ASP T 114 -40.20 -71.14 72.21
CA ASP T 114 -40.86 -72.42 72.05
C ASP T 114 -40.35 -73.16 70.83
N LEU T 115 -39.94 -72.41 69.79
CA LEU T 115 -39.35 -73.03 68.62
C LEU T 115 -37.99 -73.63 68.92
N GLU T 116 -37.29 -73.11 69.94
CA GLU T 116 -36.04 -73.73 70.36
C GLU T 116 -36.29 -74.97 71.22
N ASN T 117 -37.24 -74.86 72.17
CA ASN T 117 -37.52 -75.96 73.08
C ASN T 117 -38.12 -77.14 72.36
N ALA T 118 -39.06 -76.90 71.44
CA ALA T 118 -39.50 -77.96 70.56
C ALA T 118 -38.42 -78.33 69.56
N GLY T 119 -37.56 -77.38 69.21
CA GLY T 119 -36.51 -77.65 68.25
C GLY T 119 -35.42 -78.57 68.76
N LYS T 120 -35.32 -78.75 70.07
CA LYS T 120 -34.35 -79.65 70.66
C LYS T 120 -34.95 -80.98 71.09
N GLN T 121 -36.11 -80.92 71.77
CA GLN T 121 -36.73 -82.12 72.33
C GLN T 121 -37.19 -83.07 71.23
N ILE T 122 -37.64 -82.52 70.10
CA ILE T 122 -37.89 -83.35 68.93
C ILE T 122 -36.58 -83.87 68.36
N THR T 123 -35.57 -83.00 68.29
CA THR T 123 -34.31 -83.39 67.68
C THR T 123 -33.54 -84.37 68.56
N LEU T 124 -33.70 -84.27 69.88
CA LEU T 124 -33.15 -85.29 70.78
C LEU T 124 -33.84 -86.63 70.58
N THR T 125 -35.17 -86.62 70.47
CA THR T 125 -35.91 -87.86 70.29
C THR T 125 -35.67 -88.43 68.90
N GLY T 126 -35.65 -87.58 67.88
CA GLY T 126 -35.59 -88.06 66.51
C GLY T 126 -34.22 -88.61 66.13
N ASP T 127 -33.16 -88.00 66.64
CA ASP T 127 -31.82 -88.50 66.33
C ASP T 127 -31.55 -89.83 67.03
N GLU T 128 -32.13 -90.03 68.21
CA GLU T 128 -31.99 -91.31 68.88
C GLU T 128 -32.73 -92.42 68.13
N ILE T 129 -33.85 -92.10 67.51
CA ILE T 129 -34.64 -93.13 66.83
C ILE T 129 -33.94 -93.59 65.56
N ILE T 130 -33.40 -92.65 64.78
CA ILE T 130 -32.68 -93.01 63.55
C ILE T 130 -31.41 -93.77 63.86
N SER T 131 -30.80 -93.50 65.02
CA SER T 131 -29.61 -94.23 65.43
C SER T 131 -29.92 -95.68 65.80
N VAL T 132 -30.95 -95.89 66.61
CA VAL T 132 -31.20 -97.23 67.14
C VAL T 132 -31.82 -98.17 66.11
N ILE T 133 -32.42 -97.65 65.05
CA ILE T 133 -32.95 -98.55 64.04
C ILE T 133 -31.83 -99.07 63.14
N ASP T 134 -30.77 -98.29 62.97
CA ASP T 134 -29.59 -98.77 62.25
C ASP T 134 -28.86 -99.88 62.98
N GLN T 135 -29.12 -100.07 64.29
CA GLN T 135 -28.66 -101.26 64.98
C GLN T 135 -29.30 -102.52 64.42
N MET T 136 -30.56 -102.44 63.99
CA MET T 136 -31.19 -103.59 63.33
C MET T 136 -30.55 -103.81 61.96
N PRO T 137 -30.40 -105.06 61.53
CA PRO T 137 -29.84 -105.32 60.21
C PRO T 137 -30.87 -105.09 59.12
N ILE T 138 -30.36 -104.84 57.92
CA ILE T 138 -31.20 -104.52 56.77
C ILE T 138 -32.03 -105.72 56.32
N ILE T 139 -31.57 -106.94 56.59
CA ILE T 139 -32.35 -108.12 56.22
C ILE T 139 -33.57 -108.27 57.13
N GLU T 140 -33.40 -108.06 58.43
CA GLU T 140 -34.51 -108.13 59.36
C GLU T 140 -35.34 -106.86 59.36
N ARG T 141 -34.83 -105.78 58.74
CA ARG T 141 -35.52 -104.50 58.76
C ARG T 141 -36.82 -104.56 57.96
N VAL T 142 -36.79 -105.23 56.81
CA VAL T 142 -37.94 -105.24 55.92
C VAL T 142 -39.04 -106.12 56.47
N LYS T 143 -38.67 -107.22 57.14
CA LYS T 143 -39.64 -108.12 57.73
C LYS T 143 -40.40 -107.47 58.89
N ASN T 144 -39.83 -106.44 59.51
CA ASN T 144 -40.54 -105.69 60.53
C ASN T 144 -41.23 -104.49 59.92
N LYS T 145 -42.32 -104.09 60.55
CA LYS T 145 -43.09 -102.91 60.19
C LYS T 145 -43.05 -101.91 61.34
N LEU T 146 -43.73 -100.78 61.16
CA LEU T 146 -43.78 -99.78 62.21
C LEU T 146 -44.63 -100.26 63.38
N GLY T 147 -45.74 -100.94 63.11
CA GLY T 147 -46.61 -101.43 64.16
C GLY T 147 -45.99 -102.51 65.03
N ASP T 148 -44.91 -103.14 64.56
CA ASP T 148 -44.17 -104.09 65.39
C ASP T 148 -43.46 -103.43 66.55
N LEU T 149 -43.18 -102.12 66.46
CA LEU T 149 -42.37 -101.43 67.45
C LEU T 149 -43.13 -100.32 68.16
N THR T 150 -44.46 -100.33 68.09
CA THR T 150 -45.29 -99.37 68.81
C THR T 150 -45.69 -99.88 70.19
N ASP T 151 -44.89 -100.75 70.79
CA ASP T 151 -45.31 -101.47 71.97
C ASP T 151 -44.51 -101.13 73.23
N LYS T 152 -43.43 -100.38 73.11
CA LYS T 152 -42.54 -100.19 74.25
C LYS T 152 -41.75 -98.90 74.06
N GLN T 153 -41.05 -98.51 75.12
CA GLN T 153 -40.06 -97.46 75.06
C GLN T 153 -38.83 -98.02 74.36
N LEU T 154 -38.74 -97.79 73.05
CA LEU T 154 -37.70 -98.39 72.23
C LEU T 154 -36.35 -97.79 72.57
N ALA T 155 -35.51 -98.59 73.25
CA ALA T 155 -34.13 -98.24 73.61
C ALA T 155 -34.06 -96.95 74.42
N GLU T 156 -34.85 -96.91 75.50
CA GLU T 156 -35.05 -95.81 76.46
C GLU T 156 -35.15 -94.43 75.84
N ILE T 157 -35.76 -94.35 74.66
CA ILE T 157 -35.98 -93.07 73.98
C ILE T 157 -37.31 -92.51 74.47
N THR T 158 -37.30 -91.29 74.97
CA THR T 158 -38.50 -90.67 75.44
C THR T 158 -38.67 -89.30 74.79
N TYR T 159 -39.74 -88.60 75.17
CA TYR T 159 -40.06 -87.30 74.62
C TYR T 159 -40.91 -86.53 75.62
N THR T 160 -40.70 -85.22 75.66
CA THR T 160 -41.50 -84.32 76.50
C THR T 160 -42.27 -83.38 75.59
N ASN T 161 -43.57 -83.24 75.84
CA ASN T 161 -44.43 -82.46 74.97
C ASN T 161 -44.32 -80.97 75.27
N ASP T 162 -45.22 -80.19 74.69
CA ASP T 162 -45.34 -78.79 75.04
C ASP T 162 -45.93 -78.62 76.44
N ASP T 163 -46.73 -79.59 76.88
CA ASP T 163 -47.44 -79.52 78.15
C ASP T 163 -46.60 -80.02 79.33
N LYS T 164 -45.28 -80.13 79.14
CA LYS T 164 -44.31 -80.57 80.14
C LYS T 164 -44.58 -81.98 80.67
N GLU T 165 -45.30 -82.79 79.93
CA GLU T 165 -45.51 -84.19 80.29
C GLU T 165 -44.63 -85.07 79.41
N ILE T 166 -44.35 -86.25 79.90
CA ILE T 166 -43.37 -87.12 79.27
C ILE T 166 -44.10 -88.22 78.52
N ALA T 167 -43.46 -88.72 77.46
CA ALA T 167 -43.97 -89.84 76.69
C ALA T 167 -42.80 -90.75 76.34
N VAL T 168 -43.01 -92.06 76.48
CA VAL T 168 -41.91 -93.02 76.41
C VAL T 168 -42.05 -93.98 75.22
N GLU T 169 -43.27 -94.44 74.92
CA GLU T 169 -43.40 -95.47 73.89
C GLU T 169 -43.46 -94.84 72.51
N LEU T 170 -42.97 -95.62 71.53
CA LEU T 170 -42.89 -95.14 70.16
C LEU T 170 -44.27 -94.91 69.56
N GLY T 171 -45.24 -95.75 69.92
CA GLY T 171 -46.62 -95.53 69.51
C GLY T 171 -47.29 -94.35 70.19
N ASN T 172 -46.70 -93.83 71.27
CA ASN T 172 -47.25 -92.66 71.95
C ASN T 172 -46.47 -91.40 71.67
N ILE T 173 -45.16 -91.50 71.42
CA ILE T 173 -44.36 -90.32 71.11
C ILE T 173 -44.73 -89.77 69.74
N LEU T 174 -44.84 -90.66 68.74
CA LEU T 174 -45.16 -90.24 67.38
C LEU T 174 -46.56 -89.63 67.30
N GLU T 175 -47.47 -90.04 68.17
CA GLU T 175 -48.77 -89.42 68.22
C GLU T 175 -48.75 -88.13 69.04
N SER T 176 -47.88 -88.06 70.05
CA SER T 176 -47.76 -86.81 70.81
C SER T 176 -47.02 -85.75 70.00
N MET T 177 -46.01 -86.17 69.24
CA MET T 177 -45.28 -85.24 68.38
C MET T 177 -46.15 -84.73 67.25
N LYS T 178 -47.09 -85.56 66.78
CA LYS T 178 -48.01 -85.14 65.72
C LYS T 178 -48.93 -84.04 66.20
N LYS T 179 -49.36 -84.11 67.47
CA LYS T 179 -50.15 -83.02 68.04
C LYS T 179 -49.31 -81.77 68.23
N ASP T 180 -48.03 -81.95 68.59
CA ASP T 180 -47.20 -80.80 68.94
C ASP T 180 -46.74 -80.03 67.70
N ILE T 181 -46.37 -80.74 66.64
CA ILE T 181 -46.01 -80.07 65.39
C ILE T 181 -47.23 -79.36 64.80
N LYS T 182 -48.40 -79.98 64.90
CA LYS T 182 -49.64 -79.33 64.51
C LYS T 182 -49.93 -78.11 65.36
N ARG T 183 -49.52 -78.16 66.62
CA ARG T 183 -49.71 -77.04 67.53
C ARG T 183 -48.71 -75.90 67.28
N GLN T 184 -47.51 -76.23 66.81
CA GLN T 184 -46.51 -75.21 66.55
C GLN T 184 -46.73 -74.49 65.24
N GLN T 185 -47.35 -75.15 64.26
CA GLN T 185 -47.64 -74.49 62.99
C GLN T 185 -48.69 -73.42 63.15
N GLU T 186 -49.79 -73.75 63.84
CA GLU T 186 -50.87 -72.80 64.01
C GLU T 186 -50.51 -71.67 64.96
N ASN T 187 -49.53 -71.88 65.84
CA ASN T 187 -48.94 -70.75 66.55
C ASN T 187 -48.08 -69.91 65.62
N THR T 188 -47.34 -70.56 64.74
CA THR T 188 -46.42 -69.85 63.85
C THR T 188 -47.18 -69.03 62.81
N GLN T 189 -48.30 -69.57 62.33
CA GLN T 189 -49.12 -68.82 61.40
C GLN T 189 -49.76 -67.60 62.04
N LYS T 190 -50.08 -67.70 63.34
CA LYS T 190 -50.52 -66.51 64.07
C LYS T 190 -49.39 -65.50 64.22
N VAL T 191 -48.15 -65.96 64.25
CA VAL T 191 -47.02 -65.05 64.34
C VAL T 191 -46.78 -64.36 63.00
N LYS T 192 -46.67 -65.16 61.93
CA LYS T 192 -46.35 -64.62 60.61
C LYS T 192 -47.44 -63.71 60.09
N THR T 193 -48.69 -63.96 60.50
CA THR T 193 -49.77 -63.04 60.19
C THR T 193 -49.53 -61.67 60.82
N ALA T 194 -49.22 -61.64 62.11
CA ALA T 194 -49.04 -60.37 62.81
C ALA T 194 -47.78 -59.66 62.37
N VAL T 195 -46.75 -60.40 61.96
CA VAL T 195 -45.58 -59.78 61.37
C VAL T 195 -45.93 -59.13 60.04
N SER T 196 -46.55 -59.91 59.15
CA SER T 196 -46.89 -59.40 57.83
C SER T 196 -47.98 -58.34 57.89
N ASP T 197 -48.86 -58.42 58.89
CA ASP T 197 -49.80 -57.32 59.11
C ASP T 197 -49.05 -56.07 59.53
N PHE T 198 -47.99 -56.23 60.31
CA PHE T 198 -47.23 -55.07 60.74
C PHE T 198 -46.38 -54.52 59.59
N LYS T 199 -45.87 -55.40 58.73
CA LYS T 199 -45.09 -54.93 57.60
C LYS T 199 -45.99 -54.28 56.56
N LEU T 200 -47.04 -54.97 56.15
CA LEU T 200 -47.85 -54.48 55.04
C LEU T 200 -48.77 -53.35 55.43
N LYS T 201 -48.89 -53.03 56.72
CA LYS T 201 -49.51 -51.76 57.06
C LYS T 201 -48.52 -50.62 56.87
N LEU T 202 -47.23 -50.92 56.99
CA LEU T 202 -46.20 -49.91 56.78
C LEU T 202 -45.92 -49.69 55.31
N ILE T 203 -45.61 -50.75 54.57
CA ILE T 203 -45.24 -50.58 53.18
C ILE T 203 -46.47 -50.54 52.27
N GLY T 204 -47.53 -51.25 52.61
CA GLY T 204 -48.72 -51.19 51.81
C GLY T 204 -49.01 -52.50 51.11
N GLY T 205 -50.27 -52.67 50.72
CA GLY T 205 -50.71 -53.88 50.06
C GLY T 205 -51.88 -54.51 50.76
N GLU T 206 -52.15 -55.78 50.46
CA GLU T 206 -53.27 -56.46 51.09
C GLU T 206 -52.87 -56.95 52.47
N LEU T 207 -53.69 -56.65 53.46
CA LEU T 207 -53.47 -57.14 54.81
C LEU T 207 -53.97 -58.57 54.93
N SER T 208 -54.04 -59.09 56.15
CA SER T 208 -54.53 -60.44 56.34
C SER T 208 -56.04 -60.53 56.18
N ASP T 209 -56.77 -59.47 56.56
CA ASP T 209 -58.21 -59.48 56.42
C ASP T 209 -58.65 -59.35 54.98
N GLY T 210 -57.81 -58.78 54.13
CA GLY T 210 -58.16 -58.44 52.76
C GLY T 210 -58.23 -56.95 52.50
N THR T 211 -58.07 -56.13 53.53
CA THR T 211 -58.07 -54.69 53.35
C THR T 211 -56.76 -54.26 52.69
N ILE T 212 -56.86 -53.60 51.55
CA ILE T 212 -55.70 -52.88 51.03
C ILE T 212 -55.42 -51.70 51.94
N ALA T 213 -54.24 -51.68 52.52
CA ALA T 213 -53.80 -50.56 53.33
C ALA T 213 -52.82 -49.75 52.52
N GLN T 214 -53.07 -48.44 52.42
CA GLN T 214 -52.10 -47.53 51.84
C GLN T 214 -50.84 -47.55 52.70
N GLY T 215 -49.69 -47.54 52.05
CA GLY T 215 -48.45 -47.69 52.78
C GLY T 215 -48.10 -46.45 53.57
N LEU T 216 -47.57 -46.66 54.78
CA LEU T 216 -47.19 -45.53 55.60
C LEU T 216 -45.97 -44.83 55.05
N GLN T 217 -45.03 -45.59 54.48
CA GLN T 217 -43.86 -44.98 53.84
C GLN T 217 -44.21 -44.10 52.64
N PRO T 218 -45.08 -44.49 51.68
CA PRO T 218 -45.45 -43.52 50.65
C PRO T 218 -46.37 -42.42 51.14
N GLN T 219 -47.19 -42.68 52.17
CA GLN T 219 -48.03 -41.62 52.72
C GLN T 219 -47.19 -40.51 53.34
N ILE T 220 -46.03 -40.83 53.88
CA ILE T 220 -45.11 -39.78 54.28
C ILE T 220 -44.51 -39.13 53.04
N SER T 221 -44.10 -39.94 52.07
CA SER T 221 -43.50 -39.41 50.85
C SER T 221 -44.51 -38.67 49.99
N SER T 222 -45.80 -38.94 50.15
CA SER T 222 -46.80 -38.13 49.46
C SER T 222 -46.84 -36.72 50.04
N LYS T 223 -46.87 -36.62 51.36
CA LYS T 223 -46.94 -35.30 51.98
C LYS T 223 -45.64 -34.54 51.82
N LYS T 224 -44.51 -35.26 51.90
CA LYS T 224 -43.21 -34.63 51.76
C LYS T 224 -43.01 -34.10 50.35
N LYS T 225 -43.58 -34.76 49.35
CA LYS T 225 -43.58 -34.22 48.00
C LYS T 225 -44.49 -33.00 47.90
N LEU T 226 -45.57 -32.97 48.67
CA LEU T 226 -46.45 -31.80 48.64
C LEU T 226 -45.81 -30.60 49.32
N MET T 227 -44.96 -30.83 50.31
CA MET T 227 -44.34 -29.70 50.99
C MET T 227 -43.24 -29.06 50.18
N ASP T 228 -42.71 -29.77 49.19
CA ASP T 228 -41.73 -29.17 48.29
C ASP T 228 -42.42 -28.40 47.17
N ASP T 229 -43.48 -28.96 46.62
CA ASP T 229 -44.26 -28.27 45.59
C ASP T 229 -45.23 -27.33 46.30
N ASN T 230 -44.82 -26.10 46.50
CA ASN T 230 -45.71 -25.12 47.09
C ASN T 230 -45.42 -23.74 46.52
N ASN T 231 -46.48 -22.96 46.38
CA ASN T 231 -46.43 -21.60 45.87
C ASN T 231 -46.06 -20.57 46.91
N LEU T 232 -45.65 -21.02 48.09
CA LEU T 232 -45.48 -20.11 49.22
C LEU T 232 -44.28 -19.19 49.02
N SER T 233 -43.27 -19.64 48.29
CA SER T 233 -42.20 -18.74 47.89
C SER T 233 -42.59 -17.87 46.71
N THR T 234 -43.77 -18.07 46.12
CA THR T 234 -44.22 -17.29 44.98
C THR T 234 -45.35 -16.35 45.35
N THR T 235 -46.37 -16.83 46.07
CA THR T 235 -47.51 -16.01 46.42
C THR T 235 -47.14 -14.86 47.35
N ILE T 236 -46.17 -15.09 48.25
CA ILE T 236 -45.68 -14.02 49.09
C ILE T 236 -45.01 -12.94 48.25
N LYS T 237 -44.26 -13.35 47.23
CA LYS T 237 -43.75 -12.38 46.27
C LYS T 237 -44.87 -11.78 45.43
N ASP T 238 -45.93 -12.55 45.19
CA ASP T 238 -47.06 -12.02 44.44
C ASP T 238 -47.88 -11.05 45.27
N LEU T 239 -48.07 -11.36 46.56
CA LEU T 239 -48.82 -10.45 47.41
C LEU T 239 -48.01 -9.20 47.75
N GLN T 240 -46.69 -9.32 47.90
CA GLN T 240 -45.89 -8.12 48.09
C GLN T 240 -45.77 -7.30 46.84
N SER T 241 -46.07 -7.87 45.67
CA SER T 241 -46.23 -7.05 44.48
C SER T 241 -47.48 -6.20 44.58
N LYS T 242 -48.59 -6.79 45.04
CA LYS T 242 -49.84 -6.05 45.09
C LYS T 242 -49.86 -5.02 46.20
N ILE T 243 -49.19 -5.31 47.33
CA ILE T 243 -49.12 -4.34 48.41
C ILE T 243 -48.28 -3.14 47.97
N ASP T 244 -47.13 -3.40 47.34
CA ASP T 244 -46.34 -2.32 46.78
C ASP T 244 -47.01 -1.65 45.59
N GLU T 245 -47.94 -2.35 44.94
CA GLU T 245 -48.79 -1.69 43.97
C GLU T 245 -49.79 -0.78 44.66
N LYS T 246 -50.48 -1.29 45.67
CA LYS T 246 -51.50 -0.50 46.34
C LYS T 246 -50.92 0.57 47.25
N ASN T 247 -49.67 0.42 47.68
CA ASN T 247 -49.04 1.52 48.39
C ASN T 247 -48.78 2.71 47.48
N LYS T 248 -48.51 2.44 46.20
CA LYS T 248 -48.29 3.53 45.25
C LYS T 248 -49.56 4.32 45.00
N GLU T 249 -50.72 3.67 45.11
CA GLU T 249 -51.99 4.39 45.01
C GLU T 249 -52.25 5.23 46.26
N ILE T 250 -51.98 4.66 47.44
CA ILE T 250 -52.19 5.37 48.69
C ILE T 250 -51.25 6.55 48.79
N ASP T 251 -49.99 6.36 48.39
CA ASP T 251 -49.04 7.47 48.34
C ASP T 251 -49.40 8.49 47.28
N GLN T 252 -50.27 8.14 46.34
CA GLN T 252 -50.78 9.09 45.38
C GLN T 252 -52.05 9.77 45.86
N PHE T 253 -52.90 9.07 46.61
CA PHE T 253 -54.14 9.69 47.08
C PHE T 253 -53.88 10.69 48.19
N GLN T 254 -52.78 10.53 48.93
CA GLN T 254 -52.39 11.55 49.90
C GLN T 254 -52.05 12.85 49.19
N LYS T 255 -51.42 12.75 48.02
CA LYS T 255 -51.19 13.92 47.19
C LYS T 255 -52.50 14.52 46.70
N ASP T 256 -53.50 13.69 46.46
CA ASP T 256 -54.79 14.20 45.99
C ASP T 256 -55.52 14.94 47.10
N TYR T 257 -55.60 14.33 48.29
CA TYR T 257 -56.30 14.96 49.39
C TYR T 257 -55.58 16.20 49.87
N ASN T 258 -54.26 16.23 49.74
CA ASN T 258 -53.54 17.45 50.06
C ASN T 258 -53.63 18.49 48.94
N LYS T 259 -54.25 18.14 47.81
CA LYS T 259 -54.44 19.10 46.74
C LYS T 259 -55.87 19.61 46.66
N TYR T 260 -56.86 18.71 46.76
CA TYR T 260 -58.26 19.14 46.68
C TYR T 260 -58.65 20.01 47.86
N VAL T 261 -58.17 19.67 49.06
CA VAL T 261 -58.41 20.50 50.23
C VAL T 261 -57.72 21.85 50.06
N GLY T 262 -56.56 21.85 49.43
CA GLY T 262 -55.96 23.11 49.02
C GLY T 262 -56.81 23.86 48.02
N LEU T 263 -57.45 23.15 47.11
CA LEU T 263 -58.35 23.80 46.18
C LEU T 263 -59.67 24.19 46.83
N ALA T 264 -60.14 23.39 47.80
CA ALA T 264 -61.44 23.63 48.40
C ALA T 264 -61.47 24.87 49.29
N PHE T 265 -60.31 25.34 49.73
CA PHE T 265 -60.24 26.56 50.54
C PHE T 265 -60.03 27.80 49.69
N SER T 266 -60.52 27.79 48.46
CA SER T 266 -60.29 28.90 47.55
C SER T 266 -61.15 30.10 47.91
N GLY T 267 -62.41 29.86 48.28
CA GLY T 267 -63.48 30.83 48.18
C GLY T 267 -63.39 32.15 48.92
N MET T 268 -63.31 32.11 50.24
CA MET T 268 -63.61 33.27 51.08
C MET T 268 -62.57 34.37 51.05
N VAL T 269 -61.61 34.44 50.12
CA VAL T 269 -60.74 35.61 50.07
C VAL T 269 -61.54 36.85 49.64
N GLY T 270 -62.32 36.75 48.57
CA GLY T 270 -63.34 37.75 48.30
C GLY T 270 -64.67 37.10 47.98
N GLY T 271 -64.61 35.85 47.56
CA GLY T 271 -65.77 35.10 47.10
C GLY T 271 -66.46 34.23 48.14
N ILE T 272 -67.22 34.85 49.06
CA ILE T 272 -68.04 34.10 49.99
C ILE T 272 -69.07 33.25 49.26
N ILE T 273 -69.58 33.76 48.14
CA ILE T 273 -70.45 32.96 47.28
C ILE T 273 -69.67 31.81 46.64
N SER T 274 -68.42 32.08 46.24
CA SER T 274 -67.60 31.06 45.61
C SER T 274 -67.09 30.02 46.59
N TRP T 275 -67.18 30.29 47.90
CA TRP T 275 -66.80 29.32 48.91
C TRP T 275 -67.65 28.07 48.82
N ALA T 276 -68.95 28.23 48.61
CA ALA T 276 -69.81 27.08 48.38
C ALA T 276 -69.63 26.50 46.99
N ILE T 277 -69.09 27.27 46.04
CA ILE T 277 -68.94 26.78 44.69
C ILE T 277 -67.81 25.75 44.62
N THR T 278 -66.59 26.18 44.92
CA THR T 278 -65.46 25.27 44.81
C THR T 278 -65.44 24.25 45.93
N GLY T 279 -65.97 24.62 47.10
CA GLY T 279 -66.18 23.65 48.15
C GLY T 279 -67.20 22.60 47.77
N GLY T 280 -68.19 22.99 46.96
CA GLY T 280 -69.10 21.99 46.42
C GLY T 280 -68.43 21.12 45.38
N ILE T 281 -67.54 21.71 44.59
CA ILE T 281 -66.85 20.96 43.54
C ILE T 281 -65.77 20.09 44.14
N PHE T 282 -64.83 20.70 44.84
CA PHE T 282 -63.61 20.00 45.25
C PHE T 282 -63.75 19.33 46.60
N GLY T 283 -64.58 19.88 47.50
CA GLY T 283 -64.76 19.29 48.82
C GLY T 283 -65.45 17.95 48.77
N ASP T 284 -66.26 17.71 47.74
CA ASP T 284 -66.71 16.36 47.46
C ASP T 284 -65.53 15.47 47.07
N LYS T 285 -64.72 15.94 46.13
CA LYS T 285 -63.64 15.11 45.61
C LYS T 285 -62.52 14.96 46.62
N ALA T 286 -62.36 15.94 47.51
CA ALA T 286 -61.50 15.74 48.67
C ALA T 286 -62.05 14.65 49.56
N GLU T 287 -63.36 14.66 49.80
CA GLU T 287 -63.98 13.66 50.65
C GLU T 287 -63.96 12.29 50.01
N LYS T 288 -64.15 12.24 48.68
CA LYS T 288 -64.18 10.94 48.00
C LYS T 288 -62.80 10.31 47.95
N ALA T 289 -61.78 11.12 47.70
CA ALA T 289 -60.41 10.59 47.69
C ALA T 289 -59.98 10.18 49.08
N ARG T 290 -60.48 10.87 50.11
CA ARG T 290 -60.20 10.47 51.48
C ARG T 290 -60.89 9.16 51.82
N LYS T 291 -62.09 8.93 51.27
CA LYS T 291 -62.75 7.66 51.47
C LYS T 291 -62.04 6.54 50.74
N GLN T 292 -61.42 6.84 49.60
CA GLN T 292 -60.52 5.88 48.98
C GLN T 292 -59.29 5.67 49.84
N LYS T 293 -58.81 6.74 50.47
CA LYS T 293 -57.71 6.63 51.41
C LYS T 293 -58.12 5.87 52.67
N ASN T 294 -59.39 5.96 53.07
CA ASN T 294 -59.87 5.12 54.16
C ASN T 294 -59.88 3.65 53.74
N LYS T 295 -60.33 3.38 52.52
CA LYS T 295 -60.59 2.01 52.12
C LYS T 295 -59.31 1.25 51.82
N LEU T 296 -58.36 1.89 51.12
CA LEU T 296 -57.19 1.16 50.65
C LEU T 296 -56.20 0.87 51.76
N ILE T 297 -56.05 1.79 52.72
CA ILE T 297 -55.18 1.55 53.86
C ILE T 297 -55.69 0.38 54.69
N ASP T 298 -57.02 0.28 54.83
CA ASP T 298 -57.60 -0.87 55.50
C ASP T 298 -57.41 -2.15 54.69
N GLU T 299 -57.35 -2.05 53.37
CA GLU T 299 -57.10 -3.24 52.58
C GLU T 299 -55.64 -3.67 52.64
N VAL T 300 -54.72 -2.70 52.58
CA VAL T 300 -53.28 -3.00 52.68
C VAL T 300 -52.95 -3.58 54.04
N LYS T 301 -53.59 -3.05 55.08
CA LYS T 301 -53.48 -3.63 56.42
C LYS T 301 -54.01 -5.06 56.45
N ASP T 302 -55.04 -5.34 55.67
CA ASP T 302 -55.52 -6.72 55.57
C ASP T 302 -54.65 -7.55 54.65
N LEU T 303 -54.10 -6.95 53.59
CA LEU T 303 -53.22 -7.71 52.71
C LEU T 303 -51.88 -7.99 53.34
N GLN T 304 -51.40 -7.08 54.18
CA GLN T 304 -50.17 -7.35 54.94
C GLN T 304 -50.38 -8.48 55.92
N SER T 305 -51.58 -8.59 56.48
CA SER T 305 -51.88 -9.65 57.44
C SER T 305 -51.90 -11.02 56.78
N GLN T 306 -52.23 -11.09 55.49
CA GLN T 306 -52.11 -12.36 54.79
C GLN T 306 -50.65 -12.74 54.59
N VAL T 307 -49.81 -11.73 54.31
CA VAL T 307 -48.39 -12.00 54.10
C VAL T 307 -47.74 -12.46 55.39
N LYS T 308 -48.17 -11.88 56.51
CA LYS T 308 -47.62 -12.26 57.82
C LYS T 308 -47.94 -13.70 58.15
N ASP T 309 -49.16 -14.15 57.85
CA ASP T 309 -49.52 -15.52 58.14
C ASP T 309 -48.89 -16.49 57.16
N LYS T 310 -48.78 -16.10 55.88
CA LYS T 310 -48.17 -16.99 54.90
C LYS T 310 -46.66 -17.07 55.07
N SER T 311 -46.04 -16.01 55.58
CA SER T 311 -44.62 -16.10 55.95
C SER T 311 -44.44 -17.04 57.13
N ALA T 312 -45.35 -16.95 58.11
CA ALA T 312 -45.36 -17.92 59.19
C ALA T 312 -45.80 -19.29 58.71
N LEU T 313 -46.56 -19.35 57.61
CA LEU T 313 -46.95 -20.64 57.06
C LEU T 313 -45.78 -21.33 56.39
N GLN T 314 -45.01 -20.58 55.59
CA GLN T 314 -43.89 -21.15 54.87
C GLN T 314 -42.80 -21.62 55.81
N THR T 315 -42.63 -20.94 56.94
CA THR T 315 -41.76 -21.44 57.98
C THR T 315 -42.32 -22.70 58.61
N SER T 316 -43.64 -22.75 58.78
CA SER T 316 -44.29 -23.88 59.44
C SER T 316 -44.21 -25.14 58.58
N VAL T 317 -44.33 -25.00 57.27
CA VAL T 317 -44.28 -26.15 56.38
C VAL T 317 -42.86 -26.68 56.27
N GLN T 318 -41.91 -25.77 56.06
CA GLN T 318 -40.52 -26.14 55.86
C GLN T 318 -39.91 -26.78 57.09
N ASN T 319 -40.36 -26.37 58.28
CA ASN T 319 -39.98 -27.09 59.48
C ASN T 319 -40.65 -28.45 59.54
N LEU T 320 -41.90 -28.53 59.09
CA LEU T 320 -42.62 -29.79 59.16
C LEU T 320 -42.08 -30.81 58.17
N SER T 321 -41.50 -30.33 57.07
CA SER T 321 -40.85 -31.21 56.11
C SER T 321 -39.70 -31.98 56.74
N LEU T 322 -38.96 -31.32 57.63
CA LEU T 322 -37.88 -32.00 58.33
C LEU T 322 -38.41 -32.99 59.34
N SER T 323 -39.59 -32.73 59.89
CA SER T 323 -40.19 -33.66 60.83
C SER T 323 -40.54 -34.97 60.15
N PHE T 324 -41.18 -34.89 58.99
CA PHE T 324 -41.47 -36.08 58.20
C PHE T 324 -40.22 -36.72 57.63
N ALA T 325 -39.16 -35.93 57.43
CA ALA T 325 -37.93 -36.46 56.83
C ALA T 325 -37.29 -37.52 57.71
N GLY T 326 -37.25 -37.28 59.01
CA GLY T 326 -36.79 -38.32 59.92
C GLY T 326 -37.77 -39.48 60.00
N ILE T 327 -39.07 -39.17 60.03
CA ILE T 327 -40.10 -40.20 60.04
C ILE T 327 -40.01 -41.07 58.80
N HIS T 328 -39.76 -40.45 57.64
CA HIS T 328 -39.50 -41.21 56.44
C HIS T 328 -38.20 -42.00 56.55
N THR T 329 -37.19 -41.42 57.19
CA THR T 329 -35.93 -42.12 57.37
C THR T 329 -36.06 -43.28 58.34
N SER T 330 -36.91 -43.12 59.35
CA SER T 330 -37.17 -44.21 60.27
C SER T 330 -37.92 -45.35 59.59
N MET T 331 -38.80 -45.04 58.64
CA MET T 331 -39.57 -46.08 57.98
C MET T 331 -38.76 -46.85 56.96
N VAL T 332 -37.79 -46.20 56.32
CA VAL T 332 -36.91 -46.89 55.37
C VAL T 332 -36.07 -47.94 56.10
N ASP T 333 -35.58 -47.61 57.29
CA ASP T 333 -34.87 -48.61 58.07
C ASP T 333 -35.83 -49.65 58.63
N ALA T 334 -37.06 -49.24 58.95
CA ALA T 334 -38.08 -50.22 59.33
C ALA T 334 -38.56 -51.02 58.14
N GLU T 335 -38.42 -50.49 56.92
CA GLU T 335 -38.75 -51.23 55.72
C GLU T 335 -37.85 -52.44 55.55
N GLU T 336 -36.54 -52.21 55.56
CA GLU T 336 -35.58 -53.27 55.33
C GLU T 336 -35.59 -54.28 56.46
N ALA T 337 -35.83 -53.83 57.68
CA ALA T 337 -35.75 -54.72 58.84
C ALA T 337 -36.87 -55.75 58.84
N LEU T 338 -38.08 -55.33 58.52
CA LEU T 338 -39.20 -56.24 58.54
C LEU T 338 -39.12 -57.25 57.40
N ASN T 339 -38.52 -56.86 56.28
CA ASN T 339 -38.38 -57.78 55.15
C ASN T 339 -37.48 -58.94 55.51
N HIS T 340 -36.41 -58.68 56.26
CA HIS T 340 -35.59 -59.79 56.74
C HIS T 340 -36.30 -60.55 57.85
N LEU T 341 -37.16 -59.85 58.60
CA LEU T 341 -37.91 -60.53 59.65
C LEU T 341 -38.96 -61.46 59.06
N ASP T 342 -39.68 -60.97 58.04
CA ASP T 342 -40.72 -61.76 57.41
C ASP T 342 -40.14 -62.99 56.72
N PHE T 343 -38.97 -62.84 56.11
CA PHE T 343 -38.39 -63.94 55.34
C PHE T 343 -37.89 -65.05 56.24
N MET T 344 -37.51 -64.74 57.48
CA MET T 344 -37.11 -65.81 58.39
C MET T 344 -38.32 -66.56 58.93
N TRP T 345 -39.39 -65.84 59.27
CA TRP T 345 -40.61 -66.52 59.70
C TRP T 345 -41.23 -67.29 58.56
N ASN T 346 -41.16 -66.75 57.34
CA ASN T 346 -41.66 -67.47 56.19
C ASN T 346 -40.85 -68.72 55.92
N THR T 347 -39.55 -68.67 56.22
CA THR T 347 -38.73 -69.86 56.14
C THR T 347 -39.13 -70.85 57.22
N MET T 348 -39.40 -70.37 58.43
CA MET T 348 -39.76 -71.26 59.52
C MET T 348 -41.16 -71.82 59.35
N LEU T 349 -42.11 -70.98 58.93
CA LEU T 349 -43.48 -71.45 58.73
C LEU T 349 -43.56 -72.45 57.59
N THR T 350 -42.67 -72.34 56.60
CA THR T 350 -42.57 -73.37 55.58
C THR T 350 -42.08 -74.68 56.17
N GLN T 351 -40.98 -74.62 56.94
CA GLN T 351 -40.33 -75.84 57.38
C GLN T 351 -41.13 -76.57 58.45
N ILE T 352 -41.94 -75.85 59.22
CA ILE T 352 -42.86 -76.53 60.12
C ILE T 352 -43.97 -77.19 59.33
N THR T 353 -44.46 -76.52 58.28
CA THR T 353 -45.57 -77.03 57.50
C THR T 353 -45.16 -78.27 56.70
N THR T 354 -44.01 -78.21 56.04
CA THR T 354 -43.56 -79.38 55.28
C THR T 354 -43.08 -80.50 56.20
N SER T 355 -42.81 -80.19 57.46
CA SER T 355 -42.56 -81.26 58.41
C SER T 355 -43.85 -81.98 58.77
N ARG T 356 -44.92 -81.22 59.01
CA ARG T 356 -46.17 -81.81 59.46
C ARG T 356 -46.83 -82.65 58.39
N ASP T 357 -46.81 -82.16 57.16
CA ASP T 357 -47.53 -82.84 56.09
C ASP T 357 -46.84 -84.13 55.69
N LYS T 358 -45.51 -84.17 55.74
CA LYS T 358 -44.82 -85.43 55.51
C LYS T 358 -44.96 -86.37 56.70
N PHE T 359 -45.17 -85.83 57.89
CA PHE T 359 -45.34 -86.65 59.07
C PHE T 359 -46.71 -87.33 59.12
N ASP T 360 -47.65 -86.84 58.32
CA ASP T 360 -48.97 -87.45 58.23
C ASP T 360 -48.96 -88.75 57.46
N ASP T 361 -47.88 -89.07 56.77
CA ASP T 361 -47.70 -90.37 56.13
C ASP T 361 -47.39 -91.47 57.12
N ILE T 362 -47.06 -91.12 58.36
CA ILE T 362 -46.63 -92.10 59.35
C ILE T 362 -47.84 -92.87 59.86
N ASN T 363 -47.85 -94.18 59.60
CA ASN T 363 -48.85 -95.08 60.14
C ASN T 363 -48.23 -96.47 60.24
N ASP T 364 -48.91 -97.34 60.99
CA ASP T 364 -48.36 -98.65 61.35
C ASP T 364 -48.18 -99.58 60.16
N ALA T 365 -48.83 -99.30 59.03
CA ALA T 365 -48.66 -100.10 57.84
C ALA T 365 -47.31 -99.88 57.16
N LEU T 366 -46.55 -98.87 57.58
CA LEU T 366 -45.25 -98.63 56.98
C LEU T 366 -44.25 -99.69 57.39
N LYS T 367 -43.61 -100.30 56.41
CA LYS T 367 -42.49 -101.18 56.72
C LYS T 367 -41.29 -100.35 57.16
N LEU T 368 -40.36 -101.00 57.85
CA LEU T 368 -39.51 -100.29 58.78
C LEU T 368 -38.40 -99.50 58.09
N THR T 369 -37.97 -99.91 56.89
CA THR T 369 -37.03 -99.07 56.14
C THR T 369 -37.73 -97.82 55.63
N SER T 370 -38.93 -97.98 55.07
CA SER T 370 -39.72 -96.86 54.60
C SER T 370 -40.15 -95.93 55.72
N PHE T 371 -40.22 -96.42 56.95
CA PHE T 371 -40.51 -95.53 58.08
C PHE T 371 -39.36 -94.57 58.34
N VAL T 372 -38.12 -95.04 58.21
CA VAL T 372 -36.96 -94.27 58.63
C VAL T 372 -36.76 -93.06 57.71
N ILE T 373 -36.69 -93.31 56.40
CA ILE T 373 -36.51 -92.26 55.40
C ILE T 373 -37.66 -91.27 55.43
N ALA T 374 -38.87 -91.75 55.72
CA ALA T 374 -39.99 -90.84 55.98
C ALA T 374 -39.76 -90.03 57.25
N PHE T 375 -39.36 -90.68 58.33
CA PHE T 375 -39.19 -89.96 59.60
C PHE T 375 -37.93 -89.12 59.61
N LYS T 376 -36.90 -89.53 58.87
CA LYS T 376 -35.71 -88.69 58.72
C LYS T 376 -36.05 -87.43 57.93
N GLN T 377 -36.96 -87.54 56.97
CA GLN T 377 -37.42 -86.37 56.23
C GLN T 377 -38.19 -85.40 57.12
N VAL T 378 -38.81 -85.90 58.19
CA VAL T 378 -39.57 -85.05 59.10
C VAL T 378 -38.62 -84.16 59.89
N ILE T 379 -37.53 -84.73 60.42
CA ILE T 379 -36.73 -84.00 61.38
C ILE T 379 -35.72 -83.05 60.74
N GLU T 380 -35.39 -83.24 59.46
CA GLU T 380 -34.42 -82.36 58.81
C GLU T 380 -34.85 -80.89 58.70
N PRO T 381 -36.13 -80.52 58.55
CA PRO T 381 -36.47 -79.11 58.78
C PRO T 381 -36.30 -78.67 60.21
N TRP T 382 -36.42 -79.58 61.18
CA TRP T 382 -36.29 -79.16 62.57
C TRP T 382 -34.85 -78.88 62.98
N ARG T 383 -33.88 -79.27 62.16
CA ARG T 383 -32.51 -78.82 62.41
C ARG T 383 -32.39 -77.31 62.16
N ASP T 384 -33.04 -76.82 61.10
CA ASP T 384 -32.89 -75.43 60.74
C ASP T 384 -33.76 -74.51 61.59
N VAL T 385 -34.94 -74.96 61.97
CA VAL T 385 -35.80 -74.16 62.83
C VAL T 385 -35.17 -74.02 64.21
N GLN T 386 -34.51 -75.08 64.68
CA GLN T 386 -33.64 -74.98 65.84
C GLN T 386 -32.51 -73.98 65.59
N GLY T 387 -31.93 -74.02 64.39
CA GLY T 387 -30.87 -73.09 64.07
C GLY T 387 -31.36 -71.67 63.84
N SER T 388 -32.58 -71.51 63.33
CA SER T 388 -33.07 -70.17 63.06
C SER T 388 -33.47 -69.45 64.34
N ALA T 389 -34.09 -70.17 65.27
CA ALA T 389 -34.42 -69.57 66.56
C ALA T 389 -33.16 -69.26 67.35
N ALA T 390 -32.15 -70.13 67.23
CA ALA T 390 -30.85 -69.84 67.85
C ALA T 390 -30.21 -68.62 67.22
N GLN T 391 -30.31 -68.47 65.90
CA GLN T 391 -29.90 -67.23 65.26
C GLN T 391 -30.82 -66.08 65.60
N LEU T 392 -32.03 -66.35 66.07
CA LEU T 392 -32.93 -65.24 66.36
C LEU T 392 -32.77 -64.78 67.80
N ILE T 393 -32.82 -65.71 68.77
CA ILE T 393 -32.82 -65.34 70.19
C ILE T 393 -31.49 -64.70 70.59
N GLN T 394 -30.39 -65.22 70.04
CA GLN T 394 -29.08 -64.59 70.23
C GLN T 394 -29.06 -63.18 69.66
N THR T 395 -29.69 -62.97 68.51
CA THR T 395 -29.81 -61.65 67.92
C THR T 395 -31.07 -60.92 68.35
N PHE T 396 -31.66 -61.33 69.47
CA PHE T 396 -32.85 -60.65 70.00
C PHE T 396 -32.56 -59.98 71.33
N ASP T 397 -32.05 -60.74 72.30
CA ASP T 397 -31.82 -60.20 73.63
C ASP T 397 -30.62 -59.26 73.64
N GLU T 398 -29.66 -59.50 72.74
CA GLU T 398 -28.51 -58.60 72.64
C GLU T 398 -28.92 -57.23 72.12
N ALA T 399 -29.99 -57.16 71.33
CA ALA T 399 -30.50 -55.86 70.93
C ALA T 399 -31.40 -55.23 71.98
N LEU T 400 -31.87 -56.01 72.96
CA LEU T 400 -32.74 -55.44 73.98
C LEU T 400 -31.96 -54.59 74.97
N ALA T 401 -30.90 -55.16 75.54
CA ALA T 401 -30.07 -54.41 76.48
C ALA T 401 -29.33 -53.28 75.78
N GLU T 402 -28.97 -53.47 74.51
CA GLU T 402 -28.36 -52.41 73.74
C GLU T 402 -29.34 -51.27 73.48
N TYR T 403 -30.64 -51.58 73.40
CA TYR T 403 -31.64 -50.53 73.22
C TYR T 403 -31.75 -49.62 74.44
N LYS T 404 -31.31 -50.08 75.61
CA LYS T 404 -31.23 -49.22 76.79
C LYS T 404 -30.03 -48.27 76.75
N LYS T 405 -29.32 -48.18 75.63
CA LYS T 405 -28.14 -47.36 75.51
C LYS T 405 -28.29 -46.38 74.37
N GLY U 41 48.43 -29.53 74.33
CA GLY U 41 47.24 -29.80 75.13
C GLY U 41 45.97 -29.38 74.44
N ILE U 42 44.83 -29.73 75.03
CA ILE U 42 43.53 -29.35 74.48
C ILE U 42 43.10 -27.99 74.99
N PHE U 43 43.17 -27.80 76.30
CA PHE U 43 42.83 -26.54 76.94
C PHE U 43 44.01 -25.59 76.76
N THR U 44 43.94 -24.75 75.73
CA THR U 44 45.07 -23.91 75.37
C THR U 44 45.16 -22.70 76.30
N LYS U 45 46.23 -21.93 76.13
CA LYS U 45 46.39 -20.71 76.92
C LYS U 45 45.38 -19.65 76.50
N GLY U 46 44.95 -19.66 75.24
CA GLY U 46 43.92 -18.74 74.81
C GLY U 46 42.55 -19.08 75.36
N ASP U 47 42.33 -20.35 75.70
CA ASP U 47 41.09 -20.74 76.33
C ASP U 47 40.97 -20.11 77.72
N LEU U 48 42.04 -20.21 78.50
CA LEU U 48 42.02 -19.74 79.88
C LEU U 48 41.94 -18.23 79.94
N ILE U 49 42.43 -17.54 78.92
CA ILE U 49 42.26 -16.09 78.85
C ILE U 49 40.80 -15.74 78.59
N ASN U 50 40.17 -16.45 77.66
CA ASN U 50 38.77 -16.17 77.28
C ASN U 50 37.83 -16.33 78.45
N ILE U 51 38.13 -17.24 79.36
CA ILE U 51 37.38 -17.33 80.60
C ILE U 51 37.66 -16.11 81.47
N LYS U 52 38.94 -15.80 81.67
CA LYS U 52 39.29 -14.70 82.55
C LYS U 52 38.93 -13.34 81.95
N LEU U 53 38.82 -13.26 80.63
CA LEU U 53 38.17 -12.11 80.02
C LEU U 53 36.70 -12.04 80.42
N TYR U 54 36.02 -13.18 80.37
CA TYR U 54 34.61 -13.22 80.74
C TYR U 54 34.41 -12.94 82.22
N VAL U 55 35.35 -13.39 83.06
CA VAL U 55 35.27 -13.08 84.48
C VAL U 55 35.51 -11.60 84.72
N LYS U 56 36.42 -11.00 83.97
CA LYS U 56 36.76 -9.59 84.17
C LYS U 56 35.59 -8.69 83.78
N HIS U 57 35.00 -8.92 82.62
CA HIS U 57 33.93 -8.05 82.17
C HIS U 57 32.62 -8.29 82.92
N SER U 58 32.45 -9.47 83.51
CA SER U 58 31.22 -9.72 84.25
C SER U 58 31.20 -9.00 85.58
N LEU U 59 32.35 -8.88 86.23
CA LEU U 59 32.44 -8.16 87.49
C LEU U 59 32.20 -6.67 87.31
N GLU U 60 32.42 -6.15 86.10
CA GLU U 60 32.08 -4.78 85.79
C GLU U 60 30.57 -4.55 85.85
N LEU U 61 29.78 -5.59 85.62
CA LEU U 61 28.33 -5.43 85.57
C LEU U 61 27.78 -5.24 86.98
N PRO U 62 26.81 -4.35 87.15
CA PRO U 62 26.23 -4.14 88.48
C PRO U 62 25.30 -5.29 88.84
N PHE U 63 25.00 -5.37 90.13
CA PHE U 63 24.13 -6.41 90.63
C PHE U 63 23.06 -5.92 91.60
N THR U 64 23.08 -4.66 92.00
CA THR U 64 21.99 -4.13 92.79
C THR U 64 20.80 -3.84 91.88
N LEU U 65 19.64 -3.63 92.51
CA LEU U 65 18.48 -3.23 91.74
C LEU U 65 18.65 -1.81 91.20
N GLU U 66 19.28 -0.93 91.95
CA GLU U 66 19.50 0.43 91.49
C GLU U 66 20.59 0.51 90.43
N GLY U 67 21.71 -0.19 90.65
CA GLY U 67 22.83 -0.08 89.75
C GLY U 67 22.58 -0.71 88.40
N VAL U 68 21.80 -1.79 88.35
CA VAL U 68 21.35 -2.33 87.08
C VAL U 68 20.41 -1.35 86.41
N LYS U 69 19.53 -0.73 87.19
CA LYS U 69 18.55 0.23 86.66
C LYS U 69 19.22 1.46 86.07
N GLU U 70 20.37 1.84 86.62
CA GLU U 70 21.19 2.89 86.02
C GLU U 70 21.90 2.40 84.77
N TYR U 71 22.41 1.16 84.81
CA TYR U 71 23.18 0.60 83.71
C TYR U 71 22.33 0.40 82.46
N ILE U 72 21.05 0.10 82.64
CA ILE U 72 20.17 -0.08 81.50
C ILE U 72 19.59 1.25 81.03
N GLY U 73 19.58 2.25 81.89
CA GLY U 73 19.19 3.59 81.51
C GLY U 73 17.75 3.80 81.12
N TYR U 74 16.82 3.16 81.83
CA TYR U 74 15.41 3.41 81.56
C TYR U 74 14.58 3.16 82.81
N ASN U 75 13.27 3.19 82.63
CA ASN U 75 12.28 2.82 83.64
C ASN U 75 11.12 2.13 82.94
N ASP U 76 10.96 0.83 83.20
CA ASP U 76 9.71 0.09 82.98
C ASP U 76 9.30 0.06 81.50
N ILE U 77 10.02 -0.77 80.74
CA ILE U 77 9.63 -1.12 79.37
C ILE U 77 8.18 -1.60 79.37
N ASP U 78 7.45 -1.23 78.31
CA ASP U 78 6.09 -1.74 78.10
C ASP U 78 6.07 -3.25 77.94
N ILE U 79 7.10 -3.84 77.36
CA ILE U 79 7.11 -5.29 77.19
C ILE U 79 7.67 -5.93 78.46
N ASP U 80 7.41 -7.22 78.62
CA ASP U 80 7.60 -7.86 79.91
C ASP U 80 9.05 -8.26 80.12
N GLY U 81 9.69 -8.82 79.10
CA GLY U 81 10.98 -9.46 79.26
C GLY U 81 12.13 -8.52 79.56
N LEU U 82 11.94 -7.22 79.36
CA LEU U 82 13.00 -6.25 79.60
C LEU U 82 12.73 -5.40 80.83
N LYS U 83 11.80 -5.81 81.67
CA LYS U 83 11.53 -5.11 82.91
C LYS U 83 12.69 -5.31 83.89
N PRO U 84 13.08 -4.28 84.64
CA PRO U 84 14.36 -4.33 85.37
C PRO U 84 14.37 -5.31 86.52
N ALA U 85 13.21 -5.72 87.03
CA ALA U 85 13.18 -6.76 88.05
C ALA U 85 13.65 -8.09 87.49
N LYS U 86 13.32 -8.37 86.24
CA LYS U 86 13.90 -9.54 85.58
C LYS U 86 15.38 -9.32 85.31
N MET U 87 15.77 -8.09 84.99
CA MET U 87 17.14 -7.81 84.57
C MET U 87 18.08 -7.90 85.76
N ALA U 88 17.70 -7.30 86.88
CA ALA U 88 18.52 -7.33 88.08
C ALA U 88 18.61 -8.74 88.65
N THR U 89 17.62 -9.58 88.38
CA THR U 89 17.75 -11.00 88.67
C THR U 89 18.82 -11.62 87.77
N LEU U 90 18.86 -11.19 86.51
CA LEU U 90 19.73 -11.84 85.54
C LEU U 90 21.20 -11.49 85.79
N PHE U 91 21.49 -10.21 86.08
CA PHE U 91 22.87 -9.83 86.34
C PHE U 91 23.37 -10.39 87.65
N LYS U 92 22.48 -10.53 88.64
CA LYS U 92 22.86 -11.13 89.92
C LYS U 92 23.23 -12.59 89.74
N GLU U 93 22.61 -13.27 88.78
CA GLU U 93 23.06 -14.61 88.43
C GLU U 93 24.44 -14.56 87.79
N ILE U 94 24.72 -13.54 86.98
CA ILE U 94 26.01 -13.44 86.32
C ILE U 94 27.08 -13.03 87.32
N HIS U 95 26.75 -12.06 88.19
CA HIS U 95 27.70 -11.59 89.19
C HIS U 95 28.04 -12.66 90.19
N ASP U 96 27.12 -13.57 90.47
CA ASP U 96 27.44 -14.73 91.29
C ASP U 96 28.18 -15.79 90.48
N HIS U 97 27.92 -15.84 89.18
CA HIS U 97 28.63 -16.77 88.33
C HIS U 97 30.09 -16.38 88.17
N ALA U 98 30.37 -15.07 88.18
CA ALA U 98 31.75 -14.62 88.00
C ALA U 98 32.58 -14.85 89.25
N LEU U 99 31.99 -14.61 90.42
CA LEU U 99 32.73 -14.76 91.68
C LEU U 99 33.08 -16.20 91.99
N SER U 100 32.42 -17.16 91.36
CA SER U 100 32.74 -18.55 91.60
C SER U 100 34.08 -18.93 91.00
N TRP U 101 34.51 -18.24 89.93
CA TRP U 101 35.67 -18.66 89.16
C TRP U 101 36.97 -18.54 89.95
N SER U 102 37.05 -17.56 90.87
CA SER U 102 38.22 -17.44 91.72
C SER U 102 38.40 -18.68 92.59
N GLY U 103 37.31 -19.25 93.06
CA GLY U 103 37.39 -20.53 93.72
C GLY U 103 37.70 -21.66 92.75
N VAL U 104 37.14 -21.60 91.54
CA VAL U 104 37.26 -22.69 90.59
C VAL U 104 38.69 -22.80 90.08
N GLU U 105 39.25 -21.68 89.61
CA GLU U 105 40.58 -21.68 89.01
C GLU U 105 41.65 -22.04 90.03
N SER U 106 41.46 -21.61 91.28
CA SER U 106 42.36 -22.02 92.35
C SER U 106 42.25 -23.52 92.63
N LYS U 107 41.05 -24.08 92.49
CA LYS U 107 40.90 -25.52 92.63
C LYS U 107 41.50 -26.25 91.44
N VAL U 108 41.45 -25.66 90.25
CA VAL U 108 42.04 -26.30 89.07
C VAL U 108 43.56 -26.29 89.18
N GLN U 109 44.12 -25.17 89.61
CA GLN U 109 45.57 -25.03 89.66
C GLN U 109 46.19 -25.92 90.73
N GLN U 110 45.66 -25.85 91.96
CA GLN U 110 46.28 -26.55 93.08
C GLN U 110 46.13 -28.06 92.95
N GLN U 111 45.06 -28.52 92.32
CA GLN U 111 44.90 -29.96 92.10
C GLN U 111 45.86 -30.46 91.03
N SER U 112 46.02 -29.70 89.94
CA SER U 112 46.82 -30.17 88.83
C SER U 112 48.31 -30.21 89.18
N ILE U 113 48.74 -29.39 90.12
CA ILE U 113 50.08 -29.52 90.68
C ILE U 113 50.21 -30.86 91.39
N ASP U 114 49.19 -31.22 92.18
CA ASP U 114 49.21 -32.49 92.89
C ASP U 114 49.09 -33.67 91.94
N LEU U 115 48.39 -33.48 90.83
CA LEU U 115 48.31 -34.52 89.82
C LEU U 115 49.65 -34.75 89.13
N GLU U 116 50.51 -33.74 89.10
CA GLU U 116 51.86 -33.95 88.58
C GLU U 116 52.75 -34.63 89.61
N ASN U 117 52.68 -34.18 90.87
CA ASN U 117 53.54 -34.72 91.92
C ASN U 117 53.20 -36.17 92.22
N ALA U 118 51.91 -36.49 92.29
CA ALA U 118 51.52 -37.88 92.36
C ALA U 118 51.76 -38.58 91.02
N GLY U 119 51.70 -37.83 89.92
CA GLY U 119 51.90 -38.41 88.61
C GLY U 119 53.32 -38.86 88.33
N LYS U 120 54.28 -38.37 89.12
CA LYS U 120 55.68 -38.77 88.97
C LYS U 120 56.11 -39.78 90.03
N GLN U 121 55.76 -39.52 91.29
CA GLN U 121 56.21 -40.36 92.39
C GLN U 121 55.62 -41.76 92.31
N ILE U 122 54.39 -41.88 91.81
CA ILE U 122 53.84 -43.19 91.49
C ILE U 122 54.57 -43.78 90.29
N THR U 123 54.81 -42.96 89.27
CA THR U 123 55.42 -43.46 88.05
C THR U 123 56.89 -43.81 88.27
N LEU U 124 57.58 -43.10 89.17
CA LEU U 124 58.93 -43.50 89.55
C LEU U 124 58.92 -44.82 90.29
N THR U 125 57.97 -45.00 91.22
CA THR U 125 57.92 -46.25 91.96
C THR U 125 57.45 -47.39 91.07
N GLY U 126 56.45 -47.14 90.23
CA GLY U 126 55.84 -48.22 89.46
C GLY U 126 56.73 -48.73 88.34
N ASP U 127 57.49 -47.85 87.71
CA ASP U 127 58.38 -48.29 86.63
C ASP U 127 59.55 -49.07 87.18
N GLU U 128 60.00 -48.75 88.39
CA GLU U 128 61.06 -49.53 89.03
C GLU U 128 60.59 -50.93 89.40
N ILE U 129 59.32 -51.07 89.79
CA ILE U 129 58.82 -52.37 90.21
C ILE U 129 58.68 -53.32 89.02
N ILE U 130 58.15 -52.81 87.90
CA ILE U 130 57.99 -53.64 86.71
C ILE U 130 59.35 -54.02 86.13
N SER U 131 60.36 -53.17 86.32
CA SER U 131 61.70 -53.48 85.86
C SER U 131 62.35 -54.59 86.68
N VAL U 132 62.28 -54.49 88.01
CA VAL U 132 63.01 -55.43 88.85
C VAL U 132 62.36 -56.81 88.92
N ILE U 133 61.08 -56.93 88.58
CA ILE U 133 60.48 -58.26 88.59
C ILE U 133 60.88 -59.02 87.33
N ASP U 134 61.12 -58.31 86.23
CA ASP U 134 61.66 -58.95 85.03
C ASP U 134 63.07 -59.49 85.20
N GLN U 135 63.79 -59.06 86.25
CA GLN U 135 65.03 -59.71 86.62
C GLN U 135 64.80 -61.14 87.08
N MET U 136 63.67 -61.42 87.74
CA MET U 136 63.34 -62.79 88.09
C MET U 136 62.99 -63.58 86.83
N PRO U 137 63.36 -64.86 86.77
CA PRO U 137 63.00 -65.66 85.60
C PRO U 137 61.55 -66.11 85.65
N ILE U 138 61.03 -66.41 84.47
CA ILE U 138 59.63 -66.77 84.32
C ILE U 138 59.30 -68.12 84.96
N ILE U 139 60.30 -69.01 85.08
CA ILE U 139 60.07 -70.29 85.74
C ILE U 139 59.89 -70.10 87.24
N GLU U 140 60.73 -69.29 87.87
CA GLU U 140 60.61 -69.01 89.28
C GLU U 140 59.53 -67.99 89.59
N ARG U 141 59.01 -67.31 88.56
CA ARG U 141 58.03 -66.25 88.76
C ARG U 141 56.71 -66.81 89.26
N VAL U 142 56.30 -67.95 88.70
CA VAL U 142 54.99 -68.51 89.01
C VAL U 142 54.99 -69.13 90.41
N LYS U 143 56.12 -69.72 90.81
CA LYS U 143 56.24 -70.32 92.13
C LYS U 143 56.19 -69.28 93.24
N ASN U 144 56.51 -68.02 92.94
CA ASN U 144 56.37 -66.95 93.91
C ASN U 144 55.02 -66.27 93.75
N LYS U 145 54.53 -65.73 94.87
CA LYS U 145 53.30 -64.96 94.92
C LYS U 145 53.63 -63.53 95.34
N LEU U 146 52.58 -62.71 95.46
CA LEU U 146 52.78 -61.34 95.89
C LEU U 146 53.16 -61.27 97.37
N GLY U 147 52.56 -62.13 98.20
CA GLY U 147 52.85 -62.14 99.62
C GLY U 147 54.25 -62.59 99.97
N ASP U 148 54.94 -63.25 99.03
CA ASP U 148 56.35 -63.60 99.22
C ASP U 148 57.26 -62.38 99.22
N LEU U 149 56.82 -61.26 98.64
CA LEU U 149 57.69 -60.10 98.46
C LEU U 149 57.15 -58.86 99.18
N THR U 150 56.25 -59.04 100.15
CA THR U 150 55.75 -57.95 100.96
C THR U 150 56.56 -57.77 102.23
N ASP U 151 57.83 -58.15 102.23
CA ASP U 151 58.61 -58.26 103.45
C ASP U 151 59.77 -57.28 103.54
N LYS U 152 60.09 -56.56 102.46
CA LYS U 152 61.30 -55.76 102.44
C LYS U 152 61.15 -54.64 101.42
N GLN U 153 62.11 -53.73 101.45
CA GLN U 153 62.27 -52.72 100.40
C GLN U 153 62.88 -53.43 99.19
N LEU U 154 62.02 -53.85 98.27
CA LEU U 154 62.44 -54.66 97.13
C LEU U 154 63.28 -53.84 96.17
N ALA U 155 64.59 -54.11 96.16
CA ALA U 155 65.57 -53.50 95.26
C ALA U 155 65.59 -51.97 95.38
N GLU U 156 65.73 -51.50 96.63
CA GLU U 156 65.72 -50.11 97.10
C GLU U 156 64.67 -49.20 96.45
N ILE U 157 63.50 -49.77 96.16
CA ILE U 157 62.39 -49.01 95.59
C ILE U 157 61.59 -48.43 96.73
N THR U 158 61.39 -47.12 96.73
CA THR U 158 60.63 -46.48 97.78
C THR U 158 59.53 -45.62 97.16
N TYR U 159 58.78 -44.94 98.02
CA TYR U 159 57.66 -44.12 97.59
C TYR U 159 57.41 -43.05 98.64
N THR U 160 57.02 -41.87 98.20
CA THR U 160 56.63 -40.77 99.08
C THR U 160 55.16 -40.47 98.87
N ASN U 161 54.42 -40.35 99.96
CA ASN U 161 52.96 -40.20 99.87
C ASN U 161 52.60 -38.74 99.59
N ASP U 162 51.31 -38.44 99.73
CA ASP U 162 50.85 -37.06 99.68
C ASP U 162 51.27 -36.30 100.94
N ASP U 163 51.45 -37.01 102.05
CA ASP U 163 51.74 -36.41 103.34
C ASP U 163 53.23 -36.19 103.56
N LYS U 164 54.03 -36.23 102.49
CA LYS U 164 55.48 -36.03 102.48
C LYS U 164 56.24 -37.03 103.36
N GLU U 165 55.64 -38.18 103.66
CA GLU U 165 56.32 -39.24 104.38
C GLU U 165 56.72 -40.34 103.40
N ILE U 166 57.72 -41.10 103.79
CA ILE U 166 58.34 -42.06 102.88
C ILE U 166 57.86 -43.46 103.24
N ALA U 167 57.83 -44.34 102.25
CA ALA U 167 57.49 -45.73 102.43
C ALA U 167 58.42 -46.57 101.57
N VAL U 168 58.93 -47.66 102.13
CA VAL U 168 60.01 -48.42 101.51
C VAL U 168 59.59 -49.84 101.13
N GLU U 169 58.80 -50.50 101.96
CA GLU U 169 58.50 -51.91 101.70
C GLU U 169 57.33 -52.04 100.73
N LEU U 170 57.37 -53.14 99.96
CA LEU U 170 56.36 -53.38 98.93
C LEU U 170 54.99 -53.61 99.55
N GLY U 171 54.94 -54.26 100.71
CA GLY U 171 53.69 -54.41 101.43
C GLY U 171 53.17 -53.13 102.06
N ASN U 172 54.00 -52.10 102.15
CA ASN U 172 53.58 -50.82 102.69
C ASN U 172 53.37 -49.76 101.61
N ILE U 173 54.12 -49.84 100.51
CA ILE U 173 53.95 -48.89 99.42
C ILE U 173 52.62 -49.10 98.72
N LEU U 174 52.30 -50.36 98.41
CA LEU U 174 51.05 -50.69 97.72
C LEU U 174 49.83 -50.34 98.55
N GLU U 175 49.96 -50.39 99.88
CA GLU U 175 48.87 -49.94 100.73
C GLU U 175 48.85 -48.43 100.88
N SER U 176 50.01 -47.79 100.84
CA SER U 176 50.05 -46.33 100.90
C SER U 176 49.57 -45.72 99.59
N MET U 177 49.94 -46.34 98.47
CA MET U 177 49.48 -45.88 97.17
C MET U 177 47.98 -46.07 97.00
N LYS U 178 47.43 -47.11 97.62
CA LYS U 178 45.99 -47.36 97.55
C LYS U 178 45.21 -46.25 98.26
N LYS U 179 45.76 -45.76 99.38
CA LYS U 179 45.13 -44.62 100.04
C LYS U 179 45.27 -43.35 99.21
N ASP U 180 46.40 -43.20 98.53
CA ASP U 180 46.68 -41.94 97.84
C ASP U 180 45.87 -41.82 96.55
N ILE U 181 45.76 -42.91 95.78
CA ILE U 181 44.93 -42.89 94.59
C ILE U 181 43.47 -42.69 94.95
N LYS U 182 43.03 -43.31 96.05
CA LYS U 182 41.69 -43.06 96.57
C LYS U 182 41.51 -41.61 97.01
N ARG U 183 42.59 -41.01 97.49
CA ARG U 183 42.56 -39.61 97.90
C ARG U 183 42.57 -38.63 96.73
N GLN U 184 43.19 -39.02 95.63
CA GLN U 184 43.26 -38.15 94.46
C GLN U 184 41.98 -38.19 93.63
N GLN U 185 41.25 -39.30 93.67
CA GLN U 185 39.99 -39.36 92.94
C GLN U 185 38.95 -38.46 93.57
N GLU U 186 38.79 -38.53 94.89
CA GLU U 186 37.79 -37.74 95.57
C GLU U 186 38.15 -36.27 95.59
N ASN U 187 39.43 -35.92 95.46
CA ASN U 187 39.77 -34.54 95.17
C ASN U 187 39.38 -34.17 93.75
N THR U 188 39.61 -35.08 92.80
CA THR U 188 39.35 -34.79 91.40
C THR U 188 37.85 -34.66 91.12
N GLN U 189 37.05 -35.47 91.80
CA GLN U 189 35.60 -35.36 91.65
C GLN U 189 35.08 -34.05 92.22
N LYS U 190 35.71 -33.55 93.28
CA LYS U 190 35.39 -32.21 93.77
C LYS U 190 35.79 -31.15 92.76
N VAL U 191 36.82 -31.40 91.96
CA VAL U 191 37.22 -30.44 90.94
C VAL U 191 36.24 -30.47 89.77
N LYS U 192 35.98 -31.66 89.24
CA LYS U 192 35.15 -31.80 88.04
C LYS U 192 33.71 -31.38 88.31
N THR U 193 33.26 -31.52 89.56
CA THR U 193 31.96 -30.98 89.95
C THR U 193 31.93 -29.47 89.82
N ALA U 194 32.94 -28.79 90.37
CA ALA U 194 32.95 -27.32 90.35
C ALA U 194 33.19 -26.78 88.95
N VAL U 195 33.92 -27.52 88.12
CA VAL U 195 34.07 -27.14 86.72
C VAL U 195 32.73 -27.26 86.01
N SER U 196 32.09 -28.42 86.13
CA SER U 196 30.83 -28.66 85.44
C SER U 196 29.70 -27.83 86.04
N ASP U 197 29.77 -27.49 87.32
CA ASP U 197 28.84 -26.53 87.89
C ASP U 197 29.06 -25.16 87.27
N PHE U 198 30.30 -24.81 86.99
CA PHE U 198 30.59 -23.52 86.39
C PHE U 198 30.19 -23.51 84.92
N LYS U 199 30.36 -24.64 84.23
CA LYS U 199 29.95 -24.69 82.84
C LYS U 199 28.44 -24.73 82.70
N LEU U 200 27.79 -25.64 83.42
CA LEU U 200 26.36 -25.83 83.22
C LEU U 200 25.52 -24.74 83.87
N LYS U 201 26.11 -23.86 84.66
CA LYS U 201 25.38 -22.65 85.02
C LYS U 201 25.42 -21.65 83.88
N LEU U 202 26.47 -21.72 83.07
CA LEU U 202 26.59 -20.83 81.91
C LEU U 202 25.74 -21.32 80.74
N ILE U 203 25.94 -22.57 80.32
CA ILE U 203 25.23 -23.06 79.15
C ILE U 203 23.86 -23.59 79.50
N GLY U 204 23.68 -24.15 80.69
CA GLY U 204 22.37 -24.62 81.07
C GLY U 204 22.30 -26.12 81.19
N GLY U 205 21.30 -26.58 81.93
CA GLY U 205 21.12 -28.00 82.16
C GLY U 205 21.06 -28.34 83.62
N GLU U 206 21.23 -29.61 83.96
CA GLU U 206 21.19 -30.02 85.34
C GLU U 206 22.52 -29.73 86.02
N LEU U 207 22.48 -29.08 87.18
CA LEU U 207 23.68 -28.83 87.96
C LEU U 207 24.03 -30.07 88.76
N SER U 208 24.98 -29.94 89.69
CA SER U 208 25.35 -31.08 90.52
C SER U 208 24.29 -31.39 91.57
N ASP U 209 23.62 -30.36 92.08
CA ASP U 209 22.58 -30.59 93.07
C ASP U 209 21.33 -31.22 92.49
N GLY U 210 21.10 -31.05 91.19
CA GLY U 210 19.88 -31.44 90.55
C GLY U 210 19.04 -30.29 90.06
N THR U 211 19.43 -29.06 90.36
CA THR U 211 18.71 -27.89 89.89
C THR U 211 18.97 -27.70 88.40
N ILE U 212 17.90 -27.68 87.61
CA ILE U 212 18.04 -27.20 86.24
C ILE U 212 18.28 -25.70 86.30
N ALA U 213 19.41 -25.26 85.76
CA ALA U 213 19.73 -23.85 85.65
C ALA U 213 19.52 -23.44 84.21
N GLN U 214 18.74 -22.38 84.02
CA GLN U 214 18.63 -21.78 82.70
C GLN U 214 19.99 -21.23 82.29
N GLY U 215 20.33 -21.42 81.03
CA GLY U 215 21.67 -21.07 80.58
C GLY U 215 21.86 -19.57 80.50
N LEU U 216 23.05 -19.12 80.90
CA LEU U 216 23.33 -17.69 80.84
C LEU U 216 23.49 -17.23 79.40
N GLN U 217 24.07 -18.06 78.54
CA GLN U 217 24.17 -17.72 77.12
C GLN U 217 22.82 -17.58 76.42
N PRO U 218 21.82 -18.47 76.58
CA PRO U 218 20.52 -18.15 75.99
C PRO U 218 19.76 -17.06 76.71
N GLN U 219 19.97 -16.88 78.02
CA GLN U 219 19.32 -15.77 78.72
C GLN U 219 19.78 -14.43 78.19
N ILE U 220 21.02 -14.32 77.73
CA ILE U 220 21.42 -13.12 77.02
C ILE U 220 20.76 -13.09 75.65
N SER U 221 20.77 -14.22 74.95
CA SER U 221 20.17 -14.28 73.62
C SER U 221 18.66 -14.16 73.66
N SER U 222 18.03 -14.45 74.80
CA SER U 222 16.60 -14.18 74.93
C SER U 222 16.33 -12.69 74.96
N LYS U 223 17.09 -11.96 75.76
CA LYS U 223 16.88 -10.52 75.87
C LYS U 223 17.30 -9.81 74.60
N LYS U 224 18.39 -10.27 73.99
CA LYS U 224 18.89 -9.66 72.77
C LYS U 224 17.93 -9.85 71.62
N LYS U 225 17.21 -10.97 71.61
CA LYS U 225 16.13 -11.14 70.64
C LYS U 225 14.95 -10.23 70.95
N LEU U 226 14.71 -9.95 72.23
CA LEU U 226 13.62 -9.04 72.58
C LEU U 226 13.95 -7.60 72.21
N MET U 227 15.23 -7.23 72.24
CA MET U 227 15.58 -5.85 71.92
C MET U 227 15.51 -5.58 70.43
N ASP U 228 15.55 -6.62 69.60
CA ASP U 228 15.37 -6.42 68.17
C ASP U 228 13.90 -6.36 67.81
N ASP U 229 13.09 -7.23 68.40
CA ASP U 229 11.64 -7.21 68.18
C ASP U 229 11.05 -6.16 69.12
N ASN U 230 10.93 -4.94 68.62
CA ASN U 230 10.30 -3.89 69.40
C ASN U 230 9.54 -2.94 68.49
N ASN U 231 8.42 -2.45 69.00
CA ASN U 231 7.56 -1.51 68.31
C ASN U 231 8.02 -0.06 68.42
N LEU U 232 9.22 0.17 68.94
CA LEU U 232 9.65 1.51 69.28
C LEU U 232 9.90 2.35 68.03
N SER U 233 10.30 1.70 66.94
CA SER U 233 10.37 2.41 65.67
C SER U 233 9.01 2.55 65.02
N THR U 234 7.96 1.96 65.59
CA THR U 234 6.62 2.04 65.04
C THR U 234 5.70 2.93 65.87
N THR U 235 5.70 2.75 67.19
CA THR U 235 4.82 3.52 68.06
C THR U 235 5.16 5.00 68.07
N ILE U 236 6.45 5.33 67.96
CA ILE U 236 6.84 6.73 67.83
C ILE U 236 6.29 7.32 66.55
N LYS U 237 6.32 6.56 65.46
CA LYS U 237 5.64 6.99 64.25
C LYS U 237 4.13 7.00 64.42
N ASP U 238 3.61 6.10 65.25
CA ASP U 238 2.17 6.08 65.51
C ASP U 238 1.75 7.24 66.40
N LEU U 239 2.56 7.57 67.41
CA LEU U 239 2.22 8.70 68.26
C LEU U 239 2.43 10.03 67.55
N GLN U 240 3.44 10.13 66.68
CA GLN U 240 3.57 11.35 65.90
C GLN U 240 2.51 11.48 64.82
N SER U 241 1.83 10.38 64.49
CA SER U 241 0.63 10.50 63.67
C SER U 241 -0.49 11.16 64.46
N LYS U 242 -0.67 10.76 65.72
CA LYS U 242 -1.77 11.29 66.50
C LYS U 242 -1.53 12.73 66.94
N ILE U 243 -0.27 13.08 67.21
CA ILE U 243 0.05 14.46 67.56
C ILE U 243 -0.19 15.38 66.37
N ASP U 244 0.28 14.97 65.19
CA ASP U 244 -0.01 15.72 63.99
C ASP U 244 -1.47 15.66 63.59
N GLU U 245 -2.20 14.64 64.06
CA GLU U 245 -3.65 14.65 63.94
C GLU U 245 -4.26 15.68 64.88
N LYS U 246 -3.85 15.64 66.15
CA LYS U 246 -4.44 16.55 67.13
C LYS U 246 -3.95 17.98 66.98
N ASN U 247 -2.80 18.19 66.34
CA ASN U 247 -2.41 19.56 66.03
C ASN U 247 -3.30 20.18 64.99
N LYS U 248 -3.83 19.36 64.07
CA LYS U 248 -4.73 19.85 63.05
C LYS U 248 -6.06 20.30 63.65
N GLU U 249 -6.47 19.67 64.75
CA GLU U 249 -7.67 20.12 65.45
C GLU U 249 -7.42 21.42 66.20
N ILE U 250 -6.26 21.52 66.87
CA ILE U 250 -5.91 22.72 67.62
C ILE U 250 -5.74 23.89 66.68
N ASP U 251 -5.09 23.66 65.53
CA ASP U 251 -4.96 24.69 64.52
C ASP U 251 -6.30 25.04 63.87
N GLN U 252 -7.30 24.20 64.05
CA GLN U 252 -8.65 24.49 63.60
C GLN U 252 -9.47 25.20 64.67
N PHE U 253 -9.26 24.86 65.95
CA PHE U 253 -10.03 25.50 67.01
C PHE U 253 -9.60 26.93 67.25
N GLN U 254 -8.34 27.25 66.92
CA GLN U 254 -7.93 28.66 66.96
C GLN U 254 -8.69 29.48 65.95
N LYS U 255 -8.97 28.89 64.79
CA LYS U 255 -9.84 29.54 63.80
C LYS U 255 -11.26 29.68 64.33
N ASP U 256 -11.72 28.74 65.15
CA ASP U 256 -13.05 28.82 65.71
C ASP U 256 -13.16 29.93 66.75
N TYR U 257 -12.21 29.95 67.68
CA TYR U 257 -12.25 30.96 68.73
C TYR U 257 -12.00 32.35 68.18
N ASN U 258 -11.24 32.46 67.10
CA ASN U 258 -11.09 33.74 66.44
C ASN U 258 -12.28 34.09 65.57
N LYS U 259 -13.24 33.19 65.43
CA LYS U 259 -14.45 33.48 64.67
C LYS U 259 -15.65 33.74 65.58
N TYR U 260 -15.86 32.90 66.60
CA TYR U 260 -17.01 33.09 67.49
C TYR U 260 -16.89 34.37 68.29
N VAL U 261 -15.68 34.70 68.75
CA VAL U 261 -15.46 35.97 69.44
C VAL U 261 -15.69 37.14 68.48
N GLY U 262 -15.33 36.95 67.22
CA GLY U 262 -15.72 37.90 66.20
C GLY U 262 -17.23 38.00 66.04
N LEU U 263 -17.92 36.86 66.14
CA LEU U 263 -19.36 36.88 66.08
C LEU U 263 -19.97 37.41 67.37
N ALA U 264 -19.34 37.13 68.52
CA ALA U 264 -19.93 37.49 69.80
C ALA U 264 -19.90 38.99 70.06
N PHE U 265 -19.07 39.74 69.35
CA PHE U 265 -19.04 41.19 69.49
C PHE U 265 -19.95 41.88 68.50
N SER U 266 -21.05 41.22 68.11
CA SER U 266 -21.94 41.78 67.11
C SER U 266 -22.79 42.91 67.67
N GLY U 267 -23.28 42.75 68.90
CA GLY U 267 -24.46 43.43 69.39
C GLY U 267 -24.50 44.95 69.45
N MET U 268 -23.59 45.56 70.21
CA MET U 268 -23.77 46.94 70.67
C MET U 268 -23.57 47.99 69.59
N VAL U 269 -23.55 47.70 68.29
CA VAL U 269 -23.51 48.79 67.31
C VAL U 269 -24.83 49.57 67.34
N GLY U 270 -25.96 48.89 67.29
CA GLY U 270 -27.23 49.52 67.63
C GLY U 270 -28.03 48.66 68.59
N GLY U 271 -27.72 47.37 68.61
CA GLY U 271 -28.44 46.39 69.39
C GLY U 271 -27.87 46.06 70.75
N ILE U 272 -28.07 46.96 71.72
CA ILE U 272 -27.69 46.68 73.12
C ILE U 272 -28.46 45.47 73.64
N ILE U 273 -29.72 45.32 73.22
CA ILE U 273 -30.48 44.12 73.53
C ILE U 273 -29.87 42.90 72.84
N SER U 274 -29.43 43.07 71.59
CA SER U 274 -28.85 41.96 70.85
C SER U 274 -27.46 41.59 71.33
N TRP U 275 -26.82 42.44 72.13
CA TRP U 275 -25.52 42.12 72.71
C TRP U 275 -25.60 40.90 73.60
N ALA U 276 -26.66 40.81 74.40
CA ALA U 276 -26.87 39.61 75.20
C ALA U 276 -27.38 38.45 74.36
N ILE U 277 -27.94 38.73 73.18
CA ILE U 277 -28.48 37.65 72.36
C ILE U 277 -27.36 36.84 71.73
N THR U 278 -26.54 37.49 70.90
CA THR U 278 -25.49 36.76 70.20
C THR U 278 -24.35 36.42 71.15
N GLY U 279 -24.11 37.26 72.16
CA GLY U 279 -23.17 36.89 73.20
C GLY U 279 -23.64 35.70 74.00
N GLY U 280 -24.96 35.53 74.14
CA GLY U 280 -25.47 34.31 74.74
C GLY U 280 -25.31 33.12 73.82
N ILE U 281 -25.48 33.34 72.52
CA ILE U 281 -25.36 32.26 71.55
C ILE U 281 -23.90 31.90 71.32
N PHE U 282 -23.11 32.87 70.89
CA PHE U 282 -21.76 32.59 70.41
C PHE U 282 -20.72 32.64 71.52
N GLY U 283 -20.94 33.46 72.54
CA GLY U 283 -19.98 33.57 73.63
C GLY U 283 -19.88 32.31 74.45
N ASP U 284 -20.96 31.52 74.48
CA ASP U 284 -20.85 30.16 75.00
C ASP U 284 -19.95 29.34 74.10
N LYS U 285 -20.21 29.36 72.79
CA LYS U 285 -19.48 28.51 71.87
C LYS U 285 -18.04 28.98 71.69
N ALA U 286 -17.81 30.28 71.88
CA ALA U 286 -16.43 30.75 71.99
C ALA U 286 -15.76 30.18 73.22
N GLU U 287 -16.49 30.16 74.35
CA GLU U 287 -15.93 29.64 75.58
C GLU U 287 -15.74 28.14 75.51
N LYS U 288 -16.66 27.43 74.87
CA LYS U 288 -16.56 25.98 74.79
C LYS U 288 -15.41 25.55 73.89
N ALA U 289 -15.25 26.23 72.74
CA ALA U 289 -14.14 25.92 71.86
C ALA U 289 -12.80 26.28 72.50
N ARG U 290 -12.79 27.32 73.33
CA ARG U 290 -11.57 27.66 74.05
C ARG U 290 -11.26 26.62 75.11
N LYS U 291 -12.30 26.02 75.72
CA LYS U 291 -12.05 24.94 76.67
C LYS U 291 -11.58 23.68 75.96
N GLN U 292 -12.01 23.47 74.72
CA GLN U 292 -11.40 22.43 73.90
C GLN U 292 -9.97 22.79 73.57
N LYS U 293 -9.71 24.08 73.33
CA LYS U 293 -8.36 24.54 73.11
C LYS U 293 -7.52 24.45 74.38
N ASN U 294 -8.14 24.59 75.55
CA ASN U 294 -7.41 24.33 76.78
C ASN U 294 -7.05 22.86 76.91
N LYS U 295 -8.00 21.98 76.57
CA LYS U 295 -7.83 20.56 76.85
C LYS U 295 -6.86 19.89 75.89
N LEU U 296 -6.95 20.22 74.61
CA LEU U 296 -6.18 19.48 73.62
C LEU U 296 -4.70 19.86 73.64
N ILE U 297 -4.40 21.14 73.88
CA ILE U 297 -3.00 21.58 73.98
C ILE U 297 -2.34 20.90 75.16
N ASP U 298 -3.07 20.74 76.26
CA ASP U 298 -2.54 20.01 77.40
C ASP U 298 -2.38 18.53 77.10
N GLU U 299 -3.20 17.99 76.21
CA GLU U 299 -3.03 16.59 75.83
C GLU U 299 -1.85 16.40 74.89
N VAL U 300 -1.70 17.31 73.92
CA VAL U 300 -0.58 17.23 72.98
C VAL U 300 0.74 17.43 73.70
N LYS U 301 0.76 18.33 74.69
CA LYS U 301 1.91 18.49 75.57
C LYS U 301 2.18 17.20 76.34
N ASP U 302 1.14 16.46 76.72
CA ASP U 302 1.35 15.17 77.35
C ASP U 302 1.70 14.09 76.35
N LEU U 303 1.14 14.16 75.14
CA LEU U 303 1.48 13.17 74.13
C LEU U 303 2.89 13.37 73.58
N GLN U 304 3.33 14.62 73.50
CA GLN U 304 4.72 14.88 73.11
C GLN U 304 5.69 14.34 74.16
N SER U 305 5.30 14.40 75.43
CA SER U 305 6.15 13.91 76.50
C SER U 305 6.31 12.40 76.45
N GLN U 306 5.32 11.68 75.92
CA GLN U 306 5.50 10.25 75.73
C GLN U 306 6.48 9.97 74.61
N VAL U 307 6.43 10.80 73.55
CA VAL U 307 7.34 10.61 72.43
C VAL U 307 8.77 10.91 72.84
N LYS U 308 8.95 11.91 73.71
CA LYS U 308 10.28 12.26 74.19
C LYS U 308 10.90 11.13 75.00
N ASP U 309 10.10 10.47 75.83
CA ASP U 309 10.63 9.38 76.64
C ASP U 309 10.83 8.12 75.79
N LYS U 310 9.95 7.86 74.84
CA LYS U 310 10.11 6.69 74.01
C LYS U 310 11.24 6.86 72.99
N SER U 311 11.52 8.10 72.57
CA SER U 311 12.70 8.32 71.76
C SER U 311 13.95 8.11 72.59
N ALA U 312 13.95 8.56 73.84
CA ALA U 312 15.03 8.23 74.75
C ALA U 312 15.02 6.76 75.13
N LEU U 313 13.86 6.11 75.05
CA LEU U 313 13.82 4.67 75.33
C LEU U 313 14.45 3.88 74.20
N GLN U 314 14.14 4.23 72.96
CA GLN U 314 14.65 3.49 71.81
C GLN U 314 16.16 3.66 71.69
N THR U 315 16.68 4.81 72.09
CA THR U 315 18.13 4.98 72.20
C THR U 315 18.68 4.11 73.32
N SER U 316 17.95 4.01 74.43
CA SER U 316 18.42 3.28 75.59
C SER U 316 18.48 1.78 75.33
N VAL U 317 17.51 1.27 74.58
CA VAL U 317 17.48 -0.16 74.29
C VAL U 317 18.56 -0.52 73.29
N GLN U 318 18.67 0.26 72.22
CA GLN U 318 19.61 -0.02 71.14
C GLN U 318 21.05 0.08 71.61
N ASN U 319 21.32 0.97 72.57
CA ASN U 319 22.63 0.97 73.20
C ASN U 319 22.81 -0.26 74.07
N LEU U 320 21.75 -0.68 74.75
CA LEU U 320 21.85 -1.82 75.66
C LEU U 320 22.02 -3.12 74.90
N SER U 321 21.51 -3.17 73.66
CA SER U 321 21.71 -4.34 72.81
C SER U 321 23.18 -4.58 72.53
N LEU U 322 23.93 -3.50 72.36
CA LEU U 322 25.37 -3.64 72.15
C LEU U 322 26.08 -4.08 73.40
N SER U 323 25.54 -3.70 74.57
CA SER U 323 26.13 -4.12 75.83
C SER U 323 26.04 -5.63 76.00
N PHE U 324 24.85 -6.18 75.74
CA PHE U 324 24.68 -7.62 75.77
C PHE U 324 25.41 -8.32 74.65
N ALA U 325 25.65 -7.63 73.54
CA ALA U 325 26.30 -8.25 72.39
C ALA U 325 27.71 -8.68 72.70
N GLY U 326 28.46 -7.84 73.42
CA GLY U 326 29.77 -8.26 73.88
C GLY U 326 29.67 -9.33 74.95
N ILE U 327 28.71 -9.19 75.86
CA ILE U 327 28.48 -10.18 76.91
C ILE U 327 28.13 -11.53 76.30
N HIS U 328 27.32 -11.51 75.25
CA HIS U 328 27.05 -12.74 74.50
C HIS U 328 28.31 -13.23 73.80
N THR U 329 29.13 -12.31 73.29
CA THR U 329 30.35 -12.71 72.61
C THR U 329 31.36 -13.25 73.61
N SER U 330 31.37 -12.72 74.83
CA SER U 330 32.24 -13.25 75.86
C SER U 330 31.81 -14.65 76.28
N MET U 331 30.52 -14.92 76.28
CA MET U 331 30.04 -16.23 76.72
C MET U 331 30.27 -17.31 75.68
N VAL U 332 30.22 -16.94 74.39
CA VAL U 332 30.49 -17.91 73.33
C VAL U 332 31.94 -18.39 73.40
N ASP U 333 32.86 -17.48 73.69
CA ASP U 333 34.24 -17.91 73.89
C ASP U 333 34.40 -18.64 75.21
N ALA U 334 33.63 -18.26 76.22
CA ALA U 334 33.61 -19.02 77.46
C ALA U 334 32.90 -20.35 77.30
N GLU U 335 32.01 -20.45 76.31
CA GLU U 335 31.35 -21.72 76.02
C GLU U 335 32.36 -22.76 75.54
N GLU U 336 33.11 -22.41 74.50
CA GLU U 336 34.05 -23.36 73.90
C GLU U 336 35.18 -23.69 74.86
N ALA U 337 35.60 -22.73 75.68
CA ALA U 337 36.75 -22.93 76.54
C ALA U 337 36.46 -23.94 77.63
N LEU U 338 35.28 -23.85 78.24
CA LEU U 338 34.95 -24.77 79.33
C LEU U 338 34.72 -26.18 78.82
N ASN U 339 34.25 -26.32 77.58
CA ASN U 339 34.02 -27.64 77.01
C ASN U 339 35.33 -28.39 76.85
N HIS U 340 36.39 -27.69 76.44
CA HIS U 340 37.69 -28.34 76.41
C HIS U 340 38.24 -28.54 77.81
N LEU U 341 37.87 -27.66 78.74
CA LEU U 341 38.32 -27.83 80.12
C LEU U 341 37.66 -29.02 80.77
N ASP U 342 36.34 -29.17 80.56
CA ASP U 342 35.60 -30.27 81.15
C ASP U 342 36.08 -31.60 80.60
N PHE U 343 36.39 -31.66 79.31
CA PHE U 343 36.76 -32.92 78.68
C PHE U 343 38.12 -33.40 79.14
N MET U 344 39.02 -32.50 79.53
CA MET U 344 40.30 -32.94 80.06
C MET U 344 40.16 -33.45 81.48
N TRP U 345 39.37 -32.78 82.31
CA TRP U 345 39.13 -33.29 83.65
C TRP U 345 38.34 -34.57 83.63
N ASN U 346 37.39 -34.68 82.68
CA ASN U 346 36.65 -35.93 82.54
C ASN U 346 37.55 -37.05 82.08
N THR U 347 38.57 -36.73 81.27
CA THR U 347 39.56 -37.71 80.90
C THR U 347 40.40 -38.10 82.12
N MET U 348 40.76 -37.13 82.94
CA MET U 348 41.59 -37.41 84.09
C MET U 348 40.82 -38.12 85.19
N LEU U 349 39.57 -37.70 85.42
CA LEU U 349 38.75 -38.35 86.45
C LEU U 349 38.41 -39.78 86.06
N THR U 350 38.33 -40.06 84.76
CA THR U 350 38.19 -41.44 84.32
C THR U 350 39.44 -42.24 84.64
N GLN U 351 40.60 -41.71 84.28
CA GLN U 351 41.82 -42.48 84.36
C GLN U 351 42.28 -42.68 85.80
N ILE U 352 41.94 -41.77 86.69
CA ILE U 352 42.18 -42.03 88.11
C ILE U 352 41.24 -43.10 88.62
N THR U 353 39.98 -43.06 88.18
CA THR U 353 38.98 -44.02 88.66
C THR U 353 39.28 -45.43 88.17
N THR U 354 39.59 -45.58 86.88
CA THR U 354 39.91 -46.92 86.38
C THR U 354 41.27 -47.40 86.85
N SER U 355 42.12 -46.49 87.35
CA SER U 355 43.32 -46.94 88.02
C SER U 355 43.02 -47.52 89.38
N ARG U 356 42.13 -46.86 90.14
CA ARG U 356 41.86 -47.27 91.51
C ARG U 356 41.11 -48.60 91.55
N ASP U 357 40.13 -48.77 90.66
CA ASP U 357 39.29 -49.95 90.70
C ASP U 357 40.04 -51.19 90.28
N LYS U 358 40.96 -51.07 89.32
CA LYS U 358 41.80 -52.19 88.97
C LYS U 358 42.85 -52.46 90.05
N PHE U 359 43.23 -51.43 90.80
CA PHE U 359 44.22 -51.60 91.86
C PHE U 359 43.64 -52.30 93.08
N ASP U 360 42.31 -52.37 93.17
CA ASP U 360 41.65 -53.08 94.26
C ASP U 360 41.72 -54.59 94.11
N ASP U 361 42.15 -55.07 92.94
CA ASP U 361 42.41 -56.49 92.75
C ASP U 361 43.70 -56.95 93.40
N ILE U 362 44.55 -56.01 93.83
CA ILE U 362 45.86 -56.34 94.35
C ILE U 362 45.72 -56.89 95.77
N ASN U 363 46.11 -58.15 95.93
CA ASN U 363 46.17 -58.78 97.24
C ASN U 363 47.23 -59.87 97.19
N ASP U 364 47.63 -60.34 98.37
CA ASP U 364 48.78 -61.24 98.51
C ASP U 364 48.55 -62.61 97.89
N ALA U 365 47.30 -62.98 97.61
CA ALA U 365 47.00 -64.23 96.95
C ALA U 365 47.36 -64.23 95.47
N LEU U 366 47.69 -63.07 94.90
CA LEU U 366 48.06 -63.01 93.49
C LEU U 366 49.42 -63.63 93.27
N LYS U 367 49.49 -64.57 92.33
CA LYS U 367 50.78 -65.07 91.91
C LYS U 367 51.48 -64.00 91.07
N LEU U 368 52.81 -64.15 90.96
CA LEU U 368 53.65 -62.99 90.71
C LEU U 368 53.60 -62.52 89.26
N THR U 369 53.31 -63.41 88.30
CA THR U 369 53.09 -62.94 86.93
C THR U 369 51.79 -62.17 86.83
N SER U 370 50.73 -62.71 87.43
CA SER U 370 49.43 -62.05 87.45
C SER U 370 49.45 -60.74 88.23
N PHE U 371 50.39 -60.58 89.16
CA PHE U 371 50.53 -59.30 89.84
C PHE U 371 51.04 -58.21 88.91
N VAL U 372 51.96 -58.56 88.01
CA VAL U 372 52.65 -57.55 87.20
C VAL U 372 51.70 -56.93 86.20
N ILE U 373 51.03 -57.77 85.40
CA ILE U 373 50.07 -57.31 84.39
C ILE U 373 48.92 -56.56 85.03
N ALA U 374 48.51 -56.96 86.24
CA ALA U 374 47.56 -56.17 87.00
C ALA U 374 48.16 -54.82 87.39
N PHE U 375 49.38 -54.83 87.93
CA PHE U 375 49.97 -53.59 88.40
C PHE U 375 50.43 -52.70 87.25
N LYS U 376 50.83 -53.32 86.12
CA LYS U 376 51.15 -52.54 84.93
C LYS U 376 49.91 -51.85 84.39
N GLN U 377 48.75 -52.50 84.51
CA GLN U 377 47.49 -51.89 84.11
C GLN U 377 47.13 -50.70 84.99
N VAL U 378 47.61 -50.70 86.24
CA VAL U 378 47.32 -49.59 87.13
C VAL U 378 48.06 -48.33 86.70
N ILE U 379 49.33 -48.46 86.35
CA ILE U 379 50.16 -47.27 86.14
C ILE U 379 50.01 -46.65 84.76
N GLU U 380 49.51 -47.40 83.79
CA GLU U 380 49.35 -46.85 82.44
C GLU U 380 48.39 -45.67 82.33
N PRO U 381 47.30 -45.55 83.10
CA PRO U 381 46.62 -44.25 83.14
C PRO U 381 47.44 -43.16 83.79
N TRP U 382 48.35 -43.49 84.71
CA TRP U 382 49.13 -42.45 85.35
C TRP U 382 50.20 -41.85 84.44
N ARG U 383 50.51 -42.48 83.31
CA ARG U 383 51.36 -41.83 82.33
C ARG U 383 50.64 -40.63 81.71
N ASP U 384 49.34 -40.78 81.42
CA ASP U 384 48.62 -39.73 80.73
C ASP U 384 48.20 -38.61 81.67
N VAL U 385 47.85 -38.95 82.92
CA VAL U 385 47.49 -37.92 83.90
C VAL U 385 48.70 -37.07 84.23
N GLN U 386 49.88 -37.71 84.29
CA GLN U 386 51.14 -36.96 84.32
C GLN U 386 51.29 -36.10 83.07
N GLY U 387 50.92 -36.65 81.91
CA GLY U 387 51.03 -35.88 80.69
C GLY U 387 49.97 -34.81 80.56
N SER U 388 48.78 -35.04 81.12
CA SER U 388 47.71 -34.07 80.99
C SER U 388 47.95 -32.86 81.89
N ALA U 389 48.43 -33.10 83.11
CA ALA U 389 48.77 -31.98 83.99
C ALA U 389 49.96 -31.21 83.46
N ALA U 390 50.91 -31.90 82.84
CA ALA U 390 52.03 -31.23 82.18
C ALA U 390 51.53 -30.40 81.00
N GLN U 391 50.57 -30.93 80.24
CA GLN U 391 49.92 -30.11 79.23
C GLN U 391 49.03 -29.03 79.83
N LEU U 392 48.65 -29.18 81.10
CA LEU U 392 47.79 -28.16 81.68
C LEU U 392 48.59 -27.05 82.32
N ILE U 393 49.55 -27.40 83.18
CA ILE U 393 50.28 -26.40 83.96
C ILE U 393 51.13 -25.51 83.05
N GLN U 394 51.73 -26.10 82.02
CA GLN U 394 52.43 -25.33 80.99
C GLN U 394 51.50 -24.37 80.29
N THR U 395 50.27 -24.82 79.99
CA THR U 395 49.27 -23.96 79.39
C THR U 395 48.40 -23.25 80.42
N PHE U 396 48.88 -23.12 81.66
CA PHE U 396 48.16 -22.41 82.69
C PHE U 396 48.89 -21.16 83.12
N ASP U 397 50.15 -21.29 83.53
CA ASP U 397 50.91 -20.16 84.03
C ASP U 397 51.30 -19.22 82.91
N GLU U 398 51.46 -19.74 81.70
CA GLU U 398 51.76 -18.90 80.55
C GLU U 398 50.60 -18.00 80.19
N ALA U 399 49.37 -18.43 80.49
CA ALA U 399 48.23 -17.54 80.31
C ALA U 399 48.03 -16.59 81.46
N LEU U 400 48.67 -16.83 82.62
CA LEU U 400 48.49 -15.94 83.75
C LEU U 400 49.26 -14.65 83.56
N ALA U 401 50.56 -14.75 83.27
CA ALA U 401 51.37 -13.56 83.03
C ALA U 401 50.94 -12.83 81.76
N GLU U 402 50.46 -13.58 80.77
CA GLU U 402 49.92 -12.97 79.56
C GLU U 402 48.63 -12.21 79.85
N TYR U 403 47.87 -12.65 80.86
CA TYR U 403 46.66 -11.92 81.24
C TYR U 403 46.96 -10.55 81.83
N LYS U 404 48.17 -10.34 82.34
CA LYS U 404 48.60 -9.03 82.78
C LYS U 404 48.94 -8.09 81.63
N LYS U 405 48.68 -8.47 80.39
CA LYS U 405 49.03 -7.69 79.22
C LYS U 405 47.79 -7.41 78.39
N GLY V 41 85.68 28.31 -24.50
CA GLY V 41 86.07 28.67 -23.14
C GLY V 41 84.94 28.52 -22.16
N ILE V 42 85.24 28.67 -20.87
CA ILE V 42 84.23 28.59 -19.83
C ILE V 42 83.58 29.94 -19.60
N PHE V 43 84.41 30.97 -19.41
CA PHE V 43 83.94 32.33 -19.21
C PHE V 43 83.55 32.90 -20.58
N THR V 44 82.27 32.82 -20.90
CA THR V 44 81.80 33.19 -22.23
C THR V 44 81.70 34.70 -22.36
N LYS V 45 81.40 35.15 -23.59
CA LYS V 45 81.21 36.58 -23.81
C LYS V 45 79.94 37.08 -23.16
N GLY V 46 78.92 36.21 -23.01
CA GLY V 46 77.72 36.61 -22.31
C GLY V 46 77.93 36.74 -20.81
N ASP V 47 78.92 36.04 -20.27
CA ASP V 47 79.25 36.19 -18.86
C ASP V 47 79.78 37.59 -18.58
N LEU V 48 80.72 38.04 -19.43
CA LEU V 48 81.37 39.32 -19.21
C LEU V 48 80.43 40.48 -19.43
N ILE V 49 79.39 40.29 -20.26
CA ILE V 49 78.36 41.31 -20.41
C ILE V 49 77.53 41.41 -19.15
N ASN V 50 77.13 40.25 -18.59
CA ASN V 50 76.28 40.21 -17.40
C ASN V 50 76.93 40.90 -16.21
N ILE V 51 78.25 40.84 -16.12
CA ILE V 51 78.96 41.62 -15.12
C ILE V 51 78.87 43.10 -15.46
N LYS V 52 79.18 43.46 -16.70
CA LYS V 52 79.19 44.86 -17.07
C LYS V 52 77.80 45.46 -17.13
N LEU V 53 76.78 44.62 -17.33
CA LEU V 53 75.41 45.07 -17.07
C LEU V 53 75.22 45.40 -15.60
N TYR V 54 75.71 44.52 -14.72
CA TYR V 54 75.59 44.76 -13.29
C TYR V 54 76.38 45.97 -12.84
N VAL V 55 77.54 46.20 -13.47
CA VAL V 55 78.32 47.39 -13.15
C VAL V 55 77.61 48.64 -13.63
N LYS V 56 76.96 48.56 -14.79
CA LYS V 56 76.28 49.73 -15.36
C LYS V 56 75.10 50.15 -14.51
N HIS V 57 74.24 49.19 -14.15
CA HIS V 57 73.05 49.54 -13.40
C HIS V 57 73.34 49.88 -11.95
N SER V 58 74.48 49.41 -11.41
CA SER V 58 74.80 49.73 -10.02
C SER V 58 75.26 51.16 -9.87
N LEU V 59 75.99 51.69 -10.86
CA LEU V 59 76.43 53.07 -10.82
C LEU V 59 75.27 54.04 -10.94
N GLU V 60 74.15 53.61 -11.51
CA GLU V 60 72.94 54.41 -11.53
C GLU V 60 72.39 54.62 -10.12
N LEU V 61 72.66 53.71 -9.21
CA LEU V 61 72.11 53.81 -7.87
C LEU V 61 72.80 54.91 -7.08
N PRO V 62 72.06 55.69 -6.30
CA PRO V 62 72.69 56.74 -5.50
C PRO V 62 73.41 56.15 -4.31
N PHE V 63 74.29 56.97 -3.73
CA PHE V 63 75.06 56.54 -2.57
C PHE V 63 75.11 57.57 -1.45
N THR V 64 74.59 58.77 -1.65
CA THR V 64 74.47 59.71 -0.55
C THR V 64 73.30 59.31 0.35
N LEU V 65 73.27 59.89 1.54
CA LEU V 65 72.12 59.67 2.41
C LEU V 65 70.87 60.35 1.84
N GLU V 66 71.03 61.51 1.21
CA GLU V 66 69.89 62.20 0.63
C GLU V 66 69.41 61.52 -0.65
N GLY V 67 70.35 61.16 -1.53
CA GLY V 67 69.97 60.60 -2.82
C GLY V 67 69.35 59.23 -2.74
N VAL V 68 69.79 58.42 -1.78
CA VAL V 68 69.11 57.16 -1.51
C VAL V 68 67.72 57.43 -0.95
N LYS V 69 67.60 58.43 -0.07
CA LYS V 69 66.33 58.78 0.56
C LYS V 69 65.32 59.28 -0.47
N GLU V 70 65.80 59.92 -1.53
CA GLU V 70 64.94 60.29 -2.65
C GLU V 70 64.59 59.07 -3.50
N TYR V 71 65.57 58.18 -3.71
CA TYR V 71 65.38 57.01 -4.57
C TYR V 71 64.38 56.03 -3.98
N ILE V 72 64.31 55.94 -2.66
CA ILE V 72 63.37 55.04 -2.02
C ILE V 72 62.02 55.70 -1.84
N GLY V 73 61.97 57.03 -1.86
CA GLY V 73 60.72 57.76 -1.85
C GLY V 73 59.89 57.66 -0.59
N TYR V 74 60.52 57.68 0.58
CA TYR V 74 59.75 57.69 1.82
C TYR V 74 60.56 58.36 2.93
N ASN V 75 60.02 58.27 4.14
CA ASN V 75 60.68 58.68 5.36
C ASN V 75 60.30 57.72 6.47
N ASP V 76 61.28 56.93 6.95
CA ASP V 76 61.23 56.24 8.25
C ASP V 76 60.07 55.23 8.33
N ILE V 77 60.29 54.10 7.65
CA ILE V 77 59.44 52.92 7.81
C ILE V 77 59.31 52.57 9.29
N ASP V 78 58.12 52.12 9.69
CA ASP V 78 57.90 51.62 11.04
C ASP V 78 58.75 50.40 11.35
N ILE V 79 59.04 49.56 10.36
CA ILE V 79 59.85 48.39 10.61
C ILE V 79 61.32 48.78 10.47
N ASP V 80 62.19 47.94 11.03
CA ASP V 80 63.57 48.34 11.24
C ASP V 80 64.41 48.17 9.99
N GLY V 81 64.23 47.07 9.28
CA GLY V 81 65.14 46.69 8.21
C GLY V 81 65.08 47.57 6.98
N LEU V 82 64.05 48.41 6.85
CA LEU V 82 63.91 49.27 5.69
C LEU V 82 64.14 50.73 6.03
N LYS V 83 64.74 51.00 7.19
CA LYS V 83 65.06 52.37 7.55
C LYS V 83 66.22 52.87 6.70
N PRO V 84 66.20 54.14 6.28
CA PRO V 84 67.13 54.59 5.22
C PRO V 84 68.58 54.64 5.66
N ALA V 85 68.86 54.69 6.96
CA ALA V 85 70.23 54.63 7.42
C ALA V 85 70.85 53.26 7.12
N LYS V 86 70.04 52.21 7.23
CA LYS V 86 70.50 50.89 6.77
C LYS V 86 70.62 50.87 5.25
N MET V 87 69.70 51.54 4.56
CA MET V 87 69.63 51.46 3.12
C MET V 87 70.81 52.19 2.48
N ALA V 88 71.10 53.40 2.97
CA ALA V 88 72.20 54.18 2.44
C ALA V 88 73.55 53.53 2.75
N THR V 89 73.61 52.74 3.83
CA THR V 89 74.77 51.89 4.04
C THR V 89 74.84 50.81 2.97
N LEU V 90 73.70 50.27 2.57
CA LEU V 90 73.69 49.13 1.65
C LEU V 90 74.06 49.55 0.24
N PHE V 91 73.53 50.68 -0.24
CA PHE V 91 73.88 51.14 -1.58
C PHE V 91 75.31 51.61 -1.65
N LYS V 92 75.84 52.19 -0.57
CA LYS V 92 77.23 52.60 -0.55
C LYS V 92 78.16 51.41 -0.63
N GLU V 93 77.73 50.26 -0.11
CA GLU V 93 78.49 49.04 -0.34
C GLU V 93 78.42 48.63 -1.80
N ILE V 94 77.26 48.82 -2.44
CA ILE V 94 77.12 48.45 -3.84
C ILE V 94 77.87 49.42 -4.74
N HIS V 95 77.76 50.72 -4.44
CA HIS V 95 78.44 51.74 -5.23
C HIS V 95 79.96 51.62 -5.12
N ASP V 96 80.45 51.15 -3.98
CA ASP V 96 81.87 50.84 -3.89
C ASP V 96 82.20 49.52 -4.55
N HIS V 97 81.24 48.60 -4.57
CA HIS V 97 81.46 47.32 -5.24
C HIS V 97 81.52 47.51 -6.75
N ALA V 98 80.77 48.46 -7.28
CA ALA V 98 80.75 48.67 -8.73
C ALA V 98 82.03 49.34 -9.20
N LEU V 99 82.53 50.31 -8.44
CA LEU V 99 83.72 51.05 -8.85
C LEU V 99 84.99 50.21 -8.83
N SER V 100 84.96 49.08 -8.13
CA SER V 100 86.13 48.20 -8.10
C SER V 100 86.34 47.50 -9.44
N TRP V 101 85.27 47.30 -10.21
CA TRP V 101 85.34 46.46 -11.40
C TRP V 101 86.21 47.07 -12.49
N SER V 102 86.24 48.40 -12.58
CA SER V 102 87.11 49.07 -13.54
C SER V 102 88.57 48.74 -13.28
N GLY V 103 88.95 48.65 -12.01
CA GLY V 103 90.28 48.15 -11.68
C GLY V 103 90.40 46.67 -11.95
N VAL V 104 89.35 45.90 -11.69
CA VAL V 104 89.42 44.45 -11.79
C VAL V 104 89.55 44.01 -13.24
N GLU V 105 88.67 44.51 -14.10
CA GLU V 105 88.64 44.10 -15.50
C GLU V 105 89.90 44.52 -16.23
N SER V 106 90.45 45.68 -15.87
CA SER V 106 91.74 46.10 -16.42
C SER V 106 92.86 45.19 -15.95
N LYS V 107 92.78 44.69 -14.71
CA LYS V 107 93.76 43.71 -14.26
C LYS V 107 93.58 42.36 -14.93
N VAL V 108 92.33 41.99 -15.25
CA VAL V 108 92.10 40.73 -15.93
C VAL V 108 92.62 40.79 -17.36
N GLN V 109 92.37 41.91 -18.04
CA GLN V 109 92.74 42.04 -19.45
C GLN V 109 94.25 42.10 -19.62
N GLN V 110 94.91 42.99 -18.88
CA GLN V 110 96.33 43.24 -19.07
C GLN V 110 97.16 42.04 -18.66
N GLN V 111 96.70 41.28 -17.67
CA GLN V 111 97.43 40.08 -17.27
C GLN V 111 97.28 38.97 -18.31
N SER V 112 96.08 38.79 -18.85
CA SER V 112 95.84 37.67 -19.76
C SER V 112 96.54 37.87 -21.10
N ILE V 113 96.80 39.12 -21.48
CA ILE V 113 97.68 39.38 -22.61
C ILE V 113 99.09 38.89 -22.31
N ASP V 114 99.57 39.16 -21.10
CA ASP V 114 100.89 38.71 -20.70
C ASP V 114 100.95 37.20 -20.55
N LEU V 115 99.83 36.59 -20.15
CA LEU V 115 99.78 35.13 -20.08
C LEU V 115 99.84 34.50 -21.46
N GLU V 116 99.42 35.22 -22.50
CA GLU V 116 99.58 34.70 -23.85
C GLU V 116 101.01 34.88 -24.35
N ASN V 117 101.59 36.06 -24.11
CA ASN V 117 102.93 36.38 -24.59
C ASN V 117 103.97 35.52 -23.91
N ALA V 118 103.86 35.35 -22.59
CA ALA V 118 104.69 34.36 -21.92
C ALA V 118 104.26 32.95 -22.28
N GLY V 119 102.98 32.75 -22.62
CA GLY V 119 102.50 31.42 -22.97
C GLY V 119 103.02 30.92 -24.29
N LYS V 120 103.54 31.80 -25.14
CA LYS V 120 104.10 31.39 -26.42
C LYS V 120 105.62 31.36 -26.41
N GLN V 121 106.24 32.41 -25.86
CA GLN V 121 107.69 32.53 -25.89
C GLN V 121 108.37 31.45 -25.05
N ILE V 122 107.73 31.04 -23.96
CA ILE V 122 108.19 29.86 -23.23
C ILE V 122 107.93 28.61 -24.05
N THR V 123 106.77 28.52 -24.67
CA THR V 123 106.40 27.32 -25.42
C THR V 123 107.21 27.20 -26.71
N LEU V 124 107.59 28.33 -27.31
CA LEU V 124 108.52 28.29 -28.44
C LEU V 124 109.89 27.81 -28.00
N THR V 125 110.39 28.30 -26.87
CA THR V 125 111.70 27.90 -26.39
C THR V 125 111.68 26.46 -25.90
N GLY V 126 110.62 26.08 -25.18
CA GLY V 126 110.60 24.77 -24.54
C GLY V 126 110.40 23.63 -25.52
N ASP V 127 109.60 23.85 -26.56
CA ASP V 127 109.40 22.79 -27.54
C ASP V 127 110.64 22.57 -28.39
N GLU V 128 111.41 23.63 -28.63
CA GLU V 128 112.68 23.47 -29.35
C GLU V 128 113.69 22.70 -28.54
N ILE V 129 113.70 22.86 -27.21
CA ILE V 129 114.69 22.20 -26.38
C ILE V 129 114.41 20.71 -26.30
N ILE V 130 113.15 20.31 -26.13
CA ILE V 130 112.80 18.89 -26.07
C ILE V 130 113.04 18.22 -27.41
N SER V 131 112.92 18.97 -28.50
CA SER V 131 113.19 18.41 -29.83
C SER V 131 114.67 18.15 -30.04
N VAL V 132 115.52 19.12 -29.71
CA VAL V 132 116.94 18.99 -30.05
C VAL V 132 117.69 18.03 -29.13
N ILE V 133 117.15 17.72 -27.94
CA ILE V 133 117.83 16.77 -27.09
C ILE V 133 117.56 15.35 -27.59
N ASP V 134 116.40 15.12 -28.21
CA ASP V 134 116.12 13.83 -28.83
C ASP V 134 117.01 13.55 -30.04
N GLN V 135 117.68 14.56 -30.59
CA GLN V 135 118.73 14.33 -31.56
C GLN V 135 119.91 13.58 -30.95
N MET V 136 120.22 13.84 -29.68
CA MET V 136 121.25 13.07 -29.01
C MET V 136 120.77 11.64 -28.77
N PRO V 137 121.66 10.66 -28.87
CA PRO V 137 121.26 9.27 -28.63
C PRO V 137 121.15 9.00 -27.13
N ILE V 138 120.36 7.97 -26.82
CA ILE V 138 120.07 7.62 -25.44
C ILE V 138 121.30 7.06 -24.72
N ILE V 139 122.25 6.49 -25.46
CA ILE V 139 123.48 5.98 -24.84
C ILE V 139 124.36 7.14 -24.39
N GLU V 140 124.51 8.17 -25.23
CA GLU V 140 125.31 9.33 -24.88
C GLU V 140 124.54 10.29 -23.98
N ARG V 141 123.23 10.10 -23.85
CA ARG V 141 122.39 11.02 -23.08
C ARG V 141 122.72 10.95 -21.60
N VAL V 142 122.94 9.74 -21.08
CA VAL V 142 123.14 9.55 -19.66
C VAL V 142 124.51 10.03 -19.23
N LYS V 143 125.52 9.86 -20.10
CA LYS V 143 126.86 10.33 -19.82
C LYS V 143 126.96 11.84 -19.75
N ASN V 144 126.04 12.56 -20.38
CA ASN V 144 125.98 14.00 -20.26
C ASN V 144 125.03 14.41 -19.15
N LYS V 145 125.32 15.56 -18.55
CA LYS V 145 124.49 16.17 -17.52
C LYS V 145 123.98 17.51 -18.03
N LEU V 146 123.22 18.20 -17.18
CA LEU V 146 122.70 19.50 -17.55
C LEU V 146 123.80 20.55 -17.62
N GLY V 147 124.75 20.49 -16.69
CA GLY V 147 125.85 21.44 -16.68
C GLY V 147 126.80 21.33 -17.85
N ASP V 148 126.77 20.20 -18.57
CA ASP V 148 127.54 20.07 -19.80
C ASP V 148 127.03 20.96 -20.91
N LEU V 149 125.77 21.39 -20.85
CA LEU V 149 125.15 22.12 -21.96
C LEU V 149 124.70 23.52 -21.54
N THR V 150 125.23 24.04 -20.44
CA THR V 150 124.95 25.41 -20.02
C THR V 150 125.97 26.39 -20.55
N ASP V 151 126.59 26.10 -21.69
CA ASP V 151 127.74 26.84 -22.16
C ASP V 151 127.52 27.61 -23.45
N LYS V 152 126.39 27.41 -24.13
CA LYS V 152 126.22 27.98 -25.45
C LYS V 152 124.73 28.11 -25.76
N GLN V 153 124.44 28.80 -26.85
CA GLN V 153 123.11 28.82 -27.43
C GLN V 153 122.89 27.49 -28.12
N LEU V 154 122.25 26.55 -27.41
CA LEU V 154 122.11 25.17 -27.89
C LEU V 154 121.15 25.13 -29.07
N ALA V 155 121.71 24.92 -30.27
CA ALA V 155 120.96 24.75 -31.52
C ALA V 155 120.06 25.95 -31.82
N GLU V 156 120.69 27.15 -31.78
CA GLU V 156 120.11 28.49 -31.97
C GLU V 156 118.76 28.71 -31.29
N ILE V 157 118.57 28.11 -30.12
CA ILE V 157 117.36 28.28 -29.33
C ILE V 157 117.56 29.50 -28.44
N THR V 158 116.65 30.46 -28.53
CA THR V 158 116.75 31.65 -27.70
C THR V 158 115.44 31.87 -26.96
N TYR V 159 115.38 32.95 -26.21
CA TYR V 159 114.21 33.28 -25.40
C TYR V 159 114.19 34.79 -25.16
N THR V 160 112.99 35.36 -25.11
CA THR V 160 112.80 36.76 -24.79
C THR V 160 112.02 36.84 -23.48
N ASN V 161 112.49 37.67 -22.56
CA ASN V 161 111.90 37.75 -21.24
C ASN V 161 110.66 38.63 -21.24
N ASP V 162 110.18 38.95 -20.04
CA ASP V 162 109.11 39.94 -19.89
C ASP V 162 109.63 41.34 -20.18
N ASP V 163 110.92 41.57 -19.97
CA ASP V 163 111.53 42.89 -20.10
C ASP V 163 111.99 43.19 -21.52
N LYS V 164 111.50 42.42 -22.50
CA LYS V 164 111.79 42.55 -23.94
C LYS V 164 113.28 42.42 -24.26
N GLU V 165 114.05 41.78 -23.40
CA GLU V 165 115.44 41.47 -23.69
C GLU V 165 115.58 40.01 -24.05
N ILE V 166 116.64 39.70 -24.76
CA ILE V 166 116.80 38.38 -25.34
C ILE V 166 117.82 37.60 -24.52
N ALA V 167 117.67 36.27 -24.52
CA ALA V 167 118.60 35.37 -23.86
C ALA V 167 118.81 34.17 -24.77
N VAL V 168 120.07 33.74 -24.92
CA VAL V 168 120.44 32.76 -25.92
C VAL V 168 120.96 31.46 -25.31
N GLU V 169 121.75 31.53 -24.24
CA GLU V 169 122.37 30.33 -23.73
C GLU V 169 121.44 29.58 -22.79
N LEU V 170 121.62 28.25 -22.76
CA LEU V 170 120.75 27.39 -21.96
C LEU V 170 120.93 27.65 -20.48
N GLY V 171 122.15 27.95 -20.05
CA GLY V 171 122.39 28.34 -18.67
C GLY V 171 121.85 29.71 -18.31
N ASN V 172 121.50 30.53 -19.30
CA ASN V 172 120.92 31.84 -19.04
C ASN V 172 119.42 31.88 -19.28
N ILE V 173 118.91 31.08 -20.21
CA ILE V 173 117.48 31.04 -20.48
C ILE V 173 116.74 30.41 -19.31
N LEU V 174 117.23 29.28 -18.81
CA LEU V 174 116.59 28.58 -17.71
C LEU V 174 116.60 29.41 -16.43
N GLU V 175 117.59 30.27 -16.26
CA GLU V 175 117.59 31.19 -15.14
C GLU V 175 116.71 32.40 -15.40
N SER V 176 116.61 32.84 -16.65
CA SER V 176 115.72 33.96 -16.96
C SER V 176 114.26 33.52 -16.91
N MET V 177 113.99 32.30 -17.37
CA MET V 177 112.63 31.77 -17.31
C MET V 177 112.19 31.52 -15.87
N LYS V 178 113.15 31.18 -15.00
CA LYS V 178 112.83 30.97 -13.58
C LYS V 178 112.39 32.26 -12.92
N LYS V 179 113.01 33.38 -13.31
CA LYS V 179 112.56 34.67 -12.80
C LYS V 179 111.20 35.03 -13.38
N ASP V 180 110.95 34.68 -14.63
CA ASP V 180 109.74 35.12 -15.30
C ASP V 180 108.51 34.35 -14.83
N ILE V 181 108.64 33.04 -14.66
CA ILE V 181 107.55 32.24 -14.11
C ILE V 181 107.24 32.66 -12.68
N LYS V 182 108.28 32.95 -11.90
CA LYS V 182 108.09 33.48 -10.56
C LYS V 182 107.41 34.85 -10.60
N ARG V 183 107.69 35.61 -11.65
CA ARG V 183 107.07 36.92 -11.82
C ARG V 183 105.61 36.84 -12.29
N GLN V 184 105.27 35.80 -13.03
CA GLN V 184 103.90 35.64 -13.53
C GLN V 184 102.97 35.07 -12.47
N GLN V 185 103.49 34.29 -11.54
CA GLN V 185 102.65 33.75 -10.47
C GLN V 185 102.20 34.85 -9.52
N GLU V 186 103.13 35.69 -9.09
CA GLU V 186 102.80 36.75 -8.15
C GLU V 186 101.97 37.84 -8.79
N ASN V 187 102.03 37.99 -10.11
CA ASN V 187 101.03 38.81 -10.78
C ASN V 187 99.68 38.13 -10.79
N THR V 188 99.67 36.82 -11.02
CA THR V 188 98.41 36.07 -11.13
C THR V 188 97.70 36.00 -9.79
N GLN V 189 98.46 35.87 -8.71
CA GLN V 189 97.87 35.86 -7.38
C GLN V 189 97.27 37.21 -7.02
N LYS V 190 97.88 38.30 -7.50
CA LYS V 190 97.25 39.61 -7.37
C LYS V 190 95.97 39.72 -8.18
N VAL V 191 95.88 38.98 -9.28
CA VAL V 191 94.66 38.98 -10.08
C VAL V 191 93.57 38.18 -9.39
N LYS V 192 93.89 36.94 -9.01
CA LYS V 192 92.89 36.03 -8.44
C LYS V 192 92.38 36.55 -7.10
N THR V 193 93.22 37.28 -6.37
CA THR V 193 92.76 37.96 -5.16
C THR V 193 91.68 38.98 -5.48
N ALA V 194 91.92 39.85 -6.46
CA ALA V 194 90.97 40.90 -6.77
C ALA V 194 89.72 40.36 -7.41
N VAL V 195 89.82 39.25 -8.14
CA VAL V 195 88.62 38.58 -8.64
C VAL V 195 87.81 38.02 -7.48
N SER V 196 88.45 37.24 -6.62
CA SER V 196 87.75 36.62 -5.51
C SER V 196 87.30 37.64 -4.48
N ASP V 197 88.02 38.76 -4.34
CA ASP V 197 87.51 39.85 -3.53
C ASP V 197 86.26 40.45 -4.14
N PHE V 198 86.21 40.50 -5.47
CA PHE V 198 85.03 41.04 -6.13
C PHE V 198 83.87 40.06 -6.06
N LYS V 199 84.16 38.76 -6.14
CA LYS V 199 83.10 37.77 -6.04
C LYS V 199 82.58 37.67 -4.61
N LEU V 200 83.48 37.50 -3.65
CA LEU V 200 83.04 37.23 -2.29
C LEU V 200 82.55 38.48 -1.57
N LYS V 201 82.71 39.66 -2.15
CA LYS V 201 81.97 40.78 -1.62
C LYS V 201 80.53 40.75 -2.12
N LEU V 202 80.31 40.14 -3.27
CA LEU V 202 78.96 40.01 -3.82
C LEU V 202 78.21 38.87 -3.15
N ILE V 203 78.78 37.66 -3.18
CA ILE V 203 78.05 36.51 -2.66
C ILE V 203 78.24 36.37 -1.15
N GLY V 204 79.39 36.76 -0.62
CA GLY V 204 79.56 36.69 0.82
C GLY V 204 80.60 35.66 1.22
N GLY V 205 81.13 35.84 2.42
CA GLY V 205 82.15 34.95 2.93
C GLY V 205 83.38 35.70 3.38
N GLU V 206 84.49 34.99 3.53
CA GLU V 206 85.72 35.63 3.96
C GLU V 206 86.40 36.28 2.77
N LEU V 207 86.79 37.54 2.93
CA LEU V 207 87.53 38.25 1.89
C LEU V 207 89.00 37.87 1.98
N SER V 208 89.84 38.60 1.26
CA SER V 208 91.27 38.31 1.31
C SER V 208 91.90 38.81 2.60
N ASP V 209 91.39 39.92 3.15
CA ASP V 209 91.95 40.43 4.39
C ASP V 209 91.57 39.58 5.58
N GLY V 210 90.47 38.84 5.49
CA GLY V 210 89.91 38.11 6.61
C GLY V 210 88.58 38.64 7.07
N THR V 211 88.12 39.74 6.50
CA THR V 211 86.81 40.29 6.85
C THR V 211 85.73 39.42 6.25
N ILE V 212 84.83 38.90 7.10
CA ILE V 212 83.59 38.34 6.58
C ILE V 212 82.73 39.47 6.05
N ALA V 213 82.42 39.41 4.77
CA ALA V 213 81.53 40.37 4.16
C ALA V 213 80.18 39.71 3.96
N GLN V 214 79.13 40.36 4.45
CA GLN V 214 77.78 39.92 4.15
C GLN V 214 77.54 40.03 2.66
N GLY V 215 76.88 39.02 2.09
CA GLY V 215 76.72 38.98 0.65
C GLY V 215 75.76 40.03 0.14
N LEU V 216 76.10 40.61 -1.00
CA LEU V 216 75.22 41.61 -1.58
C LEU V 216 73.94 40.98 -2.12
N GLN V 217 74.06 39.78 -2.69
CA GLN V 217 72.86 39.07 -3.15
C GLN V 217 71.88 38.72 -2.04
N PRO V 218 72.28 38.17 -0.88
CA PRO V 218 71.27 38.01 0.18
C PRO V 218 70.85 39.32 0.83
N GLN V 219 71.71 40.32 0.87
CA GLN V 219 71.30 41.62 1.41
C GLN V 219 70.20 42.25 0.59
N ILE V 220 70.17 42.01 -0.71
CA ILE V 220 69.01 42.41 -1.50
C ILE V 220 67.82 41.51 -1.17
N SER V 221 68.07 40.20 -1.08
CA SER V 221 67.00 39.27 -0.78
C SER V 221 66.51 39.39 0.64
N SER V 222 67.30 39.95 1.55
CA SER V 222 66.80 40.25 2.88
C SER V 222 65.78 41.36 2.84
N LYS V 223 66.10 42.45 2.13
CA LYS V 223 65.18 43.58 2.07
C LYS V 223 63.96 43.24 1.24
N LYS V 224 64.14 42.47 0.16
CA LYS V 224 63.03 42.10 -0.70
C LYS V 224 62.06 41.18 0.03
N LYS V 225 62.56 40.35 0.94
CA LYS V 225 61.68 39.58 1.80
C LYS V 225 60.96 40.46 2.80
N LEU V 226 61.61 41.55 3.25
CA LEU V 226 60.95 42.47 4.17
C LEU V 226 59.86 43.26 3.48
N MET V 227 60.01 43.55 2.20
CA MET V 227 59.01 44.34 1.50
C MET V 227 57.76 43.53 1.21
N ASP V 228 57.86 42.21 1.21
CA ASP V 228 56.67 41.39 1.03
C ASP V 228 55.94 41.19 2.35
N ASP V 229 56.68 40.97 3.43
CA ASP V 229 56.08 40.84 4.76
C ASP V 229 55.89 42.25 5.30
N ASN V 230 54.71 42.81 5.06
CA ASN V 230 54.41 44.12 5.62
C ASN V 230 52.92 44.20 5.95
N ASN V 231 52.63 44.92 7.03
CA ASN V 231 51.28 45.15 7.51
C ASN V 231 50.56 46.29 6.80
N LEU V 232 51.14 46.80 5.72
CA LEU V 232 50.64 48.02 5.11
C LEU V 232 49.29 47.78 4.43
N SER V 233 49.06 46.56 3.94
CA SER V 233 47.73 46.22 3.46
C SER V 233 46.77 45.90 4.60
N THR V 234 47.25 45.86 5.84
CA THR V 234 46.42 45.55 6.99
C THR V 234 46.15 46.77 7.86
N THR V 235 47.21 47.53 8.18
CA THR V 235 47.05 48.69 9.05
C THR V 235 46.21 49.79 8.42
N ILE V 236 46.29 49.95 7.10
CA ILE V 236 45.42 50.89 6.41
C ILE V 236 43.96 50.47 6.54
N LYS V 237 43.71 49.16 6.44
CA LYS V 237 42.37 48.66 6.74
C LYS V 237 42.05 48.79 8.22
N ASP V 238 43.06 48.70 9.08
CA ASP V 238 42.82 48.88 10.51
C ASP V 238 42.58 50.33 10.86
N LEU V 239 43.32 51.25 10.23
CA LEU V 239 43.09 52.67 10.51
C LEU V 239 41.79 53.15 9.89
N GLN V 240 41.41 52.64 8.72
CA GLN V 240 40.11 53.01 8.17
C GLN V 240 38.96 52.37 8.93
N SER V 241 39.22 51.35 9.74
CA SER V 241 38.22 50.89 10.68
C SER V 241 38.02 51.92 11.78
N LYS V 242 39.11 52.48 12.31
CA LYS V 242 38.99 53.40 13.43
C LYS V 242 38.45 54.76 12.99
N ILE V 243 38.78 55.19 11.77
CA ILE V 243 38.24 56.44 11.26
C ILE V 243 36.73 56.32 11.04
N ASP V 244 36.30 55.21 10.43
CA ASP V 244 34.88 54.95 10.29
C ASP V 244 34.22 54.64 11.63
N GLU V 245 34.99 54.21 12.63
CA GLU V 245 34.47 54.16 13.97
C GLU V 245 34.29 55.55 14.55
N LYS V 246 35.32 56.38 14.44
CA LYS V 246 35.26 57.72 15.02
C LYS V 246 34.38 58.67 14.23
N ASN V 247 34.13 58.38 12.95
CA ASN V 247 33.14 59.18 12.23
C ASN V 247 31.74 58.92 12.74
N LYS V 248 31.47 57.70 13.21
CA LYS V 248 30.15 57.39 13.76
C LYS V 248 29.91 58.13 15.07
N GLU V 249 30.96 58.41 15.82
CA GLU V 249 30.82 59.23 17.02
C GLU V 249 30.58 60.70 16.68
N ILE V 250 31.33 61.21 15.69
CA ILE V 250 31.18 62.59 15.27
C ILE V 250 29.81 62.82 14.66
N ASP V 251 29.34 61.87 13.85
CA ASP V 251 27.99 61.95 13.30
C ASP V 251 26.94 61.77 14.36
N GLN V 252 27.30 61.28 15.54
CA GLN V 252 26.40 61.21 16.67
C GLN V 252 26.46 62.45 17.54
N PHE V 253 27.64 63.06 17.67
CA PHE V 253 27.74 64.25 18.52
C PHE V 253 27.12 65.47 17.85
N GLN V 254 27.04 65.49 16.52
CA GLN V 254 26.30 66.54 15.84
C GLN V 254 24.82 66.46 16.18
N LYS V 255 24.30 65.24 16.32
CA LYS V 255 22.93 65.05 16.81
C LYS V 255 22.79 65.54 18.25
N ASP V 256 23.85 65.40 19.05
CA ASP V 256 23.79 65.85 20.44
C ASP V 256 23.77 67.36 20.53
N TYR V 257 24.70 68.01 19.82
CA TYR V 257 24.78 69.47 19.87
C TYR V 257 23.56 70.11 19.22
N ASN V 258 22.96 69.45 18.24
CA ASN V 258 21.70 69.95 17.70
C ASN V 258 20.51 69.63 18.59
N LYS V 259 20.71 68.87 19.66
CA LYS V 259 19.64 68.58 20.60
C LYS V 259 19.75 69.39 21.88
N TYR V 260 20.95 69.47 22.47
CA TYR V 260 21.12 70.21 23.71
C TYR V 260 20.89 71.70 23.50
N VAL V 261 21.36 72.25 22.38
CA VAL V 261 21.09 73.65 22.06
C VAL V 261 19.60 73.86 21.84
N GLY V 262 18.93 72.87 21.25
CA GLY V 262 17.48 72.88 21.23
C GLY V 262 16.86 72.85 22.61
N LEU V 263 17.47 72.09 23.52
CA LEU V 263 16.98 72.08 24.90
C LEU V 263 17.37 73.35 25.63
N ALA V 264 18.55 73.91 25.33
CA ALA V 264 19.05 75.05 26.09
C ALA V 264 18.26 76.32 25.82
N PHE V 265 17.52 76.38 24.72
CA PHE V 265 16.70 77.55 24.42
C PHE V 265 15.28 77.40 24.94
N SER V 266 15.11 76.65 26.04
CA SER V 266 13.78 76.40 26.56
C SER V 266 13.19 77.61 27.26
N GLY V 267 14.03 78.33 28.02
CA GLY V 267 13.58 79.18 29.11
C GLY V 267 12.63 80.33 28.86
N MET V 268 13.04 81.28 28.02
CA MET V 268 12.42 82.61 28.00
C MET V 268 11.04 82.65 27.38
N VAL V 269 10.31 81.56 27.14
CA VAL V 269 8.94 81.70 26.68
C VAL V 269 8.05 82.30 27.77
N GLY V 270 8.13 81.78 28.99
CA GLY V 270 7.60 82.48 30.13
C GLY V 270 8.59 82.51 31.28
N GLY V 271 9.53 81.57 31.25
CA GLY V 271 10.49 81.38 32.31
C GLY V 271 11.83 82.05 32.12
N ILE V 272 11.88 83.38 32.33
CA ILE V 272 13.15 84.11 32.33
C ILE V 272 14.07 83.58 33.42
N ILE V 273 13.50 83.19 34.56
CA ILE V 273 14.28 82.53 35.61
C ILE V 273 14.75 81.16 35.13
N SER V 274 13.90 80.44 34.40
CA SER V 274 14.26 79.11 33.92
C SER V 274 15.25 79.15 32.77
N TRP V 275 15.45 80.31 32.16
CA TRP V 275 16.44 80.46 31.11
C TRP V 275 17.84 80.17 31.62
N ALA V 276 18.16 80.66 32.81
CA ALA V 276 19.42 80.31 33.43
C ALA V 276 19.43 78.90 33.98
N ILE V 277 18.26 78.30 34.21
CA ILE V 277 18.21 76.96 34.78
C ILE V 277 18.63 75.94 33.73
N THR V 278 17.85 75.83 32.65
CA THR V 278 18.15 74.82 31.64
C THR V 278 19.37 75.20 30.81
N GLY V 279 19.61 76.50 30.64
CA GLY V 279 20.86 76.93 30.04
C GLY V 279 22.06 76.60 30.90
N GLY V 280 21.89 76.59 32.22
CA GLY V 280 22.94 76.10 33.09
C GLY V 280 23.10 74.60 32.98
N ILE V 281 21.99 73.87 32.82
CA ILE V 281 22.04 72.42 32.72
C ILE V 281 22.55 72.00 31.36
N PHE V 282 21.85 72.41 30.30
CA PHE V 282 22.09 71.87 28.98
C PHE V 282 23.15 72.65 28.21
N GLY V 283 23.28 73.95 28.47
CA GLY V 283 24.25 74.75 27.76
C GLY V 283 25.68 74.38 28.11
N ASP V 284 25.90 73.84 29.30
CA ASP V 284 27.16 73.18 29.59
C ASP V 284 27.33 71.96 28.70
N LYS V 285 26.31 71.10 28.66
CA LYS V 285 26.43 69.84 27.95
C LYS V 285 26.42 70.05 26.44
N ALA V 286 25.78 71.13 25.98
CA ALA V 286 25.96 71.55 24.60
C ALA V 286 27.40 71.96 24.34
N GLU V 287 27.99 72.71 25.27
CA GLU V 287 29.36 73.16 25.11
C GLU V 287 30.34 72.01 25.22
N LYS V 288 30.07 71.05 26.12
CA LYS V 288 30.98 69.93 26.30
C LYS V 288 30.96 69.00 25.10
N ALA V 289 29.77 68.73 24.57
CA ALA V 289 29.67 67.89 23.37
C ALA V 289 30.28 68.57 22.16
N ARG V 290 30.20 69.90 22.10
CA ARG V 290 30.85 70.64 21.03
C ARG V 290 32.36 70.58 21.17
N LYS V 291 32.86 70.57 22.41
CA LYS V 291 34.30 70.41 22.60
C LYS V 291 34.76 69.01 22.25
N GLN V 292 33.89 68.01 22.45
CA GLN V 292 34.17 66.68 21.91
C GLN V 292 34.13 66.72 20.39
N LYS V 293 33.21 67.49 19.84
CA LYS V 293 33.14 67.69 18.39
C LYS V 293 34.34 68.46 17.89
N ASN V 294 34.90 69.37 18.69
CA ASN V 294 36.16 70.00 18.32
C ASN V 294 37.29 69.00 18.31
N LYS V 295 37.34 68.14 19.32
CA LYS V 295 38.51 67.28 19.51
C LYS V 295 38.55 66.14 18.51
N LEU V 296 37.41 65.51 18.25
CA LEU V 296 37.41 64.28 17.46
C LEU V 296 37.62 64.56 15.98
N ILE V 297 37.05 65.66 15.48
CA ILE V 297 37.26 66.05 14.08
C ILE V 297 38.72 66.35 13.83
N ASP V 298 39.39 66.98 14.79
CA ASP V 298 40.82 67.21 14.68
C ASP V 298 41.61 65.91 14.76
N GLU V 299 41.09 64.92 15.47
CA GLU V 299 41.77 63.63 15.51
C GLU V 299 41.58 62.85 14.23
N VAL V 300 40.35 62.86 13.69
CA VAL V 300 40.07 62.16 12.44
C VAL V 300 40.85 62.79 11.29
N LYS V 301 40.96 64.12 11.29
CA LYS V 301 41.82 64.82 10.35
C LYS V 301 43.28 64.40 10.51
N ASP V 302 43.71 64.11 11.74
CA ASP V 302 45.06 63.59 11.94
C ASP V 302 45.15 62.11 11.63
N LEU V 303 44.08 61.35 11.88
CA LEU V 303 44.11 59.93 11.54
C LEU V 303 44.01 59.70 10.05
N GLN V 304 43.28 60.56 9.34
CA GLN V 304 43.25 60.48 7.89
C GLN V 304 44.61 60.78 7.29
N SER V 305 45.36 61.68 7.93
CA SER V 305 46.68 62.05 7.44
C SER V 305 47.67 60.91 7.58
N GLN V 306 47.47 60.03 8.57
CA GLN V 306 48.31 58.84 8.65
C GLN V 306 47.99 57.87 7.53
N VAL V 307 46.71 57.76 7.18
CA VAL V 307 46.30 56.85 6.11
C VAL V 307 46.82 57.35 4.77
N LYS V 308 46.83 58.66 4.58
CA LYS V 308 47.34 59.24 3.34
C LYS V 308 48.82 58.95 3.15
N ASP V 309 49.60 59.05 4.23
CA ASP V 309 51.03 58.77 4.12
C ASP V 309 51.30 57.28 3.99
N LYS V 310 50.54 56.45 4.69
CA LYS V 310 50.75 55.02 4.61
C LYS V 310 50.26 54.45 3.28
N SER V 311 49.26 55.08 2.67
CA SER V 311 48.89 54.68 1.31
C SER V 311 49.98 55.08 0.33
N ALA V 312 50.57 56.26 0.51
CA ALA V 312 51.74 56.62 -0.25
C ALA V 312 52.95 55.80 0.14
N LEU V 313 52.98 55.27 1.37
CA LEU V 313 54.08 54.40 1.75
C LEU V 313 54.00 53.06 1.08
N GLN V 314 52.79 52.46 1.04
CA GLN V 314 52.62 51.15 0.45
C GLN V 314 52.87 51.18 -1.05
N THR V 315 52.56 52.29 -1.69
CA THR V 315 52.96 52.47 -3.08
C THR V 315 54.47 52.60 -3.20
N SER V 316 55.09 53.28 -2.24
CA SER V 316 56.54 53.53 -2.30
C SER V 316 57.33 52.24 -2.10
N VAL V 317 56.84 51.36 -1.23
CA VAL V 317 57.55 50.12 -0.96
C VAL V 317 57.40 49.16 -2.14
N GLN V 318 56.18 49.02 -2.63
CA GLN V 318 55.88 48.07 -3.70
C GLN V 318 56.56 48.45 -5.01
N ASN V 319 56.74 49.75 -5.24
CA ASN V 319 57.58 50.17 -6.35
C ASN V 319 59.04 49.86 -6.09
N LEU V 320 59.48 50.02 -4.84
CA LEU V 320 60.88 49.80 -4.51
C LEU V 320 61.24 48.32 -4.57
N SER V 321 60.25 47.45 -4.33
CA SER V 321 60.46 46.02 -4.46
C SER V 321 60.85 45.63 -5.88
N LEU V 322 60.26 46.31 -6.86
CA LEU V 322 60.62 46.05 -8.25
C LEU V 322 62.00 46.58 -8.57
N SER V 323 62.42 47.64 -7.88
CA SER V 323 63.76 48.19 -8.10
C SER V 323 64.82 47.20 -7.66
N PHE V 324 64.64 46.62 -6.48
CA PHE V 324 65.55 45.59 -6.00
C PHE V 324 65.42 44.30 -6.79
N ALA V 325 64.26 44.05 -7.40
CA ALA V 325 64.04 42.81 -8.13
C ALA V 325 64.96 42.70 -9.33
N GLY V 326 65.14 43.80 -10.07
CA GLY V 326 66.13 43.80 -11.13
C GLY V 326 67.54 43.73 -10.60
N ILE V 327 67.81 44.46 -9.50
CA ILE V 327 69.11 44.44 -8.87
C ILE V 327 69.45 43.04 -8.39
N HIS V 328 68.46 42.35 -7.83
CA HIS V 328 68.66 40.94 -7.49
C HIS V 328 68.84 40.09 -8.74
N THR V 329 68.13 40.42 -9.81
CA THR V 329 68.28 39.66 -11.05
C THR V 329 69.62 39.93 -11.69
N SER V 330 70.15 41.14 -11.55
CA SER V 330 71.48 41.45 -12.05
C SER V 330 72.55 40.71 -11.27
N MET V 331 72.34 40.51 -9.97
CA MET V 331 73.34 39.86 -9.16
C MET V 331 73.38 38.35 -9.37
N VAL V 332 72.23 37.75 -9.67
CA VAL V 332 72.18 36.32 -9.96
C VAL V 332 72.97 36.01 -11.23
N ASP V 333 72.86 36.86 -12.25
CA ASP V 333 73.68 36.67 -13.43
C ASP V 333 75.13 37.02 -13.15
N ALA V 334 75.37 38.00 -12.28
CA ALA V 334 76.73 38.28 -11.84
C ALA V 334 77.26 37.20 -10.91
N GLU V 335 76.37 36.45 -10.25
CA GLU V 335 76.79 35.32 -9.44
C GLU V 335 77.42 34.24 -10.28
N GLU V 336 76.68 33.78 -11.29
CA GLU V 336 77.15 32.68 -12.12
C GLU V 336 78.37 33.06 -12.94
N ALA V 337 78.45 34.32 -13.36
CA ALA V 337 79.53 34.75 -14.24
C ALA V 337 80.87 34.76 -13.52
N LEU V 338 80.90 35.24 -12.28
CA LEU V 338 82.15 35.31 -11.55
C LEU V 338 82.64 33.93 -11.14
N ASN V 339 81.72 32.98 -10.93
CA ASN V 339 82.11 31.63 -10.56
C ASN V 339 82.86 30.95 -11.69
N HIS V 340 82.44 31.19 -12.93
CA HIS V 340 83.21 30.68 -14.05
C HIS V 340 84.48 31.48 -14.24
N LEU V 341 84.46 32.76 -13.86
CA LEU V 341 85.67 33.57 -13.97
C LEU V 341 86.70 33.13 -12.95
N ASP V 342 86.27 32.89 -11.71
CA ASP V 342 87.18 32.49 -10.65
C ASP V 342 87.80 31.13 -10.94
N PHE V 343 87.00 30.22 -11.52
CA PHE V 343 87.49 28.86 -11.73
C PHE V 343 88.53 28.80 -12.84
N MET V 344 88.48 29.73 -13.80
CA MET V 344 89.52 29.75 -14.82
C MET V 344 90.81 30.34 -14.28
N TRP V 345 90.73 31.41 -13.49
CA TRP V 345 91.94 31.95 -12.88
C TRP V 345 92.51 30.98 -11.86
N ASN V 346 91.64 30.27 -11.13
CA ASN V 346 92.12 29.26 -10.20
C ASN V 346 92.79 28.12 -10.93
N THR V 347 92.30 27.79 -12.12
CA THR V 347 92.99 26.82 -12.96
C THR V 347 94.33 27.35 -13.42
N MET V 348 94.39 28.63 -13.79
CA MET V 348 95.63 29.19 -14.28
C MET V 348 96.63 29.41 -13.16
N LEU V 349 96.16 29.90 -12.01
CA LEU V 349 97.05 30.12 -10.88
C LEU V 349 97.60 28.81 -10.34
N THR V 350 96.85 27.72 -10.48
CA THR V 350 97.38 26.40 -10.16
C THR V 350 98.50 26.02 -11.12
N GLN V 351 98.24 26.16 -12.42
CA GLN V 351 99.16 25.64 -13.41
C GLN V 351 100.44 26.46 -13.50
N ILE V 352 100.38 27.74 -13.16
CA ILE V 352 101.61 28.51 -13.04
C ILE V 352 102.39 28.07 -11.82
N THR V 353 101.68 27.81 -10.72
CA THR V 353 102.33 27.43 -9.47
C THR V 353 102.99 26.07 -9.56
N THR V 354 102.28 25.08 -10.10
CA THR V 354 102.88 23.76 -10.24
C THR V 354 103.93 23.72 -11.34
N SER V 355 103.94 24.71 -12.23
CA SER V 355 105.06 24.83 -13.16
C SER V 355 106.30 25.33 -12.44
N ARG V 356 106.14 26.33 -11.58
CA ARG V 356 107.30 26.96 -10.94
C ARG V 356 107.97 26.01 -9.95
N ASP V 357 107.16 25.29 -9.17
CA ASP V 357 107.70 24.47 -8.10
C ASP V 357 108.43 23.25 -8.66
N LYS V 358 107.95 22.69 -9.77
CA LYS V 358 108.68 21.62 -10.42
C LYS V 358 109.92 22.15 -11.14
N PHE V 359 109.89 23.42 -11.54
CA PHE V 359 111.04 23.99 -12.23
C PHE V 359 112.17 24.31 -11.27
N ASP V 360 111.90 24.33 -9.97
CA ASP V 360 112.92 24.55 -8.97
C ASP V 360 113.81 23.34 -8.76
N ASP V 361 113.43 22.19 -9.31
CA ASP V 361 114.29 21.01 -9.31
C ASP V 361 115.42 21.11 -10.31
N ILE V 362 115.37 22.08 -11.22
CA ILE V 362 116.34 22.19 -12.30
C ILE V 362 117.65 22.74 -11.75
N ASN V 363 118.70 21.93 -11.83
CA ASN V 363 120.04 22.34 -11.48
C ASN V 363 121.03 21.51 -12.29
N ASP V 364 122.28 21.95 -12.32
CA ASP V 364 123.29 21.37 -13.20
C ASP V 364 123.67 19.95 -12.82
N ALA V 365 123.35 19.50 -11.61
CA ALA V 365 123.60 18.13 -11.22
C ALA V 365 122.66 17.13 -11.88
N LEU V 366 121.60 17.59 -12.55
CA LEU V 366 120.68 16.69 -13.21
C LEU V 366 121.34 16.06 -14.43
N LYS V 367 121.30 14.74 -14.51
CA LYS V 367 121.71 14.08 -15.74
C LYS V 367 120.64 14.29 -16.80
N LEU V 368 121.04 14.09 -18.05
CA LEU V 368 120.37 14.77 -19.14
C LEU V 368 119.03 14.13 -19.51
N THR V 369 118.84 12.84 -19.25
CA THR V 369 117.52 12.25 -19.43
C THR V 369 116.56 12.75 -18.36
N SER V 370 117.01 12.78 -17.11
CA SER V 370 116.21 13.29 -16.01
C SER V 370 115.93 14.77 -16.12
N PHE V 371 116.75 15.52 -16.86
CA PHE V 371 116.44 16.92 -17.11
C PHE V 371 115.24 17.08 -18.02
N VAL V 372 115.11 16.21 -19.02
CA VAL V 372 114.10 16.40 -20.05
C VAL V 372 112.70 16.18 -19.48
N ILE V 373 112.49 15.03 -18.84
CA ILE V 373 111.19 14.68 -18.24
C ILE V 373 110.82 15.68 -17.16
N ALA V 374 111.81 16.20 -16.43
CA ALA V 374 111.56 17.31 -15.52
C ALA V 374 111.14 18.57 -16.29
N PHE V 375 111.88 18.91 -17.33
CA PHE V 375 111.58 20.14 -18.06
C PHE V 375 110.34 20.00 -18.92
N LYS V 376 110.05 18.80 -19.42
CA LYS V 376 108.81 18.56 -20.13
C LYS V 376 107.62 18.71 -19.21
N GLN V 377 107.79 18.32 -17.94
CA GLN V 377 106.73 18.50 -16.95
C GLN V 377 106.48 19.98 -16.66
N VAL V 378 107.49 20.82 -16.85
CA VAL V 378 107.33 22.25 -16.62
C VAL V 378 106.43 22.88 -17.67
N ILE V 379 106.64 22.53 -18.94
CA ILE V 379 105.98 23.26 -20.01
C ILE V 379 104.55 22.78 -20.29
N GLU V 380 104.20 21.57 -19.87
CA GLU V 380 102.86 21.07 -20.12
C GLU V 380 101.73 21.86 -19.45
N PRO V 381 101.87 22.48 -18.28
CA PRO V 381 100.87 23.48 -17.88
C PRO V 381 100.85 24.72 -18.76
N TRP V 382 101.98 25.08 -19.36
CA TRP V 382 101.99 26.28 -20.18
C TRP V 382 101.29 26.09 -21.52
N ARG V 383 100.99 24.86 -21.93
CA ARG V 383 100.12 24.67 -23.07
C ARG V 383 98.70 25.13 -22.78
N ASP V 384 98.22 24.85 -21.57
CA ASP V 384 96.83 25.16 -21.24
C ASP V 384 96.65 26.61 -20.86
N VAL V 385 97.64 27.22 -20.20
CA VAL V 385 97.57 28.63 -19.86
C VAL V 385 97.61 29.47 -21.12
N GLN V 386 98.40 29.04 -22.11
CA GLN V 386 98.31 29.60 -23.44
C GLN V 386 96.92 29.39 -24.03
N GLY V 387 96.35 28.21 -23.83
CA GLY V 387 95.02 27.93 -24.33
C GLY V 387 93.92 28.65 -23.57
N SER V 388 94.13 28.87 -22.27
CA SER V 388 93.09 29.50 -21.47
C SER V 388 93.02 31.00 -21.76
N ALA V 389 94.17 31.64 -21.91
CA ALA V 389 94.18 33.06 -22.28
C ALA V 389 93.64 33.25 -23.68
N ALA V 390 93.94 32.32 -24.59
CA ALA V 390 93.37 32.36 -25.92
C ALA V 390 91.86 32.18 -25.87
N GLN V 391 91.38 31.28 -25.02
CA GLN V 391 89.94 31.20 -24.77
C GLN V 391 89.42 32.40 -24.02
N LEU V 392 90.29 33.16 -23.35
CA LEU V 392 89.78 34.30 -22.60
C LEU V 392 89.76 35.56 -23.47
N ILE V 393 90.87 35.88 -24.14
CA ILE V 393 90.99 37.13 -24.87
C ILE V 393 90.03 37.16 -26.06
N GLN V 394 89.86 36.02 -26.72
CA GLN V 394 88.85 35.89 -27.77
C GLN V 394 87.45 36.12 -27.23
N THR V 395 87.17 35.60 -26.04
CA THR V 395 85.90 35.83 -25.37
C THR V 395 85.91 37.06 -24.47
N PHE V 396 86.84 37.99 -24.70
CA PHE V 396 86.89 39.22 -23.93
C PHE V 396 86.60 40.43 -24.80
N ASP V 397 87.36 40.60 -25.89
CA ASP V 397 87.19 41.76 -26.74
C ASP V 397 85.91 41.70 -27.54
N GLU V 398 85.45 40.48 -27.85
CA GLU V 398 84.18 40.33 -28.55
C GLU V 398 83.01 40.75 -27.69
N ALA V 399 83.13 40.66 -26.38
CA ALA V 399 82.10 41.19 -25.51
C ALA V 399 82.23 42.67 -25.27
N LEU V 400 83.38 43.26 -25.58
CA LEU V 400 83.57 44.70 -25.36
C LEU V 400 82.83 45.51 -26.39
N ALA V 401 83.05 45.22 -27.68
CA ALA V 401 82.36 45.93 -28.74
C ALA V 401 80.88 45.61 -28.75
N GLU V 402 80.52 44.39 -28.35
CA GLU V 402 79.11 44.04 -28.22
C GLU V 402 78.45 44.79 -27.08
N TYR V 403 79.21 45.17 -26.05
CA TYR V 403 78.65 45.96 -24.95
C TYR V 403 78.28 47.37 -25.39
N LYS V 404 78.85 47.85 -26.49
CA LYS V 404 78.45 49.12 -27.08
C LYS V 404 77.13 49.02 -27.85
N LYS V 405 76.43 47.90 -27.77
CA LYS V 405 75.21 47.68 -28.52
C LYS V 405 74.07 47.34 -27.57
N GLY W 41 -10.29 3.52 -92.87
CA GLY W 41 -9.46 4.69 -93.02
C GLY W 41 -9.00 5.28 -91.70
N ILE W 42 -8.10 6.26 -91.76
CA ILE W 42 -7.62 6.90 -90.55
C ILE W 42 -8.51 8.07 -90.16
N PHE W 43 -8.81 8.93 -91.11
CA PHE W 43 -9.69 10.07 -90.91
C PHE W 43 -11.12 9.56 -90.94
N THR W 44 -11.68 9.30 -89.76
CA THR W 44 -12.99 8.68 -89.67
C THR W 44 -14.09 9.70 -89.91
N LYS W 45 -15.33 9.20 -89.98
CA LYS W 45 -16.47 10.10 -90.14
C LYS W 45 -16.71 10.92 -88.89
N GLY W 46 -16.35 10.40 -87.72
CA GLY W 46 -16.46 11.17 -86.50
C GLY W 46 -15.44 12.27 -86.41
N ASP W 47 -14.31 12.12 -87.10
CA ASP W 47 -13.32 13.19 -87.14
C ASP W 47 -13.86 14.39 -87.89
N LEU W 48 -14.47 14.16 -89.05
CA LEU W 48 -14.95 15.24 -89.89
C LEU W 48 -16.15 15.95 -89.27
N ILE W 49 -16.89 15.26 -88.41
CA ILE W 49 -17.97 15.91 -87.67
C ILE W 49 -17.39 16.84 -86.63
N ASN W 50 -16.37 16.38 -85.90
CA ASN W 50 -15.76 17.16 -84.83
C ASN W 50 -15.17 18.46 -85.33
N ILE W 51 -14.68 18.47 -86.56
CA ILE W 51 -14.27 19.72 -87.18
C ILE W 51 -15.49 20.58 -87.47
N LYS W 52 -16.51 20.00 -88.12
CA LYS W 52 -17.68 20.78 -88.49
C LYS W 52 -18.51 21.19 -87.28
N LEU W 53 -18.41 20.45 -86.18
CA LEU W 53 -18.92 20.96 -84.91
C LEU W 53 -18.16 22.20 -84.48
N TYR W 54 -16.82 22.15 -84.59
CA TYR W 54 -16.00 23.30 -84.22
C TYR W 54 -16.24 24.48 -85.14
N VAL W 55 -16.50 24.22 -86.43
CA VAL W 55 -16.80 25.29 -87.35
C VAL W 55 -18.16 25.90 -87.02
N LYS W 56 -19.12 25.06 -86.63
CA LYS W 56 -20.47 25.54 -86.34
C LYS W 56 -20.49 26.43 -85.11
N HIS W 57 -19.87 25.98 -84.03
CA HIS W 57 -19.92 26.75 -82.80
C HIS W 57 -19.02 27.98 -82.85
N SER W 58 -18.02 28.00 -83.72
CA SER W 58 -17.15 29.17 -83.80
C SER W 58 -17.83 30.32 -84.50
N LEU W 59 -18.66 30.02 -85.51
CA LEU W 59 -19.39 31.07 -86.21
C LEU W 59 -20.46 31.71 -85.33
N GLU W 60 -20.90 31.02 -84.29
CA GLU W 60 -21.78 31.60 -83.30
C GLU W 60 -21.10 32.71 -82.52
N LEU W 61 -19.78 32.67 -82.40
CA LEU W 61 -19.06 33.65 -81.60
C LEU W 61 -19.02 34.98 -82.33
N PRO W 62 -19.19 36.09 -81.62
CA PRO W 62 -19.13 37.40 -82.27
C PRO W 62 -17.69 37.78 -82.59
N PHE W 63 -17.56 38.76 -83.47
CA PHE W 63 -16.23 39.22 -83.87
C PHE W 63 -16.10 40.74 -83.90
N THR W 64 -17.17 41.49 -83.69
CA THR W 64 -17.03 42.93 -83.53
C THR W 64 -16.50 43.25 -82.15
N LEU W 65 -16.03 44.49 -81.98
CA LEU W 65 -15.62 44.93 -80.65
C LEU W 65 -16.82 45.05 -79.71
N GLU W 66 -17.96 45.47 -80.24
CA GLU W 66 -19.16 45.59 -79.41
C GLU W 66 -19.77 44.24 -79.08
N GLY W 67 -19.87 43.36 -80.09
CA GLY W 67 -20.53 42.08 -79.89
C GLY W 67 -19.78 41.13 -79.00
N VAL W 68 -18.44 41.18 -79.05
CA VAL W 68 -17.64 40.45 -78.08
C VAL W 68 -17.83 41.04 -76.70
N LYS W 69 -17.89 42.37 -76.60
CA LYS W 69 -18.05 43.06 -75.33
C LYS W 69 -19.39 42.73 -74.68
N GLU W 70 -20.41 42.48 -75.49
CA GLU W 70 -21.68 42.00 -74.98
C GLU W 70 -21.60 40.54 -74.58
N TYR W 71 -20.90 39.73 -75.37
CA TYR W 71 -20.80 38.29 -75.14
C TYR W 71 -20.05 37.97 -73.87
N ILE W 72 -19.07 38.81 -73.50
CA ILE W 72 -18.32 38.58 -72.28
C ILE W 72 -19.02 39.20 -71.08
N GLY W 73 -19.90 40.17 -71.31
CA GLY W 73 -20.73 40.73 -70.26
C GLY W 73 -20.03 41.51 -69.19
N TYR W 74 -19.02 42.31 -69.55
CA TYR W 74 -18.38 43.17 -68.55
C TYR W 74 -17.80 44.41 -69.22
N ASN W 75 -17.05 45.16 -68.43
CA ASN W 75 -16.26 46.29 -68.89
C ASN W 75 -14.97 46.34 -68.09
N ASP W 76 -13.84 46.08 -68.77
CA ASP W 76 -12.50 46.44 -68.30
C ASP W 76 -12.12 45.78 -66.98
N ILE W 77 -11.81 44.48 -67.09
CA ILE W 77 -11.18 43.73 -66.01
C ILE W 77 -9.95 44.48 -65.50
N ASP W 78 -9.74 44.42 -64.18
CA ASP W 78 -8.52 44.98 -63.59
C ASP W 78 -7.27 44.29 -64.10
N ILE W 79 -7.34 42.99 -64.40
CA ILE W 79 -6.17 42.29 -64.88
C ILE W 79 -6.08 42.47 -66.39
N ASP W 80 -4.89 42.23 -66.94
CA ASP W 80 -4.59 42.66 -68.30
C ASP W 80 -5.12 41.68 -69.33
N GLY W 81 -4.95 40.39 -69.08
CA GLY W 81 -5.19 39.38 -70.10
C GLY W 81 -6.65 39.19 -70.48
N LEU W 82 -7.59 39.72 -69.69
CA LEU W 82 -9.00 39.57 -69.98
C LEU W 82 -9.64 40.88 -70.44
N LYS W 83 -8.82 41.85 -70.81
CA LYS W 83 -9.36 43.10 -71.32
C LYS W 83 -9.94 42.88 -72.72
N PRO W 84 -11.06 43.53 -73.05
CA PRO W 84 -11.81 43.14 -74.25
C PRO W 84 -11.13 43.46 -75.56
N ALA W 85 -10.16 44.38 -75.55
CA ALA W 85 -9.39 44.63 -76.77
C ALA W 85 -8.53 43.42 -77.13
N LYS W 86 -8.02 42.72 -76.13
CA LYS W 86 -7.35 41.44 -76.38
C LYS W 86 -8.37 40.40 -76.81
N MET W 87 -9.56 40.43 -76.22
CA MET W 87 -10.55 39.39 -76.44
C MET W 87 -11.12 39.49 -77.85
N ALA W 88 -11.47 40.70 -78.27
CA ALA W 88 -12.03 40.91 -79.60
C ALA W 88 -10.99 40.63 -80.68
N THR W 89 -9.71 40.78 -80.35
CA THR W 89 -8.66 40.29 -81.24
C THR W 89 -8.70 38.77 -81.33
N LEU W 90 -8.97 38.11 -80.20
CA LEU W 90 -8.87 36.66 -80.15
C LEU W 90 -10.02 36.00 -80.89
N PHE W 91 -11.25 36.51 -80.72
CA PHE W 91 -12.38 35.94 -81.42
C PHE W 91 -12.33 36.22 -82.91
N LYS W 92 -11.78 37.37 -83.29
CA LYS W 92 -11.63 37.68 -84.71
C LYS W 92 -10.64 36.74 -85.38
N GLU W 93 -9.65 36.26 -84.62
CA GLU W 93 -8.81 35.19 -85.13
C GLU W 93 -9.59 33.91 -85.30
N ILE W 94 -10.50 33.62 -84.36
CA ILE W 94 -11.29 32.40 -84.44
C ILE W 94 -12.32 32.50 -85.55
N HIS W 95 -12.99 33.65 -85.65
CA HIS W 95 -14.01 33.87 -86.68
C HIS W 95 -13.41 33.84 -88.08
N ASP W 96 -12.16 34.26 -88.22
CA ASP W 96 -11.48 34.08 -89.50
C ASP W 96 -10.99 32.67 -89.67
N HIS W 97 -10.69 31.98 -88.57
CA HIS W 97 -10.28 30.59 -88.67
C HIS W 97 -11.43 29.70 -89.08
N ALA W 98 -12.65 30.05 -88.67
CA ALA W 98 -13.80 29.22 -89.00
C ALA W 98 -14.20 29.38 -90.46
N LEU W 99 -14.15 30.60 -90.98
CA LEU W 99 -14.56 30.86 -92.35
C LEU W 99 -13.63 30.24 -93.38
N SER W 100 -12.41 29.89 -92.98
CA SER W 100 -11.48 29.26 -93.90
C SER W 100 -11.90 27.84 -94.25
N TRP W 101 -12.64 27.17 -93.35
CA TRP W 101 -12.91 25.75 -93.49
C TRP W 101 -13.81 25.44 -94.68
N SER W 102 -14.72 26.37 -95.01
CA SER W 102 -15.58 26.20 -96.17
C SER W 102 -14.76 26.12 -97.45
N GLY W 103 -13.69 26.91 -97.52
CA GLY W 103 -12.75 26.76 -98.61
C GLY W 103 -11.94 25.48 -98.50
N VAL W 104 -11.57 25.11 -97.27
CA VAL W 104 -10.68 23.98 -97.07
C VAL W 104 -11.38 22.67 -97.41
N GLU W 105 -12.57 22.46 -96.84
CA GLU W 105 -13.30 21.21 -97.02
C GLU W 105 -13.71 21.01 -98.47
N SER W 106 -14.05 22.10 -99.17
CA SER W 106 -14.32 22.03 -100.59
C SER W 106 -13.07 21.67 -101.38
N LYS W 107 -11.91 22.14 -100.94
CA LYS W 107 -10.67 21.72 -101.58
C LYS W 107 -10.32 20.28 -101.27
N VAL W 108 -10.67 19.80 -100.07
CA VAL W 108 -10.41 18.41 -99.74
C VAL W 108 -11.30 17.48 -100.54
N GLN W 109 -12.58 17.84 -100.68
CA GLN W 109 -13.54 16.98 -101.35
C GLN W 109 -13.26 16.90 -102.85
N GLN W 110 -13.11 18.05 -103.50
CA GLN W 110 -12.99 18.09 -104.95
C GLN W 110 -11.67 17.48 -105.42
N GLN W 111 -10.63 17.60 -104.61
CA GLN W 111 -9.36 16.98 -104.98
C GLN W 111 -9.42 15.46 -104.83
N SER W 112 -10.03 14.97 -103.75
CA SER W 112 -10.03 13.54 -103.49
C SER W 112 -10.88 12.77 -104.49
N ILE W 113 -11.88 13.43 -105.07
CA ILE W 113 -12.60 12.85 -106.21
C ILE W 113 -11.64 12.68 -107.38
N ASP W 114 -10.83 13.69 -107.65
CA ASP W 114 -9.87 13.63 -108.74
C ASP W 114 -8.77 12.62 -108.45
N LEU W 115 -8.43 12.45 -107.18
CA LEU W 115 -7.45 11.42 -106.80
C LEU W 115 -7.99 10.02 -107.02
N GLU W 116 -9.31 9.84 -106.98
CA GLU W 116 -9.88 8.55 -107.32
C GLU W 116 -9.93 8.33 -108.83
N ASN W 117 -10.35 9.36 -109.57
CA ASN W 117 -10.50 9.26 -111.01
C ASN W 117 -9.16 9.08 -111.70
N ALA W 118 -8.15 9.85 -111.27
CA ALA W 118 -6.80 9.57 -111.72
C ALA W 118 -6.27 8.28 -111.10
N GLY W 119 -6.75 7.93 -109.91
CA GLY W 119 -6.28 6.72 -109.26
C GLY W 119 -6.74 5.44 -109.92
N LYS W 120 -7.74 5.51 -110.78
CA LYS W 120 -8.21 4.33 -111.50
C LYS W 120 -7.74 4.31 -112.95
N GLN W 121 -7.85 5.45 -113.63
CA GLN W 121 -7.52 5.52 -115.05
C GLN W 121 -6.04 5.28 -115.30
N ILE W 122 -5.19 5.72 -114.38
CA ILE W 122 -3.78 5.35 -114.42
C ILE W 122 -3.62 3.87 -114.10
N THR W 123 -4.35 3.39 -113.09
CA THR W 123 -4.21 2.01 -112.65
C THR W 123 -4.79 1.04 -113.68
N LEU W 124 -5.83 1.46 -114.39
CA LEU W 124 -6.33 0.66 -115.52
C LEU W 124 -5.31 0.59 -116.64
N THR W 125 -4.69 1.72 -116.97
CA THR W 125 -3.71 1.73 -118.04
C THR W 125 -2.43 1.00 -117.62
N GLY W 126 -2.00 1.23 -116.39
CA GLY W 126 -0.70 0.70 -115.96
C GLY W 126 -0.71 -0.80 -115.74
N ASP W 127 -1.82 -1.34 -115.24
CA ASP W 127 -1.88 -2.78 -115.04
C ASP W 127 -1.98 -3.54 -116.36
N GLU W 128 -2.61 -2.92 -117.37
CA GLU W 128 -2.64 -3.54 -118.69
C GLU W 128 -1.27 -3.55 -119.34
N ILE W 129 -0.44 -2.54 -119.09
CA ILE W 129 0.87 -2.47 -119.73
C ILE W 129 1.81 -3.51 -119.15
N ILE W 130 1.81 -3.68 -117.81
CA ILE W 130 2.67 -4.67 -117.18
C ILE W 130 2.23 -6.08 -117.55
N SER W 131 0.94 -6.27 -117.82
CA SER W 131 0.45 -7.58 -118.24
C SER W 131 0.90 -7.92 -119.66
N VAL W 132 0.76 -6.99 -120.59
CA VAL W 132 1.03 -7.32 -122.00
C VAL W 132 2.51 -7.42 -122.32
N ILE W 133 3.39 -6.84 -121.49
CA ILE W 133 4.81 -6.97 -121.77
C ILE W 133 5.29 -8.35 -121.32
N ASP W 134 4.67 -8.92 -120.30
CA ASP W 134 4.97 -10.30 -119.89
C ASP W 134 4.57 -11.33 -120.94
N GLN W 135 3.72 -10.96 -121.91
CA GLN W 135 3.49 -11.80 -123.07
C GLN W 135 4.76 -11.95 -123.92
N MET W 136 5.58 -10.90 -123.99
CA MET W 136 6.86 -11.01 -124.68
C MET W 136 7.80 -11.90 -123.88
N PRO W 137 8.62 -12.70 -124.55
CA PRO W 137 9.58 -13.54 -123.83
C PRO W 137 10.77 -12.74 -123.35
N ILE W 138 11.42 -13.28 -122.31
CA ILE W 138 12.55 -12.59 -121.68
C ILE W 138 13.77 -12.52 -122.59
N ILE W 139 13.90 -13.45 -123.54
CA ILE W 139 15.02 -13.41 -124.47
C ILE W 139 14.85 -12.26 -125.47
N GLU W 140 13.64 -12.08 -126.00
CA GLU W 140 13.38 -10.98 -126.92
C GLU W 140 13.16 -9.67 -126.19
N ARG W 141 12.99 -9.71 -124.87
CA ARG W 141 12.69 -8.51 -124.11
C ARG W 141 13.87 -7.56 -124.09
N VAL W 142 15.08 -8.10 -123.94
CA VAL W 142 16.27 -7.27 -123.79
C VAL W 142 16.65 -6.64 -125.11
N LYS W 143 16.45 -7.37 -126.22
CA LYS W 143 16.75 -6.84 -127.55
C LYS W 143 15.84 -5.68 -127.94
N ASN W 144 14.67 -5.58 -127.33
CA ASN W 144 13.80 -4.44 -127.55
C ASN W 144 14.04 -3.36 -126.49
N LYS W 145 13.80 -2.12 -126.88
CA LYS W 145 13.89 -0.97 -126.00
C LYS W 145 12.51 -0.32 -125.88
N LEU W 146 12.44 0.76 -125.12
CA LEU W 146 11.17 1.47 -124.96
C LEU W 146 10.78 2.18 -126.25
N GLY W 147 11.76 2.76 -126.95
CA GLY W 147 11.47 3.46 -128.20
C GLY W 147 11.00 2.58 -129.33
N ASP W 148 11.21 1.26 -129.21
CA ASP W 148 10.66 0.33 -130.18
C ASP W 148 9.15 0.22 -130.12
N LEU W 149 8.54 0.59 -128.99
CA LEU W 149 7.12 0.39 -128.77
C LEU W 149 6.36 1.69 -128.55
N THR W 150 6.96 2.83 -128.93
CA THR W 150 6.29 4.12 -128.86
C THR W 150 5.57 4.47 -130.15
N ASP W 151 5.15 3.47 -130.91
CA ASP W 151 4.67 3.70 -132.27
C ASP W 151 3.21 3.39 -132.48
N LYS W 152 2.53 2.79 -131.51
CA LYS W 152 1.18 2.31 -131.73
C LYS W 152 0.44 2.21 -130.41
N GLN W 153 -0.86 1.98 -130.50
CA GLN W 153 -1.67 1.62 -129.36
C GLN W 153 -1.37 0.16 -129.02
N LEU W 154 -0.45 -0.04 -128.06
CA LEU W 154 0.06 -1.36 -127.75
C LEU W 154 -1.01 -2.19 -127.07
N ALA W 155 -1.56 -3.17 -127.81
CA ALA W 155 -2.56 -4.13 -127.33
C ALA W 155 -3.81 -3.44 -126.79
N GLU W 156 -4.37 -2.55 -127.61
CA GLU W 156 -5.53 -1.68 -127.38
C GLU W 156 -5.60 -1.05 -125.99
N ILE W 157 -4.44 -0.70 -125.44
CA ILE W 157 -4.36 -0.02 -124.15
C ILE W 157 -4.45 1.47 -124.40
N THR W 158 -5.41 2.12 -123.75
CA THR W 158 -5.57 3.56 -123.91
C THR W 158 -5.58 4.22 -122.54
N TYR W 159 -5.75 5.55 -122.55
CA TYR W 159 -5.75 6.35 -121.33
C TYR W 159 -6.55 7.62 -121.57
N THR W 160 -7.24 8.07 -120.53
CA THR W 160 -7.99 9.32 -120.56
C THR W 160 -7.35 10.28 -119.56
N ASN W 161 -7.10 11.50 -119.99
CA ASN W 161 -6.38 12.46 -119.16
C ASN W 161 -7.32 13.12 -118.16
N ASP W 162 -6.83 14.17 -117.51
CA ASP W 162 -7.68 15.01 -116.67
C ASP W 162 -8.64 15.84 -117.51
N ASP W 163 -8.25 16.14 -118.75
CA ASP W 163 -9.02 17.02 -119.63
C ASP W 163 -10.08 16.27 -120.42
N LYS W 164 -10.42 15.04 -120.00
CA LYS W 164 -11.42 14.17 -120.62
C LYS W 164 -11.13 13.83 -122.07
N GLU W 165 -9.87 13.94 -122.50
CA GLU W 165 -9.47 13.52 -123.82
C GLU W 165 -8.73 12.19 -123.74
N ILE W 166 -8.73 11.47 -124.84
CA ILE W 166 -8.24 10.10 -124.84
C ILE W 166 -6.86 10.08 -125.48
N ALA W 167 -6.05 9.10 -125.08
CA ALA W 167 -4.73 8.88 -125.64
C ALA W 167 -4.52 7.38 -125.78
N VAL W 168 -3.98 6.96 -126.93
CA VAL W 168 -3.94 5.55 -127.30
C VAL W 168 -2.53 5.01 -127.40
N GLU W 169 -1.59 5.78 -127.94
CA GLU W 169 -0.27 5.24 -128.18
C GLU W 169 0.61 5.34 -126.95
N LEU W 170 1.53 4.38 -126.83
CA LEU W 170 2.40 4.29 -125.66
C LEU W 170 3.34 5.49 -125.56
N GLY W 171 3.79 5.99 -126.71
CA GLY W 171 4.59 7.21 -126.72
C GLY W 171 3.79 8.46 -126.42
N ASN W 172 2.47 8.39 -126.44
CA ASN W 172 1.64 9.54 -126.11
C ASN W 172 0.99 9.43 -124.73
N ILE W 173 0.70 8.20 -124.29
CA ILE W 173 0.12 8.01 -122.97
C ILE W 173 1.13 8.35 -121.88
N LEU W 174 2.37 7.84 -122.01
CA LEU W 174 3.41 8.09 -121.02
C LEU W 174 3.77 9.56 -120.93
N GLU W 175 3.61 10.30 -122.02
CA GLU W 175 3.82 11.74 -121.97
C GLU W 175 2.59 12.47 -121.44
N SER W 176 1.40 11.94 -121.69
CA SER W 176 0.20 12.55 -121.13
C SER W 176 0.09 12.28 -119.65
N MET W 177 0.48 11.06 -119.22
CA MET W 177 0.46 10.73 -117.81
C MET W 177 1.51 11.52 -117.04
N LYS W 178 2.63 11.86 -117.69
CA LYS W 178 3.66 12.66 -117.05
C LYS W 178 3.16 14.07 -116.75
N LYS W 179 2.35 14.63 -117.66
CA LYS W 179 1.73 15.92 -117.39
C LYS W 179 0.70 15.82 -116.28
N ASP W 180 -0.02 14.69 -116.23
CA ASP W 180 -1.14 14.58 -115.30
C ASP W 180 -0.68 14.34 -113.88
N ILE W 181 0.34 13.49 -113.70
CA ILE W 181 0.91 13.28 -112.37
C ILE W 181 1.55 14.56 -111.86
N LYS W 182 2.23 15.29 -112.75
CA LYS W 182 2.77 16.60 -112.40
C LYS W 182 1.66 17.58 -112.05
N ARG W 183 0.50 17.42 -112.68
CA ARG W 183 -0.65 18.28 -112.39
C ARG W 183 -1.34 17.92 -111.08
N GLN W 184 -1.30 16.65 -110.70
CA GLN W 184 -1.95 16.21 -109.46
C GLN W 184 -1.11 16.51 -108.23
N GLN W 185 0.21 16.57 -108.38
CA GLN W 185 1.05 16.90 -107.23
C GLN W 185 0.88 18.35 -106.83
N GLU W 186 0.92 19.26 -107.79
CA GLU W 186 0.80 20.67 -107.50
C GLU W 186 -0.61 21.06 -107.07
N ASN W 187 -1.62 20.27 -107.44
CA ASN W 187 -2.91 20.43 -106.80
C ASN W 187 -2.87 19.92 -105.36
N THR W 188 -2.18 18.81 -105.12
CA THR W 188 -2.16 18.20 -103.80
C THR W 188 -1.38 19.06 -102.82
N GLN W 189 -0.30 19.69 -103.29
CA GLN W 189 0.47 20.59 -102.44
C GLN W 189 -0.33 21.83 -102.08
N LYS W 190 -1.21 22.29 -102.97
CA LYS W 190 -2.14 23.36 -102.62
C LYS W 190 -3.16 22.89 -101.59
N VAL W 191 -3.48 21.60 -101.58
CA VAL W 191 -4.41 21.07 -100.59
C VAL W 191 -3.72 20.96 -99.24
N LYS W 192 -2.56 20.30 -99.21
CA LYS W 192 -1.86 20.04 -97.95
C LYS W 192 -1.40 21.33 -97.28
N THR W 193 -1.12 22.36 -98.08
CA THR W 193 -0.84 23.67 -97.53
C THR W 193 -2.03 24.22 -96.77
N ALA W 194 -3.21 24.19 -97.39
CA ALA W 194 -4.40 24.77 -96.76
C ALA W 194 -4.87 23.93 -95.58
N VAL W 195 -4.63 22.63 -95.60
CA VAL W 195 -4.90 21.80 -94.44
C VAL W 195 -3.97 22.18 -93.29
N SER W 196 -2.67 22.19 -93.56
CA SER W 196 -1.69 22.49 -92.54
C SER W 196 -1.75 23.94 -92.10
N ASP W 197 -2.17 24.85 -92.99
CA ASP W 197 -2.46 26.22 -92.55
C ASP W 197 -3.64 26.24 -91.61
N PHE W 198 -4.63 25.38 -91.85
CA PHE W 198 -5.79 25.34 -90.97
C PHE W 198 -5.44 24.67 -89.65
N LYS W 199 -4.57 23.67 -89.68
CA LYS W 199 -4.18 23.01 -88.43
C LYS W 199 -3.26 23.92 -87.62
N LEU W 200 -2.20 24.43 -88.23
CA LEU W 200 -1.21 25.16 -87.48
C LEU W 200 -1.65 26.57 -87.12
N LYS W 201 -2.77 27.04 -87.63
CA LYS W 201 -3.35 28.23 -87.05
C LYS W 201 -4.10 27.88 -85.77
N LEU W 202 -4.58 26.65 -85.68
CA LEU W 202 -5.28 26.21 -84.47
C LEU W 202 -4.29 25.82 -83.38
N ILE W 203 -3.37 24.91 -83.68
CA ILE W 203 -2.47 24.42 -82.64
C ILE W 203 -1.25 25.34 -82.47
N GLY W 204 -0.79 25.98 -83.53
CA GLY W 204 0.30 26.90 -83.39
C GLY W 204 1.56 26.41 -84.09
N GLY W 205 2.44 27.35 -84.37
CA GLY W 205 3.68 27.03 -85.05
C GLY W 205 3.88 27.88 -86.29
N GLU W 206 4.77 27.46 -87.17
CA GLU W 206 5.02 28.20 -88.39
C GLU W 206 3.95 27.87 -89.43
N LEU W 207 3.36 28.90 -90.02
CA LEU W 207 2.40 28.71 -91.09
C LEU W 207 3.14 28.48 -92.40
N SER W 208 2.40 28.52 -93.51
CA SER W 208 3.05 28.33 -94.81
C SER W 208 3.82 29.57 -95.24
N ASP W 209 3.34 30.76 -94.87
CA ASP W 209 4.04 31.98 -95.24
C ASP W 209 5.33 32.17 -94.45
N GLY W 210 5.42 31.56 -93.27
CA GLY W 210 6.51 31.79 -92.35
C GLY W 210 6.09 32.50 -91.08
N THR W 211 4.85 32.94 -90.99
CA THR W 211 4.36 33.58 -89.78
C THR W 211 4.18 32.55 -88.69
N ILE W 212 4.83 32.75 -87.55
CA ILE W 212 4.48 31.99 -86.37
C ILE W 212 3.13 32.47 -85.88
N ALA W 213 2.17 31.56 -85.85
CA ALA W 213 0.85 31.85 -85.32
C ALA W 213 0.75 31.24 -83.93
N GLN W 214 0.37 32.06 -82.96
CA GLN W 214 0.05 31.55 -81.64
C GLN W 214 -1.15 30.62 -81.76
N GLY W 215 -1.10 29.50 -81.03
CA GLY W 215 -2.12 28.49 -81.18
C GLY W 215 -3.44 28.93 -80.58
N LEU W 216 -4.52 28.58 -81.26
CA LEU W 216 -5.83 28.93 -80.75
C LEU W 216 -6.19 28.10 -79.53
N GLN W 217 -5.78 26.84 -79.50
CA GLN W 217 -6.01 26.01 -78.31
C GLN W 217 -5.28 26.51 -77.06
N PRO W 218 -3.99 26.90 -77.09
CA PRO W 218 -3.44 27.50 -75.87
C PRO W 218 -3.94 28.91 -75.59
N GLN W 219 -4.32 29.67 -76.63
CA GLN W 219 -4.89 30.99 -76.38
C GLN W 219 -6.20 30.91 -75.63
N ILE W 220 -6.98 29.85 -75.83
CA ILE W 220 -8.13 29.62 -74.97
C ILE W 220 -7.65 29.18 -73.58
N SER W 221 -6.68 28.28 -73.53
CA SER W 221 -6.18 27.81 -72.25
C SER W 221 -5.40 28.86 -71.50
N SER W 222 -4.89 29.89 -72.19
CA SER W 222 -4.29 31.02 -71.49
C SER W 222 -5.35 31.81 -70.75
N LYS W 223 -6.45 32.13 -71.42
CA LYS W 223 -7.50 32.92 -70.79
C LYS W 223 -8.22 32.13 -69.73
N LYS W 224 -8.43 30.83 -69.98
CA LYS W 224 -9.11 29.98 -69.02
C LYS W 224 -8.30 29.79 -67.76
N LYS W 225 -6.97 29.82 -67.87
CA LYS W 225 -6.13 29.83 -66.69
C LYS W 225 -6.21 31.16 -65.97
N LEU W 226 -6.40 32.26 -66.72
CA LEU W 226 -6.54 33.57 -66.08
C LEU W 226 -7.86 33.70 -65.34
N MET W 227 -8.91 33.03 -65.82
CA MET W 227 -10.19 33.15 -65.16
C MET W 227 -10.26 32.36 -63.87
N ASP W 228 -9.37 31.38 -63.69
CA ASP W 228 -9.31 30.68 -62.43
C ASP W 228 -8.47 31.44 -61.41
N ASP W 229 -7.35 32.00 -61.84
CA ASP W 229 -6.51 32.82 -60.97
C ASP W 229 -7.09 34.21 -60.96
N ASN W 230 -7.98 34.47 -60.00
CA ASN W 230 -8.51 35.81 -59.85
C ASN W 230 -8.78 36.12 -58.39
N ASN W 231 -8.56 37.37 -58.03
CA ASN W 231 -8.77 37.88 -56.67
C ASN W 231 -10.21 38.24 -56.38
N LEU W 232 -11.13 37.88 -57.27
CA LEU W 232 -12.51 38.36 -57.16
C LEU W 232 -13.22 37.73 -55.98
N SER W 233 -12.85 36.52 -55.60
CA SER W 233 -13.35 35.95 -54.36
C SER W 233 -12.63 36.49 -53.14
N THR W 234 -11.59 37.30 -53.32
CA THR W 234 -10.83 37.86 -52.22
C THR W 234 -11.08 39.35 -52.04
N THR W 235 -11.04 40.12 -53.13
CA THR W 235 -11.22 41.57 -53.04
C THR W 235 -12.62 41.94 -52.59
N ILE W 236 -13.64 41.17 -52.99
CA ILE W 236 -14.99 41.40 -52.50
C ILE W 236 -15.04 41.18 -50.98
N LYS W 237 -14.35 40.16 -50.49
CA LYS W 237 -14.20 40.01 -49.05
C LYS W 237 -13.34 41.11 -48.45
N ASP W 238 -12.38 41.62 -49.22
CA ASP W 238 -11.56 42.71 -48.73
C ASP W 238 -12.33 44.03 -48.72
N LEU W 239 -13.14 44.28 -49.75
CA LEU W 239 -13.93 45.50 -49.76
C LEU W 239 -15.07 45.45 -48.75
N GLN W 240 -15.67 44.28 -48.53
CA GLN W 240 -16.67 44.19 -47.48
C GLN W 240 -16.06 44.25 -46.08
N SER W 241 -14.76 44.03 -45.96
CA SER W 241 -14.10 44.35 -44.71
C SER W 241 -14.04 45.86 -44.49
N LYS W 242 -13.71 46.61 -45.54
CA LYS W 242 -13.57 48.06 -45.39
C LYS W 242 -14.90 48.75 -45.24
N ILE W 243 -15.95 48.24 -45.90
CA ILE W 243 -17.28 48.82 -45.73
C ILE W 243 -17.79 48.58 -44.33
N ASP W 244 -17.62 47.37 -43.81
CA ASP W 244 -17.98 47.10 -42.43
C ASP W 244 -17.03 47.79 -41.46
N GLU W 245 -15.83 48.14 -41.90
CA GLU W 245 -14.99 49.02 -41.10
C GLU W 245 -15.54 50.44 -41.09
N LYS W 246 -15.85 50.96 -42.27
CA LYS W 246 -16.32 52.34 -42.35
C LYS W 246 -17.75 52.50 -41.87
N ASN W 247 -18.55 51.43 -41.85
CA ASN W 247 -19.85 51.53 -41.22
C ASN W 247 -19.74 51.71 -39.72
N LYS W 248 -18.70 51.13 -39.12
CA LYS W 248 -18.50 51.27 -37.68
C LYS W 248 -18.14 52.71 -37.32
N GLU W 249 -17.48 53.42 -38.23
CA GLU W 249 -17.20 54.84 -38.00
C GLU W 249 -18.45 55.68 -38.15
N ILE W 250 -19.26 55.39 -39.18
CA ILE W 250 -20.50 56.12 -39.41
C ILE W 250 -21.48 55.89 -38.28
N ASP W 251 -21.58 54.64 -37.81
CA ASP W 251 -22.40 54.33 -36.65
C ASP W 251 -21.86 54.93 -35.37
N GLN W 252 -20.60 55.36 -35.38
CA GLN W 252 -20.03 56.08 -34.26
C GLN W 252 -20.21 57.59 -34.39
N PHE W 253 -20.16 58.12 -35.61
CA PHE W 253 -20.31 59.57 -35.78
C PHE W 253 -21.74 60.02 -35.57
N GLN W 254 -22.70 59.12 -35.78
CA GLN W 254 -24.09 59.44 -35.43
C GLN W 254 -24.23 59.63 -33.93
N LYS W 255 -23.50 58.83 -33.15
CA LYS W 255 -23.44 59.04 -31.71
C LYS W 255 -22.77 60.36 -31.37
N ASP W 256 -21.81 60.79 -32.18
CA ASP W 256 -21.14 62.07 -31.92
C ASP W 256 -22.05 63.24 -32.20
N TYR W 257 -22.71 63.24 -33.37
CA TYR W 257 -23.60 64.33 -33.74
C TYR W 257 -24.82 64.38 -32.83
N ASN W 258 -25.25 63.24 -32.33
CA ASN W 258 -26.34 63.25 -31.36
C ASN W 258 -25.85 63.61 -29.96
N LYS W 259 -24.55 63.79 -29.77
CA LYS W 259 -24.02 64.22 -28.48
C LYS W 259 -23.61 65.68 -28.48
N TYR W 260 -22.90 66.13 -29.52
CA TYR W 260 -22.45 67.52 -29.58
C TYR W 260 -23.63 68.48 -29.70
N VAL W 261 -24.63 68.11 -30.50
CA VAL W 261 -25.84 68.93 -30.60
C VAL W 261 -26.57 68.95 -29.26
N GLY W 262 -26.53 67.82 -28.55
CA GLY W 262 -26.99 67.82 -27.17
C GLY W 262 -26.18 68.75 -26.29
N LEU W 263 -24.87 68.79 -26.51
CA LEU W 263 -24.04 69.72 -25.76
C LEU W 263 -24.22 71.16 -26.23
N ALA W 264 -24.45 71.36 -27.53
CA ALA W 264 -24.50 72.70 -28.08
C ALA W 264 -25.75 73.46 -27.66
N PHE W 265 -26.79 72.77 -27.19
CA PHE W 265 -28.00 73.42 -26.71
C PHE W 265 -27.94 73.68 -25.21
N SER W 266 -26.75 73.87 -24.66
CA SER W 266 -26.59 74.05 -23.22
C SER W 266 -27.06 75.43 -22.77
N GLY W 267 -26.75 76.46 -23.55
CA GLY W 267 -26.66 77.83 -23.07
C GLY W 267 -27.86 78.50 -22.46
N MET W 268 -28.94 78.65 -23.21
CA MET W 268 -30.01 79.61 -22.90
C MET W 268 -30.88 79.22 -21.72
N VAL W 269 -30.55 78.27 -20.84
CA VAL W 269 -31.36 78.06 -19.66
C VAL W 269 -31.24 79.26 -18.71
N GLY W 270 -30.03 79.69 -18.43
CA GLY W 270 -29.84 81.00 -17.81
C GLY W 270 -28.76 81.79 -18.52
N GLY W 271 -27.89 81.07 -19.23
CA GLY W 271 -26.73 81.63 -19.90
C GLY W 271 -26.91 82.00 -21.35
N ILE W 272 -27.61 83.11 -21.63
CA ILE W 272 -27.71 83.63 -22.99
C ILE W 272 -26.33 83.99 -23.53
N ILE W 273 -25.44 84.48 -22.66
CA ILE W 273 -24.05 84.69 -23.05
C ILE W 273 -23.36 83.36 -23.33
N SER W 274 -23.66 82.34 -22.52
CA SER W 274 -23.03 81.03 -22.70
C SER W 274 -23.57 80.28 -23.88
N TRP W 275 -24.70 80.72 -24.44
CA TRP W 275 -25.25 80.10 -25.65
C TRP W 275 -24.28 80.23 -26.81
N ALA W 276 -23.66 81.39 -26.96
CA ALA W 276 -22.64 81.55 -27.97
C ALA W 276 -21.33 80.88 -27.58
N ILE W 277 -21.13 80.61 -26.29
CA ILE W 277 -19.88 80.00 -25.85
C ILE W 277 -19.83 78.54 -26.25
N THR W 278 -20.76 77.74 -25.73
CA THR W 278 -20.72 76.31 -26.01
C THR W 278 -21.18 76.01 -27.43
N GLY W 279 -22.07 76.85 -27.96
CA GLY W 279 -22.41 76.75 -29.37
C GLY W 279 -21.24 77.08 -30.27
N GLY W 280 -20.36 77.97 -29.82
CA GLY W 280 -19.12 78.19 -30.54
C GLY W 280 -18.17 77.01 -30.41
N ILE W 281 -18.15 76.39 -29.24
CA ILE W 281 -17.26 75.25 -29.02
C ILE W 281 -17.80 74.01 -29.70
N PHE W 282 -19.01 73.60 -29.33
CA PHE W 282 -19.52 72.31 -29.74
C PHE W 282 -20.26 72.34 -31.06
N GLY W 283 -20.88 73.48 -31.40
CA GLY W 283 -21.61 73.58 -32.64
C GLY W 283 -20.71 73.53 -33.86
N ASP W 284 -19.45 73.94 -33.71
CA ASP W 284 -18.46 73.64 -34.72
C ASP W 284 -18.24 72.13 -34.82
N LYS W 285 -18.00 71.49 -33.68
CA LYS W 285 -17.66 70.08 -33.69
C LYS W 285 -18.86 69.21 -34.03
N ALA W 286 -20.07 69.69 -33.74
CA ALA W 286 -21.26 69.06 -34.29
C ALA W 286 -21.29 69.18 -35.80
N GLU W 287 -20.94 70.35 -36.33
CA GLU W 287 -20.95 70.56 -37.76
C GLU W 287 -19.83 69.78 -38.44
N LYS W 288 -18.66 69.70 -37.79
CA LYS W 288 -17.54 69.00 -38.39
C LYS W 288 -17.79 67.49 -38.44
N ALA W 289 -18.34 66.94 -37.36
CA ALA W 289 -18.67 65.52 -37.34
C ALA W 289 -19.78 65.19 -38.32
N ARG W 290 -20.70 66.13 -38.52
CA ARG W 290 -21.74 65.94 -39.53
C ARG W 290 -21.17 65.98 -40.93
N LYS W 291 -20.14 66.80 -41.16
CA LYS W 291 -19.48 66.81 -42.45
C LYS W 291 -18.67 65.54 -42.67
N GLN W 292 -18.15 64.94 -41.60
CA GLN W 292 -17.59 63.60 -41.71
C GLN W 292 -18.69 62.59 -41.99
N LYS W 293 -19.86 62.80 -41.38
CA LYS W 293 -21.02 61.96 -41.67
C LYS W 293 -21.52 62.18 -43.09
N ASN W 294 -21.38 63.39 -43.63
CA ASN W 294 -21.68 63.60 -45.04
C ASN W 294 -20.71 62.84 -45.92
N LYS W 295 -19.43 62.88 -45.58
CA LYS W 295 -18.40 62.38 -46.48
C LYS W 295 -18.34 60.86 -46.50
N LEU W 296 -18.45 60.23 -45.33
CA LEU W 296 -18.22 58.80 -45.26
C LEU W 296 -19.39 57.99 -45.81
N ILE W 297 -20.61 58.47 -45.61
CA ILE W 297 -21.78 57.79 -46.18
C ILE W 297 -21.73 57.84 -47.69
N ASP W 298 -21.26 58.95 -48.25
CA ASP W 298 -21.07 59.03 -49.69
C ASP W 298 -19.94 58.13 -50.16
N GLU W 299 -18.95 57.89 -49.31
CA GLU W 299 -17.89 56.96 -49.70
C GLU W 299 -18.34 55.52 -49.62
N VAL W 300 -19.08 55.17 -48.56
CA VAL W 300 -19.60 53.81 -48.41
C VAL W 300 -20.58 53.49 -49.52
N LYS W 301 -21.40 54.47 -49.91
CA LYS W 301 -22.26 54.34 -51.08
C LYS W 301 -21.46 54.12 -52.35
N ASP W 302 -20.28 54.73 -52.44
CA ASP W 302 -19.41 54.49 -53.58
C ASP W 302 -18.65 53.18 -53.43
N LEU W 303 -18.29 52.80 -52.21
CA LEU W 303 -17.60 51.53 -52.01
C LEU W 303 -18.53 50.35 -52.18
N GLN W 304 -19.80 50.51 -51.81
CA GLN W 304 -20.77 49.46 -52.07
C GLN W 304 -20.99 49.27 -53.56
N SER W 305 -20.91 50.35 -54.33
CA SER W 305 -21.10 50.28 -55.77
C SER W 305 -19.96 49.53 -56.45
N GLN W 306 -18.76 49.56 -55.87
CA GLN W 306 -17.69 48.74 -56.41
C GLN W 306 -17.95 47.26 -56.14
N VAL W 307 -18.50 46.95 -54.96
CA VAL W 307 -18.79 45.57 -54.61
C VAL W 307 -19.89 45.01 -55.50
N LYS W 308 -20.88 45.86 -55.83
CA LYS W 308 -21.98 45.44 -56.69
C LYS W 308 -21.49 45.09 -58.08
N ASP W 309 -20.56 45.87 -58.62
CA ASP W 309 -20.04 45.59 -59.95
C ASP W 309 -19.08 44.41 -59.93
N LYS W 310 -18.27 44.28 -58.88
CA LYS W 310 -17.35 43.16 -58.83
C LYS W 310 -18.06 41.85 -58.52
N SER W 311 -19.19 41.91 -57.80
CA SER W 311 -20.00 40.70 -57.66
C SER W 311 -20.62 40.31 -58.99
N ALA W 312 -21.08 41.30 -59.75
CA ALA W 312 -21.52 41.04 -61.11
C ALA W 312 -20.35 40.70 -62.02
N LEU W 313 -19.14 41.13 -61.68
CA LEU W 313 -17.98 40.76 -62.47
C LEU W 313 -17.61 39.30 -62.26
N GLN W 314 -17.61 38.85 -60.99
CA GLN W 314 -17.23 37.49 -60.67
C GLN W 314 -18.22 36.49 -61.25
N THR W 315 -19.49 36.88 -61.31
CA THR W 315 -20.47 36.06 -62.03
C THR W 315 -20.19 36.06 -63.52
N SER W 316 -19.77 37.21 -64.05
CA SER W 316 -19.55 37.34 -65.49
C SER W 316 -18.35 36.53 -65.94
N VAL W 317 -17.30 36.48 -65.12
CA VAL W 317 -16.11 35.74 -65.49
C VAL W 317 -16.36 34.24 -65.39
N GLN W 318 -16.97 33.80 -64.29
CA GLN W 318 -17.19 32.39 -64.04
C GLN W 318 -18.16 31.78 -65.04
N ASN W 319 -19.12 32.58 -65.54
CA ASN W 319 -19.92 32.12 -66.66
C ASN W 319 -19.10 32.06 -67.93
N LEU W 320 -18.20 33.02 -68.12
CA LEU W 320 -17.42 33.07 -69.35
C LEU W 320 -16.39 31.94 -69.40
N SER W 321 -15.96 31.46 -68.23
CA SER W 321 -15.05 30.32 -68.16
C SER W 321 -15.69 29.08 -68.76
N LEU W 322 -16.99 28.90 -68.54
CA LEU W 322 -17.69 27.77 -69.12
C LEU W 322 -17.86 27.93 -70.62
N SER W 323 -17.93 29.18 -71.09
CA SER W 323 -18.06 29.42 -72.52
C SER W 323 -16.79 28.99 -73.24
N PHE W 324 -15.63 29.37 -72.71
CA PHE W 324 -14.37 28.92 -73.26
C PHE W 324 -14.13 27.43 -73.04
N ALA W 325 -14.74 26.86 -72.01
CA ALA W 325 -14.52 25.45 -71.70
C ALA W 325 -15.02 24.55 -72.81
N GLY W 326 -16.20 24.85 -73.36
CA GLY W 326 -16.65 24.13 -74.53
C GLY W 326 -15.82 24.43 -75.75
N ILE W 327 -15.44 25.70 -75.93
CA ILE W 327 -14.60 26.11 -77.04
C ILE W 327 -13.26 25.40 -76.98
N HIS W 328 -12.70 25.28 -75.77
CA HIS W 328 -11.50 24.48 -75.59
C HIS W 328 -11.77 23.00 -75.86
N THR W 329 -12.95 22.53 -75.47
CA THR W 329 -13.28 21.13 -75.72
C THR W 329 -13.51 20.87 -77.20
N SER W 330 -14.05 21.86 -77.91
CA SER W 330 -14.20 21.72 -79.35
C SER W 330 -12.86 21.71 -80.06
N MET W 331 -11.88 22.45 -79.55
CA MET W 331 -10.58 22.51 -80.21
C MET W 331 -9.76 21.26 -79.96
N VAL W 332 -9.92 20.61 -78.81
CA VAL W 332 -9.21 19.38 -78.54
C VAL W 332 -9.67 18.28 -79.49
N ASP W 333 -10.97 18.22 -79.78
CA ASP W 333 -11.43 17.27 -80.77
C ASP W 333 -11.04 17.70 -82.17
N ALA W 334 -10.99 19.01 -82.42
CA ALA W 334 -10.46 19.50 -83.68
C ALA W 334 -8.96 19.33 -83.77
N GLU W 335 -8.27 19.25 -82.63
CA GLU W 335 -6.84 18.96 -82.62
C GLU W 335 -6.55 17.59 -83.18
N GLU W 336 -7.18 16.56 -82.60
CA GLU W 336 -6.91 15.20 -82.99
C GLU W 336 -7.38 14.92 -84.41
N ALA W 337 -8.47 15.55 -84.83
CA ALA W 337 -9.05 15.27 -86.14
C ALA W 337 -8.15 15.75 -87.27
N LEU W 338 -7.58 16.94 -87.13
CA LEU W 338 -6.74 17.48 -88.19
C LEU W 338 -5.42 16.73 -88.29
N ASN W 339 -4.92 16.20 -87.17
CA ASN W 339 -3.68 15.44 -87.19
C ASN W 339 -3.82 14.18 -88.01
N HIS W 340 -4.97 13.51 -87.91
CA HIS W 340 -5.19 12.37 -88.77
C HIS W 340 -5.47 12.82 -90.19
N LEU W 341 -6.05 14.02 -90.37
CA LEU W 341 -6.28 14.53 -91.71
C LEU W 341 -4.98 14.90 -92.39
N ASP W 342 -4.08 15.56 -91.66
CA ASP W 342 -2.80 15.98 -92.23
C ASP W 342 -1.95 14.77 -92.60
N PHE W 343 -2.00 13.73 -91.78
CA PHE W 343 -1.14 12.57 -92.01
C PHE W 343 -1.57 11.77 -93.22
N MET W 344 -2.86 11.80 -93.57
CA MET W 344 -3.28 11.11 -94.79
C MET W 344 -2.91 11.91 -96.03
N TRP W 345 -3.06 13.23 -96.00
CA TRP W 345 -2.62 14.03 -97.13
C TRP W 345 -1.11 14.00 -97.27
N ASN W 346 -0.40 13.98 -96.14
CA ASN W 346 1.05 13.88 -96.19
C ASN W 346 1.47 12.53 -96.75
N THR W 347 0.69 11.48 -96.48
CA THR W 347 0.95 10.20 -97.10
C THR W 347 0.67 10.27 -98.59
N MET W 348 -0.40 10.95 -98.98
CA MET W 348 -0.75 11.02 -100.39
C MET W 348 0.20 11.93 -101.17
N LEU W 349 0.56 13.08 -100.56
CA LEU W 349 1.48 14.00 -101.23
C LEU W 349 2.86 13.39 -101.37
N THR W 350 3.24 12.51 -100.46
CA THR W 350 4.48 11.76 -100.63
C THR W 350 4.38 10.82 -101.82
N GLN W 351 3.30 10.04 -101.88
CA GLN W 351 3.20 8.97 -102.86
C GLN W 351 2.99 9.50 -104.26
N ILE W 352 2.38 10.68 -104.40
CA ILE W 352 2.33 11.31 -105.71
C ILE W 352 3.71 11.81 -106.10
N THR W 353 4.44 12.38 -105.14
CA THR W 353 5.75 12.94 -105.43
C THR W 353 6.77 11.88 -105.80
N THR W 354 6.81 10.78 -105.03
CA THR W 354 7.75 9.72 -105.35
C THR W 354 7.30 8.94 -106.58
N SER W 355 6.04 9.07 -106.99
CA SER W 355 5.64 8.51 -108.27
C SER W 355 6.19 9.35 -109.42
N ARG W 356 6.10 10.67 -109.28
CA ARG W 356 6.48 11.55 -110.38
C ARG W 356 7.99 11.54 -110.62
N ASP W 357 8.76 11.53 -109.54
CA ASP W 357 10.21 11.64 -109.66
C ASP W 357 10.82 10.37 -110.22
N LYS W 358 10.26 9.21 -109.88
CA LYS W 358 10.71 7.97 -110.50
C LYS W 358 10.22 7.86 -111.94
N PHE W 359 9.11 8.52 -112.27
CA PHE W 359 8.59 8.47 -113.62
C PHE W 359 9.40 9.34 -114.57
N ASP W 360 10.22 10.24 -114.03
CA ASP W 360 11.08 11.09 -114.85
C ASP W 360 12.28 10.32 -115.40
N ASP W 361 12.52 9.11 -114.92
CA ASP W 361 13.53 8.24 -115.50
C ASP W 361 13.09 7.62 -116.82
N ILE W 362 11.81 7.71 -117.16
CA ILE W 362 11.27 7.06 -118.33
C ILE W 362 11.69 7.82 -119.57
N ASN W 363 12.47 7.17 -120.43
CA ASN W 363 12.84 7.70 -121.73
C ASN W 363 13.10 6.52 -122.67
N ASP W 364 13.17 6.83 -123.97
CA ASP W 364 13.21 5.80 -125.00
C ASP W 364 14.51 4.99 -124.99
N ALA W 365 15.55 5.49 -124.32
CA ALA W 365 16.80 4.75 -124.21
C ALA W 365 16.70 3.58 -123.25
N LEU W 366 15.63 3.47 -122.48
CA LEU W 366 15.47 2.36 -121.55
C LEU W 366 15.19 1.07 -122.31
N LYS W 367 16.00 0.05 -122.02
CA LYS W 367 15.68 -1.27 -122.52
C LYS W 367 14.48 -1.83 -121.77
N LEU W 368 13.84 -2.83 -122.38
CA LEU W 368 12.44 -3.07 -122.10
C LEU W 368 12.20 -3.78 -120.78
N THR W 369 13.16 -4.55 -120.27
CA THR W 369 13.02 -5.10 -118.92
C THR W 369 13.17 -3.98 -117.88
N SER W 370 14.17 -3.13 -118.06
CA SER W 370 14.38 -1.99 -117.17
C SER W 370 13.25 -0.98 -117.23
N PHE W 371 12.50 -0.94 -118.33
CA PHE W 371 11.33 -0.07 -118.37
C PHE W 371 10.23 -0.56 -117.44
N VAL W 372 10.04 -1.88 -117.35
CA VAL W 372 8.89 -2.44 -116.64
C VAL W 372 9.03 -2.21 -115.14
N ILE W 373 10.16 -2.61 -114.56
CA ILE W 373 10.43 -2.45 -113.13
C ILE W 373 10.44 -0.97 -112.75
N ALA W 374 10.90 -0.11 -113.65
CA ALA W 374 10.75 1.32 -113.44
C ALA W 374 9.28 1.74 -113.46
N PHE W 375 8.53 1.28 -114.46
CA PHE W 375 7.13 1.69 -114.58
C PHE W 375 6.26 1.01 -113.54
N LYS W 376 6.60 -0.21 -113.14
CA LYS W 376 5.89 -0.87 -112.04
C LYS W 376 6.10 -0.12 -110.75
N GLN W 377 7.29 0.45 -110.55
CA GLN W 377 7.56 1.27 -109.37
C GLN W 377 6.73 2.55 -109.37
N VAL W 378 6.35 3.04 -110.56
CA VAL W 378 5.54 4.25 -110.64
C VAL W 378 4.13 4.00 -110.13
N ILE W 379 3.52 2.88 -110.53
CA ILE W 379 2.10 2.70 -110.27
C ILE W 379 1.80 2.17 -108.88
N GLU W 380 2.78 1.56 -108.20
CA GLU W 380 2.53 1.04 -106.87
C GLU W 380 2.15 2.08 -105.81
N PRO W 381 2.62 3.34 -105.84
CA PRO W 381 1.96 4.34 -104.99
C PRO W 381 0.54 4.66 -105.41
N TRP W 382 0.21 4.51 -106.69
CA TRP W 382 -1.15 4.83 -107.13
C TRP W 382 -2.17 3.79 -106.69
N ARG W 383 -1.74 2.62 -106.24
CA ARG W 383 -2.69 1.70 -105.62
C ARG W 383 -3.19 2.26 -104.30
N ASP W 384 -2.30 2.86 -103.51
CA ASP W 384 -2.67 3.33 -102.18
C ASP W 384 -3.40 4.66 -102.23
N VAL W 385 -3.03 5.54 -103.17
CA VAL W 385 -3.74 6.81 -103.31
C VAL W 385 -5.16 6.57 -103.78
N GLN W 386 -5.34 5.59 -104.67
CA GLN W 386 -6.67 5.09 -104.98
C GLN W 386 -7.35 4.55 -103.74
N GLY W 387 -6.61 3.82 -102.90
CA GLY W 387 -7.19 3.28 -101.67
C GLY W 387 -7.43 4.34 -100.61
N SER W 388 -6.59 5.38 -100.58
CA SER W 388 -6.76 6.39 -99.55
C SER W 388 -7.94 7.30 -99.84
N ALA W 389 -8.13 7.66 -101.11
CA ALA W 389 -9.30 8.45 -101.48
C ALA W 389 -10.58 7.65 -101.32
N ALA W 390 -10.51 6.34 -101.60
CA ALA W 390 -11.65 5.47 -101.34
C ALA W 390 -11.94 5.38 -99.84
N GLN W 391 -10.90 5.31 -99.02
CA GLN W 391 -11.10 5.43 -97.58
C GLN W 391 -11.50 6.83 -97.18
N LEU W 392 -11.26 7.83 -98.02
CA LEU W 392 -11.63 9.18 -97.61
C LEU W 392 -13.05 9.51 -98.02
N ILE W 393 -13.40 9.29 -99.29
CA ILE W 393 -14.70 9.71 -99.82
C ILE W 393 -15.84 8.93 -99.16
N GLN W 394 -15.61 7.64 -98.90
CA GLN W 394 -16.57 6.85 -98.14
C GLN W 394 -16.75 7.40 -96.73
N THR W 395 -15.65 7.83 -96.10
CA THR W 395 -15.71 8.46 -94.80
C THR W 395 -15.87 9.97 -94.87
N PHE W 396 -16.34 10.49 -96.00
CA PHE W 396 -16.59 11.92 -96.14
C PHE W 396 -18.07 12.22 -96.29
N ASP W 397 -18.72 11.59 -97.28
CA ASP W 397 -20.13 11.88 -97.54
C ASP W 397 -21.02 11.29 -96.47
N GLU W 398 -20.59 10.20 -95.84
CA GLU W 398 -21.36 9.61 -94.75
C GLU W 398 -21.37 10.52 -93.53
N ALA W 399 -20.34 11.34 -93.36
CA ALA W 399 -20.38 12.33 -92.29
C ALA W 399 -21.13 13.59 -92.67
N LEU W 400 -21.39 13.79 -93.97
CA LEU W 400 -22.11 14.99 -94.38
C LEU W 400 -23.59 14.89 -94.06
N ALA W 401 -24.24 13.82 -94.49
CA ALA W 401 -25.65 13.63 -94.20
C ALA W 401 -25.89 13.39 -92.72
N GLU W 402 -24.92 12.77 -92.03
CA GLU W 402 -25.00 12.61 -90.60
C GLU W 402 -24.90 13.94 -89.87
N TYR W 403 -24.18 14.90 -90.46
CA TYR W 403 -24.09 16.23 -89.86
C TYR W 403 -25.43 16.97 -89.88
N LYS W 404 -26.35 16.59 -90.77
CA LYS W 404 -27.69 17.12 -90.76
C LYS W 404 -28.57 16.54 -89.65
N LYS W 405 -27.99 15.77 -88.72
CA LYS W 405 -28.74 15.12 -87.67
C LYS W 405 -28.18 15.51 -86.31
N GLY X 41 77.31 -5.68 52.28
CA GLY X 41 76.58 -5.87 53.52
C GLY X 41 75.09 -5.76 53.35
N ILE X 42 74.34 -6.09 54.40
CA ILE X 42 72.89 -5.99 54.36
C ILE X 42 72.43 -4.60 54.75
N PHE X 43 72.94 -4.10 55.87
CA PHE X 43 72.63 -2.76 56.36
C PHE X 43 73.45 -1.77 55.56
N THR X 44 72.85 -1.20 54.51
CA THR X 44 73.58 -0.35 53.59
C THR X 44 73.76 1.04 54.17
N LYS X 45 74.53 1.86 53.44
CA LYS X 45 74.73 3.24 53.87
C LYS X 45 73.46 4.05 53.72
N GLY X 46 72.60 3.70 52.77
CA GLY X 46 71.32 4.37 52.63
C GLY X 46 70.36 4.03 53.74
N ASP X 47 70.52 2.86 54.36
CA ASP X 47 69.70 2.50 55.50
C ASP X 47 69.98 3.42 56.68
N LEU X 48 71.27 3.63 56.96
CA LEU X 48 71.67 4.41 58.13
C LEU X 48 71.34 5.88 57.96
N ILE X 49 71.26 6.35 56.71
CA ILE X 49 70.81 7.72 56.46
C ILE X 49 69.33 7.84 56.76
N ASN X 50 68.53 6.86 56.31
CA ASN X 50 67.08 6.90 56.48
C ASN X 50 66.68 6.91 57.94
N ILE X 51 67.48 6.29 58.80
CA ILE X 51 67.27 6.42 60.23
C ILE X 51 67.61 7.83 60.68
N LYS X 52 68.79 8.31 60.29
CA LYS X 52 69.23 9.63 60.74
C LYS X 52 68.41 10.75 60.11
N LEU X 53 67.81 10.50 58.96
CA LEU X 53 66.77 11.41 58.48
C LEU X 53 65.57 11.41 59.41
N TYR X 54 65.14 10.22 59.84
CA TYR X 54 64.02 10.11 60.76
C TYR X 54 64.33 10.72 62.11
N VAL X 55 65.58 10.59 62.56
CA VAL X 55 65.98 11.22 63.82
C VAL X 55 66.00 12.73 63.68
N LYS X 56 66.44 13.23 62.53
CA LYS X 56 66.55 14.67 62.32
C LYS X 56 65.17 15.32 62.29
N HIS X 57 64.25 14.77 61.52
CA HIS X 57 62.94 15.38 61.40
C HIS X 57 62.08 15.18 62.64
N SER X 58 62.37 14.17 63.46
CA SER X 58 61.57 13.96 64.66
C SER X 58 61.92 14.98 65.73
N LEU X 59 63.18 15.38 65.83
CA LEU X 59 63.59 16.38 66.80
C LEU X 59 63.02 17.75 66.47
N GLU X 60 62.67 17.99 65.21
CA GLU X 60 61.97 19.20 64.83
C GLU X 60 60.59 19.28 65.45
N LEU X 61 59.97 18.13 65.74
CA LEU X 61 58.63 18.12 66.25
C LEU X 61 58.61 18.58 67.71
N PRO X 62 57.62 19.38 68.10
CA PRO X 62 57.54 19.83 69.49
C PRO X 62 57.06 18.71 70.40
N PHE X 63 57.28 18.91 71.69
CA PHE X 63 56.87 17.92 72.68
C PHE X 63 56.17 18.51 73.89
N THR X 64 56.10 19.84 74.02
CA THR X 64 55.30 20.42 75.07
C THR X 64 53.83 20.35 74.69
N LEU X 65 52.97 20.57 75.69
CA LEU X 65 51.54 20.66 75.40
C LEU X 65 51.23 21.91 74.60
N GLU X 66 51.91 23.01 74.86
CA GLU X 66 51.68 24.24 74.12
C GLU X 66 52.26 24.18 72.72
N GLY X 67 53.49 23.67 72.58
CA GLY X 67 54.15 23.69 71.29
C GLY X 67 53.54 22.73 70.29
N VAL X 68 53.03 21.60 70.77
CA VAL X 68 52.25 20.72 69.90
C VAL X 68 50.95 21.41 69.50
N LYS X 69 50.32 22.10 70.44
CA LYS X 69 49.06 22.80 70.20
C LYS X 69 49.21 23.91 69.19
N GLU X 70 50.39 24.53 69.14
CA GLU X 70 50.70 25.50 68.09
C GLU X 70 50.98 24.81 66.77
N TYR X 71 51.70 23.67 66.81
CA TYR X 71 52.09 22.95 65.61
C TYR X 71 50.90 22.36 64.88
N ILE X 72 49.85 21.98 65.61
CA ILE X 72 48.67 21.44 64.97
C ILE X 72 47.70 22.55 64.55
N GLY X 73 47.83 23.72 65.15
CA GLY X 73 47.08 24.89 64.73
C GLY X 73 45.58 24.84 64.93
N TYR X 74 45.12 24.29 66.05
CA TYR X 74 43.69 24.32 66.34
C TYR X 74 43.46 24.28 67.85
N ASN X 75 42.18 24.13 68.20
CA ASN X 75 41.74 23.91 69.57
C ASN X 75 40.57 22.96 69.54
N ASP X 76 40.76 21.74 70.07
CA ASP X 76 39.68 20.84 70.50
C ASP X 76 38.77 20.42 69.35
N ILE X 77 39.30 19.52 68.52
CA ILE X 77 38.50 18.81 67.52
C ILE X 77 37.28 18.19 68.18
N ASP X 78 36.15 18.21 67.45
CA ASP X 78 34.94 17.53 67.92
C ASP X 78 35.14 16.03 68.05
N ILE X 79 35.98 15.43 67.22
CA ILE X 79 36.21 13.99 67.31
C ILE X 79 37.31 13.74 68.33
N ASP X 80 37.38 12.51 68.81
CA ASP X 80 38.16 12.21 70.00
C ASP X 80 39.62 12.03 69.68
N GLY X 81 39.93 11.31 68.60
CA GLY X 81 41.29 10.87 68.33
C GLY X 81 42.26 11.97 67.97
N LEU X 82 41.77 13.16 67.64
CA LEU X 82 42.64 14.27 67.26
C LEU X 82 42.69 15.36 68.32
N LYS X 83 42.23 15.06 69.52
CA LYS X 83 42.31 16.01 70.61
C LYS X 83 43.77 16.17 71.06
N PRO X 84 44.21 17.39 71.39
CA PRO X 84 45.65 17.64 71.55
C PRO X 84 46.27 16.97 72.75
N ALA X 85 45.48 16.56 73.74
CA ALA X 85 46.04 15.81 74.86
C ALA X 85 46.51 14.44 74.41
N LYS X 86 45.81 13.83 73.46
CA LYS X 86 46.31 12.61 72.83
C LYS X 86 47.51 12.91 71.95
N MET X 87 47.50 14.07 71.29
CA MET X 87 48.53 14.38 70.32
C MET X 87 49.85 14.69 71.02
N ALA X 88 49.81 15.49 72.07
CA ALA X 88 51.01 15.83 72.83
C ALA X 88 51.58 14.62 73.54
N THR X 89 50.74 13.63 73.85
CA THR X 89 51.24 12.35 74.30
C THR X 89 51.99 11.64 73.18
N LEU X 90 51.48 11.77 71.95
CA LEU X 90 52.04 11.01 70.84
C LEU X 90 53.38 11.56 70.40
N PHE X 91 53.51 12.89 70.33
CA PHE X 91 54.79 13.47 69.94
C PHE X 91 55.84 13.29 71.02
N LYS X 92 55.42 13.30 72.28
CA LYS X 92 56.36 13.06 73.38
C LYS X 92 56.92 11.65 73.32
N GLU X 93 56.13 10.70 72.83
CA GLU X 93 56.67 9.38 72.57
C GLU X 93 57.68 9.42 71.44
N ILE X 94 57.41 10.23 70.41
CA ILE X 94 58.33 10.32 69.28
C ILE X 94 59.59 11.07 69.67
N HIS X 95 59.44 12.17 70.41
CA HIS X 95 60.57 12.97 70.84
C HIS X 95 61.46 12.20 71.80
N ASP X 96 60.90 11.29 72.59
CA ASP X 96 61.73 10.41 73.38
C ASP X 96 62.30 9.27 72.55
N HIS X 97 61.59 8.88 71.49
CA HIS X 97 62.10 7.84 70.60
C HIS X 97 63.29 8.35 69.80
N ALA X 98 63.30 9.65 69.47
CA ALA X 98 64.38 10.19 68.67
C ALA X 98 65.65 10.35 69.50
N LEU X 99 65.51 10.80 70.75
CA LEU X 99 66.68 11.03 71.59
C LEU X 99 67.40 9.76 71.99
N SER X 100 66.73 8.61 71.86
CA SER X 100 67.39 7.36 72.19
C SER X 100 68.46 6.98 71.18
N TRP X 101 68.31 7.45 69.93
CA TRP X 101 69.16 6.98 68.84
C TRP X 101 70.61 7.42 69.00
N SER X 102 70.84 8.59 69.62
CA SER X 102 72.19 9.04 69.90
C SER X 102 72.93 8.07 70.81
N GLY X 103 72.21 7.51 71.78
CA GLY X 103 72.78 6.44 72.56
C GLY X 103 72.91 5.16 71.77
N VAL X 104 71.94 4.87 70.90
CA VAL X 104 71.91 3.60 70.18
C VAL X 104 73.04 3.53 69.17
N GLU X 105 73.16 4.56 68.33
CA GLU X 105 74.14 4.56 67.25
C GLU X 105 75.56 4.57 67.80
N SER X 106 75.78 5.26 68.92
CA SER X 106 77.06 5.21 69.58
C SER X 106 77.36 3.82 70.14
N LYS X 107 76.32 3.11 70.61
CA LYS X 107 76.52 1.74 71.03
C LYS X 107 76.76 0.81 69.86
N VAL X 108 76.15 1.10 68.71
CA VAL X 108 76.38 0.27 67.52
C VAL X 108 77.79 0.45 67.01
N GLN X 109 78.26 1.70 66.97
CA GLN X 109 79.57 2.01 66.40
C GLN X 109 80.69 1.46 67.27
N GLN X 110 80.66 1.77 68.56
CA GLN X 110 81.76 1.43 69.45
C GLN X 110 81.87 -0.07 69.65
N GLN X 111 80.75 -0.78 69.61
CA GLN X 111 80.80 -2.24 69.72
C GLN X 111 81.37 -2.88 68.47
N SER X 112 80.97 -2.38 67.29
CA SER X 112 81.37 -3.02 66.05
C SER X 112 82.86 -2.82 65.77
N ILE X 113 83.45 -1.75 66.30
CA ILE X 113 84.90 -1.62 66.28
C ILE X 113 85.54 -2.72 67.11
N ASP X 114 84.97 -2.99 68.28
CA ASP X 114 85.49 -4.04 69.14
C ASP X 114 85.26 -5.42 68.55
N LEU X 115 84.17 -5.58 67.79
CA LEU X 115 83.93 -6.84 67.10
C LEU X 115 84.93 -7.07 65.98
N GLU X 116 85.51 -6.01 65.43
CA GLU X 116 86.57 -6.19 64.45
C GLU X 116 87.91 -6.51 65.12
N ASN X 117 88.22 -5.79 66.20
CA ASN X 117 89.49 -5.96 66.90
C ASN X 117 89.57 -7.33 67.56
N ALA X 118 88.49 -7.75 68.20
CA ALA X 118 88.44 -9.13 68.67
C ALA X 118 88.29 -10.09 67.50
N GLY X 119 87.68 -9.64 66.40
CA GLY X 119 87.49 -10.49 65.24
C GLY X 119 88.76 -10.83 64.51
N LYS X 120 89.84 -10.07 64.73
CA LYS X 120 91.11 -10.34 64.10
C LYS X 120 92.10 -11.02 65.05
N GLN X 121 92.19 -10.51 66.28
CA GLN X 121 93.18 -11.01 67.24
C GLN X 121 92.88 -12.45 67.65
N ILE X 122 91.60 -12.81 67.72
CA ILE X 122 91.24 -14.21 67.89
C ILE X 122 91.55 -14.99 66.62
N THR X 123 91.25 -14.41 65.46
CA THR X 123 91.44 -15.11 64.21
C THR X 123 92.93 -15.24 63.86
N LEU X 124 93.75 -14.27 64.28
CA LEU X 124 95.19 -14.42 64.14
C LEU X 124 95.72 -15.53 65.04
N THR X 125 95.24 -15.59 66.28
CA THR X 125 95.70 -16.62 67.20
C THR X 125 95.16 -17.98 66.79
N GLY X 126 93.89 -18.05 66.39
CA GLY X 126 93.27 -19.33 66.14
C GLY X 126 93.75 -20.00 64.87
N ASP X 127 94.03 -19.22 63.84
CA ASP X 127 94.53 -19.80 62.60
C ASP X 127 95.96 -20.31 62.74
N GLU X 128 96.74 -19.65 63.60
CA GLU X 128 98.09 -20.15 63.87
C GLU X 128 98.07 -21.46 64.64
N ILE X 129 97.09 -21.64 65.52
CA ILE X 129 97.05 -22.85 66.34
C ILE X 129 96.65 -24.06 65.49
N ILE X 130 95.66 -23.90 64.62
CA ILE X 130 95.23 -24.99 63.75
C ILE X 130 96.33 -25.35 62.75
N SER X 131 97.15 -24.38 62.37
CA SER X 131 98.26 -24.64 61.46
C SER X 131 99.36 -25.45 62.13
N VAL X 132 99.77 -25.05 63.34
CA VAL X 132 100.93 -25.68 63.96
C VAL X 132 100.63 -27.06 64.52
N ILE X 133 99.36 -27.40 64.76
CA ILE X 133 99.07 -28.74 65.25
C ILE X 133 99.12 -29.73 64.10
N ASP X 134 98.80 -29.28 62.88
CA ASP X 134 98.95 -30.13 61.70
C ASP X 134 100.41 -30.45 61.38
N GLN X 135 101.36 -29.71 61.95
CA GLN X 135 102.76 -30.12 61.90
C GLN X 135 102.99 -31.42 62.65
N MET X 136 102.26 -31.66 63.75
CA MET X 136 102.35 -32.93 64.44
C MET X 136 101.72 -34.03 63.59
N PRO X 137 102.28 -35.23 63.61
CA PRO X 137 101.68 -36.34 62.85
C PRO X 137 100.47 -36.90 63.56
N ILE X 138 99.61 -37.53 62.76
CA ILE X 138 98.34 -38.07 63.26
C ILE X 138 98.55 -39.25 64.20
N ILE X 139 99.67 -39.97 64.07
CA ILE X 139 99.95 -41.08 64.98
C ILE X 139 100.32 -40.57 66.36
N GLU X 140 101.15 -39.53 66.44
CA GLU X 140 101.52 -38.94 67.71
C GLU X 140 100.46 -37.99 68.24
N ARG X 141 99.47 -37.64 67.41
CA ARG X 141 98.45 -36.68 67.79
C ARG X 141 97.54 -37.24 68.88
N VAL X 142 97.19 -38.52 68.75
CA VAL X 142 96.22 -39.12 69.66
C VAL X 142 96.86 -39.39 71.02
N LYS X 143 98.14 -39.75 71.02
CA LYS X 143 98.86 -40.00 72.27
C LYS X 143 99.03 -38.73 73.09
N ASN X 144 98.97 -37.56 72.48
CA ASN X 144 99.00 -36.31 73.21
C ASN X 144 97.58 -35.83 73.50
N LYS X 145 97.45 -35.10 74.60
CA LYS X 145 96.19 -34.48 75.01
C LYS X 145 96.38 -32.96 75.02
N LEU X 146 95.31 -32.25 75.39
CA LEU X 146 95.39 -30.80 75.46
C LEU X 146 96.27 -30.34 76.61
N GLY X 147 96.20 -31.04 77.76
CA GLY X 147 97.00 -30.68 78.92
C GLY X 147 98.49 -30.89 78.74
N ASP X 148 98.89 -31.66 77.73
CA ASP X 148 100.30 -31.82 77.39
C ASP X 148 100.90 -30.53 76.82
N LEU X 149 100.07 -29.65 76.27
CA LEU X 149 100.57 -28.48 75.56
C LEU X 149 100.12 -27.17 76.21
N THR X 150 99.69 -27.21 77.46
CA THR X 150 99.33 -26.01 78.21
C THR X 150 100.51 -25.44 78.99
N ASP X 151 101.73 -25.68 78.53
CA ASP X 151 102.92 -25.41 79.33
C ASP X 151 103.81 -24.33 78.77
N LYS X 152 103.56 -23.85 77.56
CA LYS X 152 104.50 -22.95 76.90
C LYS X 152 103.77 -22.14 75.85
N GLN X 153 104.47 -21.13 75.34
CA GLN X 153 104.04 -20.41 74.15
C GLN X 153 104.27 -21.30 72.94
N LEU X 154 103.23 -22.02 72.53
CA LEU X 154 103.34 -23.03 71.49
C LEU X 154 103.60 -22.38 70.14
N ALA X 155 104.84 -22.49 69.65
CA ALA X 155 105.27 -22.01 68.33
C ALA X 155 105.03 -20.51 68.17
N GLU X 156 105.54 -19.74 69.15
CA GLU X 156 105.44 -18.29 69.33
C GLU X 156 104.07 -17.69 69.01
N ILE X 157 103.00 -18.43 69.32
CA ILE X 157 101.65 -17.95 69.12
C ILE X 157 101.23 -17.20 70.39
N THR X 158 100.81 -15.96 70.22
CA THR X 158 100.38 -15.17 71.36
C THR X 158 98.98 -14.60 71.09
N TYR X 159 98.49 -13.83 72.06
CA TYR X 159 97.15 -13.24 71.97
C TYR X 159 97.12 -11.99 72.84
N THR X 160 96.37 -11.00 72.39
CA THR X 160 96.13 -9.77 73.14
C THR X 160 94.65 -9.69 73.49
N ASN X 161 94.37 -9.41 74.75
CA ASN X 161 93.00 -9.42 75.23
C ASN X 161 92.27 -8.12 74.88
N ASP X 162 91.09 -7.93 75.46
CA ASP X 162 90.39 -6.66 75.36
C ASP X 162 91.10 -5.59 76.19
N ASP X 163 91.81 -6.00 77.24
CA ASP X 163 92.44 -5.08 78.18
C ASP X 163 93.83 -4.65 77.73
N LYS X 164 94.17 -4.87 76.45
CA LYS X 164 95.45 -4.52 75.82
C LYS X 164 96.65 -5.18 76.48
N GLU X 165 96.43 -6.29 77.19
CA GLU X 165 97.53 -7.07 77.74
C GLU X 165 97.74 -8.32 76.90
N ILE X 166 98.93 -8.86 76.98
CA ILE X 166 99.34 -9.93 76.09
C ILE X 166 99.31 -11.24 76.85
N ALA X 167 99.08 -12.34 76.12
CA ALA X 167 99.10 -13.68 76.68
C ALA X 167 99.79 -14.59 75.67
N VAL X 168 100.67 -15.46 76.16
CA VAL X 168 101.57 -16.23 75.30
C VAL X 168 101.32 -17.72 75.38
N GLU X 169 101.04 -18.26 76.57
CA GLU X 169 100.94 -19.71 76.69
C GLU X 169 99.55 -20.20 76.32
N LEU X 170 99.50 -21.42 75.80
CA LEU X 170 98.25 -22.02 75.33
C LEU X 170 97.27 -22.24 76.49
N GLY X 171 97.79 -22.59 77.66
CA GLY X 171 96.95 -22.70 78.84
C GLY X 171 96.47 -21.37 79.39
N ASN X 172 97.07 -20.27 78.94
CA ASN X 172 96.63 -18.94 79.38
C ASN X 172 95.84 -18.20 78.32
N ILE X 173 96.13 -18.45 77.04
CA ILE X 173 95.38 -17.82 75.96
C ILE X 173 93.95 -18.33 75.91
N LEU X 174 93.79 -19.66 75.98
CA LEU X 174 92.45 -20.26 75.92
C LEU X 174 91.59 -19.86 77.11
N GLU X 175 92.21 -19.58 78.25
CA GLU X 175 91.46 -19.06 79.38
C GLU X 175 91.20 -17.57 79.26
N SER X 176 92.13 -16.83 78.64
CA SER X 176 91.89 -15.41 78.42
C SER X 176 90.86 -15.18 77.32
N MET X 177 90.89 -16.01 76.29
CA MET X 177 89.90 -15.92 75.22
C MET X 177 88.52 -16.31 75.71
N LYS X 178 88.44 -17.22 76.67
CA LYS X 178 87.16 -17.63 77.25
C LYS X 178 86.51 -16.49 78.00
N LYS X 179 87.32 -15.67 78.69
CA LYS X 179 86.79 -14.49 79.34
C LYS X 179 86.36 -13.45 78.32
N ASP X 180 87.10 -13.34 77.21
CA ASP X 180 86.86 -12.27 76.26
C ASP X 180 85.63 -12.54 75.41
N ILE X 181 85.44 -13.78 74.96
CA ILE X 181 84.24 -14.15 74.22
C ILE X 181 83.01 -14.01 75.11
N LYS X 182 83.14 -14.39 76.38
CA LYS X 182 82.06 -14.18 77.35
C LYS X 182 81.79 -12.69 77.56
N ARG X 183 82.84 -11.88 77.45
CA ARG X 183 82.69 -10.44 77.58
C ARG X 183 82.08 -9.77 76.35
N GLN X 184 82.30 -10.34 75.18
CA GLN X 184 81.77 -9.77 73.95
C GLN X 184 80.31 -10.15 73.74
N GLN X 185 79.87 -11.28 74.26
CA GLN X 185 78.46 -11.66 74.11
C GLN X 185 77.57 -10.74 74.95
N GLU X 186 77.95 -10.52 76.20
CA GLU X 186 77.13 -9.69 77.08
C GLU X 186 77.18 -8.23 76.70
N ASN X 187 78.22 -7.79 76.00
CA ASN X 187 78.16 -6.48 75.36
C ASN X 187 77.21 -6.51 74.18
N THR X 188 77.24 -7.59 73.40
CA THR X 188 76.42 -7.67 72.19
C THR X 188 74.95 -7.76 72.53
N GLN X 189 74.62 -8.47 73.61
CA GLN X 189 73.23 -8.56 74.04
C GLN X 189 72.72 -7.22 74.54
N LYS X 190 73.59 -6.42 75.14
CA LYS X 190 73.22 -5.04 75.47
C LYS X 190 73.00 -4.20 74.21
N VAL X 191 73.69 -4.53 73.13
CA VAL X 191 73.49 -3.80 71.88
C VAL X 191 72.18 -4.22 71.24
N LYS X 192 71.97 -5.52 71.06
CA LYS X 192 70.79 -6.03 70.36
C LYS X 192 69.51 -5.70 71.11
N THR X 193 69.59 -5.60 72.43
CA THR X 193 68.46 -5.13 73.22
C THR X 193 68.09 -3.69 72.84
N ALA X 194 69.07 -2.80 72.81
CA ALA X 194 68.80 -1.39 72.53
C ALA X 194 68.39 -1.17 71.08
N VAL X 195 68.89 -2.00 70.17
CA VAL X 195 68.42 -1.96 68.79
C VAL X 195 66.96 -2.38 68.71
N SER X 196 66.65 -3.55 69.28
CA SER X 196 65.30 -4.07 69.21
C SER X 196 64.33 -3.25 70.06
N ASP X 197 64.82 -2.61 71.13
CA ASP X 197 63.99 -1.66 71.85
C ASP X 197 63.69 -0.46 70.97
N PHE X 198 64.67 -0.04 70.15
CA PHE X 198 64.44 1.09 69.26
C PHE X 198 63.53 0.70 68.11
N LYS X 199 63.65 -0.53 67.62
CA LYS X 199 62.77 -0.96 66.54
C LYS X 199 61.36 -1.18 67.04
N LEU X 200 61.21 -1.96 68.11
CA LEU X 200 59.87 -2.35 68.54
C LEU X 200 59.14 -1.23 69.27
N LYS X 201 59.81 -0.13 69.58
CA LYS X 201 59.04 1.04 69.99
C LYS X 201 58.47 1.74 68.78
N LEU X 202 59.12 1.60 67.62
CA LEU X 202 58.63 2.19 66.39
C LEU X 202 57.52 1.35 65.77
N ILE X 203 57.79 0.07 65.53
CA ILE X 203 56.80 -0.76 64.85
C ILE X 203 55.78 -1.34 65.82
N GLY X 204 56.17 -1.62 67.05
CA GLY X 204 55.21 -2.11 68.01
C GLY X 204 55.48 -3.55 68.42
N GLY X 205 54.94 -3.92 69.56
CA GLY X 205 55.13 -5.25 70.08
C GLY X 205 55.69 -5.24 71.49
N GLU X 206 56.22 -6.36 71.94
CA GLU X 206 56.77 -6.44 73.28
C GLU X 206 58.18 -5.85 73.29
N LEU X 207 58.44 -4.96 74.24
CA LEU X 207 59.77 -4.40 74.40
C LEU X 207 60.63 -5.38 75.20
N SER X 208 61.81 -4.93 75.63
CA SER X 208 62.67 -5.79 76.42
C SER X 208 62.16 -5.95 77.84
N ASP X 209 61.54 -4.92 78.40
CA ASP X 209 61.02 -5.01 79.76
C ASP X 209 59.78 -5.89 79.84
N GLY X 210 59.07 -6.05 78.74
CA GLY X 210 57.79 -6.72 78.72
C GLY X 210 56.63 -5.81 78.43
N THR X 211 56.86 -4.50 78.32
CA THR X 211 55.80 -3.57 77.99
C THR X 211 55.45 -3.71 76.52
N ILE X 212 54.18 -3.99 76.22
CA ILE X 212 53.70 -3.84 74.86
C ILE X 212 53.65 -2.35 74.54
N ALA X 213 54.40 -1.94 73.54
CA ALA X 213 54.38 -0.57 73.06
C ALA X 213 53.57 -0.53 71.78
N GLN X 214 52.58 0.36 71.73
CA GLN X 214 51.88 0.62 70.49
C GLN X 214 52.86 1.20 69.48
N GLY X 215 52.74 0.74 68.24
CA GLY X 215 53.71 1.12 67.24
C GLY X 215 53.57 2.57 66.82
N LEU X 216 54.71 3.22 66.62
CA LEU X 216 54.67 4.62 66.19
C LEU X 216 54.19 4.75 64.76
N GLN X 217 54.56 3.80 63.90
CA GLN X 217 54.05 3.80 62.52
C GLN X 217 52.54 3.63 62.42
N PRO X 218 51.87 2.70 63.13
CA PRO X 218 50.40 2.73 63.06
C PRO X 218 49.78 3.87 63.83
N GLN X 219 50.42 4.38 64.89
CA GLN X 219 49.87 5.54 65.58
C GLN X 219 49.83 6.76 64.69
N ILE X 220 50.77 6.89 63.75
CA ILE X 220 50.64 7.92 62.75
C ILE X 220 49.53 7.56 61.77
N SER X 221 49.49 6.30 61.34
CA SER X 221 48.46 5.86 60.40
C SER X 221 47.08 5.83 61.03
N SER X 222 46.99 5.75 62.35
CA SER X 222 45.69 5.89 63.00
C SER X 222 45.16 7.31 62.87
N LYS X 223 46.02 8.29 63.16
CA LYS X 223 45.59 9.68 63.09
C LYS X 223 45.37 10.11 61.65
N LYS X 224 46.22 9.63 60.74
CA LYS X 224 46.09 9.99 59.33
C LYS X 224 44.82 9.42 58.74
N LYS X 225 44.38 8.26 59.21
CA LYS X 225 43.08 7.75 58.80
C LYS X 225 41.95 8.58 59.40
N LEU X 226 42.16 9.13 60.60
CA LEU X 226 41.12 9.98 61.20
C LEU X 226 41.00 11.31 60.48
N MET X 227 42.10 11.82 59.91
CA MET X 227 42.04 13.11 59.25
C MET X 227 41.37 13.01 57.89
N ASP X 228 41.30 11.81 57.32
CA ASP X 228 40.56 11.65 56.07
C ASP X 228 39.09 11.46 56.34
N ASP X 229 38.73 10.67 57.35
CA ASP X 229 37.33 10.49 57.73
C ASP X 229 36.94 11.66 58.62
N ASN X 230 36.41 12.72 58.00
CA ASN X 230 35.93 13.84 58.78
C ASN X 230 34.73 14.46 58.10
N ASN X 231 33.80 14.94 58.93
CA ASN X 231 32.57 15.59 58.49
C ASN X 231 32.76 17.06 58.15
N LEU X 232 34.01 17.52 58.10
CA LEU X 232 34.25 18.96 57.99
C LEU X 232 33.87 19.49 56.62
N SER X 233 33.95 18.66 55.58
CA SER X 233 33.40 19.03 54.30
C SER X 233 31.88 18.89 54.23
N THR X 234 31.26 18.34 55.27
CA THR X 234 29.82 18.14 55.31
C THR X 234 29.13 19.09 56.27
N THR X 235 29.66 19.24 57.49
CA THR X 235 29.03 20.09 58.49
C THR X 235 29.06 21.56 58.10
N ILE X 236 30.12 21.99 57.42
CA ILE X 236 30.17 23.35 56.90
C ILE X 236 29.08 23.57 55.87
N LYS X 237 28.85 22.57 55.02
CA LYS X 237 27.70 22.62 54.13
C LYS X 237 26.39 22.50 54.90
N ASP X 238 26.40 21.78 56.01
CA ASP X 238 25.19 21.67 56.83
C ASP X 238 24.92 22.96 57.59
N LEU X 239 25.97 23.60 58.11
CA LEU X 239 25.76 24.86 58.81
C LEU X 239 25.42 25.99 57.86
N GLN X 240 26.00 26.01 56.66
CA GLN X 240 25.59 27.02 55.68
C GLN X 240 24.21 26.76 55.13
N SER X 241 23.67 25.55 55.29
CA SER X 241 22.27 25.34 55.02
C SER X 241 21.41 26.04 56.06
N LYS X 242 21.79 25.94 57.34
CA LYS X 242 20.97 26.52 58.40
C LYS X 242 21.09 28.03 58.45
N ILE X 243 22.25 28.58 58.11
CA ILE X 243 22.42 30.03 58.06
C ILE X 243 21.59 30.61 56.92
N ASP X 244 21.65 29.98 55.74
CA ASP X 244 20.79 30.40 54.65
C ASP X 244 19.32 30.08 54.91
N GLU X 245 19.04 29.12 55.79
CA GLU X 245 17.68 28.96 56.26
C GLU X 245 17.28 30.10 57.18
N LYS X 246 18.12 30.42 58.16
CA LYS X 246 17.78 31.46 59.11
C LYS X 246 17.90 32.85 58.53
N ASN X 247 18.66 33.04 57.45
CA ASN X 247 18.64 34.33 56.78
C ASN X 247 17.32 34.57 56.10
N LYS X 248 16.66 33.51 55.63
CA LYS X 248 15.36 33.66 54.99
C LYS X 248 14.29 34.08 55.99
N GLU X 249 14.45 33.69 57.25
CA GLU X 249 13.54 34.16 58.29
C GLU X 249 13.80 35.62 58.64
N ILE X 250 15.08 36.00 58.75
CA ILE X 250 15.43 37.37 59.06
C ILE X 250 15.02 38.31 57.95
N ASP X 251 15.22 37.88 56.69
CA ASP X 251 14.77 38.66 55.55
C ASP X 251 13.25 38.69 55.46
N GLN X 252 12.56 37.80 56.17
CA GLN X 252 11.12 37.85 56.26
C GLN X 252 10.64 38.69 57.43
N PHE X 253 11.37 38.69 58.54
CA PHE X 253 10.93 39.47 59.70
C PHE X 253 11.15 40.95 59.49
N GLN X 254 12.09 41.33 58.63
CA GLN X 254 12.23 42.73 58.25
C GLN X 254 11.00 43.22 57.51
N LYS X 255 10.43 42.34 56.67
CA LYS X 255 9.15 42.63 56.03
C LYS X 255 8.03 42.75 57.06
N ASP X 256 8.10 41.98 58.15
CA ASP X 256 7.07 42.05 59.17
C ASP X 256 7.15 43.35 59.95
N TYR X 257 8.35 43.71 60.41
CA TYR X 257 8.52 44.93 61.18
C TYR X 257 8.27 46.16 60.34
N ASN X 258 8.54 46.09 59.04
CA ASN X 258 8.19 47.20 58.17
C ASN X 258 6.71 47.20 57.81
N LYS X 259 5.95 46.19 58.22
CA LYS X 259 4.52 46.16 57.99
C LYS X 259 3.72 46.49 59.23
N TYR X 260 4.07 45.90 60.38
CA TYR X 260 3.33 46.17 61.61
C TYR X 260 3.49 47.62 62.05
N VAL X 261 4.69 48.17 61.92
CA VAL X 261 4.91 49.58 62.23
C VAL X 261 4.12 50.45 61.27
N GLY X 262 4.01 50.02 60.01
CA GLY X 262 3.09 50.66 59.10
C GLY X 262 1.65 50.54 59.55
N LEU X 263 1.28 49.40 60.11
CA LEU X 263 -0.07 49.25 60.65
C LEU X 263 -0.23 50.00 61.96
N ALA X 264 0.82 50.07 62.78
CA ALA X 264 0.70 50.66 64.10
C ALA X 264 0.52 52.17 64.06
N PHE X 265 0.87 52.82 62.95
CA PHE X 265 0.67 54.26 62.81
C PHE X 265 -0.66 54.59 62.18
N SER X 266 -1.67 53.75 62.38
CA SER X 266 -2.96 53.96 61.74
C SER X 266 -3.75 55.08 62.39
N GLY X 267 -3.70 55.17 63.72
CA GLY X 267 -4.71 55.82 64.52
C GLY X 267 -5.02 57.29 64.32
N MET X 268 -4.04 58.15 64.53
CA MET X 268 -4.28 59.58 64.77
C MET X 268 -4.71 60.36 63.54
N VAL X 269 -5.13 59.77 62.41
CA VAL X 269 -5.67 60.59 61.33
C VAL X 269 -7.00 61.22 61.74
N GLY X 270 -7.92 60.43 62.29
CA GLY X 270 -9.05 60.97 63.00
C GLY X 270 -9.26 60.30 64.33
N GLY X 271 -8.72 59.10 64.45
CA GLY X 271 -8.90 58.25 65.61
C GLY X 271 -7.82 58.32 66.67
N ILE X 272 -7.80 59.40 67.46
CA ILE X 272 -6.89 59.49 68.60
C ILE X 272 -7.16 58.38 69.60
N ILE X 273 -8.43 57.98 69.74
CA ILE X 273 -8.78 56.82 70.55
C ILE X 273 -8.25 55.55 69.90
N SER X 274 -8.33 55.47 68.58
CA SER X 274 -7.88 54.27 67.87
C SER X 274 -6.37 54.17 67.79
N TRP X 275 -5.66 55.26 68.11
CA TRP X 275 -4.20 55.22 68.15
C TRP X 275 -3.71 54.25 69.21
N ALA X 276 -4.34 54.24 70.37
CA ALA X 276 -4.01 53.25 71.38
C ALA X 276 -4.57 51.88 71.04
N ILE X 277 -5.57 51.81 70.16
CA ILE X 277 -6.16 50.51 69.83
C ILE X 277 -5.21 49.71 68.95
N THR X 278 -4.91 50.21 67.75
CA THR X 278 -4.07 49.46 66.83
C THR X 278 -2.61 49.48 67.28
N GLY X 279 -2.19 50.54 67.95
CA GLY X 279 -0.88 50.54 68.56
C GLY X 279 -0.77 49.53 69.69
N GLY X 280 -1.88 49.27 70.38
CA GLY X 280 -1.90 48.18 71.33
C GLY X 280 -1.86 46.82 70.65
N ILE X 281 -2.54 46.72 69.51
CA ILE X 281 -2.59 45.45 68.79
C ILE X 281 -1.28 45.20 68.05
N PHE X 282 -0.90 46.12 67.18
CA PHE X 282 0.19 45.88 66.25
C PHE X 282 1.53 46.30 66.81
N GLY X 283 1.56 47.32 67.67
CA GLY X 283 2.82 47.77 68.24
C GLY X 283 3.45 46.77 69.17
N ASP X 284 2.64 45.89 69.77
CA ASP X 284 3.19 44.72 70.42
C ASP X 284 3.83 43.80 69.40
N LYS X 285 3.10 43.50 68.33
CA LYS X 285 3.59 42.53 67.36
C LYS X 285 4.73 43.10 66.53
N ALA X 286 4.78 44.42 66.37
CA ALA X 286 5.97 45.05 65.83
C ALA X 286 7.15 44.85 66.77
N GLU X 287 6.92 45.03 68.07
CA GLU X 287 7.98 44.89 69.04
C GLU X 287 8.41 43.43 69.18
N LYS X 288 7.47 42.50 69.08
CA LYS X 288 7.81 41.08 69.24
C LYS X 288 8.60 40.58 68.04
N ALA X 289 8.19 40.98 66.83
CA ALA X 289 8.93 40.59 65.64
C ALA X 289 10.31 41.23 65.61
N ARG X 290 10.44 42.44 66.16
CA ARG X 290 11.75 43.07 66.26
C ARG X 290 12.62 42.34 67.27
N LYS X 291 12.03 41.81 68.33
CA LYS X 291 12.81 41.01 69.28
C LYS X 291 13.21 39.68 68.68
N GLN X 292 12.40 39.14 67.77
CA GLN X 292 12.84 38.01 66.98
C GLN X 292 13.96 38.43 66.04
N LYS X 293 13.85 39.63 65.49
CA LYS X 293 14.92 40.19 64.66
C LYS X 293 16.16 40.48 65.47
N ASN X 294 16.01 40.83 66.76
CA ASN X 294 17.18 40.95 67.62
C ASN X 294 17.83 39.59 67.83
N LYS X 295 17.02 38.56 68.07
CA LYS X 295 17.55 37.29 68.51
C LYS X 295 18.20 36.52 67.37
N LEU X 296 17.58 36.51 66.19
CA LEU X 296 18.05 35.64 65.12
C LEU X 296 19.33 36.18 64.48
N ILE X 297 19.45 37.50 64.34
CA ILE X 297 20.67 38.09 63.80
C ILE X 297 21.85 37.80 64.71
N ASP X 298 21.62 37.83 66.02
CA ASP X 298 22.67 37.45 66.96
C ASP X 298 22.98 35.97 66.88
N GLU X 299 22.00 35.13 66.51
CA GLU X 299 22.29 33.72 66.34
C GLU X 299 23.04 33.44 65.06
N VAL X 300 22.65 34.10 63.96
CA VAL X 300 23.33 33.93 62.67
C VAL X 300 24.76 34.42 62.76
N LYS X 301 24.97 35.54 63.49
CA LYS X 301 26.32 36.01 63.79
C LYS X 301 27.10 34.98 64.58
N ASP X 302 26.43 34.25 65.48
CA ASP X 302 27.11 33.18 66.18
C ASP X 302 27.25 31.93 65.33
N LEU X 303 26.29 31.66 64.46
CA LEU X 303 26.41 30.49 63.59
C LEU X 303 27.44 30.70 62.50
N GLN X 304 27.58 31.94 62.02
CA GLN X 304 28.64 32.25 61.06
C GLN X 304 30.01 32.08 61.70
N SER X 305 30.12 32.39 63.00
CA SER X 305 31.39 32.27 63.71
C SER X 305 31.81 30.81 63.86
N GLN X 306 30.85 29.89 63.91
CA GLN X 306 31.21 28.48 63.92
C GLN X 306 31.74 28.05 62.56
N VAL X 307 31.15 28.59 61.49
CA VAL X 307 31.59 28.24 60.14
C VAL X 307 32.99 28.79 59.88
N LYS X 308 33.28 29.97 60.41
CA LYS X 308 34.60 30.57 60.25
C LYS X 308 35.68 29.74 60.92
N ASP X 309 35.39 29.22 62.11
CA ASP X 309 36.38 28.40 62.80
C ASP X 309 36.50 27.02 62.19
N LYS X 310 35.38 26.45 61.74
CA LYS X 310 35.44 25.13 61.13
C LYS X 310 36.06 25.18 59.74
N SER X 311 35.92 26.30 59.03
CA SER X 311 36.65 26.45 57.78
C SER X 311 38.14 26.58 58.05
N ALA X 312 38.51 27.31 59.10
CA ALA X 312 39.89 27.32 59.54
C ALA X 312 40.30 25.99 60.14
N LEU X 313 39.35 25.22 60.65
CA LEU X 313 39.68 23.90 61.17
C LEU X 313 40.00 22.92 60.04
N GLN X 314 39.18 22.93 58.99
CA GLN X 314 39.37 22.01 57.88
C GLN X 314 40.66 22.30 57.14
N THR X 315 41.06 23.56 57.08
CA THR X 315 42.38 23.90 56.56
C THR X 315 43.47 23.39 57.50
N SER X 316 43.23 23.48 58.80
CA SER X 316 44.24 23.10 59.78
C SER X 316 44.47 21.60 59.79
N VAL X 317 43.41 20.82 59.60
CA VAL X 317 43.56 19.37 59.61
C VAL X 317 44.23 18.89 58.34
N GLN X 318 43.79 19.41 57.19
CA GLN X 318 44.29 18.98 55.89
C GLN X 318 45.75 19.35 55.70
N ASN X 319 46.18 20.46 56.30
CA ASN X 319 47.61 20.75 56.35
C ASN X 319 48.34 19.79 57.27
N LEU X 320 47.71 19.43 58.38
CA LEU X 320 48.35 18.56 59.36
C LEU X 320 48.46 17.14 58.83
N SER X 321 47.56 16.75 57.94
CA SER X 321 47.65 15.43 57.31
C SER X 321 48.92 15.29 56.50
N LEU X 322 49.34 16.37 55.85
CA LEU X 322 50.59 16.34 55.10
C LEU X 322 51.79 16.29 56.02
N SER X 323 51.66 16.88 57.22
CA SER X 323 52.75 16.83 58.18
C SER X 323 53.01 15.41 58.64
N PHE X 324 51.95 14.69 58.98
CA PHE X 324 52.09 13.29 59.34
C PHE X 324 52.46 12.42 58.15
N ALA X 325 52.13 12.84 56.93
CA ALA X 325 52.41 12.05 55.75
C ALA X 325 53.89 11.86 55.53
N GLY X 326 54.68 12.92 55.72
CA GLY X 326 56.12 12.77 55.69
C GLY X 326 56.64 11.97 56.88
N ILE X 327 56.07 12.22 58.06
CA ILE X 327 56.45 11.49 59.27
C ILE X 327 56.16 10.01 59.09
N HIS X 328 55.03 9.69 58.49
CA HIS X 328 54.74 8.29 58.14
C HIS X 328 55.71 7.79 57.08
N THR X 329 56.08 8.64 56.13
CA THR X 329 57.03 8.23 55.10
C THR X 329 58.42 8.05 55.68
N SER X 330 58.78 8.85 56.67
CA SER X 330 60.06 8.68 57.35
C SER X 330 60.10 7.39 58.14
N MET X 331 58.96 6.98 58.72
CA MET X 331 58.95 5.77 59.53
C MET X 331 58.97 4.51 58.69
N VAL X 332 58.38 4.55 57.49
CA VAL X 332 58.42 3.39 56.60
C VAL X 332 59.85 3.10 56.16
N ASP X 333 60.63 4.14 55.88
CA ASP X 333 62.03 3.92 55.58
C ASP X 333 62.81 3.55 56.82
N ALA X 334 62.42 4.07 57.98
CA ALA X 334 63.01 3.63 59.24
C ALA X 334 62.55 2.24 59.62
N GLU X 335 61.40 1.81 59.11
CA GLU X 335 60.93 0.44 59.33
C GLU X 335 61.86 -0.57 58.68
N GLU X 336 62.10 -0.40 57.38
CA GLU X 336 62.91 -1.35 56.63
C GLU X 336 64.36 -1.33 57.08
N ALA X 337 64.86 -0.15 57.49
CA ALA X 337 66.27 -0.02 57.82
C ALA X 337 66.60 -0.77 59.10
N LEU X 338 65.75 -0.67 60.11
CA LEU X 338 66.02 -1.33 61.38
C LEU X 338 65.90 -2.84 61.27
N ASN X 339 65.03 -3.31 60.37
CA ASN X 339 64.87 -4.75 60.18
C ASN X 339 66.14 -5.37 59.64
N HIS X 340 66.81 -4.68 58.72
CA HIS X 340 68.11 -5.18 58.28
C HIS X 340 69.17 -4.98 59.34
N LEU X 341 69.00 -3.95 60.18
CA LEU X 341 69.96 -3.74 61.26
C LEU X 341 69.82 -4.80 62.33
N ASP X 342 68.59 -5.14 62.70
CA ASP X 342 68.34 -6.14 63.72
C ASP X 342 68.82 -7.51 63.27
N PHE X 343 68.64 -7.83 61.99
CA PHE X 343 68.98 -9.16 61.50
C PHE X 343 70.49 -9.36 61.45
N MET X 344 71.27 -8.31 61.27
CA MET X 344 72.71 -8.48 61.31
C MET X 344 73.22 -8.64 62.73
N TRP X 345 72.69 -7.88 63.68
CA TRP X 345 73.07 -8.08 65.07
C TRP X 345 72.57 -9.42 65.59
N ASN X 346 71.40 -9.85 65.15
CA ASN X 346 70.90 -11.16 65.53
C ASN X 346 71.77 -12.26 64.95
N THR X 347 72.32 -12.03 63.76
CA THR X 347 73.29 -12.97 63.21
C THR X 347 74.56 -12.96 64.03
N MET X 348 75.01 -11.78 64.44
CA MET X 348 76.25 -11.70 65.19
C MET X 348 76.09 -12.20 66.62
N LEU X 349 74.96 -11.87 67.26
CA LEU X 349 74.72 -12.35 68.62
C LEU X 349 74.55 -13.85 68.66
N THR X 350 74.04 -14.44 67.58
CA THR X 350 74.02 -15.89 67.48
C THR X 350 75.42 -16.46 67.40
N GLN X 351 76.25 -15.91 66.52
CA GLN X 351 77.55 -16.50 66.23
C GLN X 351 78.53 -16.31 67.36
N ILE X 352 78.36 -15.25 68.15
CA ILE X 352 79.17 -15.14 69.36
C ILE X 352 78.71 -16.15 70.40
N THR X 353 77.39 -16.35 70.51
CA THR X 353 76.84 -17.27 71.50
C THR X 353 77.20 -18.71 71.19
N THR X 354 77.05 -19.13 69.94
CA THR X 354 77.39 -20.51 69.59
C THR X 354 78.90 -20.71 69.56
N SER X 355 79.68 -19.63 69.50
CA SER X 355 81.12 -19.77 69.68
C SER X 355 81.45 -20.05 71.14
N ARG X 356 80.81 -19.32 72.06
CA ARG X 356 81.14 -19.44 73.48
C ARG X 356 80.74 -20.78 74.05
N ASP X 357 79.55 -21.26 73.67
CA ASP X 357 79.03 -22.48 74.27
C ASP X 357 79.79 -23.70 73.79
N LYS X 358 80.25 -23.70 72.54
CA LYS X 358 81.10 -24.79 72.08
C LYS X 358 82.50 -24.67 72.67
N PHE X 359 82.93 -23.46 73.01
CA PHE X 359 84.25 -23.27 73.59
C PHE X 359 84.31 -23.73 75.05
N ASP X 360 83.15 -23.90 75.68
CA ASP X 360 83.10 -24.40 77.05
C ASP X 360 83.39 -25.88 77.15
N ASP X 361 83.44 -26.59 76.02
CA ASP X 361 83.88 -27.98 75.99
C ASP X 361 85.38 -28.12 76.13
N ILE X 362 86.13 -27.02 76.00
CA ILE X 362 87.58 -27.08 76.00
C ILE X 362 88.08 -27.30 77.43
N ASN X 363 88.74 -28.42 77.64
CA ASN X 363 89.41 -28.72 78.89
C ASN X 363 90.56 -29.67 78.61
N ASP X 364 91.45 -29.80 79.60
CA ASP X 364 92.71 -30.52 79.42
C ASP X 364 92.54 -32.01 79.19
N ALA X 365 91.37 -32.56 79.51
CA ALA X 365 91.09 -33.96 79.26
C ALA X 365 90.88 -34.28 77.78
N LEU X 366 90.73 -33.25 76.93
CA LEU X 366 90.53 -33.49 75.51
C LEU X 366 91.81 -34.00 74.87
N LYS X 367 91.70 -35.11 74.17
CA LYS X 367 92.81 -35.56 73.35
C LYS X 367 92.94 -34.66 72.12
N LEU X 368 94.12 -34.68 71.52
CA LEU X 368 94.57 -33.54 70.75
C LEU X 368 93.90 -33.43 69.38
N THR X 369 93.45 -34.55 68.80
CA THR X 369 92.66 -34.44 67.57
C THR X 369 91.28 -33.86 67.88
N SER X 370 90.64 -34.36 68.94
CA SER X 370 89.34 -33.85 69.36
C SER X 370 89.40 -32.39 69.83
N PHE X 371 90.58 -31.92 70.25
CA PHE X 371 90.71 -30.51 70.58
C PHE X 371 90.61 -29.63 69.34
N VAL X 372 91.19 -30.08 68.23
CA VAL X 372 91.31 -29.22 67.05
C VAL X 372 89.95 -28.96 66.43
N ILE X 373 89.21 -30.03 66.13
CA ILE X 373 87.89 -29.94 65.52
C ILE X 373 86.93 -29.18 66.44
N ALA X 374 87.09 -29.33 67.75
CA ALA X 374 86.35 -28.48 68.69
C ALA X 374 86.78 -27.03 68.56
N PHE X 375 88.09 -26.77 68.54
CA PHE X 375 88.57 -25.39 68.50
C PHE X 375 88.39 -24.78 67.13
N LYS X 376 88.45 -25.58 66.07
CA LYS X 376 88.15 -25.08 64.73
C LYS X 376 86.68 -24.68 64.63
N GLN X 377 85.80 -25.40 65.32
CA GLN X 377 84.39 -25.04 65.36
C GLN X 377 84.17 -23.73 66.09
N VAL X 378 85.06 -23.37 67.01
CA VAL X 378 84.93 -22.12 67.75
C VAL X 378 85.19 -20.92 66.83
N ILE X 379 86.25 -21.00 66.02
CA ILE X 379 86.69 -19.81 65.31
C ILE X 379 85.93 -19.56 64.01
N GLU X 380 85.24 -20.57 63.47
CA GLU X 380 84.50 -20.37 62.23
C GLU X 380 83.35 -19.36 62.31
N PRO X 381 82.62 -19.18 63.43
CA PRO X 381 81.78 -17.99 63.51
C PRO X 381 82.55 -16.69 63.56
N TRP X 382 83.78 -16.70 64.07
CA TRP X 382 84.54 -15.45 64.15
C TRP X 382 85.05 -14.98 62.80
N ARG X 383 85.03 -15.83 61.77
CA ARG X 383 85.30 -15.34 60.43
C ARG X 383 84.20 -14.41 59.96
N ASP X 384 82.94 -14.75 60.25
CA ASP X 384 81.83 -13.97 59.74
C ASP X 384 81.57 -12.73 60.56
N VAL X 385 81.80 -12.78 61.88
CA VAL X 385 81.64 -11.61 62.71
C VAL X 385 82.70 -10.58 62.37
N GLN X 386 83.90 -11.05 62.06
CA GLN X 386 84.91 -10.18 61.45
C GLN X 386 84.42 -9.63 60.12
N GLY X 387 83.77 -10.47 59.32
CA GLY X 387 83.26 -10.02 58.05
C GLY X 387 82.04 -9.13 58.17
N SER X 388 81.22 -9.34 59.20
CA SER X 388 80.01 -8.55 59.34
C SER X 388 80.33 -7.15 59.84
N ALA X 389 81.27 -7.03 60.78
CA ALA X 389 81.69 -5.71 61.24
C ALA X 389 82.42 -4.96 60.14
N ALA X 390 83.20 -5.69 59.33
CA ALA X 390 83.82 -5.07 58.16
C ALA X 390 82.78 -4.60 57.16
N GLN X 391 81.72 -5.39 56.95
CA GLN X 391 80.60 -4.91 56.17
C GLN X 391 79.82 -3.83 56.88
N LEU X 392 79.96 -3.71 58.19
CA LEU X 392 79.20 -2.68 58.89
C LEU X 392 79.95 -1.37 58.94
N ILE X 393 81.22 -1.39 59.39
CA ILE X 393 81.98 -0.16 59.61
C ILE X 393 82.24 0.56 58.30
N GLN X 394 82.51 -0.19 57.23
CA GLN X 394 82.62 0.39 55.90
C GLN X 394 81.32 1.04 55.47
N THR X 395 80.19 0.42 55.78
CA THR X 395 78.89 0.99 55.50
C THR X 395 78.36 1.84 56.65
N PHE X 396 79.22 2.30 57.54
CA PHE X 396 78.80 3.15 58.64
C PHE X 396 79.40 4.55 58.50
N ASP X 397 80.72 4.64 58.38
CA ASP X 397 81.38 5.94 58.33
C ASP X 397 81.13 6.62 57.00
N GLU X 398 80.93 5.85 55.94
CA GLU X 398 80.62 6.42 54.63
C GLU X 398 79.25 7.08 54.64
N ALA X 399 78.33 6.61 55.47
CA ALA X 399 77.06 7.30 55.61
C ALA X 399 77.13 8.48 56.56
N LEU X 400 78.18 8.57 57.38
CA LEU X 400 78.28 9.68 58.31
C LEU X 400 78.65 10.97 57.60
N ALA X 401 79.73 10.95 56.83
CA ALA X 401 80.15 12.13 56.08
C ALA X 401 79.16 12.48 55.00
N GLU X 402 78.50 11.47 54.43
CA GLU X 402 77.43 11.71 53.46
C GLU X 402 76.23 12.38 54.10
N TYR X 403 75.99 12.12 55.39
CA TYR X 403 74.89 12.77 56.09
C TYR X 403 75.13 14.27 56.27
N LYS X 404 76.38 14.73 56.20
CA LYS X 404 76.68 16.15 56.19
C LYS X 404 76.39 16.82 54.84
N LYS X 405 75.75 16.12 53.92
CA LYS X 405 75.49 16.63 52.58
C LYS X 405 74.00 16.58 52.28
N GLY Y 41 63.26 30.66 -61.64
CA GLY Y 41 64.06 31.37 -60.65
C GLY Y 41 63.42 31.35 -59.27
N ILE Y 42 64.16 31.82 -58.28
CA ILE Y 42 63.64 31.89 -56.91
C ILE Y 42 62.88 33.18 -56.67
N PHE Y 43 63.49 34.29 -57.03
CA PHE Y 43 62.88 35.61 -56.90
C PHE Y 43 61.91 35.79 -58.07
N THR Y 44 60.64 35.50 -57.82
CA THR Y 44 59.65 35.49 -58.89
C THR Y 44 59.22 36.91 -59.23
N LYS Y 45 58.41 37.01 -60.29
CA LYS Y 45 57.87 38.32 -60.67
C LYS Y 45 56.86 38.83 -59.65
N GLY Y 46 56.16 37.92 -58.96
CA GLY Y 46 55.26 38.34 -57.91
C GLY Y 46 55.98 38.85 -56.68
N ASP Y 47 57.22 38.40 -56.47
CA ASP Y 47 58.01 38.92 -55.36
C ASP Y 47 58.33 40.39 -55.58
N LEU Y 48 58.77 40.73 -56.79
CA LEU Y 48 59.21 42.09 -57.09
C LEU Y 48 58.03 43.06 -57.11
N ILE Y 49 56.83 42.56 -57.39
CA ILE Y 49 55.64 43.40 -57.30
C ILE Y 49 55.33 43.71 -55.85
N ASN Y 50 55.41 42.68 -54.98
CA ASN Y 50 55.09 42.83 -53.56
C ASN Y 50 55.99 43.84 -52.87
N ILE Y 51 57.23 43.95 -53.33
CA ILE Y 51 58.09 45.03 -52.85
C ILE Y 51 57.60 46.37 -53.37
N LYS Y 52 57.35 46.45 -54.68
CA LYS Y 52 56.95 47.72 -55.27
C LYS Y 52 55.55 48.12 -54.86
N LEU Y 53 54.71 47.16 -54.47
CA LEU Y 53 53.48 47.51 -53.76
C LEU Y 53 53.80 48.16 -52.43
N TYR Y 54 54.73 47.57 -51.68
CA TYR Y 54 55.11 48.13 -50.39
C TYR Y 54 55.77 49.49 -50.54
N VAL Y 55 56.54 49.69 -51.60
CA VAL Y 55 57.14 50.99 -51.85
C VAL Y 55 56.06 52.01 -52.20
N LYS Y 56 55.06 51.59 -52.97
CA LYS Y 56 54.02 52.51 -53.41
C LYS Y 56 53.17 52.99 -52.24
N HIS Y 57 52.71 52.07 -51.41
CA HIS Y 57 51.84 52.45 -50.31
C HIS Y 57 52.59 53.14 -49.18
N SER Y 58 53.91 52.96 -49.08
CA SER Y 58 54.66 53.62 -48.02
C SER Y 58 54.85 55.09 -48.33
N LEU Y 59 55.04 55.44 -49.60
CA LEU Y 59 55.19 56.83 -49.98
C LEU Y 59 53.91 57.62 -49.80
N GLU Y 60 52.77 56.94 -49.78
CA GLU Y 60 51.50 57.58 -49.44
C GLU Y 60 51.48 58.07 -48.00
N LEU Y 61 52.24 57.43 -47.12
CA LEU Y 61 52.23 57.78 -45.72
C LEU Y 61 52.94 59.11 -45.49
N PRO Y 62 52.41 59.97 -44.62
CA PRO Y 62 53.07 61.24 -44.35
C PRO Y 62 54.29 61.04 -43.47
N PHE Y 63 55.14 62.06 -43.45
CA PHE Y 63 56.36 62.00 -42.65
C PHE Y 63 56.62 63.27 -41.84
N THR Y 64 55.84 64.32 -42.02
CA THR Y 64 55.97 65.48 -41.15
C THR Y 64 55.31 65.18 -39.81
N LEU Y 65 55.61 66.02 -38.83
CA LEU Y 65 54.94 65.90 -37.54
C LEU Y 65 53.46 66.28 -37.66
N GLU Y 66 53.15 67.26 -38.50
CA GLU Y 66 51.75 67.67 -38.68
C GLU Y 66 50.98 66.66 -39.51
N GLY Y 67 51.57 66.20 -40.61
CA GLY Y 67 50.85 65.32 -41.53
C GLY Y 67 50.58 63.95 -40.96
N VAL Y 68 51.50 63.44 -40.14
CA VAL Y 68 51.22 62.22 -39.39
C VAL Y 68 50.12 62.46 -38.38
N LYS Y 69 50.15 63.62 -37.71
CA LYS Y 69 49.16 63.97 -36.70
C LYS Y 69 47.77 64.09 -37.30
N GLU Y 70 47.68 64.52 -38.56
CA GLU Y 70 46.42 64.51 -39.28
C GLU Y 70 46.01 63.10 -39.68
N TYR Y 71 46.99 62.30 -40.12
CA TYR Y 71 46.73 60.94 -40.60
C TYR Y 71 46.23 60.03 -39.50
N ILE Y 72 46.68 60.25 -38.27
CA ILE Y 72 46.23 59.43 -37.16
C ILE Y 72 44.94 59.96 -36.56
N GLY Y 73 44.64 61.24 -36.78
CA GLY Y 73 43.37 61.82 -36.40
C GLY Y 73 43.10 61.92 -34.91
N TYR Y 74 44.11 62.29 -34.12
CA TYR Y 74 43.87 62.52 -32.71
C TYR Y 74 44.89 63.51 -32.16
N ASN Y 75 44.87 63.65 -30.83
CA ASN Y 75 45.84 64.43 -30.08
C ASN Y 75 46.09 63.71 -28.76
N ASP Y 76 47.31 63.18 -28.58
CA ASP Y 76 47.88 62.81 -27.28
C ASP Y 76 47.06 61.73 -26.56
N ILE Y 77 47.22 60.50 -27.06
CA ILE Y 77 46.74 59.30 -26.36
C ILE Y 77 47.24 59.31 -24.92
N ASP Y 78 46.39 58.84 -24.00
CA ASP Y 78 46.80 58.67 -22.61
C ASP Y 78 47.92 57.65 -22.46
N ILE Y 79 47.97 56.64 -23.33
CA ILE Y 79 49.03 55.64 -23.23
C ILE Y 79 50.23 56.14 -24.01
N ASP Y 80 51.39 55.56 -23.72
CA ASP Y 80 52.65 56.15 -24.15
C ASP Y 80 52.98 55.78 -25.58
N GLY Y 81 52.76 54.52 -25.96
CA GLY Y 81 53.27 54.00 -27.22
C GLY Y 81 52.58 54.56 -28.45
N LEU Y 82 51.44 55.22 -28.30
CA LEU Y 82 50.71 55.75 -29.44
C LEU Y 82 50.77 57.28 -29.48
N LYS Y 83 51.68 57.88 -28.74
CA LYS Y 83 51.85 59.31 -28.77
C LYS Y 83 52.49 59.72 -30.10
N PRO Y 84 52.06 60.84 -30.70
CA PRO Y 84 52.44 61.12 -32.09
C PRO Y 84 53.90 61.44 -32.31
N ALA Y 85 54.63 61.82 -31.26
CA ALA Y 85 56.06 62.01 -31.40
C ALA Y 85 56.77 60.70 -31.67
N LYS Y 86 56.29 59.61 -31.06
CA LYS Y 86 56.78 58.29 -31.43
C LYS Y 86 56.33 57.91 -32.83
N MET Y 87 55.10 58.31 -33.19
CA MET Y 87 54.52 57.87 -34.46
C MET Y 87 55.21 58.55 -35.63
N ALA Y 88 55.42 59.86 -35.52
CA ALA Y 88 56.08 60.61 -36.59
C ALA Y 88 57.54 60.20 -36.73
N THR Y 89 58.15 59.70 -35.66
CA THR Y 89 59.44 59.05 -35.78
C THR Y 89 59.33 57.77 -36.58
N LEU Y 90 58.23 57.04 -36.38
CA LEU Y 90 58.11 55.71 -36.99
C LEU Y 90 57.84 55.82 -38.49
N PHE Y 91 56.97 56.73 -38.89
CA PHE Y 91 56.69 56.90 -40.32
C PHE Y 91 57.88 57.48 -41.06
N LYS Y 92 58.64 58.36 -40.40
CA LYS Y 92 59.83 58.92 -41.02
C LYS Y 92 60.88 57.83 -41.26
N GLU Y 93 60.91 56.81 -40.41
CA GLU Y 93 61.74 55.65 -40.71
C GLU Y 93 61.21 54.90 -41.92
N ILE Y 94 59.89 54.82 -42.06
CA ILE Y 94 59.30 54.10 -43.20
C ILE Y 94 59.47 54.91 -44.47
N HIS Y 95 59.23 56.22 -44.39
CA HIS Y 95 59.35 57.09 -45.55
C HIS Y 95 60.79 57.16 -46.06
N ASP Y 96 61.76 57.04 -45.16
CA ASP Y 96 63.14 56.92 -45.59
C ASP Y 96 63.45 55.52 -46.08
N HIS Y 97 62.76 54.52 -45.54
CA HIS Y 97 62.95 53.15 -46.01
C HIS Y 97 62.41 52.98 -47.42
N ALA Y 98 61.34 53.69 -47.76
CA ALA Y 98 60.75 53.55 -49.08
C ALA Y 98 61.61 54.21 -50.15
N LEU Y 99 62.15 55.39 -49.85
CA LEU Y 99 62.93 56.13 -50.83
C LEU Y 99 64.24 55.45 -51.17
N SER Y 100 64.71 54.53 -50.33
CA SER Y 100 65.95 53.82 -50.62
C SER Y 100 65.78 52.85 -51.78
N TRP Y 101 64.56 52.34 -52.01
CA TRP Y 101 64.35 51.27 -52.95
C TRP Y 101 64.60 51.68 -54.40
N SER Y 102 64.34 52.95 -54.72
CA SER Y 102 64.65 53.47 -56.05
C SER Y 102 66.13 53.37 -56.35
N GLY Y 103 66.97 53.62 -55.35
CA GLY Y 103 68.38 53.36 -55.51
C GLY Y 103 68.69 51.87 -55.55
N VAL Y 104 67.97 51.09 -54.74
CA VAL Y 104 68.29 49.67 -54.60
C VAL Y 104 67.95 48.92 -55.89
N GLU Y 105 66.72 49.10 -56.38
CA GLU Y 105 66.26 48.37 -57.55
C GLU Y 105 67.05 48.73 -58.80
N SER Y 106 67.46 49.99 -58.90
CA SER Y 106 68.34 50.40 -59.99
C SER Y 106 69.71 49.75 -59.86
N LYS Y 107 70.20 49.56 -58.64
CA LYS Y 107 71.44 48.83 -58.45
C LYS Y 107 71.29 47.35 -58.74
N VAL Y 108 70.12 46.79 -58.46
CA VAL Y 108 69.89 45.38 -58.75
C VAL Y 108 69.82 45.16 -60.25
N GLN Y 109 69.12 46.04 -60.96
CA GLN Y 109 68.91 45.87 -62.39
C GLN Y 109 70.20 46.05 -63.17
N GLN Y 110 70.90 47.16 -62.93
CA GLN Y 110 72.08 47.50 -63.73
C GLN Y 110 73.22 46.53 -63.48
N GLN Y 111 73.32 45.99 -62.27
CA GLN Y 111 74.35 45.00 -62.00
C GLN Y 111 74.05 43.67 -62.68
N SER Y 112 72.78 43.24 -62.64
CA SER Y 112 72.45 41.92 -63.16
C SER Y 112 72.55 41.86 -64.68
N ILE Y 113 72.40 43.01 -65.35
CA ILE Y 113 72.73 43.09 -66.77
C ILE Y 113 74.21 42.83 -66.97
N ASP Y 114 75.05 43.43 -66.14
CA ASP Y 114 76.49 43.23 -66.24
C ASP Y 114 76.89 41.83 -65.86
N LEU Y 115 76.14 41.20 -64.94
CA LEU Y 115 76.40 39.81 -64.60
C LEU Y 115 76.06 38.87 -65.74
N GLU Y 116 75.16 39.27 -66.64
CA GLU Y 116 74.89 38.46 -67.82
C GLU Y 116 75.97 38.68 -68.88
N ASN Y 117 76.35 39.94 -69.11
CA ASN Y 117 77.33 40.28 -70.14
C ASN Y 117 78.71 39.72 -69.80
N ALA Y 118 79.12 39.85 -68.54
CA ALA Y 118 80.31 39.15 -68.10
C ALA Y 118 80.06 37.65 -68.00
N GLY Y 119 78.82 37.24 -67.75
CA GLY Y 119 78.51 35.84 -67.64
C GLY Y 119 78.58 35.08 -68.94
N LYS Y 120 78.57 35.78 -70.07
CA LYS Y 120 78.68 35.14 -71.38
C LYS Y 120 80.07 35.28 -71.97
N GLN Y 121 80.63 36.48 -71.92
CA GLN Y 121 81.92 36.76 -72.55
C GLN Y 121 83.05 35.98 -71.88
N ILE Y 122 82.96 35.78 -70.57
CA ILE Y 122 83.87 34.87 -69.90
C ILE Y 122 83.58 33.43 -70.32
N THR Y 123 82.30 33.07 -70.38
CA THR Y 123 81.93 31.70 -70.69
C THR Y 123 82.20 31.37 -72.15
N LEU Y 124 82.10 32.35 -73.04
CA LEU Y 124 82.54 32.14 -74.42
C LEU Y 124 84.04 31.93 -74.51
N THR Y 125 84.81 32.74 -73.78
CA THR Y 125 86.26 32.59 -73.82
C THR Y 125 86.70 31.32 -73.11
N GLY Y 126 86.08 31.02 -71.96
CA GLY Y 126 86.55 29.90 -71.16
C GLY Y 126 86.23 28.55 -71.75
N ASP Y 127 85.08 28.42 -72.40
CA ASP Y 127 84.73 27.15 -73.01
C ASP Y 127 85.58 26.86 -74.24
N GLU Y 128 86.00 27.91 -74.96
CA GLU Y 128 86.90 27.72 -76.08
C GLU Y 128 88.28 27.28 -75.62
N ILE Y 129 88.73 27.76 -74.47
CA ILE Y 129 90.08 27.42 -74.01
C ILE Y 129 90.15 25.97 -73.56
N ILE Y 130 89.13 25.49 -72.83
CA ILE Y 130 89.11 24.10 -72.38
C ILE Y 130 88.96 23.15 -73.57
N SER Y 131 88.30 23.61 -74.63
CA SER Y 131 88.16 22.78 -75.82
C SER Y 131 89.48 22.63 -76.57
N VAL Y 132 90.18 23.75 -76.79
CA VAL Y 132 91.38 23.69 -77.64
C VAL Y 132 92.57 23.06 -76.95
N ILE Y 133 92.59 22.99 -75.62
CA ILE Y 133 93.71 22.33 -74.97
C ILE Y 133 93.55 20.83 -75.04
N ASP Y 134 92.32 20.33 -75.09
CA ASP Y 134 92.07 18.91 -75.31
C ASP Y 134 92.49 18.45 -76.70
N GLN Y 135 92.69 19.36 -77.65
CA GLN Y 135 93.33 19.03 -78.91
C GLN Y 135 94.78 18.57 -78.70
N MET Y 136 95.48 19.15 -77.73
CA MET Y 136 96.81 18.69 -77.41
C MET Y 136 96.74 17.31 -76.75
N PRO Y 137 97.70 16.43 -77.04
CA PRO Y 137 97.70 15.11 -76.40
C PRO Y 137 98.21 15.19 -74.97
N ILE Y 138 97.80 14.18 -74.19
CA ILE Y 138 98.12 14.14 -72.76
C ILE Y 138 99.61 13.91 -72.53
N ILE Y 139 100.31 13.28 -73.48
CA ILE Y 139 101.75 13.08 -73.33
C ILE Y 139 102.50 14.39 -73.49
N GLU Y 140 102.13 15.20 -74.48
CA GLU Y 140 102.76 16.50 -74.69
C GLU Y 140 102.21 17.55 -73.74
N ARG Y 141 101.10 17.26 -73.06
CA ARG Y 141 100.46 18.24 -72.20
C ARG Y 141 101.32 18.56 -70.99
N VAL Y 142 101.95 17.54 -70.40
CA VAL Y 142 102.68 17.72 -69.16
C VAL Y 142 104.00 18.44 -69.43
N LYS Y 143 104.62 18.17 -70.59
CA LYS Y 143 105.87 18.83 -70.96
C LYS Y 143 105.69 20.32 -71.21
N ASN Y 144 104.47 20.76 -71.53
CA ASN Y 144 104.19 22.18 -71.65
C ASN Y 144 103.66 22.73 -70.33
N LYS Y 145 103.93 24.01 -70.12
CA LYS Y 145 103.45 24.76 -68.97
C LYS Y 145 102.52 25.88 -69.45
N LEU Y 146 102.02 26.66 -68.51
CA LEU Y 146 101.15 27.78 -68.86
C LEU Y 146 101.92 28.88 -69.57
N GLY Y 147 103.16 29.16 -69.10
CA GLY Y 147 103.97 30.20 -69.69
C GLY Y 147 104.42 29.91 -71.12
N ASP Y 148 104.33 28.65 -71.55
CA ASP Y 148 104.61 28.31 -72.94
C ASP Y 148 103.55 28.85 -73.90
N LEU Y 149 102.35 29.14 -73.40
CA LEU Y 149 101.24 29.51 -74.27
C LEU Y 149 100.72 30.92 -73.97
N THR Y 150 101.51 31.74 -73.29
CA THR Y 150 101.15 33.13 -73.04
C THR Y 150 101.68 34.07 -74.11
N ASP Y 151 101.88 33.57 -75.32
CA ASP Y 151 102.61 34.30 -76.34
C ASP Y 151 101.77 34.72 -77.54
N LYS Y 152 100.54 34.24 -77.65
CA LYS Y 152 99.77 34.45 -78.88
C LYS Y 152 98.29 34.35 -78.56
N GLN Y 153 97.48 34.73 -79.55
CA GLN Y 153 96.06 34.46 -79.53
C GLN Y 153 95.85 32.99 -79.84
N LEU Y 154 95.72 32.18 -78.77
CA LEU Y 154 95.67 30.73 -78.90
C LEU Y 154 94.38 30.30 -79.55
N ALA Y 155 94.47 29.87 -80.82
CA ALA Y 155 93.36 29.32 -81.62
C ALA Y 155 92.21 30.32 -81.74
N GLU Y 156 92.55 31.55 -82.15
CA GLU Y 156 91.71 32.73 -82.33
C GLU Y 156 90.69 32.97 -81.21
N ILE Y 157 91.06 32.65 -79.98
CA ILE Y 157 90.22 32.88 -78.82
C ILE Y 157 90.50 34.28 -78.31
N THR Y 158 89.46 35.09 -78.20
CA THR Y 158 89.62 36.45 -77.70
C THR Y 158 88.67 36.69 -76.54
N TYR Y 159 88.70 37.92 -76.03
CA TYR Y 159 87.87 38.30 -74.89
C TYR Y 159 87.66 39.80 -74.93
N THR Y 160 86.47 40.24 -74.50
CA THR Y 160 86.15 41.65 -74.38
C THR Y 160 85.90 41.96 -72.91
N ASN Y 161 86.52 43.03 -72.42
CA ASN Y 161 86.47 43.36 -71.01
C ASN Y 161 85.17 44.07 -70.66
N ASP Y 162 85.11 44.62 -69.45
CA ASP Y 162 84.01 45.50 -69.06
C ASP Y 162 84.11 46.83 -69.78
N ASP Y 163 85.31 47.24 -70.15
CA ASP Y 163 85.57 48.55 -70.76
C ASP Y 163 85.38 48.55 -72.27
N LYS Y 164 84.72 47.52 -72.81
CA LYS Y 164 84.43 47.34 -74.23
C LYS Y 164 85.68 47.29 -75.11
N GLU Y 165 86.83 46.96 -74.53
CA GLU Y 165 88.05 46.74 -75.30
C GLU Y 165 88.32 45.26 -75.42
N ILE Y 166 89.08 44.91 -76.43
CA ILE Y 166 89.27 43.50 -76.79
C ILE Y 166 90.64 43.06 -76.33
N ALA Y 167 90.77 41.76 -76.04
CA ALA Y 167 92.03 41.15 -75.68
C ALA Y 167 92.11 39.80 -76.35
N VAL Y 168 93.28 39.48 -76.91
CA VAL Y 168 93.43 38.33 -77.80
C VAL Y 168 94.39 37.29 -77.23
N GLU Y 169 95.48 37.70 -76.61
CA GLU Y 169 96.48 36.72 -76.18
C GLU Y 169 96.13 36.13 -74.83
N LEU Y 170 96.54 34.87 -74.64
CA LEU Y 170 96.22 34.13 -73.43
C LEU Y 170 96.89 34.76 -72.21
N GLY Y 171 98.10 35.29 -72.37
CA GLY Y 171 98.76 36.01 -71.31
C GLY Y 171 98.14 37.36 -71.00
N ASN Y 172 97.29 37.87 -71.89
CA ASN Y 172 96.61 39.14 -71.65
C ASN Y 172 95.15 38.97 -71.27
N ILE Y 173 94.49 37.91 -71.76
CA ILE Y 173 93.10 37.66 -71.41
C ILE Y 173 92.98 37.26 -69.94
N LEU Y 174 93.84 36.33 -69.51
CA LEU Y 174 93.80 35.85 -68.12
C LEU Y 174 94.12 36.96 -67.13
N GLU Y 175 94.92 37.94 -67.54
CA GLU Y 175 95.16 39.09 -66.69
C GLU Y 175 94.04 40.11 -66.78
N SER Y 176 93.39 40.23 -67.94
CA SER Y 176 92.25 41.12 -68.06
C SER Y 176 91.03 40.56 -67.35
N MET Y 177 90.85 39.24 -67.43
CA MET Y 177 89.75 38.60 -66.73
C MET Y 177 89.93 38.65 -65.22
N LYS Y 178 91.18 38.64 -64.75
CA LYS Y 178 91.47 38.73 -63.33
C LYS Y 178 91.07 40.09 -62.78
N LYS Y 179 91.26 41.15 -63.58
CA LYS Y 179 90.81 42.47 -63.17
C LYS Y 179 89.28 42.54 -63.19
N ASP Y 180 88.66 41.86 -64.16
CA ASP Y 180 87.22 42.00 -64.34
C ASP Y 180 86.43 41.24 -63.29
N ILE Y 181 86.87 40.03 -62.96
CA ILE Y 181 86.23 39.27 -61.89
C ILE Y 181 86.40 39.98 -60.56
N LYS Y 182 87.58 40.56 -60.33
CA LYS Y 182 87.80 41.38 -59.14
C LYS Y 182 86.91 42.61 -59.14
N ARG Y 183 86.61 43.13 -60.33
CA ARG Y 183 85.74 44.28 -60.46
C ARG Y 183 84.27 43.94 -60.27
N GLN Y 184 83.87 42.72 -60.62
CA GLN Y 184 82.48 42.30 -60.48
C GLN Y 184 82.13 41.91 -59.06
N GLN Y 185 83.11 41.43 -58.29
CA GLN Y 185 82.84 41.07 -56.90
C GLN Y 185 82.58 42.31 -56.06
N GLU Y 186 83.42 43.32 -56.20
CA GLU Y 186 83.27 44.53 -55.41
C GLU Y 186 82.07 45.36 -55.83
N ASN Y 187 81.60 45.19 -57.07
CA ASN Y 187 80.29 45.72 -57.42
C ASN Y 187 79.19 44.90 -56.76
N THR Y 188 79.35 43.58 -56.72
CA THR Y 188 78.31 42.71 -56.18
C THR Y 188 78.18 42.88 -54.68
N GLN Y 189 79.30 43.09 -53.99
CA GLN Y 189 79.24 43.34 -52.55
C GLN Y 189 78.59 44.66 -52.24
N LYS Y 190 78.75 45.66 -53.10
CA LYS Y 190 77.98 46.90 -52.96
C LYS Y 190 76.49 46.66 -53.19
N VAL Y 191 76.14 45.67 -54.01
CA VAL Y 191 74.73 45.36 -54.23
C VAL Y 191 74.15 44.64 -53.03
N LYS Y 192 74.82 43.56 -52.60
CA LYS Y 192 74.31 42.73 -51.52
C LYS Y 192 74.25 43.48 -50.20
N THR Y 193 75.13 44.45 -50.02
CA THR Y 193 75.04 45.34 -48.88
C THR Y 193 73.74 46.14 -48.89
N ALA Y 194 73.44 46.77 -50.02
CA ALA Y 194 72.24 47.61 -50.10
C ALA Y 194 70.96 46.80 -50.07
N VAL Y 195 71.01 45.56 -50.57
CA VAL Y 195 69.87 44.66 -50.42
C VAL Y 195 69.66 44.32 -48.96
N SER Y 196 70.73 43.84 -48.30
CA SER Y 196 70.62 43.43 -46.91
C SER Y 196 70.39 44.62 -45.99
N ASP Y 197 70.88 45.79 -46.35
CA ASP Y 197 70.52 47.00 -45.60
C ASP Y 197 69.03 47.29 -45.76
N PHE Y 198 68.48 47.02 -46.94
CA PHE Y 198 67.06 47.26 -47.15
C PHE Y 198 66.23 46.20 -46.44
N LYS Y 199 66.71 44.96 -46.40
CA LYS Y 199 65.98 43.92 -45.70
C LYS Y 199 66.05 44.11 -44.20
N LEU Y 200 67.26 44.26 -43.67
CA LEU Y 200 67.43 44.28 -42.23
C LEU Y 200 67.01 45.60 -41.60
N LYS Y 201 66.71 46.62 -42.39
CA LYS Y 201 66.01 47.77 -41.82
C LYS Y 201 64.53 47.46 -41.67
N LEU Y 202 64.01 46.56 -42.52
CA LEU Y 202 62.61 46.16 -42.42
C LEU Y 202 62.39 45.13 -41.33
N ILE Y 203 63.13 44.03 -41.37
CA ILE Y 203 62.90 42.97 -40.41
C ILE Y 203 63.66 43.21 -39.10
N GLY Y 204 64.81 43.84 -39.15
CA GLY Y 204 65.53 44.13 -37.93
C GLY Y 204 66.81 43.35 -37.82
N GLY Y 205 67.71 43.86 -36.98
CA GLY Y 205 68.99 43.23 -36.77
C GLY Y 205 70.14 44.19 -37.01
N GLU Y 206 71.34 43.66 -37.19
CA GLU Y 206 72.50 44.51 -37.42
C GLU Y 206 72.54 44.94 -38.88
N LEU Y 207 72.70 46.23 -39.12
CA LEU Y 207 72.85 46.73 -40.47
C LEU Y 207 74.31 46.56 -40.92
N SER Y 208 74.66 47.18 -42.05
CA SER Y 208 76.03 47.07 -42.53
C SER Y 208 76.97 47.92 -41.72
N ASP Y 209 76.51 49.06 -41.21
CA ASP Y 209 77.37 49.92 -40.41
C ASP Y 209 77.65 49.34 -39.03
N GLY Y 210 76.76 48.48 -38.54
CA GLY Y 210 76.80 47.99 -37.18
C GLY Y 210 75.66 48.46 -36.32
N THR Y 211 74.82 49.35 -36.84
CA THR Y 211 73.66 49.82 -36.09
C THR Y 211 72.62 48.72 -36.04
N ILE Y 212 72.22 48.33 -34.83
CA ILE Y 212 71.03 47.52 -34.69
C ILE Y 212 69.83 48.40 -35.01
N ALA Y 213 69.06 48.01 -36.03
CA ALA Y 213 67.84 48.69 -36.39
C ALA Y 213 66.68 47.86 -35.89
N GLN Y 214 65.78 48.49 -35.14
CA GLN Y 214 64.53 47.85 -34.79
C GLN Y 214 63.73 47.57 -36.05
N GLY Y 215 63.11 46.40 -36.11
CA GLY Y 215 62.44 45.99 -37.33
C GLY Y 215 61.19 46.78 -37.58
N LEU Y 216 60.95 47.11 -38.85
CA LEU Y 216 59.74 47.84 -39.19
C LEU Y 216 58.51 46.97 -39.05
N GLN Y 217 58.63 45.69 -39.39
CA GLN Y 217 57.50 44.76 -39.20
C GLN Y 217 57.09 44.58 -37.73
N PRO Y 218 57.99 44.38 -36.76
CA PRO Y 218 57.50 44.37 -35.38
C PRO Y 218 57.11 45.73 -34.85
N GLN Y 219 57.72 46.82 -35.34
CA GLN Y 219 57.30 48.14 -34.92
C GLN Y 219 55.87 48.44 -35.32
N ILE Y 220 55.40 47.89 -36.44
CA ILE Y 220 53.98 47.97 -36.73
C ILE Y 220 53.21 47.06 -35.80
N SER Y 221 53.72 45.84 -35.60
CA SER Y 221 53.04 44.89 -34.73
C SER Y 221 53.09 45.30 -33.26
N SER Y 222 54.04 46.14 -32.88
CA SER Y 222 54.03 46.69 -31.53
C SER Y 222 52.87 47.65 -31.36
N LYS Y 223 52.69 48.56 -32.31
CA LYS Y 223 51.62 49.54 -32.19
C LYS Y 223 50.26 48.88 -32.37
N LYS Y 224 50.18 47.91 -33.28
CA LYS Y 224 48.92 47.21 -33.54
C LYS Y 224 48.48 46.40 -32.33
N LYS Y 225 49.44 45.87 -31.57
CA LYS Y 225 49.11 45.24 -30.30
C LYS Y 225 48.65 46.26 -29.28
N LEU Y 226 49.20 47.47 -29.33
CA LEU Y 226 48.77 48.50 -28.39
C LEU Y 226 47.37 49.00 -28.70
N MET Y 227 46.97 48.99 -29.97
CA MET Y 227 45.65 49.47 -30.32
C MET Y 227 44.56 48.50 -29.95
N ASP Y 228 44.90 47.23 -29.75
CA ASP Y 228 43.92 46.26 -29.28
C ASP Y 228 43.79 46.31 -27.77
N ASP Y 229 44.90 46.43 -27.06
CA ASP Y 229 44.88 46.56 -25.60
C ASP Y 229 44.64 48.03 -25.29
N ASN Y 230 43.37 48.38 -25.12
CA ASN Y 230 43.05 49.75 -24.73
C ASN Y 230 41.81 49.75 -23.84
N ASN Y 231 41.81 50.68 -22.89
CA ASN Y 231 40.71 50.86 -21.95
C ASN Y 231 39.58 51.71 -22.50
N LEU Y 232 39.61 52.01 -23.79
CA LEU Y 232 38.68 52.98 -24.35
C LEU Y 232 37.26 52.46 -24.38
N SER Y 233 37.09 51.13 -24.50
CA SER Y 233 35.78 50.55 -24.33
C SER Y 233 35.40 50.40 -22.87
N THR Y 234 36.30 50.72 -21.94
CA THR Y 234 36.03 50.60 -20.51
C THR Y 234 35.88 51.96 -19.85
N THR Y 235 36.80 52.89 -20.12
CA THR Y 235 36.77 54.20 -19.49
C THR Y 235 35.56 55.02 -19.90
N ILE Y 236 35.11 54.86 -21.15
CA ILE Y 236 33.87 55.51 -21.58
C ILE Y 236 32.69 54.97 -20.79
N LYS Y 237 32.67 53.67 -20.54
CA LYS Y 237 31.67 53.12 -19.66
C LYS Y 237 31.89 53.56 -18.22
N ASP Y 238 33.16 53.79 -17.84
CA ASP Y 238 33.44 54.27 -16.49
C ASP Y 238 33.07 55.73 -16.33
N LEU Y 239 33.32 56.55 -17.36
CA LEU Y 239 32.95 57.95 -17.27
C LEU Y 239 31.44 58.14 -17.39
N GLN Y 240 30.76 57.32 -18.19
CA GLN Y 240 29.31 57.41 -18.22
C GLN Y 240 28.67 56.86 -16.96
N SER Y 241 29.41 56.09 -16.16
CA SER Y 241 28.93 55.76 -14.83
C SER Y 241 28.97 56.99 -13.93
N LYS Y 242 30.04 57.77 -14.01
CA LYS Y 242 30.17 58.92 -13.13
C LYS Y 242 29.26 60.07 -13.54
N ILE Y 243 29.02 60.23 -14.84
CA ILE Y 243 28.09 61.26 -15.29
C ILE Y 243 26.68 60.93 -14.87
N ASP Y 244 26.27 59.66 -15.03
CA ASP Y 244 24.98 59.23 -14.54
C ASP Y 244 24.93 59.18 -13.02
N GLU Y 245 26.09 59.09 -12.36
CA GLU Y 245 26.13 59.30 -10.93
C GLU Y 245 25.91 60.76 -10.58
N LYS Y 246 26.65 61.65 -11.25
CA LYS Y 246 26.54 63.06 -10.93
C LYS Y 246 25.26 63.70 -11.46
N ASN Y 247 24.62 63.09 -12.45
CA ASN Y 247 23.30 63.59 -12.84
C ASN Y 247 22.27 63.31 -11.76
N LYS Y 248 22.43 62.21 -11.02
CA LYS Y 248 21.50 61.90 -9.95
C LYS Y 248 21.62 62.90 -8.80
N GLU Y 249 22.81 63.47 -8.60
CA GLU Y 249 22.97 64.53 -7.61
C GLU Y 249 22.35 65.84 -8.09
N ILE Y 250 22.55 66.17 -9.36
CA ILE Y 250 22.00 67.40 -9.92
C ILE Y 250 20.48 67.32 -9.95
N ASP Y 251 19.94 66.16 -10.32
CA ASP Y 251 18.50 65.96 -10.29
C ASP Y 251 17.96 65.93 -8.86
N GLN Y 252 18.83 65.78 -7.88
CA GLN Y 252 18.44 65.88 -6.48
C GLN Y 252 18.58 67.30 -5.95
N PHE Y 253 19.58 68.04 -6.41
CA PHE Y 253 19.76 69.40 -5.92
C PHE Y 253 18.72 70.36 -6.47
N GLN Y 254 18.15 70.04 -7.63
CA GLN Y 254 17.01 70.81 -8.13
C GLN Y 254 15.82 70.66 -7.21
N LYS Y 255 15.63 69.46 -6.65
CA LYS Y 255 14.61 69.26 -5.63
C LYS Y 255 14.93 70.05 -4.37
N ASP Y 256 16.22 70.22 -4.05
CA ASP Y 256 16.58 70.97 -2.86
C ASP Y 256 16.31 72.46 -3.04
N TYR Y 257 16.77 73.01 -4.17
CA TYR Y 257 16.57 74.44 -4.42
C TYR Y 257 15.11 74.78 -4.61
N ASN Y 258 14.32 73.84 -5.12
CA ASN Y 258 12.89 74.06 -5.20
C ASN Y 258 12.19 73.83 -3.87
N LYS Y 259 12.93 73.38 -2.84
CA LYS Y 259 12.35 73.21 -1.52
C LYS Y 259 12.77 74.31 -0.56
N TYR Y 260 14.06 74.65 -0.53
CA TYR Y 260 14.54 75.69 0.38
C TYR Y 260 13.96 77.05 0.04
N VAL Y 261 13.86 77.36 -1.26
CA VAL Y 261 13.24 78.61 -1.70
C VAL Y 261 11.75 78.60 -1.33
N GLY Y 262 11.12 77.42 -1.39
CA GLY Y 262 9.79 77.28 -0.84
C GLY Y 262 9.76 77.51 0.65
N LEU Y 263 10.79 77.06 1.36
CA LEU Y 263 10.86 77.33 2.79
C LEU Y 263 11.25 78.77 3.08
N ALA Y 264 12.09 79.36 2.23
CA ALA Y 264 12.62 80.70 2.50
C ALA Y 264 11.56 81.78 2.36
N PHE Y 265 10.46 81.50 1.66
CA PHE Y 265 9.38 82.46 1.51
C PHE Y 265 8.31 82.29 2.59
N SER Y 266 8.71 81.81 3.76
CA SER Y 266 7.74 81.55 4.83
C SER Y 266 7.24 82.82 5.48
N GLY Y 267 8.14 83.79 5.69
CA GLY Y 267 7.99 84.82 6.70
C GLY Y 267 6.80 85.76 6.65
N MET Y 268 6.69 86.53 5.58
CA MET Y 268 5.85 87.74 5.57
C MET Y 268 4.35 87.49 5.57
N VAL Y 269 3.82 86.30 5.83
CA VAL Y 269 2.36 86.17 5.96
C VAL Y 269 1.86 86.92 7.19
N GLY Y 270 2.48 86.72 8.34
CA GLY Y 270 2.29 87.61 9.46
C GLY Y 270 3.61 88.02 10.08
N GLY Y 271 4.63 87.21 9.85
CA GLY Y 271 5.95 87.37 10.43
C GLY Y 271 6.96 88.13 9.61
N ILE Y 272 6.82 89.46 9.53
CA ILE Y 272 7.84 90.30 8.89
C ILE Y 272 9.18 90.15 9.58
N ILE Y 273 9.17 89.98 10.91
CA ILE Y 273 10.38 89.67 11.65
C ILE Y 273 10.90 88.29 11.28
N SER Y 274 9.99 87.33 11.10
CA SER Y 274 10.40 85.97 10.75
C SER Y 274 10.86 85.84 9.31
N TRP Y 275 10.60 86.84 8.48
CA TRP Y 275 11.07 86.84 7.10
C TRP Y 275 12.60 86.83 7.05
N ALA Y 276 13.23 87.63 7.90
CA ALA Y 276 14.68 87.58 8.01
C ALA Y 276 15.16 86.34 8.75
N ILE Y 277 14.30 85.69 9.53
CA ILE Y 277 14.72 84.52 10.29
C ILE Y 277 14.91 83.33 9.37
N THR Y 278 13.82 82.89 8.72
CA THR Y 278 13.91 81.71 7.88
C THR Y 278 14.64 82.01 6.58
N GLY Y 279 14.54 83.24 6.10
CA GLY Y 279 15.37 83.65 4.97
C GLY Y 279 16.84 83.66 5.32
N GLY Y 280 17.17 83.95 6.58
CA GLY Y 280 18.55 83.80 7.01
C GLY Y 280 18.95 82.33 7.12
N ILE Y 281 18.02 81.50 7.55
CA ILE Y 281 18.31 80.07 7.70
C ILE Y 281 18.34 79.38 6.35
N PHE Y 282 17.24 79.46 5.62
CA PHE Y 282 17.07 78.65 4.42
C PHE Y 282 17.58 79.32 3.17
N GLY Y 283 17.54 80.66 3.12
CA GLY Y 283 18.02 81.37 1.94
C GLY Y 283 19.51 81.26 1.74
N ASP Y 284 20.26 81.03 2.81
CA ASP Y 284 21.64 80.60 2.67
C ASP Y 284 21.71 79.23 2.03
N LYS Y 285 20.92 78.28 2.56
CA LYS Y 285 21.01 76.91 2.09
C LYS Y 285 20.40 76.75 0.72
N ALA Y 286 19.44 77.61 0.36
CA ALA Y 286 19.01 77.71 -1.02
C ALA Y 286 20.14 78.19 -1.91
N GLU Y 287 20.88 79.20 -1.44
CA GLU Y 287 21.98 79.74 -2.24
C GLU Y 287 23.13 78.76 -2.32
N LYS Y 288 23.40 78.03 -1.24
CA LYS Y 288 24.51 77.09 -1.24
C LYS Y 288 24.22 75.89 -2.15
N ALA Y 289 22.99 75.37 -2.09
CA ALA Y 289 22.63 74.27 -2.98
C ALA Y 289 22.60 74.71 -4.44
N ARG Y 290 22.24 75.97 -4.68
CA ARG Y 290 22.29 76.49 -6.04
C ARG Y 290 23.73 76.64 -6.52
N LYS Y 291 24.65 76.97 -5.61
CA LYS Y 291 26.06 77.02 -6.00
C LYS Y 291 26.62 75.63 -6.24
N GLN Y 292 26.09 74.63 -5.54
CA GLN Y 292 26.40 73.25 -5.90
C GLN Y 292 25.79 72.91 -7.25
N LYS Y 293 24.59 73.43 -7.52
CA LYS Y 293 23.96 73.27 -8.82
C LYS Y 293 24.72 74.03 -9.90
N ASN Y 294 25.34 75.15 -9.56
CA ASN Y 294 26.22 75.81 -10.51
C ASN Y 294 27.45 74.96 -10.81
N LYS Y 295 28.04 74.37 -9.77
CA LYS Y 295 29.33 73.72 -9.92
C LYS Y 295 29.21 72.38 -10.63
N LEU Y 296 28.20 71.59 -10.29
CA LEU Y 296 28.15 70.21 -10.79
C LEU Y 296 27.73 70.16 -12.24
N ILE Y 297 26.82 71.04 -12.66
CA ILE Y 297 26.40 71.10 -14.06
C ILE Y 297 27.58 71.49 -14.94
N ASP Y 298 28.42 72.40 -14.45
CA ASP Y 298 29.64 72.75 -15.17
C ASP Y 298 30.63 71.59 -15.19
N GLU Y 299 30.61 70.75 -14.17
CA GLU Y 299 31.50 69.59 -14.18
C GLU Y 299 31.00 68.51 -15.12
N VAL Y 300 29.69 68.25 -15.10
CA VAL Y 300 29.10 67.25 -15.99
C VAL Y 300 29.25 67.67 -17.44
N LYS Y 301 29.11 68.97 -17.72
CA LYS Y 301 29.41 69.51 -19.03
C LYS Y 301 30.87 69.30 -19.41
N ASP Y 302 31.76 69.36 -18.43
CA ASP Y 302 33.16 69.05 -18.71
C ASP Y 302 33.41 67.56 -18.77
N LEU Y 303 32.69 66.77 -17.97
CA LEU Y 303 32.86 65.32 -18.04
C LEU Y 303 32.25 64.73 -19.30
N GLN Y 304 31.16 65.32 -19.79
CA GLN Y 304 30.60 64.89 -21.06
C GLN Y 304 31.57 65.18 -22.20
N SER Y 305 32.31 66.29 -22.10
CA SER Y 305 33.26 66.67 -23.13
C SER Y 305 34.43 65.70 -23.20
N GLN Y 306 34.79 65.07 -22.09
CA GLN Y 306 35.80 64.03 -22.14
C GLN Y 306 35.28 62.79 -22.85
N VAL Y 307 34.00 62.46 -22.62
CA VAL Y 307 33.41 61.29 -23.26
C VAL Y 307 33.29 61.50 -24.76
N LYS Y 308 32.99 62.73 -25.16
CA LYS Y 308 32.87 63.05 -26.59
C LYS Y 308 34.20 62.89 -27.30
N ASP Y 309 35.29 63.31 -26.67
CA ASP Y 309 36.59 63.18 -27.30
C ASP Y 309 37.09 61.74 -27.26
N LYS Y 310 36.81 61.02 -26.17
CA LYS Y 310 37.26 59.63 -26.09
C LYS Y 310 36.43 58.72 -26.98
N SER Y 311 35.16 59.07 -27.22
CA SER Y 311 34.40 58.33 -28.22
C SER Y 311 34.95 58.58 -29.62
N ALA Y 312 35.32 59.84 -29.89
CA ALA Y 312 36.03 60.14 -31.12
C ALA Y 312 37.43 59.57 -31.12
N LEU Y 313 38.01 59.35 -29.94
CA LEU Y 313 39.33 58.72 -29.88
C LEU Y 313 39.26 57.25 -30.22
N GLN Y 314 38.28 56.55 -29.66
CA GLN Y 314 38.14 55.11 -29.89
C GLN Y 314 37.82 54.81 -31.34
N THR Y 315 37.08 55.70 -31.99
CA THR Y 315 36.88 55.58 -33.43
C THR Y 315 38.19 55.84 -34.17
N SER Y 316 38.98 56.79 -33.68
CA SER Y 316 40.21 57.17 -34.36
C SER Y 316 41.25 56.07 -34.28
N VAL Y 317 41.31 55.37 -33.14
CA VAL Y 317 42.30 54.31 -32.97
C VAL Y 317 41.90 53.09 -33.80
N GLN Y 318 40.64 52.70 -33.72
CA GLN Y 318 40.15 51.50 -34.38
C GLN Y 318 40.21 51.63 -35.89
N ASN Y 319 40.04 52.86 -36.41
CA ASN Y 319 40.30 53.08 -37.83
C ASN Y 319 41.79 53.00 -38.13
N LEU Y 320 42.61 53.49 -37.21
CA LEU Y 320 44.05 53.51 -37.45
C LEU Y 320 44.64 52.11 -37.37
N SER Y 321 44.00 51.21 -36.61
CA SER Y 321 44.43 49.82 -36.57
C SER Y 321 44.33 49.17 -37.93
N LEU Y 322 43.30 49.51 -38.69
CA LEU Y 322 43.16 48.97 -40.03
C LEU Y 322 44.18 49.56 -40.98
N SER Y 323 44.62 50.79 -40.72
CA SER Y 323 45.64 51.41 -41.55
C SER Y 323 46.96 50.67 -41.41
N PHE Y 324 47.36 50.37 -40.18
CA PHE Y 324 48.55 49.59 -39.94
C PHE Y 324 48.39 48.14 -40.37
N ALA Y 325 47.16 47.64 -40.40
CA ALA Y 325 46.91 46.24 -40.74
C ALA Y 325 47.33 45.95 -42.18
N GLY Y 326 47.01 46.85 -43.10
CA GLY Y 326 47.51 46.71 -44.46
C GLY Y 326 49.00 46.92 -44.54
N ILE Y 327 49.52 47.91 -43.79
CA ILE Y 327 50.94 48.19 -43.75
C ILE Y 327 51.70 46.98 -43.21
N HIS Y 328 51.14 46.34 -42.19
CA HIS Y 328 51.71 45.09 -41.71
C HIS Y 328 51.59 43.99 -42.75
N THR Y 329 50.47 43.97 -43.49
CA THR Y 329 50.29 42.96 -44.52
C THR Y 329 51.22 43.20 -45.70
N SER Y 330 51.51 44.47 -45.99
CA SER Y 330 52.48 44.78 -47.03
C SER Y 330 53.89 44.37 -46.64
N MET Y 331 54.22 44.47 -45.35
CA MET Y 331 55.57 44.14 -44.92
C MET Y 331 55.79 42.64 -44.85
N VAL Y 332 54.76 41.86 -44.56
CA VAL Y 332 54.89 40.40 -44.54
C VAL Y 332 55.19 39.89 -45.94
N ASP Y 333 54.54 40.46 -46.95
CA ASP Y 333 54.88 40.08 -48.32
C ASP Y 333 56.24 40.64 -48.72
N ALA Y 334 56.59 41.82 -48.21
CA ALA Y 334 57.93 42.34 -48.42
C ALA Y 334 58.97 41.57 -47.61
N GLU Y 335 58.55 40.92 -46.53
CA GLU Y 335 59.45 40.07 -45.76
C GLU Y 335 59.92 38.89 -46.58
N GLU Y 336 58.97 38.12 -47.12
CA GLU Y 336 59.29 36.91 -47.85
C GLU Y 336 60.02 37.22 -49.14
N ALA Y 337 59.69 38.35 -49.77
CA ALA Y 337 60.26 38.67 -51.08
C ALA Y 337 61.75 38.99 -50.97
N LEU Y 338 62.14 39.76 -49.97
CA LEU Y 338 63.54 40.12 -49.82
C LEU Y 338 64.40 38.94 -49.42
N ASN Y 339 63.82 37.98 -48.68
CA ASN Y 339 64.57 36.80 -48.27
C ASN Y 339 64.97 35.96 -49.47
N HIS Y 340 64.07 35.85 -50.45
CA HIS Y 340 64.46 35.17 -51.68
C HIS Y 340 65.39 36.04 -52.51
N LEU Y 341 65.27 37.35 -52.39
CA LEU Y 341 66.16 38.24 -53.12
C LEU Y 341 67.57 38.18 -52.54
N ASP Y 342 67.68 38.20 -51.21
CA ASP Y 342 68.98 38.16 -50.56
C ASP Y 342 69.69 36.84 -50.84
N PHE Y 343 68.94 35.74 -50.86
CA PHE Y 343 69.56 34.43 -51.02
C PHE Y 343 70.10 34.22 -52.43
N MET Y 344 69.52 34.88 -53.42
CA MET Y 344 70.08 34.76 -54.76
C MET Y 344 71.34 35.61 -54.92
N TRP Y 345 71.35 36.81 -54.36
CA TRP Y 345 72.57 37.61 -54.39
C TRP Y 345 73.66 36.97 -53.54
N ASN Y 346 73.28 36.37 -52.41
CA ASN Y 346 74.25 35.68 -51.59
C ASN Y 346 74.81 34.47 -52.32
N THR Y 347 73.98 33.82 -53.14
CA THR Y 347 74.49 32.75 -53.99
C THR Y 347 75.43 33.30 -55.03
N MET Y 348 75.10 34.45 -55.62
CA MET Y 348 75.93 35.01 -56.67
C MET Y 348 77.22 35.61 -56.10
N LEU Y 349 77.13 36.29 -54.96
CA LEU Y 349 78.32 36.87 -54.35
C LEU Y 349 79.27 35.79 -53.86
N THR Y 350 78.74 34.62 -53.49
CA THR Y 350 79.60 33.49 -53.18
C THR Y 350 80.33 33.01 -54.43
N GLN Y 351 79.59 32.81 -55.51
CA GLN Y 351 80.15 32.17 -56.69
C GLN Y 351 81.12 33.07 -57.43
N ILE Y 352 80.94 34.39 -57.33
CA ILE Y 352 81.96 35.29 -57.87
C ILE Y 352 83.21 35.24 -57.00
N THR Y 353 83.02 35.17 -55.67
CA THR Y 353 84.15 35.19 -54.76
C THR Y 353 84.98 33.91 -54.86
N THR Y 354 84.33 32.75 -54.90
CA THR Y 354 85.07 31.51 -55.02
C THR Y 354 85.62 31.32 -56.43
N SER Y 355 85.11 32.08 -57.40
CA SER Y 355 85.75 32.08 -58.70
C SER Y 355 87.06 32.87 -58.67
N ARG Y 356 87.04 34.02 -58.00
CA ARG Y 356 88.20 34.90 -58.00
C ARG Y 356 89.36 34.30 -57.22
N ASP Y 357 89.06 33.71 -56.06
CA ASP Y 357 90.11 33.21 -55.18
C ASP Y 357 90.79 31.99 -55.77
N LYS Y 358 90.05 31.13 -56.46
CA LYS Y 358 90.68 30.02 -57.16
C LYS Y 358 91.44 30.49 -58.39
N PHE Y 359 91.01 31.61 -58.98
CA PHE Y 359 91.69 32.14 -60.16
C PHE Y 359 93.02 32.79 -59.82
N ASP Y 360 93.25 33.09 -58.54
CA ASP Y 360 94.51 33.66 -58.09
C ASP Y 360 95.62 32.63 -58.05
N ASP Y 361 95.30 31.34 -58.19
CA ASP Y 361 96.30 30.30 -58.33
C ASP Y 361 96.94 30.29 -59.71
N ILE Y 362 96.36 30.99 -60.67
CA ILE Y 362 96.82 30.94 -62.05
C ILE Y 362 98.11 31.74 -62.18
N ASN Y 363 99.19 31.06 -62.54
CA ASN Y 363 100.47 31.68 -62.84
C ASN Y 363 101.21 30.79 -63.82
N ASP Y 364 102.26 31.35 -64.43
CA ASP Y 364 102.96 30.69 -65.52
C ASP Y 364 103.71 29.44 -65.10
N ALA Y 365 103.95 29.26 -63.80
CA ALA Y 365 104.61 28.06 -63.31
C ALA Y 365 103.70 26.83 -63.34
N LEU Y 366 102.40 27.01 -63.59
CA LEU Y 366 101.49 25.88 -63.65
C LEU Y 366 101.75 25.06 -64.91
N LYS Y 367 101.95 23.76 -64.73
CA LYS Y 367 101.98 22.87 -65.86
C LYS Y 367 100.58 22.70 -66.44
N LEU Y 368 100.51 22.26 -67.68
CA LEU Y 368 99.36 22.58 -68.51
C LEU Y 368 98.13 21.74 -68.19
N THR Y 369 98.31 20.52 -67.65
CA THR Y 369 97.15 19.77 -67.17
C THR Y 369 96.58 20.42 -65.91
N SER Y 370 97.46 20.78 -64.97
CA SER Y 370 97.05 21.45 -63.75
C SER Y 370 96.46 22.83 -64.00
N PHE Y 371 96.79 23.46 -65.14
CA PHE Y 371 96.14 24.72 -65.48
C PHE Y 371 94.68 24.53 -65.82
N VAL Y 372 94.36 23.44 -66.52
CA VAL Y 372 93.01 23.26 -67.07
C VAL Y 372 92.01 23.04 -65.95
N ILE Y 373 92.27 22.06 -65.09
CA ILE Y 373 91.39 21.73 -63.97
C ILE Y 373 91.25 22.91 -63.02
N ALA Y 374 92.32 23.69 -62.86
CA ALA Y 374 92.23 24.95 -62.13
C ALA Y 374 91.32 25.94 -62.87
N PHE Y 375 91.52 26.11 -64.18
CA PHE Y 375 90.75 27.10 -64.92
C PHE Y 375 89.33 26.61 -65.17
N LYS Y 376 89.12 25.30 -65.28
CA LYS Y 376 87.77 24.76 -65.38
C LYS Y 376 87.01 25.00 -64.09
N GLN Y 377 87.70 24.94 -62.95
CA GLN Y 377 87.08 25.24 -61.67
C GLN Y 377 86.68 26.71 -61.57
N VAL Y 378 87.36 27.60 -62.30
CA VAL Y 378 87.03 29.01 -62.27
C VAL Y 378 85.69 29.26 -62.96
N ILE Y 379 85.48 28.65 -64.13
CA ILE Y 379 84.33 29.03 -64.95
C ILE Y 379 83.04 28.35 -64.54
N GLU Y 380 83.11 27.24 -63.80
CA GLU Y 380 81.88 26.55 -63.39
C GLU Y 380 80.95 27.35 -62.48
N PRO Y 381 81.41 28.25 -61.59
CA PRO Y 381 80.45 29.20 -61.01
C PRO Y 381 79.87 30.18 -62.01
N TRP Y 382 80.60 30.52 -63.07
CA TRP Y 382 80.08 31.48 -64.02
C TRP Y 382 78.97 30.91 -64.91
N ARG Y 383 78.79 29.59 -64.93
CA ARG Y 383 77.60 29.03 -65.57
C ARG Y 383 76.34 29.40 -64.81
N ASP Y 384 76.41 29.35 -63.48
CA ASP Y 384 75.22 29.59 -62.68
C ASP Y 384 74.91 31.07 -62.52
N VAL Y 385 75.94 31.91 -62.44
CA VAL Y 385 75.72 33.35 -62.36
C VAL Y 385 75.13 33.87 -63.65
N GLN Y 386 75.56 33.30 -64.77
CA GLN Y 386 74.87 33.51 -66.04
C GLN Y 386 73.44 33.01 -65.98
N GLY Y 387 73.22 31.86 -65.34
CA GLY Y 387 71.88 31.34 -65.21
C GLY Y 387 71.03 32.08 -64.21
N SER Y 388 71.66 32.63 -63.16
CA SER Y 388 70.89 33.33 -62.14
C SER Y 388 70.43 34.69 -62.62
N ALA Y 389 71.30 35.41 -63.35
CA ALA Y 389 70.89 36.68 -63.93
C ALA Y 389 69.84 36.49 -65.01
N ALA Y 390 69.96 35.40 -65.78
CA ALA Y 390 68.94 35.05 -66.75
C ALA Y 390 67.62 34.72 -66.05
N GLN Y 391 67.67 34.02 -64.93
CA GLN Y 391 66.48 33.85 -64.12
C GLN Y 391 66.05 35.13 -63.44
N LEU Y 392 66.94 36.11 -63.33
CA LEU Y 392 66.54 37.33 -62.67
C LEU Y 392 65.95 38.34 -63.65
N ILE Y 393 66.65 38.60 -64.76
CA ILE Y 393 66.25 39.65 -65.69
C ILE Y 393 64.93 39.29 -66.36
N GLN Y 394 64.74 38.02 -66.70
CA GLN Y 394 63.46 37.54 -67.20
C GLN Y 394 62.35 37.74 -66.18
N THR Y 395 62.64 37.49 -64.90
CA THR Y 395 61.69 37.73 -63.84
C THR Y 395 61.79 39.13 -63.26
N PHE Y 396 62.38 40.07 -63.99
CA PHE Y 396 62.48 41.45 -63.55
C PHE Y 396 61.66 42.38 -64.42
N ASP Y 397 61.90 42.37 -65.73
CA ASP Y 397 61.21 43.27 -66.64
C ASP Y 397 59.76 42.88 -66.82
N GLU Y 398 59.46 41.59 -66.70
CA GLU Y 398 58.08 41.13 -66.78
C GLU Y 398 57.25 41.62 -65.61
N ALA Y 399 57.88 41.86 -64.47
CA ALA Y 399 57.15 42.46 -63.36
C ALA Y 399 57.09 43.97 -63.47
N LEU Y 400 57.90 44.59 -64.32
CA LEU Y 400 57.87 46.04 -64.44
C LEU Y 400 56.64 46.50 -65.22
N ALA Y 401 56.44 45.94 -66.41
CA ALA Y 401 55.28 46.30 -67.21
C ALA Y 401 53.98 45.83 -66.56
N GLU Y 402 54.05 44.71 -65.84
CA GLU Y 402 52.89 44.24 -65.08
C GLU Y 402 52.56 45.17 -63.93
N TYR Y 403 53.57 45.87 -63.38
CA TYR Y 403 53.32 46.83 -62.31
C TYR Y 403 52.54 48.04 -62.81
N LYS Y 404 52.56 48.31 -64.11
CA LYS Y 404 51.73 49.36 -64.70
C LYS Y 404 50.26 48.94 -64.83
N LYS Y 405 49.87 47.80 -64.28
CA LYS Y 405 48.52 47.28 -64.42
C LYS Y 405 47.91 47.05 -63.05
N GLY Z 41 -44.59 -19.75 -79.79
CA GLY Z 41 -44.10 -18.56 -80.47
C GLY Z 41 -43.31 -17.65 -79.57
N ILE Z 42 -42.70 -16.62 -80.16
CA ILE Z 42 -41.93 -15.65 -79.39
C ILE Z 42 -42.82 -14.54 -78.87
N PHE Z 43 -43.62 -13.96 -79.76
CA PHE Z 43 -44.55 -12.90 -79.43
C PHE Z 43 -45.77 -13.54 -78.78
N THR Z 44 -45.79 -13.59 -77.46
CA THR Z 44 -46.83 -14.31 -76.74
C THR Z 44 -48.12 -13.49 -76.69
N LYS Z 45 -49.17 -14.12 -76.16
CA LYS Z 45 -50.44 -13.42 -76.00
C LYS Z 45 -50.34 -12.35 -74.93
N GLY Z 46 -49.48 -12.54 -73.93
CA GLY Z 46 -49.28 -11.51 -72.92
C GLY Z 46 -48.53 -10.31 -73.45
N ASP Z 47 -47.73 -10.50 -74.50
CA ASP Z 47 -47.05 -9.38 -75.13
C ASP Z 47 -48.05 -8.45 -75.79
N LEU Z 48 -49.00 -9.03 -76.54
CA LEU Z 48 -49.96 -8.23 -77.29
C LEU Z 48 -50.94 -7.53 -76.38
N ILE Z 49 -51.17 -8.07 -75.19
CA ILE Z 49 -52.00 -7.38 -74.20
C ILE Z 49 -51.26 -6.17 -73.66
N ASN Z 50 -49.97 -6.34 -73.34
CA ASN Z 50 -49.17 -5.26 -72.76
C ASN Z 50 -49.07 -4.06 -73.68
N ILE Z 51 -49.09 -4.29 -74.99
CA ILE Z 51 -49.19 -3.19 -75.93
C ILE Z 51 -50.57 -2.56 -75.85
N LYS Z 52 -51.62 -3.38 -75.91
CA LYS Z 52 -52.97 -2.84 -75.91
C LYS Z 52 -53.36 -2.25 -74.56
N LEU Z 53 -52.71 -2.69 -73.49
CA LEU Z 53 -52.80 -1.95 -72.23
C LEU Z 53 -52.19 -0.57 -72.38
N TYR Z 54 -51.01 -0.50 -73.00
CA TYR Z 54 -50.34 0.78 -73.19
C TYR Z 54 -51.13 1.68 -74.14
N VAL Z 55 -51.79 1.09 -75.13
CA VAL Z 55 -52.62 1.89 -76.04
C VAL Z 55 -53.85 2.40 -75.30
N LYS Z 56 -54.41 1.58 -74.41
CA LYS Z 56 -55.62 1.96 -73.69
C LYS Z 56 -55.36 3.11 -72.74
N HIS Z 57 -54.31 3.00 -71.94
CA HIS Z 57 -54.03 4.04 -70.95
C HIS Z 57 -53.47 5.30 -71.57
N SER Z 58 -52.89 5.23 -72.76
CA SER Z 58 -52.36 6.43 -73.39
C SER Z 58 -53.46 7.30 -73.94
N LEU Z 59 -54.53 6.70 -74.47
CA LEU Z 59 -55.66 7.45 -74.98
C LEU Z 59 -56.41 8.17 -73.88
N GLU Z 60 -56.29 7.70 -72.64
CA GLU Z 60 -56.84 8.40 -71.49
C GLU Z 60 -56.14 9.74 -71.27
N LEU Z 61 -54.90 9.86 -71.69
CA LEU Z 61 -54.14 11.07 -71.43
C LEU Z 61 -54.62 12.19 -72.34
N PRO Z 62 -54.73 13.41 -71.83
CA PRO Z 62 -55.16 14.53 -72.66
C PRO Z 62 -54.04 14.97 -73.60
N PHE Z 63 -54.43 15.73 -74.61
CA PHE Z 63 -53.48 16.22 -75.60
C PHE Z 63 -53.66 17.69 -75.94
N THR Z 64 -54.69 18.35 -75.45
CA THR Z 64 -54.78 19.79 -75.63
C THR Z 64 -53.85 20.49 -74.65
N LEU Z 65 -53.61 21.77 -74.91
CA LEU Z 65 -52.82 22.55 -73.95
C LEU Z 65 -53.59 22.77 -72.65
N GLU Z 66 -54.90 22.93 -72.73
CA GLU Z 66 -55.71 23.11 -71.53
C GLU Z 66 -55.87 21.82 -70.75
N GLY Z 67 -56.17 20.72 -71.46
CA GLY Z 67 -56.46 19.46 -70.79
C GLY Z 67 -55.25 18.84 -70.12
N VAL Z 68 -54.08 19.01 -70.72
CA VAL Z 68 -52.85 18.62 -70.05
C VAL Z 68 -52.61 19.50 -68.83
N LYS Z 69 -52.88 20.80 -68.96
CA LYS Z 69 -52.69 21.75 -67.86
C LYS Z 69 -53.60 21.46 -66.68
N GLU Z 70 -54.79 20.91 -66.96
CA GLU Z 70 -55.66 20.43 -65.90
C GLU Z 70 -55.16 19.12 -65.32
N TYR Z 71 -54.65 18.22 -66.17
CA TYR Z 71 -54.20 16.90 -65.75
C TYR Z 71 -52.98 16.98 -64.85
N ILE Z 72 -52.12 17.97 -65.06
CA ILE Z 72 -50.94 18.13 -64.24
C ILE Z 72 -51.25 18.94 -62.98
N GLY Z 73 -52.31 19.72 -63.00
CA GLY Z 73 -52.80 20.41 -61.83
C GLY Z 73 -51.90 21.51 -61.28
N TYR Z 74 -51.28 22.30 -62.15
CA TYR Z 74 -50.50 23.43 -61.67
C TYR Z 74 -50.46 24.53 -62.72
N ASN Z 75 -49.62 25.52 -62.45
CA ASN Z 75 -49.29 26.61 -63.38
C ASN Z 75 -47.83 26.97 -63.19
N ASP Z 76 -47.01 26.68 -64.20
CA ASP Z 76 -45.69 27.29 -64.41
C ASP Z 76 -44.72 26.99 -63.25
N ILE Z 77 -44.23 25.74 -63.25
CA ILE Z 77 -43.11 25.34 -62.40
C ILE Z 77 -41.95 26.32 -62.58
N ASP Z 78 -41.25 26.61 -61.47
CA ASP Z 78 -40.05 27.42 -61.53
C ASP Z 78 -38.95 26.76 -62.37
N ILE Z 79 -38.89 25.43 -62.37
CA ILE Z 79 -37.87 24.76 -63.17
C ILE Z 79 -38.39 24.58 -64.58
N ASP Z 80 -37.46 24.35 -65.52
CA ASP Z 80 -37.77 24.48 -66.93
C ASP Z 80 -38.45 23.22 -67.47
N GLY Z 81 -37.96 22.05 -67.09
CA GLY Z 81 -38.37 20.81 -67.73
C GLY Z 81 -39.79 20.39 -67.45
N LEU Z 82 -40.45 20.99 -66.46
CA LEU Z 82 -41.81 20.62 -66.11
C LEU Z 82 -42.81 21.70 -66.49
N LYS Z 83 -42.40 22.64 -67.33
CA LYS Z 83 -43.31 23.68 -67.80
C LYS Z 83 -44.31 23.07 -68.78
N PRO Z 84 -45.59 23.49 -68.73
CA PRO Z 84 -46.64 22.75 -69.43
C PRO Z 84 -46.56 22.83 -70.94
N ALA Z 85 -45.85 23.82 -71.49
CA ALA Z 85 -45.66 23.85 -72.93
C ALA Z 85 -44.79 22.70 -73.39
N LYS Z 86 -43.80 22.31 -72.58
CA LYS Z 86 -43.06 21.09 -72.85
C LYS Z 86 -43.93 19.86 -72.64
N MET Z 87 -44.80 19.91 -71.64
CA MET Z 87 -45.58 18.75 -71.26
C MET Z 87 -46.65 18.44 -72.31
N ALA Z 88 -47.36 19.48 -72.76
CA ALA Z 88 -48.40 19.31 -73.77
C ALA Z 88 -47.80 18.89 -75.10
N THR Z 89 -46.54 19.25 -75.35
CA THR Z 89 -45.83 18.68 -76.49
C THR Z 89 -45.60 17.19 -76.28
N LEU Z 90 -45.30 16.79 -75.04
CA LEU Z 90 -44.92 15.41 -74.78
C LEU Z 90 -46.11 14.48 -74.86
N PHE Z 91 -47.25 14.88 -74.31
CA PHE Z 91 -48.45 14.04 -74.38
C PHE Z 91 -49.00 13.96 -75.78
N LYS Z 92 -48.86 15.05 -76.55
CA LYS Z 92 -49.32 15.03 -77.93
C LYS Z 92 -48.48 14.05 -78.76
N GLU Z 93 -47.21 13.88 -78.41
CA GLU Z 93 -46.43 12.82 -79.03
C GLU Z 93 -46.95 11.45 -78.62
N ILE Z 94 -47.39 11.30 -77.37
CA ILE Z 94 -47.90 10.02 -76.91
C ILE Z 94 -49.26 9.74 -77.50
N HIS Z 95 -50.13 10.76 -77.52
CA HIS Z 95 -51.47 10.62 -78.07
C HIS Z 95 -51.44 10.32 -79.56
N ASP Z 96 -50.44 10.83 -80.27
CA ASP Z 96 -50.27 10.44 -81.66
C ASP Z 96 -49.62 9.07 -81.77
N HIS Z 97 -48.80 8.70 -80.79
CA HIS Z 97 -48.19 7.38 -80.79
C HIS Z 97 -49.23 6.30 -80.53
N ALA Z 98 -50.24 6.60 -79.73
CA ALA Z 98 -51.26 5.60 -79.42
C ALA Z 98 -52.19 5.37 -80.60
N LEU Z 99 -52.57 6.43 -81.30
CA LEU Z 99 -53.51 6.31 -82.41
C LEU Z 99 -52.92 5.57 -83.60
N SER Z 100 -51.60 5.45 -83.67
CA SER Z 100 -50.98 4.72 -84.77
C SER Z 100 -51.23 3.22 -84.66
N TRP Z 101 -51.42 2.72 -83.44
CA TRP Z 101 -51.45 1.27 -83.20
C TRP Z 101 -52.65 0.61 -83.84
N SER Z 102 -53.78 1.32 -83.93
CA SER Z 102 -54.96 0.79 -84.61
C SER Z 102 -54.68 0.50 -86.07
N GLY Z 103 -53.88 1.36 -86.71
CA GLY Z 103 -53.40 1.05 -88.04
C GLY Z 103 -52.39 -0.06 -88.04
N VAL Z 104 -51.52 -0.09 -87.03
CA VAL Z 104 -50.41 -1.05 -87.00
C VAL Z 104 -50.93 -2.46 -86.79
N GLU Z 105 -51.76 -2.65 -85.77
CA GLU Z 105 -52.25 -3.98 -85.42
C GLU Z 105 -53.13 -4.57 -86.52
N SER Z 106 -53.89 -3.71 -87.19
CA SER Z 106 -54.66 -4.15 -88.35
C SER Z 106 -53.75 -4.55 -89.49
N LYS Z 107 -52.62 -3.87 -89.65
CA LYS Z 107 -51.65 -4.29 -90.66
C LYS Z 107 -50.94 -5.57 -90.27
N VAL Z 108 -50.73 -5.79 -88.97
CA VAL Z 108 -50.09 -7.02 -88.53
C VAL Z 108 -51.02 -8.21 -88.73
N GLN Z 109 -52.31 -8.02 -88.39
CA GLN Z 109 -53.26 -9.12 -88.46
C GLN Z 109 -53.54 -9.53 -89.90
N GLN Z 110 -53.88 -8.55 -90.75
CA GLN Z 110 -54.32 -8.85 -92.11
C GLN Z 110 -53.18 -9.41 -92.95
N GLN Z 111 -51.95 -8.99 -92.68
CA GLN Z 111 -50.81 -9.54 -93.40
C GLN Z 111 -50.52 -10.97 -92.98
N SER Z 112 -50.60 -11.26 -91.68
CA SER Z 112 -50.22 -12.57 -91.19
C SER Z 112 -51.21 -13.65 -91.60
N ILE Z 113 -52.47 -13.26 -91.84
CA ILE Z 113 -53.42 -14.17 -92.47
C ILE Z 113 -52.96 -14.51 -93.88
N ASP Z 114 -52.50 -13.50 -94.62
CA ASP Z 114 -52.03 -13.72 -95.98
C ASP Z 114 -50.73 -14.50 -95.99
N LEU Z 115 -49.91 -14.33 -94.95
CA LEU Z 115 -48.70 -15.13 -94.83
C LEU Z 115 -48.99 -16.59 -94.57
N GLU Z 116 -50.15 -16.90 -93.97
CA GLU Z 116 -50.54 -18.29 -93.81
C GLU Z 116 -51.10 -18.86 -95.11
N ASN Z 117 -51.96 -18.09 -95.79
CA ASN Z 117 -52.61 -18.55 -97.00
C ASN Z 117 -51.61 -18.73 -98.13
N ALA Z 118 -50.69 -17.79 -98.28
CA ALA Z 118 -49.57 -18.01 -99.19
C ALA Z 118 -48.62 -19.05 -98.62
N GLY Z 119 -48.55 -19.17 -97.30
CA GLY Z 119 -47.64 -20.13 -96.68
C GLY Z 119 -48.05 -21.57 -96.87
N LYS Z 120 -49.31 -21.82 -97.24
CA LYS Z 120 -49.78 -23.17 -97.50
C LYS Z 120 -49.88 -23.49 -98.98
N GLN Z 121 -50.45 -22.56 -99.75
CA GLN Z 121 -50.69 -22.80 -101.17
C GLN Z 121 -49.39 -22.93 -101.96
N ILE Z 122 -48.36 -22.19 -101.55
CA ILE Z 122 -47.03 -22.42 -102.09
C ILE Z 122 -46.48 -23.74 -101.61
N THR Z 123 -46.68 -24.04 -100.32
CA THR Z 123 -46.12 -25.26 -99.75
C THR Z 123 -46.85 -26.50 -100.26
N LEU Z 124 -48.14 -26.38 -100.55
CA LEU Z 124 -48.85 -27.48 -101.21
C LEU Z 124 -48.32 -27.70 -102.62
N THR Z 125 -48.11 -26.62 -103.37
CA THR Z 125 -47.61 -26.76 -104.73
C THR Z 125 -46.17 -27.22 -104.74
N GLY Z 126 -45.34 -26.67 -103.84
CA GLY Z 126 -43.91 -26.94 -103.90
C GLY Z 126 -43.55 -28.34 -103.44
N ASP Z 127 -44.27 -28.86 -102.44
CA ASP Z 127 -43.98 -30.21 -101.98
C ASP Z 127 -44.41 -31.26 -103.00
N GLU Z 128 -45.47 -30.97 -103.76
CA GLU Z 128 -45.88 -31.88 -104.82
C GLU Z 128 -44.87 -31.91 -105.96
N ILE Z 129 -44.22 -30.78 -106.24
CA ILE Z 129 -43.28 -30.72 -107.35
C ILE Z 129 -42.01 -31.49 -107.03
N ILE Z 130 -41.48 -31.33 -105.81
CA ILE Z 130 -40.27 -32.04 -105.40
C ILE Z 130 -40.54 -33.55 -105.32
N SER Z 131 -41.78 -33.94 -105.01
CA SER Z 131 -42.13 -35.35 -104.95
C SER Z 131 -42.17 -35.97 -106.34
N VAL Z 132 -42.84 -35.31 -107.29
CA VAL Z 132 -43.05 -35.93 -108.61
C VAL Z 132 -41.81 -35.94 -109.47
N ILE Z 133 -40.81 -35.10 -109.19
CA ILE Z 133 -39.60 -35.14 -109.99
C ILE Z 133 -38.73 -36.30 -109.54
N ASP Z 134 -38.80 -36.68 -108.26
CA ASP Z 134 -38.11 -37.88 -107.79
C ASP Z 134 -38.66 -39.17 -108.38
N GLN Z 135 -39.87 -39.13 -108.97
CA GLN Z 135 -40.34 -40.24 -109.78
C GLN Z 135 -39.48 -40.46 -111.02
N MET Z 136 -38.97 -39.37 -111.60
CA MET Z 136 -38.05 -39.51 -112.72
C MET Z 136 -36.71 -40.07 -112.23
N PRO Z 137 -36.07 -40.92 -113.02
CA PRO Z 137 -34.76 -41.46 -112.61
C PRO Z 137 -33.66 -40.44 -112.81
N ILE Z 138 -32.58 -40.65 -112.05
CA ILE Z 138 -31.46 -39.71 -112.05
C ILE Z 138 -30.70 -39.74 -113.37
N ILE Z 139 -30.76 -40.84 -114.12
CA ILE Z 139 -30.10 -40.90 -115.42
C ILE Z 139 -30.84 -40.05 -116.44
N GLU Z 140 -32.16 -40.13 -116.46
CA GLU Z 140 -32.96 -39.32 -117.37
C GLU Z 140 -33.15 -37.90 -116.87
N ARG Z 141 -32.80 -37.64 -115.60
CA ARG Z 141 -33.01 -36.33 -115.00
C ARG Z 141 -32.11 -35.29 -115.64
N VAL Z 142 -30.86 -35.64 -115.90
CA VAL Z 142 -29.88 -34.68 -116.38
C VAL Z 142 -30.15 -34.35 -117.84
N LYS Z 143 -30.60 -35.33 -118.62
CA LYS Z 143 -30.93 -35.11 -120.02
C LYS Z 143 -32.11 -34.17 -120.21
N ASN Z 144 -32.98 -34.05 -119.22
CA ASN Z 144 -34.06 -33.10 -119.26
C ASN Z 144 -33.66 -31.79 -118.59
N LYS Z 145 -34.26 -30.71 -119.06
CA LYS Z 145 -34.07 -29.37 -118.51
C LYS Z 145 -35.40 -28.88 -117.97
N LEU Z 146 -35.39 -27.65 -117.45
CA LEU Z 146 -36.62 -27.06 -116.91
C LEU Z 146 -37.59 -26.73 -118.04
N GLY Z 147 -37.08 -26.22 -119.17
CA GLY Z 147 -37.93 -25.87 -120.29
C GLY Z 147 -38.61 -27.04 -120.96
N ASP Z 148 -38.13 -28.27 -120.72
CA ASP Z 148 -38.81 -29.46 -121.20
C ASP Z 148 -40.14 -29.70 -120.51
N LEU Z 149 -40.34 -29.15 -119.31
CA LEU Z 149 -41.52 -29.45 -118.51
C LEU Z 149 -42.36 -28.21 -118.24
N THR Z 150 -42.18 -27.14 -119.01
CA THR Z 150 -43.01 -25.95 -118.90
C THR Z 150 -44.21 -25.99 -119.83
N ASP Z 151 -44.70 -27.19 -120.17
CA ASP Z 151 -45.66 -27.34 -121.24
C ASP Z 151 -47.02 -27.84 -120.78
N LYS Z 152 -47.16 -28.26 -119.53
CA LYS Z 152 -48.38 -28.93 -119.09
C LYS Z 152 -48.53 -28.78 -117.59
N GLN Z 153 -49.71 -29.17 -117.11
CA GLN Z 153 -49.95 -29.34 -115.68
C GLN Z 153 -49.26 -30.62 -115.25
N LEU Z 154 -48.04 -30.49 -114.74
CA LEU Z 154 -47.21 -31.64 -114.42
C LEU Z 154 -47.77 -32.40 -113.23
N ALA Z 155 -48.35 -33.58 -113.50
CA ALA Z 155 -48.90 -34.50 -112.50
C ALA Z 155 -49.97 -33.84 -111.63
N GLU Z 156 -50.95 -33.23 -112.30
CA GLU Z 156 -52.09 -32.46 -111.77
C GLU Z 156 -51.75 -31.53 -110.61
N ILE Z 157 -50.56 -30.94 -110.64
CA ILE Z 157 -50.15 -29.97 -109.64
C ILE Z 157 -50.61 -28.60 -110.09
N THR Z 158 -51.36 -27.92 -109.23
CA THR Z 158 -51.84 -26.58 -109.57
C THR Z 158 -51.46 -25.61 -108.45
N TYR Z 159 -51.88 -24.36 -108.62
CA TYR Z 159 -51.58 -23.30 -107.67
C TYR Z 159 -52.64 -22.22 -107.78
N THR Z 160 -52.97 -21.61 -106.65
CA THR Z 160 -53.89 -20.48 -106.60
C THR Z 160 -53.13 -19.25 -106.13
N ASN Z 161 -53.29 -18.14 -106.83
CA ASN Z 161 -52.52 -16.95 -106.55
C ASN Z 161 -53.12 -16.17 -105.38
N ASP Z 162 -52.63 -14.95 -105.18
CA ASP Z 162 -53.26 -14.03 -104.23
C ASP Z 162 -54.60 -13.53 -104.75
N ASP Z 163 -54.77 -13.50 -106.06
CA ASP Z 163 -55.96 -12.94 -106.70
C ASP Z 163 -57.08 -13.97 -106.85
N LYS Z 164 -56.99 -15.08 -106.13
CA LYS Z 164 -57.96 -16.18 -106.11
C LYS Z 164 -58.17 -16.82 -107.48
N GLU Z 165 -57.22 -16.68 -108.39
CA GLU Z 165 -57.26 -17.36 -109.67
C GLU Z 165 -56.30 -18.55 -109.65
N ILE Z 166 -56.57 -19.50 -110.52
CA ILE Z 166 -55.87 -20.77 -110.47
C ILE Z 166 -54.85 -20.80 -111.60
N ALA Z 167 -53.76 -21.56 -111.39
CA ALA Z 167 -52.74 -21.77 -112.40
C ALA Z 167 -52.32 -23.23 -112.34
N VAL Z 168 -52.17 -23.86 -113.51
CA VAL Z 168 -52.00 -25.29 -113.61
C VAL Z 168 -50.65 -25.68 -114.18
N GLU Z 169 -50.14 -24.97 -115.19
CA GLU Z 169 -48.93 -25.41 -115.85
C GLU Z 169 -47.69 -24.93 -115.11
N LEU Z 170 -46.62 -25.72 -115.20
CA LEU Z 170 -45.38 -25.44 -114.48
C LEU Z 170 -44.74 -24.16 -114.99
N GLY Z 171 -44.83 -23.89 -116.29
CA GLY Z 171 -44.36 -22.64 -116.84
C GLY Z 171 -45.20 -21.44 -116.46
N ASN Z 172 -46.40 -21.66 -115.95
CA ASN Z 172 -47.26 -20.56 -115.51
C ASN Z 172 -47.31 -20.41 -113.99
N ILE Z 173 -47.17 -21.52 -113.26
CA ILE Z 173 -47.17 -21.46 -111.80
C ILE Z 173 -45.91 -20.76 -111.29
N LEU Z 174 -44.75 -21.15 -111.83
CA LEU Z 174 -43.48 -20.57 -111.40
C LEU Z 174 -43.40 -19.09 -111.72
N GLU Z 175 -44.09 -18.64 -112.77
CA GLU Z 175 -44.15 -17.22 -113.06
C GLU Z 175 -45.21 -16.52 -112.21
N SER Z 176 -46.29 -17.22 -111.86
CA SER Z 176 -47.29 -16.63 -110.99
C SER Z 176 -46.79 -16.55 -109.56
N MET Z 177 -46.04 -17.58 -109.12
CA MET Z 177 -45.46 -17.57 -107.79
C MET Z 177 -44.39 -16.51 -107.66
N LYS Z 178 -43.68 -16.21 -108.76
CA LYS Z 178 -42.65 -15.18 -108.74
C LYS Z 178 -43.26 -13.80 -108.53
N LYS Z 179 -44.45 -13.57 -109.10
CA LYS Z 179 -45.15 -12.32 -108.84
C LYS Z 179 -45.66 -12.27 -107.40
N ASP Z 180 -46.08 -13.42 -106.88
CA ASP Z 180 -46.74 -13.43 -105.57
C ASP Z 180 -45.73 -13.27 -104.44
N ILE Z 181 -44.58 -13.94 -104.54
CA ILE Z 181 -43.53 -13.77 -103.54
C ILE Z 181 -43.00 -12.34 -103.57
N LYS Z 182 -42.87 -11.77 -104.77
CA LYS Z 182 -42.49 -10.37 -104.91
C LYS Z 182 -43.55 -9.46 -104.31
N ARG Z 183 -44.81 -9.88 -104.38
CA ARG Z 183 -45.91 -9.11 -103.81
C ARG Z 183 -45.99 -9.22 -102.28
N GLN Z 184 -45.56 -10.35 -101.74
CA GLN Z 184 -45.61 -10.55 -100.29
C GLN Z 184 -44.45 -9.88 -99.58
N GLN Z 185 -43.31 -9.72 -100.25
CA GLN Z 185 -42.18 -9.04 -99.62
C GLN Z 185 -42.47 -7.56 -99.44
N GLU Z 186 -42.97 -6.91 -100.49
CA GLU Z 186 -43.24 -5.48 -100.43
C GLU Z 186 -44.43 -5.16 -99.53
N ASN Z 187 -45.33 -6.11 -99.32
CA ASN Z 187 -46.30 -5.95 -98.25
C ASN Z 187 -45.63 -6.10 -96.89
N THR Z 188 -44.70 -7.04 -96.76
CA THR Z 188 -44.07 -7.31 -95.48
C THR Z 188 -43.16 -6.17 -95.06
N GLN Z 189 -42.49 -5.55 -96.04
CA GLN Z 189 -41.64 -4.40 -95.73
C GLN Z 189 -42.47 -3.20 -95.30
N LYS Z 190 -43.68 -3.06 -95.84
CA LYS Z 190 -44.61 -2.05 -95.33
C LYS Z 190 -45.05 -2.36 -93.91
N VAL Z 191 -45.10 -3.64 -93.55
CA VAL Z 191 -45.47 -4.01 -92.19
C VAL Z 191 -44.33 -3.73 -91.24
N LYS Z 192 -43.13 -4.23 -91.56
CA LYS Z 192 -41.98 -4.11 -90.67
C LYS Z 192 -41.56 -2.66 -90.48
N THR Z 193 -41.80 -1.83 -91.49
CA THR Z 193 -41.59 -0.40 -91.35
C THR Z 193 -42.50 0.19 -90.27
N ALA Z 194 -43.79 -0.11 -90.34
CA ALA Z 194 -44.75 0.46 -89.40
C ALA Z 194 -44.59 -0.11 -88.00
N VAL Z 195 -44.11 -1.35 -87.90
CA VAL Z 195 -43.77 -1.90 -86.59
C VAL Z 195 -42.58 -1.17 -86.01
N SER Z 196 -41.49 -1.08 -86.79
CA SER Z 196 -40.28 -0.44 -86.31
C SER Z 196 -40.46 1.06 -86.14
N ASP Z 197 -41.34 1.67 -86.93
CA ASP Z 197 -41.69 3.07 -86.67
C ASP Z 197 -42.42 3.19 -85.34
N PHE Z 198 -43.25 2.20 -85.02
CA PHE Z 198 -43.97 2.25 -83.75
C PHE Z 198 -43.03 1.95 -82.58
N LYS Z 199 -42.06 1.06 -82.79
CA LYS Z 199 -41.11 0.77 -81.72
C LYS Z 199 -40.16 1.93 -81.51
N LEU Z 200 -39.52 2.40 -82.59
CA LEU Z 200 -38.47 3.39 -82.44
C LEU Z 200 -39.01 4.79 -82.18
N LYS Z 201 -40.32 5.00 -82.27
CA LYS Z 201 -40.85 6.23 -81.72
C LYS Z 201 -40.99 6.12 -80.21
N LEU Z 202 -41.16 4.89 -79.71
CA LEU Z 202 -41.25 4.68 -78.27
C LEU Z 202 -39.88 4.66 -77.62
N ILE Z 203 -38.97 3.82 -78.10
CA ILE Z 203 -37.68 3.69 -77.46
C ILE Z 203 -36.70 4.74 -77.96
N GLY Z 204 -36.79 5.16 -79.21
CA GLY Z 204 -35.91 6.20 -79.68
C GLY Z 204 -34.95 5.70 -80.73
N GLY Z 205 -34.43 6.63 -81.51
CA GLY Z 205 -33.49 6.29 -82.57
C GLY Z 205 -33.94 6.83 -83.90
N GLU Z 206 -33.37 6.32 -84.98
CA GLU Z 206 -33.74 6.77 -86.31
C GLU Z 206 -35.02 6.09 -86.75
N LEU Z 207 -35.99 6.89 -87.22
CA LEU Z 207 -37.22 6.34 -87.76
C LEU Z 207 -36.99 5.89 -89.20
N SER Z 208 -38.09 5.58 -89.90
CA SER Z 208 -37.95 5.16 -91.30
C SER Z 208 -37.64 6.33 -92.21
N ASP Z 209 -38.16 7.52 -91.89
CA ASP Z 209 -37.89 8.69 -92.72
C ASP Z 209 -36.47 9.20 -92.56
N GLY Z 210 -35.83 8.90 -91.44
CA GLY Z 210 -34.54 9.46 -91.10
C GLY Z 210 -34.58 10.40 -89.92
N THR Z 211 -35.77 10.71 -89.40
CA THR Z 211 -35.89 11.57 -88.24
C THR Z 211 -35.45 10.81 -87.00
N ILE Z 212 -34.46 11.34 -86.28
CA ILE Z 212 -34.20 10.85 -84.94
C ILE Z 212 -35.35 11.28 -84.05
N ALA Z 213 -36.03 10.31 -83.47
CA ALA Z 213 -37.08 10.58 -82.50
C ALA Z 213 -36.54 10.31 -81.12
N GLN Z 214 -36.69 11.29 -80.24
CA GLN Z 214 -36.40 11.07 -78.83
C GLN Z 214 -37.34 10.02 -78.28
N GLY Z 215 -36.81 9.13 -77.46
CA GLY Z 215 -37.60 8.01 -77.00
C GLY Z 215 -38.66 8.42 -76.01
N LEU Z 216 -39.83 7.81 -76.12
CA LEU Z 216 -40.91 8.12 -75.19
C LEU Z 216 -40.61 7.59 -73.80
N GLN Z 217 -39.98 6.41 -73.72
CA GLN Z 217 -39.59 5.87 -72.42
C GLN Z 217 -38.56 6.73 -71.68
N PRO Z 218 -37.47 7.24 -72.28
CA PRO Z 218 -36.64 8.17 -71.53
C PRO Z 218 -37.26 9.53 -71.33
N GLN Z 219 -38.13 9.99 -72.23
CA GLN Z 219 -38.81 11.25 -72.01
C GLN Z 219 -39.71 11.22 -70.79
N ILE Z 220 -40.29 10.06 -70.47
CA ILE Z 220 -40.96 9.93 -69.19
C ILE Z 220 -39.94 9.89 -68.07
N SER Z 221 -38.86 9.12 -68.25
CA SER Z 221 -37.84 9.02 -67.23
C SER Z 221 -37.05 10.31 -67.05
N SER Z 222 -37.05 11.19 -68.05
CA SER Z 222 -36.45 12.51 -67.86
C SER Z 222 -37.29 13.34 -66.92
N LYS Z 223 -38.60 13.37 -67.14
CA LYS Z 223 -39.47 14.17 -66.28
C LYS Z 223 -39.57 13.58 -64.89
N LYS Z 224 -39.62 12.25 -64.81
CA LYS Z 224 -39.72 11.58 -63.52
C LYS Z 224 -38.47 11.79 -62.67
N LYS Z 225 -37.31 11.92 -63.32
CA LYS Z 225 -36.11 12.31 -62.60
C LYS Z 225 -36.17 13.76 -62.17
N LEU Z 226 -36.84 14.61 -62.95
CA LEU Z 226 -36.97 16.01 -62.55
C LEU Z 226 -37.92 16.17 -61.38
N MET Z 227 -38.92 15.30 -61.26
CA MET Z 227 -39.88 15.43 -60.18
C MET Z 227 -39.29 14.98 -58.85
N ASP Z 228 -38.24 14.18 -58.88
CA ASP Z 228 -37.58 13.79 -57.64
C ASP Z 228 -36.58 14.86 -57.20
N ASP Z 229 -35.83 15.42 -58.15
CA ASP Z 229 -34.90 16.50 -57.85
C ASP Z 229 -35.70 17.80 -57.84
N ASN Z 230 -36.19 18.18 -56.67
CA ASN Z 230 -36.88 19.45 -56.56
C ASN Z 230 -36.63 20.06 -55.19
N ASN Z 231 -36.55 21.38 -55.18
CA ASN Z 231 -36.33 22.17 -53.97
C ASN Z 231 -37.60 22.44 -53.19
N LEU Z 232 -38.70 21.77 -53.54
CA LEU Z 232 -39.99 22.12 -52.98
C LEU Z 232 -40.09 21.72 -51.52
N SER Z 233 -39.37 20.67 -51.11
CA SER Z 233 -39.26 20.37 -49.70
C SER Z 233 -38.25 21.26 -48.98
N THR Z 234 -37.53 22.11 -49.71
CA THR Z 234 -36.54 22.99 -49.14
C THR Z 234 -36.99 24.45 -49.13
N THR Z 235 -37.51 24.93 -50.27
CA THR Z 235 -37.91 26.33 -50.36
C THR Z 235 -39.09 26.66 -49.46
N ILE Z 236 -40.00 25.70 -49.27
CA ILE Z 236 -41.09 25.90 -48.32
C ILE Z 236 -40.55 26.05 -46.90
N LYS Z 237 -39.53 25.25 -46.57
CA LYS Z 237 -38.84 25.46 -45.30
C LYS Z 237 -38.05 26.75 -45.31
N ASP Z 238 -37.56 27.16 -46.48
CA ASP Z 238 -36.84 28.43 -46.57
C ASP Z 238 -37.78 29.61 -46.47
N LEU Z 239 -38.95 29.53 -47.11
CA LEU Z 239 -39.91 30.62 -47.01
C LEU Z 239 -40.55 30.69 -45.64
N GLN Z 240 -40.79 29.55 -45.00
CA GLN Z 240 -41.29 29.61 -43.63
C GLN Z 240 -40.25 30.06 -42.64
N SER Z 241 -38.97 30.02 -43.02
CA SER Z 241 -37.96 30.70 -42.22
C SER Z 241 -38.11 32.20 -42.31
N LYS Z 242 -38.35 32.72 -43.52
CA LYS Z 242 -38.44 34.17 -43.69
C LYS Z 242 -39.73 34.74 -43.14
N ILE Z 243 -40.82 33.97 -43.21
CA ILE Z 243 -42.09 34.43 -42.64
C ILE Z 243 -41.99 34.48 -41.12
N ASP Z 244 -41.41 33.44 -40.52
CA ASP Z 244 -41.17 33.47 -39.09
C ASP Z 244 -40.08 34.46 -38.71
N GLU Z 245 -39.21 34.83 -39.65
CA GLU Z 245 -38.33 35.96 -39.43
C GLU Z 245 -39.09 37.27 -39.45
N LYS Z 246 -39.92 37.47 -40.48
CA LYS Z 246 -40.64 38.72 -40.61
C LYS Z 246 -41.79 38.84 -39.62
N ASN Z 247 -42.29 37.73 -39.09
CA ASN Z 247 -43.28 37.84 -38.02
C ASN Z 247 -42.65 38.37 -36.75
N LYS Z 248 -41.36 38.07 -36.52
CA LYS Z 248 -40.67 38.58 -35.34
C LYS Z 248 -40.49 40.09 -35.42
N GLU Z 249 -40.36 40.63 -36.64
CA GLU Z 249 -40.30 42.08 -36.79
C GLU Z 249 -41.66 42.72 -36.56
N ILE Z 250 -42.72 42.10 -37.10
CA ILE Z 250 -44.06 42.63 -36.94
C ILE Z 250 -44.49 42.56 -35.48
N ASP Z 251 -44.17 41.47 -34.80
CA ASP Z 251 -44.43 41.35 -33.38
C ASP Z 251 -43.57 42.30 -32.56
N GLN Z 252 -42.51 42.85 -33.14
CA GLN Z 252 -41.72 43.87 -32.50
C GLN Z 252 -42.22 45.27 -32.81
N PHE Z 253 -42.72 45.50 -34.03
CA PHE Z 253 -43.20 46.84 -34.36
C PHE Z 253 -44.51 47.17 -33.68
N GLN Z 254 -45.30 46.16 -33.32
CA GLN Z 254 -46.48 46.40 -32.50
C GLN Z 254 -46.08 46.92 -31.13
N LYS Z 255 -44.98 46.41 -30.58
CA LYS Z 255 -44.43 46.96 -29.36
C LYS Z 255 -43.95 48.40 -29.55
N ASP Z 256 -43.46 48.73 -30.74
CA ASP Z 256 -43.00 50.09 -31.00
C ASP Z 256 -44.17 51.06 -31.09
N TYR Z 257 -45.19 50.70 -31.87
CA TYR Z 257 -46.34 51.58 -32.03
C TYR Z 257 -47.12 51.71 -30.74
N ASN Z 258 -47.12 50.67 -29.91
CA ASN Z 258 -47.74 50.81 -28.60
C ASN Z 258 -46.86 51.54 -27.61
N LYS Z 259 -45.63 51.89 -28.00
CA LYS Z 259 -44.75 52.67 -27.13
C LYS Z 259 -44.65 54.13 -27.56
N TYR Z 260 -44.48 54.39 -28.86
CA TYR Z 260 -44.36 55.77 -29.33
C TYR Z 260 -45.67 56.53 -29.14
N VAL Z 261 -46.81 55.89 -29.38
CA VAL Z 261 -48.09 56.51 -29.12
C VAL Z 261 -48.27 56.77 -27.63
N GLY Z 262 -47.75 55.86 -26.80
CA GLY Z 262 -47.66 56.15 -25.39
C GLY Z 262 -46.76 57.33 -25.08
N LEU Z 263 -45.67 57.47 -25.83
CA LEU Z 263 -44.82 58.63 -25.64
C LEU Z 263 -45.43 59.88 -26.25
N ALA Z 264 -46.16 59.73 -27.36
CA ALA Z 264 -46.68 60.91 -28.07
C ALA Z 264 -47.79 61.61 -27.32
N PHE Z 265 -48.43 60.93 -26.36
CA PHE Z 265 -49.47 61.55 -25.55
C PHE Z 265 -48.92 62.16 -24.27
N SER Z 266 -47.66 62.61 -24.30
CA SER Z 266 -47.02 63.14 -23.10
C SER Z 266 -47.54 64.53 -22.74
N GLY Z 267 -47.75 65.37 -23.75
CA GLY Z 267 -47.74 66.82 -23.60
C GLY Z 267 -48.75 67.48 -22.68
N MET Z 268 -50.03 67.32 -22.95
CA MET Z 268 -51.06 68.22 -22.41
C MET Z 268 -51.35 68.03 -20.93
N VAL Z 269 -50.54 67.34 -20.11
CA VAL Z 269 -50.80 67.34 -18.67
C VAL Z 269 -50.57 68.74 -18.09
N GLY Z 270 -49.44 69.36 -18.39
CA GLY Z 270 -49.28 70.78 -18.16
C GLY Z 270 -48.72 71.50 -19.36
N GLY Z 271 -48.06 70.72 -20.23
CA GLY Z 271 -47.37 71.24 -21.39
C GLY Z 271 -48.14 71.22 -22.69
N ILE Z 272 -49.08 72.15 -22.85
CA ILE Z 272 -49.79 72.33 -24.13
C ILE Z 272 -48.81 72.68 -25.24
N ILE Z 273 -47.77 73.45 -24.90
CA ILE Z 273 -46.69 73.72 -25.85
C ILE Z 273 -45.91 72.44 -26.14
N SER Z 274 -45.68 71.62 -25.12
CA SER Z 274 -44.92 70.39 -25.30
C SER Z 274 -45.72 69.31 -26.01
N TRP Z 275 -47.04 69.48 -26.14
CA TRP Z 275 -47.86 68.55 -26.89
C TRP Z 275 -47.44 68.49 -28.34
N ALA Z 276 -47.16 69.65 -28.94
CA ALA Z 276 -46.63 69.67 -30.28
C ALA Z 276 -45.17 69.26 -30.34
N ILE Z 277 -44.46 69.32 -29.21
CA ILE Z 277 -43.04 68.98 -29.23
C ILE Z 277 -42.86 67.47 -29.34
N THR Z 278 -43.35 66.72 -28.35
CA THR Z 278 -43.16 65.28 -28.37
C THR Z 278 -44.05 64.61 -29.41
N GLY Z 279 -45.22 65.19 -29.67
CA GLY Z 279 -46.02 64.73 -30.78
C GLY Z 279 -45.36 64.96 -32.13
N GLY Z 280 -44.56 66.02 -32.23
CA GLY Z 280 -43.75 66.19 -33.43
C GLY Z 280 -42.61 65.19 -33.48
N ILE Z 281 -42.04 64.86 -32.33
CA ILE Z 281 -40.92 63.92 -32.29
C ILE Z 281 -41.43 62.49 -32.46
N PHE Z 282 -42.32 62.06 -31.58
CA PHE Z 282 -42.68 60.66 -31.50
C PHE Z 282 -43.85 60.30 -32.39
N GLY Z 283 -44.76 61.25 -32.65
CA GLY Z 283 -45.90 60.97 -33.49
C GLY Z 283 -45.54 60.73 -34.93
N ASP Z 284 -44.41 61.30 -35.37
CA ASP Z 284 -43.82 60.88 -36.64
C ASP Z 284 -43.38 59.43 -36.55
N LYS Z 285 -42.61 59.10 -35.50
CA LYS Z 285 -42.04 57.77 -35.40
C LYS Z 285 -43.09 56.72 -35.08
N ALA Z 286 -44.17 57.13 -34.42
CA ALA Z 286 -45.33 56.26 -34.31
C ALA Z 286 -45.94 56.01 -35.69
N GLU Z 287 -46.05 57.07 -36.50
CA GLU Z 287 -46.63 56.92 -37.82
C GLU Z 287 -45.72 56.13 -38.75
N LYS Z 288 -44.40 56.32 -38.62
CA LYS Z 288 -43.47 55.62 -39.49
C LYS Z 288 -43.42 54.13 -39.16
N ALA Z 289 -43.41 53.79 -37.88
CA ALA Z 289 -43.43 52.39 -37.48
C ALA Z 289 -44.75 51.73 -37.85
N ARG Z 290 -45.84 52.48 -37.83
CA ARG Z 290 -47.12 51.95 -38.26
C ARG Z 290 -47.12 51.72 -39.77
N LYS Z 291 -46.43 52.57 -40.53
CA LYS Z 291 -46.31 52.34 -41.96
C LYS Z 291 -45.42 51.14 -42.26
N GLN Z 292 -44.44 50.88 -41.40
CA GLN Z 292 -43.71 49.62 -41.50
C GLN Z 292 -44.62 48.47 -41.12
N LYS Z 293 -45.51 48.67 -40.15
CA LYS Z 293 -46.50 47.68 -39.78
C LYS Z 293 -47.52 47.50 -40.89
N ASN Z 294 -47.82 48.56 -41.65
CA ASN Z 294 -48.67 48.38 -42.83
C ASN Z 294 -47.97 47.54 -43.88
N LYS Z 295 -46.69 47.81 -44.10
CA LYS Z 295 -45.99 47.22 -45.24
C LYS Z 295 -45.65 45.75 -45.01
N LEU Z 296 -45.19 45.42 -43.81
CA LEU Z 296 -44.68 44.07 -43.58
C LEU Z 296 -45.79 43.04 -43.47
N ILE Z 297 -46.93 43.41 -42.87
CA ILE Z 297 -48.07 42.51 -42.79
C ILE Z 297 -48.60 42.19 -44.18
N ASP Z 298 -48.59 43.18 -45.06
CA ASP Z 298 -48.97 42.94 -46.45
C ASP Z 298 -47.94 42.08 -47.17
N GLU Z 299 -46.67 42.15 -46.76
CA GLU Z 299 -45.68 41.28 -47.38
C GLU Z 299 -45.79 39.85 -46.87
N VAL Z 300 -46.00 39.69 -45.56
CA VAL Z 300 -46.15 38.36 -44.97
C VAL Z 300 -47.40 37.67 -45.52
N LYS Z 301 -48.47 38.44 -45.70
CA LYS Z 301 -49.67 37.95 -46.38
C LYS Z 301 -49.36 37.53 -47.82
N ASP Z 302 -48.44 38.23 -48.48
CA ASP Z 302 -48.02 37.80 -49.80
C ASP Z 302 -47.03 36.66 -49.75
N LEU Z 303 -46.17 36.63 -48.72
CA LEU Z 303 -45.23 35.52 -48.61
C LEU Z 303 -45.91 34.24 -48.18
N GLN Z 304 -46.96 34.34 -47.36
CA GLN Z 304 -47.75 33.17 -47.02
C GLN Z 304 -48.46 32.60 -48.23
N SER Z 305 -48.88 33.48 -49.15
CA SER Z 305 -49.57 33.05 -50.36
C SER Z 305 -48.65 32.29 -51.29
N GLN Z 306 -47.35 32.57 -51.25
CA GLN Z 306 -46.42 31.76 -52.03
C GLN Z 306 -46.27 30.38 -51.43
N VAL Z 307 -46.28 30.30 -50.09
CA VAL Z 307 -46.14 29.01 -49.41
C VAL Z 307 -47.37 28.16 -49.66
N LYS Z 308 -48.54 28.78 -49.71
CA LYS Z 308 -49.78 28.06 -49.97
C LYS Z 308 -49.78 27.44 -51.35
N ASP Z 309 -49.30 28.17 -52.35
CA ASP Z 309 -49.26 27.64 -53.70
C ASP Z 309 -48.16 26.60 -53.87
N LYS Z 310 -47.02 26.81 -53.23
CA LYS Z 310 -45.94 25.85 -53.35
C LYS Z 310 -46.22 24.58 -52.56
N SER Z 311 -46.99 24.68 -51.47
CA SER Z 311 -47.43 23.47 -50.81
C SER Z 311 -48.42 22.71 -51.68
N ALA Z 312 -49.31 23.43 -52.35
CA ALA Z 312 -50.16 22.81 -53.35
C ALA Z 312 -49.38 22.38 -54.57
N LEU Z 313 -48.24 23.02 -54.83
CA LEU Z 313 -47.41 22.59 -55.95
C LEU Z 313 -46.71 21.27 -55.65
N GLN Z 314 -46.15 21.15 -54.45
CA GLN Z 314 -45.42 19.94 -54.07
C GLN Z 314 -46.35 18.74 -54.00
N THR Z 315 -47.60 18.96 -53.62
CA THR Z 315 -48.60 17.90 -53.71
C THR Z 315 -48.90 17.57 -55.17
N SER Z 316 -48.94 18.60 -56.02
CA SER Z 316 -49.29 18.41 -57.42
C SER Z 316 -48.21 17.64 -58.17
N VAL Z 317 -46.96 17.90 -57.85
CA VAL Z 317 -45.86 17.22 -58.53
C VAL Z 317 -45.77 15.78 -58.09
N GLN Z 318 -45.83 15.55 -56.77
CA GLN Z 318 -45.67 14.22 -56.20
C GLN Z 318 -46.80 13.29 -56.61
N ASN Z 319 -48.00 13.84 -56.80
CA ASN Z 319 -49.07 13.05 -57.40
C ASN Z 319 -48.78 12.77 -58.87
N LEU Z 320 -48.22 13.75 -59.57
CA LEU Z 320 -47.97 13.59 -60.99
C LEU Z 320 -46.85 12.61 -61.26
N SER Z 321 -45.92 12.47 -60.30
CA SER Z 321 -44.86 11.48 -60.40
C SER Z 321 -45.42 10.06 -60.46
N LEU Z 322 -46.49 9.82 -59.71
CA LEU Z 322 -47.12 8.52 -59.74
C LEU Z 322 -47.86 8.29 -61.06
N SER Z 323 -48.35 9.38 -61.66
CA SER Z 323 -49.03 9.26 -62.95
C SER Z 323 -48.07 8.80 -64.03
N PHE Z 324 -46.90 9.42 -64.08
CA PHE Z 324 -45.87 8.98 -65.01
C PHE Z 324 -45.28 7.64 -64.66
N ALA Z 325 -45.34 7.25 -63.38
CA ALA Z 325 -44.75 5.99 -62.94
C ALA Z 325 -45.46 4.80 -63.58
N GLY Z 326 -46.78 4.84 -63.65
CA GLY Z 326 -47.49 3.81 -64.38
C GLY Z 326 -47.24 3.91 -65.88
N ILE Z 327 -47.21 5.13 -66.41
CA ILE Z 327 -46.94 5.36 -67.82
C ILE Z 327 -45.56 4.83 -68.18
N HIS Z 328 -44.58 5.06 -67.30
CA HIS Z 328 -43.27 4.45 -67.49
C HIS Z 328 -43.33 2.93 -67.36
N THR Z 329 -44.17 2.44 -66.45
CA THR Z 329 -44.29 0.99 -66.29
C THR Z 329 -45.01 0.37 -67.47
N SER Z 330 -45.95 1.10 -68.08
CA SER Z 330 -46.60 0.61 -69.27
C SER Z 330 -45.64 0.57 -70.45
N MET Z 331 -44.70 1.51 -70.52
CA MET Z 331 -43.78 1.56 -71.65
C MET Z 331 -42.70 0.49 -71.55
N VAL Z 332 -42.29 0.13 -70.33
CA VAL Z 332 -41.30 -0.93 -70.16
C VAL Z 332 -41.87 -2.27 -70.63
N ASP Z 333 -43.14 -2.53 -70.35
CA ASP Z 333 -43.75 -3.74 -70.89
C ASP Z 333 -44.01 -3.60 -72.38
N ALA Z 334 -44.29 -2.39 -72.85
CA ALA Z 334 -44.38 -2.16 -74.28
C ALA Z 334 -43.01 -2.18 -74.95
N GLU Z 335 -41.95 -1.93 -74.18
CA GLU Z 335 -40.60 -2.04 -74.71
C GLU Z 335 -40.27 -3.47 -75.08
N GLU Z 336 -40.44 -4.38 -74.13
CA GLU Z 336 -40.08 -5.78 -74.35
C GLU Z 336 -40.97 -6.43 -75.39
N ALA Z 337 -42.24 -6.03 -75.44
CA ALA Z 337 -43.20 -6.68 -76.32
C ALA Z 337 -42.90 -6.39 -77.79
N LEU Z 338 -42.56 -5.14 -78.11
CA LEU Z 338 -42.29 -4.79 -79.49
C LEU Z 338 -40.99 -5.39 -79.98
N ASN Z 339 -40.02 -5.59 -79.07
CA ASN Z 339 -38.75 -6.19 -79.46
C ASN Z 339 -38.93 -7.62 -79.92
N HIS Z 340 -39.81 -8.36 -79.25
CA HIS Z 340 -40.12 -9.69 -79.73
C HIS Z 340 -40.99 -9.63 -80.98
N LEU Z 341 -41.80 -8.57 -81.11
CA LEU Z 341 -42.61 -8.42 -82.31
C LEU Z 341 -41.76 -8.09 -83.51
N ASP Z 342 -40.80 -7.18 -83.34
CA ASP Z 342 -39.93 -6.77 -84.44
C ASP Z 342 -39.07 -7.93 -84.90
N PHE Z 343 -38.59 -8.76 -83.96
CA PHE Z 343 -37.68 -9.83 -84.32
C PHE Z 343 -38.37 -10.95 -85.09
N MET Z 344 -39.68 -11.13 -84.89
CA MET Z 344 -40.38 -12.12 -85.68
C MET Z 344 -40.66 -11.62 -87.09
N TRP Z 345 -41.04 -10.36 -87.23
CA TRP Z 345 -41.21 -9.80 -88.57
C TRP Z 345 -39.89 -9.69 -89.30
N ASN Z 346 -38.81 -9.37 -88.57
CA ASN Z 346 -37.49 -9.34 -89.18
C ASN Z 346 -37.06 -10.72 -89.62
N THR Z 347 -37.47 -11.75 -88.87
CA THR Z 347 -37.23 -13.12 -89.31
C THR Z 347 -38.04 -13.43 -90.55
N MET Z 348 -39.29 -12.98 -90.59
CA MET Z 348 -40.15 -13.29 -91.73
C MET Z 348 -39.76 -12.48 -92.95
N LEU Z 349 -39.42 -11.20 -92.76
CA LEU Z 349 -39.01 -10.36 -93.89
C LEU Z 349 -37.69 -10.84 -94.48
N THR Z 350 -36.82 -11.43 -93.66
CA THR Z 350 -35.62 -12.07 -94.18
C THR Z 350 -35.98 -13.26 -95.04
N GLN Z 351 -36.83 -14.15 -94.52
CA GLN Z 351 -37.08 -15.42 -95.18
C GLN Z 351 -37.90 -15.27 -96.44
N ILE Z 352 -38.73 -14.23 -96.52
CA ILE Z 352 -39.39 -13.94 -97.79
C ILE Z 352 -38.38 -13.39 -98.80
N THR Z 353 -37.46 -12.55 -98.32
CA THR Z 353 -36.48 -11.92 -99.21
C THR Z 353 -35.50 -12.94 -99.76
N THR Z 354 -34.96 -13.81 -98.90
CA THR Z 354 -34.03 -14.81 -99.38
C THR Z 354 -34.73 -15.90 -100.17
N SER Z 355 -36.06 -16.01 -100.05
CA SER Z 355 -36.79 -16.89 -100.94
C SER Z 355 -36.88 -16.30 -102.33
N ARG Z 356 -37.17 -14.99 -102.42
CA ARG Z 356 -37.39 -14.37 -103.71
C ARG Z 356 -36.11 -14.28 -104.52
N ASP Z 357 -35.01 -13.94 -103.88
CA ASP Z 357 -33.75 -13.71 -104.59
C ASP Z 357 -33.17 -15.01 -105.11
N LYS Z 358 -33.33 -16.11 -104.37
CA LYS Z 358 -32.92 -17.40 -104.89
C LYS Z 358 -33.87 -17.90 -105.97
N PHE Z 359 -35.13 -17.46 -105.92
CA PHE Z 359 -36.10 -17.88 -106.92
C PHE Z 359 -35.88 -17.18 -108.26
N ASP Z 360 -35.11 -16.10 -108.26
CA ASP Z 360 -34.79 -15.39 -109.49
C ASP Z 360 -33.77 -16.13 -110.34
N ASP Z 361 -33.13 -17.16 -109.79
CA ASP Z 361 -32.26 -18.03 -110.56
C ASP Z 361 -33.03 -18.99 -111.46
N ILE Z 362 -34.34 -19.12 -111.26
CA ILE Z 362 -35.14 -20.08 -111.99
C ILE Z 362 -35.37 -19.60 -113.41
N ASN Z 363 -34.86 -20.35 -114.38
CA ASN Z 363 -35.10 -20.11 -115.79
C ASN Z 363 -34.99 -21.43 -116.52
N ASP Z 364 -35.47 -21.44 -117.77
CA ASP Z 364 -35.61 -22.67 -118.54
C ASP Z 364 -34.28 -23.31 -118.91
N ALA Z 365 -33.18 -22.56 -118.83
CA ALA Z 365 -31.86 -23.12 -119.09
C ALA Z 365 -31.37 -24.03 -117.99
N LEU Z 366 -32.04 -24.07 -116.84
CA LEU Z 366 -31.62 -24.93 -115.75
C LEU Z 366 -31.91 -26.39 -116.09
N LYS Z 367 -30.87 -27.22 -115.97
CA LYS Z 367 -31.10 -28.65 -116.07
C LYS Z 367 -31.80 -29.14 -114.81
N LEU Z 368 -32.41 -30.31 -114.92
CA LEU Z 368 -33.55 -30.64 -114.06
C LEU Z 368 -33.13 -31.03 -112.65
N THR Z 369 -31.91 -31.55 -112.45
CA THR Z 369 -31.44 -31.77 -111.09
C THR Z 369 -31.14 -30.43 -110.41
N SER Z 370 -30.45 -29.55 -111.12
CA SER Z 370 -30.14 -28.22 -110.60
C SER Z 370 -31.39 -27.37 -110.39
N PHE Z 371 -32.50 -27.67 -111.07
CA PHE Z 371 -33.74 -26.97 -110.79
C PHE Z 371 -34.30 -27.34 -109.42
N VAL Z 372 -34.17 -28.61 -109.03
CA VAL Z 372 -34.84 -29.10 -107.84
C VAL Z 372 -34.21 -28.50 -106.59
N ILE Z 373 -32.89 -28.64 -106.46
CA ILE Z 373 -32.15 -28.12 -105.31
C ILE Z 373 -32.28 -26.60 -105.22
N ALA Z 374 -32.36 -25.93 -106.38
CA ALA Z 374 -32.70 -24.51 -106.38
C ALA Z 374 -34.11 -24.27 -105.88
N PHE Z 375 -35.08 -25.04 -106.38
CA PHE Z 375 -36.47 -24.81 -106.00
C PHE Z 375 -36.76 -25.33 -104.60
N LYS Z 376 -36.05 -26.36 -104.16
CA LYS Z 376 -36.17 -26.81 -102.77
C LYS Z 376 -35.63 -25.76 -101.82
N GLN Z 377 -34.60 -25.04 -102.24
CA GLN Z 377 -34.07 -23.94 -101.43
C GLN Z 377 -35.06 -22.79 -101.32
N VAL Z 378 -35.95 -22.64 -102.32
CA VAL Z 378 -36.94 -21.58 -102.28
C VAL Z 378 -37.99 -21.86 -101.20
N ILE Z 379 -38.48 -23.09 -101.12
CA ILE Z 379 -39.64 -23.35 -100.28
C ILE Z 379 -39.29 -23.58 -98.81
N GLU Z 380 -38.04 -23.89 -98.49
CA GLU Z 380 -37.67 -24.10 -97.10
C GLU Z 380 -37.81 -22.89 -96.18
N PRO Z 381 -37.64 -21.63 -96.61
CA PRO Z 381 -38.11 -20.53 -95.76
C PRO Z 381 -39.62 -20.48 -95.63
N TRP Z 382 -40.37 -20.96 -96.62
CA TRP Z 382 -41.82 -20.90 -96.51
C TRP Z 382 -42.40 -21.91 -95.53
N ARG Z 383 -41.62 -22.90 -95.09
CA ARG Z 383 -42.07 -23.73 -93.99
C ARG Z 383 -42.13 -22.93 -92.69
N ASP Z 384 -41.16 -22.06 -92.46
CA ASP Z 384 -41.09 -21.34 -91.20
C ASP Z 384 -42.03 -20.14 -91.18
N VAL Z 385 -42.20 -19.47 -92.32
CA VAL Z 385 -43.14 -18.36 -92.39
C VAL Z 385 -44.56 -18.85 -92.20
N GLN Z 386 -44.86 -20.03 -92.74
CA GLN Z 386 -46.10 -20.73 -92.40
C GLN Z 386 -46.14 -21.03 -90.91
N GLY Z 387 -45.02 -21.45 -90.33
CA GLY Z 387 -44.99 -21.74 -88.91
C GLY Z 387 -45.01 -20.50 -88.05
N SER Z 388 -44.44 -19.40 -88.53
CA SER Z 388 -44.40 -18.19 -87.72
C SER Z 388 -45.76 -17.51 -87.67
N ALA Z 389 -46.47 -17.48 -88.79
CA ALA Z 389 -47.83 -16.93 -88.80
C ALA Z 389 -48.77 -17.81 -87.98
N ALA Z 390 -48.57 -19.12 -88.03
CA ALA Z 390 -49.34 -20.03 -87.19
C ALA Z 390 -49.03 -19.79 -85.71
N GLN Z 391 -47.76 -19.55 -85.38
CA GLN Z 391 -47.44 -19.12 -84.03
C GLN Z 391 -47.91 -17.71 -83.74
N LEU Z 392 -48.20 -16.92 -84.77
CA LEU Z 392 -48.64 -15.56 -84.50
C LEU Z 392 -50.16 -15.49 -84.36
N ILE Z 393 -50.91 -16.05 -85.32
CA ILE Z 393 -52.35 -15.90 -85.34
C ILE Z 393 -52.99 -16.61 -84.15
N GLN Z 394 -52.45 -17.78 -83.78
CA GLN Z 394 -52.88 -18.47 -82.56
C GLN Z 394 -52.62 -17.62 -81.33
N THR Z 395 -51.48 -16.93 -81.29
CA THR Z 395 -51.16 -16.02 -80.19
C THR Z 395 -51.63 -14.60 -80.47
N PHE Z 396 -52.58 -14.41 -81.37
CA PHE Z 396 -53.13 -13.10 -81.66
C PHE Z 396 -54.58 -13.00 -81.25
N ASP Z 397 -55.42 -13.91 -81.76
CA ASP Z 397 -56.85 -13.84 -81.48
C ASP Z 397 -57.15 -14.25 -80.05
N GLU Z 398 -56.32 -15.11 -79.47
CA GLU Z 398 -56.49 -15.50 -78.07
C GLU Z 398 -56.23 -14.34 -77.14
N ALA Z 399 -55.39 -13.40 -77.54
CA ALA Z 399 -55.21 -12.19 -76.74
C ALA Z 399 -56.29 -11.15 -77.01
N LEU Z 400 -57.05 -11.28 -78.09
CA LEU Z 400 -58.08 -10.29 -78.38
C LEU Z 400 -59.29 -10.47 -77.48
N ALA Z 401 -59.83 -11.69 -77.42
CA ALA Z 401 -60.96 -11.96 -76.55
C ALA Z 401 -60.57 -11.85 -75.08
N GLU Z 402 -59.34 -12.19 -74.76
CA GLU Z 402 -58.84 -12.02 -73.40
C GLU Z 402 -58.73 -10.54 -73.03
N TYR Z 403 -58.48 -9.68 -74.01
CA TYR Z 403 -58.43 -8.23 -73.75
C TYR Z 403 -59.79 -7.67 -73.36
N LYS Z 404 -60.88 -8.36 -73.71
CA LYS Z 404 -62.21 -7.98 -73.25
C LYS Z 404 -62.47 -8.37 -71.80
N LYS Z 405 -61.46 -8.83 -71.07
CA LYS Z 405 -61.62 -9.29 -69.71
C LYS Z 405 -60.69 -8.53 -68.78
#